data_2LME
#
_entry.id   2LME
#
_entity_poly.entity_id   1
_entity_poly.type   'polypeptide(L)'
_entity_poly.pdbx_seq_one_letter_code
;GDQASWSHPQFEKGAHKFRQLDNRLDKLDTRVDKGLASSAALNSLFQPYGVGKVNFTAGVGGYRSSQALAIGSGYRVNES
VALKAGVAYAGSSDVMYNASFNIEW
;
_entity_poly.pdbx_strand_id   A,B,C
#
# COMPACT_ATOMS: atom_id res chain seq x y z
N GLY A 1 -1.31 -36.52 -0.44
CA GLY A 1 -1.92 -35.21 -0.78
C GLY A 1 -2.66 -34.59 0.38
N ASP A 2 -1.99 -34.49 1.53
CA ASP A 2 -2.59 -33.91 2.73
C ASP A 2 -4.06 -34.29 2.84
N GLN A 3 -4.93 -33.37 2.44
CA GLN A 3 -6.38 -33.61 2.49
C GLN A 3 -6.96 -33.70 1.09
N ALA A 4 -6.69 -32.70 0.27
CA ALA A 4 -7.18 -32.66 -1.10
C ALA A 4 -6.74 -31.38 -1.81
N SER A 5 -7.13 -30.24 -1.25
CA SER A 5 -6.79 -28.94 -1.82
C SER A 5 -5.30 -28.66 -1.67
N TRP A 6 -4.82 -28.69 -0.43
CA TRP A 6 -3.41 -28.44 -0.16
C TRP A 6 -2.53 -29.33 -1.01
N SER A 7 -2.29 -30.55 -0.54
CA SER A 7 -1.46 -31.51 -1.28
C SER A 7 -0.01 -31.02 -1.32
N HIS A 8 0.54 -30.72 -0.15
CA HIS A 8 1.91 -30.22 -0.06
C HIS A 8 2.93 -31.32 -0.38
N PRO A 9 2.85 -32.48 0.29
CA PRO A 9 3.77 -33.60 0.05
C PRO A 9 3.83 -33.99 -1.43
N GLN A 10 5.03 -33.96 -2.00
CA GLN A 10 5.22 -34.31 -3.41
C GLN A 10 6.30 -35.36 -3.59
N PHE A 11 7.48 -35.08 -3.04
CA PHE A 11 8.60 -36.01 -3.11
C PHE A 11 9.13 -36.28 -1.71
N GLU A 12 10.41 -36.66 -1.63
CA GLU A 12 11.06 -36.98 -0.37
C GLU A 12 11.26 -35.72 0.47
N LYS A 13 11.28 -34.57 -0.20
CA LYS A 13 11.50 -33.30 0.47
C LYS A 13 10.62 -32.19 -0.13
N GLY A 14 9.65 -32.60 -0.95
CA GLY A 14 8.76 -31.64 -1.58
C GLY A 14 7.72 -31.10 -0.62
N ALA A 15 7.42 -31.89 0.41
CA ALA A 15 6.44 -31.49 1.41
C ALA A 15 6.93 -30.28 2.20
N HIS A 16 8.22 -30.28 2.53
CA HIS A 16 8.82 -29.20 3.28
C HIS A 16 9.01 -27.96 2.40
N LYS A 17 9.32 -28.18 1.13
CA LYS A 17 9.52 -27.09 0.18
C LYS A 17 8.20 -26.40 -0.12
N PHE A 18 7.16 -27.18 -0.35
CA PHE A 18 5.84 -26.62 -0.67
C PHE A 18 5.27 -25.87 0.52
N ARG A 19 5.50 -26.38 1.72
CA ARG A 19 5.01 -25.74 2.94
C ARG A 19 5.74 -24.43 3.20
N GLN A 20 7.06 -24.43 3.00
CA GLN A 20 7.86 -23.24 3.20
C GLN A 20 7.45 -22.11 2.26
N LEU A 21 7.25 -22.47 0.99
CA LEU A 21 6.84 -21.48 -0.01
C LEU A 21 5.44 -20.97 0.28
N ASP A 22 4.53 -21.87 0.63
CA ASP A 22 3.16 -21.51 0.93
C ASP A 22 3.10 -20.60 2.16
N ASN A 23 4.00 -20.82 3.10
CA ASN A 23 4.05 -20.03 4.32
C ASN A 23 4.60 -18.64 4.05
N ARG A 24 5.57 -18.56 3.14
CA ARG A 24 6.18 -17.29 2.78
C ARG A 24 5.19 -16.41 2.04
N LEU A 25 4.46 -16.99 1.10
CA LEU A 25 3.48 -16.25 0.33
C LEU A 25 2.41 -15.67 1.24
N ASP A 26 1.92 -16.49 2.17
CA ASP A 26 0.89 -16.05 3.11
C ASP A 26 1.41 -14.92 3.99
N LYS A 27 2.70 -14.95 4.31
CA LYS A 27 3.30 -13.92 5.14
C LYS A 27 3.41 -12.60 4.39
N LEU A 28 3.69 -12.67 3.09
CA LEU A 28 3.81 -11.47 2.26
C LEU A 28 2.46 -10.79 2.16
N ASP A 29 1.44 -11.56 1.77
CA ASP A 29 0.07 -11.06 1.65
C ASP A 29 -0.42 -10.43 2.94
N THR A 30 -0.07 -11.05 4.06
CA THR A 30 -0.48 -10.54 5.37
C THR A 30 0.09 -9.15 5.62
N ARG A 31 1.39 -9.00 5.38
CA ARG A 31 2.06 -7.71 5.58
C ARG A 31 1.42 -6.62 4.73
N VAL A 32 0.91 -7.01 3.56
CA VAL A 32 0.27 -6.06 2.64
C VAL A 32 -1.13 -5.70 3.11
N ASP A 33 -1.83 -6.69 3.66
CA ASP A 33 -3.19 -6.48 4.15
C ASP A 33 -3.21 -5.48 5.31
N LYS A 34 -2.39 -5.75 6.32
CA LYS A 34 -2.30 -4.88 7.49
C LYS A 34 -1.50 -3.62 7.18
N GLY A 35 -0.45 -3.77 6.38
CA GLY A 35 0.38 -2.64 6.02
C GLY A 35 -0.39 -1.57 5.26
N LEU A 36 -1.26 -2.01 4.36
CA LEU A 36 -2.07 -1.09 3.56
C LEU A 36 -3.17 -0.45 4.41
N ALA A 37 -3.74 -1.23 5.33
CA ALA A 37 -4.80 -0.75 6.21
C ALA A 37 -4.31 0.38 7.09
N SER A 38 -3.13 0.20 7.68
CA SER A 38 -2.54 1.20 8.56
C SER A 38 -2.12 2.43 7.76
N SER A 39 -1.38 2.21 6.68
CA SER A 39 -0.91 3.30 5.83
C SER A 39 -2.06 4.20 5.40
N ALA A 40 -3.13 3.57 4.90
CA ALA A 40 -4.31 4.29 4.45
C ALA A 40 -4.87 5.14 5.57
N ALA A 41 -5.06 4.53 6.74
CA ALA A 41 -5.59 5.25 7.90
C ALA A 41 -4.82 6.54 8.14
N LEU A 42 -3.50 6.47 8.04
CA LEU A 42 -2.66 7.64 8.24
C LEU A 42 -2.83 8.60 7.07
N ASN A 43 -2.85 8.07 5.85
CA ASN A 43 -2.97 8.92 4.67
C ASN A 43 -4.38 9.45 4.47
N SER A 44 -5.29 9.01 5.34
CA SER A 44 -6.69 9.44 5.32
C SER A 44 -6.93 10.72 6.13
N LEU A 45 -5.86 11.23 6.72
CA LEU A 45 -5.92 12.47 7.49
C LEU A 45 -5.47 13.62 6.60
N PHE A 46 -5.52 14.84 7.13
CA PHE A 46 -5.12 16.00 6.34
C PHE A 46 -5.00 17.25 7.20
N GLN A 47 -5.26 17.09 8.50
CA GLN A 47 -5.18 18.17 9.45
C GLN A 47 -6.22 19.24 9.11
N PRO A 48 -7.21 19.48 10.01
CA PRO A 48 -8.27 20.46 9.78
C PRO A 48 -7.77 21.89 9.93
N TYR A 49 -7.41 22.51 8.81
CA TYR A 49 -6.92 23.88 8.82
C TYR A 49 -5.56 23.97 9.50
N GLY A 50 -5.07 25.20 9.69
CA GLY A 50 -3.79 25.40 10.33
C GLY A 50 -3.08 26.64 9.81
N VAL A 51 -3.34 27.78 10.47
CA VAL A 51 -2.75 29.07 10.11
C VAL A 51 -1.40 29.30 10.79
N GLY A 52 -1.10 28.49 11.80
CA GLY A 52 0.15 28.63 12.53
C GLY A 52 0.12 27.93 13.87
N LYS A 53 -0.33 26.69 13.87
CA LYS A 53 -0.41 25.90 15.10
C LYS A 53 -0.16 24.42 14.80
N VAL A 54 -0.35 23.58 15.82
CA VAL A 54 -0.13 22.14 15.66
C VAL A 54 -1.45 21.38 15.53
N ASN A 55 -1.43 20.28 14.79
CA ASN A 55 -2.62 19.44 14.58
C ASN A 55 -2.30 17.96 14.75
N PHE A 56 -3.19 17.25 15.46
CA PHE A 56 -3.04 15.83 15.70
C PHE A 56 -3.85 15.00 14.71
N THR A 57 -3.17 14.10 14.00
CA THR A 57 -3.83 13.25 13.02
C THR A 57 -3.74 11.78 13.43
N ALA A 58 -4.88 11.09 13.45
CA ALA A 58 -4.95 9.69 13.84
C ALA A 58 -6.23 9.03 13.33
N GLY A 59 -6.19 7.72 13.13
CA GLY A 59 -7.35 7.00 12.65
C GLY A 59 -7.04 5.55 12.31
N VAL A 60 -8.09 4.75 12.13
CA VAL A 60 -7.92 3.34 11.80
C VAL A 60 -8.40 3.05 10.38
N GLY A 61 -8.01 1.89 9.85
CA GLY A 61 -8.41 1.50 8.52
C GLY A 61 -8.47 0.00 8.34
N GLY A 62 -8.85 -0.44 7.14
CA GLY A 62 -8.94 -1.87 6.87
C GLY A 62 -8.81 -2.19 5.39
N TYR A 63 -8.18 -3.32 5.09
CA TYR A 63 -7.99 -3.74 3.70
C TYR A 63 -8.27 -5.23 3.55
N ARG A 64 -9.11 -5.58 2.57
CA ARG A 64 -9.46 -6.97 2.33
C ARG A 64 -10.25 -7.56 3.50
N SER A 65 -9.53 -8.01 4.52
CA SER A 65 -10.16 -8.58 5.71
C SER A 65 -9.28 -8.41 6.94
N SER A 66 -8.57 -7.28 7.00
CA SER A 66 -7.69 -6.98 8.13
C SER A 66 -7.94 -5.58 8.66
N GLN A 67 -7.39 -5.28 9.83
CA GLN A 67 -7.56 -3.97 10.45
C GLN A 67 -6.26 -3.49 11.11
N ALA A 68 -6.01 -2.18 11.05
CA ALA A 68 -4.80 -1.61 11.64
C ALA A 68 -5.06 -0.21 12.19
N LEU A 69 -4.24 0.21 13.15
CA LEU A 69 -4.36 1.52 13.77
C LEU A 69 -3.17 2.40 13.42
N ALA A 70 -3.44 3.58 12.88
CA ALA A 70 -2.38 4.51 12.50
C ALA A 70 -2.49 5.83 13.26
N ILE A 71 -1.36 6.49 13.48
CA ILE A 71 -1.35 7.77 14.18
C ILE A 71 -0.27 8.70 13.63
N GLY A 72 -0.37 9.98 13.96
CA GLY A 72 0.61 10.95 13.48
C GLY A 72 0.30 12.36 13.95
N SER A 73 1.20 13.29 13.64
CA SER A 73 1.02 14.68 14.04
C SER A 73 1.92 15.61 13.22
N GLY A 74 1.44 16.83 12.98
CA GLY A 74 2.20 17.79 12.22
C GLY A 74 1.86 19.22 12.59
N TYR A 75 2.72 20.16 12.21
CA TYR A 75 2.50 21.57 12.51
C TYR A 75 2.13 22.35 11.25
N ARG A 76 0.95 22.96 11.27
CA ARG A 76 0.49 23.75 10.13
C ARG A 76 0.78 25.23 10.33
N VAL A 77 1.94 25.67 9.83
CA VAL A 77 2.35 27.07 9.96
C VAL A 77 2.01 27.86 8.70
N ASN A 78 1.41 29.03 8.88
CA ASN A 78 1.03 29.88 7.76
C ASN A 78 -0.02 29.20 6.89
N GLU A 79 -0.39 29.87 5.80
CA GLU A 79 -1.40 29.34 4.88
C GLU A 79 -0.78 29.10 3.51
N SER A 80 0.54 28.89 3.48
CA SER A 80 1.25 28.63 2.23
C SER A 80 2.09 27.37 2.33
N VAL A 81 2.80 27.22 3.44
CA VAL A 81 3.64 26.06 3.67
C VAL A 81 3.03 25.15 4.74
N ALA A 82 3.35 23.86 4.68
CA ALA A 82 2.82 22.90 5.64
C ALA A 82 3.73 21.68 5.75
N LEU A 83 3.41 20.80 6.69
CA LEU A 83 4.18 19.58 6.90
C LEU A 83 3.40 18.58 7.73
N LYS A 84 3.50 17.30 7.37
CA LYS A 84 2.79 16.24 8.08
C LYS A 84 3.66 14.99 8.20
N ALA A 85 3.70 14.41 9.40
CA ALA A 85 4.49 13.22 9.66
C ALA A 85 3.88 12.39 10.80
N GLY A 86 3.79 11.08 10.59
CA GLY A 86 3.24 10.20 11.60
C GLY A 86 3.64 8.76 11.40
N VAL A 87 3.33 7.92 12.39
CA VAL A 87 3.66 6.50 12.32
C VAL A 87 2.41 5.64 12.34
N ALA A 88 2.46 4.50 11.65
CA ALA A 88 1.32 3.59 11.59
C ALA A 88 1.66 2.22 12.16
N TYR A 89 0.77 1.69 12.99
CA TYR A 89 0.97 0.38 13.62
C TYR A 89 0.05 -0.68 13.01
N ALA A 90 0.64 -1.62 12.29
CA ALA A 90 -0.12 -2.70 11.64
C ALA A 90 0.32 -4.06 12.16
N GLY A 91 -0.67 -4.93 12.42
CA GLY A 91 -0.38 -6.27 12.91
C GLY A 91 0.55 -6.24 14.11
N SER A 92 1.77 -6.75 13.92
CA SER A 92 2.75 -6.78 15.00
C SER A 92 4.10 -6.24 14.54
N SER A 93 4.62 -6.78 13.44
CA SER A 93 5.90 -6.38 12.88
C SER A 93 5.70 -5.55 11.61
N ASP A 94 4.56 -4.89 11.51
CA ASP A 94 4.25 -4.07 10.34
C ASP A 94 4.10 -2.61 10.73
N VAL A 95 5.23 -1.91 10.86
CA VAL A 95 5.21 -0.50 11.22
C VAL A 95 5.81 0.35 10.10
N MET A 96 5.18 1.51 9.85
CA MET A 96 5.64 2.41 8.81
C MET A 96 5.64 3.85 9.32
N TYR A 97 6.42 4.71 8.66
CA TYR A 97 6.52 6.11 9.06
C TYR A 97 6.42 7.03 7.84
N ASN A 98 5.61 8.08 7.95
CA ASN A 98 5.43 9.03 6.85
C ASN A 98 5.99 10.41 7.21
N ALA A 99 6.24 11.22 6.18
CA ALA A 99 6.76 12.57 6.38
C ALA A 99 6.77 13.34 5.07
N SER A 100 5.72 14.15 4.83
CA SER A 100 5.62 14.93 3.61
C SER A 100 5.40 16.42 3.91
N PHE A 101 5.32 17.23 2.86
CA PHE A 101 5.12 18.66 3.04
C PHE A 101 4.24 19.24 1.94
N ASN A 102 3.31 20.12 2.32
CA ASN A 102 2.40 20.76 1.37
C ASN A 102 2.85 22.18 1.09
N ILE A 103 2.58 22.66 -0.12
CA ILE A 103 2.95 24.02 -0.51
C ILE A 103 2.02 24.55 -1.59
N GLU A 104 1.77 25.86 -1.56
CA GLU A 104 0.89 26.48 -2.54
C GLU A 104 1.68 26.97 -3.75
N TRP A 105 1.21 26.63 -4.95
CA TRP A 105 1.88 27.05 -6.18
C TRP A 105 1.21 28.29 -6.76
N GLY B 1 11.41 -28.06 -20.40
CA GLY B 1 11.53 -26.64 -19.97
C GLY B 1 10.56 -25.73 -20.68
N ASP B 2 9.28 -26.10 -20.67
CA ASP B 2 8.23 -25.32 -21.32
C ASP B 2 8.74 -24.71 -22.63
N GLN B 3 9.12 -23.44 -22.58
CA GLN B 3 9.62 -22.74 -23.75
C GLN B 3 11.11 -22.40 -23.59
N ALA B 4 11.44 -21.75 -22.47
CA ALA B 4 12.82 -21.38 -22.20
C ALA B 4 12.92 -20.62 -20.88
N SER B 5 12.21 -19.50 -20.79
CA SER B 5 12.22 -18.67 -19.59
C SER B 5 11.49 -19.37 -18.45
N TRP B 6 10.24 -19.73 -18.68
CA TRP B 6 9.44 -20.42 -17.66
C TRP B 6 10.18 -21.63 -17.12
N SER B 7 10.05 -22.76 -17.83
CA SER B 7 10.71 -23.99 -17.42
C SER B 7 10.12 -24.50 -16.12
N HIS B 8 8.80 -24.65 -16.09
CA HIS B 8 8.11 -25.10 -14.88
C HIS B 8 8.38 -26.58 -14.59
N PRO B 9 8.15 -27.47 -15.59
CA PRO B 9 8.40 -28.91 -15.43
C PRO B 9 9.81 -29.19 -14.92
N GLN B 10 9.90 -29.90 -13.80
CA GLN B 10 11.20 -30.24 -13.22
C GLN B 10 11.31 -31.73 -12.94
N PHE B 11 10.35 -32.26 -12.19
CA PHE B 11 10.31 -33.68 -11.85
C PHE B 11 8.96 -34.26 -12.26
N GLU B 12 8.58 -35.35 -11.59
CA GLU B 12 7.33 -36.05 -11.88
C GLU B 12 6.13 -35.22 -11.43
N LYS B 13 6.38 -34.30 -10.48
CA LYS B 13 5.32 -33.45 -9.95
C LYS B 13 5.82 -32.02 -9.72
N GLY B 14 7.01 -31.71 -10.24
CA GLY B 14 7.58 -30.39 -10.09
C GLY B 14 6.90 -29.35 -10.96
N ALA B 15 6.33 -29.81 -12.07
CA ALA B 15 5.63 -28.94 -13.00
C ALA B 15 4.41 -28.32 -12.36
N HIS B 16 3.68 -29.12 -11.59
CA HIS B 16 2.48 -28.66 -10.91
C HIS B 16 2.83 -27.77 -9.71
N LYS B 17 3.93 -28.10 -9.04
CA LYS B 17 4.38 -27.34 -7.89
C LYS B 17 4.89 -25.96 -8.31
N PHE B 18 5.68 -25.93 -9.37
CA PHE B 18 6.23 -24.68 -9.87
C PHE B 18 5.13 -23.76 -10.40
N ARG B 19 4.14 -24.35 -11.05
CA ARG B 19 3.04 -23.58 -11.61
C ARG B 19 2.16 -23.00 -10.49
N GLN B 20 1.90 -23.81 -9.47
CA GLN B 20 1.08 -23.37 -8.34
C GLN B 20 1.73 -22.21 -7.61
N LEU B 21 3.03 -22.32 -7.37
CA LEU B 21 3.78 -21.27 -6.68
C LEU B 21 3.83 -20.01 -7.53
N ASP B 22 4.09 -20.17 -8.82
CA ASP B 22 4.17 -19.05 -9.74
C ASP B 22 2.83 -18.33 -9.84
N ASN B 23 1.74 -19.10 -9.75
CA ASN B 23 0.40 -18.55 -9.83
C ASN B 23 0.04 -17.77 -8.57
N ARG B 24 0.50 -18.28 -7.43
CA ARG B 24 0.24 -17.65 -6.14
C ARG B 24 0.97 -16.32 -6.04
N LEU B 25 2.23 -16.30 -6.45
CA LEU B 25 3.04 -15.09 -6.41
C LEU B 25 2.40 -14.00 -7.28
N ASP B 26 1.98 -14.38 -8.47
CA ASP B 26 1.35 -13.42 -9.39
C ASP B 26 0.06 -12.87 -8.80
N LYS B 27 -0.65 -13.71 -8.05
CA LYS B 27 -1.91 -13.30 -7.44
C LYS B 27 -1.68 -12.30 -6.31
N LEU B 28 -0.58 -12.50 -5.57
CA LEU B 28 -0.25 -11.59 -4.47
C LEU B 28 0.09 -10.22 -5.02
N ASP B 29 1.02 -10.19 -5.98
CA ASP B 29 1.44 -8.95 -6.62
C ASP B 29 0.26 -8.18 -7.22
N THR B 30 -0.67 -8.92 -7.81
CA THR B 30 -1.85 -8.33 -8.42
C THR B 30 -2.68 -7.58 -7.37
N ARG B 31 -2.96 -8.25 -6.26
CA ARG B 31 -3.75 -7.66 -5.18
C ARG B 31 -3.11 -6.37 -4.66
N VAL B 32 -1.77 -6.33 -4.70
CA VAL B 32 -1.03 -5.17 -4.23
C VAL B 32 -1.07 -4.04 -5.25
N ASP B 33 -1.04 -4.40 -6.53
CA ASP B 33 -1.09 -3.41 -7.61
C ASP B 33 -2.40 -2.66 -7.61
N LYS B 34 -3.50 -3.40 -7.61
CA LYS B 34 -4.84 -2.81 -7.61
C LYS B 34 -5.21 -2.31 -6.23
N GLY B 35 -4.80 -3.05 -5.20
CA GLY B 35 -5.10 -2.65 -3.84
C GLY B 35 -4.49 -1.31 -3.47
N LEU B 36 -3.25 -1.09 -3.91
CA LEU B 36 -2.55 0.16 -3.64
C LEU B 36 -3.12 1.31 -4.46
N ALA B 37 -3.52 1.01 -5.69
CA ALA B 37 -4.09 2.01 -6.58
C ALA B 37 -5.39 2.58 -6.03
N SER B 38 -6.26 1.69 -5.55
CA SER B 38 -7.54 2.10 -4.99
C SER B 38 -7.34 2.83 -3.66
N SER B 39 -6.56 2.22 -2.77
CA SER B 39 -6.28 2.82 -1.47
C SER B 39 -5.77 4.25 -1.61
N ALA B 40 -4.79 4.43 -2.48
CA ALA B 40 -4.20 5.74 -2.73
C ALA B 40 -5.28 6.72 -3.17
N ALA B 41 -6.07 6.32 -4.17
CA ALA B 41 -7.14 7.18 -4.69
C ALA B 41 -8.01 7.71 -3.55
N LEU B 42 -8.33 6.84 -2.59
CA LEU B 42 -9.15 7.24 -1.46
C LEU B 42 -8.34 8.13 -0.52
N ASN B 43 -7.09 7.77 -0.28
CA ASN B 43 -6.25 8.55 0.62
C ASN B 43 -5.74 9.85 -0.01
N SER B 44 -6.09 10.03 -1.29
CA SER B 44 -5.73 11.23 -2.04
C SER B 44 -6.75 12.36 -1.89
N LEU B 45 -7.79 12.09 -1.11
CA LEU B 45 -8.83 13.08 -0.84
C LEU B 45 -8.54 13.74 0.50
N PHE B 46 -9.36 14.71 0.89
CA PHE B 46 -9.15 15.39 2.15
C PHE B 46 -10.33 16.28 2.53
N GLN B 47 -11.34 16.26 1.67
CA GLN B 47 -12.55 17.05 1.89
C GLN B 47 -12.21 18.54 1.86
N PRO B 48 -12.76 19.30 0.90
CA PRO B 48 -12.49 20.72 0.77
C PRO B 48 -13.22 21.55 1.82
N TYR B 49 -12.53 21.84 2.92
CA TYR B 49 -13.12 22.62 4.01
C TYR B 49 -14.22 21.83 4.72
N GLY B 50 -14.91 22.49 5.63
CA GLY B 50 -15.97 21.84 6.38
C GLY B 50 -16.12 22.40 7.78
N VAL B 51 -16.96 23.43 7.91
CA VAL B 51 -17.23 24.10 9.19
C VAL B 51 -18.36 23.42 9.97
N GLY B 52 -19.12 22.57 9.29
CA GLY B 52 -20.23 21.88 9.93
C GLY B 52 -21.21 21.31 8.93
N LYS B 53 -20.68 20.60 7.93
CA LYS B 53 -21.51 19.99 6.89
C LYS B 53 -20.90 18.69 6.41
N VAL B 54 -21.48 18.10 5.37
CA VAL B 54 -20.97 16.85 4.82
C VAL B 54 -20.19 17.07 3.53
N ASN B 55 -19.20 16.21 3.29
CA ASN B 55 -18.37 16.30 2.09
C ASN B 55 -18.18 14.92 1.43
N PHE B 56 -18.31 14.90 0.10
CA PHE B 56 -18.14 13.67 -0.68
C PHE B 56 -16.74 13.55 -1.24
N THR B 57 -16.06 12.45 -0.93
CA THR B 57 -14.71 12.21 -1.42
C THR B 57 -14.66 10.98 -2.32
N ALA B 58 -14.10 11.16 -3.52
CA ALA B 58 -13.98 10.08 -4.50
C ALA B 58 -12.90 10.37 -5.54
N GLY B 59 -12.36 9.32 -6.13
CA GLY B 59 -11.31 9.48 -7.13
C GLY B 59 -10.67 8.16 -7.53
N VAL B 60 -9.92 8.18 -8.63
CA VAL B 60 -9.26 6.97 -9.12
C VAL B 60 -7.75 7.09 -8.99
N GLY B 61 -7.06 5.96 -9.09
CA GLY B 61 -5.61 5.94 -8.98
C GLY B 61 -4.99 4.80 -9.76
N GLY B 62 -3.66 4.72 -9.73
CA GLY B 62 -2.96 3.67 -10.44
C GLY B 62 -1.58 3.39 -9.85
N TYR B 63 -1.18 2.13 -9.87
CA TYR B 63 0.12 1.72 -9.34
C TYR B 63 0.80 0.72 -10.28
N ARG B 64 2.06 1.00 -10.62
CA ARG B 64 2.82 0.12 -11.51
C ARG B 64 2.20 0.11 -12.91
N SER B 65 1.19 -0.72 -13.11
CA SER B 65 0.51 -0.83 -14.40
C SER B 65 -0.94 -1.27 -14.23
N SER B 66 -1.57 -0.81 -13.16
CA SER B 66 -2.96 -1.17 -12.88
C SER B 66 -3.77 0.08 -12.54
N GLN B 67 -5.09 -0.06 -12.50
CA GLN B 67 -5.98 1.05 -12.20
C GLN B 67 -7.16 0.61 -11.31
N ALA B 68 -7.57 1.47 -10.40
CA ALA B 68 -8.68 1.17 -9.50
C ALA B 68 -9.51 2.41 -9.18
N LEU B 69 -10.76 2.20 -8.80
CA LEU B 69 -11.67 3.29 -8.47
C LEU B 69 -12.02 3.26 -6.98
N ALA B 70 -11.80 4.37 -6.29
CA ALA B 70 -12.11 4.47 -4.86
C ALA B 70 -13.13 5.55 -4.57
N ILE B 71 -13.92 5.36 -3.50
CA ILE B 71 -14.93 6.35 -3.13
C ILE B 71 -15.08 6.42 -1.61
N GLY B 72 -15.72 7.49 -1.13
CA GLY B 72 -15.92 7.66 0.29
C GLY B 72 -16.67 8.93 0.62
N SER B 73 -16.97 9.13 1.91
CA SER B 73 -17.68 10.32 2.35
C SER B 73 -17.53 10.52 3.85
N GLY B 74 -17.52 11.78 4.27
CA GLY B 74 -17.39 12.10 5.68
C GLY B 74 -18.03 13.42 6.04
N TYR B 75 -18.26 13.64 7.33
CA TYR B 75 -18.88 14.88 7.80
C TYR B 75 -17.87 15.76 8.53
N ARG B 76 -17.67 16.97 8.02
CA ARG B 76 -16.74 17.91 8.61
C ARG B 76 -17.47 18.89 9.53
N VAL B 77 -17.54 18.54 10.82
CA VAL B 77 -18.20 19.37 11.82
C VAL B 77 -17.21 20.25 12.56
N ASN B 78 -17.52 21.54 12.68
CA ASN B 78 -16.65 22.48 13.38
C ASN B 78 -15.31 22.62 12.65
N GLU B 79 -14.42 23.41 13.24
CA GLU B 79 -13.10 23.64 12.66
C GLU B 79 -12.01 23.11 13.59
N SER B 80 -12.36 22.14 14.42
CA SER B 80 -11.41 21.54 15.35
C SER B 80 -11.40 20.01 15.23
N VAL B 81 -12.59 19.44 15.14
CA VAL B 81 -12.73 17.99 15.01
C VAL B 81 -13.20 17.63 13.61
N ALA B 82 -12.87 16.41 13.17
CA ALA B 82 -13.25 15.95 11.85
C ALA B 82 -13.29 14.43 11.78
N LEU B 83 -13.76 13.90 10.65
CA LEU B 83 -13.84 12.46 10.45
C LEU B 83 -14.02 12.13 8.98
N LYS B 84 -13.35 11.07 8.53
CA LYS B 84 -13.42 10.64 7.13
C LYS B 84 -13.45 9.12 7.02
N ALA B 85 -14.36 8.61 6.19
CA ALA B 85 -14.50 7.18 6.00
C ALA B 85 -15.07 6.86 4.60
N GLY B 86 -14.45 5.89 3.93
CA GLY B 86 -14.90 5.52 2.61
C GLY B 86 -14.43 4.13 2.20
N VAL B 87 -14.96 3.62 1.09
CA VAL B 87 -14.58 2.30 0.59
C VAL B 87 -13.91 2.40 -0.78
N ALA B 88 -12.97 1.50 -1.04
CA ALA B 88 -12.26 1.49 -2.32
C ALA B 88 -12.48 0.19 -3.07
N TYR B 89 -12.75 0.28 -4.37
CA TYR B 89 -12.99 -0.89 -5.21
C TYR B 89 -11.83 -1.13 -6.17
N ALA B 90 -11.09 -2.21 -5.92
CA ALA B 90 -9.94 -2.58 -6.75
C ALA B 90 -10.13 -3.94 -7.41
N GLY B 91 -9.77 -4.01 -8.70
CA GLY B 91 -9.91 -5.26 -9.43
C GLY B 91 -11.29 -5.85 -9.30
N SER B 92 -11.39 -7.00 -8.61
CA SER B 92 -12.66 -7.67 -8.43
C SER B 92 -12.88 -8.05 -6.96
N SER B 93 -11.91 -8.76 -6.40
CA SER B 93 -11.96 -9.21 -5.01
C SER B 93 -11.01 -8.41 -4.13
N ASP B 94 -10.73 -7.17 -4.55
CA ASP B 94 -9.83 -6.30 -3.80
C ASP B 94 -10.57 -5.07 -3.29
N VAL B 95 -11.27 -5.22 -2.17
CA VAL B 95 -12.01 -4.11 -1.58
C VAL B 95 -11.48 -3.77 -0.20
N MET B 96 -11.38 -2.48 0.09
CA MET B 96 -10.88 -2.01 1.38
C MET B 96 -11.77 -0.89 1.93
N TYR B 97 -11.70 -0.68 3.23
CA TYR B 97 -12.50 0.35 3.88
C TYR B 97 -11.67 1.18 4.86
N ASN B 98 -11.80 2.50 4.79
CA ASN B 98 -11.05 3.38 5.68
C ASN B 98 -11.97 4.11 6.66
N ALA B 99 -11.39 4.64 7.73
CA ALA B 99 -12.15 5.37 8.74
C ALA B 99 -11.21 6.02 9.76
N SER B 100 -10.89 7.30 9.55
CA SER B 100 -9.99 8.02 10.46
C SER B 100 -10.64 9.31 10.96
N PHE B 101 -9.92 10.04 11.81
CA PHE B 101 -10.45 11.28 12.36
C PHE B 101 -9.33 12.32 12.55
N ASN B 102 -9.63 13.57 12.19
CA ASN B 102 -8.67 14.66 12.31
C ASN B 102 -8.99 15.51 13.53
N ILE B 103 -7.96 16.10 14.14
CA ILE B 103 -8.15 16.95 15.32
C ILE B 103 -7.03 17.98 15.42
N GLU B 104 -7.37 19.16 15.92
CA GLU B 104 -6.39 20.23 16.08
C GLU B 104 -5.73 20.16 17.45
N TRP B 105 -4.39 20.22 17.48
CA TRP B 105 -3.65 20.17 18.73
C TRP B 105 -3.27 21.58 19.19
N GLY C 1 22.40 -28.59 2.20
CA GLY C 1 21.55 -27.57 2.86
C GLY C 1 22.24 -26.23 2.98
N ASP C 2 22.77 -25.73 1.87
CA ASP C 2 23.48 -24.46 1.84
C ASP C 2 24.29 -24.25 3.12
N GLN C 3 23.74 -23.47 4.05
CA GLN C 3 24.39 -23.20 5.31
C GLN C 3 23.65 -23.85 6.47
N ALA C 4 22.35 -23.58 6.56
CA ALA C 4 21.52 -24.15 7.62
C ALA C 4 20.08 -23.66 7.51
N SER C 5 19.91 -22.35 7.56
CA SER C 5 18.59 -21.74 7.48
C SER C 5 18.02 -21.88 6.07
N TRP C 6 18.76 -21.38 5.09
CA TRP C 6 18.32 -21.45 3.69
C TRP C 6 17.97 -22.88 3.32
N SER C 7 18.97 -23.66 2.93
CA SER C 7 18.76 -25.06 2.55
C SER C 7 17.95 -25.13 1.27
N HIS C 8 18.41 -24.43 0.24
CA HIS C 8 17.70 -24.41 -1.03
C HIS C 8 17.79 -25.75 -1.77
N PRO C 9 19.02 -26.27 -1.96
CA PRO C 9 19.23 -27.57 -2.64
C PRO C 9 18.40 -28.68 -2.01
N GLN C 10 17.57 -29.33 -2.83
CA GLN C 10 16.72 -30.42 -2.35
C GLN C 10 16.89 -31.67 -3.20
N PHE C 11 16.69 -31.51 -4.51
CA PHE C 11 16.84 -32.61 -5.45
C PHE C 11 17.83 -32.23 -6.54
N GLU C 12 17.69 -32.87 -7.71
CA GLU C 12 18.58 -32.64 -8.85
C GLU C 12 18.32 -31.26 -9.44
N LYS C 13 17.13 -30.72 -9.20
CA LYS C 13 16.74 -29.42 -9.74
C LYS C 13 15.94 -28.61 -8.71
N GLY C 14 15.92 -29.08 -7.47
CA GLY C 14 15.18 -28.40 -6.42
C GLY C 14 15.89 -27.13 -5.95
N ALA C 15 17.20 -27.12 -6.11
CA ALA C 15 18.01 -25.97 -5.71
C ALA C 15 17.65 -24.74 -6.54
N HIS C 16 17.46 -24.95 -7.83
CA HIS C 16 17.12 -23.87 -8.75
C HIS C 16 15.67 -23.43 -8.56
N LYS C 17 14.79 -24.38 -8.25
CA LYS C 17 13.38 -24.10 -8.05
C LYS C 17 13.17 -23.32 -6.76
N PHE C 18 13.85 -23.75 -5.69
CA PHE C 18 13.73 -23.09 -4.39
C PHE C 18 14.30 -21.67 -4.44
N ARG C 19 15.39 -21.50 -5.17
CA ARG C 19 16.03 -20.19 -5.30
C ARG C 19 15.16 -19.23 -6.11
N GLN C 20 14.57 -19.74 -7.20
CA GLN C 20 13.72 -18.93 -8.05
C GLN C 20 12.49 -18.44 -7.29
N LEU C 21 11.87 -19.33 -6.53
CA LEU C 21 10.69 -18.99 -5.75
C LEU C 21 11.05 -18.00 -4.64
N ASP C 22 12.16 -18.25 -3.97
CA ASP C 22 12.61 -17.38 -2.89
C ASP C 22 12.95 -16.00 -3.41
N ASN C 23 13.46 -15.93 -4.63
CA ASN C 23 13.82 -14.66 -5.26
C ASN C 23 12.58 -13.88 -5.67
N ARG C 24 11.55 -14.60 -6.12
CA ARG C 24 10.30 -13.98 -6.55
C ARG C 24 9.57 -13.39 -5.36
N LEU C 25 9.51 -14.14 -4.27
CA LEU C 25 8.84 -13.68 -3.06
C LEU C 25 9.49 -12.40 -2.53
N ASP C 26 10.82 -12.40 -2.50
CA ASP C 26 11.56 -11.24 -2.02
C ASP C 26 11.32 -10.03 -2.92
N LYS C 27 11.13 -10.27 -4.21
CA LYS C 27 10.89 -9.19 -5.16
C LYS C 27 9.50 -8.59 -4.96
N LEU C 28 8.53 -9.44 -4.62
CA LEU C 28 7.16 -8.97 -4.39
C LEU C 28 7.13 -8.08 -3.16
N ASP C 29 7.67 -8.60 -2.05
CA ASP C 29 7.72 -7.86 -0.79
C ASP C 29 8.43 -6.51 -0.95
N THR C 30 9.49 -6.50 -1.75
CA THR C 30 10.24 -5.28 -1.99
C THR C 30 9.37 -4.22 -2.65
N ARG C 31 8.66 -4.61 -3.71
CA ARG C 31 7.79 -3.69 -4.44
C ARG C 31 6.72 -3.10 -3.52
N VAL C 32 6.30 -3.88 -2.53
CA VAL C 32 5.28 -3.44 -1.58
C VAL C 32 5.86 -2.49 -0.55
N ASP C 33 7.10 -2.76 -0.14
CA ASP C 33 7.79 -1.92 0.84
C ASP C 33 8.00 -0.51 0.30
N LYS C 34 8.60 -0.41 -0.88
CA LYS C 34 8.88 0.87 -1.50
C LYS C 34 7.61 1.45 -2.12
N GLY C 35 6.77 0.59 -2.69
CA GLY C 35 5.54 1.04 -3.30
C GLY C 35 4.61 1.70 -2.31
N LEU C 36 4.52 1.13 -1.12
CA LEU C 36 3.67 1.67 -0.07
C LEU C 36 4.24 2.96 0.51
N ALA C 37 5.56 3.00 0.63
CA ALA C 37 6.25 4.17 1.17
C ALA C 37 6.02 5.40 0.29
N SER C 38 6.16 5.23 -1.02
CA SER C 38 5.96 6.31 -1.97
C SER C 38 4.50 6.72 -2.02
N SER C 39 3.62 5.74 -2.19
CA SER C 39 2.18 5.99 -2.27
C SER C 39 1.71 6.81 -1.07
N ALA C 40 2.10 6.37 0.12
CA ALA C 40 1.73 7.05 1.36
C ALA C 40 2.19 8.50 1.32
N ALA C 41 3.47 8.70 0.99
CA ALA C 41 4.03 10.05 0.92
C ALA C 41 3.16 10.97 0.08
N LEU C 42 2.67 10.45 -1.05
CA LEU C 42 1.81 11.23 -1.93
C LEU C 42 0.43 11.41 -1.29
N ASN C 43 -0.10 10.34 -0.70
CA ASN C 43 -1.41 10.41 -0.09
C ASN C 43 -1.41 11.14 1.26
N SER C 44 -0.22 11.54 1.67
CA SER C 44 -0.03 12.29 2.92
C SER C 44 -0.15 13.80 2.74
N LEU C 45 -0.41 14.20 1.50
CA LEU C 45 -0.60 15.61 1.16
C LEU C 45 -2.10 15.91 1.13
N PHE C 46 -2.46 17.17 0.90
CA PHE C 46 -3.86 17.53 0.85
C PHE C 46 -4.06 18.94 0.31
N GLN C 47 -2.95 19.58 -0.04
CA GLN C 47 -2.98 20.94 -0.57
C GLN C 47 -3.52 21.91 0.49
N PRO C 48 -2.70 22.87 0.95
CA PRO C 48 -3.10 23.84 1.96
C PRO C 48 -4.05 24.89 1.41
N TYR C 49 -5.35 24.67 1.57
CA TYR C 49 -6.35 25.61 1.08
C TYR C 49 -6.38 25.63 -0.45
N GLY C 50 -7.16 26.56 -1.00
CA GLY C 50 -7.27 26.67 -2.44
C GLY C 50 -8.64 27.17 -2.88
N VAL C 51 -8.79 28.48 -2.98
CA VAL C 51 -10.03 29.13 -3.39
C VAL C 51 -10.15 29.28 -4.91
N GLY C 52 -9.03 29.10 -5.60
CA GLY C 52 -9.03 29.21 -7.05
C GLY C 52 -7.62 29.40 -7.60
N LYS C 53 -6.70 28.56 -7.16
CA LYS C 53 -5.32 28.62 -7.61
C LYS C 53 -4.70 27.23 -7.66
N VAL C 54 -3.40 27.16 -7.92
CA VAL C 54 -2.70 25.88 -8.00
C VAL C 54 -1.88 25.61 -6.74
N ASN C 55 -1.74 24.33 -6.39
CA ASN C 55 -0.97 23.93 -5.20
C ASN C 55 -0.04 22.76 -5.51
N PHE C 56 1.20 22.85 -5.01
CA PHE C 56 2.20 21.81 -5.22
C PHE C 56 2.28 20.87 -4.02
N THR C 57 2.11 19.58 -4.27
CA THR C 57 2.15 18.58 -3.22
C THR C 57 3.32 17.61 -3.45
N ALA C 58 4.14 17.44 -2.41
CA ALA C 58 5.30 16.55 -2.47
C ALA C 58 5.78 16.14 -1.08
N GLY C 59 6.43 14.99 -0.99
CA GLY C 59 6.93 14.52 0.29
C GLY C 59 7.46 13.10 0.22
N VAL C 60 8.20 12.69 1.25
CA VAL C 60 8.76 11.35 1.30
C VAL C 60 8.11 10.50 2.38
N GLY C 61 8.30 9.19 2.30
CA GLY C 61 7.72 8.28 3.28
C GLY C 61 8.54 7.03 3.46
N GLY C 62 8.10 6.14 4.35
CA GLY C 62 8.81 4.90 4.60
C GLY C 62 7.91 3.81 5.16
N TYR C 63 8.17 2.57 4.77
CA TYR C 63 7.38 1.44 5.24
C TYR C 63 8.29 0.27 5.61
N ARG C 64 8.09 -0.29 6.81
CA ARG C 64 8.89 -1.40 7.27
C ARG C 64 10.36 -0.99 7.47
N SER C 65 11.12 -1.02 6.38
CA SER C 65 12.53 -0.64 6.43
C SER C 65 13.01 -0.11 5.08
N SER C 66 12.12 0.61 4.39
CA SER C 66 12.44 1.18 3.09
C SER C 66 12.03 2.66 3.03
N GLN C 67 12.50 3.35 1.99
CA GLN C 67 12.18 4.77 1.83
C GLN C 67 11.93 5.10 0.36
N ALA C 68 11.00 6.02 0.12
CA ALA C 68 10.65 6.43 -1.24
C ALA C 68 10.27 7.92 -1.31
N LEU C 69 10.42 8.50 -2.49
CA LEU C 69 10.10 9.91 -2.70
C LEU C 69 8.90 10.06 -3.63
N ALA C 70 7.87 10.77 -3.19
CA ALA C 70 6.68 10.98 -4.00
C ALA C 70 6.44 12.47 -4.28
N ILE C 71 5.81 12.76 -5.41
CA ILE C 71 5.51 14.15 -5.78
C ILE C 71 4.18 14.25 -6.52
N GLY C 72 3.66 15.47 -6.62
CA GLY C 72 2.40 15.68 -7.31
C GLY C 72 1.97 17.13 -7.30
N SER C 73 0.87 17.43 -7.99
CA SER C 73 0.36 18.80 -8.05
C SER C 73 -1.10 18.81 -8.52
N GLY C 74 -1.85 19.79 -8.02
CA GLY C 74 -3.25 19.91 -8.39
C GLY C 74 -3.75 21.33 -8.29
N TYR C 75 -4.89 21.61 -8.92
CA TYR C 75 -5.46 22.95 -8.90
C TYR C 75 -6.72 22.99 -8.04
N ARG C 76 -6.70 23.84 -7.01
CA ARG C 76 -7.83 23.98 -6.11
C ARG C 76 -8.70 25.17 -6.52
N VAL C 77 -9.72 24.89 -7.33
CA VAL C 77 -10.63 25.93 -7.81
C VAL C 77 -11.90 25.99 -6.96
N ASN C 78 -12.29 27.19 -6.54
CA ASN C 78 -13.48 27.36 -5.73
C ASN C 78 -13.33 26.67 -4.37
N GLU C 79 -14.39 26.73 -3.57
CA GLU C 79 -14.39 26.12 -2.25
C GLU C 79 -15.42 25.00 -2.18
N SER C 80 -15.75 24.42 -3.34
CA SER C 80 -16.73 23.34 -3.39
C SER C 80 -16.16 22.14 -4.16
N VAL C 81 -15.51 22.42 -5.28
CA VAL C 81 -14.91 21.36 -6.09
C VAL C 81 -13.39 21.42 -6.00
N ALA C 82 -12.75 20.27 -6.21
CA ALA C 82 -11.30 20.19 -6.15
C ALA C 82 -10.77 19.01 -6.95
N LEU C 83 -9.44 18.93 -7.08
CA LEU C 83 -8.81 17.85 -7.82
C LEU C 83 -7.33 17.75 -7.45
N LYS C 84 -6.84 16.52 -7.34
CA LYS C 84 -5.44 16.27 -7.00
C LYS C 84 -4.87 15.09 -7.80
N ALA C 85 -3.68 15.29 -8.35
CA ALA C 85 -3.02 14.25 -9.13
C ALA C 85 -1.50 14.39 -9.07
N GLY C 86 -0.81 13.27 -8.86
CA GLY C 86 0.64 13.29 -8.78
C GLY C 86 1.26 11.92 -9.01
N VAL C 87 2.57 11.89 -9.15
CA VAL C 87 3.29 10.63 -9.37
C VAL C 87 4.26 10.34 -8.23
N ALA C 88 4.46 9.07 -7.92
CA ALA C 88 5.35 8.66 -6.85
C ALA C 88 6.49 7.79 -7.38
N TYR C 89 7.72 8.08 -6.94
CA TYR C 89 8.89 7.33 -7.36
C TYR C 89 9.43 6.46 -6.23
N ALA C 90 9.29 5.14 -6.39
CA ALA C 90 9.75 4.17 -5.40
C ALA C 90 10.82 3.24 -5.97
N GLY C 91 11.86 3.00 -5.18
CA GLY C 91 12.94 2.13 -5.62
C GLY C 91 13.46 2.50 -6.99
N SER C 92 13.23 1.65 -7.97
CA SER C 92 13.69 1.90 -9.33
C SER C 92 12.57 1.69 -10.34
N SER C 93 11.96 0.50 -10.29
CA SER C 93 10.87 0.14 -11.20
C SER C 93 9.53 0.15 -10.48
N ASP C 94 9.43 0.97 -9.43
CA ASP C 94 8.20 1.07 -8.66
C ASP C 94 7.62 2.49 -8.75
N VAL C 95 6.91 2.76 -9.84
CA VAL C 95 6.30 4.07 -10.03
C VAL C 95 4.77 3.96 -10.09
N MET C 96 4.11 4.91 -9.45
CA MET C 96 2.64 4.94 -9.42
C MET C 96 2.11 6.34 -9.69
N TYR C 97 0.86 6.42 -10.12
CA TYR C 97 0.25 7.71 -10.43
C TYR C 97 -1.16 7.81 -9.83
N ASN C 98 -1.46 8.94 -9.19
CA ASN C 98 -2.76 9.14 -8.57
C ASN C 98 -3.54 10.25 -9.27
N ALA C 99 -4.86 10.27 -9.06
CA ALA C 99 -5.72 11.28 -9.66
C ALA C 99 -7.14 11.17 -9.09
N SER C 100 -7.44 12.00 -8.09
CA SER C 100 -8.77 11.98 -7.47
C SER C 100 -9.39 13.38 -7.45
N PHE C 101 -10.61 13.49 -6.94
CA PHE C 101 -11.30 14.77 -6.89
C PHE C 101 -12.15 14.89 -5.62
N ASN C 102 -12.10 16.07 -5.01
CA ASN C 102 -12.87 16.33 -3.78
C ASN C 102 -14.10 17.16 -4.09
N ILE C 103 -15.17 16.97 -3.32
CA ILE C 103 -16.40 17.72 -3.53
C ILE C 103 -17.19 17.84 -2.22
N GLU C 104 -17.88 18.96 -2.06
CA GLU C 104 -18.67 19.18 -0.86
C GLU C 104 -20.10 18.67 -1.04
N TRP C 105 -20.59 17.91 -0.06
CA TRP C 105 -21.94 17.37 -0.12
C TRP C 105 -22.90 18.22 0.69
N GLY A 1 -1.44 -36.28 -0.01
CA GLY A 1 -1.97 -34.91 -0.23
C GLY A 1 -2.61 -34.32 1.01
N ASP A 2 -1.89 -34.36 2.13
CA ASP A 2 -2.39 -33.83 3.40
C ASP A 2 -3.86 -34.18 3.59
N GLN A 3 -4.74 -33.20 3.37
CA GLN A 3 -6.17 -33.39 3.52
C GLN A 3 -6.88 -33.23 2.17
N ALA A 4 -6.56 -32.15 1.47
CA ALA A 4 -7.17 -31.88 0.17
C ALA A 4 -6.59 -30.62 -0.45
N SER A 5 -6.80 -29.49 0.21
CA SER A 5 -6.30 -28.21 -0.26
C SER A 5 -4.79 -28.13 -0.16
N TRP A 6 -4.26 -28.39 1.03
CA TRP A 6 -2.83 -28.36 1.25
C TRP A 6 -2.10 -29.15 0.17
N SER A 7 -1.95 -30.46 0.38
CA SER A 7 -1.29 -31.32 -0.58
C SER A 7 0.18 -30.93 -0.70
N HIS A 8 0.83 -30.76 0.45
CA HIS A 8 2.23 -30.36 0.48
C HIS A 8 3.16 -31.52 0.09
N PRO A 9 3.01 -32.69 0.75
CA PRO A 9 3.83 -33.87 0.45
C PRO A 9 3.83 -34.20 -1.04
N GLN A 10 5.01 -34.12 -1.66
CA GLN A 10 5.15 -34.41 -3.09
C GLN A 10 6.26 -35.41 -3.34
N PHE A 11 7.45 -35.10 -2.86
CA PHE A 11 8.61 -35.97 -3.03
C PHE A 11 9.23 -36.25 -1.65
N GLU A 12 10.53 -36.54 -1.66
CA GLU A 12 11.27 -36.86 -0.44
C GLU A 12 11.46 -35.60 0.41
N LYS A 13 11.50 -34.45 -0.25
CA LYS A 13 11.69 -33.17 0.43
C LYS A 13 10.78 -32.08 -0.13
N GLY A 14 9.71 -32.50 -0.80
CA GLY A 14 8.78 -31.55 -1.38
C GLY A 14 7.81 -30.99 -0.36
N ALA A 15 7.64 -31.72 0.75
CA ALA A 15 6.74 -31.31 1.82
C ALA A 15 7.24 -30.04 2.48
N HIS A 16 8.54 -29.99 2.75
CA HIS A 16 9.15 -28.83 3.39
C HIS A 16 9.21 -27.65 2.42
N LYS A 17 9.44 -27.94 1.15
CA LYS A 17 9.53 -26.91 0.12
C LYS A 17 8.17 -26.25 -0.09
N PHE A 18 7.13 -27.07 -0.23
CA PHE A 18 5.78 -26.57 -0.45
C PHE A 18 5.25 -25.83 0.78
N ARG A 19 5.57 -26.37 1.96
CA ARG A 19 5.14 -25.76 3.21
C ARG A 19 5.81 -24.41 3.42
N GLN A 20 7.11 -24.36 3.19
CA GLN A 20 7.87 -23.12 3.35
C GLN A 20 7.41 -22.05 2.37
N LEU A 21 7.14 -22.46 1.14
CA LEU A 21 6.69 -21.55 0.10
C LEU A 21 5.32 -20.97 0.45
N ASP A 22 4.42 -21.84 0.90
CA ASP A 22 3.07 -21.42 1.28
C ASP A 22 3.11 -20.49 2.48
N ASN A 23 4.12 -20.65 3.31
CA ASN A 23 4.28 -19.82 4.51
C ASN A 23 4.76 -18.42 4.14
N ARG A 24 5.69 -18.36 3.19
CA ARG A 24 6.25 -17.09 2.74
C ARG A 24 5.22 -16.29 1.95
N LEU A 25 4.47 -16.99 1.10
CA LEU A 25 3.44 -16.35 0.29
C LEU A 25 2.38 -15.72 1.18
N ASP A 26 1.86 -16.51 2.12
CA ASP A 26 0.83 -16.04 3.03
C ASP A 26 1.35 -14.86 3.86
N LYS A 27 2.53 -15.02 4.45
CA LYS A 27 3.11 -13.96 5.26
C LYS A 27 3.22 -12.65 4.49
N LEU A 28 3.55 -12.75 3.20
CA LEU A 28 3.66 -11.57 2.36
C LEU A 28 2.30 -10.89 2.24
N ASP A 29 1.25 -11.70 2.11
CA ASP A 29 -0.12 -11.20 2.02
C ASP A 29 -0.55 -10.48 3.29
N THR A 30 -0.24 -11.08 4.44
CA THR A 30 -0.59 -10.50 5.72
C THR A 30 0.01 -9.10 5.87
N ARG A 31 1.29 -8.99 5.56
CA ARG A 31 2.00 -7.71 5.66
C ARG A 31 1.33 -6.64 4.82
N VAL A 32 0.75 -7.05 3.69
CA VAL A 32 0.08 -6.13 2.78
C VAL A 32 -1.29 -5.73 3.32
N ASP A 33 -1.98 -6.70 3.92
CA ASP A 33 -3.31 -6.45 4.49
C ASP A 33 -3.25 -5.41 5.59
N LYS A 34 -2.39 -5.65 6.57
CA LYS A 34 -2.24 -4.73 7.71
C LYS A 34 -1.44 -3.50 7.29
N GLY A 35 -0.45 -3.69 6.42
CA GLY A 35 0.36 -2.58 5.97
C GLY A 35 -0.43 -1.58 5.15
N LEU A 36 -1.23 -2.08 4.22
CA LEU A 36 -2.05 -1.23 3.36
C LEU A 36 -3.15 -0.54 4.16
N ALA A 37 -3.74 -1.27 5.11
CA ALA A 37 -4.80 -0.74 5.95
C ALA A 37 -4.28 0.36 6.86
N SER A 38 -3.09 0.14 7.43
CA SER A 38 -2.48 1.12 8.33
C SER A 38 -2.07 2.38 7.55
N SER A 39 -1.31 2.18 6.48
CA SER A 39 -0.84 3.29 5.67
C SER A 39 -2.00 4.20 5.27
N ALA A 40 -3.00 3.62 4.63
CA ALA A 40 -4.18 4.36 4.19
C ALA A 40 -4.81 5.11 5.38
N ALA A 41 -5.02 4.39 6.48
CA ALA A 41 -5.61 4.98 7.67
C ALA A 41 -4.91 6.28 8.04
N LEU A 42 -3.58 6.29 7.95
CA LEU A 42 -2.80 7.48 8.26
C LEU A 42 -2.96 8.51 7.15
N ASN A 43 -3.05 8.04 5.91
CA ASN A 43 -3.17 8.96 4.78
C ASN A 43 -4.59 9.51 4.62
N SER A 44 -5.49 9.02 5.48
CA SER A 44 -6.88 9.47 5.49
C SER A 44 -7.10 10.74 6.31
N LEU A 45 -6.01 11.27 6.84
CA LEU A 45 -6.05 12.50 7.61
C LEU A 45 -5.62 13.66 6.71
N PHE A 46 -5.71 14.88 7.22
CA PHE A 46 -5.33 16.03 6.41
C PHE A 46 -5.15 17.27 7.27
N GLN A 47 -5.44 17.13 8.56
CA GLN A 47 -5.32 18.23 9.50
C GLN A 47 -6.30 19.35 9.14
N PRO A 48 -7.27 19.66 10.04
CA PRO A 48 -8.26 20.69 9.80
C PRO A 48 -7.68 22.10 9.92
N TYR A 49 -7.37 22.71 8.77
CA TYR A 49 -6.82 24.07 8.76
C TYR A 49 -5.42 24.08 9.35
N GLY A 50 -4.91 25.27 9.63
CA GLY A 50 -3.59 25.41 10.19
C GLY A 50 -2.91 26.69 9.74
N VAL A 51 -3.24 27.79 10.43
CA VAL A 51 -2.68 29.12 10.14
C VAL A 51 -1.38 29.39 10.90
N GLY A 52 -1.10 28.54 11.89
CA GLY A 52 0.11 28.69 12.67
C GLY A 52 0.02 27.96 14.00
N LYS A 53 -0.44 26.71 13.94
CA LYS A 53 -0.55 25.89 15.14
C LYS A 53 -0.22 24.43 14.82
N VAL A 54 -0.52 23.53 15.76
CA VAL A 54 -0.24 22.11 15.58
C VAL A 54 -1.53 21.30 15.39
N ASN A 55 -1.45 20.26 14.57
CA ASN A 55 -2.60 19.40 14.31
C ASN A 55 -2.25 17.91 14.52
N PHE A 56 -3.15 17.20 15.20
CA PHE A 56 -2.97 15.78 15.47
C PHE A 56 -3.80 14.92 14.52
N THR A 57 -3.13 14.03 13.79
CA THR A 57 -3.81 13.15 12.85
C THR A 57 -3.75 11.70 13.33
N ALA A 58 -4.92 11.06 13.45
CA ALA A 58 -5.02 9.67 13.89
C ALA A 58 -6.30 9.02 13.39
N GLY A 59 -6.24 7.71 13.18
CA GLY A 59 -7.41 6.98 12.70
C GLY A 59 -7.10 5.55 12.35
N VAL A 60 -8.14 4.73 12.20
CA VAL A 60 -7.97 3.32 11.86
C VAL A 60 -8.46 3.03 10.44
N GLY A 61 -8.09 1.85 9.93
CA GLY A 61 -8.49 1.46 8.60
C GLY A 61 -8.55 -0.05 8.42
N GLY A 62 -8.86 -0.49 7.21
CA GLY A 62 -8.93 -1.91 6.94
C GLY A 62 -8.84 -2.22 5.46
N TYR A 63 -8.19 -3.34 5.13
CA TYR A 63 -8.04 -3.76 3.74
C TYR A 63 -8.36 -5.24 3.58
N ARG A 64 -9.16 -5.56 2.55
CA ARG A 64 -9.55 -6.94 2.30
C ARG A 64 -10.41 -7.49 3.43
N SER A 65 -9.75 -7.92 4.52
CA SER A 65 -10.44 -8.47 5.67
C SER A 65 -9.60 -8.32 6.95
N SER A 66 -8.82 -7.24 7.01
CA SER A 66 -7.97 -6.99 8.17
C SER A 66 -8.16 -5.57 8.68
N GLN A 67 -7.62 -5.28 9.86
CA GLN A 67 -7.74 -3.96 10.47
C GLN A 67 -6.40 -3.48 11.02
N ALA A 68 -6.11 -2.20 10.85
CA ALA A 68 -4.86 -1.62 11.33
C ALA A 68 -5.08 -0.24 11.97
N LEU A 69 -4.22 0.12 12.90
CA LEU A 69 -4.30 1.40 13.59
C LEU A 69 -3.13 2.31 13.20
N ALA A 70 -3.45 3.53 12.77
CA ALA A 70 -2.42 4.48 12.37
C ALA A 70 -2.51 5.78 13.16
N ILE A 71 -1.38 6.45 13.33
CA ILE A 71 -1.33 7.71 14.08
C ILE A 71 -0.27 8.65 13.52
N GLY A 72 -0.35 9.93 13.88
CA GLY A 72 0.61 10.90 13.40
C GLY A 72 0.27 12.31 13.83
N SER A 73 1.17 13.25 13.58
CA SER A 73 0.96 14.64 13.95
C SER A 73 1.91 15.56 13.19
N GLY A 74 1.44 16.77 12.88
CA GLY A 74 2.25 17.73 12.17
C GLY A 74 1.93 19.15 12.56
N TYR A 75 2.84 20.07 12.25
CA TYR A 75 2.66 21.48 12.58
C TYR A 75 2.35 22.31 11.34
N ARG A 76 1.18 22.93 11.32
CA ARG A 76 0.77 23.75 10.18
C ARG A 76 1.09 25.22 10.44
N VAL A 77 2.18 25.70 9.84
CA VAL A 77 2.62 27.09 10.00
C VAL A 77 2.17 27.94 8.80
N ASN A 78 1.53 29.07 9.10
CA ASN A 78 1.06 29.96 8.04
C ASN A 78 -0.02 29.30 7.19
N GLU A 79 -0.44 29.99 6.15
CA GLU A 79 -1.47 29.49 5.25
C GLU A 79 -0.89 29.24 3.85
N SER A 80 0.41 29.01 3.78
CA SER A 80 1.07 28.77 2.51
C SER A 80 1.90 27.49 2.57
N VAL A 81 2.67 27.34 3.63
CA VAL A 81 3.50 26.15 3.81
C VAL A 81 2.91 25.23 4.87
N ALA A 82 3.16 23.94 4.75
CA ALA A 82 2.65 22.95 5.69
C ALA A 82 3.54 21.72 5.75
N LEU A 83 3.28 20.86 6.74
CA LEU A 83 4.05 19.63 6.90
C LEU A 83 3.29 18.65 7.79
N LYS A 84 3.37 17.37 7.45
CA LYS A 84 2.70 16.31 8.20
C LYS A 84 3.57 15.05 8.29
N ALA A 85 3.67 14.50 9.49
CA ALA A 85 4.47 13.30 9.72
C ALA A 85 3.88 12.45 10.84
N GLY A 86 3.80 11.14 10.60
CA GLY A 86 3.25 10.23 11.59
C GLY A 86 3.69 8.80 11.37
N VAL A 87 3.33 7.92 12.31
CA VAL A 87 3.69 6.51 12.22
C VAL A 87 2.44 5.63 12.26
N ALA A 88 2.47 4.53 11.51
CA ALA A 88 1.34 3.60 11.46
C ALA A 88 1.71 2.25 12.08
N TYR A 89 0.80 1.74 12.91
CA TYR A 89 1.01 0.45 13.59
C TYR A 89 0.07 -0.62 13.04
N ALA A 90 0.64 -1.60 12.34
CA ALA A 90 -0.12 -2.70 11.75
C ALA A 90 0.39 -4.06 12.21
N GLY A 91 -0.54 -4.94 12.57
CA GLY A 91 -0.17 -6.27 13.03
C GLY A 91 0.75 -6.22 14.22
N SER A 92 1.99 -6.68 14.04
CA SER A 92 2.97 -6.69 15.12
C SER A 92 4.31 -6.09 14.66
N SER A 93 4.89 -6.69 13.62
CA SER A 93 6.16 -6.24 13.07
C SER A 93 5.96 -5.48 11.77
N ASP A 94 4.81 -4.82 11.64
CA ASP A 94 4.49 -4.05 10.45
C ASP A 94 4.29 -2.58 10.79
N VAL A 95 5.39 -1.84 10.90
CA VAL A 95 5.32 -0.42 11.22
C VAL A 95 5.96 0.41 10.12
N MET A 96 5.37 1.58 9.85
CA MET A 96 5.87 2.48 8.81
C MET A 96 5.84 3.91 9.30
N TYR A 97 6.73 4.74 8.74
CA TYR A 97 6.83 6.14 9.13
C TYR A 97 6.76 7.06 7.91
N ASN A 98 5.89 8.06 7.96
CA ASN A 98 5.75 9.00 6.85
C ASN A 98 6.12 10.43 7.27
N ALA A 99 6.43 11.26 6.28
CA ALA A 99 6.79 12.66 6.53
C ALA A 99 6.84 13.44 5.23
N SER A 100 5.77 14.17 4.92
CA SER A 100 5.71 14.96 3.70
C SER A 100 5.44 16.45 4.00
N PHE A 101 5.39 17.27 2.95
CA PHE A 101 5.16 18.69 3.13
C PHE A 101 4.27 19.25 2.01
N ASN A 102 3.44 20.22 2.35
CA ASN A 102 2.54 20.85 1.40
C ASN A 102 2.95 22.30 1.15
N ILE A 103 2.67 22.81 -0.05
CA ILE A 103 3.01 24.19 -0.39
C ILE A 103 2.13 24.70 -1.53
N GLU A 104 1.91 26.00 -1.57
CA GLU A 104 1.09 26.61 -2.61
C GLU A 104 1.96 27.12 -3.76
N TRP A 105 1.61 26.75 -4.98
CA TRP A 105 2.36 27.18 -6.16
C TRP A 105 1.68 28.38 -6.82
N GLY B 1 10.76 -27.96 -20.44
CA GLY B 1 10.74 -26.53 -19.97
C GLY B 1 9.67 -25.71 -20.67
N ASP B 2 8.44 -26.22 -20.68
CA ASP B 2 7.33 -25.52 -21.33
C ASP B 2 7.76 -24.90 -22.66
N GLN B 3 7.97 -23.58 -22.64
CA GLN B 3 8.38 -22.86 -23.85
C GLN B 3 9.78 -22.27 -23.66
N ALA B 4 9.98 -21.59 -22.54
CA ALA B 4 11.26 -20.98 -22.24
C ALA B 4 11.26 -20.33 -20.87
N SER B 5 10.41 -19.31 -20.71
CA SER B 5 10.30 -18.58 -19.45
C SER B 5 9.65 -19.45 -18.38
N TRP B 6 8.49 -20.02 -18.68
CA TRP B 6 7.79 -20.87 -17.73
C TRP B 6 8.74 -21.92 -17.15
N SER B 7 8.88 -23.04 -17.84
CA SER B 7 9.77 -24.11 -17.40
C SER B 7 9.25 -24.70 -16.09
N HIS B 8 7.96 -24.98 -16.05
CA HIS B 8 7.33 -25.54 -14.85
C HIS B 8 7.71 -27.01 -14.65
N PRO B 9 7.51 -27.86 -15.67
CA PRO B 9 7.84 -29.29 -15.59
C PRO B 9 9.27 -29.51 -15.08
N GLN B 10 9.39 -30.15 -13.92
CA GLN B 10 10.71 -30.41 -13.34
C GLN B 10 10.86 -31.90 -12.98
N PHE B 11 9.93 -32.38 -12.17
CA PHE B 11 9.92 -33.77 -11.74
C PHE B 11 8.57 -34.41 -12.06
N GLU B 12 8.23 -35.44 -11.29
CA GLU B 12 6.97 -36.17 -11.48
C GLU B 12 5.78 -35.32 -11.06
N LYS B 13 6.02 -34.42 -10.11
CA LYS B 13 4.97 -33.54 -9.59
C LYS B 13 5.46 -32.10 -9.41
N GLY B 14 6.55 -31.77 -10.09
CA GLY B 14 7.11 -30.43 -9.98
C GLY B 14 6.37 -29.43 -10.84
N ALA B 15 5.65 -29.92 -11.84
CA ALA B 15 4.88 -29.07 -12.74
C ALA B 15 3.74 -28.38 -12.00
N HIS B 16 3.04 -29.15 -11.17
CA HIS B 16 1.93 -28.62 -10.40
C HIS B 16 2.41 -27.70 -9.28
N LYS B 17 3.57 -28.05 -8.70
CA LYS B 17 4.15 -27.26 -7.63
C LYS B 17 4.62 -25.90 -8.15
N PHE B 18 5.34 -25.91 -9.27
CA PHE B 18 5.85 -24.68 -9.86
C PHE B 18 4.71 -23.81 -10.40
N ARG B 19 3.71 -24.45 -10.98
CA ARG B 19 2.56 -23.74 -11.53
C ARG B 19 1.74 -23.08 -10.42
N GLN B 20 1.50 -23.84 -9.35
CA GLN B 20 0.72 -23.32 -8.22
C GLN B 20 1.45 -22.17 -7.53
N LEU B 21 2.76 -22.31 -7.40
CA LEU B 21 3.58 -21.28 -6.76
C LEU B 21 3.56 -20.00 -7.58
N ASP B 22 3.73 -20.15 -8.90
CA ASP B 22 3.73 -19.00 -9.81
C ASP B 22 2.37 -18.31 -9.81
N ASN B 23 1.31 -19.09 -9.56
CA ASN B 23 -0.04 -18.55 -9.53
C ASN B 23 -0.30 -17.73 -8.27
N ARG B 24 0.23 -18.22 -7.15
CA ARG B 24 0.05 -17.54 -5.87
C ARG B 24 0.89 -16.27 -5.82
N LEU B 25 2.11 -16.34 -6.35
CA LEU B 25 2.99 -15.19 -6.37
C LEU B 25 2.39 -14.06 -7.20
N ASP B 26 1.95 -14.39 -8.40
CA ASP B 26 1.35 -13.41 -9.30
C ASP B 26 0.09 -12.82 -8.67
N LYS B 27 -0.80 -13.67 -8.17
CA LYS B 27 -2.03 -13.21 -7.56
C LYS B 27 -1.76 -12.23 -6.43
N LEU B 28 -0.69 -12.48 -5.67
CA LEU B 28 -0.31 -11.59 -4.57
C LEU B 28 0.04 -10.21 -5.12
N ASP B 29 0.75 -10.21 -6.26
CA ASP B 29 1.16 -8.98 -6.93
C ASP B 29 -0.04 -8.17 -7.42
N THR B 30 -0.99 -8.87 -8.03
CA THR B 30 -2.19 -8.22 -8.56
C THR B 30 -2.94 -7.49 -7.44
N ARG B 31 -3.14 -8.18 -6.31
CA ARG B 31 -3.84 -7.61 -5.16
C ARG B 31 -3.17 -6.32 -4.69
N VAL B 32 -1.84 -6.28 -4.82
CA VAL B 32 -1.07 -5.11 -4.39
C VAL B 32 -1.19 -3.97 -5.40
N ASP B 33 -1.22 -4.32 -6.69
CA ASP B 33 -1.34 -3.34 -7.75
C ASP B 33 -2.66 -2.58 -7.65
N LYS B 34 -3.76 -3.31 -7.60
CA LYS B 34 -5.09 -2.71 -7.50
C LYS B 34 -5.36 -2.21 -6.09
N GLY B 35 -4.86 -2.95 -5.10
CA GLY B 35 -5.06 -2.55 -3.71
C GLY B 35 -4.35 -1.26 -3.37
N LEU B 36 -3.09 -1.15 -3.80
CA LEU B 36 -2.29 0.05 -3.55
C LEU B 36 -2.84 1.25 -4.32
N ALA B 37 -3.26 1.01 -5.56
CA ALA B 37 -3.81 2.06 -6.41
C ALA B 37 -5.13 2.59 -5.86
N SER B 38 -5.98 1.68 -5.38
CA SER B 38 -7.27 2.05 -4.81
C SER B 38 -7.09 2.81 -3.50
N SER B 39 -6.33 2.21 -2.58
CA SER B 39 -6.08 2.84 -1.29
C SER B 39 -5.61 4.27 -1.45
N ALA B 40 -4.52 4.45 -2.19
CA ALA B 40 -3.95 5.77 -2.44
C ALA B 40 -5.01 6.69 -3.02
N ALA B 41 -5.71 6.23 -4.04
CA ALA B 41 -6.75 7.03 -4.68
C ALA B 41 -7.70 7.63 -3.65
N LEU B 42 -8.08 6.82 -2.65
CA LEU B 42 -8.96 7.28 -1.60
C LEU B 42 -8.22 8.21 -0.66
N ASN B 43 -6.94 7.94 -0.41
CA ASN B 43 -6.16 8.77 0.50
C ASN B 43 -5.69 10.07 -0.14
N SER B 44 -6.01 10.21 -1.43
CA SER B 44 -5.67 11.41 -2.20
C SER B 44 -6.69 12.53 -2.04
N LEU B 45 -7.71 12.27 -1.22
CA LEU B 45 -8.75 13.25 -0.92
C LEU B 45 -8.42 13.93 0.41
N PHE B 46 -9.20 14.93 0.78
CA PHE B 46 -8.95 15.63 2.03
C PHE B 46 -10.14 16.49 2.44
N GLN B 47 -11.15 16.52 1.58
CA GLN B 47 -12.36 17.29 1.83
C GLN B 47 -12.03 18.78 1.89
N PRO B 48 -12.59 19.60 0.97
CA PRO B 48 -12.33 21.02 0.92
C PRO B 48 -13.05 21.78 2.04
N TYR B 49 -12.31 22.11 3.10
CA TYR B 49 -12.88 22.84 4.22
C TYR B 49 -13.89 21.97 4.97
N GLY B 50 -14.68 22.61 5.85
CA GLY B 50 -15.66 21.89 6.62
C GLY B 50 -15.88 22.50 7.99
N VAL B 51 -16.69 23.56 8.04
CA VAL B 51 -17.01 24.27 9.28
C VAL B 51 -18.21 23.67 10.01
N GLY B 52 -18.95 22.80 9.31
CA GLY B 52 -20.11 22.16 9.90
C GLY B 52 -21.04 21.60 8.85
N LYS B 53 -20.48 20.90 7.88
CA LYS B 53 -21.26 20.29 6.80
C LYS B 53 -20.66 18.94 6.41
N VAL B 54 -21.14 18.39 5.29
CA VAL B 54 -20.65 17.09 4.82
C VAL B 54 -19.82 17.25 3.54
N ASN B 55 -18.80 16.40 3.40
CA ASN B 55 -17.92 16.43 2.23
C ASN B 55 -17.79 15.04 1.60
N PHE B 56 -17.88 15.00 0.26
CA PHE B 56 -17.77 13.76 -0.50
C PHE B 56 -16.39 13.61 -1.13
N THR B 57 -15.71 12.52 -0.80
CA THR B 57 -14.38 12.26 -1.34
C THR B 57 -14.40 11.06 -2.28
N ALA B 58 -13.92 11.28 -3.51
CA ALA B 58 -13.88 10.23 -4.53
C ALA B 58 -12.81 10.51 -5.57
N GLY B 59 -12.24 9.44 -6.14
CA GLY B 59 -11.21 9.60 -7.15
C GLY B 59 -10.59 8.27 -7.54
N VAL B 60 -9.85 8.27 -8.65
CA VAL B 60 -9.20 7.06 -9.14
C VAL B 60 -7.68 7.16 -9.00
N GLY B 61 -7.01 6.02 -9.14
CA GLY B 61 -5.56 5.99 -9.04
C GLY B 61 -4.95 4.84 -9.81
N GLY B 62 -3.62 4.71 -9.73
CA GLY B 62 -2.94 3.63 -10.42
C GLY B 62 -1.56 3.36 -9.87
N TYR B 63 -1.17 2.10 -9.86
CA TYR B 63 0.16 1.70 -9.34
C TYR B 63 0.84 0.73 -10.30
N ARG B 64 2.12 1.00 -10.58
CA ARG B 64 2.89 0.15 -11.50
C ARG B 64 2.31 0.21 -12.91
N SER B 65 1.26 -0.56 -13.15
CA SER B 65 0.62 -0.59 -14.47
C SER B 65 -0.84 -1.03 -14.35
N SER B 66 -1.48 -0.65 -13.24
CA SER B 66 -2.88 -1.01 -13.01
C SER B 66 -3.70 0.23 -12.63
N GLN B 67 -5.01 0.09 -12.62
CA GLN B 67 -5.91 1.20 -12.26
C GLN B 67 -7.00 0.74 -11.30
N ALA B 68 -7.32 1.58 -10.32
CA ALA B 68 -8.34 1.27 -9.33
C ALA B 68 -9.23 2.47 -9.03
N LEU B 69 -10.47 2.20 -8.65
CA LEU B 69 -11.43 3.26 -8.34
C LEU B 69 -11.75 3.27 -6.84
N ALA B 70 -11.61 4.44 -6.20
CA ALA B 70 -11.89 4.56 -4.78
C ALA B 70 -12.95 5.63 -4.50
N ILE B 71 -13.69 5.46 -3.41
CA ILE B 71 -14.73 6.42 -3.04
C ILE B 71 -14.86 6.52 -1.52
N GLY B 72 -15.54 7.57 -1.06
CA GLY B 72 -15.73 7.77 0.36
C GLY B 72 -16.41 9.09 0.69
N SER B 73 -16.76 9.27 1.96
CA SER B 73 -17.43 10.50 2.39
C SER B 73 -17.34 10.66 3.90
N GLY B 74 -17.26 11.92 4.35
CA GLY B 74 -17.18 12.19 5.76
C GLY B 74 -17.83 13.51 6.13
N TYR B 75 -18.14 13.69 7.41
CA TYR B 75 -18.79 14.90 7.88
C TYR B 75 -17.81 15.77 8.67
N ARG B 76 -17.58 16.99 8.17
CA ARG B 76 -16.66 17.91 8.83
C ARG B 76 -17.43 18.88 9.74
N VAL B 77 -17.41 18.60 11.04
CA VAL B 77 -18.10 19.43 12.02
C VAL B 77 -17.14 20.40 12.70
N ASN B 78 -17.50 21.68 12.72
CA ASN B 78 -16.67 22.70 13.34
C ASN B 78 -15.34 22.86 12.59
N GLU B 79 -14.47 23.69 13.14
CA GLU B 79 -13.16 23.94 12.54
C GLU B 79 -12.05 23.44 13.44
N SER B 80 -12.36 22.45 14.27
CA SER B 80 -11.38 21.89 15.19
C SER B 80 -11.34 20.37 15.07
N VAL B 81 -12.51 19.75 15.06
CA VAL B 81 -12.60 18.30 14.94
C VAL B 81 -13.09 17.91 13.54
N ALA B 82 -12.67 16.73 13.09
CA ALA B 82 -13.06 16.26 11.77
C ALA B 82 -13.06 14.72 11.70
N LEU B 83 -13.59 14.19 10.62
CA LEU B 83 -13.65 12.74 10.43
C LEU B 83 -13.90 12.40 8.96
N LYS B 84 -13.23 11.35 8.49
CA LYS B 84 -13.38 10.90 7.10
C LYS B 84 -13.39 9.38 7.01
N ALA B 85 -14.33 8.84 6.24
CA ALA B 85 -14.46 7.40 6.06
C ALA B 85 -15.00 7.07 4.68
N GLY B 86 -14.38 6.08 4.03
CA GLY B 86 -14.81 5.67 2.70
C GLY B 86 -14.35 4.28 2.34
N VAL B 87 -14.80 3.78 1.20
CA VAL B 87 -14.43 2.44 0.73
C VAL B 87 -13.79 2.50 -0.65
N ALA B 88 -12.80 1.64 -0.87
CA ALA B 88 -12.10 1.59 -2.16
C ALA B 88 -12.40 0.30 -2.90
N TYR B 89 -12.67 0.42 -4.21
CA TYR B 89 -12.96 -0.74 -5.04
C TYR B 89 -11.84 -1.00 -6.06
N ALA B 90 -11.12 -2.11 -5.85
CA ALA B 90 -10.02 -2.49 -6.72
C ALA B 90 -10.21 -3.89 -7.30
N GLY B 91 -9.94 -4.04 -8.59
CA GLY B 91 -10.10 -5.33 -9.25
C GLY B 91 -11.50 -5.89 -9.10
N SER B 92 -11.62 -6.99 -8.38
CA SER B 92 -12.91 -7.63 -8.17
C SER B 92 -13.14 -7.96 -6.70
N SER B 93 -12.23 -8.76 -6.14
CA SER B 93 -12.31 -9.18 -4.74
C SER B 93 -11.30 -8.41 -3.88
N ASP B 94 -10.98 -7.19 -4.30
CA ASP B 94 -10.04 -6.36 -3.58
C ASP B 94 -10.70 -5.08 -3.08
N VAL B 95 -11.38 -5.17 -1.95
CA VAL B 95 -12.07 -4.01 -1.38
C VAL B 95 -11.55 -3.71 0.02
N MET B 96 -11.44 -2.42 0.34
CA MET B 96 -10.95 -1.99 1.64
C MET B 96 -11.81 -0.85 2.19
N TYR B 97 -11.85 -0.73 3.51
CA TYR B 97 -12.64 0.31 4.17
C TYR B 97 -11.80 1.11 5.17
N ASN B 98 -11.84 2.43 5.06
CA ASN B 98 -11.07 3.29 5.95
C ASN B 98 -11.98 4.18 6.79
N ALA B 99 -11.46 4.67 7.91
CA ALA B 99 -12.21 5.55 8.80
C ALA B 99 -11.29 6.18 9.86
N SER B 100 -10.87 7.42 9.61
CA SER B 100 -9.99 8.11 10.55
C SER B 100 -10.59 9.44 11.02
N PHE B 101 -9.89 10.14 11.90
CA PHE B 101 -10.38 11.41 12.42
C PHE B 101 -9.24 12.42 12.58
N ASN B 102 -9.56 13.69 12.35
CA ASN B 102 -8.57 14.76 12.49
C ASN B 102 -8.92 15.66 13.67
N ILE B 103 -7.90 16.27 14.28
CA ILE B 103 -8.11 17.16 15.41
C ILE B 103 -6.94 18.12 15.58
N GLU B 104 -7.22 19.29 16.13
CA GLU B 104 -6.18 20.29 16.34
C GLU B 104 -5.61 20.20 17.76
N TRP B 105 -4.28 20.15 17.86
CA TRP B 105 -3.62 20.06 19.16
C TRP B 105 -3.14 21.45 19.61
N GLY C 1 22.40 -28.31 1.92
CA GLY C 1 21.58 -27.19 2.46
C GLY C 1 22.33 -25.87 2.46
N ASP C 2 22.90 -25.51 1.31
CA ASP C 2 23.65 -24.27 1.18
C ASP C 2 24.51 -24.02 2.42
N GLN C 3 24.05 -23.10 3.26
CA GLN C 3 24.76 -22.75 4.49
C GLN C 3 23.95 -23.14 5.72
N ALA C 4 22.68 -22.76 5.73
CA ALA C 4 21.80 -23.07 6.85
C ALA C 4 20.37 -22.57 6.58
N SER C 5 20.23 -21.26 6.44
CA SER C 5 18.93 -20.64 6.19
C SER C 5 18.44 -20.97 4.77
N TRP C 6 19.29 -20.70 3.78
CA TRP C 6 18.94 -20.97 2.39
C TRP C 6 18.39 -22.39 2.25
N SER C 7 19.29 -23.35 2.06
CA SER C 7 18.90 -24.75 1.92
C SER C 7 18.08 -24.93 0.64
N HIS C 8 18.57 -24.37 -0.45
CA HIS C 8 17.88 -24.45 -1.73
C HIS C 8 17.99 -25.85 -2.35
N PRO C 9 19.23 -26.38 -2.48
CA PRO C 9 19.45 -27.71 -3.05
C PRO C 9 18.59 -28.77 -2.38
N GLN C 10 17.69 -29.39 -3.16
CA GLN C 10 16.80 -30.41 -2.62
C GLN C 10 16.86 -31.68 -3.47
N PHE C 11 16.59 -31.51 -4.77
CA PHE C 11 16.62 -32.63 -5.71
C PHE C 11 17.56 -32.30 -6.87
N GLU C 12 17.28 -32.91 -8.02
CA GLU C 12 18.10 -32.72 -9.22
C GLU C 12 17.87 -31.33 -9.81
N LYS C 13 16.68 -30.78 -9.57
CA LYS C 13 16.33 -29.46 -10.09
C LYS C 13 15.57 -28.64 -9.04
N GLY C 14 15.71 -29.02 -7.77
CA GLY C 14 15.03 -28.30 -6.70
C GLY C 14 15.76 -27.03 -6.31
N ALA C 15 17.05 -26.97 -6.63
CA ALA C 15 17.86 -25.80 -6.33
C ALA C 15 17.39 -24.58 -7.10
N HIS C 16 17.11 -24.78 -8.39
CA HIS C 16 16.65 -23.69 -9.26
C HIS C 16 15.21 -23.29 -8.90
N LYS C 17 14.40 -24.28 -8.52
CA LYS C 17 13.01 -24.04 -8.16
C LYS C 17 12.92 -23.24 -6.88
N PHE C 18 13.68 -23.66 -5.87
CA PHE C 18 13.67 -22.99 -4.57
C PHE C 18 14.28 -21.59 -4.68
N ARG C 19 15.34 -21.47 -5.47
CA ARG C 19 16.02 -20.20 -5.67
C ARG C 19 15.11 -19.20 -6.39
N GLN C 20 14.46 -19.68 -7.46
CA GLN C 20 13.57 -18.83 -8.23
C GLN C 20 12.37 -18.37 -7.41
N LEU C 21 11.84 -19.29 -6.61
CA LEU C 21 10.69 -18.99 -5.75
C LEU C 21 11.06 -17.94 -4.71
N ASP C 22 12.21 -18.13 -4.08
CA ASP C 22 12.69 -17.20 -3.06
C ASP C 22 12.96 -15.82 -3.65
N ASN C 23 13.31 -15.79 -4.93
CA ASN C 23 13.61 -14.55 -5.63
C ASN C 23 12.32 -13.77 -5.93
N ARG C 24 11.29 -14.51 -6.34
CA ARG C 24 10.00 -13.91 -6.66
C ARG C 24 9.30 -13.41 -5.41
N LEU C 25 9.37 -14.19 -4.34
CA LEU C 25 8.75 -13.82 -3.08
C LEU C 25 9.37 -12.54 -2.53
N ASP C 26 10.70 -12.51 -2.48
CA ASP C 26 11.40 -11.34 -1.98
C ASP C 26 11.11 -10.11 -2.84
N LYS C 27 11.22 -10.26 -4.15
CA LYS C 27 10.96 -9.16 -5.07
C LYS C 27 9.57 -8.58 -4.84
N LEU C 28 8.60 -9.45 -4.56
CA LEU C 28 7.23 -9.00 -4.32
C LEU C 28 7.19 -8.12 -3.07
N ASP C 29 7.96 -8.52 -2.05
CA ASP C 29 8.06 -7.78 -0.79
C ASP C 29 8.67 -6.40 -1.00
N THR C 30 9.75 -6.35 -1.77
CA THR C 30 10.43 -5.09 -2.05
C THR C 30 9.48 -4.09 -2.69
N ARG C 31 8.74 -4.54 -3.71
CA ARG C 31 7.80 -3.68 -4.42
C ARG C 31 6.77 -3.09 -3.46
N VAL C 32 6.41 -3.85 -2.43
CA VAL C 32 5.43 -3.42 -1.45
C VAL C 32 6.04 -2.42 -0.46
N ASP C 33 7.30 -2.65 -0.11
CA ASP C 33 8.01 -1.76 0.82
C ASP C 33 8.14 -0.36 0.24
N LYS C 34 8.69 -0.27 -0.96
CA LYS C 34 8.88 1.01 -1.62
C LYS C 34 7.57 1.54 -2.18
N GLY C 35 6.73 0.63 -2.67
CA GLY C 35 5.44 1.03 -3.22
C GLY C 35 4.51 1.60 -2.17
N LEU C 36 4.43 0.94 -1.02
CA LEU C 36 3.57 1.39 0.08
C LEU C 36 4.11 2.69 0.68
N ALA C 37 5.43 2.79 0.80
CA ALA C 37 6.07 3.97 1.36
C ALA C 37 5.87 5.19 0.45
N SER C 38 5.99 4.98 -0.85
CA SER C 38 5.83 6.05 -1.82
C SER C 38 4.38 6.50 -1.88
N SER C 39 3.46 5.55 -2.08
CA SER C 39 2.04 5.85 -2.15
C SER C 39 1.60 6.70 -0.97
N ALA C 40 1.84 6.19 0.24
CA ALA C 40 1.49 6.89 1.46
C ALA C 40 2.09 8.29 1.47
N ALA C 41 3.38 8.38 1.18
CA ALA C 41 4.08 9.66 1.15
C ALA C 41 3.30 10.69 0.33
N LEU C 42 2.77 10.25 -0.81
CA LEU C 42 2.01 11.14 -1.67
C LEU C 42 0.64 11.40 -1.06
N ASN C 43 0.07 10.39 -0.41
CA ASN C 43 -1.27 10.54 0.18
C ASN C 43 -1.23 11.31 1.51
N SER C 44 -0.01 11.65 1.94
CA SER C 44 0.20 12.41 3.17
C SER C 44 0.08 13.92 2.96
N LEU C 45 -0.22 14.31 1.73
CA LEU C 45 -0.42 15.70 1.39
C LEU C 45 -1.92 16.01 1.39
N PHE C 46 -2.27 17.27 1.21
CA PHE C 46 -3.68 17.64 1.20
C PHE C 46 -3.89 19.03 0.62
N GLN C 47 -2.79 19.70 0.30
CA GLN C 47 -2.82 21.04 -0.26
C GLN C 47 -3.42 22.02 0.75
N PRO C 48 -2.64 23.03 1.20
CA PRO C 48 -3.12 24.00 2.17
C PRO C 48 -4.09 25.02 1.57
N TYR C 49 -5.38 24.80 1.80
CA TYR C 49 -6.41 25.69 1.28
C TYR C 49 -6.48 25.61 -0.25
N GLY C 50 -7.19 26.56 -0.85
CA GLY C 50 -7.32 26.59 -2.29
C GLY C 50 -8.65 27.16 -2.73
N VAL C 51 -8.72 28.49 -2.76
CA VAL C 51 -9.93 29.22 -3.17
C VAL C 51 -9.99 29.46 -4.68
N GLY C 52 -8.87 29.24 -5.36
CA GLY C 52 -8.81 29.44 -6.79
C GLY C 52 -7.39 29.59 -7.30
N LYS C 53 -6.50 28.70 -6.83
CA LYS C 53 -5.11 28.73 -7.23
C LYS C 53 -4.55 27.31 -7.36
N VAL C 54 -3.24 27.19 -7.49
CA VAL C 54 -2.60 25.89 -7.62
C VAL C 54 -1.79 25.52 -6.37
N ASN C 55 -1.76 24.23 -6.04
CA ASN C 55 -1.03 23.75 -4.87
C ASN C 55 -0.10 22.59 -5.23
N PHE C 56 1.14 22.65 -4.72
CA PHE C 56 2.13 21.61 -4.97
C PHE C 56 2.27 20.68 -3.78
N THR C 57 2.06 19.38 -4.03
CA THR C 57 2.16 18.38 -2.98
C THR C 57 3.36 17.47 -3.21
N ALA C 58 4.23 17.38 -2.21
CA ALA C 58 5.44 16.56 -2.29
C ALA C 58 5.92 16.13 -0.89
N GLY C 59 6.55 14.96 -0.81
CA GLY C 59 7.04 14.48 0.46
C GLY C 59 7.58 13.06 0.36
N VAL C 60 8.31 12.64 1.39
CA VAL C 60 8.87 11.30 1.43
C VAL C 60 8.21 10.43 2.50
N GLY C 61 8.44 9.13 2.43
CA GLY C 61 7.87 8.22 3.40
C GLY C 61 8.69 6.96 3.57
N GLY C 62 8.20 6.04 4.40
CA GLY C 62 8.90 4.79 4.64
C GLY C 62 8.01 3.72 5.22
N TYR C 63 8.23 2.47 4.81
CA TYR C 63 7.45 1.35 5.31
C TYR C 63 8.34 0.19 5.71
N ARG C 64 8.08 -0.38 6.89
CA ARG C 64 8.88 -1.50 7.40
C ARG C 64 10.31 -1.06 7.65
N SER C 65 11.13 -1.02 6.60
CA SER C 65 12.52 -0.63 6.71
C SER C 65 13.05 -0.08 5.38
N SER C 66 12.17 0.58 4.63
CA SER C 66 12.54 1.15 3.34
C SER C 66 12.11 2.62 3.25
N GLN C 67 12.59 3.31 2.23
CA GLN C 67 12.26 4.73 2.03
C GLN C 67 11.91 5.00 0.57
N ALA C 68 10.90 5.85 0.36
CA ALA C 68 10.46 6.20 -0.99
C ALA C 68 10.15 7.69 -1.10
N LEU C 69 10.30 8.23 -2.31
CA LEU C 69 10.04 9.64 -2.58
C LEU C 69 8.81 9.80 -3.46
N ALA C 70 7.86 10.63 -3.02
CA ALA C 70 6.64 10.85 -3.79
C ALA C 70 6.44 12.34 -4.10
N ILE C 71 5.77 12.63 -5.20
CA ILE C 71 5.51 14.01 -5.60
C ILE C 71 4.18 14.15 -6.33
N GLY C 72 3.68 15.37 -6.45
CA GLY C 72 2.42 15.61 -7.12
C GLY C 72 1.98 17.06 -7.04
N SER C 73 0.91 17.39 -7.76
CA SER C 73 0.40 18.76 -7.77
C SER C 73 -1.03 18.80 -8.30
N GLY C 74 -1.83 19.73 -7.78
CA GLY C 74 -3.21 19.86 -8.20
C GLY C 74 -3.69 21.30 -8.12
N TYR C 75 -4.78 21.58 -8.83
CA TYR C 75 -5.34 22.93 -8.85
C TYR C 75 -6.62 23.00 -8.04
N ARG C 76 -6.62 23.83 -7.00
CA ARG C 76 -7.79 23.99 -6.14
C ARG C 76 -8.62 25.20 -6.58
N VAL C 77 -9.71 24.93 -7.30
CA VAL C 77 -10.60 25.99 -7.79
C VAL C 77 -11.81 26.15 -6.88
N ASN C 78 -12.08 27.39 -6.46
CA ASN C 78 -13.22 27.66 -5.59
C ASN C 78 -13.06 27.00 -4.23
N GLU C 79 -14.08 27.11 -3.40
CA GLU C 79 -14.05 26.53 -2.06
C GLU C 79 -15.10 25.43 -1.95
N SER C 80 -15.46 24.82 -3.07
CA SER C 80 -16.44 23.75 -3.09
C SER C 80 -15.91 22.52 -3.82
N VAL C 81 -15.31 22.75 -4.98
CA VAL C 81 -14.74 21.67 -5.78
C VAL C 81 -13.22 21.68 -5.70
N ALA C 82 -12.61 20.51 -5.84
CA ALA C 82 -11.15 20.40 -5.78
C ALA C 82 -10.66 19.20 -6.57
N LEU C 83 -9.35 19.12 -6.75
CA LEU C 83 -8.74 18.02 -7.48
C LEU C 83 -7.24 17.93 -7.19
N LYS C 84 -6.73 16.71 -7.07
CA LYS C 84 -5.31 16.48 -6.79
C LYS C 84 -4.78 15.28 -7.57
N ALA C 85 -3.61 15.46 -8.19
CA ALA C 85 -3.00 14.39 -8.97
C ALA C 85 -1.47 14.50 -8.92
N GLY C 86 -0.82 13.35 -8.71
CA GLY C 86 0.63 13.33 -8.64
C GLY C 86 1.21 11.95 -8.90
N VAL C 87 2.53 11.87 -8.98
CA VAL C 87 3.21 10.59 -9.22
C VAL C 87 4.21 10.28 -8.11
N ALA C 88 4.32 9.01 -7.77
CA ALA C 88 5.24 8.57 -6.72
C ALA C 88 6.39 7.75 -7.28
N TYR C 89 7.61 8.04 -6.84
CA TYR C 89 8.80 7.32 -7.30
C TYR C 89 9.39 6.45 -6.18
N ALA C 90 9.28 5.14 -6.35
CA ALA C 90 9.81 4.18 -5.37
C ALA C 90 10.80 3.21 -6.01
N GLY C 91 11.90 2.96 -5.32
CA GLY C 91 12.91 2.05 -5.82
C GLY C 91 13.43 2.47 -7.19
N SER C 92 13.14 1.64 -8.19
CA SER C 92 13.59 1.93 -9.56
C SER C 92 12.45 1.76 -10.56
N SER C 93 11.87 0.56 -10.59
CA SER C 93 10.76 0.24 -11.50
C SER C 93 9.43 0.21 -10.76
N ASP C 94 9.35 0.99 -9.68
CA ASP C 94 8.12 1.06 -8.88
C ASP C 94 7.54 2.47 -8.89
N VAL C 95 6.79 2.79 -9.94
CA VAL C 95 6.17 4.10 -10.06
C VAL C 95 4.65 3.98 -10.16
N MET C 96 3.96 4.92 -9.54
CA MET C 96 2.50 4.93 -9.54
C MET C 96 1.97 6.35 -9.78
N TYR C 97 0.77 6.43 -10.34
CA TYR C 97 0.16 7.73 -10.63
C TYR C 97 -1.26 7.81 -10.05
N ASN C 98 -1.54 8.89 -9.33
CA ASN C 98 -2.86 9.08 -8.71
C ASN C 98 -3.55 10.32 -9.26
N ALA C 99 -4.88 10.36 -9.13
CA ALA C 99 -5.67 11.49 -9.59
C ALA C 99 -7.10 11.40 -9.08
N SER C 100 -7.39 12.13 -8.01
CA SER C 100 -8.74 12.11 -7.41
C SER C 100 -9.33 13.52 -7.34
N PHE C 101 -10.56 13.63 -6.86
CA PHE C 101 -11.24 14.92 -6.76
C PHE C 101 -12.07 15.02 -5.48
N ASN C 102 -12.13 16.22 -4.91
CA ASN C 102 -12.89 16.45 -3.70
C ASN C 102 -14.10 17.36 -3.99
N ILE C 103 -15.17 17.19 -3.21
CA ILE C 103 -16.37 18.00 -3.40
C ILE C 103 -17.19 18.04 -2.12
N GLU C 104 -17.94 19.12 -1.93
CA GLU C 104 -18.77 19.28 -0.76
C GLU C 104 -20.21 18.82 -1.03
N TRP C 105 -20.73 17.96 -0.15
CA TRP C 105 -22.10 17.46 -0.31
C TRP C 105 -23.06 18.25 0.57
N GLY A 1 -1.93 -36.38 -1.28
CA GLY A 1 -2.32 -34.95 -1.50
C GLY A 1 -3.09 -34.37 -0.32
N ASP A 2 -2.53 -34.52 0.88
CA ASP A 2 -3.16 -34.00 2.09
C ASP A 2 -4.68 -34.17 2.03
N GLN A 3 -5.37 -33.09 1.71
CA GLN A 3 -6.83 -33.10 1.60
C GLN A 3 -7.28 -32.90 0.16
N ALA A 4 -6.78 -31.85 -0.47
CA ALA A 4 -7.12 -31.55 -1.86
C ALA A 4 -6.42 -30.28 -2.33
N SER A 5 -6.72 -29.16 -1.67
CA SER A 5 -6.15 -27.87 -2.02
C SER A 5 -4.68 -27.81 -1.59
N TRP A 6 -4.41 -28.17 -0.35
CA TRP A 6 -3.04 -28.16 0.17
C TRP A 6 -2.11 -28.93 -0.76
N SER A 7 -1.98 -30.24 -0.51
CA SER A 7 -1.12 -31.08 -1.33
C SER A 7 0.32 -30.62 -1.23
N HIS A 8 0.82 -30.48 -0.01
CA HIS A 8 2.18 -30.02 0.22
C HIS A 8 3.22 -31.10 -0.10
N PRO A 9 3.09 -32.30 0.51
CA PRO A 9 4.00 -33.41 0.27
C PRO A 9 4.02 -33.84 -1.20
N GLN A 10 5.20 -33.82 -1.81
CA GLN A 10 5.34 -34.20 -3.22
C GLN A 10 6.41 -35.28 -3.39
N PHE A 11 7.59 -35.01 -2.84
CA PHE A 11 8.71 -35.95 -2.92
C PHE A 11 9.24 -36.22 -1.51
N GLU A 12 10.50 -36.65 -1.44
CA GLU A 12 11.15 -36.99 -0.18
C GLU A 12 11.33 -35.73 0.66
N LYS A 13 11.56 -34.60 0.01
CA LYS A 13 11.77 -33.33 0.71
C LYS A 13 10.92 -32.21 0.10
N GLY A 14 9.91 -32.59 -0.70
CA GLY A 14 9.05 -31.62 -1.33
C GLY A 14 7.98 -31.09 -0.37
N ALA A 15 7.66 -31.89 0.63
CA ALA A 15 6.67 -31.52 1.62
C ALA A 15 7.05 -30.23 2.34
N HIS A 16 8.33 -30.15 2.72
CA HIS A 16 8.84 -28.97 3.41
C HIS A 16 8.95 -27.79 2.46
N LYS A 17 9.20 -28.07 1.19
CA LYS A 17 9.35 -27.02 0.18
C LYS A 17 8.00 -26.35 -0.09
N PHE A 18 6.96 -27.17 -0.25
CA PHE A 18 5.62 -26.64 -0.51
C PHE A 18 5.05 -25.93 0.72
N ARG A 19 5.37 -26.46 1.90
CA ARG A 19 4.89 -25.88 3.15
C ARG A 19 5.57 -24.54 3.42
N GLN A 20 6.89 -24.49 3.20
CA GLN A 20 7.66 -23.27 3.42
C GLN A 20 7.21 -22.16 2.47
N LEU A 21 7.10 -22.51 1.19
CA LEU A 21 6.68 -21.54 0.17
C LEU A 21 5.27 -21.05 0.46
N ASP A 22 4.42 -21.94 0.95
CA ASP A 22 3.03 -21.59 1.26
C ASP A 22 2.97 -20.58 2.39
N ASN A 23 3.88 -20.71 3.35
CA ASN A 23 3.93 -19.81 4.49
C ASN A 23 4.45 -18.44 4.08
N ARG A 24 5.50 -18.44 3.24
CA ARG A 24 6.10 -17.20 2.78
C ARG A 24 5.10 -16.38 1.97
N LEU A 25 4.28 -17.07 1.17
CA LEU A 25 3.28 -16.40 0.35
C LEU A 25 2.21 -15.76 1.24
N ASP A 26 1.62 -16.57 2.11
CA ASP A 26 0.58 -16.09 3.01
C ASP A 26 1.08 -14.91 3.83
N LYS A 27 2.27 -15.05 4.42
CA LYS A 27 2.84 -14.00 5.23
C LYS A 27 3.03 -12.71 4.43
N LEU A 28 3.55 -12.85 3.21
CA LEU A 28 3.77 -11.70 2.34
C LEU A 28 2.44 -10.99 2.10
N ASP A 29 1.39 -11.77 1.87
CA ASP A 29 0.04 -11.24 1.66
C ASP A 29 -0.50 -10.53 2.89
N THR A 30 -0.24 -11.11 4.05
CA THR A 30 -0.70 -10.54 5.31
C THR A 30 -0.08 -9.16 5.53
N ARG A 31 1.22 -9.05 5.28
CA ARG A 31 1.95 -7.80 5.45
C ARG A 31 1.32 -6.68 4.62
N VAL A 32 0.86 -7.02 3.42
CA VAL A 32 0.24 -6.05 2.52
C VAL A 32 -1.16 -5.66 3.01
N ASP A 33 -1.81 -6.59 3.69
CA ASP A 33 -3.16 -6.36 4.21
C ASP A 33 -3.13 -5.32 5.33
N LYS A 34 -2.43 -5.65 6.42
CA LYS A 34 -2.33 -4.76 7.57
C LYS A 34 -1.55 -3.50 7.21
N GLY A 35 -0.43 -3.68 6.50
CA GLY A 35 0.39 -2.55 6.11
C GLY A 35 -0.40 -1.51 5.34
N LEU A 36 -1.19 -1.95 4.38
CA LEU A 36 -2.01 -1.06 3.56
C LEU A 36 -3.12 -0.41 4.40
N ALA A 37 -3.63 -1.17 5.36
CA ALA A 37 -4.70 -0.69 6.24
C ALA A 37 -4.22 0.46 7.11
N SER A 38 -3.04 0.29 7.70
CA SER A 38 -2.46 1.31 8.57
C SER A 38 -2.08 2.55 7.76
N SER A 39 -1.29 2.35 6.71
CA SER A 39 -0.85 3.46 5.86
C SER A 39 -2.04 4.32 5.43
N ALA A 40 -3.03 3.67 4.83
CA ALA A 40 -4.23 4.35 4.36
C ALA A 40 -4.90 5.09 5.52
N ALA A 41 -5.04 4.41 6.66
CA ALA A 41 -5.67 4.99 7.84
C ALA A 41 -5.03 6.33 8.18
N LEU A 42 -3.70 6.41 8.03
CA LEU A 42 -2.99 7.65 8.33
C LEU A 42 -3.10 8.61 7.13
N ASN A 43 -3.07 8.06 5.92
CA ASN A 43 -3.14 8.90 4.73
C ASN A 43 -4.53 9.46 4.48
N SER A 44 -5.46 9.05 5.34
CA SER A 44 -6.85 9.52 5.27
C SER A 44 -7.10 10.79 6.08
N LEU A 45 -6.07 11.19 6.83
CA LEU A 45 -6.14 12.42 7.62
C LEU A 45 -5.62 13.57 6.78
N PHE A 46 -5.86 14.80 7.22
CA PHE A 46 -5.39 15.96 6.47
C PHE A 46 -5.22 17.18 7.37
N GLN A 47 -5.56 17.00 8.64
CA GLN A 47 -5.43 18.07 9.62
C GLN A 47 -6.42 19.20 9.30
N PRO A 48 -7.32 19.55 10.24
CA PRO A 48 -8.30 20.60 10.03
C PRO A 48 -7.67 21.99 9.96
N TYR A 49 -7.49 22.49 8.74
CA TYR A 49 -6.90 23.81 8.54
C TYR A 49 -5.48 23.87 9.13
N GLY A 50 -5.01 25.08 9.38
CA GLY A 50 -3.67 25.26 9.93
C GLY A 50 -3.05 26.56 9.49
N VAL A 51 -3.38 27.65 10.19
CA VAL A 51 -2.85 28.99 9.89
C VAL A 51 -1.56 29.28 10.65
N GLY A 52 -1.28 28.48 11.68
CA GLY A 52 -0.08 28.68 12.47
C GLY A 52 -0.16 27.97 13.81
N LYS A 53 -0.55 26.70 13.78
CA LYS A 53 -0.66 25.90 14.99
C LYS A 53 -0.33 24.44 14.71
N VAL A 54 -0.60 23.57 15.69
CA VAL A 54 -0.31 22.14 15.53
C VAL A 54 -1.61 21.34 15.40
N ASN A 55 -1.59 20.32 14.52
CA ASN A 55 -2.74 19.46 14.31
C ASN A 55 -2.39 17.98 14.50
N PHE A 56 -3.25 17.27 15.23
CA PHE A 56 -3.06 15.84 15.50
C PHE A 56 -3.91 14.99 14.57
N THR A 57 -3.26 14.08 13.85
CA THR A 57 -3.96 13.19 12.93
C THR A 57 -3.86 11.74 13.39
N ALA A 58 -5.00 11.09 13.54
CA ALA A 58 -5.07 9.69 13.98
C ALA A 58 -6.36 9.02 13.52
N GLY A 59 -6.28 7.72 13.23
CA GLY A 59 -7.44 6.98 12.78
C GLY A 59 -7.12 5.55 12.41
N VAL A 60 -8.15 4.71 12.33
CA VAL A 60 -7.97 3.31 11.98
C VAL A 60 -8.43 3.03 10.55
N GLY A 61 -8.06 1.85 10.03
CA GLY A 61 -8.44 1.48 8.69
C GLY A 61 -8.47 -0.02 8.49
N GLY A 62 -8.74 -0.45 7.26
CA GLY A 62 -8.78 -1.87 6.96
C GLY A 62 -8.70 -2.16 5.47
N TYR A 63 -7.98 -3.22 5.12
CA TYR A 63 -7.82 -3.60 3.71
C TYR A 63 -8.14 -5.09 3.52
N ARG A 64 -8.84 -5.40 2.43
CA ARG A 64 -9.22 -6.78 2.13
C ARG A 64 -10.10 -7.35 3.23
N SER A 65 -9.48 -7.80 4.32
CA SER A 65 -10.22 -8.37 5.45
C SER A 65 -9.42 -8.26 6.74
N SER A 66 -8.67 -7.16 6.88
CA SER A 66 -7.85 -6.93 8.07
C SER A 66 -8.05 -5.51 8.59
N GLN A 67 -7.58 -5.27 9.82
CA GLN A 67 -7.70 -3.95 10.44
C GLN A 67 -6.39 -3.52 11.08
N ALA A 68 -6.08 -2.23 10.99
CA ALA A 68 -4.86 -1.68 11.57
C ALA A 68 -5.08 -0.29 12.15
N LEU A 69 -4.22 0.09 13.10
CA LEU A 69 -4.31 1.39 13.74
C LEU A 69 -3.13 2.28 13.33
N ALA A 70 -3.43 3.52 12.94
CA ALA A 70 -2.39 4.46 12.53
C ALA A 70 -2.48 5.77 13.31
N ILE A 71 -1.35 6.47 13.43
CA ILE A 71 -1.31 7.74 14.14
C ILE A 71 -0.28 8.69 13.53
N GLY A 72 -0.38 9.97 13.85
CA GLY A 72 0.55 10.95 13.33
C GLY A 72 0.22 12.36 13.79
N SER A 73 1.14 13.28 13.53
CA SER A 73 0.95 14.68 13.93
C SER A 73 1.89 15.60 13.15
N GLY A 74 1.38 16.78 12.80
CA GLY A 74 2.18 17.74 12.06
C GLY A 74 1.88 19.17 12.47
N TYR A 75 2.79 20.08 12.16
CA TYR A 75 2.63 21.49 12.50
C TYR A 75 2.30 22.31 11.27
N ARG A 76 1.11 22.90 11.25
CA ARG A 76 0.68 23.73 10.13
C ARG A 76 0.99 25.20 10.39
N VAL A 77 2.15 25.65 9.92
CA VAL A 77 2.58 27.04 10.09
C VAL A 77 2.19 27.89 8.90
N ASN A 78 1.50 28.99 9.16
CA ASN A 78 1.07 29.90 8.08
C ASN A 78 0.01 29.25 7.21
N GLU A 79 -0.33 29.92 6.11
CA GLU A 79 -1.33 29.41 5.18
C GLU A 79 -0.73 29.21 3.80
N SER A 80 0.59 29.01 3.76
CA SER A 80 1.28 28.80 2.48
C SER A 80 2.09 27.52 2.51
N VAL A 81 2.72 27.24 3.65
CA VAL A 81 3.53 26.04 3.80
C VAL A 81 2.91 25.12 4.85
N ALA A 82 3.16 23.82 4.72
CA ALA A 82 2.62 22.84 5.66
C ALA A 82 3.56 21.64 5.81
N LEU A 83 3.20 20.75 6.73
CA LEU A 83 4.01 19.55 6.97
C LEU A 83 3.21 18.52 7.75
N LYS A 84 3.41 17.25 7.44
CA LYS A 84 2.72 16.15 8.11
C LYS A 84 3.60 14.91 8.22
N ALA A 85 3.72 14.38 9.43
CA ALA A 85 4.54 13.20 9.68
C ALA A 85 4.01 12.41 10.87
N GLY A 86 3.95 11.09 10.71
CA GLY A 86 3.46 10.24 11.79
C GLY A 86 3.87 8.79 11.62
N VAL A 87 3.50 7.95 12.58
CA VAL A 87 3.82 6.52 12.53
C VAL A 87 2.56 5.67 12.48
N ALA A 88 2.60 4.60 11.68
CA ALA A 88 1.45 3.72 11.54
C ALA A 88 1.74 2.33 12.13
N TYR A 89 0.82 1.83 12.94
CA TYR A 89 0.97 0.53 13.58
C TYR A 89 0.06 -0.52 12.93
N ALA A 90 0.68 -1.48 12.24
CA ALA A 90 -0.07 -2.55 11.57
C ALA A 90 0.40 -3.93 12.01
N GLY A 91 -0.55 -4.78 12.36
CA GLY A 91 -0.22 -6.13 12.80
C GLY A 91 0.75 -6.13 13.97
N SER A 92 1.94 -6.68 13.75
CA SER A 92 2.95 -6.74 14.80
C SER A 92 4.28 -6.17 14.32
N SER A 93 4.85 -6.79 13.28
CA SER A 93 6.13 -6.36 12.71
C SER A 93 5.92 -5.54 11.44
N ASP A 94 4.78 -4.84 11.38
CA ASP A 94 4.46 -4.02 10.22
C ASP A 94 4.32 -2.56 10.62
N VAL A 95 5.45 -1.86 10.71
CA VAL A 95 5.45 -0.44 11.08
C VAL A 95 6.03 0.40 9.95
N MET A 96 5.36 1.53 9.67
CA MET A 96 5.80 2.43 8.62
C MET A 96 5.83 3.87 9.13
N TYR A 97 6.74 4.68 8.57
CA TYR A 97 6.87 6.07 8.98
C TYR A 97 6.70 7.01 7.80
N ASN A 98 5.91 8.07 7.98
CA ASN A 98 5.67 9.04 6.91
C ASN A 98 6.20 10.42 7.29
N ALA A 99 6.45 11.24 6.27
CA ALA A 99 6.95 12.61 6.48
C ALA A 99 6.97 13.39 5.17
N SER A 100 5.87 14.09 4.88
CA SER A 100 5.78 14.87 3.65
C SER A 100 5.57 16.36 3.94
N PHE A 101 5.51 17.17 2.89
CA PHE A 101 5.33 18.61 3.06
C PHE A 101 4.36 19.17 2.01
N ASN A 102 3.57 20.16 2.41
CA ASN A 102 2.61 20.78 1.51
C ASN A 102 3.00 22.23 1.24
N ILE A 103 2.78 22.70 0.01
CA ILE A 103 3.11 24.07 -0.35
C ILE A 103 2.21 24.56 -1.49
N GLU A 104 1.98 25.87 -1.51
CA GLU A 104 1.13 26.47 -2.54
C GLU A 104 1.96 26.92 -3.74
N TRP A 105 1.57 26.49 -4.94
CA TRP A 105 2.28 26.88 -6.15
C TRP A 105 1.66 28.12 -6.77
N GLY B 1 12.25 -27.55 -20.39
CA GLY B 1 12.15 -26.19 -19.81
C GLY B 1 11.19 -25.29 -20.57
N ASP B 2 9.97 -25.78 -20.80
CA ASP B 2 8.95 -25.03 -21.51
C ASP B 2 9.56 -24.23 -22.65
N GLN B 3 9.77 -22.93 -22.41
CA GLN B 3 10.35 -22.04 -23.41
C GLN B 3 11.74 -21.57 -22.97
N ALA B 4 11.81 -21.04 -21.76
CA ALA B 4 13.07 -20.55 -21.23
C ALA B 4 12.88 -19.96 -19.83
N SER B 5 12.07 -18.91 -19.75
CA SER B 5 11.80 -18.24 -18.48
C SER B 5 10.91 -19.10 -17.59
N TRP B 6 9.81 -19.61 -18.16
CA TRP B 6 8.88 -20.45 -17.41
C TRP B 6 9.63 -21.60 -16.75
N SER B 7 9.75 -22.71 -17.46
CA SER B 7 10.44 -23.89 -16.94
C SER B 7 9.74 -24.41 -15.70
N HIS B 8 8.44 -24.65 -15.83
CA HIS B 8 7.63 -25.13 -14.71
C HIS B 8 7.89 -26.61 -14.43
N PRO B 9 7.74 -27.49 -15.43
CA PRO B 9 7.98 -28.93 -15.27
C PRO B 9 9.42 -29.22 -14.83
N GLN B 10 9.56 -29.93 -13.71
CA GLN B 10 10.88 -30.26 -13.18
C GLN B 10 10.99 -31.76 -12.91
N PHE B 11 10.02 -32.30 -12.19
CA PHE B 11 9.99 -33.72 -11.86
C PHE B 11 8.64 -34.31 -12.25
N GLU B 12 8.29 -35.43 -11.63
CA GLU B 12 7.04 -36.13 -11.91
C GLU B 12 5.84 -35.28 -11.49
N LYS B 13 6.01 -34.51 -10.42
CA LYS B 13 4.95 -33.65 -9.89
C LYS B 13 5.44 -32.23 -9.63
N GLY B 14 6.60 -31.89 -10.18
CA GLY B 14 7.17 -30.57 -10.00
C GLY B 14 6.52 -29.53 -10.90
N ALA B 15 5.97 -29.99 -12.02
CA ALA B 15 5.31 -29.11 -12.97
C ALA B 15 4.16 -28.37 -12.32
N HIS B 16 3.36 -29.09 -11.54
CA HIS B 16 2.22 -28.51 -10.85
C HIS B 16 2.67 -27.60 -9.70
N LYS B 17 3.81 -27.95 -9.10
CA LYS B 17 4.35 -27.18 -7.99
C LYS B 17 4.84 -25.82 -8.47
N PHE B 18 5.58 -25.81 -9.57
CA PHE B 18 6.11 -24.56 -10.11
C PHE B 18 5.00 -23.70 -10.69
N ARG B 19 3.99 -24.34 -11.28
CA ARG B 19 2.86 -23.63 -11.87
C ARG B 19 2.00 -23.00 -10.78
N GLN B 20 1.72 -23.76 -9.72
CA GLN B 20 0.90 -23.28 -8.62
C GLN B 20 1.57 -22.11 -7.90
N LEU B 21 2.86 -22.27 -7.61
CA LEU B 21 3.62 -21.24 -6.92
C LEU B 21 3.69 -19.98 -7.78
N ASP B 22 3.81 -20.18 -9.10
CA ASP B 22 3.90 -19.05 -10.03
C ASP B 22 2.61 -18.25 -10.04
N ASN B 23 1.48 -18.94 -9.89
CA ASN B 23 0.17 -18.29 -9.88
C ASN B 23 -0.04 -17.53 -8.58
N ARG B 24 0.35 -18.14 -7.46
CA ARG B 24 0.19 -17.53 -6.16
C ARG B 24 1.01 -16.25 -6.06
N LEU B 25 2.20 -16.26 -6.66
CA LEU B 25 3.06 -15.09 -6.64
C LEU B 25 2.45 -13.96 -7.46
N ASP B 26 2.12 -14.25 -8.72
CA ASP B 26 1.52 -13.25 -9.59
C ASP B 26 0.26 -12.67 -8.98
N LYS B 27 -0.62 -13.52 -8.47
CA LYS B 27 -1.86 -13.08 -7.85
C LYS B 27 -1.58 -12.17 -6.67
N LEU B 28 -0.63 -12.56 -5.81
CA LEU B 28 -0.26 -11.75 -4.65
C LEU B 28 0.18 -10.37 -5.11
N ASP B 29 0.97 -10.33 -6.18
CA ASP B 29 1.46 -9.07 -6.75
C ASP B 29 0.33 -8.22 -7.30
N THR B 30 -0.63 -8.88 -7.96
CA THR B 30 -1.77 -8.18 -8.54
C THR B 30 -2.58 -7.48 -7.46
N ARG B 31 -2.83 -8.19 -6.36
CA ARG B 31 -3.61 -7.65 -5.24
C ARG B 31 -2.99 -6.36 -4.71
N VAL B 32 -1.65 -6.32 -4.69
CA VAL B 32 -0.94 -5.14 -4.19
C VAL B 32 -1.01 -3.98 -5.20
N ASP B 33 -1.12 -4.34 -6.47
CA ASP B 33 -1.21 -3.34 -7.54
C ASP B 33 -2.52 -2.58 -7.46
N LYS B 34 -3.63 -3.29 -7.64
CA LYS B 34 -4.95 -2.69 -7.59
C LYS B 34 -5.28 -2.17 -6.20
N GLY B 35 -4.97 -2.98 -5.18
CA GLY B 35 -5.23 -2.58 -3.81
C GLY B 35 -4.59 -1.25 -3.47
N LEU B 36 -3.33 -1.09 -3.84
CA LEU B 36 -2.60 0.15 -3.57
C LEU B 36 -3.16 1.31 -4.39
N ALA B 37 -3.62 1.01 -5.60
CA ALA B 37 -4.18 2.01 -6.50
C ALA B 37 -5.47 2.59 -5.92
N SER B 38 -6.34 1.71 -5.43
CA SER B 38 -7.62 2.13 -4.86
C SER B 38 -7.39 2.91 -3.56
N SER B 39 -6.67 2.29 -2.63
CA SER B 39 -6.38 2.92 -1.34
C SER B 39 -5.86 4.33 -1.53
N ALA B 40 -4.79 4.46 -2.31
CA ALA B 40 -4.18 5.75 -2.58
C ALA B 40 -5.21 6.71 -3.19
N ALA B 41 -5.97 6.22 -4.17
CA ALA B 41 -6.98 7.03 -4.83
C ALA B 41 -7.90 7.69 -3.80
N LEU B 42 -8.25 6.93 -2.75
CA LEU B 42 -9.11 7.46 -1.71
C LEU B 42 -8.30 8.31 -0.73
N ASN B 43 -7.07 7.90 -0.46
CA ASN B 43 -6.23 8.64 0.49
C ASN B 43 -5.70 9.95 -0.10
N SER B 44 -6.03 10.18 -1.37
CA SER B 44 -5.64 11.40 -2.08
C SER B 44 -6.66 12.53 -1.92
N LEU B 45 -7.80 12.20 -1.32
CA LEU B 45 -8.84 13.17 -1.06
C LEU B 45 -8.61 13.78 0.31
N PHE B 46 -9.30 14.89 0.61
CA PHE B 46 -9.13 15.54 1.90
C PHE B 46 -10.35 16.35 2.28
N GLN B 47 -11.33 16.40 1.37
CA GLN B 47 -12.56 17.12 1.59
C GLN B 47 -12.27 18.63 1.65
N PRO B 48 -12.92 19.43 0.78
CA PRO B 48 -12.71 20.87 0.74
C PRO B 48 -13.27 21.58 1.96
N TYR B 49 -12.40 21.90 2.91
CA TYR B 49 -12.82 22.57 4.14
C TYR B 49 -13.84 21.74 4.91
N GLY B 50 -14.58 22.38 5.79
CA GLY B 50 -15.58 21.69 6.58
C GLY B 50 -15.78 22.34 7.94
N VAL B 51 -16.61 23.38 7.97
CA VAL B 51 -16.93 24.12 9.20
C VAL B 51 -18.14 23.54 9.94
N GLY B 52 -18.91 22.69 9.25
CA GLY B 52 -20.08 22.09 9.84
C GLY B 52 -21.03 21.54 8.81
N LYS B 53 -20.50 20.79 7.86
CA LYS B 53 -21.31 20.19 6.80
C LYS B 53 -20.73 18.85 6.38
N VAL B 54 -21.25 18.29 5.28
CA VAL B 54 -20.78 17.01 4.78
C VAL B 54 -19.98 17.16 3.48
N ASN B 55 -18.92 16.38 3.34
CA ASN B 55 -18.07 16.42 2.16
C ASN B 55 -17.91 15.03 1.52
N PHE B 56 -18.07 14.98 0.20
CA PHE B 56 -17.95 13.73 -0.55
C PHE B 56 -16.57 13.61 -1.21
N THR B 57 -15.88 12.51 -0.92
CA THR B 57 -14.55 12.27 -1.48
C THR B 57 -14.57 11.06 -2.40
N ALA B 58 -14.11 11.24 -3.63
CA ALA B 58 -14.07 10.17 -4.63
C ALA B 58 -13.02 10.45 -5.71
N GLY B 59 -12.41 9.39 -6.21
CA GLY B 59 -11.39 9.54 -7.24
C GLY B 59 -10.74 8.22 -7.62
N VAL B 60 -10.07 8.20 -8.76
CA VAL B 60 -9.40 7.00 -9.24
C VAL B 60 -7.89 7.10 -9.07
N GLY B 61 -7.20 5.97 -9.22
CA GLY B 61 -5.75 5.95 -9.09
C GLY B 61 -5.12 4.78 -9.82
N GLY B 62 -3.80 4.66 -9.70
CA GLY B 62 -3.10 3.57 -10.35
C GLY B 62 -1.71 3.34 -9.79
N TYR B 63 -1.32 2.07 -9.68
CA TYR B 63 -0.01 1.72 -9.15
C TYR B 63 0.72 0.76 -10.09
N ARG B 64 2.02 0.98 -10.26
CA ARG B 64 2.82 0.13 -11.14
C ARG B 64 2.31 0.19 -12.58
N SER B 65 1.27 -0.58 -12.87
CA SER B 65 0.68 -0.61 -14.21
C SER B 65 -0.78 -1.06 -14.16
N SER B 66 -1.48 -0.66 -13.09
CA SER B 66 -2.89 -1.02 -12.92
C SER B 66 -3.72 0.21 -12.53
N GLN B 67 -5.04 0.08 -12.62
CA GLN B 67 -5.95 1.17 -12.27
C GLN B 67 -7.09 0.68 -11.40
N ALA B 68 -7.50 1.52 -10.44
CA ALA B 68 -8.58 1.17 -9.53
C ALA B 68 -9.45 2.38 -9.20
N LEU B 69 -10.70 2.12 -8.81
CA LEU B 69 -11.64 3.18 -8.46
C LEU B 69 -11.93 3.17 -6.96
N ALA B 70 -11.86 4.34 -6.33
CA ALA B 70 -12.11 4.45 -4.90
C ALA B 70 -13.18 5.51 -4.59
N ILE B 71 -13.87 5.36 -3.47
CA ILE B 71 -14.90 6.31 -3.07
C ILE B 71 -14.99 6.44 -1.56
N GLY B 72 -15.62 7.51 -1.09
CA GLY B 72 -15.76 7.72 0.34
C GLY B 72 -16.48 9.02 0.66
N SER B 73 -16.85 9.19 1.93
CA SER B 73 -17.54 10.39 2.37
C SER B 73 -17.45 10.56 3.89
N GLY B 74 -17.31 11.81 4.32
CA GLY B 74 -17.21 12.10 5.74
C GLY B 74 -17.89 13.40 6.11
N TYR B 75 -18.20 13.55 7.40
CA TYR B 75 -18.87 14.76 7.88
C TYR B 75 -17.91 15.65 8.65
N ARG B 76 -17.67 16.85 8.12
CA ARG B 76 -16.76 17.80 8.77
C ARG B 76 -17.55 18.76 9.67
N VAL B 77 -17.65 18.40 10.95
CA VAL B 77 -18.37 19.23 11.93
C VAL B 77 -17.42 20.18 12.65
N ASN B 78 -17.75 21.47 12.63
CA ASN B 78 -16.92 22.47 13.30
C ASN B 78 -15.58 22.64 12.58
N GLU B 79 -14.69 23.40 13.20
CA GLU B 79 -13.37 23.67 12.63
C GLU B 79 -12.28 23.17 13.58
N SER B 80 -12.62 22.21 14.42
CA SER B 80 -11.66 21.66 15.38
C SER B 80 -11.58 20.14 15.25
N VAL B 81 -12.72 19.50 15.04
CA VAL B 81 -12.77 18.05 14.89
C VAL B 81 -13.23 17.68 13.48
N ALA B 82 -12.80 16.50 13.02
CA ALA B 82 -13.16 16.04 11.68
C ALA B 82 -13.26 14.52 11.63
N LEU B 83 -13.69 14.00 10.48
CA LEU B 83 -13.82 12.56 10.30
C LEU B 83 -13.94 12.22 8.83
N LYS B 84 -13.34 11.09 8.43
CA LYS B 84 -13.39 10.64 7.04
C LYS B 84 -13.41 9.11 6.95
N ALA B 85 -14.38 8.59 6.20
CA ALA B 85 -14.51 7.14 6.03
C ALA B 85 -15.17 6.81 4.70
N GLY B 86 -14.61 5.81 4.01
CA GLY B 86 -15.16 5.41 2.73
C GLY B 86 -14.71 4.02 2.31
N VAL B 87 -15.19 3.56 1.15
CA VAL B 87 -14.82 2.24 0.64
C VAL B 87 -14.10 2.36 -0.70
N ALA B 88 -13.08 1.52 -0.89
CA ALA B 88 -12.30 1.53 -2.12
C ALA B 88 -12.51 0.25 -2.92
N TYR B 89 -12.79 0.39 -4.22
CA TYR B 89 -13.01 -0.75 -5.09
C TYR B 89 -11.82 -0.98 -6.02
N ALA B 90 -11.12 -2.11 -5.79
CA ALA B 90 -9.95 -2.47 -6.59
C ALA B 90 -10.10 -3.86 -7.20
N GLY B 91 -9.82 -3.95 -8.49
CA GLY B 91 -9.93 -5.23 -9.18
C GLY B 91 -11.29 -5.86 -9.02
N SER B 92 -11.34 -7.02 -8.38
CA SER B 92 -12.60 -7.73 -8.15
C SER B 92 -12.80 -8.08 -6.69
N SER B 93 -11.87 -8.89 -6.15
CA SER B 93 -11.93 -9.33 -4.76
C SER B 93 -10.97 -8.51 -3.89
N ASP B 94 -10.73 -7.26 -4.29
CA ASP B 94 -9.84 -6.37 -3.55
C ASP B 94 -10.58 -5.15 -3.04
N VAL B 95 -11.25 -5.30 -1.90
CA VAL B 95 -12.00 -4.20 -1.31
C VAL B 95 -11.45 -3.85 0.07
N MET B 96 -11.31 -2.55 0.32
CA MET B 96 -10.79 -2.08 1.60
C MET B 96 -11.69 -0.98 2.17
N TYR B 97 -11.73 -0.88 3.50
CA TYR B 97 -12.55 0.12 4.16
C TYR B 97 -11.72 1.01 5.08
N ASN B 98 -11.94 2.31 5.01
CA ASN B 98 -11.20 3.26 5.84
C ASN B 98 -12.12 4.01 6.80
N ALA B 99 -11.54 4.54 7.87
CA ALA B 99 -12.31 5.29 8.87
C ALA B 99 -11.37 5.93 9.89
N SER B 100 -10.96 7.17 9.63
CA SER B 100 -10.06 7.88 10.53
C SER B 100 -10.69 9.17 11.06
N PHE B 101 -9.97 9.88 11.93
CA PHE B 101 -10.49 11.12 12.50
C PHE B 101 -9.40 12.18 12.59
N ASN B 102 -9.78 13.44 12.37
CA ASN B 102 -8.84 14.55 12.42
C ASN B 102 -9.17 15.46 13.61
N ILE B 103 -8.14 16.00 14.26
CA ILE B 103 -8.33 16.89 15.40
C ILE B 103 -7.17 17.86 15.53
N GLU B 104 -7.44 19.04 16.09
CA GLU B 104 -6.42 20.05 16.27
C GLU B 104 -5.77 19.94 17.64
N TRP B 105 -4.44 19.89 17.67
CA TRP B 105 -3.71 19.78 18.93
C TRP B 105 -3.32 21.17 19.45
N GLY C 1 21.90 -28.76 3.06
CA GLY C 1 21.00 -27.64 3.45
C GLY C 1 21.74 -26.32 3.59
N ASP C 2 22.49 -25.95 2.56
CA ASP C 2 23.25 -24.72 2.56
C ASP C 2 23.82 -24.42 3.95
N GLN C 3 23.15 -23.54 4.68
CA GLN C 3 23.59 -23.16 6.02
C GLN C 3 22.59 -23.66 7.07
N ALA C 4 21.31 -23.32 6.87
CA ALA C 4 20.26 -23.73 7.80
C ALA C 4 18.91 -23.19 7.35
N SER C 5 18.80 -21.87 7.29
CA SER C 5 17.55 -21.21 6.89
C SER C 5 17.33 -21.37 5.39
N TRP C 6 18.35 -21.07 4.60
CA TRP C 6 18.24 -21.18 3.15
C TRP C 6 17.74 -22.57 2.75
N SER C 7 18.67 -23.50 2.56
CA SER C 7 18.33 -24.87 2.19
C SER C 7 17.61 -24.88 0.84
N HIS C 8 18.24 -24.27 -0.15
CA HIS C 8 17.65 -24.18 -1.49
C HIS C 8 17.76 -25.52 -2.23
N PRO C 9 18.97 -26.09 -2.36
CA PRO C 9 19.18 -27.38 -3.03
C PRO C 9 18.39 -28.50 -2.38
N GLN C 10 17.54 -29.17 -3.15
CA GLN C 10 16.73 -30.27 -2.64
C GLN C 10 16.90 -31.53 -3.48
N PHE C 11 16.74 -31.38 -4.79
CA PHE C 11 16.88 -32.48 -5.72
C PHE C 11 17.87 -32.10 -6.82
N GLU C 12 17.76 -32.79 -7.96
CA GLU C 12 18.64 -32.56 -9.10
C GLU C 12 18.41 -31.16 -9.69
N LYS C 13 17.16 -30.70 -9.62
CA LYS C 13 16.81 -29.39 -10.16
C LYS C 13 15.98 -28.58 -9.16
N GLY C 14 15.99 -29.01 -7.90
CA GLY C 14 15.23 -28.32 -6.87
C GLY C 14 15.95 -27.08 -6.36
N ALA C 15 17.26 -27.07 -6.51
CA ALA C 15 18.08 -25.94 -6.07
C ALA C 15 17.66 -24.66 -6.79
N HIS C 16 17.45 -24.77 -8.09
CA HIS C 16 17.05 -23.62 -8.89
C HIS C 16 15.60 -23.23 -8.61
N LYS C 17 14.78 -24.22 -8.25
CA LYS C 17 13.37 -23.99 -7.96
C LYS C 17 13.23 -23.19 -6.65
N PHE C 18 13.95 -23.61 -5.63
CA PHE C 18 13.89 -22.94 -4.33
C PHE C 18 14.53 -21.56 -4.40
N ARG C 19 15.59 -21.42 -5.20
CA ARG C 19 16.28 -20.15 -5.35
C ARG C 19 15.42 -19.16 -6.12
N GLN C 20 14.79 -19.62 -7.19
CA GLN C 20 13.93 -18.77 -8.02
C GLN C 20 12.72 -18.29 -7.23
N LEU C 21 12.07 -19.21 -6.54
CA LEU C 21 10.90 -18.88 -5.74
C LEU C 21 11.27 -17.91 -4.62
N ASP C 22 12.44 -18.10 -4.06
CA ASP C 22 12.92 -17.24 -2.97
C ASP C 22 13.12 -15.81 -3.44
N ASN C 23 13.58 -15.67 -4.69
CA ASN C 23 13.82 -14.35 -5.28
C ASN C 23 12.51 -13.66 -5.61
N ARG C 24 11.56 -14.42 -6.16
CA ARG C 24 10.26 -13.88 -6.53
C ARG C 24 9.52 -13.37 -5.30
N LEU C 25 9.65 -14.09 -4.19
CA LEU C 25 9.00 -13.72 -2.94
C LEU C 25 9.60 -12.42 -2.40
N ASP C 26 10.91 -12.40 -2.23
CA ASP C 26 11.61 -11.22 -1.73
C ASP C 26 11.30 -10.00 -2.58
N LYS C 27 11.40 -10.16 -3.90
CA LYS C 27 11.14 -9.06 -4.82
C LYS C 27 9.70 -8.55 -4.66
N LEU C 28 8.75 -9.47 -4.58
CA LEU C 28 7.35 -9.09 -4.41
C LEU C 28 7.19 -8.27 -3.14
N ASP C 29 7.86 -8.69 -2.07
CA ASP C 29 7.82 -7.99 -0.79
C ASP C 29 8.45 -6.60 -0.89
N THR C 30 9.57 -6.50 -1.62
CA THR C 30 10.26 -5.23 -1.79
C THR C 30 9.36 -4.22 -2.50
N ARG C 31 8.67 -4.66 -3.54
CA ARG C 31 7.77 -3.80 -4.31
C ARG C 31 6.71 -3.17 -3.41
N VAL C 32 6.22 -3.96 -2.45
CA VAL C 32 5.19 -3.50 -1.52
C VAL C 32 5.77 -2.51 -0.51
N ASP C 33 7.05 -2.68 -0.19
CA ASP C 33 7.73 -1.81 0.77
C ASP C 33 7.87 -0.40 0.20
N LYS C 34 8.62 -0.27 -0.89
CA LYS C 34 8.85 1.02 -1.53
C LYS C 34 7.55 1.58 -2.10
N GLY C 35 6.79 0.72 -2.77
CA GLY C 35 5.53 1.16 -3.37
C GLY C 35 4.60 1.80 -2.36
N LEU C 36 4.47 1.16 -1.19
CA LEU C 36 3.61 1.67 -0.13
C LEU C 36 4.19 2.96 0.46
N ALA C 37 5.51 3.04 0.52
CA ALA C 37 6.20 4.21 1.05
C ALA C 37 5.95 5.44 0.20
N SER C 38 6.07 5.27 -1.11
CA SER C 38 5.86 6.37 -2.05
C SER C 38 4.40 6.80 -2.06
N SER C 39 3.51 5.84 -2.30
CA SER C 39 2.08 6.12 -2.33
C SER C 39 1.64 6.91 -1.11
N ALA C 40 1.94 6.38 0.07
CA ALA C 40 1.60 7.03 1.33
C ALA C 40 2.20 8.43 1.39
N ALA C 41 3.47 8.55 1.02
CA ALA C 41 4.16 9.83 1.03
C ALA C 41 3.36 10.88 0.26
N LEU C 42 2.76 10.47 -0.86
CA LEU C 42 1.96 11.39 -1.66
C LEU C 42 0.57 11.53 -1.06
N ASN C 43 0.03 10.44 -0.52
CA ASN C 43 -1.32 10.47 0.05
C ASN C 43 -1.37 11.20 1.39
N SER C 44 -0.19 11.62 1.85
CA SER C 44 -0.06 12.36 3.10
C SER C 44 -0.18 13.87 2.92
N LEU C 45 -0.24 14.29 1.66
CA LEU C 45 -0.41 15.70 1.32
C LEU C 45 -1.90 16.00 1.21
N PHE C 46 -2.26 17.27 1.18
CA PHE C 46 -3.67 17.64 1.07
C PHE C 46 -3.84 19.03 0.47
N GLN C 47 -2.71 19.69 0.21
CA GLN C 47 -2.71 21.02 -0.37
C GLN C 47 -3.30 22.03 0.62
N PRO C 48 -2.55 23.08 0.98
CA PRO C 48 -3.01 24.09 1.92
C PRO C 48 -4.13 24.95 1.35
N TYR C 49 -5.36 24.63 1.71
CA TYR C 49 -6.52 25.39 1.23
C TYR C 49 -6.61 25.33 -0.29
N GLY C 50 -7.34 26.28 -0.86
CA GLY C 50 -7.51 26.32 -2.30
C GLY C 50 -8.85 26.91 -2.71
N VAL C 51 -8.90 28.24 -2.76
CA VAL C 51 -10.11 28.98 -3.14
C VAL C 51 -10.19 29.25 -4.64
N GLY C 52 -9.07 29.08 -5.33
CA GLY C 52 -9.03 29.31 -6.76
C GLY C 52 -7.60 29.49 -7.27
N LYS C 53 -6.71 28.59 -6.87
CA LYS C 53 -5.31 28.65 -7.29
C LYS C 53 -4.73 27.25 -7.41
N VAL C 54 -3.42 27.17 -7.59
CA VAL C 54 -2.75 25.89 -7.72
C VAL C 54 -1.90 25.56 -6.49
N ASN C 55 -1.91 24.29 -6.09
CA ASN C 55 -1.14 23.84 -4.93
C ASN C 55 -0.21 22.67 -5.29
N PHE C 56 1.03 22.77 -4.82
CA PHE C 56 2.04 21.73 -5.08
C PHE C 56 2.19 20.81 -3.87
N THR C 57 2.03 19.51 -4.10
CA THR C 57 2.16 18.52 -3.03
C THR C 57 3.35 17.60 -3.29
N ALA C 58 4.24 17.51 -2.30
CA ALA C 58 5.43 16.66 -2.41
C ALA C 58 5.96 16.27 -1.02
N GLY C 59 6.52 15.07 -0.94
CA GLY C 59 7.05 14.60 0.33
C GLY C 59 7.56 13.17 0.26
N VAL C 60 8.37 12.78 1.24
CA VAL C 60 8.92 11.42 1.27
C VAL C 60 8.23 10.57 2.34
N GLY C 61 8.46 9.27 2.27
CA GLY C 61 7.87 8.35 3.23
C GLY C 61 8.66 7.07 3.39
N GLY C 62 8.14 6.14 4.20
CA GLY C 62 8.82 4.89 4.42
C GLY C 62 7.91 3.83 5.02
N TYR C 63 8.06 2.59 4.57
CA TYR C 63 7.25 1.49 5.08
C TYR C 63 8.13 0.31 5.49
N ARG C 64 7.78 -0.32 6.61
CA ARG C 64 8.55 -1.45 7.12
C ARG C 64 9.98 -1.05 7.44
N SER C 65 10.82 -1.00 6.41
CA SER C 65 12.23 -0.62 6.57
C SER C 65 12.80 -0.07 5.27
N SER C 66 11.98 0.65 4.51
CA SER C 66 12.41 1.23 3.24
C SER C 66 11.98 2.68 3.13
N GLN C 67 12.54 3.40 2.16
CA GLN C 67 12.20 4.81 1.95
C GLN C 67 11.95 5.10 0.48
N ALA C 68 10.98 5.98 0.21
CA ALA C 68 10.65 6.35 -1.16
C ALA C 68 10.29 7.83 -1.28
N LEU C 69 10.43 8.38 -2.48
CA LEU C 69 10.12 9.78 -2.73
C LEU C 69 8.89 9.91 -3.62
N ALA C 70 7.94 10.76 -3.22
CA ALA C 70 6.73 10.97 -3.99
C ALA C 70 6.50 12.44 -4.30
N ILE C 71 5.77 12.72 -5.38
CA ILE C 71 5.49 14.09 -5.78
C ILE C 71 4.12 14.20 -6.45
N GLY C 72 3.59 15.41 -6.55
CA GLY C 72 2.30 15.63 -7.17
C GLY C 72 1.87 17.08 -7.13
N SER C 73 0.81 17.40 -7.86
CA SER C 73 0.29 18.77 -7.91
C SER C 73 -1.14 18.80 -8.43
N GLY C 74 -1.95 19.68 -7.85
CA GLY C 74 -3.34 19.80 -8.26
C GLY C 74 -3.83 21.24 -8.22
N TYR C 75 -4.92 21.50 -8.93
CA TYR C 75 -5.48 22.85 -8.98
C TYR C 75 -6.76 22.94 -8.15
N ARG C 76 -6.73 23.75 -7.09
CA ARG C 76 -7.89 23.92 -6.24
C ARG C 76 -8.72 25.12 -6.67
N VAL C 77 -9.72 24.88 -7.52
CA VAL C 77 -10.60 25.93 -8.02
C VAL C 77 -11.85 26.07 -7.17
N ASN C 78 -12.11 27.30 -6.69
CA ASN C 78 -13.28 27.56 -5.85
C ASN C 78 -13.15 26.89 -4.49
N GLU C 79 -14.23 26.92 -3.72
CA GLU C 79 -14.24 26.33 -2.39
C GLU C 79 -15.31 25.24 -2.30
N SER C 80 -15.65 24.66 -3.45
CA SER C 80 -16.67 23.60 -3.49
C SER C 80 -16.14 22.37 -4.19
N VAL C 81 -15.36 22.58 -5.25
CA VAL C 81 -14.78 21.47 -6.00
C VAL C 81 -13.25 21.50 -5.89
N ALA C 82 -12.64 20.33 -6.02
CA ALA C 82 -11.19 20.22 -5.93
C ALA C 82 -10.66 19.09 -6.79
N LEU C 83 -9.33 18.98 -6.87
CA LEU C 83 -8.69 17.93 -7.66
C LEU C 83 -7.23 17.78 -7.27
N LYS C 84 -6.74 16.55 -7.27
CA LYS C 84 -5.35 16.26 -6.92
C LYS C 84 -4.81 15.08 -7.72
N ALA C 85 -3.66 15.27 -8.35
CA ALA C 85 -3.03 14.23 -9.15
C ALA C 85 -1.52 14.41 -9.20
N GLY C 86 -0.79 13.31 -9.03
CA GLY C 86 0.66 13.37 -9.06
C GLY C 86 1.29 12.00 -9.30
N VAL C 87 2.62 11.98 -9.37
CA VAL C 87 3.36 10.73 -9.59
C VAL C 87 4.27 10.41 -8.42
N ALA C 88 4.34 9.13 -8.05
CA ALA C 88 5.17 8.70 -6.95
C ALA C 88 6.34 7.85 -7.43
N TYR C 89 7.55 8.16 -6.96
CA TYR C 89 8.75 7.43 -7.34
C TYR C 89 9.24 6.54 -6.20
N ALA C 90 9.15 5.22 -6.41
CA ALA C 90 9.56 4.23 -5.42
C ALA C 90 10.57 3.25 -6.00
N GLY C 91 11.67 3.05 -5.28
CA GLY C 91 12.71 2.13 -5.73
C GLY C 91 13.21 2.47 -7.12
N SER C 92 12.99 1.57 -8.07
CA SER C 92 13.43 1.78 -9.44
C SER C 92 12.29 1.58 -10.43
N SER C 93 11.74 0.36 -10.44
CA SER C 93 10.65 0.00 -11.35
C SER C 93 9.31 0.03 -10.61
N ASP C 94 9.22 0.88 -9.59
CA ASP C 94 7.99 1.00 -8.81
C ASP C 94 7.42 2.41 -8.91
N VAL C 95 6.67 2.67 -9.97
CA VAL C 95 6.07 3.98 -10.19
C VAL C 95 4.55 3.87 -10.22
N MET C 96 3.87 4.80 -9.54
CA MET C 96 2.43 4.81 -9.48
C MET C 96 1.89 6.22 -9.78
N TYR C 97 0.69 6.27 -10.36
CA TYR C 97 0.08 7.55 -10.71
C TYR C 97 -1.29 7.70 -10.05
N ASN C 98 -1.54 8.87 -9.47
CA ASN C 98 -2.82 9.13 -8.80
C ASN C 98 -3.58 10.27 -9.48
N ALA C 99 -4.90 10.29 -9.27
CA ALA C 99 -5.76 11.32 -9.86
C ALA C 99 -7.17 11.22 -9.30
N SER C 100 -7.45 11.95 -8.22
CA SER C 100 -8.77 11.92 -7.61
C SER C 100 -9.41 13.32 -7.59
N PHE C 101 -10.64 13.41 -7.10
CA PHE C 101 -11.34 14.69 -7.05
C PHE C 101 -12.11 14.85 -5.73
N ASN C 102 -12.17 16.08 -5.24
CA ASN C 102 -12.86 16.37 -3.99
C ASN C 102 -14.08 17.25 -4.27
N ILE C 103 -15.17 17.02 -3.54
CA ILE C 103 -16.39 17.81 -3.70
C ILE C 103 -17.19 17.85 -2.41
N GLU C 104 -17.94 18.93 -2.23
CA GLU C 104 -18.74 19.10 -1.03
C GLU C 104 -20.16 18.56 -1.24
N TRP C 105 -20.62 17.70 -0.34
CA TRP C 105 -21.97 17.12 -0.45
C TRP C 105 -22.97 17.96 0.36
N GLY A 1 -0.83 -36.82 0.85
CA GLY A 1 -1.37 -35.46 0.56
C GLY A 1 -2.01 -34.81 1.78
N ASP A 2 -1.26 -34.78 2.87
CA ASP A 2 -1.75 -34.19 4.12
C ASP A 2 -3.23 -34.48 4.32
N GLN A 3 -4.06 -33.46 4.14
CA GLN A 3 -5.51 -33.60 4.30
C GLN A 3 -6.20 -33.55 2.95
N ALA A 4 -5.81 -32.60 2.11
CA ALA A 4 -6.40 -32.44 0.79
C ALA A 4 -6.00 -31.12 0.16
N SER A 5 -6.35 -30.02 0.83
CA SER A 5 -6.04 -28.68 0.35
C SER A 5 -4.53 -28.42 0.40
N TRP A 6 -3.94 -28.64 1.57
CA TRP A 6 -2.51 -28.44 1.74
C TRP A 6 -1.71 -29.34 0.81
N SER A 7 -1.60 -30.61 1.19
CA SER A 7 -0.87 -31.58 0.37
C SER A 7 0.55 -31.08 0.10
N HIS A 8 1.28 -30.80 1.17
CA HIS A 8 2.65 -30.29 1.05
C HIS A 8 3.64 -31.40 0.72
N PRO A 9 3.59 -32.53 1.46
CA PRO A 9 4.49 -33.66 1.22
C PRO A 9 4.40 -34.17 -0.22
N GLN A 10 5.54 -34.17 -0.91
CA GLN A 10 5.59 -34.62 -2.30
C GLN A 10 6.72 -35.62 -2.52
N PHE A 11 7.92 -35.24 -2.10
CA PHE A 11 9.09 -36.10 -2.22
C PHE A 11 9.82 -36.16 -0.89
N GLU A 12 11.11 -36.52 -0.94
CA GLU A 12 11.94 -36.64 0.24
C GLU A 12 12.11 -35.29 0.93
N LYS A 13 12.06 -34.23 0.14
CA LYS A 13 12.23 -32.87 0.66
C LYS A 13 11.18 -31.91 0.08
N GLY A 14 10.09 -32.47 -0.43
CA GLY A 14 9.03 -31.65 -1.00
C GLY A 14 8.05 -31.15 0.03
N ALA A 15 8.04 -31.81 1.19
CA ALA A 15 7.15 -31.44 2.28
C ALA A 15 7.60 -30.14 2.93
N HIS A 16 8.90 -30.03 3.19
CA HIS A 16 9.46 -28.84 3.81
C HIS A 16 9.57 -27.69 2.80
N LYS A 17 9.68 -28.05 1.53
CA LYS A 17 9.80 -27.06 0.47
C LYS A 17 8.45 -26.39 0.21
N PHE A 18 7.40 -27.20 0.08
CA PHE A 18 6.07 -26.67 -0.17
C PHE A 18 5.49 -26.00 1.07
N ARG A 19 5.83 -26.53 2.24
CA ARG A 19 5.34 -25.98 3.50
C ARG A 19 5.93 -24.59 3.74
N GLN A 20 7.21 -24.42 3.41
CA GLN A 20 7.89 -23.14 3.59
C GLN A 20 7.39 -22.11 2.58
N LEU A 21 7.28 -22.53 1.33
CA LEU A 21 6.81 -21.65 0.27
C LEU A 21 5.46 -21.05 0.62
N ASP A 22 4.60 -21.86 1.25
CA ASP A 22 3.28 -21.41 1.64
C ASP A 22 3.35 -20.44 2.81
N ASN A 23 4.36 -20.61 3.66
CA ASN A 23 4.55 -19.75 4.82
C ASN A 23 4.97 -18.35 4.39
N ARG A 24 5.83 -18.28 3.38
CA ARG A 24 6.31 -17.01 2.88
C ARG A 24 5.23 -16.28 2.10
N LEU A 25 4.43 -17.04 1.36
CA LEU A 25 3.35 -16.46 0.58
C LEU A 25 2.24 -15.93 1.49
N ASP A 26 1.92 -16.70 2.52
CA ASP A 26 0.88 -16.31 3.47
C ASP A 26 1.30 -15.05 4.22
N LYS A 27 2.58 -14.95 4.58
CA LYS A 27 3.08 -13.81 5.30
C LYS A 27 3.09 -12.55 4.43
N LEU A 28 3.52 -12.72 3.18
CA LEU A 28 3.56 -11.59 2.25
C LEU A 28 2.16 -11.03 2.06
N ASP A 29 1.18 -11.93 1.91
CA ASP A 29 -0.22 -11.55 1.75
C ASP A 29 -0.73 -10.75 2.94
N THR A 30 -0.33 -11.17 4.13
CA THR A 30 -0.75 -10.48 5.35
C THR A 30 -0.15 -9.09 5.43
N ARG A 31 1.11 -8.96 5.04
CA ARG A 31 1.81 -7.68 5.06
C ARG A 31 1.05 -6.62 4.27
N VAL A 32 0.47 -7.04 3.15
CA VAL A 32 -0.28 -6.13 2.29
C VAL A 32 -1.66 -5.82 2.89
N ASP A 33 -2.23 -6.79 3.60
CA ASP A 33 -3.53 -6.62 4.23
C ASP A 33 -3.48 -5.57 5.32
N LYS A 34 -2.69 -5.85 6.37
CA LYS A 34 -2.55 -4.94 7.50
C LYS A 34 -1.67 -3.74 7.12
N GLY A 35 -0.68 -3.98 6.27
CA GLY A 35 0.21 -2.92 5.84
C GLY A 35 -0.52 -1.81 5.12
N LEU A 36 -1.34 -2.18 4.14
CA LEU A 36 -2.10 -1.21 3.37
C LEU A 36 -3.25 -0.63 4.20
N ALA A 37 -3.72 -1.41 5.16
CA ALA A 37 -4.81 -0.98 6.04
C ALA A 37 -4.40 0.22 6.90
N SER A 38 -3.28 0.07 7.60
CA SER A 38 -2.76 1.13 8.45
C SER A 38 -2.27 2.31 7.62
N SER A 39 -1.60 2.01 6.52
CA SER A 39 -1.07 3.05 5.64
C SER A 39 -2.18 3.99 5.17
N ALA A 40 -3.18 3.42 4.51
CA ALA A 40 -4.32 4.18 4.01
C ALA A 40 -4.98 4.94 5.15
N ALA A 41 -5.08 4.31 6.32
CA ALA A 41 -5.70 4.95 7.48
C ALA A 41 -4.94 6.21 7.87
N LEU A 42 -3.62 6.17 7.75
CA LEU A 42 -2.79 7.32 8.10
C LEU A 42 -2.90 8.38 7.01
N ASN A 43 -2.98 7.94 5.75
CA ASN A 43 -3.05 8.89 4.64
C ASN A 43 -4.43 9.52 4.49
N SER A 44 -5.37 9.02 5.29
CA SER A 44 -6.74 9.52 5.32
C SER A 44 -6.89 10.82 6.10
N LEU A 45 -5.84 11.17 6.84
CA LEU A 45 -5.82 12.41 7.61
C LEU A 45 -5.39 13.55 6.71
N PHE A 46 -5.35 14.76 7.23
CA PHE A 46 -4.96 15.91 6.42
C PHE A 46 -4.74 17.15 7.28
N GLN A 47 -5.24 17.09 8.51
CA GLN A 47 -5.11 18.20 9.45
C GLN A 47 -6.18 19.26 9.16
N PRO A 48 -7.13 19.47 10.09
CA PRO A 48 -8.20 20.44 9.92
C PRO A 48 -7.69 21.89 9.95
N TYR A 49 -7.51 22.48 8.77
CA TYR A 49 -7.03 23.84 8.67
C TYR A 49 -5.62 23.97 9.26
N GLY A 50 -5.25 25.21 9.59
CA GLY A 50 -3.93 25.46 10.16
C GLY A 50 -3.35 26.78 9.70
N VAL A 51 -3.58 27.82 10.49
CA VAL A 51 -3.09 29.18 10.20
C VAL A 51 -1.69 29.43 10.77
N GLY A 52 -1.36 28.72 11.85
CA GLY A 52 -0.06 28.88 12.48
C GLY A 52 0.03 28.12 13.79
N LYS A 53 -0.62 26.96 13.84
CA LYS A 53 -0.61 26.13 15.04
C LYS A 53 -0.27 24.68 14.70
N VAL A 54 -0.52 23.77 15.63
CA VAL A 54 -0.23 22.36 15.41
C VAL A 54 -1.51 21.53 15.28
N ASN A 55 -1.50 20.56 14.37
CA ASN A 55 -2.66 19.69 14.15
C ASN A 55 -2.32 18.22 14.41
N PHE A 56 -3.22 17.53 15.11
CA PHE A 56 -3.03 16.11 15.43
C PHE A 56 -3.83 15.22 14.48
N THR A 57 -3.17 14.24 13.89
CA THR A 57 -3.81 13.32 12.96
C THR A 57 -3.75 11.89 13.50
N ALA A 58 -4.91 11.21 13.48
CA ALA A 58 -5.01 9.84 13.95
C ALA A 58 -6.28 9.17 13.45
N GLY A 59 -6.18 7.88 13.14
CA GLY A 59 -7.33 7.14 12.65
C GLY A 59 -7.00 5.69 12.32
N VAL A 60 -8.05 4.88 12.16
CA VAL A 60 -7.86 3.46 11.83
C VAL A 60 -8.34 3.15 10.42
N GLY A 61 -8.00 1.95 9.95
CA GLY A 61 -8.40 1.54 8.61
C GLY A 61 -8.46 0.03 8.46
N GLY A 62 -8.72 -0.43 7.24
CA GLY A 62 -8.80 -1.86 6.99
C GLY A 62 -8.66 -2.20 5.52
N TYR A 63 -8.02 -3.32 5.23
CA TYR A 63 -7.82 -3.77 3.85
C TYR A 63 -8.24 -5.23 3.68
N ARG A 64 -9.10 -5.50 2.71
CA ARG A 64 -9.58 -6.85 2.46
C ARG A 64 -10.43 -7.35 3.61
N SER A 65 -9.79 -7.93 4.63
CA SER A 65 -10.48 -8.45 5.80
C SER A 65 -9.63 -8.30 7.06
N SER A 66 -8.80 -7.26 7.09
CA SER A 66 -7.94 -6.99 8.23
C SER A 66 -8.10 -5.55 8.71
N GLN A 67 -7.55 -5.26 9.89
CA GLN A 67 -7.64 -3.92 10.46
C GLN A 67 -6.29 -3.49 11.05
N ALA A 68 -6.11 -2.18 11.22
CA ALA A 68 -4.88 -1.64 11.78
C ALA A 68 -5.10 -0.27 12.41
N LEU A 69 -4.13 0.18 13.20
CA LEU A 69 -4.20 1.47 13.87
C LEU A 69 -3.12 2.41 13.35
N ALA A 70 -3.48 3.67 13.12
CA ALA A 70 -2.52 4.66 12.63
C ALA A 70 -2.52 5.93 13.49
N ILE A 71 -1.37 6.58 13.58
CA ILE A 71 -1.25 7.81 14.37
C ILE A 71 -0.17 8.72 13.80
N GLY A 72 -0.26 10.01 14.12
CA GLY A 72 0.72 10.97 13.63
C GLY A 72 0.40 12.39 14.07
N SER A 73 1.31 13.31 13.78
CA SER A 73 1.12 14.70 14.15
C SER A 73 1.93 15.63 13.23
N GLY A 74 1.35 16.78 12.90
CA GLY A 74 2.03 17.73 12.04
C GLY A 74 1.78 19.16 12.48
N TYR A 75 2.68 20.06 12.09
CA TYR A 75 2.56 21.47 12.44
C TYR A 75 2.11 22.30 11.24
N ARG A 76 0.93 22.90 11.34
CA ARG A 76 0.39 23.72 10.27
C ARG A 76 0.70 25.19 10.52
N VAL A 77 1.85 25.65 10.03
CA VAL A 77 2.27 27.05 10.19
C VAL A 77 1.91 27.88 8.97
N ASN A 78 1.15 28.96 9.19
CA ASN A 78 0.74 29.84 8.10
C ASN A 78 -0.17 29.10 7.12
N GLU A 79 -0.81 29.87 6.25
CA GLU A 79 -1.72 29.31 5.26
C GLU A 79 -1.03 29.19 3.90
N SER A 80 0.28 28.96 3.93
CA SER A 80 1.06 28.84 2.69
C SER A 80 1.95 27.60 2.74
N VAL A 81 2.50 27.31 3.91
CA VAL A 81 3.36 26.15 4.09
C VAL A 81 2.77 25.19 5.12
N ALA A 82 3.02 23.89 4.93
CA ALA A 82 2.50 22.89 5.84
C ALA A 82 3.42 21.67 5.92
N LEU A 83 3.14 20.77 6.85
CA LEU A 83 3.94 19.57 7.02
C LEU A 83 3.18 18.54 7.84
N LYS A 84 3.43 17.25 7.56
CA LYS A 84 2.78 16.16 8.28
C LYS A 84 3.71 14.96 8.42
N ALA A 85 3.79 14.43 9.64
CA ALA A 85 4.65 13.28 9.92
C ALA A 85 4.05 12.40 11.02
N GLY A 86 3.90 11.11 10.74
CA GLY A 86 3.35 10.20 11.71
C GLY A 86 3.73 8.75 11.44
N VAL A 87 3.41 7.86 12.38
CA VAL A 87 3.74 6.44 12.24
C VAL A 87 2.47 5.60 12.28
N ALA A 88 2.40 4.58 11.42
CA ALA A 88 1.25 3.70 11.36
C ALA A 88 1.59 2.30 11.88
N TYR A 89 0.73 1.78 12.76
CA TYR A 89 0.94 0.45 13.34
C TYR A 89 0.06 -0.60 12.65
N ALA A 90 0.71 -1.62 12.10
CA ALA A 90 0.01 -2.70 11.40
C ALA A 90 0.47 -4.07 11.89
N GLY A 91 -0.49 -4.88 12.33
CA GLY A 91 -0.18 -6.21 12.82
C GLY A 91 0.74 -6.18 14.04
N SER A 92 1.98 -6.62 13.86
CA SER A 92 2.94 -6.63 14.96
C SER A 92 4.28 -6.03 14.52
N SER A 93 4.93 -6.68 13.54
CA SER A 93 6.22 -6.23 13.03
C SER A 93 6.05 -5.45 11.73
N ASP A 94 4.87 -4.87 11.55
CA ASP A 94 4.58 -4.09 10.35
C ASP A 94 4.31 -2.63 10.70
N VAL A 95 5.39 -1.85 10.80
CA VAL A 95 5.26 -0.43 11.12
C VAL A 95 5.93 0.42 10.05
N MET A 96 5.26 1.51 9.68
CA MET A 96 5.78 2.43 8.66
C MET A 96 5.75 3.87 9.16
N TYR A 97 6.57 4.71 8.56
CA TYR A 97 6.64 6.13 8.95
C TYR A 97 6.62 7.04 7.73
N ASN A 98 5.87 8.13 7.82
CA ASN A 98 5.77 9.08 6.71
C ASN A 98 6.11 10.50 7.16
N ALA A 99 6.61 11.31 6.22
CA ALA A 99 6.97 12.69 6.51
C ALA A 99 7.01 13.52 5.22
N SER A 100 5.89 14.16 4.90
CA SER A 100 5.81 14.97 3.68
C SER A 100 5.58 16.45 4.01
N PHE A 101 5.44 17.28 2.99
CA PHE A 101 5.24 18.71 3.19
C PHE A 101 4.40 19.31 2.06
N ASN A 102 3.49 20.22 2.43
CA ASN A 102 2.63 20.88 1.46
C ASN A 102 2.98 22.36 1.34
N ILE A 103 2.89 22.90 0.14
CA ILE A 103 3.20 24.32 -0.09
C ILE A 103 2.46 24.84 -1.31
N GLU A 104 1.87 26.03 -1.18
CA GLU A 104 1.14 26.64 -2.27
C GLU A 104 2.09 27.10 -3.38
N TRP A 105 1.78 26.76 -4.63
CA TRP A 105 2.61 27.15 -5.76
C TRP A 105 2.06 28.41 -6.42
N GLY B 1 10.11 -28.90 -20.53
CA GLY B 1 10.15 -27.49 -20.07
C GLY B 1 9.09 -26.63 -20.72
N ASP B 2 7.84 -27.08 -20.68
CA ASP B 2 6.73 -26.35 -21.27
C ASP B 2 7.14 -25.69 -22.58
N GLN B 3 7.30 -24.37 -22.55
CA GLN B 3 7.69 -23.62 -23.73
C GLN B 3 9.12 -23.12 -23.61
N ALA B 4 9.45 -22.57 -22.44
CA ALA B 4 10.80 -22.06 -22.19
C ALA B 4 10.83 -21.22 -20.91
N SER B 5 10.03 -20.16 -20.88
CA SER B 5 9.97 -19.27 -19.73
C SER B 5 9.32 -19.97 -18.55
N TRP B 6 8.14 -20.54 -18.76
CA TRP B 6 7.43 -21.24 -17.70
C TRP B 6 8.26 -22.41 -17.19
N SER B 7 8.25 -23.52 -17.94
CA SER B 7 9.01 -24.70 -17.57
C SER B 7 8.62 -25.15 -16.16
N HIS B 8 7.32 -25.39 -15.97
CA HIS B 8 6.81 -25.80 -14.66
C HIS B 8 7.09 -27.29 -14.38
N PRO B 9 6.78 -28.17 -15.35
CA PRO B 9 7.01 -29.62 -15.20
C PRO B 9 8.48 -29.93 -14.87
N GLN B 10 8.70 -30.60 -13.74
CA GLN B 10 10.06 -30.95 -13.33
C GLN B 10 10.16 -32.42 -12.95
N PHE B 11 9.25 -32.86 -12.07
CA PHE B 11 9.21 -34.24 -11.63
C PHE B 11 7.79 -34.77 -11.73
N GLU B 12 7.50 -35.83 -10.97
CA GLU B 12 6.18 -36.47 -10.98
C GLU B 12 5.12 -35.51 -10.45
N LYS B 13 5.54 -34.61 -9.57
CA LYS B 13 4.61 -33.64 -8.97
C LYS B 13 5.21 -32.24 -8.95
N GLY B 14 6.20 -32.00 -9.80
CA GLY B 14 6.84 -30.70 -9.86
C GLY B 14 6.11 -29.74 -10.78
N ALA B 15 5.28 -30.29 -11.65
CA ALA B 15 4.50 -29.48 -12.59
C ALA B 15 3.39 -28.73 -11.87
N HIS B 16 2.67 -29.44 -11.00
CA HIS B 16 1.58 -28.85 -10.25
C HIS B 16 2.10 -27.98 -9.11
N LYS B 17 3.30 -28.30 -8.64
CA LYS B 17 3.92 -27.55 -7.55
C LYS B 17 4.42 -26.19 -8.05
N PHE B 18 5.13 -26.19 -9.17
CA PHE B 18 5.66 -24.96 -9.74
C PHE B 18 4.55 -24.12 -10.35
N ARG B 19 3.55 -24.78 -10.93
CA ARG B 19 2.43 -24.08 -11.56
C ARG B 19 1.61 -23.33 -10.51
N GLN B 20 1.41 -23.97 -9.35
CA GLN B 20 0.65 -23.36 -8.26
C GLN B 20 1.41 -22.21 -7.62
N LEU B 21 2.69 -22.44 -7.36
CA LEU B 21 3.55 -21.43 -6.74
C LEU B 21 3.51 -20.15 -7.56
N ASP B 22 3.49 -20.28 -8.88
CA ASP B 22 3.47 -19.13 -9.78
C ASP B 22 2.11 -18.44 -9.74
N ASN B 23 1.06 -19.21 -9.50
CA ASN B 23 -0.30 -18.68 -9.42
C ASN B 23 -0.47 -17.81 -8.19
N ARG B 24 0.11 -18.23 -7.08
CA ARG B 24 0.03 -17.50 -5.82
C ARG B 24 0.88 -16.24 -5.87
N LEU B 25 2.04 -16.34 -6.51
CA LEU B 25 2.94 -15.21 -6.63
C LEU B 25 2.35 -14.14 -7.56
N ASP B 26 1.77 -14.59 -8.66
CA ASP B 26 1.16 -13.68 -9.62
C ASP B 26 -0.02 -12.95 -9.00
N LYS B 27 -0.81 -13.66 -8.19
CA LYS B 27 -1.96 -13.07 -7.55
C LYS B 27 -1.55 -12.05 -6.48
N LEU B 28 -0.54 -12.40 -5.69
CA LEU B 28 -0.05 -11.51 -4.65
C LEU B 28 0.44 -10.21 -5.28
N ASP B 29 1.18 -10.33 -6.39
CA ASP B 29 1.69 -9.18 -7.12
C ASP B 29 0.56 -8.26 -7.61
N THR B 30 -0.52 -8.87 -8.08
CA THR B 30 -1.66 -8.11 -8.57
C THR B 30 -2.34 -7.35 -7.43
N ARG B 31 -2.47 -8.02 -6.29
CA ARG B 31 -3.11 -7.42 -5.11
C ARG B 31 -2.44 -6.09 -4.74
N VAL B 32 -1.12 -6.04 -4.87
CA VAL B 32 -0.36 -4.83 -4.55
C VAL B 32 -0.52 -3.78 -5.63
N ASP B 33 -0.66 -4.23 -6.88
CA ASP B 33 -0.83 -3.32 -8.02
C ASP B 33 -2.14 -2.55 -7.91
N LYS B 34 -3.25 -3.27 -7.97
CA LYS B 34 -4.57 -2.66 -7.89
C LYS B 34 -4.89 -2.23 -6.46
N GLY B 35 -4.41 -3.01 -5.49
CA GLY B 35 -4.64 -2.68 -4.09
C GLY B 35 -4.08 -1.33 -3.70
N LEU B 36 -2.81 -1.11 -4.05
CA LEU B 36 -2.14 0.15 -3.75
C LEU B 36 -2.65 1.29 -4.63
N ALA B 37 -3.13 0.92 -5.82
CA ALA B 37 -3.66 1.90 -6.77
C ALA B 37 -4.92 2.57 -6.23
N SER B 38 -5.88 1.76 -5.81
CA SER B 38 -7.14 2.27 -5.27
C SER B 38 -6.91 2.94 -3.92
N SER B 39 -6.08 2.32 -3.09
CA SER B 39 -5.77 2.85 -1.77
C SER B 39 -5.25 4.29 -1.86
N ALA B 40 -4.14 4.45 -2.58
CA ALA B 40 -3.53 5.76 -2.77
C ALA B 40 -4.54 6.74 -3.35
N ALA B 41 -5.36 6.26 -4.28
CA ALA B 41 -6.37 7.11 -4.92
C ALA B 41 -7.36 7.65 -3.89
N LEU B 42 -7.69 6.82 -2.91
CA LEU B 42 -8.62 7.23 -1.85
C LEU B 42 -7.92 8.16 -0.88
N ASN B 43 -6.65 7.90 -0.60
CA ASN B 43 -5.91 8.73 0.35
C ASN B 43 -5.48 10.06 -0.25
N SER B 44 -5.74 10.22 -1.55
CA SER B 44 -5.43 11.45 -2.28
C SER B 44 -6.45 12.55 -2.05
N LEU B 45 -7.58 12.18 -1.45
CA LEU B 45 -8.64 13.11 -1.12
C LEU B 45 -8.30 13.79 0.20
N PHE B 46 -9.14 14.73 0.63
CA PHE B 46 -8.90 15.42 1.88
C PHE B 46 -10.09 16.26 2.31
N GLN B 47 -11.00 16.48 1.37
CA GLN B 47 -12.22 17.25 1.63
C GLN B 47 -11.90 18.75 1.54
N PRO B 48 -12.47 19.46 0.56
CA PRO B 48 -12.23 20.89 0.38
C PRO B 48 -12.86 21.73 1.50
N TYR B 49 -12.04 22.13 2.47
CA TYR B 49 -12.51 22.92 3.58
C TYR B 49 -13.56 22.18 4.39
N GLY B 50 -14.35 22.92 5.17
CA GLY B 50 -15.39 22.30 5.98
C GLY B 50 -15.55 23.01 7.31
N VAL B 51 -16.49 23.97 7.34
CA VAL B 51 -16.80 24.75 8.55
C VAL B 51 -17.86 24.10 9.42
N GLY B 52 -18.73 23.30 8.79
CA GLY B 52 -19.79 22.63 9.53
C GLY B 52 -20.77 21.92 8.61
N LYS B 53 -20.25 21.39 7.50
CA LYS B 53 -21.08 20.69 6.52
C LYS B 53 -20.46 19.35 6.16
N VAL B 54 -20.94 18.75 5.07
CA VAL B 54 -20.43 17.45 4.64
C VAL B 54 -19.64 17.57 3.33
N ASN B 55 -18.54 16.81 3.24
CA ASN B 55 -17.69 16.83 2.04
C ASN B 55 -17.60 15.45 1.40
N PHE B 56 -17.71 15.41 0.07
CA PHE B 56 -17.66 14.17 -0.69
C PHE B 56 -16.27 13.98 -1.31
N THR B 57 -15.69 12.80 -1.08
CA THR B 57 -14.37 12.48 -1.62
C THR B 57 -14.44 11.30 -2.57
N ALA B 58 -13.84 11.46 -3.75
CA ALA B 58 -13.82 10.40 -4.76
C ALA B 58 -12.73 10.65 -5.81
N GLY B 59 -12.11 9.58 -6.28
CA GLY B 59 -11.06 9.70 -7.27
C GLY B 59 -10.46 8.36 -7.65
N VAL B 60 -9.71 8.34 -8.75
CA VAL B 60 -9.08 7.11 -9.23
C VAL B 60 -7.56 7.19 -9.09
N GLY B 61 -6.90 6.05 -9.27
CA GLY B 61 -5.45 6.00 -9.17
C GLY B 61 -4.85 4.83 -9.95
N GLY B 62 -3.55 4.66 -9.83
CA GLY B 62 -2.87 3.58 -10.53
C GLY B 62 -1.51 3.27 -9.95
N TYR B 63 -1.14 1.99 -9.95
CA TYR B 63 0.15 1.55 -9.42
C TYR B 63 0.86 0.65 -10.42
N ARG B 64 2.12 0.99 -10.73
CA ARG B 64 2.90 0.20 -11.68
C ARG B 64 2.31 0.28 -13.08
N SER B 65 1.35 -0.60 -13.37
CA SER B 65 0.70 -0.62 -14.69
C SER B 65 -0.76 -1.05 -14.57
N SER B 66 -1.37 -0.72 -13.43
CA SER B 66 -2.77 -1.07 -13.18
C SER B 66 -3.56 0.16 -12.76
N GLN B 67 -4.89 0.03 -12.74
CA GLN B 67 -5.76 1.14 -12.36
C GLN B 67 -6.88 0.65 -11.44
N ALA B 68 -7.47 1.59 -10.68
CA ALA B 68 -8.56 1.25 -9.76
C ALA B 68 -9.45 2.46 -9.48
N LEU B 69 -10.62 2.20 -8.90
CA LEU B 69 -11.58 3.26 -8.57
C LEU B 69 -11.76 3.36 -7.05
N ALA B 70 -11.80 4.60 -6.55
CA ALA B 70 -11.98 4.82 -5.11
C ALA B 70 -13.11 5.80 -4.84
N ILE B 71 -13.78 5.62 -3.71
CA ILE B 71 -14.89 6.50 -3.33
C ILE B 71 -15.02 6.60 -1.81
N GLY B 72 -15.66 7.66 -1.33
CA GLY B 72 -15.83 7.85 0.09
C GLY B 72 -16.53 9.17 0.42
N SER B 73 -16.87 9.36 1.69
CA SER B 73 -17.53 10.57 2.13
C SER B 73 -17.26 10.84 3.61
N GLY B 74 -17.11 12.11 3.95
CA GLY B 74 -16.85 12.50 5.33
C GLY B 74 -17.57 13.78 5.71
N TYR B 75 -17.80 13.96 7.01
CA TYR B 75 -18.48 15.14 7.51
C TYR B 75 -17.51 16.10 8.17
N ARG B 76 -17.37 17.29 7.59
CA ARG B 76 -16.46 18.30 8.13
C ARG B 76 -17.22 19.29 9.01
N VAL B 77 -17.32 18.96 10.31
CA VAL B 77 -18.02 19.81 11.26
C VAL B 77 -17.05 20.74 12.00
N ASN B 78 -17.30 22.04 11.92
CA ASN B 78 -16.44 23.02 12.59
C ASN B 78 -15.04 23.02 11.99
N GLU B 79 -14.26 24.04 12.33
CA GLU B 79 -12.90 24.17 11.83
C GLU B 79 -11.91 23.70 12.88
N SER B 80 -12.30 22.72 13.69
CA SER B 80 -11.44 22.18 14.74
C SER B 80 -11.42 20.66 14.70
N VAL B 81 -12.57 20.06 14.41
CA VAL B 81 -12.68 18.61 14.34
C VAL B 81 -13.11 18.18 12.94
N ALA B 82 -12.66 17.00 12.52
CA ALA B 82 -13.00 16.49 11.20
C ALA B 82 -13.02 14.97 11.19
N LEU B 83 -13.50 14.39 10.08
CA LEU B 83 -13.58 12.95 9.95
C LEU B 83 -13.74 12.55 8.48
N LYS B 84 -13.20 11.39 8.11
CA LYS B 84 -13.29 10.90 6.75
C LYS B 84 -13.39 9.37 6.71
N ALA B 85 -14.35 8.86 5.94
CA ALA B 85 -14.55 7.42 5.81
C ALA B 85 -15.07 7.06 4.43
N GLY B 86 -14.40 6.13 3.77
CA GLY B 86 -14.79 5.71 2.44
C GLY B 86 -14.27 4.33 2.08
N VAL B 87 -14.74 3.78 0.96
CA VAL B 87 -14.30 2.48 0.50
C VAL B 87 -13.66 2.56 -0.88
N ALA B 88 -12.58 1.81 -1.07
CA ALA B 88 -11.86 1.81 -2.34
C ALA B 88 -12.04 0.47 -3.07
N TYR B 89 -12.37 0.55 -4.36
CA TYR B 89 -12.57 -0.65 -5.18
C TYR B 89 -11.35 -0.93 -6.05
N ALA B 90 -10.77 -2.13 -5.88
CA ALA B 90 -9.60 -2.54 -6.64
C ALA B 90 -9.79 -3.92 -7.25
N GLY B 91 -9.62 -4.00 -8.57
CA GLY B 91 -9.78 -5.26 -9.27
C GLY B 91 -11.18 -5.82 -9.15
N SER B 92 -11.32 -6.92 -8.40
CA SER B 92 -12.62 -7.55 -8.21
C SER B 92 -12.87 -7.87 -6.74
N SER B 93 -12.04 -8.74 -6.18
CA SER B 93 -12.16 -9.15 -4.77
C SER B 93 -11.17 -8.39 -3.90
N ASP B 94 -10.77 -7.21 -4.36
CA ASP B 94 -9.82 -6.38 -3.61
C ASP B 94 -10.46 -5.07 -3.19
N VAL B 95 -11.16 -5.09 -2.05
CA VAL B 95 -11.82 -3.91 -1.54
C VAL B 95 -11.35 -3.59 -0.12
N MET B 96 -11.11 -2.32 0.14
CA MET B 96 -10.65 -1.87 1.46
C MET B 96 -11.50 -0.71 1.97
N TYR B 97 -11.50 -0.52 3.29
CA TYR B 97 -12.29 0.55 3.90
C TYR B 97 -11.46 1.32 4.93
N ASN B 98 -11.60 2.65 4.91
CA ASN B 98 -10.85 3.49 5.85
C ASN B 98 -11.79 4.40 6.64
N ALA B 99 -11.37 4.77 7.85
CA ALA B 99 -12.15 5.65 8.72
C ALA B 99 -11.25 6.32 9.76
N SER B 100 -10.76 7.51 9.45
CA SER B 100 -9.89 8.24 10.37
C SER B 100 -10.54 9.55 10.84
N PHE B 101 -9.82 10.32 11.64
CA PHE B 101 -10.35 11.58 12.15
C PHE B 101 -9.23 12.60 12.37
N ASN B 102 -9.51 13.86 12.04
CA ASN B 102 -8.54 14.93 12.21
C ASN B 102 -9.00 15.90 13.30
N ILE B 103 -8.05 16.43 14.07
CA ILE B 103 -8.37 17.38 15.13
C ILE B 103 -7.18 18.27 15.44
N GLU B 104 -7.44 19.57 15.58
CA GLU B 104 -6.39 20.53 15.87
C GLU B 104 -5.87 20.36 17.30
N TRP B 105 -4.55 20.30 17.46
CA TRP B 105 -3.94 20.14 18.77
C TRP B 105 -3.53 21.50 19.34
N GLY C 1 23.08 -28.61 1.17
CA GLY C 1 22.24 -27.52 1.75
C GLY C 1 22.93 -26.18 1.74
N ASP C 2 23.45 -25.79 0.58
CA ASP C 2 24.15 -24.52 0.43
C ASP C 2 24.99 -24.20 1.68
N GLN C 3 24.52 -23.24 2.47
CA GLN C 3 25.22 -22.85 3.68
C GLN C 3 24.46 -23.32 4.93
N ALA C 4 23.14 -23.12 4.92
CA ALA C 4 22.31 -23.52 6.04
C ALA C 4 20.91 -22.92 5.93
N SER C 5 20.86 -21.58 5.91
CA SER C 5 19.59 -20.87 5.81
C SER C 5 18.95 -21.07 4.44
N TRP C 6 19.73 -20.80 3.39
CA TRP C 6 19.23 -20.97 2.03
C TRP C 6 18.83 -22.41 1.76
N SER C 7 19.83 -23.27 1.52
CA SER C 7 19.57 -24.68 1.27
C SER C 7 18.59 -24.84 0.12
N HIS C 8 18.94 -24.26 -1.03
CA HIS C 8 18.07 -24.32 -2.20
C HIS C 8 18.17 -25.67 -2.92
N PRO C 9 19.40 -26.16 -3.17
CA PRO C 9 19.60 -27.46 -3.83
C PRO C 9 18.90 -28.59 -3.09
N GLN C 10 18.01 -29.30 -3.79
CA GLN C 10 17.28 -30.42 -3.19
C GLN C 10 17.33 -31.66 -4.07
N PHE C 11 16.99 -31.48 -5.35
CA PHE C 11 17.01 -32.56 -6.32
C PHE C 11 17.76 -32.12 -7.57
N GLU C 12 17.48 -32.82 -8.68
CA GLU C 12 18.13 -32.54 -9.95
C GLU C 12 17.75 -31.14 -10.45
N LYS C 13 16.55 -30.69 -10.08
CA LYS C 13 16.05 -29.39 -10.51
C LYS C 13 15.41 -28.63 -9.34
N GLY C 14 15.76 -29.02 -8.11
CA GLY C 14 15.22 -28.37 -6.93
C GLY C 14 16.01 -27.14 -6.54
N ALA C 15 17.23 -27.04 -7.04
CA ALA C 15 18.11 -25.91 -6.75
C ALA C 15 17.62 -24.66 -7.47
N HIS C 16 17.31 -24.81 -8.75
CA HIS C 16 16.84 -23.71 -9.57
C HIS C 16 15.39 -23.36 -9.25
N LYS C 17 14.65 -24.35 -8.75
CA LYS C 17 13.24 -24.15 -8.41
C LYS C 17 13.11 -23.36 -7.12
N PHE C 18 13.87 -23.77 -6.10
CA PHE C 18 13.83 -23.09 -4.80
C PHE C 18 14.52 -21.72 -4.87
N ARG C 19 15.57 -21.63 -5.68
CA ARG C 19 16.31 -20.38 -5.84
C ARG C 19 15.44 -19.32 -6.51
N GLN C 20 14.65 -19.74 -7.50
CA GLN C 20 13.78 -18.82 -8.23
C GLN C 20 12.60 -18.39 -7.37
N LEU C 21 11.99 -19.36 -6.68
CA LEU C 21 10.85 -19.08 -5.81
C LEU C 21 11.21 -18.02 -4.78
N ASP C 22 12.45 -18.07 -4.28
CA ASP C 22 12.92 -17.12 -3.28
C ASP C 22 13.14 -15.74 -3.91
N ASN C 23 13.52 -15.74 -5.18
CA ASN C 23 13.77 -14.49 -5.90
C ASN C 23 12.47 -13.72 -6.12
N ARG C 24 11.40 -14.46 -6.44
CA ARG C 24 10.10 -13.85 -6.68
C ARG C 24 9.48 -13.37 -5.38
N LEU C 25 9.68 -14.13 -4.30
CA LEU C 25 9.14 -13.76 -3.00
C LEU C 25 9.86 -12.53 -2.45
N ASP C 26 11.17 -12.51 -2.60
CA ASP C 26 11.97 -11.39 -2.12
C ASP C 26 11.61 -10.10 -2.86
N LYS C 27 11.37 -10.22 -4.17
CA LYS C 27 11.02 -9.07 -4.98
C LYS C 27 9.63 -8.54 -4.63
N LEU C 28 8.68 -9.45 -4.45
CA LEU C 28 7.32 -9.07 -4.09
C LEU C 28 7.33 -8.31 -2.77
N ASP C 29 8.11 -8.82 -1.81
CA ASP C 29 8.24 -8.19 -0.49
C ASP C 29 8.79 -6.77 -0.59
N THR C 30 9.77 -6.58 -1.48
CA THR C 30 10.37 -5.27 -1.68
C THR C 30 9.37 -4.30 -2.28
N ARG C 31 8.58 -4.78 -3.25
CA ARG C 31 7.59 -3.95 -3.91
C ARG C 31 6.63 -3.31 -2.90
N VAL C 32 6.29 -4.06 -1.86
CA VAL C 32 5.38 -3.56 -0.83
C VAL C 32 6.09 -2.60 0.12
N ASP C 33 7.39 -2.83 0.33
CA ASP C 33 8.19 -1.98 1.20
C ASP C 33 8.32 -0.58 0.63
N LYS C 34 8.97 -0.49 -0.53
CA LYS C 34 9.19 0.80 -1.20
C LYS C 34 7.89 1.30 -1.84
N GLY C 35 7.08 0.36 -2.34
CA GLY C 35 5.83 0.73 -2.97
C GLY C 35 4.88 1.45 -2.03
N LEU C 36 4.69 0.87 -0.84
CA LEU C 36 3.81 1.45 0.17
C LEU C 36 4.45 2.70 0.80
N ALA C 37 5.77 2.72 0.80
CA ALA C 37 6.52 3.85 1.37
C ALA C 37 6.28 5.14 0.57
N SER C 38 6.48 5.05 -0.75
CA SER C 38 6.28 6.20 -1.61
C SER C 38 4.80 6.57 -1.71
N SER C 39 3.95 5.55 -1.80
CA SER C 39 2.51 5.75 -1.91
C SER C 39 1.99 6.57 -0.73
N ALA C 40 2.21 6.05 0.48
CA ALA C 40 1.78 6.74 1.70
C ALA C 40 2.36 8.14 1.75
N ALA C 41 3.62 8.29 1.33
CA ALA C 41 4.28 9.59 1.34
C ALA C 41 3.54 10.57 0.45
N LEU C 42 3.03 10.09 -0.67
CA LEU C 42 2.29 10.95 -1.59
C LEU C 42 0.91 11.25 -1.03
N ASN C 43 0.29 10.26 -0.39
CA ASN C 43 -1.05 10.45 0.15
C ASN C 43 -1.06 11.27 1.43
N SER C 44 0.14 11.58 1.92
CA SER C 44 0.33 12.40 3.12
C SER C 44 0.16 13.89 2.86
N LEU C 45 0.12 14.24 1.58
CA LEU C 45 -0.08 15.63 1.17
C LEU C 45 -1.57 15.94 1.17
N PHE C 46 -1.94 17.17 0.87
CA PHE C 46 -3.35 17.54 0.85
C PHE C 46 -3.56 18.92 0.24
N GLN C 47 -2.48 19.66 0.13
CA GLN C 47 -2.51 21.00 -0.45
C GLN C 47 -2.98 22.02 0.60
N PRO C 48 -2.12 22.96 1.02
CA PRO C 48 -2.46 23.95 2.02
C PRO C 48 -3.49 24.97 1.52
N TYR C 49 -4.75 24.76 1.88
CA TYR C 49 -5.82 25.66 1.45
C TYR C 49 -5.95 25.66 -0.06
N GLY C 50 -6.59 26.71 -0.59
CA GLY C 50 -6.79 26.83 -2.02
C GLY C 50 -8.12 27.45 -2.37
N VAL C 51 -8.10 28.78 -2.55
CA VAL C 51 -9.30 29.56 -2.90
C VAL C 51 -9.52 29.65 -4.41
N GLY C 52 -8.43 29.56 -5.17
CA GLY C 52 -8.52 29.64 -6.61
C GLY C 52 -7.16 29.69 -7.28
N LYS C 53 -6.19 29.00 -6.68
CA LYS C 53 -4.83 28.97 -7.21
C LYS C 53 -4.33 27.54 -7.31
N VAL C 54 -3.02 27.37 -7.49
CA VAL C 54 -2.43 26.05 -7.61
C VAL C 54 -1.57 25.70 -6.39
N ASN C 55 -1.64 24.44 -5.96
CA ASN C 55 -0.87 23.97 -4.80
C ASN C 55 0.08 22.83 -5.18
N PHE C 56 1.31 22.91 -4.68
CA PHE C 56 2.33 21.90 -4.95
C PHE C 56 2.47 20.94 -3.78
N THR C 57 2.40 19.63 -4.07
CA THR C 57 2.52 18.60 -3.06
C THR C 57 3.74 17.72 -3.31
N ALA C 58 4.53 17.52 -2.26
CA ALA C 58 5.74 16.70 -2.34
C ALA C 58 6.23 16.28 -0.96
N GLY C 59 6.75 15.05 -0.87
CA GLY C 59 7.24 14.55 0.40
C GLY C 59 7.76 13.13 0.30
N VAL C 60 8.49 12.69 1.32
CA VAL C 60 9.06 11.34 1.34
C VAL C 60 8.40 10.48 2.42
N GLY C 61 8.65 9.18 2.36
CA GLY C 61 8.08 8.26 3.33
C GLY C 61 8.91 7.00 3.50
N GLY C 62 8.40 6.06 4.29
CA GLY C 62 9.12 4.82 4.51
C GLY C 62 8.22 3.73 5.08
N TYR C 63 8.47 2.49 4.66
CA TYR C 63 7.68 1.35 5.12
C TYR C 63 8.58 0.23 5.61
N ARG C 64 8.34 -0.25 6.82
CA ARG C 64 9.14 -1.33 7.41
C ARG C 64 10.57 -0.86 7.65
N SER C 65 11.42 -0.98 6.63
CA SER C 65 12.82 -0.58 6.74
C SER C 65 13.34 -0.03 5.41
N SER C 66 12.44 0.57 4.63
CA SER C 66 12.81 1.14 3.33
C SER C 66 12.34 2.58 3.22
N GLN C 67 12.82 3.28 2.20
CA GLN C 67 12.45 4.67 1.97
C GLN C 67 12.16 4.94 0.49
N ALA C 68 11.42 6.01 0.22
CA ALA C 68 11.07 6.38 -1.14
C ALA C 68 10.77 7.87 -1.27
N LEU C 69 10.74 8.36 -2.51
CA LEU C 69 10.46 9.76 -2.79
C LEU C 69 9.14 9.92 -3.55
N ALA C 70 8.34 10.91 -3.16
CA ALA C 70 7.07 11.15 -3.81
C ALA C 70 6.91 12.61 -4.23
N ILE C 71 6.19 12.85 -5.33
CA ILE C 71 5.97 14.21 -5.82
C ILE C 71 4.64 14.31 -6.55
N GLY C 72 4.13 15.54 -6.66
CA GLY C 72 2.86 15.76 -7.33
C GLY C 72 2.42 17.21 -7.29
N SER C 73 1.34 17.53 -8.00
CA SER C 73 0.83 18.89 -8.03
C SER C 73 -0.66 18.90 -8.37
N GLY C 74 -1.39 19.81 -7.74
CA GLY C 74 -2.82 19.92 -7.97
C GLY C 74 -3.29 21.36 -7.98
N TYR C 75 -4.42 21.61 -8.64
CA TYR C 75 -4.97 22.96 -8.73
C TYR C 75 -6.19 23.11 -7.81
N ARG C 76 -6.07 23.98 -6.82
CA ARG C 76 -7.15 24.23 -5.88
C ARG C 76 -7.97 25.45 -6.30
N VAL C 77 -8.99 25.21 -7.13
CA VAL C 77 -9.86 26.29 -7.62
C VAL C 77 -11.12 26.42 -6.76
N ASN C 78 -11.35 27.60 -6.22
CA ASN C 78 -12.52 27.85 -5.38
C ASN C 78 -12.47 27.02 -4.11
N GLU C 79 -13.34 27.36 -3.17
CA GLU C 79 -13.40 26.64 -1.89
C GLU C 79 -14.55 25.63 -1.90
N SER C 80 -14.84 25.08 -3.07
CA SER C 80 -15.92 24.11 -3.21
C SER C 80 -15.44 22.88 -3.98
N VAL C 81 -14.62 23.11 -4.99
CA VAL C 81 -14.09 22.02 -5.81
C VAL C 81 -12.57 21.98 -5.71
N ALA C 82 -12.00 20.78 -5.82
CA ALA C 82 -10.55 20.61 -5.74
C ALA C 82 -10.09 19.41 -6.57
N LEU C 83 -8.77 19.27 -6.70
CA LEU C 83 -8.20 18.16 -7.47
C LEU C 83 -6.72 17.99 -7.13
N LYS C 84 -6.24 16.76 -7.19
CA LYS C 84 -4.84 16.45 -6.89
C LYS C 84 -4.33 15.30 -7.76
N ALA C 85 -3.16 15.49 -8.37
CA ALA C 85 -2.56 14.48 -9.22
C ALA C 85 -1.03 14.54 -9.16
N GLY C 86 -0.41 13.40 -8.87
CA GLY C 86 1.04 13.35 -8.78
C GLY C 86 1.58 11.95 -8.96
N VAL C 87 2.89 11.84 -9.08
CA VAL C 87 3.54 10.53 -9.26
C VAL C 87 4.53 10.25 -8.13
N ALA C 88 4.54 9.00 -7.66
CA ALA C 88 5.43 8.61 -6.57
C ALA C 88 6.53 7.67 -7.07
N TYR C 89 7.77 7.97 -6.69
CA TYR C 89 8.92 7.16 -7.10
C TYR C 89 9.37 6.22 -5.98
N ALA C 90 9.36 4.92 -6.27
CA ALA C 90 9.75 3.90 -5.31
C ALA C 90 10.77 2.93 -5.89
N GLY C 91 11.91 2.80 -5.22
CA GLY C 91 12.96 1.91 -5.69
C GLY C 91 13.50 2.31 -7.05
N SER C 92 13.20 1.50 -8.06
CA SER C 92 13.67 1.78 -9.42
C SER C 92 12.54 1.64 -10.43
N SER C 93 12.01 0.43 -10.55
CA SER C 93 10.92 0.13 -11.49
C SER C 93 9.56 0.12 -10.77
N ASP C 94 9.49 0.82 -9.65
CA ASP C 94 8.26 0.89 -8.87
C ASP C 94 7.72 2.32 -8.83
N VAL C 95 6.95 2.68 -9.85
CA VAL C 95 6.37 4.02 -9.92
C VAL C 95 4.86 3.94 -10.06
N MET C 96 4.16 4.81 -9.33
CA MET C 96 2.70 4.84 -9.36
C MET C 96 2.21 6.26 -9.59
N TYR C 97 0.97 6.38 -10.08
CA TYR C 97 0.38 7.68 -10.36
C TYR C 97 -1.05 7.78 -9.82
N ASN C 98 -1.37 8.92 -9.21
CA ASN C 98 -2.71 9.11 -8.66
C ASN C 98 -3.36 10.38 -9.20
N ALA C 99 -4.70 10.38 -9.25
CA ALA C 99 -5.46 11.53 -9.74
C ALA C 99 -6.90 11.49 -9.22
N SER C 100 -7.13 12.15 -8.09
CA SER C 100 -8.47 12.18 -7.50
C SER C 100 -9.04 13.61 -7.48
N PHE C 101 -10.24 13.76 -6.92
CA PHE C 101 -10.88 15.08 -6.86
C PHE C 101 -11.76 15.20 -5.62
N ASN C 102 -11.75 16.38 -5.01
CA ASN C 102 -12.54 16.65 -3.81
C ASN C 102 -13.63 17.67 -4.12
N ILE C 103 -14.80 17.49 -3.50
CA ILE C 103 -15.93 18.41 -3.72
C ILE C 103 -16.86 18.39 -2.53
N GLU C 104 -17.28 19.57 -2.10
CA GLU C 104 -18.18 19.70 -0.97
C GLU C 104 -19.59 19.21 -1.33
N TRP C 105 -20.16 18.36 -0.48
CA TRP C 105 -21.50 17.83 -0.72
C TRP C 105 -22.55 18.65 0.03
N GLY A 1 8.65 -62.29 -2.54
CA GLY A 1 7.93 -61.24 -3.32
C GLY A 1 6.97 -60.45 -2.46
N ASP A 2 7.46 -59.92 -1.35
CA ASP A 2 6.62 -59.13 -0.44
C ASP A 2 5.74 -60.03 0.41
N GLN A 3 5.69 -59.73 1.71
CA GLN A 3 4.88 -60.51 2.65
C GLN A 3 4.02 -59.59 3.52
N ALA A 4 4.68 -58.80 4.35
CA ALA A 4 3.98 -57.87 5.23
C ALA A 4 4.72 -56.55 5.33
N SER A 5 5.37 -56.16 4.22
CA SER A 5 6.13 -54.91 4.16
C SER A 5 5.31 -53.82 3.47
N TRP A 6 5.62 -52.57 3.78
CA TRP A 6 4.92 -51.44 3.17
C TRP A 6 5.80 -50.75 2.14
N SER A 7 6.70 -49.90 2.61
CA SER A 7 7.61 -49.17 1.72
C SER A 7 6.81 -48.32 0.74
N HIS A 8 5.77 -47.67 1.23
CA HIS A 8 4.91 -46.84 0.39
C HIS A 8 5.54 -45.46 0.14
N PRO A 9 5.89 -44.72 1.21
CA PRO A 9 6.50 -43.39 1.08
C PRO A 9 7.81 -43.44 0.30
N GLN A 10 7.87 -42.72 -0.81
CA GLN A 10 9.06 -42.68 -1.65
C GLN A 10 9.89 -41.42 -1.39
N PHE A 11 9.31 -40.28 -1.73
CA PHE A 11 9.97 -38.99 -1.53
C PHE A 11 9.18 -38.17 -0.52
N GLU A 12 9.73 -37.01 -0.16
CA GLU A 12 9.12 -36.12 0.83
C GLU A 12 9.59 -34.69 0.62
N LYS A 13 9.94 -34.35 -0.63
CA LYS A 13 10.43 -33.02 -0.96
C LYS A 13 9.29 -32.02 -1.11
N GLY A 14 8.23 -32.42 -1.84
CA GLY A 14 7.10 -31.54 -2.04
C GLY A 14 6.43 -31.16 -0.74
N ALA A 15 6.57 -32.01 0.27
CA ALA A 15 5.98 -31.76 1.57
C ALA A 15 6.55 -30.49 2.19
N HIS A 16 7.87 -30.35 2.16
CA HIS A 16 8.54 -29.18 2.71
C HIS A 16 8.41 -27.99 1.78
N LYS A 17 8.52 -28.24 0.48
CA LYS A 17 8.41 -27.18 -0.52
C LYS A 17 7.05 -26.50 -0.44
N PHE A 18 6.01 -27.28 -0.12
CA PHE A 18 4.66 -26.75 -0.02
C PHE A 18 4.49 -25.93 1.25
N ARG A 19 5.11 -26.38 2.34
CA ARG A 19 5.02 -25.68 3.62
C ARG A 19 5.65 -24.30 3.52
N GLN A 20 6.94 -24.25 3.19
CA GLN A 20 7.66 -22.98 3.07
C GLN A 20 7.00 -22.08 2.03
N LEU A 21 6.36 -22.70 1.05
CA LEU A 21 5.68 -21.94 -0.01
C LEU A 21 4.49 -21.18 0.56
N ASP A 22 3.51 -21.91 1.08
CA ASP A 22 2.32 -21.31 1.65
C ASP A 22 2.67 -20.43 2.84
N ASN A 23 3.82 -20.71 3.46
CA ASN A 23 4.27 -19.94 4.62
C ASN A 23 4.71 -18.54 4.21
N ARG A 24 5.54 -18.47 3.17
CA ARG A 24 6.04 -17.19 2.68
C ARG A 24 4.95 -16.44 1.93
N LEU A 25 4.20 -17.17 1.11
CA LEU A 25 3.11 -16.57 0.34
C LEU A 25 2.07 -15.96 1.27
N ASP A 26 1.68 -16.71 2.29
CA ASP A 26 0.69 -16.24 3.26
C ASP A 26 1.23 -15.05 4.06
N LYS A 27 2.54 -15.06 4.31
CA LYS A 27 3.15 -13.98 5.07
C LYS A 27 3.13 -12.67 4.28
N LEU A 28 3.35 -12.76 2.98
CA LEU A 28 3.33 -11.56 2.12
C LEU A 28 1.94 -10.94 2.15
N ASP A 29 0.91 -11.77 1.97
CA ASP A 29 -0.48 -11.32 2.01
C ASP A 29 -0.86 -10.72 3.35
N THR A 30 -0.24 -11.23 4.42
CA THR A 30 -0.51 -10.73 5.76
C THR A 30 0.14 -9.37 5.97
N ARG A 31 1.26 -9.13 5.29
CA ARG A 31 1.98 -7.86 5.40
C ARG A 31 1.32 -6.77 4.58
N VAL A 32 0.69 -7.17 3.48
CA VAL A 32 0.00 -6.22 2.59
C VAL A 32 -1.40 -5.91 3.09
N ASP A 33 -2.04 -6.89 3.71
CA ASP A 33 -3.38 -6.73 4.24
C ASP A 33 -3.39 -5.73 5.40
N LYS A 34 -2.47 -5.93 6.34
CA LYS A 34 -2.37 -5.06 7.50
C LYS A 34 -1.53 -3.83 7.20
N GLY A 35 -0.63 -3.96 6.22
CA GLY A 35 0.23 -2.84 5.85
C GLY A 35 -0.53 -1.75 5.14
N LEU A 36 -1.45 -2.14 4.25
CA LEU A 36 -2.26 -1.18 3.50
C LEU A 36 -3.37 -0.61 4.36
N ALA A 37 -3.78 -1.36 5.38
CA ALA A 37 -4.84 -0.94 6.29
C ALA A 37 -4.36 0.16 7.22
N SER A 38 -3.13 0.02 7.71
CA SER A 38 -2.54 1.01 8.62
C SER A 38 -2.04 2.22 7.84
N SER A 39 -1.38 1.96 6.71
CA SER A 39 -0.84 3.03 5.88
C SER A 39 -1.95 3.96 5.40
N ALA A 40 -2.96 3.39 4.73
CA ALA A 40 -4.08 4.15 4.22
C ALA A 40 -4.78 4.89 5.36
N ALA A 41 -4.92 4.23 6.50
CA ALA A 41 -5.58 4.83 7.66
C ALA A 41 -4.89 6.13 8.05
N LEU A 42 -3.57 6.17 7.90
CA LEU A 42 -2.81 7.37 8.22
C LEU A 42 -3.00 8.43 7.14
N ASN A 43 -2.97 8.02 5.88
CA ASN A 43 -3.11 8.96 4.78
C ASN A 43 -4.52 9.52 4.67
N SER A 44 -5.45 8.87 5.36
CA SER A 44 -6.85 9.29 5.40
C SER A 44 -7.06 10.61 6.11
N LEU A 45 -6.10 10.97 6.96
CA LEU A 45 -6.14 12.23 7.69
C LEU A 45 -5.66 13.34 6.76
N PHE A 46 -5.78 14.58 7.19
CA PHE A 46 -5.35 15.71 6.36
C PHE A 46 -5.07 16.95 7.20
N GLN A 47 -5.32 16.84 8.50
CA GLN A 47 -5.09 17.94 9.43
C GLN A 47 -6.14 19.03 9.20
N PRO A 48 -6.96 19.35 10.23
CA PRO A 48 -8.00 20.37 10.11
C PRO A 48 -7.43 21.79 10.12
N TYR A 49 -7.43 22.43 8.97
CA TYR A 49 -6.92 23.79 8.86
C TYR A 49 -5.46 23.86 9.27
N GLY A 50 -4.90 25.06 9.25
CA GLY A 50 -3.50 25.24 9.63
C GLY A 50 -3.02 26.67 9.36
N VAL A 51 -3.78 27.63 9.86
CA VAL A 51 -3.47 29.05 9.72
C VAL A 51 -2.30 29.50 10.59
N GLY A 52 -1.79 28.57 11.40
CA GLY A 52 -0.68 28.87 12.29
C GLY A 52 -0.78 28.15 13.61
N LYS A 53 -0.91 26.82 13.53
CA LYS A 53 -1.01 25.99 14.73
C LYS A 53 -0.66 24.54 14.41
N VAL A 54 -1.00 23.63 15.32
CA VAL A 54 -0.70 22.21 15.13
C VAL A 54 -1.97 21.39 14.96
N ASN A 55 -1.90 20.36 14.12
CA ASN A 55 -3.04 19.48 13.86
C ASN A 55 -2.69 18.01 14.10
N PHE A 56 -3.39 17.40 15.05
CA PHE A 56 -3.17 15.99 15.40
C PHE A 56 -3.96 15.07 14.46
N THR A 57 -3.26 14.07 13.91
CA THR A 57 -3.89 13.11 13.01
C THR A 57 -3.90 11.72 13.62
N ALA A 58 -5.10 11.16 13.78
CA ALA A 58 -5.28 9.82 14.35
C ALA A 58 -6.55 9.15 13.83
N GLY A 59 -6.42 7.87 13.47
CA GLY A 59 -7.57 7.15 12.96
C GLY A 59 -7.24 5.71 12.60
N VAL A 60 -8.26 4.90 12.35
CA VAL A 60 -8.06 3.50 12.00
C VAL A 60 -8.59 3.20 10.59
N GLY A 61 -8.08 2.13 10.00
CA GLY A 61 -8.50 1.75 8.66
C GLY A 61 -8.55 0.25 8.47
N GLY A 62 -8.74 -0.19 7.22
CA GLY A 62 -8.80 -1.61 6.94
C GLY A 62 -8.67 -1.91 5.46
N TYR A 63 -7.99 -3.00 5.13
CA TYR A 63 -7.80 -3.40 3.74
C TYR A 63 -8.06 -4.90 3.56
N ARG A 64 -8.80 -5.24 2.51
CA ARG A 64 -9.13 -6.63 2.24
C ARG A 64 -10.00 -7.22 3.34
N SER A 65 -9.36 -7.85 4.34
CA SER A 65 -10.07 -8.45 5.45
C SER A 65 -9.26 -8.33 6.75
N SER A 66 -8.45 -7.28 6.83
CA SER A 66 -7.62 -7.04 8.01
C SER A 66 -7.71 -5.59 8.45
N GLN A 67 -7.72 -5.35 9.76
CA GLN A 67 -7.80 -4.00 10.30
C GLN A 67 -6.45 -3.53 10.82
N ALA A 68 -6.27 -2.22 10.90
CA ALA A 68 -5.01 -1.64 11.37
C ALA A 68 -5.23 -0.30 12.07
N LEU A 69 -4.21 0.19 12.75
CA LEU A 69 -4.27 1.46 13.46
C LEU A 69 -3.14 2.38 13.04
N ALA A 70 -3.46 3.66 12.82
CA ALA A 70 -2.45 4.64 12.41
C ALA A 70 -2.46 5.87 13.30
N ILE A 71 -1.27 6.42 13.59
CA ILE A 71 -1.16 7.60 14.43
C ILE A 71 -0.12 8.57 13.88
N GLY A 72 -0.26 9.85 14.21
CA GLY A 72 0.67 10.85 13.74
C GLY A 72 0.18 12.26 13.98
N SER A 73 1.01 13.25 13.64
CA SER A 73 0.65 14.65 13.83
C SER A 73 1.63 15.56 13.10
N GLY A 74 1.17 16.76 12.76
CA GLY A 74 2.01 17.72 12.06
C GLY A 74 1.66 19.15 12.43
N TYR A 75 2.49 20.09 11.97
CA TYR A 75 2.27 21.50 12.26
C TYR A 75 2.16 22.32 10.98
N ARG A 76 1.19 23.21 10.94
CA ARG A 76 0.98 24.07 9.76
C ARG A 76 0.84 25.53 10.17
N VAL A 77 1.54 26.41 9.47
CA VAL A 77 1.51 27.85 9.75
C VAL A 77 1.07 28.65 8.53
N ASN A 78 0.24 29.66 8.75
CA ASN A 78 -0.26 30.50 7.66
C ASN A 78 -1.05 29.67 6.65
N GLU A 79 -0.37 29.21 5.61
CA GLU A 79 -1.00 28.41 4.56
C GLU A 79 0.01 28.08 3.46
N SER A 80 1.02 28.91 3.32
CA SER A 80 2.06 28.70 2.31
C SER A 80 2.87 27.43 2.61
N VAL A 81 3.63 27.48 3.69
CA VAL A 81 4.45 26.34 4.09
C VAL A 81 3.64 25.40 4.98
N ALA A 82 3.81 24.10 4.78
CA ALA A 82 3.09 23.10 5.57
C ALA A 82 3.97 21.90 5.86
N LEU A 83 3.64 21.20 6.95
CA LEU A 83 4.39 20.01 7.35
C LEU A 83 3.47 18.94 7.90
N LYS A 84 3.81 17.67 7.66
CA LYS A 84 3.00 16.55 8.13
C LYS A 84 3.85 15.29 8.29
N ALA A 85 3.75 14.64 9.45
CA ALA A 85 4.49 13.42 9.72
C ALA A 85 3.75 12.53 10.70
N GLY A 86 4.30 11.34 10.95
CA GLY A 86 3.68 10.40 11.86
C GLY A 86 4.18 8.99 11.68
N VAL A 87 3.57 8.04 12.38
CA VAL A 87 3.96 6.63 12.29
C VAL A 87 2.73 5.72 12.34
N ALA A 88 2.77 4.64 11.58
CA ALA A 88 1.66 3.70 11.54
C ALA A 88 2.07 2.33 12.09
N TYR A 89 1.15 1.66 12.78
CA TYR A 89 1.41 0.35 13.37
C TYR A 89 0.46 -0.71 12.79
N ALA A 90 1.05 -1.72 12.15
CA ALA A 90 0.28 -2.81 11.55
C ALA A 90 0.78 -4.18 12.01
N GLY A 91 -0.15 -5.05 12.35
CA GLY A 91 0.20 -6.39 12.81
C GLY A 91 1.07 -6.35 14.05
N SER A 92 2.33 -6.75 13.92
CA SER A 92 3.25 -6.77 15.05
C SER A 92 4.68 -6.51 14.61
N SER A 93 4.84 -6.10 13.35
CA SER A 93 6.16 -5.82 12.77
C SER A 93 6.02 -5.04 11.46
N ASP A 94 4.91 -4.34 11.31
CA ASP A 94 4.65 -3.55 10.11
C ASP A 94 4.57 -2.07 10.44
N VAL A 95 5.69 -1.48 10.84
CA VAL A 95 5.73 -0.06 11.19
C VAL A 95 6.16 0.77 9.99
N MET A 96 5.52 1.92 9.81
CA MET A 96 5.83 2.82 8.71
C MET A 96 5.95 4.26 9.20
N TYR A 97 6.97 4.96 8.74
CA TYR A 97 7.19 6.35 9.13
C TYR A 97 7.03 7.30 7.95
N ASN A 98 6.06 8.21 8.06
CA ASN A 98 5.80 9.17 6.99
C ASN A 98 6.28 10.57 7.37
N ALA A 99 6.63 11.37 6.36
CA ALA A 99 7.10 12.74 6.57
C ALA A 99 7.03 13.54 5.28
N SER A 100 5.90 14.20 5.03
CA SER A 100 5.72 15.00 3.82
C SER A 100 5.48 16.47 4.16
N PHE A 101 5.53 17.33 3.14
CA PHE A 101 5.33 18.76 3.34
C PHE A 101 4.51 19.37 2.21
N ASN A 102 3.56 20.22 2.57
CA ASN A 102 2.69 20.87 1.59
C ASN A 102 3.12 22.33 1.42
N ILE A 103 3.24 22.78 0.17
CA ILE A 103 3.62 24.16 -0.12
C ILE A 103 2.80 24.73 -1.26
N GLU A 104 1.97 25.72 -0.95
CA GLU A 104 1.13 26.35 -1.97
C GLU A 104 1.51 27.82 -2.16
N TRP A 105 1.17 28.38 -3.31
CA TRP A 105 1.48 29.78 -3.60
C TRP A 105 0.24 30.50 -4.13
N GLY B 1 16.90 -54.94 -25.56
CA GLY B 1 17.54 -53.66 -25.17
C GLY B 1 16.90 -52.45 -25.82
N ASP B 2 15.58 -52.36 -25.70
CA ASP B 2 14.83 -51.24 -26.28
C ASP B 2 14.63 -51.43 -27.79
N GLN B 3 13.41 -51.20 -28.24
CA GLN B 3 13.08 -51.35 -29.65
C GLN B 3 12.34 -50.13 -30.18
N ALA B 4 11.14 -49.90 -29.65
CA ALA B 4 10.32 -48.76 -30.06
C ALA B 4 9.60 -48.14 -28.87
N SER B 5 10.25 -48.21 -27.70
CA SER B 5 9.69 -47.67 -26.47
C SER B 5 10.28 -46.30 -26.16
N TRP B 6 9.53 -45.49 -25.42
CA TRP B 6 10.00 -44.15 -25.04
C TRP B 6 10.42 -44.12 -23.58
N SER B 7 9.44 -43.98 -22.69
CA SER B 7 9.71 -43.94 -21.26
C SER B 7 10.62 -42.76 -20.93
N HIS B 8 10.35 -41.62 -21.56
CA HIS B 8 11.17 -40.43 -21.35
C HIS B 8 10.78 -39.69 -20.07
N PRO B 9 9.49 -39.35 -19.90
CA PRO B 9 9.01 -38.64 -18.69
C PRO B 9 9.27 -39.46 -17.43
N GLN B 10 10.04 -38.89 -16.50
CA GLN B 10 10.35 -39.57 -15.25
C GLN B 10 9.47 -39.07 -14.11
N PHE B 11 9.65 -37.80 -13.75
CA PHE B 11 8.87 -37.17 -12.69
C PHE B 11 8.00 -36.07 -13.28
N GLU B 12 7.17 -35.48 -12.43
CA GLU B 12 6.25 -34.42 -12.84
C GLU B 12 5.85 -33.56 -11.64
N LYS B 13 6.75 -33.47 -10.66
CA LYS B 13 6.50 -32.70 -9.45
C LYS B 13 6.74 -31.20 -9.67
N GLY B 14 7.87 -30.88 -10.30
CA GLY B 14 8.20 -29.49 -10.58
C GLY B 14 7.16 -28.80 -11.43
N ALA B 15 6.45 -29.59 -12.23
CA ALA B 15 5.41 -29.07 -13.11
C ALA B 15 4.30 -28.41 -12.30
N HIS B 16 3.83 -29.10 -11.28
CA HIS B 16 2.77 -28.58 -10.42
C HIS B 16 3.31 -27.53 -9.46
N LYS B 17 4.50 -27.77 -8.93
CA LYS B 17 5.13 -26.84 -7.99
C LYS B 17 5.33 -25.47 -8.65
N PHE B 18 5.64 -25.48 -9.95
CA PHE B 18 5.87 -24.24 -10.68
C PHE B 18 4.55 -23.51 -10.94
N ARG B 19 3.50 -24.27 -11.23
CA ARG B 19 2.19 -23.68 -11.49
C ARG B 19 1.66 -22.96 -10.26
N GLN B 20 1.49 -23.70 -9.16
CA GLN B 20 0.99 -23.12 -7.92
C GLN B 20 1.88 -21.97 -7.44
N LEU B 21 3.16 -22.05 -7.79
CA LEU B 21 4.12 -21.03 -7.40
C LEU B 21 3.81 -19.70 -8.11
N ASP B 22 3.89 -19.72 -9.43
CA ASP B 22 3.63 -18.53 -10.22
C ASP B 22 2.19 -18.06 -10.03
N ASN B 23 1.31 -18.98 -9.64
CA ASN B 23 -0.09 -18.67 -9.43
C ASN B 23 -0.28 -17.81 -8.19
N ARG B 24 0.33 -18.24 -7.08
CA ARG B 24 0.24 -17.51 -5.83
C ARG B 24 1.08 -16.24 -5.87
N LEU B 25 2.27 -16.34 -6.43
CA LEU B 25 3.16 -15.20 -6.55
C LEU B 25 2.52 -14.10 -7.39
N ASP B 26 1.96 -14.49 -8.53
CA ASP B 26 1.32 -13.54 -9.42
C ASP B 26 0.07 -12.93 -8.76
N LYS B 27 -0.60 -13.73 -7.94
CA LYS B 27 -1.81 -13.27 -7.26
C LYS B 27 -1.48 -12.18 -6.24
N LEU B 28 -0.36 -12.35 -5.54
CA LEU B 28 0.06 -11.38 -4.55
C LEU B 28 0.33 -10.03 -5.22
N ASP B 29 1.09 -10.08 -6.31
CA ASP B 29 1.43 -8.89 -7.09
C ASP B 29 0.18 -8.20 -7.65
N THR B 30 -0.84 -9.00 -7.95
CA THR B 30 -2.08 -8.48 -8.48
C THR B 30 -2.90 -7.78 -7.39
N ARG B 31 -2.74 -8.26 -6.15
CA ARG B 31 -3.45 -7.68 -5.01
C ARG B 31 -2.80 -6.39 -4.54
N VAL B 32 -1.49 -6.30 -4.71
CA VAL B 32 -0.73 -5.13 -4.29
C VAL B 32 -0.78 -4.03 -5.36
N ASP B 33 -0.82 -4.45 -6.62
CA ASP B 33 -0.88 -3.51 -7.74
C ASP B 33 -2.20 -2.75 -7.74
N LYS B 34 -3.30 -3.47 -7.61
CA LYS B 34 -4.63 -2.87 -7.60
C LYS B 34 -5.00 -2.39 -6.20
N GLY B 35 -4.40 -3.00 -5.19
CA GLY B 35 -4.68 -2.63 -3.81
C GLY B 35 -4.10 -1.28 -3.45
N LEU B 36 -2.87 -1.02 -3.92
CA LEU B 36 -2.20 0.24 -3.65
C LEU B 36 -2.75 1.36 -4.53
N ALA B 37 -3.29 0.98 -5.69
CA ALA B 37 -3.86 1.94 -6.64
C ALA B 37 -5.18 2.50 -6.12
N SER B 38 -6.00 1.64 -5.53
CA SER B 38 -7.29 2.05 -4.99
C SER B 38 -7.12 2.73 -3.64
N SER B 39 -6.27 2.16 -2.80
CA SER B 39 -6.02 2.70 -1.47
C SER B 39 -5.48 4.13 -1.56
N ALA B 40 -4.36 4.28 -2.27
CA ALA B 40 -3.74 5.59 -2.46
C ALA B 40 -4.73 6.57 -3.07
N ALA B 41 -5.49 6.10 -4.04
CA ALA B 41 -6.48 6.95 -4.72
C ALA B 41 -7.44 7.56 -3.71
N LEU B 42 -7.77 6.80 -2.67
CA LEU B 42 -8.67 7.30 -1.63
C LEU B 42 -7.94 8.27 -0.71
N ASN B 43 -6.72 7.95 -0.35
CA ASN B 43 -5.95 8.82 0.54
C ASN B 43 -5.51 10.11 -0.12
N SER B 44 -5.63 10.14 -1.45
CA SER B 44 -5.30 11.32 -2.25
C SER B 44 -6.24 12.50 -2.02
N LEU B 45 -7.43 12.18 -1.53
CA LEU B 45 -8.42 13.20 -1.20
C LEU B 45 -8.09 13.81 0.15
N PHE B 46 -8.79 14.86 0.53
CA PHE B 46 -8.52 15.51 1.80
C PHE B 46 -9.72 16.32 2.30
N GLN B 47 -10.75 16.35 1.46
CA GLN B 47 -11.98 17.08 1.79
C GLN B 47 -11.73 18.59 1.72
N PRO B 48 -12.45 19.32 0.85
CA PRO B 48 -12.28 20.75 0.69
C PRO B 48 -12.89 21.54 1.84
N TYR B 49 -12.05 22.09 2.71
CA TYR B 49 -12.51 22.86 3.85
C TYR B 49 -13.41 22.02 4.75
N GLY B 50 -13.93 22.64 5.80
CA GLY B 50 -14.80 21.95 6.73
C GLY B 50 -15.14 22.78 7.95
N VAL B 51 -15.61 24.01 7.69
CA VAL B 51 -15.98 24.96 8.74
C VAL B 51 -17.30 24.58 9.42
N GLY B 52 -17.94 23.53 8.93
CA GLY B 52 -19.20 23.09 9.48
C GLY B 52 -20.14 22.53 8.43
N LYS B 53 -19.65 21.56 7.67
CA LYS B 53 -20.44 20.93 6.62
C LYS B 53 -19.86 19.56 6.24
N VAL B 54 -20.30 19.03 5.11
CA VAL B 54 -19.83 17.72 4.66
C VAL B 54 -18.99 17.84 3.38
N ASN B 55 -17.97 16.98 3.27
CA ASN B 55 -17.09 16.98 2.10
C ASN B 55 -17.00 15.59 1.46
N PHE B 56 -17.44 15.50 0.20
CA PHE B 56 -17.42 14.23 -0.54
C PHE B 56 -16.05 13.99 -1.17
N THR B 57 -15.51 12.79 -0.96
CA THR B 57 -14.21 12.43 -1.51
C THR B 57 -14.35 11.31 -2.54
N ALA B 58 -13.92 11.58 -3.77
CA ALA B 58 -13.99 10.61 -4.86
C ALA B 58 -12.90 10.85 -5.89
N GLY B 59 -12.24 9.77 -6.32
CA GLY B 59 -11.18 9.89 -7.30
C GLY B 59 -10.56 8.54 -7.66
N VAL B 60 -9.75 8.53 -8.72
CA VAL B 60 -9.11 7.30 -9.16
C VAL B 60 -7.58 7.41 -9.06
N GLY B 61 -6.92 6.25 -8.99
CA GLY B 61 -5.47 6.24 -8.90
C GLY B 61 -4.86 5.07 -9.65
N GLY B 62 -3.56 4.87 -9.46
CA GLY B 62 -2.86 3.78 -10.13
C GLY B 62 -1.51 3.49 -9.53
N TYR B 63 -1.14 2.22 -9.47
CA TYR B 63 0.14 1.81 -8.91
C TYR B 63 0.82 0.78 -9.81
N ARG B 64 2.12 0.98 -10.06
CA ARG B 64 2.88 0.07 -10.92
C ARG B 64 2.36 0.11 -12.36
N SER B 65 1.44 -0.81 -12.67
CA SER B 65 0.86 -0.88 -14.01
C SER B 65 -0.61 -1.29 -13.95
N SER B 66 -1.27 -0.95 -12.84
CA SER B 66 -2.68 -1.28 -12.66
C SER B 66 -3.46 -0.08 -12.14
N GLN B 67 -4.69 0.08 -12.61
CA GLN B 67 -5.54 1.20 -12.20
C GLN B 67 -6.60 0.73 -11.20
N ALA B 68 -7.11 1.68 -10.41
CA ALA B 68 -8.13 1.38 -9.42
C ALA B 68 -9.06 2.57 -9.18
N LEU B 69 -10.17 2.31 -8.49
CA LEU B 69 -11.15 3.35 -8.19
C LEU B 69 -11.43 3.42 -6.68
N ALA B 70 -11.49 4.63 -6.13
CA ALA B 70 -11.75 4.81 -4.70
C ALA B 70 -12.90 5.78 -4.46
N ILE B 71 -13.72 5.50 -3.45
CA ILE B 71 -14.85 6.36 -3.12
C ILE B 71 -15.00 6.51 -1.61
N GLY B 72 -15.61 7.62 -1.18
CA GLY B 72 -15.81 7.85 0.23
C GLY B 72 -16.25 9.28 0.52
N SER B 73 -16.52 9.57 1.80
CA SER B 73 -16.96 10.90 2.20
C SER B 73 -16.91 11.05 3.71
N GLY B 74 -16.80 12.30 4.17
CA GLY B 74 -16.74 12.57 5.59
C GLY B 74 -17.36 13.91 5.94
N TYR B 75 -17.50 14.17 7.24
CA TYR B 75 -18.09 15.42 7.70
C TYR B 75 -17.14 16.16 8.64
N ARG B 76 -17.02 17.47 8.43
CA ARG B 76 -16.14 18.30 9.26
C ARG B 76 -16.89 19.54 9.75
N VAL B 77 -16.76 19.83 11.05
CA VAL B 77 -17.40 21.00 11.65
C VAL B 77 -16.39 21.92 12.31
N ASN B 78 -16.59 23.22 12.15
CA ASN B 78 -15.68 24.21 12.74
C ASN B 78 -14.26 24.05 12.19
N GLU B 79 -13.44 23.30 12.90
CA GLU B 79 -12.06 23.06 12.49
C GLU B 79 -11.33 22.21 13.52
N SER B 80 -11.79 22.26 14.76
CA SER B 80 -11.19 21.49 15.85
C SER B 80 -11.37 20.00 15.62
N VAL B 81 -12.62 19.54 15.72
CA VAL B 81 -12.93 18.13 15.51
C VAL B 81 -13.19 17.86 14.03
N ALA B 82 -12.68 16.72 13.55
CA ALA B 82 -12.85 16.34 12.15
C ALA B 82 -13.08 14.85 12.01
N LEU B 83 -13.73 14.46 10.91
CA LEU B 83 -14.01 13.05 10.65
C LEU B 83 -13.88 12.75 9.16
N LYS B 84 -13.43 11.53 8.84
CA LYS B 84 -13.24 11.11 7.46
C LYS B 84 -13.32 9.59 7.33
N ALA B 85 -14.12 9.12 6.38
CA ALA B 85 -14.28 7.69 6.16
C ALA B 85 -14.64 7.40 4.70
N GLY B 86 -14.72 6.12 4.36
CA GLY B 86 -15.05 5.73 3.00
C GLY B 86 -14.65 4.30 2.69
N VAL B 87 -14.79 3.90 1.43
CA VAL B 87 -14.45 2.55 1.00
C VAL B 87 -13.81 2.56 -0.39
N ALA B 88 -12.82 1.68 -0.59
CA ALA B 88 -12.13 1.60 -1.87
C ALA B 88 -12.38 0.25 -2.55
N TYR B 89 -12.49 0.27 -3.87
CA TYR B 89 -12.72 -0.95 -4.65
C TYR B 89 -11.58 -1.21 -5.63
N ALA B 90 -10.92 -2.35 -5.46
CA ALA B 90 -9.80 -2.74 -6.32
C ALA B 90 -10.00 -4.15 -6.89
N GLY B 91 -9.71 -4.30 -8.18
CA GLY B 91 -9.87 -5.58 -8.84
C GLY B 91 -11.29 -6.11 -8.77
N SER B 92 -11.50 -7.18 -8.01
CA SER B 92 -12.82 -7.77 -7.87
C SER B 92 -13.00 -8.42 -6.50
N SER B 93 -12.05 -8.17 -5.60
CA SER B 93 -12.06 -8.71 -4.24
C SER B 93 -11.08 -7.99 -3.34
N ASP B 94 -10.76 -6.75 -3.70
CA ASP B 94 -9.83 -5.95 -2.92
C ASP B 94 -10.51 -4.72 -2.34
N VAL B 95 -11.43 -4.94 -1.41
CA VAL B 95 -12.16 -3.85 -0.79
C VAL B 95 -11.48 -3.41 0.52
N MET B 96 -11.43 -2.11 0.74
CA MET B 96 -10.81 -1.55 1.94
C MET B 96 -11.70 -0.48 2.56
N TYR B 97 -11.84 -0.54 3.88
CA TYR B 97 -12.67 0.43 4.60
C TYR B 97 -11.82 1.32 5.51
N ASN B 98 -11.85 2.62 5.26
CA ASN B 98 -11.08 3.57 6.07
C ASN B 98 -11.99 4.39 6.98
N ALA B 99 -11.43 4.83 8.11
CA ALA B 99 -12.18 5.64 9.08
C ALA B 99 -11.23 6.35 10.04
N SER B 100 -10.82 7.56 9.68
CA SER B 100 -9.90 8.33 10.52
C SER B 100 -10.53 9.65 10.99
N PHE B 101 -9.88 10.32 11.93
CA PHE B 101 -10.41 11.57 12.46
C PHE B 101 -9.28 12.58 12.71
N ASN B 102 -9.51 13.82 12.30
CA ASN B 102 -8.53 14.89 12.48
C ASN B 102 -8.94 15.80 13.63
N ILE B 103 -8.00 16.11 14.52
CA ILE B 103 -8.28 16.98 15.65
C ILE B 103 -7.12 17.96 15.88
N GLU B 104 -7.40 19.24 15.68
CA GLU B 104 -6.38 20.27 15.86
C GLU B 104 -6.77 21.22 17.00
N TRP B 105 -5.77 21.89 17.58
CA TRP B 105 -6.01 22.83 18.67
C TRP B 105 -5.32 24.17 18.40
N GLY C 1 32.49 -53.56 -5.38
CA GLY C 1 31.55 -52.94 -4.40
C GLY C 1 32.00 -51.58 -3.94
N ASP C 2 32.33 -50.70 -4.89
CA ASP C 2 32.79 -49.35 -4.57
C ASP C 2 34.25 -49.36 -4.14
N GLN C 3 35.02 -48.43 -4.69
CA GLN C 3 36.44 -48.31 -4.37
C GLN C 3 36.81 -46.88 -4.02
N ALA C 4 36.70 -45.99 -5.00
CA ALA C 4 37.02 -44.58 -4.80
C ALA C 4 36.03 -43.68 -5.52
N SER C 5 34.79 -44.15 -5.61
CA SER C 5 33.73 -43.39 -6.29
C SER C 5 32.85 -42.67 -5.27
N TRP C 6 32.21 -41.59 -5.71
CA TRP C 6 31.33 -40.81 -4.83
C TRP C 6 29.88 -41.06 -5.17
N SER C 7 29.37 -40.39 -6.21
CA SER C 7 27.99 -40.54 -6.63
C SER C 7 27.05 -40.16 -5.50
N HIS C 8 27.38 -39.08 -4.81
CA HIS C 8 26.56 -38.62 -3.68
C HIS C 8 25.34 -37.84 -4.14
N PRO C 9 25.54 -36.78 -4.96
CA PRO C 9 24.43 -35.96 -5.48
C PRO C 9 23.44 -36.79 -6.30
N GLN C 10 22.19 -36.81 -5.85
CA GLN C 10 21.16 -37.58 -6.55
C GLN C 10 20.30 -36.67 -7.43
N PHE C 11 19.55 -35.77 -6.78
CA PHE C 11 18.71 -34.82 -7.49
C PHE C 11 19.21 -33.41 -7.26
N GLU C 12 18.57 -32.45 -7.94
CA GLU C 12 18.95 -31.04 -7.85
C GLU C 12 17.77 -30.15 -8.22
N LYS C 13 16.56 -30.64 -7.97
CA LYS C 13 15.35 -29.90 -8.28
C LYS C 13 15.04 -28.84 -7.21
N GLY C 14 15.12 -29.25 -5.95
CA GLY C 14 14.83 -28.33 -4.85
C GLY C 14 15.77 -27.15 -4.85
N ALA C 15 16.96 -27.33 -5.41
CA ALA C 15 17.95 -26.27 -5.48
C ALA C 15 17.43 -25.08 -6.29
N HIS C 16 16.87 -25.38 -7.45
CA HIS C 16 16.33 -24.35 -8.34
C HIS C 16 14.98 -23.85 -7.81
N LYS C 17 14.16 -24.77 -7.32
CA LYS C 17 12.85 -24.43 -6.80
C LYS C 17 12.97 -23.45 -5.64
N PHE C 18 14.02 -23.61 -4.84
CA PHE C 18 14.25 -22.75 -3.69
C PHE C 18 14.72 -21.36 -4.12
N ARG C 19 15.56 -21.32 -5.15
CA ARG C 19 16.09 -20.07 -5.67
C ARG C 19 14.96 -19.19 -6.22
N GLN C 20 14.25 -19.70 -7.22
CA GLN C 20 13.16 -18.96 -7.84
C GLN C 20 12.09 -18.60 -6.80
N LEU C 21 11.98 -19.43 -5.77
CA LEU C 21 11.00 -19.19 -4.71
C LEU C 21 11.36 -17.94 -3.92
N ASP C 22 12.52 -17.98 -3.26
CA ASP C 22 12.98 -16.84 -2.47
C ASP C 22 13.18 -15.60 -3.34
N ASN C 23 13.40 -15.82 -4.63
CA ASN C 23 13.61 -14.74 -5.57
C ASN C 23 12.31 -13.96 -5.80
N ARG C 24 11.24 -14.70 -6.09
CA ARG C 24 9.94 -14.08 -6.34
C ARG C 24 9.32 -13.57 -5.04
N LEU C 25 9.44 -14.37 -3.98
CA LEU C 25 8.91 -13.99 -2.68
C LEU C 25 9.56 -12.72 -2.18
N ASP C 26 10.88 -12.66 -2.28
CA ASP C 26 11.64 -11.49 -1.84
C ASP C 26 11.31 -10.28 -2.70
N LYS C 27 11.04 -10.51 -3.99
CA LYS C 27 10.72 -9.43 -4.90
C LYS C 27 9.38 -8.79 -4.56
N LEU C 28 8.41 -9.61 -4.17
CA LEU C 28 7.09 -9.11 -3.78
C LEU C 28 7.22 -8.20 -2.57
N ASP C 29 7.95 -8.67 -1.56
CA ASP C 29 8.18 -7.90 -0.34
C ASP C 29 8.92 -6.59 -0.62
N THR C 30 9.77 -6.60 -1.64
CA THR C 30 10.53 -5.42 -2.01
C THR C 30 9.64 -4.40 -2.71
N ARG C 31 8.62 -4.90 -3.41
CA ARG C 31 7.68 -4.03 -4.14
C ARG C 31 6.66 -3.41 -3.19
N VAL C 32 6.33 -4.13 -2.13
CA VAL C 32 5.36 -3.66 -1.14
C VAL C 32 6.01 -2.74 -0.12
N ASP C 33 7.28 -3.01 0.19
CA ASP C 33 8.03 -2.21 1.15
C ASP C 33 8.26 -0.80 0.62
N LYS C 34 8.73 -0.72 -0.62
CA LYS C 34 9.02 0.56 -1.25
C LYS C 34 7.76 1.14 -1.89
N GLY C 35 6.82 0.27 -2.25
CA GLY C 35 5.58 0.70 -2.88
C GLY C 35 4.67 1.43 -1.90
N LEU C 36 4.60 0.91 -0.67
CA LEU C 36 3.76 1.49 0.37
C LEU C 36 4.42 2.74 0.96
N ALA C 37 5.74 2.78 0.89
CA ALA C 37 6.51 3.91 1.41
C ALA C 37 6.36 5.15 0.54
N SER C 38 6.37 4.94 -0.78
CA SER C 38 6.21 6.04 -1.73
C SER C 38 4.75 6.45 -1.86
N SER C 39 3.87 5.46 -1.92
CA SER C 39 2.43 5.72 -2.05
C SER C 39 1.91 6.53 -0.86
N ALA C 40 2.13 5.99 0.34
CA ALA C 40 1.70 6.65 1.55
C ALA C 40 2.31 8.05 1.66
N ALA C 41 3.58 8.16 1.28
CA ALA C 41 4.28 9.45 1.33
C ALA C 41 3.54 10.49 0.51
N LEU C 42 2.94 10.07 -0.59
CA LEU C 42 2.18 10.98 -1.45
C LEU C 42 0.84 11.31 -0.81
N ASN C 43 0.18 10.29 -0.27
CA ASN C 43 -1.13 10.51 0.33
C ASN C 43 -1.07 11.30 1.64
N SER C 44 0.16 11.41 2.17
CA SER C 44 0.41 12.16 3.39
C SER C 44 0.20 13.67 3.23
N LEU C 45 0.25 14.12 1.98
CA LEU C 45 0.02 15.53 1.66
C LEU C 45 -1.47 15.79 1.63
N PHE C 46 -1.87 17.04 1.52
CA PHE C 46 -3.29 17.37 1.48
C PHE C 46 -3.54 18.72 0.83
N GLN C 47 -2.45 19.40 0.47
CA GLN C 47 -2.52 20.70 -0.16
C GLN C 47 -2.99 21.75 0.84
N PRO C 48 -2.16 22.79 1.10
CA PRO C 48 -2.49 23.84 2.06
C PRO C 48 -3.53 24.81 1.52
N TYR C 49 -4.75 24.72 2.03
CA TYR C 49 -5.83 25.59 1.59
C TYR C 49 -6.08 25.45 0.09
N GLY C 50 -7.02 26.23 -0.42
CA GLY C 50 -7.34 26.19 -1.83
C GLY C 50 -8.55 27.03 -2.17
N VAL C 51 -8.51 28.30 -1.74
CA VAL C 51 -9.59 29.26 -1.99
C VAL C 51 -9.63 29.74 -3.43
N GLY C 52 -8.67 29.29 -4.23
CA GLY C 52 -8.61 29.69 -5.63
C GLY C 52 -7.18 29.83 -6.12
N LYS C 53 -6.39 28.77 -5.94
CA LYS C 53 -5.00 28.78 -6.37
C LYS C 53 -4.48 27.35 -6.52
N VAL C 54 -3.15 27.20 -6.60
CA VAL C 54 -2.54 25.89 -6.76
C VAL C 54 -1.73 25.50 -5.52
N ASN C 55 -1.73 24.21 -5.19
CA ASN C 55 -0.98 23.70 -4.03
C ASN C 55 -0.05 22.55 -4.42
N PHE C 56 1.25 22.77 -4.22
CA PHE C 56 2.26 21.76 -4.53
C PHE C 56 2.43 20.76 -3.40
N THR C 57 2.39 19.48 -3.75
CA THR C 57 2.53 18.41 -2.75
C THR C 57 3.82 17.62 -2.99
N ALA C 58 4.69 17.61 -1.98
CA ALA C 58 5.97 16.90 -2.06
C ALA C 58 6.44 16.45 -0.68
N GLY C 59 6.90 15.20 -0.59
CA GLY C 59 7.38 14.68 0.67
C GLY C 59 7.87 13.24 0.57
N VAL C 60 8.54 12.77 1.62
CA VAL C 60 9.06 11.41 1.63
C VAL C 60 8.41 10.57 2.73
N GLY C 61 8.45 9.25 2.57
CA GLY C 61 7.87 8.36 3.56
C GLY C 61 8.65 7.08 3.72
N GLY C 62 8.09 6.13 4.46
CA GLY C 62 8.76 4.86 4.67
C GLY C 62 7.84 3.80 5.24
N TYR C 63 8.02 2.55 4.78
CA TYR C 63 7.19 1.44 5.25
C TYR C 63 8.06 0.24 5.59
N ARG C 64 7.77 -0.39 6.74
CA ARG C 64 8.53 -1.55 7.19
C ARG C 64 9.98 -1.18 7.48
N SER C 65 10.85 -1.35 6.48
CA SER C 65 12.26 -1.03 6.62
C SER C 65 12.84 -0.47 5.32
N SER C 66 11.98 0.17 4.53
CA SER C 66 12.40 0.76 3.25
C SER C 66 11.87 2.18 3.10
N GLN C 67 12.68 3.06 2.52
CA GLN C 67 12.28 4.45 2.31
C GLN C 67 11.88 4.71 0.86
N ALA C 68 11.09 5.74 0.64
CA ALA C 68 10.64 6.10 -0.70
C ALA C 68 10.41 7.60 -0.85
N LEU C 69 10.26 8.06 -2.08
CA LEU C 69 10.02 9.48 -2.38
C LEU C 69 8.76 9.66 -3.21
N ALA C 70 7.96 10.65 -2.86
CA ALA C 70 6.72 10.92 -3.60
C ALA C 70 6.62 12.38 -4.02
N ILE C 71 6.08 12.63 -5.21
CA ILE C 71 5.93 13.99 -5.71
C ILE C 71 4.59 14.17 -6.42
N GLY C 72 4.11 15.41 -6.47
CA GLY C 72 2.84 15.69 -7.12
C GLY C 72 2.33 17.09 -6.81
N SER C 73 1.21 17.45 -7.43
CA SER C 73 0.62 18.77 -7.21
C SER C 73 -0.79 18.83 -7.77
N GLY C 74 -1.59 19.75 -7.23
CA GLY C 74 -2.97 19.90 -7.68
C GLY C 74 -3.45 21.33 -7.58
N TYR C 75 -4.64 21.60 -8.13
CA TYR C 75 -5.20 22.95 -8.10
C TYR C 75 -6.58 22.94 -7.44
N ARG C 76 -6.82 23.92 -6.57
CA ARG C 76 -8.09 24.03 -5.87
C ARG C 76 -8.63 25.46 -5.96
N VAL C 77 -9.91 25.59 -6.30
CA VAL C 77 -10.56 26.89 -6.42
C VAL C 77 -11.76 27.00 -5.49
N ASN C 78 -11.94 28.17 -4.87
CA ASN C 78 -13.05 28.39 -3.97
C ASN C 78 -13.01 27.43 -2.78
N GLU C 79 -13.71 26.31 -2.91
CA GLU C 79 -13.76 25.31 -1.86
C GLU C 79 -14.69 24.16 -2.26
N SER C 80 -15.67 24.46 -3.12
CA SER C 80 -16.61 23.45 -3.58
C SER C 80 -15.91 22.38 -4.40
N VAL C 81 -15.43 22.76 -5.58
CA VAL C 81 -14.74 21.84 -6.46
C VAL C 81 -13.25 21.79 -6.13
N ALA C 82 -12.67 20.59 -6.15
CA ALA C 82 -11.26 20.43 -5.85
C ALA C 82 -10.62 19.37 -6.74
N LEU C 83 -9.31 19.48 -6.92
CA LEU C 83 -8.57 18.53 -7.75
C LEU C 83 -7.20 18.24 -7.14
N LYS C 84 -6.73 17.01 -7.31
CA LYS C 84 -5.43 16.59 -6.79
C LYS C 84 -4.85 15.42 -7.59
N ALA C 85 -3.59 15.56 -8.01
CA ALA C 85 -2.93 14.52 -8.78
C ALA C 85 -1.43 14.53 -8.53
N GLY C 86 -0.73 13.56 -9.11
CA GLY C 86 0.72 13.48 -8.94
C GLY C 86 1.26 12.11 -9.28
N VAL C 87 2.55 11.91 -9.03
CA VAL C 87 3.20 10.62 -9.30
C VAL C 87 4.21 10.27 -8.21
N ALA C 88 4.31 8.99 -7.88
CA ALA C 88 5.23 8.53 -6.85
C ALA C 88 6.31 7.62 -7.44
N TYR C 89 7.52 7.72 -6.91
CA TYR C 89 8.65 6.91 -7.37
C TYR C 89 9.21 6.04 -6.26
N ALA C 90 9.15 4.72 -6.46
CA ALA C 90 9.64 3.75 -5.48
C ALA C 90 10.61 2.76 -6.11
N GLY C 91 11.72 2.51 -5.41
CA GLY C 91 12.72 1.58 -5.91
C GLY C 91 13.31 2.02 -7.24
N SER C 92 13.00 1.28 -8.30
CA SER C 92 13.51 1.61 -9.63
C SER C 92 12.54 1.16 -10.72
N SER C 93 11.33 0.77 -10.29
CA SER C 93 10.28 0.31 -11.21
C SER C 93 8.93 0.28 -10.53
N ASP C 94 8.78 1.07 -9.48
CA ASP C 94 7.52 1.14 -8.73
C ASP C 94 6.90 2.52 -8.83
N VAL C 95 6.45 2.89 -10.03
CA VAL C 95 5.83 4.18 -10.24
C VAL C 95 4.31 4.09 -10.12
N MET C 96 3.73 5.09 -9.49
CA MET C 96 2.27 5.14 -9.29
C MET C 96 1.72 6.51 -9.64
N TYR C 97 0.60 6.53 -10.36
CA TYR C 97 -0.02 7.78 -10.77
C TYR C 97 -1.38 7.97 -10.10
N ASN C 98 -1.52 9.03 -9.31
CA ASN C 98 -2.78 9.30 -8.62
C ASN C 98 -3.52 10.48 -9.25
N ALA C 99 -4.85 10.48 -9.12
CA ALA C 99 -5.68 11.54 -9.66
C ALA C 99 -7.08 11.52 -9.04
N SER C 100 -7.25 12.24 -7.93
CA SER C 100 -8.53 12.28 -7.25
C SER C 100 -9.11 13.71 -7.22
N PHE C 101 -10.37 13.84 -6.82
CA PHE C 101 -11.01 15.14 -6.76
C PHE C 101 -11.91 15.26 -5.53
N ASN C 102 -11.83 16.41 -4.86
CA ASN C 102 -12.64 16.65 -3.67
C ASN C 102 -13.78 17.61 -3.98
N ILE C 103 -14.99 17.26 -3.54
CA ILE C 103 -16.16 18.11 -3.79
C ILE C 103 -17.04 18.18 -2.55
N GLU C 104 -17.13 19.38 -1.97
CA GLU C 104 -17.94 19.58 -0.79
C GLU C 104 -19.10 20.54 -1.08
N TRP C 105 -20.15 20.47 -0.25
CA TRP C 105 -21.31 21.33 -0.43
C TRP C 105 -21.69 21.99 0.90
N GLY A 1 -1.24 -36.55 0.05
CA GLY A 1 -1.84 -35.21 -0.26
C GLY A 1 -2.52 -34.59 0.93
N ASP A 2 -1.81 -34.51 2.05
CA ASP A 2 -2.35 -33.93 3.28
C ASP A 2 -3.82 -34.34 3.47
N GLN A 3 -4.72 -33.42 3.16
CA GLN A 3 -6.15 -33.67 3.30
C GLN A 3 -6.83 -33.71 1.93
N ALA A 4 -6.65 -32.67 1.14
CA ALA A 4 -7.23 -32.58 -0.18
C ALA A 4 -6.78 -31.33 -0.91
N SER A 5 -7.15 -30.17 -0.36
CA SER A 5 -6.79 -28.88 -0.95
C SER A 5 -5.28 -28.65 -0.86
N TRP A 6 -4.75 -28.74 0.35
CA TRP A 6 -3.32 -28.54 0.57
C TRP A 6 -2.50 -29.32 -0.45
N SER A 7 -2.27 -30.60 -0.17
CA SER A 7 -1.51 -31.46 -1.08
C SER A 7 -0.05 -31.01 -1.11
N HIS A 8 0.51 -30.75 0.07
CA HIS A 8 1.89 -30.29 0.16
C HIS A 8 2.89 -31.41 -0.17
N PRO A 9 2.76 -32.59 0.47
CA PRO A 9 3.65 -33.73 0.21
C PRO A 9 3.73 -34.06 -1.28
N GLN A 10 4.93 -34.02 -1.84
CA GLN A 10 5.14 -34.32 -3.25
C GLN A 10 6.22 -35.39 -3.44
N PHE A 11 7.41 -35.08 -2.96
CA PHE A 11 8.55 -35.99 -3.07
C PHE A 11 9.15 -36.21 -1.68
N GLU A 12 10.43 -36.57 -1.65
CA GLU A 12 11.15 -36.85 -0.41
C GLU A 12 11.34 -35.55 0.39
N LYS A 13 11.37 -34.43 -0.31
CA LYS A 13 11.56 -33.12 0.33
C LYS A 13 10.59 -32.08 -0.22
N GLY A 14 9.50 -32.54 -0.82
CA GLY A 14 8.51 -31.64 -1.38
C GLY A 14 7.57 -31.09 -0.33
N ALA A 15 7.45 -31.80 0.78
CA ALA A 15 6.58 -31.40 1.88
C ALA A 15 7.11 -30.13 2.54
N HIS A 16 8.41 -30.10 2.80
CA HIS A 16 9.05 -28.96 3.43
C HIS A 16 9.14 -27.78 2.46
N LYS A 17 9.30 -28.09 1.18
CA LYS A 17 9.41 -27.06 0.16
C LYS A 17 8.05 -26.41 -0.10
N PHE A 18 7.01 -27.23 -0.23
CA PHE A 18 5.66 -26.73 -0.48
C PHE A 18 5.12 -26.00 0.74
N ARG A 19 5.39 -26.55 1.92
CA ARG A 19 4.92 -25.96 3.17
C ARG A 19 5.61 -24.61 3.42
N GLN A 20 6.92 -24.56 3.17
CA GLN A 20 7.68 -23.34 3.37
C GLN A 20 7.23 -22.23 2.41
N LEU A 21 6.96 -22.61 1.17
CA LEU A 21 6.51 -21.66 0.15
C LEU A 21 5.16 -21.07 0.55
N ASP A 22 4.26 -21.91 1.03
CA ASP A 22 2.93 -21.48 1.44
C ASP A 22 3.01 -20.54 2.64
N ASN A 23 4.02 -20.74 3.47
CA ASN A 23 4.22 -19.91 4.66
C ASN A 23 4.79 -18.55 4.28
N ARG A 24 5.72 -18.55 3.32
CA ARG A 24 6.34 -17.32 2.87
C ARG A 24 5.37 -16.49 2.04
N LEU A 25 4.57 -17.15 1.23
CA LEU A 25 3.59 -16.47 0.39
C LEU A 25 2.51 -15.84 1.25
N ASP A 26 1.92 -16.62 2.15
CA ASP A 26 0.87 -16.12 3.03
C ASP A 26 1.38 -14.96 3.86
N LYS A 27 2.52 -15.14 4.52
CA LYS A 27 3.10 -14.10 5.35
C LYS A 27 3.28 -12.80 4.57
N LEU A 28 3.68 -12.93 3.30
CA LEU A 28 3.86 -11.75 2.45
C LEU A 28 2.53 -11.02 2.28
N ASP A 29 1.47 -11.79 2.08
CA ASP A 29 0.13 -11.24 1.92
C ASP A 29 -0.35 -10.52 3.18
N THR A 30 -0.07 -11.13 4.33
CA THR A 30 -0.46 -10.56 5.62
C THR A 30 0.13 -9.16 5.78
N ARG A 31 1.43 -9.03 5.50
CA ARG A 31 2.12 -7.76 5.62
C ARG A 31 1.48 -6.68 4.73
N VAL A 32 1.01 -7.10 3.56
CA VAL A 32 0.38 -6.19 2.62
C VAL A 32 -1.01 -5.78 3.09
N ASP A 33 -1.73 -6.72 3.70
CA ASP A 33 -3.07 -6.46 4.21
C ASP A 33 -3.04 -5.43 5.33
N LYS A 34 -2.25 -5.71 6.36
CA LYS A 34 -2.14 -4.83 7.52
C LYS A 34 -1.35 -3.58 7.15
N GLY A 35 -0.33 -3.74 6.30
CA GLY A 35 0.49 -2.61 5.90
C GLY A 35 -0.30 -1.57 5.14
N LEU A 36 -1.12 -2.03 4.20
CA LEU A 36 -1.95 -1.13 3.39
C LEU A 36 -3.06 -0.51 4.23
N ALA A 37 -3.61 -1.28 5.15
CA ALA A 37 -4.68 -0.83 6.03
C ALA A 37 -4.21 0.32 6.92
N SER A 38 -3.00 0.18 7.47
CA SER A 38 -2.43 1.19 8.34
C SER A 38 -2.08 2.45 7.56
N SER A 39 -1.28 2.27 6.50
CA SER A 39 -0.87 3.39 5.66
C SER A 39 -2.07 4.25 5.26
N ALA A 40 -3.06 3.62 4.63
CA ALA A 40 -4.27 4.30 4.20
C ALA A 40 -4.88 5.07 5.36
N ALA A 41 -5.10 4.40 6.48
CA ALA A 41 -5.68 5.03 7.66
C ALA A 41 -4.97 6.33 8.00
N LEU A 42 -3.64 6.30 7.90
CA LEU A 42 -2.84 7.49 8.18
C LEU A 42 -2.99 8.50 7.04
N ASN A 43 -3.11 8.01 5.82
CA ASN A 43 -3.23 8.91 4.66
C ASN A 43 -4.63 9.50 4.51
N SER A 44 -5.53 9.03 5.37
CA SER A 44 -6.92 9.51 5.40
C SER A 44 -7.10 10.77 6.25
N LEU A 45 -6.00 11.21 6.85
CA LEU A 45 -6.02 12.41 7.67
C LEU A 45 -5.57 13.59 6.82
N PHE A 46 -5.66 14.79 7.36
CA PHE A 46 -5.25 15.97 6.60
C PHE A 46 -5.11 17.20 7.50
N GLN A 47 -5.48 17.03 8.76
CA GLN A 47 -5.40 18.10 9.74
C GLN A 47 -6.38 19.22 9.37
N PRO A 48 -7.35 19.53 10.24
CA PRO A 48 -8.34 20.56 9.98
C PRO A 48 -7.74 21.96 10.03
N TYR A 49 -7.43 22.51 8.85
CA TYR A 49 -6.85 23.84 8.76
C TYR A 49 -5.45 23.87 9.37
N GLY A 50 -4.96 25.08 9.62
CA GLY A 50 -3.62 25.23 10.19
C GLY A 50 -2.91 26.47 9.69
N VAL A 51 -3.24 27.61 10.31
CA VAL A 51 -2.65 28.90 9.95
C VAL A 51 -1.36 29.20 10.71
N GLY A 52 -1.08 28.37 11.73
CA GLY A 52 0.11 28.56 12.53
C GLY A 52 0.00 27.91 13.89
N LYS A 53 -0.48 26.67 13.92
CA LYS A 53 -0.64 25.93 15.16
C LYS A 53 -0.33 24.46 14.95
N VAL A 54 -0.69 23.61 15.92
CA VAL A 54 -0.42 22.19 15.83
C VAL A 54 -1.70 21.39 15.62
N ASN A 55 -1.61 20.31 14.84
CA ASN A 55 -2.76 19.45 14.56
C ASN A 55 -2.42 17.97 14.75
N PHE A 56 -3.33 17.26 15.43
CA PHE A 56 -3.15 15.83 15.70
C PHE A 56 -4.03 14.99 14.80
N THR A 57 -3.40 14.09 14.04
CA THR A 57 -4.13 13.21 13.12
C THR A 57 -4.00 11.76 13.56
N ALA A 58 -5.14 11.10 13.75
CA ALA A 58 -5.18 9.70 14.17
C ALA A 58 -6.46 9.00 13.69
N GLY A 59 -6.37 7.70 13.47
CA GLY A 59 -7.53 6.94 13.01
C GLY A 59 -7.17 5.53 12.61
N VAL A 60 -8.19 4.68 12.49
CA VAL A 60 -7.98 3.28 12.11
C VAL A 60 -8.53 3.01 10.71
N GLY A 61 -8.15 1.86 10.15
CA GLY A 61 -8.61 1.50 8.82
C GLY A 61 -8.68 0.00 8.63
N GLY A 62 -8.98 -0.43 7.40
CA GLY A 62 -9.07 -1.85 7.11
C GLY A 62 -8.98 -2.14 5.62
N TYR A 63 -8.31 -3.25 5.28
CA TYR A 63 -8.16 -3.64 3.88
C TYR A 63 -8.49 -5.12 3.70
N ARG A 64 -9.23 -5.43 2.63
CA ARG A 64 -9.62 -6.81 2.35
C ARG A 64 -10.48 -7.37 3.46
N SER A 65 -9.85 -7.80 4.55
CA SER A 65 -10.56 -8.35 5.70
C SER A 65 -9.72 -8.23 6.97
N SER A 66 -8.92 -7.18 7.06
CA SER A 66 -8.08 -6.94 8.22
C SER A 66 -8.25 -5.51 8.74
N GLN A 67 -7.73 -5.25 9.94
CA GLN A 67 -7.84 -3.93 10.55
C GLN A 67 -6.49 -3.48 11.11
N ALA A 68 -6.19 -2.18 10.97
CA ALA A 68 -4.93 -1.63 11.47
C ALA A 68 -5.14 -0.26 12.10
N LEU A 69 -4.23 0.11 13.01
CA LEU A 69 -4.30 1.39 13.71
C LEU A 69 -3.16 2.31 13.26
N ALA A 70 -3.50 3.53 12.86
CA ALA A 70 -2.49 4.49 12.42
C ALA A 70 -2.54 5.78 13.23
N ILE A 71 -1.40 6.46 13.34
CA ILE A 71 -1.33 7.71 14.09
C ILE A 71 -0.30 8.66 13.49
N GLY A 72 -0.41 9.94 13.84
CA GLY A 72 0.52 10.93 13.31
C GLY A 72 0.16 12.33 13.75
N SER A 73 1.07 13.28 13.50
CA SER A 73 0.85 14.67 13.87
C SER A 73 1.80 15.60 13.13
N GLY A 74 1.34 16.80 12.83
CA GLY A 74 2.17 17.77 12.13
C GLY A 74 1.82 19.20 12.52
N TYR A 75 2.74 20.12 12.23
CA TYR A 75 2.53 21.53 12.56
C TYR A 75 2.26 22.35 11.29
N ARG A 76 1.08 22.97 11.25
CA ARG A 76 0.70 23.78 10.09
C ARG A 76 0.99 25.26 10.37
N VAL A 77 2.12 25.75 9.84
CA VAL A 77 2.51 27.14 10.02
C VAL A 77 2.14 27.99 8.81
N ASN A 78 1.49 29.12 9.05
CA ASN A 78 1.08 30.02 7.97
C ASN A 78 0.02 29.36 7.09
N GLU A 79 -0.29 30.01 5.98
CA GLU A 79 -1.29 29.51 5.05
C GLU A 79 -0.67 29.27 3.67
N SER A 80 0.64 29.04 3.64
CA SER A 80 1.35 28.79 2.39
C SER A 80 2.20 27.53 2.49
N VAL A 81 2.92 27.39 3.60
CA VAL A 81 3.76 26.22 3.82
C VAL A 81 3.13 25.29 4.85
N ALA A 82 3.38 24.00 4.70
CA ALA A 82 2.83 23.01 5.62
C ALA A 82 3.72 21.77 5.71
N LEU A 83 3.40 20.89 6.65
CA LEU A 83 4.16 19.66 6.83
C LEU A 83 3.37 18.66 7.66
N LYS A 84 3.50 17.37 7.32
CA LYS A 84 2.80 16.30 8.03
C LYS A 84 3.69 15.06 8.18
N ALA A 85 3.77 14.55 9.40
CA ALA A 85 4.57 13.37 9.68
C ALA A 85 3.93 12.51 10.77
N GLY A 86 3.92 11.20 10.54
CA GLY A 86 3.33 10.28 11.51
C GLY A 86 3.76 8.84 11.28
N VAL A 87 3.35 7.95 12.19
CA VAL A 87 3.69 6.54 12.09
C VAL A 87 2.44 5.67 12.08
N ALA A 88 2.49 4.56 11.35
CA ALA A 88 1.35 3.65 11.27
C ALA A 88 1.68 2.30 11.91
N TYR A 89 0.75 1.80 12.73
CA TYR A 89 0.92 0.52 13.41
C TYR A 89 0.01 -0.56 12.82
N ALA A 90 0.62 -1.53 12.14
CA ALA A 90 -0.13 -2.62 11.52
C ALA A 90 0.34 -3.98 12.03
N GLY A 91 -0.61 -4.83 12.40
CA GLY A 91 -0.28 -6.16 12.90
C GLY A 91 0.64 -6.10 14.10
N SER A 92 1.86 -6.58 13.93
CA SER A 92 2.84 -6.59 15.03
C SER A 92 4.18 -6.01 14.58
N SER A 93 4.79 -6.66 13.57
CA SER A 93 6.08 -6.23 13.03
C SER A 93 5.90 -5.47 11.71
N ASP A 94 4.77 -4.79 11.58
CA ASP A 94 4.48 -4.03 10.37
C ASP A 94 4.28 -2.56 10.70
N VAL A 95 5.38 -1.82 10.81
CA VAL A 95 5.32 -0.40 11.11
C VAL A 95 5.97 0.42 9.99
N MET A 96 5.37 1.57 9.71
CA MET A 96 5.88 2.46 8.66
C MET A 96 5.96 3.89 9.16
N TYR A 97 6.82 4.69 8.54
CA TYR A 97 7.00 6.08 8.93
C TYR A 97 6.90 7.01 7.73
N ASN A 98 6.07 8.05 7.84
CA ASN A 98 5.89 9.00 6.75
C ASN A 98 6.27 10.41 7.18
N ALA A 99 6.54 11.27 6.20
CA ALA A 99 6.91 12.66 6.45
C ALA A 99 6.99 13.45 5.15
N SER A 100 5.93 14.20 4.84
CA SER A 100 5.90 15.00 3.61
C SER A 100 5.66 16.48 3.91
N PHE A 101 5.62 17.30 2.86
CA PHE A 101 5.42 18.74 3.05
C PHE A 101 4.49 19.30 1.96
N ASN A 102 3.70 20.29 2.33
CA ASN A 102 2.78 20.93 1.40
C ASN A 102 3.21 22.36 1.10
N ILE A 103 2.90 22.85 -0.10
CA ILE A 103 3.26 24.21 -0.48
C ILE A 103 2.35 24.72 -1.58
N GLU A 104 2.15 26.04 -1.61
CA GLU A 104 1.29 26.65 -2.62
C GLU A 104 2.11 27.17 -3.80
N TRP A 105 1.71 26.82 -5.01
CA TRP A 105 2.41 27.26 -6.21
C TRP A 105 1.74 28.50 -6.80
N GLY B 1 10.62 -28.27 -20.56
CA GLY B 1 10.71 -26.85 -20.12
C GLY B 1 9.69 -25.96 -20.81
N ASP B 2 8.43 -26.36 -20.77
CA ASP B 2 7.35 -25.61 -21.39
C ASP B 2 7.79 -25.03 -22.74
N GLN B 3 8.11 -23.74 -22.75
CA GLN B 3 8.55 -23.06 -23.97
C GLN B 3 10.01 -22.65 -23.86
N ALA B 4 10.34 -21.91 -22.81
CA ALA B 4 11.70 -21.45 -22.58
C ALA B 4 11.83 -20.72 -21.26
N SER B 5 11.12 -19.60 -21.15
CA SER B 5 11.15 -18.79 -19.93
C SER B 5 10.48 -19.53 -18.77
N TRP B 6 9.25 -19.97 -18.98
CA TRP B 6 8.51 -20.69 -17.95
C TRP B 6 9.38 -21.78 -17.33
N SER B 7 9.42 -22.94 -17.99
CA SER B 7 10.22 -24.06 -17.50
C SER B 7 9.62 -24.60 -16.21
N HIS B 8 8.31 -24.78 -16.19
CA HIS B 8 7.61 -25.27 -15.00
C HIS B 8 7.91 -26.74 -14.74
N PRO B 9 7.72 -27.61 -15.76
CA PRO B 9 7.98 -29.05 -15.63
C PRO B 9 9.39 -29.33 -15.09
N GLN B 10 9.47 -30.02 -13.96
CA GLN B 10 10.75 -30.34 -13.34
C GLN B 10 10.87 -31.84 -13.05
N PHE B 11 9.94 -32.34 -12.24
CA PHE B 11 9.91 -33.75 -11.89
C PHE B 11 8.54 -34.33 -12.21
N GLU B 12 8.18 -35.41 -11.49
CA GLU B 12 6.90 -36.10 -11.68
C GLU B 12 5.75 -35.21 -11.21
N LYS B 13 6.03 -34.32 -10.28
CA LYS B 13 5.01 -33.43 -9.72
C LYS B 13 5.52 -32.00 -9.60
N GLY B 14 6.57 -31.68 -10.36
CA GLY B 14 7.14 -30.34 -10.32
C GLY B 14 6.36 -29.35 -11.17
N ALA B 15 5.62 -29.88 -12.14
CA ALA B 15 4.81 -29.05 -13.02
C ALA B 15 3.67 -28.39 -12.26
N HIS B 16 2.98 -29.19 -11.44
CA HIS B 16 1.87 -28.69 -10.66
C HIS B 16 2.36 -27.79 -9.51
N LYS B 17 3.54 -28.09 -9.00
CA LYS B 17 4.12 -27.32 -7.91
C LYS B 17 4.60 -25.96 -8.41
N PHE B 18 5.33 -25.98 -9.53
CA PHE B 18 5.87 -24.74 -10.10
C PHE B 18 4.74 -23.87 -10.65
N ARG B 19 3.76 -24.49 -11.28
CA ARG B 19 2.61 -23.78 -11.86
C ARG B 19 1.77 -23.14 -10.75
N GLN B 20 1.54 -23.90 -9.68
CA GLN B 20 0.74 -23.41 -8.57
C GLN B 20 1.42 -22.23 -7.87
N LEU B 21 2.74 -22.34 -7.70
CA LEU B 21 3.51 -21.28 -7.06
C LEU B 21 3.44 -19.99 -7.87
N ASP B 22 3.58 -20.13 -9.19
CA ASP B 22 3.53 -18.97 -10.09
C ASP B 22 2.16 -18.31 -10.06
N ASN B 23 1.12 -19.12 -9.82
CA ASN B 23 -0.25 -18.62 -9.76
C ASN B 23 -0.50 -17.88 -8.45
N ARG B 24 0.04 -18.41 -7.37
CA ARG B 24 -0.13 -17.83 -6.05
C ARG B 24 0.69 -16.55 -5.91
N LEU B 25 1.89 -16.56 -6.49
CA LEU B 25 2.77 -15.40 -6.45
C LEU B 25 2.18 -14.26 -7.26
N ASP B 26 1.81 -14.53 -8.50
CA ASP B 26 1.24 -13.53 -9.37
C ASP B 26 -0.03 -12.93 -8.76
N LYS B 27 -0.95 -13.80 -8.34
CA LYS B 27 -2.20 -13.35 -7.74
C LYS B 27 -1.94 -12.42 -6.56
N LEU B 28 -0.90 -12.73 -5.77
CA LEU B 28 -0.55 -11.90 -4.63
C LEU B 28 -0.16 -10.50 -5.11
N ASP B 29 0.60 -10.45 -6.19
CA ASP B 29 1.04 -9.19 -6.78
C ASP B 29 -0.14 -8.36 -7.30
N THR B 30 -1.08 -9.04 -7.95
CA THR B 30 -2.26 -8.39 -8.49
C THR B 30 -3.03 -7.65 -7.38
N ARG B 31 -3.25 -8.34 -6.26
CA ARG B 31 -3.97 -7.76 -5.14
C ARG B 31 -3.27 -6.50 -4.62
N VAL B 32 -1.94 -6.50 -4.66
CA VAL B 32 -1.15 -5.37 -4.18
C VAL B 32 -1.22 -4.21 -5.17
N ASP B 33 -1.25 -4.53 -6.46
CA ASP B 33 -1.32 -3.51 -7.50
C ASP B 33 -2.64 -2.75 -7.44
N LYS B 34 -3.75 -3.48 -7.49
CA LYS B 34 -5.07 -2.88 -7.44
C LYS B 34 -5.39 -2.37 -6.04
N GLY B 35 -4.93 -3.10 -5.02
CA GLY B 35 -5.17 -2.71 -3.66
C GLY B 35 -4.53 -1.38 -3.30
N LEU B 36 -3.28 -1.21 -3.72
CA LEU B 36 -2.54 0.03 -3.46
C LEU B 36 -3.10 1.18 -4.29
N ALA B 37 -3.50 0.88 -5.52
CA ALA B 37 -4.06 1.87 -6.43
C ALA B 37 -5.35 2.46 -5.88
N SER B 38 -6.20 1.59 -5.35
CA SER B 38 -7.48 2.02 -4.78
C SER B 38 -7.27 2.82 -3.50
N SER B 39 -6.54 2.22 -2.55
CA SER B 39 -6.26 2.87 -1.27
C SER B 39 -5.75 4.30 -1.49
N ALA B 40 -4.68 4.42 -2.26
CA ALA B 40 -4.08 5.72 -2.55
C ALA B 40 -5.13 6.67 -3.10
N ALA B 41 -5.86 6.24 -4.12
CA ALA B 41 -6.90 7.07 -4.72
C ALA B 41 -7.83 7.64 -3.66
N LEU B 42 -8.18 6.81 -2.68
CA LEU B 42 -9.04 7.26 -1.60
C LEU B 42 -8.29 8.17 -0.65
N ASN B 43 -7.00 7.90 -0.45
CA ASN B 43 -6.20 8.70 0.47
C ASN B 43 -5.76 10.03 -0.15
N SER B 44 -6.07 10.19 -1.43
CA SER B 44 -5.77 11.42 -2.17
C SER B 44 -6.84 12.50 -2.01
N LEU B 45 -7.89 12.17 -1.26
CA LEU B 45 -8.97 13.09 -0.98
C LEU B 45 -8.70 13.77 0.36
N PHE B 46 -9.51 14.77 0.71
CA PHE B 46 -9.32 15.46 1.96
C PHE B 46 -10.52 16.32 2.32
N GLN B 47 -11.48 16.38 1.40
CA GLN B 47 -12.70 17.15 1.60
C GLN B 47 -12.37 18.64 1.67
N PRO B 48 -12.90 19.47 0.74
CA PRO B 48 -12.64 20.90 0.72
C PRO B 48 -13.29 21.63 1.89
N TYR B 49 -12.51 21.90 2.92
CA TYR B 49 -13.02 22.60 4.10
C TYR B 49 -14.04 21.75 4.84
N GLY B 50 -14.80 22.38 5.73
CA GLY B 50 -15.80 21.67 6.50
C GLY B 50 -15.96 22.23 7.90
N VAL B 51 -16.74 23.31 8.02
CA VAL B 51 -16.99 23.98 9.29
C VAL B 51 -18.21 23.40 10.02
N GLY B 52 -18.96 22.56 9.32
CA GLY B 52 -20.14 21.95 9.92
C GLY B 52 -21.12 21.47 8.86
N LYS B 53 -20.62 20.79 7.85
CA LYS B 53 -21.46 20.27 6.77
C LYS B 53 -20.94 18.91 6.30
N VAL B 54 -21.44 18.45 5.15
CA VAL B 54 -21.03 17.16 4.61
C VAL B 54 -20.17 17.32 3.36
N ASN B 55 -19.18 16.44 3.20
CA ASN B 55 -18.29 16.47 2.05
C ASN B 55 -18.16 15.09 1.40
N PHE B 56 -18.24 15.07 0.06
CA PHE B 56 -18.12 13.82 -0.70
C PHE B 56 -16.76 13.72 -1.38
N THR B 57 -16.03 12.66 -1.08
CA THR B 57 -14.71 12.43 -1.66
C THR B 57 -14.72 11.19 -2.54
N ALA B 58 -14.30 11.37 -3.80
CA ALA B 58 -14.25 10.27 -4.76
C ALA B 58 -13.19 10.52 -5.84
N GLY B 59 -12.63 9.45 -6.38
CA GLY B 59 -11.61 9.57 -7.40
C GLY B 59 -10.95 8.25 -7.73
N VAL B 60 -10.26 8.19 -8.87
CA VAL B 60 -9.57 6.98 -9.29
C VAL B 60 -8.06 7.14 -9.21
N GLY B 61 -7.34 6.01 -9.30
CA GLY B 61 -5.90 6.05 -9.23
C GLY B 61 -5.26 4.90 -10.00
N GLY B 62 -3.94 4.79 -9.89
CA GLY B 62 -3.23 3.73 -10.59
C GLY B 62 -1.84 3.48 -10.02
N TYR B 63 -1.44 2.21 -9.99
CA TYR B 63 -0.13 1.84 -9.46
C TYR B 63 0.58 0.89 -10.41
N ARG B 64 1.88 1.12 -10.62
CA ARG B 64 2.67 0.29 -11.51
C ARG B 64 2.13 0.34 -12.95
N SER B 65 1.07 -0.42 -13.21
CA SER B 65 0.45 -0.45 -14.53
C SER B 65 -1.00 -0.90 -14.44
N SER B 66 -1.67 -0.55 -13.34
CA SER B 66 -3.06 -0.92 -13.14
C SER B 66 -3.89 0.29 -12.72
N GLN B 67 -5.21 0.15 -12.75
CA GLN B 67 -6.11 1.24 -12.38
C GLN B 67 -7.20 0.75 -11.43
N ALA B 68 -7.56 1.60 -10.46
CA ALA B 68 -8.59 1.25 -9.49
C ALA B 68 -9.50 2.45 -9.19
N LEU B 69 -10.72 2.15 -8.74
CA LEU B 69 -11.70 3.18 -8.41
C LEU B 69 -11.95 3.22 -6.90
N ALA B 70 -11.84 4.41 -6.31
CA ALA B 70 -12.07 4.56 -4.88
C ALA B 70 -13.16 5.58 -4.58
N ILE B 71 -13.85 5.42 -3.46
CA ILE B 71 -14.92 6.34 -3.06
C ILE B 71 -14.99 6.48 -1.55
N GLY B 72 -15.66 7.54 -1.09
CA GLY B 72 -15.79 7.77 0.34
C GLY B 72 -16.47 9.09 0.65
N SER B 73 -16.84 9.28 1.92
CA SER B 73 -17.50 10.51 2.34
C SER B 73 -17.44 10.66 3.86
N GLY B 74 -17.37 11.91 4.31
CA GLY B 74 -17.31 12.19 5.73
C GLY B 74 -17.96 13.51 6.09
N TYR B 75 -18.28 13.68 7.36
CA TYR B 75 -18.91 14.92 7.83
C TYR B 75 -17.93 15.76 8.65
N ARG B 76 -17.67 16.97 8.17
CA ARG B 76 -16.76 17.88 8.85
C ARG B 76 -17.53 18.87 9.73
N VAL B 77 -17.59 18.58 11.02
CA VAL B 77 -18.30 19.42 11.98
C VAL B 77 -17.33 20.35 12.72
N ASN B 78 -17.67 21.64 12.76
CA ASN B 78 -16.83 22.62 13.43
C ASN B 78 -15.49 22.79 12.72
N GLU B 79 -14.57 23.52 13.36
CA GLU B 79 -13.25 23.76 12.79
C GLU B 79 -12.17 23.22 13.71
N SER B 80 -12.52 22.24 14.53
CA SER B 80 -11.57 21.64 15.47
C SER B 80 -11.58 20.11 15.35
N VAL B 81 -12.78 19.54 15.29
CA VAL B 81 -12.92 18.09 15.16
C VAL B 81 -13.35 17.72 13.75
N ALA B 82 -12.92 16.55 13.29
CA ALA B 82 -13.26 16.09 11.95
C ALA B 82 -13.28 14.56 11.88
N LEU B 83 -13.75 14.03 10.76
CA LEU B 83 -13.82 12.59 10.56
C LEU B 83 -13.99 12.26 9.07
N LYS B 84 -13.35 11.17 8.64
CA LYS B 84 -13.42 10.74 7.24
C LYS B 84 -13.50 9.23 7.13
N ALA B 85 -14.46 8.73 6.37
CA ALA B 85 -14.64 7.30 6.18
C ALA B 85 -15.14 6.99 4.77
N GLY B 86 -14.55 5.97 4.15
CA GLY B 86 -14.94 5.58 2.81
C GLY B 86 -14.46 4.19 2.44
N VAL B 87 -14.87 3.71 1.26
CA VAL B 87 -14.48 2.39 0.79
C VAL B 87 -13.80 2.47 -0.57
N ALA B 88 -12.83 1.58 -0.81
CA ALA B 88 -12.11 1.56 -2.07
C ALA B 88 -12.39 0.29 -2.85
N TYR B 89 -12.66 0.43 -4.16
CA TYR B 89 -12.96 -0.70 -5.03
C TYR B 89 -11.80 -0.97 -5.99
N ALA B 90 -11.11 -2.10 -5.78
CA ALA B 90 -9.98 -2.48 -6.63
C ALA B 90 -10.20 -3.86 -7.25
N GLY B 91 -9.95 -3.95 -8.55
CA GLY B 91 -10.13 -5.22 -9.26
C GLY B 91 -11.53 -5.76 -9.11
N SER B 92 -11.65 -6.90 -8.42
CA SER B 92 -12.95 -7.53 -8.22
C SER B 92 -13.18 -7.88 -6.74
N SER B 93 -12.30 -8.74 -6.21
CA SER B 93 -12.38 -9.17 -4.82
C SER B 93 -11.37 -8.44 -3.95
N ASP B 94 -11.05 -7.21 -4.33
CA ASP B 94 -10.10 -6.39 -3.59
C ASP B 94 -10.76 -5.11 -3.08
N VAL B 95 -11.45 -5.21 -1.95
CA VAL B 95 -12.12 -4.06 -1.36
C VAL B 95 -11.58 -3.78 0.04
N MET B 96 -11.46 -2.50 0.38
CA MET B 96 -10.96 -2.08 1.67
C MET B 96 -11.86 -1.01 2.28
N TYR B 97 -11.83 -0.90 3.61
CA TYR B 97 -12.66 0.07 4.31
C TYR B 97 -11.83 0.91 5.28
N ASN B 98 -11.94 2.23 5.20
CA ASN B 98 -11.19 3.13 6.07
C ASN B 98 -12.11 3.99 6.93
N ALA B 99 -11.57 4.53 8.01
CA ALA B 99 -12.34 5.39 8.92
C ALA B 99 -11.43 6.00 9.98
N SER B 100 -11.02 7.25 9.77
CA SER B 100 -10.14 7.93 10.72
C SER B 100 -10.78 9.23 11.22
N PHE B 101 -10.07 9.94 12.11
CA PHE B 101 -10.58 11.19 12.66
C PHE B 101 -9.46 12.23 12.79
N ASN B 102 -9.81 13.49 12.59
CA ASN B 102 -8.86 14.58 12.69
C ASN B 102 -9.16 15.46 13.90
N ILE B 103 -8.13 16.07 14.48
CA ILE B 103 -8.31 16.93 15.66
C ILE B 103 -7.17 17.92 15.77
N GLU B 104 -7.45 19.08 16.35
CA GLU B 104 -6.45 20.11 16.52
C GLU B 104 -5.82 20.05 17.91
N TRP B 105 -4.50 20.06 17.99
CA TRP B 105 -3.80 20.01 19.26
C TRP B 105 -3.41 21.41 19.72
N GLY C 1 22.56 -28.48 1.61
CA GLY C 1 21.72 -27.42 2.25
C GLY C 1 22.42 -26.08 2.31
N ASP C 2 22.94 -25.62 1.17
CA ASP C 2 23.63 -24.35 1.09
C ASP C 2 24.52 -24.13 2.32
N GLN C 3 24.04 -23.31 3.25
CA GLN C 3 24.78 -23.01 4.47
C GLN C 3 24.06 -23.58 5.69
N ALA C 4 22.79 -23.23 5.85
CA ALA C 4 22.00 -23.72 6.97
C ALA C 4 20.55 -23.25 6.85
N SER C 5 20.36 -21.93 6.91
CA SER C 5 19.03 -21.34 6.82
C SER C 5 18.44 -21.54 5.42
N TRP C 6 19.19 -21.12 4.40
CA TRP C 6 18.72 -21.27 3.03
C TRP C 6 18.19 -22.68 2.78
N SER C 7 19.10 -23.60 2.48
CA SER C 7 18.72 -24.99 2.22
C SER C 7 17.93 -25.08 0.92
N HIS C 8 18.41 -24.41 -0.12
CA HIS C 8 17.73 -24.41 -1.41
C HIS C 8 17.85 -25.76 -2.11
N PRO C 9 19.07 -26.30 -2.26
CA PRO C 9 19.28 -27.61 -2.90
C PRO C 9 18.40 -28.69 -2.30
N GLN C 10 17.57 -29.32 -3.13
CA GLN C 10 16.67 -30.38 -2.66
C GLN C 10 16.82 -31.64 -3.51
N PHE C 11 16.56 -31.48 -4.81
CA PHE C 11 16.68 -32.60 -5.75
C PHE C 11 17.59 -32.20 -6.90
N GLU C 12 17.39 -32.85 -8.05
CA GLU C 12 18.20 -32.61 -9.24
C GLU C 12 17.92 -31.22 -9.80
N LYS C 13 16.72 -30.70 -9.54
CA LYS C 13 16.31 -29.39 -10.04
C LYS C 13 15.60 -28.57 -8.95
N GLY C 14 15.83 -28.94 -7.69
CA GLY C 14 15.20 -28.25 -6.58
C GLY C 14 15.94 -26.96 -6.23
N ALA C 15 17.21 -26.90 -6.60
CA ALA C 15 18.04 -25.72 -6.34
C ALA C 15 17.55 -24.52 -7.13
N HIS C 16 17.28 -24.75 -8.41
CA HIS C 16 16.81 -23.69 -9.30
C HIS C 16 15.37 -23.31 -8.98
N LYS C 17 14.59 -24.29 -8.54
CA LYS C 17 13.19 -24.07 -8.19
C LYS C 17 13.08 -23.29 -6.89
N PHE C 18 13.84 -23.71 -5.87
CA PHE C 18 13.81 -23.05 -4.58
C PHE C 18 14.42 -21.65 -4.65
N ARG C 19 15.50 -21.52 -5.42
CA ARG C 19 16.18 -20.25 -5.58
C ARG C 19 15.31 -19.26 -6.33
N GLN C 20 14.65 -19.74 -7.39
CA GLN C 20 13.78 -18.89 -8.19
C GLN C 20 12.58 -18.40 -7.39
N LEU C 21 12.01 -19.29 -6.58
CA LEU C 21 10.87 -18.95 -5.75
C LEU C 21 11.23 -17.87 -4.73
N ASP C 22 12.41 -18.02 -4.12
CA ASP C 22 12.88 -17.06 -3.13
C ASP C 22 13.13 -15.70 -3.77
N ASN C 23 13.51 -15.71 -5.05
CA ASN C 23 13.77 -14.47 -5.77
C ASN C 23 12.48 -13.76 -6.15
N ARG C 24 11.48 -14.55 -6.53
CA ARG C 24 10.18 -14.02 -6.93
C ARG C 24 9.41 -13.51 -5.72
N LEU C 25 9.52 -14.25 -4.61
CA LEU C 25 8.84 -13.87 -3.39
C LEU C 25 9.42 -12.58 -2.81
N ASP C 26 10.74 -12.55 -2.68
CA ASP C 26 11.42 -11.38 -2.15
C ASP C 26 11.13 -10.16 -3.01
N LYS C 27 11.33 -10.28 -4.32
CA LYS C 27 11.08 -9.18 -5.24
C LYS C 27 9.67 -8.63 -5.08
N LEU C 28 8.71 -9.53 -4.86
CA LEU C 28 7.32 -9.11 -4.68
C LEU C 28 7.20 -8.24 -3.44
N ASP C 29 7.88 -8.64 -2.37
CA ASP C 29 7.90 -7.90 -1.11
C ASP C 29 8.52 -6.51 -1.27
N THR C 30 9.62 -6.46 -2.03
CA THR C 30 10.31 -5.20 -2.26
C THR C 30 9.37 -4.18 -2.91
N ARG C 31 8.65 -4.61 -3.93
CA ARG C 31 7.71 -3.74 -4.65
C ARG C 31 6.64 -3.19 -3.71
N VAL C 32 6.23 -4.01 -2.75
CA VAL C 32 5.21 -3.61 -1.78
C VAL C 32 5.76 -2.62 -0.77
N ASP C 33 7.02 -2.82 -0.38
CA ASP C 33 7.67 -1.96 0.59
C ASP C 33 7.84 -0.54 0.03
N LYS C 34 8.48 -0.44 -1.13
CA LYS C 34 8.71 0.85 -1.77
C LYS C 34 7.41 1.40 -2.35
N GLY C 35 6.58 0.52 -2.87
CA GLY C 35 5.31 0.94 -3.46
C GLY C 35 4.39 1.59 -2.43
N LEU C 36 4.28 0.97 -1.26
CA LEU C 36 3.44 1.48 -0.18
C LEU C 36 4.03 2.75 0.41
N ALA C 37 5.36 2.79 0.52
CA ALA C 37 6.06 3.95 1.07
C ALA C 37 5.84 5.19 0.21
N SER C 38 5.91 5.01 -1.11
CA SER C 38 5.71 6.12 -2.04
C SER C 38 4.26 6.58 -2.04
N SER C 39 3.35 5.64 -2.26
CA SER C 39 1.91 5.96 -2.29
C SER C 39 1.51 6.77 -1.06
N ALA C 40 1.79 6.22 0.12
CA ALA C 40 1.48 6.88 1.38
C ALA C 40 2.03 8.31 1.39
N ALA C 41 3.33 8.43 1.10
CA ALA C 41 3.99 9.75 1.08
C ALA C 41 3.18 10.73 0.25
N LEU C 42 2.66 10.28 -0.89
CA LEU C 42 1.86 11.13 -1.76
C LEU C 42 0.48 11.36 -1.15
N ASN C 43 -0.05 10.35 -0.47
CA ASN C 43 -1.38 10.46 0.12
C ASN C 43 -1.37 11.26 1.42
N SER C 44 -0.16 11.63 1.87
CA SER C 44 0.03 12.42 3.08
C SER C 44 -0.06 13.92 2.82
N LEU C 45 -0.28 14.28 1.56
CA LEU C 45 -0.43 15.68 1.17
C LEU C 45 -1.92 16.01 1.12
N PHE C 46 -2.25 17.28 0.93
CA PHE C 46 -3.65 17.68 0.87
C PHE C 46 -3.81 19.09 0.31
N GLN C 47 -2.68 19.75 0.08
CA GLN C 47 -2.67 21.09 -0.46
C GLN C 47 -3.28 22.07 0.55
N PRO C 48 -2.51 23.06 1.03
CA PRO C 48 -3.00 24.04 1.99
C PRO C 48 -4.04 24.99 1.40
N TYR C 49 -5.31 24.69 1.64
CA TYR C 49 -6.39 25.53 1.13
C TYR C 49 -6.45 25.46 -0.40
N GLY C 50 -7.18 26.40 -0.98
CA GLY C 50 -7.31 26.44 -2.43
C GLY C 50 -8.68 26.94 -2.87
N VAL C 51 -8.83 28.27 -2.89
CA VAL C 51 -10.08 28.92 -3.29
C VAL C 51 -10.15 29.18 -4.80
N GLY C 52 -9.02 29.01 -5.48
CA GLY C 52 -8.97 29.23 -6.90
C GLY C 52 -7.56 29.49 -7.40
N LYS C 53 -6.62 28.66 -6.94
CA LYS C 53 -5.22 28.79 -7.34
C LYS C 53 -4.58 27.42 -7.50
N VAL C 54 -3.25 27.39 -7.59
CA VAL C 54 -2.52 26.14 -7.75
C VAL C 54 -1.74 25.77 -6.48
N ASN C 55 -1.68 24.48 -6.19
CA ASN C 55 -0.96 23.98 -5.01
C ASN C 55 -0.02 22.83 -5.36
N PHE C 56 1.21 22.89 -4.84
CA PHE C 56 2.22 21.86 -5.09
C PHE C 56 2.39 20.96 -3.87
N THR C 57 2.18 19.67 -4.06
CA THR C 57 2.31 18.69 -2.98
C THR C 57 3.47 17.73 -3.26
N ALA C 58 4.41 17.66 -2.31
CA ALA C 58 5.58 16.79 -2.42
C ALA C 58 6.10 16.36 -1.04
N GLY C 59 6.71 15.18 -0.99
CA GLY C 59 7.24 14.68 0.27
C GLY C 59 7.70 13.25 0.17
N VAL C 60 8.49 12.80 1.15
CA VAL C 60 9.00 11.43 1.17
C VAL C 60 8.35 10.63 2.30
N GLY C 61 8.53 9.31 2.25
CA GLY C 61 7.96 8.44 3.26
C GLY C 61 8.77 7.17 3.45
N GLY C 62 8.26 6.26 4.27
CA GLY C 62 8.95 5.01 4.52
C GLY C 62 8.04 3.95 5.12
N TYR C 63 8.25 2.70 4.71
CA TYR C 63 7.44 1.59 5.20
C TYR C 63 8.33 0.43 5.63
N ARG C 64 8.01 -0.18 6.77
CA ARG C 64 8.79 -1.30 7.29
C ARG C 64 10.22 -0.88 7.57
N SER C 65 11.05 -0.83 6.52
CA SER C 65 12.45 -0.45 6.65
C SER C 65 13.00 0.10 5.34
N SER C 66 12.14 0.74 4.55
CA SER C 66 12.54 1.30 3.27
C SER C 66 12.08 2.77 3.16
N GLN C 67 12.61 3.46 2.15
CA GLN C 67 12.26 4.86 1.93
C GLN C 67 11.93 5.13 0.46
N ALA C 68 10.94 5.98 0.23
CA ALA C 68 10.52 6.32 -1.14
C ALA C 68 10.21 7.81 -1.28
N LEU C 69 10.32 8.31 -2.50
CA LEU C 69 10.04 9.73 -2.78
C LEU C 69 8.78 9.87 -3.62
N ALA C 70 7.86 10.73 -3.18
CA ALA C 70 6.61 10.94 -3.90
C ALA C 70 6.42 12.42 -4.26
N ILE C 71 5.69 12.68 -5.34
CA ILE C 71 5.44 14.05 -5.78
C ILE C 71 4.07 14.17 -6.44
N GLY C 72 3.57 15.39 -6.54
CA GLY C 72 2.28 15.63 -7.16
C GLY C 72 1.84 17.07 -7.07
N SER C 73 0.78 17.42 -7.80
CA SER C 73 0.26 18.78 -7.80
C SER C 73 -1.16 18.82 -8.35
N GLY C 74 -1.96 19.76 -7.83
CA GLY C 74 -3.33 19.90 -8.28
C GLY C 74 -3.82 21.33 -8.19
N TYR C 75 -4.89 21.64 -8.90
CA TYR C 75 -5.45 22.98 -8.89
C TYR C 75 -6.77 23.03 -8.10
N ARG C 76 -6.79 23.84 -7.05
CA ARG C 76 -7.97 23.98 -6.21
C ARG C 76 -8.78 25.20 -6.63
N VAL C 77 -9.84 24.97 -7.42
CA VAL C 77 -10.71 26.05 -7.89
C VAL C 77 -11.96 26.17 -7.03
N ASN C 78 -12.27 27.39 -6.59
CA ASN C 78 -13.44 27.64 -5.77
C ASN C 78 -13.31 26.96 -4.41
N GLU C 79 -14.39 26.96 -3.65
CA GLU C 79 -14.41 26.35 -2.32
C GLU C 79 -15.44 25.24 -2.25
N SER C 80 -15.77 24.66 -3.40
CA SER C 80 -16.75 23.58 -3.47
C SER C 80 -16.20 22.39 -4.24
N VAL C 81 -15.56 22.67 -5.37
CA VAL C 81 -14.98 21.62 -6.20
C VAL C 81 -13.46 21.63 -6.07
N ALA C 82 -12.85 20.44 -6.19
CA ALA C 82 -11.40 20.32 -6.08
C ALA C 82 -10.88 19.13 -6.88
N LEU C 83 -9.56 19.04 -7.01
CA LEU C 83 -8.95 17.94 -7.74
C LEU C 83 -7.47 17.83 -7.37
N LYS C 84 -6.97 16.59 -7.30
CA LYS C 84 -5.57 16.33 -6.96
C LYS C 84 -5.01 15.19 -7.79
N ALA C 85 -3.84 15.41 -8.39
CA ALA C 85 -3.19 14.39 -9.21
C ALA C 85 -1.67 14.49 -9.10
N GLY C 86 -1.02 13.34 -8.96
CA GLY C 86 0.42 13.31 -8.84
C GLY C 86 1.00 11.93 -9.09
N VAL C 87 2.33 11.84 -9.10
CA VAL C 87 3.01 10.56 -9.32
C VAL C 87 3.97 10.25 -8.18
N ALA C 88 4.12 8.96 -7.87
CA ALA C 88 4.99 8.53 -6.80
C ALA C 88 6.18 7.72 -7.34
N TYR C 89 7.38 8.03 -6.87
CA TYR C 89 8.59 7.34 -7.29
C TYR C 89 9.14 6.45 -6.18
N ALA C 90 9.05 5.13 -6.40
CA ALA C 90 9.53 4.15 -5.42
C ALA C 90 10.57 3.21 -6.04
N GLY C 91 11.68 3.02 -5.33
CA GLY C 91 12.73 2.15 -5.81
C GLY C 91 13.24 2.58 -7.18
N SER C 92 13.00 1.74 -8.19
CA SER C 92 13.45 2.04 -9.55
C SER C 92 12.32 1.86 -10.55
N SER C 93 11.80 0.63 -10.63
CA SER C 93 10.71 0.30 -11.55
C SER C 93 9.37 0.24 -10.83
N ASP C 94 9.24 1.03 -9.77
CA ASP C 94 8.01 1.06 -8.98
C ASP C 94 7.41 2.46 -8.98
N VAL C 95 6.66 2.77 -10.04
CA VAL C 95 6.03 4.08 -10.16
C VAL C 95 4.50 3.94 -10.25
N MET C 96 3.80 4.87 -9.62
CA MET C 96 2.34 4.85 -9.63
C MET C 96 1.79 6.23 -9.96
N TYR C 97 0.56 6.27 -10.49
CA TYR C 97 -0.07 7.53 -10.86
C TYR C 97 -1.47 7.64 -10.25
N ASN C 98 -1.74 8.77 -9.58
CA ASN C 98 -3.04 8.98 -8.96
C ASN C 98 -3.74 10.22 -9.53
N ALA C 99 -5.06 10.28 -9.34
CA ALA C 99 -5.86 11.40 -9.83
C ALA C 99 -7.30 11.30 -9.34
N SER C 100 -7.62 12.04 -8.28
CA SER C 100 -8.97 12.01 -7.72
C SER C 100 -9.58 13.42 -7.68
N PHE C 101 -10.82 13.51 -7.20
CA PHE C 101 -11.51 14.81 -7.13
C PHE C 101 -12.31 14.93 -5.83
N ASN C 102 -12.38 16.15 -5.31
CA ASN C 102 -13.12 16.42 -4.08
C ASN C 102 -14.36 17.27 -4.38
N ILE C 103 -15.40 17.10 -3.58
CA ILE C 103 -16.65 17.86 -3.77
C ILE C 103 -17.42 17.94 -2.47
N GLU C 104 -18.19 19.01 -2.30
CA GLU C 104 -18.99 19.20 -1.10
C GLU C 104 -20.42 18.74 -1.33
N TRP C 105 -20.94 17.92 -0.40
CA TRP C 105 -22.31 17.43 -0.51
C TRP C 105 -23.26 18.28 0.32
N GLY A 1 6.38 -61.57 -8.38
CA GLY A 1 5.92 -60.49 -9.30
C GLY A 1 4.75 -59.72 -8.76
N ASP A 2 4.88 -59.23 -7.52
CA ASP A 2 3.81 -58.47 -6.87
C ASP A 2 2.62 -59.36 -6.53
N GLN A 3 2.09 -59.16 -5.33
CA GLN A 3 0.95 -59.96 -4.87
C GLN A 3 -0.13 -59.05 -4.25
N ALA A 4 0.23 -58.41 -3.14
CA ALA A 4 -0.70 -57.52 -2.45
C ALA A 4 0.05 -56.45 -1.66
N SER A 5 1.27 -56.16 -2.10
CA SER A 5 2.12 -55.17 -1.45
C SER A 5 2.04 -53.83 -2.19
N TRP A 6 2.20 -52.74 -1.44
CA TRP A 6 2.15 -51.40 -2.03
C TRP A 6 3.55 -50.88 -2.29
N SER A 7 4.19 -50.39 -1.23
CA SER A 7 5.55 -49.85 -1.34
C SER A 7 5.57 -48.66 -2.27
N HIS A 8 4.60 -47.77 -2.13
CA HIS A 8 4.50 -46.59 -2.97
C HIS A 8 5.29 -45.40 -2.42
N PRO A 9 5.10 -45.09 -1.11
CA PRO A 9 5.82 -43.98 -0.47
C PRO A 9 7.33 -44.08 -0.66
N GLN A 10 7.88 -43.24 -1.54
CA GLN A 10 9.31 -43.25 -1.82
C GLN A 10 10.01 -42.05 -1.16
N PHE A 11 9.61 -40.85 -1.58
CA PHE A 11 10.17 -39.63 -1.03
C PHE A 11 9.05 -38.78 -0.43
N GLU A 12 9.45 -37.71 0.27
CA GLU A 12 8.51 -36.81 0.93
C GLU A 12 8.98 -35.37 0.82
N LYS A 13 9.77 -35.08 -0.22
CA LYS A 13 10.32 -33.74 -0.43
C LYS A 13 9.21 -32.75 -0.82
N GLY A 14 8.39 -33.12 -1.80
CA GLY A 14 7.31 -32.25 -2.24
C GLY A 14 6.36 -31.92 -1.12
N ALA A 15 6.29 -32.78 -0.13
CA ALA A 15 5.41 -32.59 1.02
C ALA A 15 5.83 -31.38 1.83
N HIS A 16 7.14 -31.25 2.04
CA HIS A 16 7.69 -30.14 2.80
C HIS A 16 7.78 -28.87 1.94
N LYS A 17 7.91 -29.06 0.64
CA LYS A 17 8.01 -27.95 -0.31
C LYS A 17 6.72 -27.14 -0.31
N PHE A 18 5.58 -27.84 -0.35
CA PHE A 18 4.28 -27.17 -0.37
C PHE A 18 3.96 -26.54 0.99
N ARG A 19 4.54 -27.10 2.04
CA ARG A 19 4.32 -26.60 3.40
C ARG A 19 4.92 -25.20 3.55
N GLN A 20 6.20 -25.06 3.22
CA GLN A 20 6.88 -23.78 3.33
C GLN A 20 6.43 -22.81 2.24
N LEU A 21 6.00 -23.37 1.12
CA LEU A 21 5.52 -22.57 -0.01
C LEU A 21 4.29 -21.75 0.40
N ASP A 22 3.23 -22.44 0.80
CA ASP A 22 1.99 -21.79 1.21
C ASP A 22 2.21 -20.97 2.48
N ASN A 23 3.29 -21.27 3.20
CA ASN A 23 3.62 -20.56 4.43
C ASN A 23 4.15 -19.16 4.14
N ARG A 24 5.09 -19.08 3.20
CA ARG A 24 5.69 -17.80 2.82
C ARG A 24 4.73 -16.99 1.98
N LEU A 25 3.99 -17.66 1.10
CA LEU A 25 3.03 -17.00 0.24
C LEU A 25 1.92 -16.36 1.06
N ASP A 26 1.30 -17.14 1.93
CA ASP A 26 0.24 -16.64 2.78
C ASP A 26 0.71 -15.45 3.61
N LYS A 27 1.92 -15.56 4.15
CA LYS A 27 2.47 -14.48 4.97
C LYS A 27 2.67 -13.21 4.16
N LEU A 28 2.95 -13.37 2.86
CA LEU A 28 3.14 -12.22 1.98
C LEU A 28 1.86 -11.40 1.93
N ASP A 29 0.73 -12.10 1.76
CA ASP A 29 -0.58 -11.46 1.71
C ASP A 29 -0.97 -10.83 3.05
N THR A 30 -0.50 -11.44 4.13
CA THR A 30 -0.79 -10.94 5.47
C THR A 30 -0.01 -9.64 5.74
N ARG A 31 1.20 -9.56 5.21
CA ARG A 31 2.04 -8.38 5.40
C ARG A 31 1.51 -7.19 4.59
N VAL A 32 1.06 -7.47 3.38
CA VAL A 32 0.53 -6.42 2.50
C VAL A 32 -0.86 -6.00 2.93
N ASP A 33 -1.61 -6.93 3.51
CA ASP A 33 -2.97 -6.64 3.97
C ASP A 33 -2.95 -5.69 5.17
N LYS A 34 -2.06 -5.96 6.12
CA LYS A 34 -1.94 -5.15 7.32
C LYS A 34 -1.22 -3.83 7.01
N GLY A 35 -0.18 -3.91 6.18
CA GLY A 35 0.57 -2.72 5.81
C GLY A 35 -0.30 -1.69 5.12
N LEU A 36 -1.15 -2.14 4.22
CA LEU A 36 -2.04 -1.25 3.48
C LEU A 36 -3.19 -0.77 4.35
N ALA A 37 -3.55 -1.57 5.36
CA ALA A 37 -4.61 -1.23 6.28
C ALA A 37 -4.22 -0.08 7.19
N SER A 38 -2.99 -0.11 7.67
CA SER A 38 -2.48 0.93 8.55
C SER A 38 -1.99 2.14 7.75
N SER A 39 -1.35 1.87 6.61
CA SER A 39 -0.84 2.92 5.75
C SER A 39 -1.96 3.87 5.31
N ALA A 40 -2.99 3.30 4.70
CA ALA A 40 -4.13 4.07 4.24
C ALA A 40 -4.82 4.78 5.41
N ALA A 41 -4.80 4.13 6.57
CA ALA A 41 -5.42 4.70 7.77
C ALA A 41 -4.74 6.00 8.16
N LEU A 42 -3.42 6.09 7.93
CA LEU A 42 -2.68 7.29 8.25
C LEU A 42 -2.84 8.32 7.15
N ASN A 43 -2.93 7.87 5.91
CA ASN A 43 -3.07 8.79 4.78
C ASN A 43 -4.47 9.38 4.67
N SER A 44 -5.40 8.76 5.39
CA SER A 44 -6.80 9.21 5.43
C SER A 44 -6.97 10.55 6.14
N LEU A 45 -6.01 10.88 6.98
CA LEU A 45 -6.01 12.15 7.70
C LEU A 45 -5.63 13.27 6.73
N PHE A 46 -5.87 14.51 7.13
CA PHE A 46 -5.54 15.63 6.25
C PHE A 46 -5.35 16.91 7.04
N GLN A 47 -5.56 16.83 8.34
CA GLN A 47 -5.40 17.97 9.24
C GLN A 47 -6.44 19.04 8.90
N PRO A 48 -7.26 19.47 9.89
CA PRO A 48 -8.29 20.48 9.68
C PRO A 48 -7.78 21.90 9.87
N TYR A 49 -7.66 22.63 8.77
CA TYR A 49 -7.18 24.00 8.81
C TYR A 49 -5.71 24.05 9.22
N GLY A 50 -5.18 25.26 9.34
CA GLY A 50 -3.79 25.44 9.73
C GLY A 50 -3.29 26.84 9.48
N VAL A 51 -3.97 27.81 10.10
CA VAL A 51 -3.63 29.24 9.97
C VAL A 51 -2.47 29.65 10.86
N GLY A 52 -2.11 28.76 11.81
CA GLY A 52 -1.02 29.04 12.72
C GLY A 52 -1.13 28.24 14.00
N LYS A 53 -1.28 26.92 13.86
CA LYS A 53 -1.38 26.04 15.02
C LYS A 53 -0.95 24.63 14.66
N VAL A 54 -1.31 23.67 15.51
CA VAL A 54 -0.94 22.27 15.26
C VAL A 54 -2.17 21.39 15.05
N ASN A 55 -2.07 20.43 14.13
CA ASN A 55 -3.17 19.52 13.83
C ASN A 55 -2.76 18.06 14.06
N PHE A 56 -3.39 17.43 15.04
CA PHE A 56 -3.12 16.04 15.38
C PHE A 56 -3.90 15.08 14.47
N THR A 57 -3.20 14.11 13.91
CA THR A 57 -3.81 13.13 13.02
C THR A 57 -3.88 11.75 13.68
N ALA A 58 -5.08 11.18 13.72
CA ALA A 58 -5.30 9.87 14.32
C ALA A 58 -6.56 9.20 13.75
N GLY A 59 -6.40 7.95 13.33
CA GLY A 59 -7.52 7.21 12.77
C GLY A 59 -7.18 5.77 12.47
N VAL A 60 -8.21 4.94 12.24
CA VAL A 60 -8.01 3.53 11.96
C VAL A 60 -8.57 3.17 10.58
N GLY A 61 -8.11 2.05 10.04
CA GLY A 61 -8.57 1.59 8.74
C GLY A 61 -8.47 0.09 8.57
N GLY A 62 -8.65 -0.39 7.35
CA GLY A 62 -8.57 -1.81 7.07
C GLY A 62 -8.56 -2.13 5.60
N TYR A 63 -7.70 -3.07 5.21
CA TYR A 63 -7.59 -3.47 3.80
C TYR A 63 -7.83 -4.96 3.64
N ARG A 64 -8.62 -5.33 2.64
CA ARG A 64 -8.93 -6.74 2.39
C ARG A 64 -9.80 -7.31 3.51
N SER A 65 -9.16 -7.85 4.54
CA SER A 65 -9.86 -8.44 5.68
C SER A 65 -9.08 -8.25 6.97
N SER A 66 -8.22 -7.24 7.00
CA SER A 66 -7.40 -6.95 8.17
C SER A 66 -7.52 -5.48 8.57
N GLN A 67 -7.56 -5.21 9.86
CA GLN A 67 -7.67 -3.85 10.37
C GLN A 67 -6.37 -3.40 11.05
N ALA A 68 -6.11 -2.09 11.03
CA ALA A 68 -4.91 -1.54 11.64
C ALA A 68 -5.16 -0.16 12.23
N LEU A 69 -4.16 0.38 12.93
CA LEU A 69 -4.26 1.70 13.55
C LEU A 69 -3.16 2.62 13.02
N ALA A 70 -3.49 3.90 12.86
CA ALA A 70 -2.53 4.88 12.37
C ALA A 70 -2.50 6.13 13.24
N ILE A 71 -1.30 6.61 13.56
CA ILE A 71 -1.15 7.81 14.38
C ILE A 71 -0.12 8.76 13.79
N GLY A 72 -0.19 10.03 14.18
CA GLY A 72 0.74 11.02 13.68
C GLY A 72 0.40 12.42 14.13
N SER A 73 1.19 13.39 13.69
CA SER A 73 0.96 14.79 14.06
C SER A 73 1.77 15.73 13.17
N GLY A 74 1.21 16.90 12.91
CA GLY A 74 1.89 17.89 12.07
C GLY A 74 1.54 19.30 12.46
N TYR A 75 2.36 20.25 12.02
CA TYR A 75 2.13 21.66 12.33
C TYR A 75 2.10 22.50 11.06
N ARG A 76 1.11 23.40 10.97
CA ARG A 76 0.97 24.27 9.82
C ARG A 76 1.00 25.74 10.24
N VAL A 77 1.89 26.51 9.62
CA VAL A 77 2.03 27.94 9.92
C VAL A 77 1.49 28.81 8.79
N ASN A 78 0.77 29.86 9.13
CA ASN A 78 0.21 30.77 8.13
C ASN A 78 -0.76 30.03 7.22
N GLU A 79 -0.26 29.62 6.05
CA GLU A 79 -1.07 28.91 5.08
C GLU A 79 -0.24 28.57 3.84
N SER A 80 0.87 29.28 3.66
CA SER A 80 1.74 29.04 2.52
C SER A 80 2.52 27.73 2.68
N VAL A 81 3.34 27.67 3.72
CA VAL A 81 4.14 26.48 3.99
C VAL A 81 3.38 25.54 4.93
N ALA A 82 3.57 24.24 4.74
CA ALA A 82 2.91 23.25 5.57
C ALA A 82 3.77 22.01 5.76
N LEU A 83 3.52 21.28 6.85
CA LEU A 83 4.28 20.07 7.15
C LEU A 83 3.39 19.06 7.88
N LYS A 84 3.65 17.77 7.63
CA LYS A 84 2.88 16.69 8.26
C LYS A 84 3.74 15.44 8.42
N ALA A 85 3.60 14.78 9.57
CA ALA A 85 4.34 13.57 9.86
C ALA A 85 3.56 12.64 10.80
N GLY A 86 4.10 11.44 11.01
CA GLY A 86 3.43 10.48 11.88
C GLY A 86 3.97 9.07 11.70
N VAL A 87 3.36 8.12 12.40
CA VAL A 87 3.78 6.72 12.31
C VAL A 87 2.57 5.78 12.38
N ALA A 88 2.58 4.76 11.53
CA ALA A 88 1.48 3.79 11.49
C ALA A 88 1.91 2.45 12.06
N TYR A 89 0.99 1.78 12.74
CA TYR A 89 1.26 0.47 13.35
C TYR A 89 0.37 -0.62 12.75
N ALA A 90 1.00 -1.56 12.05
CA ALA A 90 0.27 -2.67 11.41
C ALA A 90 0.74 -4.03 11.95
N GLY A 91 -0.22 -4.86 12.33
CA GLY A 91 0.10 -6.18 12.85
C GLY A 91 0.96 -6.11 14.10
N SER A 92 2.18 -6.62 14.01
CA SER A 92 3.09 -6.62 15.15
C SER A 92 4.53 -6.46 14.69
N SER A 93 4.72 -6.21 13.40
CA SER A 93 6.04 -6.04 12.80
C SER A 93 5.97 -5.26 11.50
N ASP A 94 4.93 -4.45 11.36
CA ASP A 94 4.74 -3.65 10.16
C ASP A 94 4.53 -2.18 10.51
N VAL A 95 5.63 -1.47 10.78
CA VAL A 95 5.55 -0.06 11.13
C VAL A 95 6.17 0.80 10.02
N MET A 96 5.51 1.93 9.74
CA MET A 96 5.98 2.85 8.70
C MET A 96 5.96 4.28 9.21
N TYR A 97 6.98 5.05 8.83
CA TYR A 97 7.08 6.44 9.26
C TYR A 97 6.91 7.40 8.08
N ASN A 98 5.98 8.34 8.21
CA ASN A 98 5.71 9.30 7.14
C ASN A 98 6.19 10.71 7.54
N ALA A 99 6.55 11.51 6.53
CA ALA A 99 7.01 12.88 6.75
C ALA A 99 7.01 13.67 5.44
N SER A 100 5.87 14.28 5.12
CA SER A 100 5.75 15.07 3.89
C SER A 100 5.44 16.53 4.19
N PHE A 101 5.58 17.39 3.19
CA PHE A 101 5.32 18.82 3.37
C PHE A 101 4.44 19.36 2.24
N ASN A 102 3.61 20.34 2.57
CA ASN A 102 2.72 20.96 1.60
C ASN A 102 3.14 22.40 1.32
N ILE A 103 3.26 22.75 0.05
CA ILE A 103 3.66 24.11 -0.34
C ILE A 103 2.76 24.65 -1.44
N GLU A 104 2.02 25.70 -1.13
CA GLU A 104 1.11 26.31 -2.10
C GLU A 104 1.51 27.76 -2.38
N TRP A 105 1.07 28.29 -3.52
CA TRP A 105 1.38 29.67 -3.88
C TRP A 105 0.17 30.34 -4.51
N GLY B 1 23.45 -52.43 -24.49
CA GLY B 1 24.12 -51.27 -23.83
C GLY B 1 23.81 -49.95 -24.51
N ASP B 2 22.52 -49.68 -24.70
CA ASP B 2 22.07 -48.44 -25.34
C ASP B 2 22.43 -48.43 -26.82
N GLN B 3 21.49 -47.98 -27.65
CA GLN B 3 21.70 -47.92 -29.09
C GLN B 3 21.25 -46.58 -29.65
N ALA B 4 19.94 -46.32 -29.56
CA ALA B 4 19.38 -45.06 -30.05
C ALA B 4 18.11 -44.70 -29.30
N SER B 5 18.00 -45.21 -28.07
CA SER B 5 16.83 -44.95 -27.23
C SER B 5 17.12 -43.82 -26.24
N TRP B 6 16.08 -43.08 -25.89
CA TRP B 6 16.23 -41.98 -24.94
C TRP B 6 15.83 -42.41 -23.54
N SER B 7 14.51 -42.44 -23.29
CA SER B 7 13.99 -42.85 -21.99
C SER B 7 14.48 -41.89 -20.91
N HIS B 8 14.39 -40.60 -21.20
CA HIS B 8 14.85 -39.57 -20.26
C HIS B 8 13.73 -39.14 -19.31
N PRO B 9 12.53 -38.81 -19.85
CA PRO B 9 11.38 -38.39 -19.04
C PRO B 9 11.08 -39.39 -17.93
N GLN B 10 11.43 -39.02 -16.70
CA GLN B 10 11.19 -39.90 -15.55
C GLN B 10 10.01 -39.39 -14.71
N PHE B 11 10.16 -38.20 -14.17
CA PHE B 11 9.12 -37.58 -13.36
C PHE B 11 8.71 -36.24 -13.97
N GLU B 12 7.64 -35.66 -13.43
CA GLU B 12 7.11 -34.39 -13.92
C GLU B 12 6.62 -33.53 -12.75
N LYS B 13 7.19 -33.77 -11.57
CA LYS B 13 6.80 -33.02 -10.37
C LYS B 13 7.22 -31.56 -10.45
N GLY B 14 8.49 -31.33 -10.79
CA GLY B 14 9.00 -29.97 -10.90
C GLY B 14 8.22 -29.14 -11.91
N ALA B 15 7.62 -29.82 -12.87
CA ALA B 15 6.83 -29.16 -13.92
C ALA B 15 5.61 -28.49 -13.33
N HIS B 16 4.94 -29.19 -12.42
CA HIS B 16 3.74 -28.67 -11.78
C HIS B 16 4.10 -27.70 -10.65
N LYS B 17 5.29 -27.89 -10.06
CA LYS B 17 5.76 -27.04 -8.98
C LYS B 17 5.96 -25.61 -9.46
N PHE B 18 6.59 -25.47 -10.63
CA PHE B 18 6.85 -24.15 -11.19
C PHE B 18 5.57 -23.49 -11.70
N ARG B 19 4.59 -24.32 -12.06
CA ARG B 19 3.31 -23.83 -12.55
C ARG B 19 2.55 -23.09 -11.45
N GLN B 20 2.37 -23.75 -10.30
CA GLN B 20 1.66 -23.17 -9.18
C GLN B 20 2.51 -22.09 -8.50
N LEU B 21 3.82 -22.22 -8.61
CA LEU B 21 4.75 -21.27 -8.01
C LEU B 21 4.57 -19.88 -8.63
N ASP B 22 4.77 -19.81 -9.95
CA ASP B 22 4.63 -18.54 -10.66
C ASP B 22 3.18 -18.06 -10.64
N ASN B 23 2.26 -18.98 -10.34
CA ASN B 23 0.85 -18.65 -10.29
C ASN B 23 0.51 -17.86 -9.04
N ARG B 24 1.00 -18.34 -7.90
CA ARG B 24 0.75 -17.69 -6.62
C ARG B 24 1.60 -16.43 -6.48
N LEU B 25 2.83 -16.49 -6.98
CA LEU B 25 3.73 -15.36 -6.93
C LEU B 25 3.19 -14.18 -7.73
N ASP B 26 2.85 -14.46 -8.99
CA ASP B 26 2.31 -13.43 -9.87
C ASP B 26 1.05 -12.81 -9.27
N LYS B 27 0.19 -13.64 -8.71
CA LYS B 27 -1.05 -13.16 -8.11
C LYS B 27 -0.76 -12.24 -6.92
N LEU B 28 0.34 -12.51 -6.22
CA LEU B 28 0.72 -11.70 -5.07
C LEU B 28 0.97 -10.26 -5.53
N ASP B 29 1.71 -10.11 -6.62
CA ASP B 29 2.01 -8.80 -7.20
C ASP B 29 0.76 -8.11 -7.74
N THR B 30 -0.18 -8.91 -8.22
CA THR B 30 -1.43 -8.38 -8.76
C THR B 30 -2.31 -7.82 -7.64
N ARG B 31 -2.29 -8.49 -6.49
CA ARG B 31 -3.09 -8.07 -5.34
C ARG B 31 -2.54 -6.79 -4.72
N VAL B 32 -1.22 -6.70 -4.64
CA VAL B 32 -0.56 -5.52 -4.07
C VAL B 32 -0.60 -4.34 -5.02
N ASP B 33 -0.58 -4.64 -6.32
CA ASP B 33 -0.63 -3.61 -7.35
C ASP B 33 -1.98 -2.90 -7.37
N LYS B 34 -3.05 -3.69 -7.30
CA LYS B 34 -4.40 -3.14 -7.31
C LYS B 34 -4.75 -2.53 -5.97
N GLY B 35 -4.34 -3.20 -4.88
CA GLY B 35 -4.63 -2.70 -3.56
C GLY B 35 -4.02 -1.34 -3.31
N LEU B 36 -2.78 -1.15 -3.75
CA LEU B 36 -2.09 0.12 -3.58
C LEU B 36 -2.62 1.17 -4.54
N ALA B 37 -3.15 0.72 -5.67
CA ALA B 37 -3.72 1.62 -6.68
C ALA B 37 -5.01 2.27 -6.18
N SER B 38 -5.85 1.48 -5.53
CA SER B 38 -7.12 1.96 -5.01
C SER B 38 -6.92 2.64 -3.66
N SER B 39 -6.04 2.07 -2.83
CA SER B 39 -5.76 2.62 -1.51
C SER B 39 -5.27 4.06 -1.61
N ALA B 40 -4.20 4.26 -2.37
CA ALA B 40 -3.62 5.58 -2.58
C ALA B 40 -4.65 6.52 -3.21
N ALA B 41 -5.50 5.97 -4.07
CA ALA B 41 -6.53 6.77 -4.74
C ALA B 41 -7.50 7.37 -3.73
N LEU B 42 -7.76 6.63 -2.65
CA LEU B 42 -8.67 7.12 -1.61
C LEU B 42 -7.92 8.08 -0.68
N ASN B 43 -6.65 7.81 -0.42
CA ASN B 43 -5.88 8.65 0.48
C ASN B 43 -5.47 9.97 -0.16
N SER B 44 -5.61 10.04 -1.49
CA SER B 44 -5.30 11.24 -2.26
C SER B 44 -6.27 12.38 -1.99
N LEU B 45 -7.45 12.04 -1.50
CA LEU B 45 -8.47 13.02 -1.15
C LEU B 45 -8.06 13.71 0.15
N PHE B 46 -8.70 14.82 0.47
CA PHE B 46 -8.37 15.54 1.70
C PHE B 46 -9.51 16.40 2.18
N GLN B 47 -10.58 16.43 1.38
CA GLN B 47 -11.77 17.21 1.70
C GLN B 47 -11.43 18.70 1.69
N PRO B 48 -12.17 19.52 0.89
CA PRO B 48 -11.92 20.94 0.78
C PRO B 48 -12.68 21.75 1.83
N TYR B 49 -11.95 22.29 2.80
CA TYR B 49 -12.57 23.09 3.86
C TYR B 49 -13.44 22.22 4.75
N GLY B 50 -14.10 22.85 5.72
CA GLY B 50 -14.97 22.12 6.63
C GLY B 50 -15.33 22.94 7.86
N VAL B 51 -15.93 24.11 7.61
CA VAL B 51 -16.35 25.03 8.67
C VAL B 51 -17.68 24.61 9.31
N GLY B 52 -18.38 23.67 8.68
CA GLY B 52 -19.64 23.20 9.20
C GLY B 52 -20.52 22.60 8.11
N LYS B 53 -19.95 21.65 7.37
CA LYS B 53 -20.69 20.99 6.29
C LYS B 53 -20.09 19.61 6.02
N VAL B 54 -20.44 19.03 4.86
CA VAL B 54 -19.94 17.72 4.49
C VAL B 54 -19.07 17.78 3.23
N ASN B 55 -18.00 16.99 3.21
CA ASN B 55 -17.08 16.94 2.07
C ASN B 55 -17.00 15.53 1.47
N PHE B 56 -17.47 15.39 0.24
CA PHE B 56 -17.45 14.11 -0.47
C PHE B 56 -16.09 13.86 -1.12
N THR B 57 -15.54 12.67 -0.88
CA THR B 57 -14.25 12.30 -1.46
C THR B 57 -14.41 11.24 -2.54
N ALA B 58 -13.86 11.51 -3.71
CA ALA B 58 -13.94 10.59 -4.84
C ALA B 58 -12.80 10.84 -5.84
N GLY B 59 -12.11 9.77 -6.22
CA GLY B 59 -11.01 9.89 -7.15
C GLY B 59 -10.44 8.54 -7.55
N VAL B 60 -9.64 8.53 -8.63
CA VAL B 60 -9.03 7.29 -9.11
C VAL B 60 -7.51 7.39 -9.08
N GLY B 61 -6.85 6.24 -9.12
CA GLY B 61 -5.39 6.20 -9.10
C GLY B 61 -4.84 4.96 -9.76
N GLY B 62 -3.54 4.72 -9.58
CA GLY B 62 -2.91 3.56 -10.17
C GLY B 62 -1.50 3.34 -9.66
N TYR B 63 -1.16 2.09 -9.38
CA TYR B 63 0.17 1.74 -8.88
C TYR B 63 0.83 0.70 -9.78
N ARG B 64 2.11 0.92 -10.09
CA ARG B 64 2.85 0.01 -10.96
C ARG B 64 2.32 0.05 -12.38
N SER B 65 1.34 -0.80 -12.68
CA SER B 65 0.74 -0.85 -14.01
C SER B 65 -0.73 -1.22 -13.93
N SER B 66 -1.35 -0.96 -12.78
CA SER B 66 -2.77 -1.26 -12.58
C SER B 66 -3.51 -0.03 -12.05
N GLN B 67 -4.74 0.17 -12.52
CA GLN B 67 -5.55 1.30 -12.09
C GLN B 67 -6.73 0.84 -11.24
N ALA B 68 -7.19 1.72 -10.34
CA ALA B 68 -8.31 1.40 -9.46
C ALA B 68 -9.16 2.63 -9.17
N LEU B 69 -10.28 2.42 -8.47
CA LEU B 69 -11.19 3.51 -8.12
C LEU B 69 -11.37 3.59 -6.61
N ALA B 70 -11.49 4.81 -6.09
CA ALA B 70 -11.67 5.01 -4.65
C ALA B 70 -12.82 5.96 -4.36
N ILE B 71 -13.66 5.60 -3.39
CA ILE B 71 -14.81 6.43 -3.01
C ILE B 71 -14.90 6.56 -1.49
N GLY B 72 -15.61 7.60 -1.04
CA GLY B 72 -15.77 7.83 0.38
C GLY B 72 -16.48 9.14 0.68
N SER B 73 -16.64 9.44 1.96
CA SER B 73 -17.30 10.67 2.38
C SER B 73 -17.07 10.94 3.86
N GLY B 74 -16.98 12.22 4.21
CA GLY B 74 -16.75 12.60 5.60
C GLY B 74 -17.40 13.94 5.93
N TYR B 75 -17.56 14.21 7.22
CA TYR B 75 -18.18 15.44 7.67
C TYR B 75 -17.29 16.17 8.68
N ARG B 76 -17.15 17.48 8.48
CA ARG B 76 -16.32 18.29 9.37
C ARG B 76 -17.14 19.42 9.99
N VAL B 77 -17.12 19.51 11.32
CA VAL B 77 -17.86 20.55 12.04
C VAL B 77 -16.92 21.59 12.64
N ASN B 78 -17.30 22.86 12.52
CA ASN B 78 -16.48 23.94 13.07
C ASN B 78 -15.11 23.99 12.39
N GLU B 79 -14.12 23.39 13.05
CA GLU B 79 -12.77 23.35 12.53
C GLU B 79 -11.85 22.61 13.49
N SER B 80 -12.27 22.50 14.75
CA SER B 80 -11.48 21.81 15.77
C SER B 80 -11.50 20.29 15.55
N VAL B 81 -12.69 19.71 15.63
CA VAL B 81 -12.86 18.27 15.44
C VAL B 81 -13.16 17.96 13.97
N ALA B 82 -12.67 16.83 13.50
CA ALA B 82 -12.89 16.42 12.11
C ALA B 82 -12.99 14.90 11.99
N LEU B 83 -13.66 14.45 10.93
CA LEU B 83 -13.83 13.02 10.69
C LEU B 83 -13.87 12.74 9.19
N LYS B 84 -13.36 11.58 8.79
CA LYS B 84 -13.34 11.17 7.39
C LYS B 84 -13.41 9.65 7.25
N ALA B 85 -14.19 9.18 6.28
CA ALA B 85 -14.35 7.75 6.04
C ALA B 85 -14.63 7.48 4.57
N GLY B 86 -14.66 6.20 4.21
CA GLY B 86 -14.93 5.81 2.83
C GLY B 86 -14.53 4.38 2.53
N VAL B 87 -14.66 3.97 1.28
CA VAL B 87 -14.32 2.61 0.86
C VAL B 87 -13.69 2.61 -0.53
N ALA B 88 -12.63 1.81 -0.69
CA ALA B 88 -11.93 1.72 -1.97
C ALA B 88 -12.19 0.38 -2.65
N TYR B 89 -12.28 0.39 -3.97
CA TYR B 89 -12.53 -0.82 -4.75
C TYR B 89 -11.37 -1.13 -5.69
N ALA B 90 -10.68 -2.24 -5.44
CA ALA B 90 -9.54 -2.65 -6.26
C ALA B 90 -9.77 -4.03 -6.88
N GLY B 91 -9.53 -4.11 -8.20
CA GLY B 91 -9.73 -5.36 -8.90
C GLY B 91 -11.16 -5.86 -8.81
N SER B 92 -11.34 -7.01 -8.19
CA SER B 92 -12.67 -7.60 -8.03
C SER B 92 -12.80 -8.35 -6.72
N SER B 93 -11.78 -8.23 -5.87
CA SER B 93 -11.75 -8.89 -4.57
C SER B 93 -10.79 -8.19 -3.60
N ASP B 94 -10.55 -6.90 -3.86
CA ASP B 94 -9.66 -6.11 -3.02
C ASP B 94 -10.33 -4.83 -2.55
N VAL B 95 -11.15 -4.95 -1.51
CA VAL B 95 -11.86 -3.80 -0.96
C VAL B 95 -11.33 -3.46 0.44
N MET B 96 -11.19 -2.17 0.70
CA MET B 96 -10.70 -1.70 1.99
C MET B 96 -11.57 -0.56 2.52
N TYR B 97 -11.81 -0.56 3.83
CA TYR B 97 -12.63 0.46 4.45
C TYR B 97 -11.80 1.36 5.37
N ASN B 98 -11.88 2.68 5.15
CA ASN B 98 -11.13 3.63 5.97
C ASN B 98 -12.06 4.44 6.87
N ALA B 99 -11.51 4.88 8.01
CA ALA B 99 -12.28 5.68 8.97
C ALA B 99 -11.35 6.34 9.99
N SER B 100 -10.85 7.53 9.64
CA SER B 100 -9.94 8.26 10.53
C SER B 100 -10.53 9.60 10.95
N PHE B 101 -9.94 10.23 11.97
CA PHE B 101 -10.45 11.51 12.46
C PHE B 101 -9.30 12.51 12.63
N ASN B 102 -9.60 13.78 12.42
CA ASN B 102 -8.60 14.84 12.55
C ASN B 102 -8.93 15.73 13.74
N ILE B 103 -7.94 15.98 14.60
CA ILE B 103 -8.14 16.82 15.78
C ILE B 103 -7.00 17.82 15.92
N GLU B 104 -7.33 19.11 15.82
CA GLU B 104 -6.34 20.16 15.93
C GLU B 104 -6.66 21.08 17.11
N TRP B 105 -5.65 21.80 17.60
CA TRP B 105 -5.84 22.71 18.72
C TRP B 105 -5.05 24.00 18.49
N GLY C 1 29.30 -55.14 -0.14
CA GLY C 1 28.15 -54.65 0.66
C GLY C 1 28.46 -53.39 1.44
N ASP C 2 29.01 -52.38 0.76
CA ASP C 2 29.36 -51.12 1.40
C ASP C 2 30.55 -51.29 2.32
N GLN C 3 31.48 -50.33 2.26
CA GLN C 3 32.68 -50.37 3.09
C GLN C 3 32.93 -49.02 3.74
N ALA C 4 33.22 -48.02 2.91
CA ALA C 4 33.49 -46.67 3.40
C ALA C 4 33.14 -45.63 2.35
N SER C 5 32.23 -46.00 1.44
CA SER C 5 31.80 -45.11 0.37
C SER C 5 30.49 -44.42 0.72
N TRP C 6 30.30 -43.20 0.22
CA TRP C 6 29.08 -42.45 0.49
C TRP C 6 28.10 -42.58 -0.66
N SER C 7 28.33 -41.82 -1.73
CA SER C 7 27.47 -41.85 -2.90
C SER C 7 26.06 -41.42 -2.53
N HIS C 8 25.95 -40.34 -1.76
CA HIS C 8 24.66 -39.84 -1.32
C HIS C 8 24.08 -38.84 -2.32
N PRO C 9 24.87 -37.83 -2.75
CA PRO C 9 24.41 -36.82 -3.71
C PRO C 9 23.81 -37.45 -4.96
N GLN C 10 22.49 -37.42 -5.08
CA GLN C 10 21.81 -38.00 -6.22
C GLN C 10 21.32 -36.91 -7.18
N PHE C 11 20.42 -36.06 -6.68
CA PHE C 11 19.87 -34.96 -7.46
C PHE C 11 20.16 -33.65 -6.75
N GLU C 12 19.87 -32.54 -7.46
CA GLU C 12 20.12 -31.20 -6.93
C GLU C 12 18.99 -30.25 -7.36
N LYS C 13 17.81 -30.82 -7.59
CA LYS C 13 16.65 -30.03 -8.02
C LYS C 13 16.14 -29.13 -6.90
N GLY C 14 15.95 -29.70 -5.71
CA GLY C 14 15.47 -28.93 -4.58
C GLY C 14 16.40 -27.78 -4.23
N ALA C 15 17.67 -27.92 -4.60
CA ALA C 15 18.66 -26.89 -4.33
C ALA C 15 18.35 -25.62 -5.12
N HIS C 16 17.98 -25.80 -6.37
CA HIS C 16 17.65 -24.67 -7.25
C HIS C 16 16.24 -24.16 -6.98
N LYS C 17 15.38 -25.05 -6.49
CA LYS C 17 13.99 -24.70 -6.19
C LYS C 17 13.94 -23.68 -5.06
N PHE C 18 14.72 -23.91 -4.01
CA PHE C 18 14.74 -23.01 -2.86
C PHE C 18 15.43 -21.69 -3.20
N ARG C 19 16.34 -21.74 -4.19
CA ARG C 19 17.06 -20.55 -4.61
C ARG C 19 16.12 -19.54 -5.26
N GLN C 20 15.37 -20.00 -6.25
CA GLN C 20 14.43 -19.12 -6.95
C GLN C 20 13.21 -18.81 -6.08
N LEU C 21 12.90 -19.72 -5.16
CA LEU C 21 11.77 -19.54 -4.26
C LEU C 21 11.98 -18.32 -3.38
N ASP C 22 13.05 -18.34 -2.59
CA ASP C 22 13.37 -17.23 -1.70
C ASP C 22 13.70 -15.97 -2.47
N ASN C 23 14.02 -16.14 -3.76
CA ASN C 23 14.36 -15.02 -4.63
C ASN C 23 13.12 -14.22 -5.01
N ARG C 24 12.07 -14.93 -5.43
CA ARG C 24 10.83 -14.31 -5.83
C ARG C 24 10.05 -13.82 -4.61
N LEU C 25 10.10 -14.62 -3.54
CA LEU C 25 9.39 -14.27 -2.31
C LEU C 25 9.96 -12.99 -1.71
N ASP C 26 11.28 -12.96 -1.53
CA ASP C 26 11.94 -11.79 -0.97
C ASP C 26 11.65 -10.55 -1.81
N LYS C 27 11.68 -10.69 -3.12
CA LYS C 27 11.43 -9.58 -4.02
C LYS C 27 10.00 -9.06 -3.86
N LEU C 28 9.08 -9.96 -3.54
CA LEU C 28 7.68 -9.59 -3.34
C LEU C 28 7.58 -8.59 -2.19
N ASP C 29 8.27 -8.89 -1.09
CA ASP C 29 8.29 -8.02 0.08
C ASP C 29 8.99 -6.70 -0.20
N THR C 30 9.98 -6.74 -1.08
CA THR C 30 10.73 -5.55 -1.44
C THR C 30 9.87 -4.61 -2.29
N ARG C 31 9.03 -5.17 -3.13
CA ARG C 31 8.15 -4.39 -4.01
C ARG C 31 7.03 -3.73 -3.21
N VAL C 32 6.48 -4.47 -2.24
CA VAL C 32 5.40 -3.95 -1.41
C VAL C 32 5.92 -2.96 -0.37
N ASP C 33 7.16 -3.17 0.07
CA ASP C 33 7.78 -2.29 1.05
C ASP C 33 8.05 -0.92 0.47
N LYS C 34 8.59 -0.88 -0.74
CA LYS C 34 8.91 0.37 -1.42
C LYS C 34 7.64 1.03 -1.95
N GLY C 35 6.73 0.22 -2.50
CA GLY C 35 5.49 0.75 -3.04
C GLY C 35 4.66 1.45 -1.99
N LEU C 36 4.59 0.86 -0.80
CA LEU C 36 3.82 1.43 0.30
C LEU C 36 4.54 2.63 0.92
N ALA C 37 5.86 2.63 0.80
CA ALA C 37 6.70 3.71 1.33
C ALA C 37 6.50 4.99 0.53
N SER C 38 6.44 4.85 -0.79
CA SER C 38 6.27 6.00 -1.67
C SER C 38 4.79 6.38 -1.77
N SER C 39 3.93 5.37 -1.82
CA SER C 39 2.48 5.60 -1.91
C SER C 39 1.98 6.44 -0.76
N ALA C 40 2.25 5.96 0.47
CA ALA C 40 1.83 6.66 1.66
C ALA C 40 2.47 8.05 1.73
N ALA C 41 3.69 8.16 1.21
CA ALA C 41 4.40 9.44 1.21
C ALA C 41 3.65 10.47 0.38
N LEU C 42 3.00 10.02 -0.68
CA LEU C 42 2.23 10.93 -1.54
C LEU C 42 0.87 11.21 -0.91
N ASN C 43 0.28 10.21 -0.27
CA ASN C 43 -1.04 10.39 0.33
C ASN C 43 -0.99 11.20 1.62
N SER C 44 0.22 11.37 2.15
CA SER C 44 0.44 12.16 3.36
C SER C 44 0.20 13.65 3.16
N LEU C 45 0.27 14.08 1.91
CA LEU C 45 0.01 15.47 1.55
C LEU C 45 -1.49 15.72 1.62
N PHE C 46 -1.89 16.98 1.61
CA PHE C 46 -3.31 17.30 1.68
C PHE C 46 -3.60 18.69 1.11
N GLN C 47 -2.54 19.38 0.73
CA GLN C 47 -2.65 20.72 0.15
C GLN C 47 -3.19 21.69 1.19
N PRO C 48 -2.47 22.81 1.46
CA PRO C 48 -2.88 23.79 2.44
C PRO C 48 -3.80 24.86 1.87
N TYR C 49 -5.07 24.83 2.23
CA TYR C 49 -6.04 25.79 1.75
C TYR C 49 -6.28 25.61 0.24
N GLY C 50 -7.10 26.48 -0.32
CA GLY C 50 -7.42 26.41 -1.74
C GLY C 50 -8.62 27.25 -2.11
N VAL C 51 -8.54 28.55 -1.80
CA VAL C 51 -9.62 29.50 -2.09
C VAL C 51 -9.62 29.95 -3.55
N GLY C 52 -8.53 29.65 -4.26
CA GLY C 52 -8.43 30.04 -5.66
C GLY C 52 -6.98 30.13 -6.12
N LYS C 53 -6.22 29.06 -5.89
CA LYS C 53 -4.82 29.01 -6.28
C LYS C 53 -4.36 27.57 -6.47
N VAL C 54 -3.05 27.36 -6.50
CA VAL C 54 -2.50 26.02 -6.67
C VAL C 54 -1.69 25.58 -5.45
N ASN C 55 -1.80 24.30 -5.11
CA ASN C 55 -1.08 23.74 -3.96
C ASN C 55 -0.16 22.58 -4.39
N PHE C 56 1.14 22.80 -4.24
CA PHE C 56 2.15 21.80 -4.60
C PHE C 56 2.34 20.79 -3.47
N THR C 57 2.29 19.50 -3.82
CA THR C 57 2.47 18.44 -2.83
C THR C 57 3.80 17.73 -3.04
N ALA C 58 4.58 17.64 -1.96
CA ALA C 58 5.90 17.00 -2.00
C ALA C 58 6.32 16.53 -0.60
N GLY C 59 6.73 15.26 -0.52
CA GLY C 59 7.16 14.72 0.76
C GLY C 59 7.72 13.31 0.63
N VAL C 60 8.40 12.85 1.67
CA VAL C 60 8.99 11.52 1.66
C VAL C 60 8.42 10.66 2.80
N GLY C 61 8.57 9.34 2.66
CA GLY C 61 8.07 8.42 3.68
C GLY C 61 8.84 7.12 3.70
N GLY C 62 8.31 6.14 4.42
CA GLY C 62 8.96 4.85 4.52
C GLY C 62 8.09 3.79 5.18
N TYR C 63 8.10 2.59 4.63
CA TYR C 63 7.29 1.49 5.16
C TYR C 63 8.18 0.29 5.49
N ARG C 64 7.96 -0.30 6.67
CA ARG C 64 8.75 -1.46 7.10
C ARG C 64 10.19 -1.06 7.38
N SER C 65 11.04 -1.12 6.36
CA SER C 65 12.45 -0.76 6.50
C SER C 65 12.99 -0.15 5.21
N SER C 66 12.09 0.40 4.40
CA SER C 66 12.49 1.02 3.13
C SER C 66 11.91 2.43 3.01
N GLN C 67 12.69 3.34 2.46
CA GLN C 67 12.24 4.73 2.29
C GLN C 67 12.02 5.06 0.82
N ALA C 68 11.11 6.01 0.55
CA ALA C 68 10.80 6.40 -0.81
C ALA C 68 10.48 7.90 -0.89
N LEU C 69 10.30 8.40 -2.11
CA LEU C 69 9.98 9.80 -2.34
C LEU C 69 8.66 9.94 -3.12
N ALA C 70 7.87 10.96 -2.77
CA ALA C 70 6.60 11.19 -3.44
C ALA C 70 6.45 12.64 -3.90
N ILE C 71 5.98 12.82 -5.13
CA ILE C 71 5.78 14.17 -5.67
C ILE C 71 4.42 14.30 -6.35
N GLY C 72 3.95 15.53 -6.50
CA GLY C 72 2.67 15.78 -7.14
C GLY C 72 2.26 17.24 -7.08
N SER C 73 1.08 17.53 -7.61
CA SER C 73 0.57 18.90 -7.61
C SER C 73 -0.91 18.93 -7.97
N GLY C 74 -1.64 19.88 -7.37
CA GLY C 74 -3.05 20.01 -7.63
C GLY C 74 -3.53 21.45 -7.55
N TYR C 75 -4.71 21.72 -8.09
CA TYR C 75 -5.27 23.06 -8.08
C TYR C 75 -6.68 23.07 -7.50
N ARG C 76 -6.95 24.01 -6.61
CA ARG C 76 -8.26 24.13 -5.99
C ARG C 76 -8.86 25.50 -6.25
N VAL C 77 -10.08 25.53 -6.78
CA VAL C 77 -10.78 26.78 -7.08
C VAL C 77 -11.95 27.01 -6.12
N ASN C 78 -12.09 28.26 -5.66
CA ASN C 78 -13.17 28.60 -4.74
C ASN C 78 -13.05 27.81 -3.43
N GLU C 79 -13.79 26.71 -3.35
CA GLU C 79 -13.78 25.87 -2.17
C GLU C 79 -14.74 24.69 -2.34
N SER C 80 -15.68 24.83 -3.27
CA SER C 80 -16.65 23.77 -3.53
C SER C 80 -16.00 22.59 -4.25
N VAL C 81 -15.50 22.85 -5.46
CA VAL C 81 -14.86 21.82 -6.25
C VAL C 81 -13.35 21.80 -5.98
N ALA C 82 -12.76 20.62 -6.02
CA ALA C 82 -11.33 20.48 -5.77
C ALA C 82 -10.73 19.34 -6.60
N LEU C 83 -9.42 19.42 -6.84
CA LEU C 83 -8.72 18.41 -7.61
C LEU C 83 -7.28 18.25 -7.12
N LYS C 84 -6.77 17.02 -7.21
CA LYS C 84 -5.40 16.74 -6.78
C LYS C 84 -4.81 15.57 -7.57
N ALA C 85 -3.54 15.71 -7.95
CA ALA C 85 -2.84 14.68 -8.71
C ALA C 85 -1.34 14.69 -8.40
N GLY C 86 -0.64 13.70 -8.94
CA GLY C 86 0.80 13.59 -8.72
C GLY C 86 1.34 12.22 -9.07
N VAL C 87 2.63 12.01 -8.81
CA VAL C 87 3.28 10.75 -9.11
C VAL C 87 4.30 10.39 -8.03
N ALA C 88 4.33 9.13 -7.63
CA ALA C 88 5.27 8.67 -6.61
C ALA C 88 6.35 7.78 -7.20
N TYR C 89 7.57 7.88 -6.66
CA TYR C 89 8.70 7.10 -7.14
C TYR C 89 9.24 6.17 -6.05
N ALA C 90 9.11 4.87 -6.27
CA ALA C 90 9.57 3.86 -5.31
C ALA C 90 10.62 2.95 -5.93
N GLY C 91 11.73 2.76 -5.21
CA GLY C 91 12.80 1.92 -5.69
C GLY C 91 13.35 2.39 -7.02
N SER C 92 13.18 1.57 -8.06
CA SER C 92 13.69 1.91 -9.39
C SER C 92 12.78 1.35 -10.48
N SER C 93 11.63 0.81 -10.06
CA SER C 93 10.65 0.23 -10.98
C SER C 93 9.27 0.17 -10.35
N ASP C 94 9.02 1.05 -9.38
CA ASP C 94 7.75 1.10 -8.69
C ASP C 94 7.18 2.51 -8.71
N VAL C 95 6.55 2.89 -9.83
CA VAL C 95 5.97 4.21 -9.96
C VAL C 95 4.45 4.12 -10.04
N MET C 96 3.78 5.05 -9.36
CA MET C 96 2.32 5.09 -9.33
C MET C 96 1.81 6.51 -9.59
N TYR C 97 0.72 6.61 -10.34
CA TYR C 97 0.14 7.91 -10.67
C TYR C 97 -1.23 8.09 -10.01
N ASN C 98 -1.40 9.18 -9.27
CA ASN C 98 -2.65 9.45 -8.58
C ASN C 98 -3.39 10.63 -9.22
N ALA C 99 -4.71 10.62 -9.11
CA ALA C 99 -5.56 11.69 -9.67
C ALA C 99 -6.98 11.62 -9.10
N SER C 100 -7.18 12.26 -7.96
CA SER C 100 -8.50 12.25 -7.32
C SER C 100 -9.07 13.67 -7.22
N PHE C 101 -10.37 13.77 -6.91
CA PHE C 101 -11.02 15.07 -6.81
C PHE C 101 -11.85 15.16 -5.52
N ASN C 102 -11.94 16.36 -4.97
CA ASN C 102 -12.71 16.60 -3.75
C ASN C 102 -13.93 17.46 -4.05
N ILE C 103 -15.11 17.03 -3.59
CA ILE C 103 -16.33 17.78 -3.81
C ILE C 103 -17.14 17.88 -2.52
N GLU C 104 -17.31 19.10 -2.03
CA GLU C 104 -18.07 19.32 -0.81
C GLU C 104 -19.29 20.21 -1.07
N TRP C 105 -20.29 20.15 -0.19
CA TRP C 105 -21.49 20.95 -0.33
C TRP C 105 -21.93 21.50 1.01
N GLY A 1 5.39 -61.30 -7.98
CA GLY A 1 5.05 -60.16 -8.89
C GLY A 1 3.86 -59.36 -8.39
N ASP A 2 3.90 -58.95 -7.13
CA ASP A 2 2.82 -58.17 -6.55
C ASP A 2 1.67 -59.07 -6.11
N GLN A 3 1.19 -58.87 -4.89
CA GLN A 3 0.10 -59.68 -4.35
C GLN A 3 -0.95 -58.78 -3.68
N ALA A 4 -0.59 -58.25 -2.52
CA ALA A 4 -1.50 -57.37 -1.77
C ALA A 4 -0.71 -56.35 -0.94
N SER A 5 0.43 -55.93 -1.48
CA SER A 5 1.29 -54.96 -0.80
C SER A 5 0.92 -53.53 -1.20
N TRP A 6 1.31 -52.58 -0.36
CA TRP A 6 1.01 -51.17 -0.64
C TRP A 6 2.24 -50.46 -1.18
N SER A 7 3.13 -50.04 -0.28
CA SER A 7 4.36 -49.35 -0.67
C SER A 7 4.03 -48.18 -1.59
N HIS A 8 2.99 -47.43 -1.24
CA HIS A 8 2.57 -46.29 -2.04
C HIS A 8 3.48 -45.07 -1.84
N PRO A 9 3.70 -44.66 -0.58
CA PRO A 9 4.57 -43.51 -0.26
C PRO A 9 6.00 -43.72 -0.77
N GLN A 10 6.42 -42.88 -1.72
CA GLN A 10 7.76 -42.98 -2.28
C GLN A 10 8.66 -41.87 -1.77
N PHE A 11 8.35 -40.63 -2.17
CA PHE A 11 9.10 -39.46 -1.76
C PHE A 11 8.25 -38.61 -0.83
N GLU A 12 8.86 -37.54 -0.31
CA GLU A 12 8.19 -36.63 0.62
C GLU A 12 8.75 -35.22 0.49
N LYS A 13 9.35 -34.93 -0.66
CA LYS A 13 9.94 -33.61 -0.93
C LYS A 13 8.88 -32.57 -1.25
N GLY A 14 7.96 -32.92 -2.14
CA GLY A 14 6.90 -32.00 -2.53
C GLY A 14 6.09 -31.53 -1.34
N ALA A 15 5.97 -32.39 -0.34
CA ALA A 15 5.22 -32.06 0.88
C ALA A 15 5.86 -30.91 1.62
N HIS A 16 7.19 -30.94 1.71
CA HIS A 16 7.93 -29.89 2.40
C HIS A 16 7.95 -28.60 1.59
N LYS A 17 8.08 -28.73 0.28
CA LYS A 17 8.12 -27.59 -0.63
C LYS A 17 6.79 -26.84 -0.57
N PHE A 18 5.71 -27.56 -0.33
CA PHE A 18 4.38 -26.95 -0.26
C PHE A 18 4.20 -26.16 1.02
N ARG A 19 4.80 -26.65 2.11
CA ARG A 19 4.71 -25.99 3.40
C ARG A 19 5.37 -24.61 3.35
N GLN A 20 6.66 -24.59 3.02
CA GLN A 20 7.42 -23.35 2.94
C GLN A 20 6.82 -22.40 1.90
N LEU A 21 6.18 -22.99 0.89
CA LEU A 21 5.56 -22.21 -0.17
C LEU A 21 4.41 -21.37 0.38
N ASP A 22 3.42 -22.05 0.96
CA ASP A 22 2.25 -21.38 1.52
C ASP A 22 2.65 -20.52 2.71
N ASN A 23 3.78 -20.87 3.34
CA ASN A 23 4.27 -20.14 4.50
C ASN A 23 4.70 -18.71 4.11
N ARG A 24 5.59 -18.63 3.13
CA ARG A 24 6.09 -17.34 2.66
C ARG A 24 5.00 -16.58 1.91
N LEU A 25 4.21 -17.31 1.13
CA LEU A 25 3.13 -16.70 0.36
C LEU A 25 2.09 -16.09 1.30
N ASP A 26 1.67 -16.86 2.29
CA ASP A 26 0.68 -16.39 3.25
C ASP A 26 1.22 -15.21 4.05
N LYS A 27 2.53 -15.20 4.29
CA LYS A 27 3.15 -14.13 5.05
C LYS A 27 3.05 -12.80 4.31
N LEU A 28 3.28 -12.82 2.99
CA LEU A 28 3.19 -11.62 2.18
C LEU A 28 1.76 -11.08 2.20
N ASP A 29 0.80 -12.00 2.06
CA ASP A 29 -0.62 -11.65 2.08
C ASP A 29 -1.02 -10.94 3.38
N THR A 30 -0.31 -11.27 4.46
CA THR A 30 -0.58 -10.67 5.76
C THR A 30 0.05 -9.28 5.85
N ARG A 31 1.15 -9.09 5.14
CA ARG A 31 1.87 -7.81 5.14
C ARG A 31 1.18 -6.79 4.24
N VAL A 32 0.46 -7.29 3.24
CA VAL A 32 -0.25 -6.42 2.31
C VAL A 32 -1.59 -5.98 2.87
N ASP A 33 -2.17 -6.82 3.72
CA ASP A 33 -3.46 -6.53 4.34
C ASP A 33 -3.31 -5.50 5.45
N LYS A 34 -2.29 -5.69 6.29
CA LYS A 34 -2.04 -4.78 7.40
C LYS A 34 -1.22 -3.58 6.94
N GLY A 35 -0.40 -3.78 5.92
CA GLY A 35 0.42 -2.70 5.40
C GLY A 35 -0.40 -1.62 4.73
N LEU A 36 -1.39 -2.03 3.94
CA LEU A 36 -2.25 -1.10 3.22
C LEU A 36 -3.34 -0.56 4.14
N ALA A 37 -3.68 -1.33 5.17
CA ALA A 37 -4.71 -0.95 6.14
C ALA A 37 -4.20 0.12 7.09
N SER A 38 -2.96 -0.05 7.54
CA SER A 38 -2.34 0.90 8.45
C SER A 38 -1.88 2.16 7.71
N SER A 39 -1.29 1.96 6.54
CA SER A 39 -0.80 3.07 5.74
C SER A 39 -1.94 3.98 5.31
N ALA A 40 -2.99 3.38 4.75
CA ALA A 40 -4.16 4.12 4.30
C ALA A 40 -4.82 4.82 5.48
N ALA A 41 -4.85 4.15 6.63
CA ALA A 41 -5.46 4.73 7.83
C ALA A 41 -4.78 6.03 8.21
N LEU A 42 -3.46 6.09 8.04
CA LEU A 42 -2.71 7.30 8.37
C LEU A 42 -2.93 8.36 7.28
N ASN A 43 -2.90 7.94 6.02
CA ASN A 43 -3.07 8.89 4.93
C ASN A 43 -4.50 9.42 4.82
N SER A 44 -5.38 8.82 5.61
CA SER A 44 -6.79 9.22 5.66
C SER A 44 -7.00 10.58 6.31
N LEU A 45 -6.04 10.98 7.15
CA LEU A 45 -6.08 12.27 7.81
C LEU A 45 -5.55 13.33 6.87
N PHE A 46 -5.77 14.60 7.18
CA PHE A 46 -5.29 15.66 6.32
C PHE A 46 -5.05 16.95 7.09
N GLN A 47 -5.37 16.91 8.38
CA GLN A 47 -5.20 18.06 9.26
C GLN A 47 -6.22 19.14 8.93
N PRO A 48 -7.12 19.49 9.88
CA PRO A 48 -8.15 20.49 9.66
C PRO A 48 -7.62 21.91 9.79
N TYR A 49 -7.61 22.64 8.68
CA TYR A 49 -7.12 24.02 8.68
C TYR A 49 -5.70 24.09 9.21
N GLY A 50 -5.10 25.27 9.12
CA GLY A 50 -3.73 25.47 9.59
C GLY A 50 -3.25 26.88 9.37
N VAL A 51 -4.02 27.85 9.86
CA VAL A 51 -3.70 29.27 9.75
C VAL A 51 -2.55 29.68 10.66
N GLY A 52 -2.07 28.75 11.46
CA GLY A 52 -0.98 29.03 12.38
C GLY A 52 -1.10 28.26 13.68
N LYS A 53 -1.26 26.94 13.58
CA LYS A 53 -1.39 26.09 14.75
C LYS A 53 -0.98 24.66 14.42
N VAL A 54 -1.24 23.73 15.33
CA VAL A 54 -0.89 22.34 15.12
C VAL A 54 -2.12 21.46 14.89
N ASN A 55 -2.00 20.48 14.01
CA ASN A 55 -3.09 19.56 13.70
C ASN A 55 -2.71 18.11 13.93
N PHE A 56 -3.42 17.45 14.84
CA PHE A 56 -3.18 16.05 15.18
C PHE A 56 -3.94 15.11 14.25
N THR A 57 -3.25 14.09 13.76
CA THR A 57 -3.87 13.11 12.86
C THR A 57 -3.90 11.73 13.50
N ALA A 58 -5.11 11.20 13.66
CA ALA A 58 -5.31 9.88 14.27
C ALA A 58 -6.55 9.19 13.72
N GLY A 59 -6.43 7.92 13.39
CA GLY A 59 -7.56 7.17 12.87
C GLY A 59 -7.21 5.73 12.55
N VAL A 60 -8.23 4.91 12.27
CA VAL A 60 -8.02 3.51 11.95
C VAL A 60 -8.57 3.17 10.56
N GLY A 61 -8.01 2.13 9.94
CA GLY A 61 -8.45 1.73 8.62
C GLY A 61 -8.49 0.21 8.47
N GLY A 62 -8.73 -0.26 7.25
CA GLY A 62 -8.79 -1.68 7.00
C GLY A 62 -8.75 -2.01 5.52
N TYR A 63 -8.02 -3.06 5.17
CA TYR A 63 -7.89 -3.49 3.77
C TYR A 63 -8.10 -4.99 3.65
N ARG A 64 -8.90 -5.41 2.65
CA ARG A 64 -9.18 -6.82 2.43
C ARG A 64 -9.99 -7.39 3.58
N SER A 65 -9.31 -7.99 4.56
CA SER A 65 -9.97 -8.59 5.71
C SER A 65 -9.13 -8.43 6.98
N SER A 66 -8.36 -7.33 7.04
CA SER A 66 -7.51 -7.05 8.19
C SER A 66 -7.63 -5.59 8.61
N GLN A 67 -7.63 -5.35 9.92
CA GLN A 67 -7.74 -4.00 10.46
C GLN A 67 -6.41 -3.53 11.06
N ALA A 68 -6.20 -2.22 11.09
CA ALA A 68 -4.98 -1.65 11.63
C ALA A 68 -5.23 -0.28 12.27
N LEU A 69 -4.22 0.24 12.96
CA LEU A 69 -4.31 1.53 13.62
C LEU A 69 -3.26 2.49 13.08
N ALA A 70 -3.65 3.76 12.91
CA ALA A 70 -2.73 4.77 12.39
C ALA A 70 -2.63 5.99 13.33
N ILE A 71 -1.42 6.52 13.48
CA ILE A 71 -1.22 7.69 14.35
C ILE A 71 -0.20 8.65 13.73
N GLY A 72 -0.34 9.93 14.05
CA GLY A 72 0.56 10.94 13.53
C GLY A 72 0.11 12.34 13.84
N SER A 73 0.93 13.33 13.49
CA SER A 73 0.62 14.73 13.75
C SER A 73 1.59 15.64 13.03
N GLY A 74 1.14 16.87 12.75
CA GLY A 74 1.99 17.83 12.07
C GLY A 74 1.65 19.26 12.45
N TYR A 75 2.46 20.21 12.00
CA TYR A 75 2.24 21.61 12.30
C TYR A 75 2.19 22.46 11.04
N ARG A 76 1.22 23.37 10.98
CA ARG A 76 1.06 24.23 9.82
C ARG A 76 1.06 25.70 10.24
N VAL A 77 1.79 26.54 9.49
CA VAL A 77 1.88 27.96 9.79
C VAL A 77 1.36 28.80 8.62
N ASN A 78 0.59 29.85 8.93
CA ASN A 78 0.04 30.72 7.90
C ASN A 78 -0.93 29.96 7.00
N GLU A 79 -0.41 29.46 5.88
CA GLU A 79 -1.22 28.71 4.93
C GLU A 79 -0.37 28.27 3.73
N SER A 80 0.73 28.98 3.50
CA SER A 80 1.62 28.67 2.39
C SER A 80 2.38 27.37 2.65
N VAL A 81 3.21 27.39 3.69
CA VAL A 81 4.00 26.22 4.05
C VAL A 81 3.20 25.31 4.99
N ALA A 82 3.35 24.00 4.82
CA ALA A 82 2.64 23.04 5.65
C ALA A 82 3.53 21.85 6.01
N LEU A 83 3.25 21.24 7.15
CA LEU A 83 4.01 20.08 7.61
C LEU A 83 3.08 18.98 8.10
N LYS A 84 3.42 17.74 7.78
CA LYS A 84 2.62 16.57 8.19
C LYS A 84 3.46 15.31 8.25
N ALA A 85 3.42 14.63 9.39
CA ALA A 85 4.18 13.40 9.58
C ALA A 85 3.53 12.51 10.63
N GLY A 86 4.13 11.33 10.85
CA GLY A 86 3.58 10.40 11.82
C GLY A 86 4.09 8.99 11.63
N VAL A 87 3.47 8.04 12.30
CA VAL A 87 3.87 6.63 12.21
C VAL A 87 2.67 5.71 12.27
N ALA A 88 2.69 4.65 11.47
CA ALA A 88 1.59 3.69 11.42
C ALA A 88 2.01 2.34 12.00
N TYR A 89 1.11 1.72 12.77
CA TYR A 89 1.38 0.42 13.39
C TYR A 89 0.46 -0.66 12.82
N ALA A 90 1.07 -1.63 12.12
CA ALA A 90 0.33 -2.74 11.51
C ALA A 90 0.85 -4.08 12.00
N GLY A 91 -0.09 -4.98 12.32
CA GLY A 91 0.28 -6.30 12.80
C GLY A 91 1.16 -6.24 14.03
N SER A 92 2.39 -6.74 13.90
CA SER A 92 3.33 -6.75 15.03
C SER A 92 4.77 -6.61 14.55
N SER A 93 4.92 -6.17 13.29
CA SER A 93 6.24 -5.99 12.68
C SER A 93 6.14 -5.20 11.38
N ASP A 94 5.05 -4.47 11.23
CA ASP A 94 4.83 -3.66 10.02
C ASP A 94 4.72 -2.18 10.36
N VAL A 95 5.83 -1.59 10.80
CA VAL A 95 5.85 -0.18 11.15
C VAL A 95 6.31 0.66 9.97
N MET A 96 5.66 1.81 9.78
CA MET A 96 5.99 2.72 8.69
C MET A 96 6.08 4.15 9.20
N TYR A 97 7.14 4.85 8.80
CA TYR A 97 7.36 6.23 9.23
C TYR A 97 7.20 7.20 8.05
N ASN A 98 6.22 8.10 8.15
CA ASN A 98 5.98 9.08 7.09
C ASN A 98 6.44 10.48 7.50
N ALA A 99 6.80 11.29 6.51
CA ALA A 99 7.26 12.66 6.75
C ALA A 99 7.25 13.47 5.45
N SER A 100 6.15 14.18 5.21
CA SER A 100 6.03 14.99 3.99
C SER A 100 5.73 16.45 4.33
N PHE A 101 5.68 17.30 3.31
CA PHE A 101 5.42 18.72 3.51
C PHE A 101 4.61 19.31 2.36
N ASN A 102 3.65 20.17 2.69
CA ASN A 102 2.82 20.82 1.69
C ASN A 102 3.26 22.26 1.46
N ILE A 103 3.40 22.65 0.19
CA ILE A 103 3.82 24.01 -0.14
C ILE A 103 2.97 24.57 -1.28
N GLU A 104 2.24 25.64 -1.00
CA GLU A 104 1.40 26.26 -2.01
C GLU A 104 1.84 27.71 -2.27
N TRP A 105 1.59 28.19 -3.48
CA TRP A 105 1.96 29.55 -3.85
C TRP A 105 0.76 30.31 -4.43
N GLY B 1 22.35 -52.30 -24.72
CA GLY B 1 22.95 -51.17 -23.95
C GLY B 1 22.72 -49.82 -24.61
N ASP B 2 21.45 -49.54 -24.94
CA ASP B 2 21.09 -48.28 -25.56
C ASP B 2 21.36 -48.33 -27.07
N GLN B 3 20.38 -47.91 -27.86
CA GLN B 3 20.51 -47.90 -29.31
C GLN B 3 20.02 -46.57 -29.89
N ALA B 4 18.71 -46.37 -29.88
CA ALA B 4 18.11 -45.15 -30.40
C ALA B 4 16.81 -44.82 -29.68
N SER B 5 16.77 -45.15 -28.39
CA SER B 5 15.59 -44.90 -27.57
C SER B 5 15.67 -43.54 -26.90
N TRP B 6 14.52 -43.00 -26.49
CA TRP B 6 14.48 -41.70 -25.85
C TRP B 6 14.33 -41.86 -24.33
N SER B 7 13.10 -42.06 -23.88
CA SER B 7 12.82 -42.24 -22.46
C SER B 7 13.43 -41.09 -21.67
N HIS B 8 13.25 -39.87 -22.18
CA HIS B 8 13.81 -38.69 -21.52
C HIS B 8 12.96 -38.26 -20.31
N PRO B 9 11.63 -38.08 -20.50
CA PRO B 9 10.73 -37.69 -19.41
C PRO B 9 10.75 -38.70 -18.27
N GLN B 10 11.19 -38.27 -17.10
CA GLN B 10 11.26 -39.14 -15.93
C GLN B 10 10.17 -38.79 -14.92
N PHE B 11 10.30 -37.60 -14.32
CA PHE B 11 9.32 -37.12 -13.35
C PHE B 11 8.55 -35.95 -13.93
N GLU B 12 7.57 -35.47 -13.15
CA GLU B 12 6.72 -34.35 -13.58
C GLU B 12 6.24 -33.55 -12.36
N LYS B 13 6.99 -33.65 -11.26
CA LYS B 13 6.64 -32.95 -10.03
C LYS B 13 7.01 -31.48 -10.09
N GLY B 14 8.22 -31.19 -10.54
CA GLY B 14 8.69 -29.82 -10.64
C GLY B 14 7.78 -28.97 -11.52
N ALA B 15 7.16 -29.61 -12.51
CA ALA B 15 6.25 -28.93 -13.42
C ALA B 15 5.04 -28.39 -12.68
N HIS B 16 4.50 -29.21 -11.79
CA HIS B 16 3.32 -28.83 -11.01
C HIS B 16 3.68 -27.79 -9.95
N LYS B 17 4.84 -27.96 -9.34
CA LYS B 17 5.31 -27.04 -8.30
C LYS B 17 5.52 -25.64 -8.88
N PHE B 18 5.89 -25.58 -10.16
CA PHE B 18 6.12 -24.31 -10.82
C PHE B 18 4.80 -23.58 -11.11
N ARG B 19 3.77 -24.35 -11.43
CA ARG B 19 2.46 -23.79 -11.73
C ARG B 19 1.89 -23.08 -10.50
N GLN B 20 1.71 -23.84 -9.41
CA GLN B 20 1.17 -23.28 -8.17
C GLN B 20 2.05 -22.15 -7.64
N LEU B 21 3.34 -22.22 -7.95
CA LEU B 21 4.29 -21.20 -7.50
C LEU B 21 3.97 -19.86 -8.15
N ASP B 22 3.99 -19.82 -9.47
CA ASP B 22 3.70 -18.59 -10.21
C ASP B 22 2.25 -18.17 -10.03
N ASN B 23 1.40 -19.13 -9.67
CA ASN B 23 -0.01 -18.86 -9.45
C ASN B 23 -0.22 -17.96 -8.22
N ARG B 24 0.31 -18.41 -7.10
CA ARG B 24 0.19 -17.67 -5.84
C ARG B 24 1.04 -16.40 -5.88
N LEU B 25 2.21 -16.49 -6.50
CA LEU B 25 3.10 -15.35 -6.61
C LEU B 25 2.47 -14.26 -7.45
N ASP B 26 1.94 -14.64 -8.61
CA ASP B 26 1.30 -13.68 -9.51
C ASP B 26 0.06 -13.08 -8.86
N LYS B 27 -0.62 -13.86 -8.01
CA LYS B 27 -1.81 -13.38 -7.34
C LYS B 27 -1.49 -12.24 -6.39
N LEU B 28 -0.39 -12.38 -5.63
CA LEU B 28 0.02 -11.35 -4.69
C LEU B 28 0.35 -10.06 -5.46
N ASP B 29 1.08 -10.22 -6.57
CA ASP B 29 1.46 -9.09 -7.42
C ASP B 29 0.24 -8.31 -7.91
N THR B 30 -0.87 -9.01 -8.07
CA THR B 30 -2.11 -8.39 -8.53
C THR B 30 -2.81 -7.66 -7.38
N ARG B 31 -2.61 -8.15 -6.16
CA ARG B 31 -3.22 -7.56 -4.98
C ARG B 31 -2.47 -6.31 -4.54
N VAL B 32 -1.18 -6.26 -4.86
CA VAL B 32 -0.33 -5.12 -4.49
C VAL B 32 -0.49 -3.98 -5.50
N ASP B 33 -0.82 -4.32 -6.73
CA ASP B 33 -1.00 -3.33 -7.79
C ASP B 33 -2.34 -2.61 -7.64
N LYS B 34 -3.39 -3.39 -7.37
CA LYS B 34 -4.73 -2.83 -7.22
C LYS B 34 -4.95 -2.34 -5.78
N GLY B 35 -4.26 -2.97 -4.83
CA GLY B 35 -4.39 -2.59 -3.44
C GLY B 35 -3.81 -1.22 -3.16
N LEU B 36 -2.63 -0.96 -3.73
CA LEU B 36 -1.96 0.32 -3.55
C LEU B 36 -2.54 1.39 -4.47
N ALA B 37 -3.12 0.95 -5.58
CA ALA B 37 -3.73 1.86 -6.55
C ALA B 37 -5.08 2.39 -6.05
N SER B 38 -5.86 1.51 -5.45
CA SER B 38 -7.17 1.88 -4.91
C SER B 38 -7.03 2.63 -3.59
N SER B 39 -6.13 2.14 -2.74
CA SER B 39 -5.90 2.76 -1.43
C SER B 39 -5.37 4.17 -1.59
N ALA B 40 -4.33 4.33 -2.41
CA ALA B 40 -3.72 5.63 -2.66
C ALA B 40 -4.74 6.57 -3.30
N ALA B 41 -5.57 6.03 -4.19
CA ALA B 41 -6.59 6.82 -4.87
C ALA B 41 -7.54 7.46 -3.86
N LEU B 42 -7.86 6.73 -2.80
CA LEU B 42 -8.75 7.23 -1.77
C LEU B 42 -8.02 8.23 -0.88
N ASN B 43 -6.79 7.91 -0.51
CA ASN B 43 -6.01 8.79 0.36
C ASN B 43 -5.57 10.07 -0.35
N SER B 44 -5.79 10.11 -1.66
CA SER B 44 -5.46 11.26 -2.48
C SER B 44 -6.35 12.47 -2.21
N LEU B 45 -7.54 12.20 -1.69
CA LEU B 45 -8.48 13.25 -1.33
C LEU B 45 -8.12 13.79 0.04
N PHE B 46 -8.68 14.94 0.40
CA PHE B 46 -8.38 15.52 1.70
C PHE B 46 -9.53 16.39 2.20
N GLN B 47 -10.54 16.54 1.37
CA GLN B 47 -11.72 17.32 1.71
C GLN B 47 -11.37 18.82 1.68
N PRO B 48 -11.99 19.61 0.78
CA PRO B 48 -11.72 21.04 0.67
C PRO B 48 -12.43 21.85 1.75
N TYR B 49 -11.65 22.46 2.64
CA TYR B 49 -12.21 23.27 3.71
C TYR B 49 -13.20 22.46 4.55
N GLY B 50 -13.67 23.06 5.64
CA GLY B 50 -14.62 22.39 6.51
C GLY B 50 -14.99 23.23 7.71
N VAL B 51 -15.43 24.46 7.44
CA VAL B 51 -15.84 25.42 8.47
C VAL B 51 -17.18 25.05 9.11
N GLY B 52 -17.81 23.99 8.60
CA GLY B 52 -19.09 23.55 9.13
C GLY B 52 -19.98 22.98 8.04
N LYS B 53 -19.46 22.03 7.28
CA LYS B 53 -20.22 21.39 6.21
C LYS B 53 -19.67 20.01 5.91
N VAL B 54 -20.12 19.41 4.81
CA VAL B 54 -19.67 18.07 4.43
C VAL B 54 -18.79 18.11 3.18
N ASN B 55 -17.76 17.27 3.15
CA ASN B 55 -16.84 17.20 2.02
C ASN B 55 -16.78 15.79 1.42
N PHE B 56 -17.16 15.68 0.15
CA PHE B 56 -17.15 14.40 -0.56
C PHE B 56 -15.79 14.13 -1.19
N THR B 57 -15.30 12.91 -1.01
CA THR B 57 -14.01 12.51 -1.56
C THR B 57 -14.18 11.41 -2.61
N ALA B 58 -13.75 11.69 -3.83
CA ALA B 58 -13.84 10.75 -4.93
C ALA B 58 -12.72 10.96 -5.95
N GLY B 59 -12.11 9.86 -6.39
CA GLY B 59 -11.04 9.95 -7.36
C GLY B 59 -10.47 8.59 -7.72
N VAL B 60 -9.63 8.55 -8.77
CA VAL B 60 -9.02 7.31 -9.21
C VAL B 60 -7.50 7.39 -9.15
N GLY B 61 -6.85 6.23 -9.02
CA GLY B 61 -5.40 6.19 -8.96
C GLY B 61 -4.82 5.00 -9.72
N GLY B 62 -3.51 4.81 -9.60
CA GLY B 62 -2.87 3.70 -10.27
C GLY B 62 -1.47 3.43 -9.75
N TYR B 63 -1.11 2.16 -9.62
CA TYR B 63 0.21 1.77 -9.13
C TYR B 63 0.82 0.69 -10.01
N ARG B 64 2.10 0.85 -10.34
CA ARG B 64 2.79 -0.11 -11.20
C ARG B 64 2.22 -0.10 -12.61
N SER B 65 1.27 -1.01 -12.87
CA SER B 65 0.64 -1.11 -14.18
C SER B 65 -0.83 -1.50 -14.05
N SER B 66 -1.46 -1.09 -12.96
CA SER B 66 -2.86 -1.39 -12.72
C SER B 66 -3.61 -0.17 -12.22
N GLN B 67 -4.84 0.01 -12.68
CA GLN B 67 -5.67 1.14 -12.29
C GLN B 67 -6.80 0.71 -11.37
N ALA B 68 -7.27 1.64 -10.53
CA ALA B 68 -8.35 1.36 -9.58
C ALA B 68 -9.21 2.59 -9.34
N LEU B 69 -10.34 2.39 -8.65
CA LEU B 69 -11.26 3.48 -8.33
C LEU B 69 -11.41 3.63 -6.81
N ALA B 70 -11.49 4.88 -6.36
CA ALA B 70 -11.64 5.15 -4.92
C ALA B 70 -12.84 6.05 -4.64
N ILE B 71 -13.56 5.75 -3.56
CA ILE B 71 -14.73 6.54 -3.19
C ILE B 71 -14.81 6.72 -1.67
N GLY B 72 -15.42 7.82 -1.24
CA GLY B 72 -15.55 8.10 0.18
C GLY B 72 -16.06 9.50 0.46
N SER B 73 -16.31 9.79 1.73
CA SER B 73 -16.82 11.11 2.12
C SER B 73 -16.79 11.27 3.63
N GLY B 74 -16.73 12.52 4.08
CA GLY B 74 -16.68 12.81 5.50
C GLY B 74 -17.32 14.15 5.84
N TYR B 75 -17.46 14.43 7.13
CA TYR B 75 -18.06 15.68 7.56
C TYR B 75 -17.14 16.42 8.55
N ARG B 76 -17.01 17.72 8.35
CA ARG B 76 -16.16 18.54 9.22
C ARG B 76 -16.95 19.70 9.80
N VAL B 77 -16.78 19.94 11.10
CA VAL B 77 -17.48 21.03 11.78
C VAL B 77 -16.49 22.03 12.38
N ASN B 78 -16.78 23.33 12.24
CA ASN B 78 -15.92 24.37 12.76
C ASN B 78 -14.56 24.36 12.07
N GLU B 79 -13.61 23.67 12.69
CA GLU B 79 -12.25 23.58 12.14
C GLU B 79 -11.36 22.74 13.06
N SER B 80 -11.74 22.66 14.33
CA SER B 80 -10.97 21.89 15.31
C SER B 80 -11.11 20.39 15.06
N VAL B 81 -12.34 19.88 15.20
CA VAL B 81 -12.61 18.47 14.97
C VAL B 81 -12.90 18.21 13.50
N ALA B 82 -12.44 17.07 13.00
CA ALA B 82 -12.66 16.71 11.61
C ALA B 82 -12.95 15.22 11.46
N LEU B 83 -13.70 14.87 10.41
CA LEU B 83 -14.06 13.49 10.15
C LEU B 83 -13.86 13.14 8.67
N LYS B 84 -13.33 11.95 8.41
CA LYS B 84 -13.09 11.50 7.03
C LYS B 84 -13.08 9.97 6.95
N ALA B 85 -13.90 9.43 6.05
CA ALA B 85 -13.99 7.98 5.87
C ALA B 85 -14.44 7.64 4.45
N GLY B 86 -14.51 6.34 4.16
CA GLY B 86 -14.93 5.90 2.84
C GLY B 86 -14.54 4.47 2.57
N VAL B 87 -14.65 4.05 1.30
CA VAL B 87 -14.31 2.69 0.90
C VAL B 87 -13.68 2.68 -0.49
N ALA B 88 -12.67 1.83 -0.67
CA ALA B 88 -11.99 1.72 -1.95
C ALA B 88 -12.26 0.37 -2.62
N TYR B 89 -12.45 0.40 -3.93
CA TYR B 89 -12.74 -0.81 -4.71
C TYR B 89 -11.60 -1.12 -5.68
N ALA B 90 -10.92 -2.24 -5.43
CA ALA B 90 -9.81 -2.68 -6.28
C ALA B 90 -10.04 -4.08 -6.85
N GLY B 91 -9.75 -4.25 -8.13
CA GLY B 91 -9.93 -5.54 -8.78
C GLY B 91 -11.36 -6.04 -8.66
N SER B 92 -11.54 -7.17 -7.99
CA SER B 92 -12.86 -7.75 -7.82
C SER B 92 -12.97 -8.50 -6.49
N SER B 93 -12.04 -8.21 -5.58
CA SER B 93 -12.01 -8.84 -4.26
C SER B 93 -11.03 -8.13 -3.33
N ASP B 94 -10.71 -6.89 -3.66
CA ASP B 94 -9.80 -6.09 -2.86
C ASP B 94 -10.48 -4.84 -2.31
N VAL B 95 -11.41 -5.04 -1.39
CA VAL B 95 -12.14 -3.92 -0.80
C VAL B 95 -11.49 -3.50 0.52
N MET B 96 -11.41 -2.19 0.73
CA MET B 96 -10.81 -1.64 1.95
C MET B 96 -11.70 -0.55 2.54
N TYR B 97 -11.92 -0.63 3.85
CA TYR B 97 -12.76 0.35 4.53
C TYR B 97 -11.93 1.24 5.46
N ASN B 98 -11.94 2.54 5.19
CA ASN B 98 -11.18 3.49 6.00
C ASN B 98 -12.10 4.33 6.89
N ALA B 99 -11.56 4.79 8.03
CA ALA B 99 -12.33 5.61 8.97
C ALA B 99 -11.39 6.28 9.97
N SER B 100 -10.99 7.52 9.66
CA SER B 100 -10.10 8.27 10.55
C SER B 100 -10.71 9.60 10.96
N PHE B 101 -10.01 10.34 11.82
CA PHE B 101 -10.51 11.63 12.29
C PHE B 101 -9.35 12.60 12.54
N ASN B 102 -9.56 13.86 12.16
CA ASN B 102 -8.55 14.89 12.34
C ASN B 102 -8.91 15.79 13.52
N ILE B 103 -7.95 16.05 14.41
CA ILE B 103 -8.17 16.89 15.57
C ILE B 103 -7.02 17.87 15.78
N GLU B 104 -7.32 19.15 15.68
CA GLU B 104 -6.29 20.18 15.85
C GLU B 104 -6.62 21.08 17.06
N TRP B 105 -5.58 21.63 17.67
CA TRP B 105 -5.77 22.51 18.83
C TRP B 105 -5.04 23.84 18.62
N GLY C 1 28.79 -54.91 -0.21
CA GLY C 1 27.57 -54.38 0.47
C GLY C 1 27.87 -53.14 1.30
N ASP C 2 28.52 -52.16 0.69
CA ASP C 2 28.86 -50.92 1.38
C ASP C 2 30.11 -51.09 2.23
N GLN C 3 31.05 -50.15 2.10
CA GLN C 3 32.30 -50.19 2.85
C GLN C 3 32.61 -48.83 3.45
N ALA C 4 33.01 -47.89 2.61
CA ALA C 4 33.34 -46.55 3.06
C ALA C 4 33.06 -45.52 1.97
N SER C 5 32.01 -45.78 1.18
CA SER C 5 31.62 -44.88 0.10
C SER C 5 30.61 -43.85 0.58
N TRP C 6 30.51 -42.75 -0.16
CA TRP C 6 29.56 -41.68 0.21
C TRP C 6 28.31 -41.75 -0.66
N SER C 7 28.41 -41.19 -1.87
CA SER C 7 27.28 -41.20 -2.80
C SER C 7 26.04 -40.64 -2.12
N HIS C 8 26.20 -39.56 -1.37
CA HIS C 8 25.09 -38.96 -0.65
C HIS C 8 24.20 -38.12 -1.57
N PRO C 9 24.77 -37.19 -2.34
CA PRO C 9 24.01 -36.35 -3.29
C PRO C 9 23.27 -37.19 -4.32
N GLN C 10 21.94 -37.13 -4.30
CA GLN C 10 21.13 -37.89 -5.24
C GLN C 10 20.51 -36.98 -6.29
N PHE C 11 19.59 -36.12 -5.85
CA PHE C 11 18.93 -35.17 -6.73
C PHE C 11 19.39 -33.75 -6.41
N GLU C 12 18.90 -32.79 -7.20
CA GLU C 12 19.27 -31.39 -7.04
C GLU C 12 18.12 -30.49 -7.51
N LYS C 13 16.91 -31.03 -7.52
CA LYS C 13 15.74 -30.28 -7.97
C LYS C 13 15.25 -29.31 -6.88
N GLY C 14 15.15 -29.81 -5.65
CA GLY C 14 14.68 -28.98 -4.55
C GLY C 14 15.54 -27.74 -4.37
N ALA C 15 16.82 -27.87 -4.71
CA ALA C 15 17.76 -26.77 -4.58
C ALA C 15 17.38 -25.62 -5.51
N HIS C 16 17.00 -25.97 -6.74
CA HIS C 16 16.61 -24.98 -7.74
C HIS C 16 15.25 -24.38 -7.41
N LYS C 17 14.34 -25.21 -6.93
CA LYS C 17 12.99 -24.78 -6.57
C LYS C 17 13.05 -23.77 -5.43
N PHE C 18 14.03 -23.92 -4.56
CA PHE C 18 14.18 -23.03 -3.41
C PHE C 18 14.70 -21.66 -3.85
N ARG C 19 15.56 -21.65 -4.86
CA ARG C 19 16.13 -20.40 -5.37
C ARG C 19 15.04 -19.53 -5.98
N GLN C 20 14.34 -20.05 -6.97
CA GLN C 20 13.27 -19.30 -7.64
C GLN C 20 12.17 -18.92 -6.65
N LEU C 21 12.01 -19.74 -5.62
CA LEU C 21 10.99 -19.50 -4.60
C LEU C 21 11.30 -18.22 -3.84
N ASP C 22 12.47 -18.18 -3.19
CA ASP C 22 12.88 -17.02 -2.42
C ASP C 22 13.10 -15.81 -3.34
N ASN C 23 13.36 -16.08 -4.61
CA ASN C 23 13.58 -15.01 -5.59
C ASN C 23 12.30 -14.21 -5.82
N ARG C 24 11.23 -14.90 -6.18
CA ARG C 24 9.95 -14.26 -6.44
C ARG C 24 9.33 -13.74 -5.14
N LEU C 25 9.49 -14.51 -4.07
CA LEU C 25 8.95 -14.12 -2.77
C LEU C 25 9.62 -12.85 -2.27
N ASP C 26 10.95 -12.82 -2.34
CA ASP C 26 11.71 -11.66 -1.89
C ASP C 26 11.39 -10.44 -2.76
N LYS C 27 11.09 -10.68 -4.02
CA LYS C 27 10.78 -9.60 -4.94
C LYS C 27 9.50 -8.88 -4.54
N LEU C 28 8.48 -9.67 -4.17
CA LEU C 28 7.21 -9.10 -3.75
C LEU C 28 7.41 -8.26 -2.48
N ASP C 29 8.19 -8.80 -1.54
CA ASP C 29 8.50 -8.11 -0.29
C ASP C 29 9.15 -6.74 -0.54
N THR C 30 9.87 -6.64 -1.64
CA THR C 30 10.54 -5.40 -2.00
C THR C 30 9.55 -4.42 -2.63
N ARG C 31 8.54 -4.95 -3.30
CA ARG C 31 7.53 -4.13 -3.96
C ARG C 31 6.51 -3.58 -2.96
N VAL C 32 6.33 -4.31 -1.86
CA VAL C 32 5.39 -3.91 -0.82
C VAL C 32 6.01 -2.87 0.13
N ASP C 33 7.33 -2.94 0.27
CA ASP C 33 8.05 -2.02 1.13
C ASP C 33 8.19 -0.64 0.48
N LYS C 34 8.55 -0.64 -0.80
CA LYS C 34 8.72 0.60 -1.55
C LYS C 34 7.38 1.10 -2.10
N GLY C 35 6.47 0.16 -2.36
CA GLY C 35 5.16 0.53 -2.88
C GLY C 35 4.32 1.27 -1.86
N LEU C 36 4.35 0.79 -0.62
CA LEU C 36 3.59 1.41 0.46
C LEU C 36 4.31 2.64 1.02
N ALA C 37 5.63 2.65 0.87
CA ALA C 37 6.45 3.76 1.34
C ALA C 37 6.32 4.98 0.43
N SER C 38 6.32 4.73 -0.88
CA SER C 38 6.20 5.80 -1.86
C SER C 38 4.74 6.29 -1.96
N SER C 39 3.81 5.35 -1.96
CA SER C 39 2.39 5.67 -2.05
C SER C 39 1.94 6.50 -0.85
N ALA C 40 2.26 6.01 0.35
CA ALA C 40 1.91 6.70 1.58
C ALA C 40 2.57 8.07 1.63
N ALA C 41 3.81 8.15 1.15
CA ALA C 41 4.55 9.41 1.14
C ALA C 41 3.81 10.48 0.34
N LEU C 42 3.18 10.06 -0.76
CA LEU C 42 2.43 10.97 -1.60
C LEU C 42 1.10 11.32 -0.94
N ASN C 43 0.43 10.32 -0.39
CA ASN C 43 -0.87 10.55 0.23
C ASN C 43 -0.76 11.32 1.55
N SER C 44 0.47 11.51 2.00
CA SER C 44 0.77 12.25 3.23
C SER C 44 0.50 13.75 3.10
N LEU C 45 0.54 14.23 1.86
CA LEU C 45 0.26 15.63 1.57
C LEU C 45 -1.25 15.82 1.51
N PHE C 46 -1.70 17.07 1.53
CA PHE C 46 -3.14 17.34 1.47
C PHE C 46 -3.43 18.71 0.88
N GLN C 47 -2.36 19.45 0.60
CA GLN C 47 -2.47 20.78 0.02
C GLN C 47 -3.00 21.77 1.08
N PRO C 48 -2.21 22.79 1.44
CA PRO C 48 -2.60 23.77 2.43
C PRO C 48 -3.54 24.84 1.88
N TYR C 49 -4.78 24.83 2.35
CA TYR C 49 -5.77 25.80 1.89
C TYR C 49 -5.94 25.73 0.38
N GLY C 50 -6.92 26.47 -0.14
CA GLY C 50 -7.18 26.48 -1.56
C GLY C 50 -8.35 27.36 -1.93
N VAL C 51 -8.30 28.62 -1.47
CA VAL C 51 -9.36 29.60 -1.74
C VAL C 51 -9.35 30.10 -3.19
N GLY C 52 -8.37 29.63 -3.97
CA GLY C 52 -8.27 30.03 -5.36
C GLY C 52 -6.83 30.14 -5.82
N LYS C 53 -6.06 29.07 -5.59
CA LYS C 53 -4.65 29.04 -5.99
C LYS C 53 -4.19 27.60 -6.18
N VAL C 54 -2.88 27.41 -6.34
CA VAL C 54 -2.32 26.08 -6.55
C VAL C 54 -1.53 25.62 -5.33
N ASN C 55 -1.63 24.32 -5.02
CA ASN C 55 -0.92 23.73 -3.87
C ASN C 55 -0.01 22.58 -4.31
N PHE C 56 1.28 22.74 -4.07
CA PHE C 56 2.28 21.72 -4.42
C PHE C 56 2.44 20.70 -3.30
N THR C 57 2.45 19.42 -3.66
CA THR C 57 2.60 18.34 -2.70
C THR C 57 3.90 17.58 -2.93
N ALA C 58 4.77 17.58 -1.91
CA ALA C 58 6.06 16.89 -1.99
C ALA C 58 6.51 16.41 -0.61
N GLY C 59 7.00 15.18 -0.55
CA GLY C 59 7.46 14.61 0.70
C GLY C 59 7.97 13.19 0.57
N VAL C 60 8.61 12.69 1.61
CA VAL C 60 9.14 11.33 1.60
C VAL C 60 8.54 10.49 2.72
N GLY C 61 8.52 9.17 2.52
CA GLY C 61 7.98 8.27 3.50
C GLY C 61 8.77 6.99 3.64
N GLY C 62 8.26 6.04 4.42
CA GLY C 62 8.95 4.78 4.61
C GLY C 62 8.07 3.72 5.25
N TYR C 63 8.18 2.49 4.77
CA TYR C 63 7.39 1.37 5.30
C TYR C 63 8.27 0.16 5.57
N ARG C 64 8.08 -0.47 6.72
CA ARG C 64 8.86 -1.64 7.10
C ARG C 64 10.32 -1.27 7.33
N SER C 65 11.14 -1.42 6.28
CA SER C 65 12.56 -1.10 6.36
C SER C 65 13.08 -0.54 5.04
N SER C 66 12.20 0.16 4.31
CA SER C 66 12.57 0.74 3.03
C SER C 66 12.04 2.17 2.92
N GLN C 67 12.84 3.06 2.32
CA GLN C 67 12.46 4.45 2.16
C GLN C 67 12.15 4.76 0.69
N ALA C 68 11.30 5.77 0.48
CA ALA C 68 10.93 6.17 -0.88
C ALA C 68 10.66 7.67 -0.96
N LEU C 69 10.50 8.17 -2.20
CA LEU C 69 10.23 9.59 -2.42
C LEU C 69 8.89 9.77 -3.14
N ALA C 70 8.15 10.81 -2.74
CA ALA C 70 6.85 11.08 -3.36
C ALA C 70 6.77 12.52 -3.88
N ILE C 71 6.13 12.69 -5.04
CA ILE C 71 5.99 14.02 -5.63
C ILE C 71 4.61 14.18 -6.28
N GLY C 72 4.13 15.43 -6.33
CA GLY C 72 2.83 15.70 -6.91
C GLY C 72 2.38 17.12 -6.68
N SER C 73 1.24 17.49 -7.28
CA SER C 73 0.70 18.83 -7.12
C SER C 73 -0.70 18.92 -7.70
N GLY C 74 -1.48 19.87 -7.19
CA GLY C 74 -2.84 20.06 -7.66
C GLY C 74 -3.30 21.50 -7.55
N TYR C 75 -4.48 21.79 -8.09
CA TYR C 75 -5.02 23.14 -8.06
C TYR C 75 -6.42 23.16 -7.45
N ARG C 76 -6.67 24.13 -6.58
CA ARG C 76 -7.97 24.27 -5.93
C ARG C 76 -8.54 25.66 -6.14
N VAL C 77 -9.82 25.73 -6.47
CA VAL C 77 -10.50 27.01 -6.71
C VAL C 77 -11.66 27.21 -5.74
N ASN C 78 -11.79 28.42 -5.21
CA ASN C 78 -12.86 28.74 -4.27
C ASN C 78 -12.72 27.93 -2.99
N GLU C 79 -13.41 26.79 -2.94
CA GLU C 79 -13.37 25.91 -1.77
C GLU C 79 -14.26 24.69 -1.99
N SER C 80 -15.25 24.84 -2.88
CA SER C 80 -16.17 23.74 -3.16
C SER C 80 -15.47 22.63 -3.94
N VAL C 81 -15.02 22.95 -5.15
CA VAL C 81 -14.34 21.98 -5.99
C VAL C 81 -12.84 21.98 -5.68
N ALA C 82 -12.23 20.79 -5.73
CA ALA C 82 -10.81 20.66 -5.45
C ALA C 82 -10.15 19.65 -6.38
N LEU C 83 -8.87 19.83 -6.63
CA LEU C 83 -8.11 18.94 -7.49
C LEU C 83 -6.77 18.58 -6.85
N LYS C 84 -6.37 17.31 -7.00
CA LYS C 84 -5.11 16.83 -6.44
C LYS C 84 -4.61 15.61 -7.21
N ALA C 85 -3.36 15.67 -7.67
CA ALA C 85 -2.76 14.57 -8.41
C ALA C 85 -1.24 14.59 -8.29
N GLY C 86 -0.59 13.60 -8.88
CA GLY C 86 0.86 13.52 -8.83
C GLY C 86 1.38 12.14 -9.18
N VAL C 87 2.66 11.90 -8.91
CA VAL C 87 3.29 10.62 -9.19
C VAL C 87 4.30 10.24 -8.12
N ALA C 88 4.35 8.96 -7.77
CA ALA C 88 5.28 8.49 -6.75
C ALA C 88 6.35 7.59 -7.36
N TYR C 89 7.59 7.75 -6.89
CA TYR C 89 8.72 6.96 -7.39
C TYR C 89 9.28 6.06 -6.29
N ALA C 90 9.14 4.74 -6.51
CA ALA C 90 9.62 3.75 -5.55
C ALA C 90 10.61 2.76 -6.20
N GLY C 91 11.70 2.48 -5.50
CA GLY C 91 12.70 1.57 -6.02
C GLY C 91 13.24 2.01 -7.36
N SER C 92 13.02 1.21 -8.39
CA SER C 92 13.51 1.53 -9.73
C SER C 92 12.57 0.99 -10.80
N SER C 93 11.35 0.63 -10.39
CA SER C 93 10.33 0.08 -11.29
C SER C 93 8.96 0.05 -10.64
N ASP C 94 8.79 0.87 -9.60
CA ASP C 94 7.53 0.94 -8.88
C ASP C 94 6.93 2.33 -8.96
N VAL C 95 6.50 2.72 -10.15
CA VAL C 95 5.90 4.04 -10.35
C VAL C 95 4.38 3.96 -10.25
N MET C 96 3.79 4.97 -9.60
CA MET C 96 2.34 5.02 -9.43
C MET C 96 1.82 6.42 -9.76
N TYR C 97 0.75 6.47 -10.55
CA TYR C 97 0.16 7.74 -10.95
C TYR C 97 -1.21 7.94 -10.30
N ASN C 98 -1.34 9.00 -9.49
CA ASN C 98 -2.60 9.28 -8.82
C ASN C 98 -3.30 10.50 -9.44
N ALA C 99 -4.63 10.52 -9.33
CA ALA C 99 -5.43 11.62 -9.87
C ALA C 99 -6.85 11.58 -9.29
N SER C 100 -7.08 12.34 -8.22
CA SER C 100 -8.38 12.39 -7.58
C SER C 100 -8.91 13.81 -7.49
N PHE C 101 -10.14 13.97 -6.99
CA PHE C 101 -10.74 15.30 -6.88
C PHE C 101 -11.65 15.38 -5.65
N ASN C 102 -11.59 16.52 -4.96
CA ASN C 102 -12.40 16.74 -3.77
C ASN C 102 -13.59 17.65 -4.09
N ILE C 103 -14.78 17.27 -3.65
CA ILE C 103 -15.98 18.06 -3.90
C ILE C 103 -16.84 18.15 -2.65
N GLU C 104 -17.02 19.35 -2.13
CA GLU C 104 -17.82 19.57 -0.93
C GLU C 104 -19.03 20.45 -1.24
N TRP C 105 -20.10 20.27 -0.47
CA TRP C 105 -21.31 21.07 -0.67
C TRP C 105 -21.76 21.70 0.65
N GLY A 1 5.49 -60.76 -10.35
CA GLY A 1 5.32 -59.45 -11.05
C GLY A 1 4.11 -58.67 -10.56
N ASP A 2 4.02 -58.51 -9.25
CA ASP A 2 2.90 -57.78 -8.64
C ASP A 2 1.66 -58.65 -8.55
N GLN A 3 1.04 -58.67 -7.37
CA GLN A 3 -0.16 -59.47 -7.14
C GLN A 3 -1.24 -58.64 -6.47
N ALA A 4 -1.00 -58.26 -5.22
CA ALA A 4 -1.96 -57.46 -4.47
C ALA A 4 -1.24 -56.52 -3.50
N SER A 5 -0.01 -56.15 -3.85
CA SER A 5 0.79 -55.25 -3.02
C SER A 5 0.59 -53.81 -3.42
N TRP A 6 0.80 -52.89 -2.48
CA TRP A 6 0.63 -51.47 -2.75
C TRP A 6 1.99 -50.78 -2.84
N SER A 7 2.56 -50.44 -1.67
CA SER A 7 3.86 -49.78 -1.63
C SER A 7 3.84 -48.53 -2.50
N HIS A 8 2.75 -47.78 -2.44
CA HIS A 8 2.60 -46.57 -3.24
C HIS A 8 3.50 -45.44 -2.73
N PRO A 9 3.43 -45.11 -1.41
CA PRO A 9 4.24 -44.05 -0.82
C PRO A 9 5.72 -44.21 -1.16
N GLN A 10 6.25 -43.29 -1.95
CA GLN A 10 7.66 -43.33 -2.36
C GLN A 10 8.45 -42.21 -1.71
N PHE A 11 8.24 -41.00 -2.20
CA PHE A 11 8.90 -39.81 -1.68
C PHE A 11 7.90 -38.94 -0.92
N GLU A 12 8.41 -37.85 -0.34
CA GLU A 12 7.60 -36.93 0.45
C GLU A 12 8.17 -35.52 0.38
N LYS A 13 8.99 -35.26 -0.64
CA LYS A 13 9.62 -33.96 -0.82
C LYS A 13 8.62 -32.91 -1.31
N GLY A 14 7.85 -33.27 -2.33
CA GLY A 14 6.87 -32.35 -2.89
C GLY A 14 5.91 -31.84 -1.83
N ALA A 15 5.58 -32.70 -0.87
CA ALA A 15 4.68 -32.33 0.21
C ALA A 15 5.23 -31.18 1.04
N HIS A 16 6.52 -31.26 1.35
CA HIS A 16 7.19 -30.23 2.13
C HIS A 16 7.31 -28.93 1.33
N LYS A 17 7.63 -29.05 0.05
CA LYS A 17 7.78 -27.89 -0.83
C LYS A 17 6.47 -27.11 -0.89
N PHE A 18 5.36 -27.83 -0.91
CA PHE A 18 4.03 -27.19 -0.98
C PHE A 18 3.68 -26.52 0.34
N ARG A 19 4.02 -27.17 1.45
CA ARG A 19 3.75 -26.64 2.77
C ARG A 19 4.44 -25.30 2.98
N GLN A 20 5.77 -25.31 2.89
CA GLN A 20 6.56 -24.10 3.07
C GLN A 20 6.24 -23.06 1.99
N LEU A 21 5.83 -23.55 0.82
CA LEU A 21 5.50 -22.67 -0.30
C LEU A 21 4.30 -21.79 0.07
N ASP A 22 3.20 -22.43 0.47
CA ASP A 22 1.99 -21.70 0.85
C ASP A 22 2.23 -20.84 2.08
N ASN A 23 3.18 -21.26 2.91
CA ASN A 23 3.50 -20.53 4.14
C ASN A 23 4.07 -19.15 3.82
N ARG A 24 5.15 -19.13 3.04
CA ARG A 24 5.79 -17.88 2.67
C ARG A 24 4.85 -17.01 1.85
N LEU A 25 4.06 -17.64 0.99
CA LEU A 25 3.11 -16.92 0.16
C LEU A 25 2.07 -16.21 1.03
N ASP A 26 1.50 -16.95 1.97
CA ASP A 26 0.50 -16.39 2.87
C ASP A 26 1.11 -15.28 3.73
N LYS A 27 2.41 -15.38 4.01
CA LYS A 27 3.08 -14.39 4.83
C LYS A 27 3.10 -13.03 4.14
N LEU A 28 3.41 -13.02 2.84
CA LEU A 28 3.44 -11.78 2.07
C LEU A 28 2.07 -11.12 2.11
N ASP A 29 1.02 -11.93 1.99
CA ASP A 29 -0.36 -11.44 2.04
C ASP A 29 -0.69 -10.78 3.37
N THR A 30 0.00 -11.21 4.42
CA THR A 30 -0.21 -10.66 5.75
C THR A 30 0.44 -9.28 5.88
N ARG A 31 1.62 -9.13 5.30
CA ARG A 31 2.35 -7.87 5.33
C ARG A 31 1.70 -6.82 4.43
N VAL A 32 0.95 -7.29 3.44
CA VAL A 32 0.28 -6.40 2.49
C VAL A 32 -1.12 -6.04 2.98
N ASP A 33 -1.72 -6.94 3.75
CA ASP A 33 -3.06 -6.71 4.29
C ASP A 33 -3.03 -5.68 5.42
N LYS A 34 -2.10 -5.87 6.35
CA LYS A 34 -1.96 -4.98 7.49
C LYS A 34 -1.19 -3.71 7.09
N GLY A 35 -0.31 -3.84 6.11
CA GLY A 35 0.48 -2.71 5.66
C GLY A 35 -0.36 -1.70 4.88
N LEU A 36 -1.24 -2.20 4.02
CA LEU A 36 -2.10 -1.35 3.22
C LEU A 36 -3.23 -0.75 4.06
N ALA A 37 -3.67 -1.50 5.07
CA ALA A 37 -4.74 -1.06 5.95
C ALA A 37 -4.26 0.06 6.88
N SER A 38 -3.05 -0.09 7.40
CA SER A 38 -2.46 0.91 8.29
C SER A 38 -2.03 2.14 7.51
N SER A 39 -1.42 1.92 6.35
CA SER A 39 -0.95 3.02 5.51
C SER A 39 -2.11 3.93 5.10
N ALA A 40 -3.15 3.34 4.53
CA ALA A 40 -4.32 4.09 4.11
C ALA A 40 -4.96 4.79 5.30
N ALA A 41 -4.90 4.16 6.47
CA ALA A 41 -5.48 4.74 7.68
C ALA A 41 -4.76 6.01 8.07
N LEU A 42 -3.43 6.00 7.96
CA LEU A 42 -2.63 7.17 8.30
C LEU A 42 -2.81 8.25 7.24
N ASN A 43 -2.82 7.85 5.97
CA ASN A 43 -2.96 8.83 4.89
C ASN A 43 -4.36 9.40 4.79
N SER A 44 -5.28 8.80 5.55
CA SER A 44 -6.67 9.24 5.60
C SER A 44 -6.85 10.60 6.29
N LEU A 45 -5.87 10.95 7.12
CA LEU A 45 -5.87 12.22 7.81
C LEU A 45 -5.30 13.29 6.87
N PHE A 46 -5.61 14.55 7.14
CA PHE A 46 -5.11 15.63 6.29
C PHE A 46 -4.87 16.91 7.08
N GLN A 47 -5.19 16.85 8.38
CA GLN A 47 -5.01 17.99 9.26
C GLN A 47 -6.03 19.08 8.94
N PRO A 48 -6.92 19.42 9.89
CA PRO A 48 -7.94 20.44 9.67
C PRO A 48 -7.39 21.85 9.78
N TYR A 49 -7.42 22.58 8.66
CA TYR A 49 -6.92 23.95 8.64
C TYR A 49 -5.49 24.03 9.16
N GLY A 50 -4.96 25.24 9.25
CA GLY A 50 -3.61 25.43 9.74
C GLY A 50 -3.09 26.83 9.47
N VAL A 51 -3.84 27.82 9.95
CA VAL A 51 -3.50 29.24 9.79
C VAL A 51 -2.36 29.68 10.72
N GLY A 52 -1.94 28.77 11.61
CA GLY A 52 -0.87 29.07 12.53
C GLY A 52 -1.01 28.30 13.83
N LYS A 53 -1.20 26.98 13.71
CA LYS A 53 -1.33 26.11 14.87
C LYS A 53 -0.92 24.69 14.53
N VAL A 54 -1.13 23.77 15.46
CA VAL A 54 -0.77 22.36 15.24
C VAL A 54 -2.00 21.49 15.00
N ASN A 55 -1.86 20.53 14.08
CA ASN A 55 -2.95 19.62 13.75
C ASN A 55 -2.56 18.16 13.96
N PHE A 56 -3.26 17.49 14.88
CA PHE A 56 -2.99 16.09 15.18
C PHE A 56 -3.80 15.16 14.27
N THR A 57 -3.16 14.07 13.85
CA THR A 57 -3.81 13.10 12.97
C THR A 57 -3.92 11.75 13.66
N ALA A 58 -5.16 11.28 13.84
CA ALA A 58 -5.44 10.00 14.48
C ALA A 58 -6.65 9.30 13.86
N GLY A 59 -6.50 8.02 13.55
CA GLY A 59 -7.58 7.27 12.95
C GLY A 59 -7.21 5.82 12.66
N VAL A 60 -8.18 5.04 12.22
CA VAL A 60 -7.96 3.64 11.90
C VAL A 60 -8.30 3.32 10.45
N GLY A 61 -7.77 2.21 9.95
CA GLY A 61 -8.04 1.81 8.58
C GLY A 61 -8.24 0.31 8.45
N GLY A 62 -8.54 -0.15 7.23
CA GLY A 62 -8.75 -1.56 6.99
C GLY A 62 -8.66 -1.92 5.52
N TYR A 63 -8.05 -3.08 5.23
CA TYR A 63 -7.90 -3.54 3.86
C TYR A 63 -8.20 -5.04 3.76
N ARG A 64 -8.98 -5.41 2.75
CA ARG A 64 -9.34 -6.80 2.55
C ARG A 64 -10.17 -7.33 3.72
N SER A 65 -9.48 -7.94 4.69
CA SER A 65 -10.13 -8.49 5.88
C SER A 65 -9.27 -8.31 7.11
N SER A 66 -8.51 -7.21 7.15
CA SER A 66 -7.64 -6.91 8.28
C SER A 66 -7.76 -5.45 8.69
N GLN A 67 -7.66 -5.18 9.98
CA GLN A 67 -7.76 -3.82 10.50
C GLN A 67 -6.42 -3.34 11.07
N ALA A 68 -6.21 -2.02 11.05
CA ALA A 68 -4.97 -1.45 11.55
C ALA A 68 -5.21 -0.08 12.21
N LEU A 69 -4.22 0.38 12.98
CA LEU A 69 -4.32 1.66 13.67
C LEU A 69 -3.27 2.64 13.15
N ALA A 70 -3.67 3.88 12.92
CA ALA A 70 -2.75 4.90 12.42
C ALA A 70 -2.65 6.09 13.37
N ILE A 71 -1.44 6.62 13.53
CA ILE A 71 -1.23 7.76 14.42
C ILE A 71 -0.18 8.71 13.83
N GLY A 72 -0.27 9.99 14.21
CA GLY A 72 0.67 10.98 13.72
C GLY A 72 0.29 12.39 14.12
N SER A 73 1.08 13.36 13.67
CA SER A 73 0.82 14.76 13.99
C SER A 73 1.69 15.68 13.14
N GLY A 74 1.18 16.89 12.88
CA GLY A 74 1.92 17.85 12.09
C GLY A 74 1.59 19.28 12.48
N TYR A 75 2.34 20.23 11.93
CA TYR A 75 2.13 21.65 12.23
C TYR A 75 2.01 22.46 10.95
N ARG A 76 1.04 23.38 10.93
CA ARG A 76 0.82 24.23 9.78
C ARG A 76 0.67 25.69 10.19
N VAL A 77 1.36 26.58 9.48
CA VAL A 77 1.32 28.02 9.78
C VAL A 77 0.86 28.82 8.56
N ASN A 78 0.09 29.88 8.80
CA ASN A 78 -0.41 30.72 7.73
C ASN A 78 -1.27 29.92 6.75
N GLU A 79 -0.62 29.34 5.75
CA GLU A 79 -1.31 28.54 4.74
C GLU A 79 -0.35 28.17 3.61
N SER A 80 0.61 29.03 3.33
CA SER A 80 1.58 28.78 2.28
C SER A 80 2.41 27.54 2.58
N VAL A 81 3.10 27.56 3.72
CA VAL A 81 3.92 26.42 4.13
C VAL A 81 3.13 25.50 5.05
N ALA A 82 3.30 24.19 4.86
CA ALA A 82 2.59 23.21 5.66
C ALA A 82 3.45 21.97 5.90
N LEU A 83 3.25 21.34 7.06
CA LEU A 83 4.01 20.15 7.42
C LEU A 83 3.09 19.10 8.03
N LYS A 84 3.31 17.84 7.67
CA LYS A 84 2.51 16.73 8.19
C LYS A 84 3.30 15.43 8.18
N ALA A 85 3.29 14.72 9.32
CA ALA A 85 4.00 13.45 9.44
C ALA A 85 3.34 12.56 10.49
N GLY A 86 3.88 11.36 10.65
CA GLY A 86 3.33 10.42 11.63
C GLY A 86 3.85 9.01 11.42
N VAL A 87 3.25 8.05 12.13
CA VAL A 87 3.64 6.66 12.03
C VAL A 87 2.44 5.73 12.17
N ALA A 88 2.42 4.66 11.39
CA ALA A 88 1.32 3.69 11.44
C ALA A 88 1.76 2.37 12.07
N TYR A 89 0.84 1.73 12.79
CA TYR A 89 1.13 0.46 13.45
C TYR A 89 0.35 -0.69 12.80
N ALA A 90 1.09 -1.66 12.26
CA ALA A 90 0.50 -2.82 11.60
C ALA A 90 1.03 -4.12 12.19
N GLY A 91 0.13 -5.10 12.33
CA GLY A 91 0.52 -6.39 12.87
C GLY A 91 1.34 -6.26 14.15
N SER A 92 2.60 -6.67 14.09
CA SER A 92 3.47 -6.59 15.25
C SER A 92 4.93 -6.39 14.83
N SER A 93 5.12 -5.97 13.57
CA SER A 93 6.45 -5.73 13.02
C SER A 93 6.37 -4.96 11.71
N ASP A 94 5.23 -4.35 11.45
CA ASP A 94 5.01 -3.58 10.23
C ASP A 94 4.80 -2.11 10.54
N VAL A 95 5.86 -1.43 10.96
CA VAL A 95 5.78 -0.01 11.29
C VAL A 95 6.31 0.83 10.13
N MET A 96 5.55 1.86 9.76
CA MET A 96 5.92 2.76 8.68
C MET A 96 5.99 4.20 9.16
N TYR A 97 7.13 4.85 8.92
CA TYR A 97 7.32 6.23 9.33
C TYR A 97 7.25 7.20 8.15
N ASN A 98 6.20 8.01 8.11
CA ASN A 98 6.03 8.96 7.01
C ASN A 98 6.29 10.39 7.49
N ALA A 99 6.72 11.25 6.55
CA ALA A 99 7.02 12.65 6.85
C ALA A 99 7.05 13.48 5.56
N SER A 100 5.94 14.13 5.24
CA SER A 100 5.86 14.95 4.03
C SER A 100 5.54 16.41 4.37
N PHE A 101 5.49 17.27 3.35
CA PHE A 101 5.21 18.68 3.56
C PHE A 101 4.44 19.27 2.38
N ASN A 102 3.46 20.11 2.69
CA ASN A 102 2.64 20.75 1.66
C ASN A 102 3.11 22.19 1.43
N ILE A 103 3.32 22.56 0.16
CA ILE A 103 3.76 23.90 -0.17
C ILE A 103 2.88 24.50 -1.27
N GLU A 104 2.12 25.52 -0.90
CA GLU A 104 1.23 26.18 -1.85
C GLU A 104 1.63 27.64 -2.04
N TRP A 105 1.43 28.17 -3.25
CA TRP A 105 1.76 29.55 -3.55
C TRP A 105 0.58 30.26 -4.19
N GLY B 1 25.05 -51.33 -23.76
CA GLY B 1 25.35 -50.18 -22.86
C GLY B 1 25.11 -48.84 -23.53
N ASP B 2 23.91 -48.68 -24.11
CA ASP B 2 23.54 -47.43 -24.78
C ASP B 2 24.15 -47.38 -26.19
N GLN B 3 23.32 -47.05 -27.17
CA GLN B 3 23.76 -46.95 -28.56
C GLN B 3 23.29 -45.65 -29.19
N ALA B 4 21.98 -45.53 -29.37
CA ALA B 4 21.40 -44.34 -29.98
C ALA B 4 20.01 -44.05 -29.41
N SER B 5 19.80 -44.49 -28.16
CA SER B 5 18.52 -44.29 -27.48
C SER B 5 18.52 -43.01 -26.67
N TRP B 6 17.34 -42.43 -26.46
CA TRP B 6 17.22 -41.20 -25.69
C TRP B 6 16.63 -41.47 -24.31
N SER B 7 15.31 -41.57 -24.25
CA SER B 7 14.63 -41.84 -22.99
C SER B 7 15.05 -40.82 -21.93
N HIS B 8 15.15 -39.56 -22.35
CA HIS B 8 15.56 -38.49 -21.44
C HIS B 8 14.47 -38.14 -20.43
N PRO B 9 13.23 -37.88 -20.91
CA PRO B 9 12.11 -37.56 -20.03
C PRO B 9 11.95 -38.57 -18.89
N GLN B 10 12.21 -38.14 -17.67
CA GLN B 10 12.11 -39.01 -16.50
C GLN B 10 10.92 -38.61 -15.62
N PHE B 11 11.08 -37.50 -14.91
CA PHE B 11 10.04 -36.99 -14.03
C PHE B 11 9.46 -35.72 -14.62
N GLU B 12 8.44 -35.17 -13.95
CA GLU B 12 7.76 -33.95 -14.39
C GLU B 12 7.21 -33.19 -13.19
N LYS B 13 7.76 -33.46 -12.01
CA LYS B 13 7.32 -32.80 -10.79
C LYS B 13 7.80 -31.35 -10.72
N GLY B 14 9.08 -31.13 -11.00
CA GLY B 14 9.65 -29.80 -10.97
C GLY B 14 8.89 -28.83 -11.86
N ALA B 15 8.39 -29.35 -12.98
CA ALA B 15 7.62 -28.53 -13.92
C ALA B 15 6.37 -27.97 -13.27
N HIS B 16 5.66 -28.82 -12.53
CA HIS B 16 4.44 -28.43 -11.86
C HIS B 16 4.74 -27.44 -10.73
N LYS B 17 5.80 -27.72 -9.98
CA LYS B 17 6.20 -26.87 -8.86
C LYS B 17 6.48 -25.44 -9.35
N PHE B 18 7.09 -25.33 -10.53
CA PHE B 18 7.42 -24.03 -11.10
C PHE B 18 6.17 -23.31 -11.59
N ARG B 19 5.26 -24.06 -12.19
CA ARG B 19 4.01 -23.50 -12.71
C ARG B 19 3.19 -22.87 -11.58
N GLN B 20 2.82 -23.69 -10.60
CA GLN B 20 2.04 -23.20 -9.46
C GLN B 20 2.81 -22.17 -8.64
N LEU B 21 4.14 -22.27 -8.68
CA LEU B 21 4.99 -21.34 -7.95
C LEU B 21 4.83 -19.92 -8.50
N ASP B 22 5.02 -19.78 -9.81
CA ASP B 22 4.90 -18.47 -10.45
C ASP B 22 3.46 -17.96 -10.38
N ASN B 23 2.51 -18.88 -10.30
CA ASN B 23 1.10 -18.54 -10.23
C ASN B 23 0.78 -17.78 -8.94
N ARG B 24 1.09 -18.41 -7.81
CA ARG B 24 0.86 -17.79 -6.51
C ARG B 24 1.65 -16.50 -6.35
N LEU B 25 2.88 -16.51 -6.86
CA LEU B 25 3.74 -15.33 -6.79
C LEU B 25 3.11 -14.16 -7.55
N ASP B 26 2.67 -14.42 -8.77
CA ASP B 26 2.05 -13.39 -9.59
C ASP B 26 0.75 -12.90 -8.96
N LYS B 27 0.09 -13.78 -8.21
CA LYS B 27 -1.16 -13.42 -7.56
C LYS B 27 -0.95 -12.33 -6.51
N LEU B 28 0.11 -12.49 -5.71
CA LEU B 28 0.42 -11.50 -4.68
C LEU B 28 0.66 -10.14 -5.32
N ASP B 29 1.37 -10.14 -6.45
CA ASP B 29 1.66 -8.92 -7.20
C ASP B 29 0.39 -8.23 -7.68
N THR B 30 -0.66 -9.02 -7.89
CA THR B 30 -1.93 -8.49 -8.35
C THR B 30 -2.67 -7.78 -7.21
N ARG B 31 -2.60 -8.38 -6.01
CA ARG B 31 -3.26 -7.81 -4.84
C ARG B 31 -2.53 -6.56 -4.33
N VAL B 32 -1.25 -6.45 -4.67
CA VAL B 32 -0.43 -5.33 -4.25
C VAL B 32 -0.50 -4.20 -5.28
N ASP B 33 -0.71 -4.56 -6.54
CA ASP B 33 -0.79 -3.59 -7.62
C ASP B 33 -2.11 -2.82 -7.56
N LYS B 34 -3.21 -3.55 -7.41
CA LYS B 34 -4.54 -2.95 -7.34
C LYS B 34 -4.82 -2.40 -5.95
N GLY B 35 -4.20 -3.02 -4.94
CA GLY B 35 -4.41 -2.58 -3.57
C GLY B 35 -3.71 -1.26 -3.28
N LEU B 36 -2.50 -1.10 -3.79
CA LEU B 36 -1.73 0.12 -3.60
C LEU B 36 -2.27 1.26 -4.46
N ALA B 37 -2.79 0.91 -5.63
CA ALA B 37 -3.35 1.89 -6.55
C ALA B 37 -4.67 2.46 -6.04
N SER B 38 -5.50 1.59 -5.47
CA SER B 38 -6.79 2.00 -4.93
C SER B 38 -6.61 2.73 -3.60
N SER B 39 -5.71 2.23 -2.76
CA SER B 39 -5.44 2.84 -1.46
C SER B 39 -4.95 4.27 -1.62
N ALA B 40 -3.91 4.44 -2.43
CA ALA B 40 -3.34 5.76 -2.68
C ALA B 40 -4.38 6.69 -3.30
N ALA B 41 -5.26 6.12 -4.12
CA ALA B 41 -6.32 6.89 -4.77
C ALA B 41 -7.29 7.46 -3.74
N LEU B 42 -7.64 6.65 -2.75
CA LEU B 42 -8.56 7.09 -1.71
C LEU B 42 -7.87 8.08 -0.79
N ASN B 43 -6.62 7.79 -0.43
CA ASN B 43 -5.89 8.68 0.47
C ASN B 43 -5.48 9.99 -0.18
N SER B 44 -5.67 10.05 -1.50
CA SER B 44 -5.36 11.24 -2.29
C SER B 44 -6.31 12.41 -1.99
N LEU B 45 -7.49 12.07 -1.47
CA LEU B 45 -8.49 13.07 -1.10
C LEU B 45 -8.14 13.60 0.28
N PHE B 46 -8.66 14.78 0.62
CA PHE B 46 -8.38 15.36 1.93
C PHE B 46 -9.53 16.21 2.43
N GLN B 47 -10.56 16.31 1.59
CA GLN B 47 -11.75 17.09 1.93
C GLN B 47 -11.42 18.58 1.92
N PRO B 48 -12.07 19.38 1.04
CA PRO B 48 -11.82 20.81 0.94
C PRO B 48 -12.52 21.60 2.06
N TYR B 49 -11.72 22.21 2.93
CA TYR B 49 -12.27 23.00 4.02
C TYR B 49 -13.26 22.18 4.85
N GLY B 50 -13.86 22.82 5.84
CA GLY B 50 -14.82 22.14 6.68
C GLY B 50 -15.17 22.94 7.92
N VAL B 51 -15.63 24.18 7.70
CA VAL B 51 -16.01 25.09 8.78
C VAL B 51 -17.37 24.73 9.40
N GLY B 52 -18.03 23.73 8.82
CA GLY B 52 -19.33 23.30 9.33
C GLY B 52 -20.21 22.73 8.24
N LYS B 53 -19.64 21.82 7.45
CA LYS B 53 -20.39 21.18 6.37
C LYS B 53 -19.80 19.80 6.06
N VAL B 54 -20.29 19.17 4.99
CA VAL B 54 -19.83 17.85 4.61
C VAL B 54 -18.92 17.90 3.38
N ASN B 55 -17.88 17.08 3.37
CA ASN B 55 -16.93 17.03 2.25
C ASN B 55 -16.84 15.62 1.66
N PHE B 56 -17.22 15.50 0.39
CA PHE B 56 -17.18 14.22 -0.32
C PHE B 56 -15.82 13.98 -0.97
N THR B 57 -15.34 12.74 -0.91
CA THR B 57 -14.06 12.38 -1.49
C THR B 57 -14.23 11.36 -2.61
N ALA B 58 -13.83 11.75 -3.82
CA ALA B 58 -13.94 10.88 -5.00
C ALA B 58 -12.76 11.08 -5.94
N GLY B 59 -12.16 9.98 -6.38
CA GLY B 59 -11.03 10.05 -7.30
C GLY B 59 -10.49 8.69 -7.67
N VAL B 60 -9.53 8.67 -8.59
CA VAL B 60 -8.92 7.41 -9.03
C VAL B 60 -7.41 7.41 -8.80
N GLY B 61 -6.82 6.22 -8.78
CA GLY B 61 -5.40 6.09 -8.57
C GLY B 61 -4.77 5.03 -9.45
N GLY B 62 -3.45 4.89 -9.36
CA GLY B 62 -2.75 3.90 -10.16
C GLY B 62 -1.36 3.58 -9.63
N TYR B 63 -0.99 2.31 -9.68
CA TYR B 63 0.33 1.89 -9.20
C TYR B 63 0.95 0.88 -10.16
N ARG B 64 2.23 1.09 -10.47
CA ARG B 64 2.95 0.20 -11.39
C ARG B 64 2.33 0.25 -12.78
N SER B 65 1.41 -0.68 -13.05
CA SER B 65 0.74 -0.74 -14.35
C SER B 65 -0.72 -1.15 -14.19
N SER B 66 -1.33 -0.74 -13.07
CA SER B 66 -2.72 -1.06 -12.81
C SER B 66 -3.47 0.16 -12.29
N GLN B 67 -4.74 0.28 -12.65
CA GLN B 67 -5.57 1.41 -12.23
C GLN B 67 -6.67 0.96 -11.27
N ALA B 68 -7.11 1.88 -10.41
CA ALA B 68 -8.16 1.58 -9.45
C ALA B 68 -9.06 2.79 -9.19
N LEU B 69 -10.22 2.54 -8.58
CA LEU B 69 -11.18 3.60 -8.28
C LEU B 69 -11.35 3.75 -6.76
N ALA B 70 -11.37 4.99 -6.29
CA ALA B 70 -11.53 5.26 -4.86
C ALA B 70 -12.77 6.11 -4.58
N ILE B 71 -13.49 5.80 -3.50
CA ILE B 71 -14.68 6.54 -3.14
C ILE B 71 -14.80 6.68 -1.62
N GLY B 72 -15.47 7.74 -1.17
CA GLY B 72 -15.64 7.96 0.25
C GLY B 72 -16.28 9.30 0.55
N SER B 73 -16.44 9.61 1.84
CA SER B 73 -17.04 10.87 2.26
C SER B 73 -16.85 11.10 3.76
N GLY B 74 -16.79 12.37 4.14
CA GLY B 74 -16.62 12.71 5.54
C GLY B 74 -17.27 14.03 5.90
N TYR B 75 -17.31 14.34 7.19
CA TYR B 75 -17.91 15.58 7.66
C TYR B 75 -16.97 16.35 8.59
N ARG B 76 -16.89 17.66 8.39
CA ARG B 76 -16.02 18.50 9.20
C ARG B 76 -16.78 19.74 9.69
N VAL B 77 -16.63 20.04 10.98
CA VAL B 77 -17.31 21.19 11.58
C VAL B 77 -16.29 22.15 12.23
N ASN B 78 -16.56 23.45 12.12
CA ASN B 78 -15.66 24.45 12.71
C ASN B 78 -14.26 24.36 12.10
N GLU B 79 -13.42 23.52 12.71
CA GLU B 79 -12.06 23.34 12.24
C GLU B 79 -11.27 22.49 13.23
N SER B 80 -11.61 22.59 14.51
CA SER B 80 -10.92 21.84 15.55
C SER B 80 -11.12 20.33 15.34
N VAL B 81 -12.37 19.90 15.33
CA VAL B 81 -12.70 18.49 15.14
C VAL B 81 -12.97 18.22 13.66
N ALA B 82 -12.48 17.09 13.17
CA ALA B 82 -12.67 16.71 11.77
C ALA B 82 -12.82 15.20 11.62
N LEU B 83 -13.61 14.79 10.63
CA LEU B 83 -13.83 13.37 10.37
C LEU B 83 -13.76 13.09 8.87
N LYS B 84 -13.16 11.96 8.52
CA LYS B 84 -13.02 11.56 7.12
C LYS B 84 -12.90 10.03 6.99
N ALA B 85 -13.70 9.46 6.09
CA ALA B 85 -13.69 8.01 5.87
C ALA B 85 -14.14 7.68 4.45
N GLY B 86 -14.12 6.39 4.12
CA GLY B 86 -14.53 5.96 2.80
C GLY B 86 -14.11 4.53 2.50
N VAL B 87 -14.26 4.12 1.24
CA VAL B 87 -13.89 2.77 0.83
C VAL B 87 -13.35 2.77 -0.60
N ALA B 88 -12.33 1.94 -0.83
CA ALA B 88 -11.71 1.85 -2.14
C ALA B 88 -12.04 0.52 -2.82
N TYR B 89 -12.18 0.54 -4.14
CA TYR B 89 -12.50 -0.66 -4.93
C TYR B 89 -11.32 -1.08 -5.79
N ALA B 90 -10.81 -2.28 -5.54
CA ALA B 90 -9.69 -2.83 -6.29
C ALA B 90 -10.00 -4.21 -6.87
N GLY B 91 -9.54 -4.44 -8.09
CA GLY B 91 -9.79 -5.71 -8.75
C GLY B 91 -11.24 -6.13 -8.67
N SER B 92 -11.50 -7.22 -7.96
CA SER B 92 -12.86 -7.73 -7.81
C SER B 92 -13.05 -8.44 -6.47
N SER B 93 -12.12 -8.19 -5.54
CA SER B 93 -12.16 -8.79 -4.22
C SER B 93 -11.17 -8.11 -3.27
N ASP B 94 -10.74 -6.92 -3.65
CA ASP B 94 -9.79 -6.15 -2.83
C ASP B 94 -10.42 -4.86 -2.35
N VAL B 95 -11.36 -4.97 -1.41
CA VAL B 95 -12.03 -3.80 -0.86
C VAL B 95 -11.43 -3.43 0.49
N MET B 96 -11.14 -2.14 0.66
CA MET B 96 -10.55 -1.63 1.89
C MET B 96 -11.44 -0.54 2.49
N TYR B 97 -11.79 -0.70 3.76
CA TYR B 97 -12.64 0.26 4.45
C TYR B 97 -11.84 1.10 5.45
N ASN B 98 -11.67 2.38 5.15
CA ASN B 98 -10.92 3.28 6.02
C ASN B 98 -11.84 4.24 6.76
N ALA B 99 -11.40 4.68 7.95
CA ALA B 99 -12.18 5.61 8.77
C ALA B 99 -11.29 6.27 9.82
N SER B 100 -10.81 7.48 9.51
CA SER B 100 -9.94 8.21 10.44
C SER B 100 -10.55 9.55 10.83
N PHE B 101 -9.88 10.29 11.72
CA PHE B 101 -10.39 11.57 12.18
C PHE B 101 -9.23 12.54 12.47
N ASN B 102 -9.41 13.79 12.08
CA ASN B 102 -8.40 14.82 12.30
C ASN B 102 -8.77 15.69 13.51
N ILE B 103 -7.82 15.88 14.42
CA ILE B 103 -8.07 16.70 15.61
C ILE B 103 -6.97 17.73 15.80
N GLU B 104 -7.32 19.00 15.62
CA GLU B 104 -6.36 20.08 15.76
C GLU B 104 -6.75 21.01 16.91
N TRP B 105 -5.75 21.57 17.59
CA TRP B 105 -6.01 22.47 18.71
C TRP B 105 -5.23 23.78 18.53
N GLY C 1 27.54 -55.40 1.31
CA GLY C 1 26.30 -54.68 1.74
C GLY C 1 26.60 -53.46 2.58
N ASP C 2 27.48 -52.59 2.08
CA ASP C 2 27.84 -51.37 2.78
C ASP C 2 28.88 -51.66 3.87
N GLN C 3 29.94 -50.86 3.89
CA GLN C 3 31.00 -51.02 4.88
C GLN C 3 31.36 -49.68 5.53
N ALA C 4 31.93 -48.79 4.73
CA ALA C 4 32.32 -47.47 5.22
C ALA C 4 32.20 -46.42 4.13
N SER C 5 31.29 -46.66 3.19
CA SER C 5 31.07 -45.76 2.07
C SER C 5 29.96 -44.75 2.40
N TRP C 6 30.01 -43.59 1.76
CA TRP C 6 29.01 -42.55 1.99
C TRP C 6 28.07 -42.45 0.81
N SER C 7 28.50 -41.72 -0.23
CA SER C 7 27.69 -41.55 -1.43
C SER C 7 26.30 -41.03 -1.06
N HIS C 8 26.27 -40.06 -0.13
CA HIS C 8 25.01 -39.50 0.34
C HIS C 8 24.38 -38.59 -0.72
N PRO C 9 25.15 -37.61 -1.25
CA PRO C 9 24.66 -36.69 -2.28
C PRO C 9 23.99 -37.42 -3.45
N GLN C 10 22.68 -37.27 -3.58
CA GLN C 10 21.94 -37.93 -4.64
C GLN C 10 21.44 -36.92 -5.67
N PHE C 11 20.43 -36.16 -5.29
CA PHE C 11 19.86 -35.13 -6.16
C PHE C 11 20.21 -33.75 -5.62
N GLU C 12 19.80 -32.72 -6.36
CA GLU C 12 20.09 -31.33 -6.02
C GLU C 12 18.98 -30.41 -6.53
N LYS C 13 17.81 -30.99 -6.81
CA LYS C 13 16.67 -30.23 -7.33
C LYS C 13 16.03 -29.38 -6.23
N GLY C 14 15.78 -29.98 -5.08
CA GLY C 14 15.16 -29.26 -3.97
C GLY C 14 15.94 -28.01 -3.61
N ALA C 15 17.25 -28.08 -3.73
CA ALA C 15 18.12 -26.96 -3.42
C ALA C 15 17.82 -25.77 -4.31
N HIS C 16 17.65 -26.03 -5.60
CA HIS C 16 17.36 -24.99 -6.57
C HIS C 16 15.95 -24.41 -6.35
N LYS C 17 15.00 -25.30 -6.06
CA LYS C 17 13.62 -24.89 -5.83
C LYS C 17 13.54 -23.92 -4.65
N PHE C 18 14.35 -24.17 -3.63
CA PHE C 18 14.36 -23.33 -2.44
C PHE C 18 15.03 -21.98 -2.72
N ARG C 19 16.10 -22.01 -3.52
CA ARG C 19 16.82 -20.79 -3.87
C ARG C 19 15.91 -19.82 -4.63
N GLN C 20 15.40 -20.26 -5.77
CA GLN C 20 14.52 -19.44 -6.58
C GLN C 20 13.22 -19.10 -5.84
N LEU C 21 12.83 -19.99 -4.94
CA LEU C 21 11.62 -19.79 -4.16
C LEU C 21 11.75 -18.55 -3.27
N ASP C 22 12.81 -18.52 -2.46
CA ASP C 22 13.05 -17.39 -1.57
C ASP C 22 13.33 -16.11 -2.35
N ASN C 23 13.85 -16.28 -3.57
CA ASN C 23 14.17 -15.14 -4.42
C ASN C 23 12.91 -14.38 -4.82
N ARG C 24 11.97 -15.09 -5.43
CA ARG C 24 10.72 -14.50 -5.87
C ARG C 24 9.93 -13.96 -4.68
N LEU C 25 9.96 -14.70 -3.58
CA LEU C 25 9.26 -14.28 -2.37
C LEU C 25 9.81 -12.96 -1.85
N ASP C 26 11.13 -12.87 -1.76
CA ASP C 26 11.78 -11.65 -1.28
C ASP C 26 11.52 -10.49 -2.22
N LYS C 27 11.33 -10.81 -3.51
CA LYS C 27 11.08 -9.77 -4.51
C LYS C 27 9.75 -9.06 -4.25
N LEU C 28 8.71 -9.85 -3.93
CA LEU C 28 7.41 -9.28 -3.65
C LEU C 28 7.50 -8.32 -2.46
N ASP C 29 8.26 -8.74 -1.45
CA ASP C 29 8.47 -7.92 -0.26
C ASP C 29 9.14 -6.59 -0.58
N THR C 30 9.92 -6.57 -1.66
CA THR C 30 10.61 -5.37 -2.09
C THR C 30 9.64 -4.39 -2.74
N ARG C 31 8.72 -4.92 -3.55
CA ARG C 31 7.74 -4.11 -4.24
C ARG C 31 6.68 -3.57 -3.29
N VAL C 32 6.51 -4.26 -2.16
CA VAL C 32 5.52 -3.87 -1.16
C VAL C 32 6.13 -2.91 -0.13
N ASP C 33 7.43 -3.04 0.08
CA ASP C 33 8.15 -2.18 1.03
C ASP C 33 8.33 -0.77 0.47
N LYS C 34 8.78 -0.69 -0.77
CA LYS C 34 9.01 0.59 -1.43
C LYS C 34 7.69 1.15 -1.98
N GLY C 35 6.76 0.27 -2.32
CA GLY C 35 5.48 0.71 -2.84
C GLY C 35 4.60 1.33 -1.78
N LEU C 36 4.60 0.73 -0.58
CA LEU C 36 3.80 1.23 0.52
C LEU C 36 4.42 2.48 1.13
N ALA C 37 5.75 2.55 1.10
CA ALA C 37 6.48 3.69 1.64
C ALA C 37 6.30 4.93 0.76
N SER C 38 6.34 4.73 -0.55
CA SER C 38 6.18 5.82 -1.50
C SER C 38 4.72 6.27 -1.56
N SER C 39 3.81 5.29 -1.57
CA SER C 39 2.39 5.58 -1.64
C SER C 39 1.94 6.43 -0.46
N ALA C 40 2.25 5.96 0.75
CA ALA C 40 1.89 6.67 1.97
C ALA C 40 2.54 8.04 2.00
N ALA C 41 3.74 8.16 1.43
CA ALA C 41 4.46 9.42 1.39
C ALA C 41 3.71 10.44 0.53
N LEU C 42 3.18 9.98 -0.61
CA LEU C 42 2.44 10.86 -1.50
C LEU C 42 1.08 11.20 -0.89
N ASN C 43 0.42 10.21 -0.30
CA ASN C 43 -0.89 10.45 0.28
C ASN C 43 -0.83 11.26 1.58
N SER C 44 0.40 11.45 2.06
CA SER C 44 0.64 12.24 3.26
C SER C 44 0.37 13.73 3.08
N LEU C 45 0.41 14.16 1.83
CA LEU C 45 0.13 15.56 1.48
C LEU C 45 -1.37 15.73 1.38
N PHE C 46 -1.85 16.97 1.49
CA PHE C 46 -3.28 17.23 1.41
C PHE C 46 -3.57 18.60 0.81
N GLN C 47 -2.50 19.33 0.51
CA GLN C 47 -2.62 20.66 -0.08
C GLN C 47 -3.17 21.64 0.96
N PRO C 48 -2.39 22.68 1.31
CA PRO C 48 -2.81 23.67 2.30
C PRO C 48 -3.78 24.69 1.73
N TYR C 49 -5.01 24.68 2.23
CA TYR C 49 -6.03 25.61 1.77
C TYR C 49 -6.19 25.53 0.25
N GLY C 50 -7.05 26.39 -0.29
CA GLY C 50 -7.28 26.41 -1.73
C GLY C 50 -8.50 27.23 -2.10
N VAL C 51 -8.51 28.49 -1.67
CA VAL C 51 -9.60 29.43 -1.94
C VAL C 51 -9.58 29.94 -3.39
N GLY C 52 -8.55 29.57 -4.13
CA GLY C 52 -8.43 30.00 -5.52
C GLY C 52 -6.98 30.11 -5.96
N LYS C 53 -6.21 29.06 -5.69
CA LYS C 53 -4.80 29.03 -6.08
C LYS C 53 -4.32 27.59 -6.26
N VAL C 54 -3.02 27.42 -6.47
CA VAL C 54 -2.46 26.09 -6.67
C VAL C 54 -1.68 25.62 -5.44
N ASN C 55 -1.80 24.34 -5.11
CA ASN C 55 -1.11 23.74 -3.97
C ASN C 55 -0.20 22.58 -4.39
N PHE C 56 1.11 22.74 -4.16
CA PHE C 56 2.09 21.72 -4.50
C PHE C 56 2.27 20.73 -3.35
N THR C 57 2.40 19.45 -3.70
CA THR C 57 2.60 18.40 -2.70
C THR C 57 3.95 17.73 -2.87
N ALA C 58 4.78 17.81 -1.84
CA ALA C 58 6.11 17.21 -1.85
C ALA C 58 6.50 16.69 -0.46
N GLY C 59 7.01 15.45 -0.43
CA GLY C 59 7.41 14.86 0.83
C GLY C 59 7.96 13.46 0.66
N VAL C 60 8.44 12.87 1.75
CA VAL C 60 9.00 11.52 1.71
C VAL C 60 8.27 10.60 2.69
N GLY C 61 8.40 9.29 2.47
CA GLY C 61 7.76 8.32 3.34
C GLY C 61 8.64 7.11 3.61
N GLY C 62 8.15 6.19 4.43
CA GLY C 62 8.91 5.01 4.76
C GLY C 62 8.05 3.91 5.34
N TYR C 63 8.33 2.66 4.96
CA TYR C 63 7.57 1.52 5.46
C TYR C 63 8.52 0.37 5.81
N ARG C 64 8.29 -0.25 6.98
CA ARG C 64 9.11 -1.36 7.43
C ARG C 64 10.56 -0.91 7.64
N SER C 65 11.39 -1.08 6.61
CA SER C 65 12.79 -0.69 6.68
C SER C 65 13.28 -0.13 5.34
N SER C 66 12.37 0.53 4.62
CA SER C 66 12.70 1.12 3.32
C SER C 66 12.15 2.54 3.21
N GLN C 67 12.87 3.41 2.53
CA GLN C 67 12.45 4.80 2.36
C GLN C 67 12.10 5.08 0.89
N ALA C 68 11.23 6.06 0.67
CA ALA C 68 10.81 6.43 -0.68
C ALA C 68 10.54 7.94 -0.78
N LEU C 69 10.46 8.42 -2.02
CA LEU C 69 10.21 9.84 -2.27
C LEU C 69 8.88 10.03 -3.00
N ALA C 70 8.11 11.02 -2.57
CA ALA C 70 6.81 11.29 -3.18
C ALA C 70 6.74 12.71 -3.74
N ILE C 71 6.11 12.87 -4.90
CA ILE C 71 5.97 14.18 -5.52
C ILE C 71 4.63 14.33 -6.22
N GLY C 72 4.15 15.56 -6.34
CA GLY C 72 2.87 15.81 -6.98
C GLY C 72 2.43 17.25 -6.86
N SER C 73 1.25 17.55 -7.39
CA SER C 73 0.72 18.91 -7.33
C SER C 73 -0.75 18.94 -7.75
N GLY C 74 -1.49 19.91 -7.21
CA GLY C 74 -2.90 20.04 -7.53
C GLY C 74 -3.37 21.48 -7.45
N TYR C 75 -4.61 21.72 -7.89
CA TYR C 75 -5.17 23.06 -7.87
C TYR C 75 -6.55 23.06 -7.21
N ARG C 76 -6.79 24.07 -6.36
CA ARG C 76 -8.05 24.19 -5.66
C ARG C 76 -8.58 25.61 -5.76
N VAL C 77 -9.87 25.75 -6.07
CA VAL C 77 -10.53 27.05 -6.21
C VAL C 77 -11.72 27.17 -5.27
N ASN C 78 -11.92 28.37 -4.72
CA ASN C 78 -13.04 28.61 -3.81
C ASN C 78 -12.95 27.70 -2.58
N GLU C 79 -13.54 26.51 -2.70
CA GLU C 79 -13.55 25.54 -1.61
C GLU C 79 -14.45 24.37 -1.94
N SER C 80 -15.51 24.63 -2.70
CA SER C 80 -16.45 23.58 -3.09
C SER C 80 -15.76 22.51 -3.93
N VAL C 81 -15.19 22.93 -5.06
CA VAL C 81 -14.49 22.02 -5.95
C VAL C 81 -13.00 22.00 -5.64
N ALA C 82 -12.41 20.82 -5.66
CA ALA C 82 -10.99 20.67 -5.37
C ALA C 82 -10.35 19.57 -6.22
N LEU C 83 -9.08 19.75 -6.55
CA LEU C 83 -8.36 18.76 -7.35
C LEU C 83 -6.97 18.53 -6.78
N LYS C 84 -6.53 17.27 -6.80
CA LYS C 84 -5.21 16.89 -6.28
C LYS C 84 -4.69 15.62 -6.94
N ALA C 85 -3.46 15.68 -7.43
CA ALA C 85 -2.84 14.53 -8.09
C ALA C 85 -1.33 14.57 -7.96
N GLY C 86 -0.66 13.54 -8.47
CA GLY C 86 0.80 13.48 -8.40
C GLY C 86 1.33 12.10 -8.73
N VAL C 87 2.62 11.89 -8.49
CA VAL C 87 3.27 10.61 -8.76
C VAL C 87 4.35 10.31 -7.74
N ALA C 88 4.44 9.05 -7.34
CA ALA C 88 5.44 8.63 -6.35
C ALA C 88 6.53 7.78 -7.00
N TYR C 89 7.76 7.92 -6.49
CA TYR C 89 8.91 7.18 -7.00
C TYR C 89 9.41 6.16 -6.00
N ALA C 90 9.35 4.88 -6.39
CA ALA C 90 9.79 3.78 -5.54
C ALA C 90 10.83 2.90 -6.24
N GLY C 91 11.82 2.45 -5.48
CA GLY C 91 12.87 1.61 -6.03
C GLY C 91 13.42 2.16 -7.34
N SER C 92 13.20 1.43 -8.43
CA SER C 92 13.67 1.85 -9.74
C SER C 92 12.75 1.38 -10.86
N SER C 93 11.53 0.98 -10.47
CA SER C 93 10.53 0.49 -11.41
C SER C 93 9.15 0.42 -10.77
N ASP C 94 8.99 1.12 -9.65
CA ASP C 94 7.73 1.12 -8.93
C ASP C 94 7.12 2.53 -8.91
N VAL C 95 6.65 2.98 -10.07
CA VAL C 95 6.04 4.30 -10.18
C VAL C 95 4.52 4.20 -10.16
N MET C 96 3.90 5.04 -9.33
CA MET C 96 2.44 5.06 -9.20
C MET C 96 1.89 6.45 -9.51
N TYR C 97 0.93 6.51 -10.43
CA TYR C 97 0.32 7.77 -10.84
C TYR C 97 -1.07 7.92 -10.26
N ASN C 98 -1.25 8.85 -9.32
CA ASN C 98 -2.55 9.08 -8.70
C ASN C 98 -3.17 10.39 -9.18
N ALA C 99 -4.50 10.44 -9.17
CA ALA C 99 -5.24 11.63 -9.59
C ALA C 99 -6.68 11.59 -9.07
N SER C 100 -6.92 12.26 -7.95
CA SER C 100 -8.26 12.29 -7.35
C SER C 100 -8.79 13.72 -7.25
N PHE C 101 -10.02 13.87 -6.78
CA PHE C 101 -10.64 15.19 -6.66
C PHE C 101 -11.58 15.25 -5.45
N ASN C 102 -11.53 16.37 -4.73
CA ASN C 102 -12.37 16.56 -3.55
C ASN C 102 -13.58 17.44 -3.91
N ILE C 103 -14.78 17.00 -3.53
CA ILE C 103 -15.99 17.76 -3.81
C ILE C 103 -16.83 17.91 -2.55
N GLU C 104 -16.93 19.14 -2.05
CA GLU C 104 -17.70 19.42 -0.84
C GLU C 104 -18.86 20.36 -1.15
N TRP C 105 -19.97 20.18 -0.44
CA TRP C 105 -21.14 21.03 -0.64
C TRP C 105 -21.63 21.59 0.69
N GLY A 1 6.38 -61.67 -5.94
CA GLY A 1 5.74 -60.54 -6.67
C GLY A 1 4.74 -59.78 -5.81
N ASP A 2 5.17 -59.37 -4.62
CA ASP A 2 4.31 -58.63 -3.70
C ASP A 2 3.26 -59.56 -3.08
N GLN A 3 2.98 -59.33 -1.79
CA GLN A 3 2.01 -60.14 -1.07
C GLN A 3 0.99 -59.25 -0.35
N ALA A 4 1.48 -58.46 0.60
CA ALA A 4 0.62 -57.57 1.37
C ALA A 4 1.40 -56.36 1.88
N SER A 5 2.50 -56.05 1.20
CA SER A 5 3.35 -54.92 1.57
C SER A 5 3.01 -53.69 0.75
N TRP A 6 3.29 -52.51 1.31
CA TRP A 6 3.01 -51.26 0.63
C TRP A 6 4.29 -50.63 0.11
N SER A 7 5.05 -50.02 1.02
CA SER A 7 6.33 -49.39 0.66
C SER A 7 6.07 -48.26 -0.33
N HIS A 8 5.08 -47.42 -0.03
CA HIS A 8 4.72 -46.31 -0.91
C HIS A 8 5.52 -45.05 -0.58
N PRO A 9 5.58 -44.65 0.70
CA PRO A 9 6.34 -43.47 1.13
C PRO A 9 7.81 -43.57 0.77
N GLN A 10 8.24 -42.81 -0.23
CA GLN A 10 9.63 -42.83 -0.67
C GLN A 10 10.34 -41.52 -0.30
N PHE A 11 9.80 -40.42 -0.79
CA PHE A 11 10.35 -39.10 -0.50
C PHE A 11 9.31 -38.24 0.20
N GLU A 12 9.75 -37.09 0.71
CA GLU A 12 8.88 -36.16 1.43
C GLU A 12 9.26 -34.72 1.12
N LYS A 13 9.85 -34.51 -0.06
CA LYS A 13 10.27 -33.17 -0.48
C LYS A 13 9.07 -32.26 -0.76
N GLY A 14 8.13 -32.75 -1.56
CA GLY A 14 6.95 -31.97 -1.89
C GLY A 14 6.16 -31.58 -0.66
N ALA A 15 6.24 -32.41 0.37
CA ALA A 15 5.53 -32.16 1.63
C ALA A 15 6.07 -30.91 2.31
N HIS A 16 7.40 -30.80 2.35
CA HIS A 16 8.05 -29.66 2.98
C HIS A 16 8.01 -28.43 2.07
N LYS A 17 8.00 -28.67 0.76
CA LYS A 17 7.96 -27.58 -0.22
C LYS A 17 6.63 -26.84 -0.13
N PHE A 18 5.54 -27.57 0.02
CA PHE A 18 4.22 -26.97 0.11
C PHE A 18 4.02 -26.25 1.45
N ARG A 19 4.66 -26.78 2.49
CA ARG A 19 4.56 -26.19 3.83
C ARG A 19 5.17 -24.79 3.84
N GLN A 20 6.45 -24.70 3.47
CA GLN A 20 7.15 -23.42 3.45
C GLN A 20 6.59 -22.51 2.36
N LEU A 21 6.11 -23.10 1.28
CA LEU A 21 5.55 -22.35 0.17
C LEU A 21 4.33 -21.55 0.62
N ASP A 22 3.32 -22.27 1.12
CA ASP A 22 2.09 -21.64 1.59
C ASP A 22 2.36 -20.77 2.81
N ASN A 23 3.50 -21.00 3.46
CA ASN A 23 3.88 -20.24 4.65
C ASN A 23 4.34 -18.83 4.27
N ARG A 24 5.19 -18.76 3.24
CA ARG A 24 5.73 -17.49 2.77
C ARG A 24 4.68 -16.75 1.95
N LEU A 25 3.91 -17.49 1.17
CA LEU A 25 2.87 -16.89 0.33
C LEU A 25 1.77 -16.29 1.19
N ASP A 26 1.25 -17.09 2.11
CA ASP A 26 0.18 -16.63 3.00
C ASP A 26 0.65 -15.44 3.83
N LYS A 27 1.89 -15.50 4.32
CA LYS A 27 2.43 -14.43 5.13
C LYS A 27 2.63 -13.15 4.30
N LEU A 28 2.87 -13.33 3.00
CA LEU A 28 3.05 -12.19 2.10
C LEU A 28 1.78 -11.36 2.07
N ASP A 29 0.65 -12.03 1.87
CA ASP A 29 -0.66 -11.37 1.83
C ASP A 29 -1.02 -10.74 3.18
N THR A 30 -0.58 -11.38 4.25
CA THR A 30 -0.84 -10.87 5.60
C THR A 30 -0.10 -9.56 5.85
N ARG A 31 1.13 -9.48 5.34
CA ARG A 31 1.95 -8.28 5.52
C ARG A 31 1.46 -7.14 4.63
N VAL A 32 1.06 -7.47 3.40
CA VAL A 32 0.57 -6.48 2.46
C VAL A 32 -0.84 -6.01 2.83
N ASP A 33 -1.63 -6.92 3.39
CA ASP A 33 -3.00 -6.60 3.81
C ASP A 33 -3.00 -5.65 5.00
N LYS A 34 -2.16 -5.95 5.98
CA LYS A 34 -2.06 -5.12 7.19
C LYS A 34 -1.32 -3.83 6.89
N GLY A 35 -0.25 -3.92 6.11
CA GLY A 35 0.53 -2.73 5.78
C GLY A 35 -0.30 -1.65 5.12
N LEU A 36 -1.17 -2.06 4.18
CA LEU A 36 -2.04 -1.13 3.47
C LEU A 36 -3.19 -0.67 4.36
N ALA A 37 -3.53 -1.49 5.35
CA ALA A 37 -4.61 -1.19 6.28
C ALA A 37 -4.23 -0.02 7.20
N SER A 38 -3.00 -0.04 7.68
CA SER A 38 -2.52 1.01 8.57
C SER A 38 -2.05 2.22 7.77
N SER A 39 -1.38 1.97 6.65
CA SER A 39 -0.88 3.04 5.79
C SER A 39 -2.01 3.95 5.32
N ALA A 40 -3.04 3.35 4.73
CA ALA A 40 -4.19 4.08 4.23
C ALA A 40 -4.90 4.77 5.39
N ALA A 41 -4.89 4.14 6.56
CA ALA A 41 -5.54 4.70 7.74
C ALA A 41 -4.89 6.01 8.15
N LEU A 42 -3.56 6.10 7.94
CA LEU A 42 -2.84 7.32 8.29
C LEU A 42 -2.97 8.34 7.18
N ASN A 43 -3.07 7.88 5.94
CA ASN A 43 -3.17 8.80 4.81
C ASN A 43 -4.56 9.42 4.68
N SER A 44 -5.53 8.82 5.37
CA SER A 44 -6.91 9.30 5.40
C SER A 44 -7.06 10.63 6.13
N LEU A 45 -6.06 10.95 6.94
CA LEU A 45 -6.04 12.21 7.68
C LEU A 45 -5.63 13.33 6.74
N PHE A 46 -5.86 14.57 7.13
CA PHE A 46 -5.50 15.70 6.28
C PHE A 46 -5.30 16.97 7.08
N GLN A 47 -5.49 16.86 8.39
CA GLN A 47 -5.34 17.99 9.29
C GLN A 47 -6.37 19.06 8.96
N PRO A 48 -7.18 19.49 9.96
CA PRO A 48 -8.22 20.50 9.75
C PRO A 48 -7.67 21.92 9.84
N TYR A 49 -7.62 22.60 8.70
CA TYR A 49 -7.11 23.98 8.67
C TYR A 49 -5.65 24.03 9.07
N GLY A 50 -5.10 25.24 9.16
CA GLY A 50 -3.71 25.41 9.53
C GLY A 50 -3.22 26.82 9.28
N VAL A 51 -3.92 27.80 9.85
CA VAL A 51 -3.59 29.22 9.71
C VAL A 51 -2.47 29.66 10.66
N GLY A 52 -2.13 28.78 11.60
CA GLY A 52 -1.08 29.10 12.56
C GLY A 52 -1.25 28.32 13.86
N LYS A 53 -1.46 27.01 13.73
CA LYS A 53 -1.62 26.15 14.90
C LYS A 53 -1.16 24.74 14.60
N VAL A 54 -1.55 23.78 15.44
CA VAL A 54 -1.15 22.39 15.25
C VAL A 54 -2.36 21.48 14.98
N ASN A 55 -2.19 20.50 14.11
CA ASN A 55 -3.26 19.56 13.77
C ASN A 55 -2.81 18.11 13.98
N PHE A 56 -3.45 17.45 14.96
CA PHE A 56 -3.15 16.06 15.28
C PHE A 56 -3.91 15.10 14.37
N THR A 57 -3.18 14.16 13.78
CA THR A 57 -3.78 13.17 12.89
C THR A 57 -3.80 11.79 13.53
N ALA A 58 -5.00 11.22 13.65
CA ALA A 58 -5.18 9.90 14.26
C ALA A 58 -6.45 9.22 13.74
N GLY A 59 -6.33 7.95 13.38
CA GLY A 59 -7.48 7.21 12.87
C GLY A 59 -7.15 5.76 12.58
N VAL A 60 -8.19 4.96 12.31
CA VAL A 60 -8.00 3.55 12.01
C VAL A 60 -8.54 3.19 10.63
N GLY A 61 -8.10 2.05 10.10
CA GLY A 61 -8.56 1.61 8.80
C GLY A 61 -8.40 0.12 8.60
N GLY A 62 -8.54 -0.34 7.36
CA GLY A 62 -8.42 -1.76 7.07
C GLY A 62 -8.41 -2.04 5.59
N TYR A 63 -7.55 -2.97 5.16
CA TYR A 63 -7.44 -3.34 3.75
C TYR A 63 -7.72 -4.83 3.57
N ARG A 64 -8.58 -5.15 2.60
CA ARG A 64 -8.93 -6.54 2.33
C ARG A 64 -9.77 -7.12 3.46
N SER A 65 -9.10 -7.76 4.43
CA SER A 65 -9.78 -8.37 5.57
C SER A 65 -8.95 -8.21 6.85
N SER A 66 -8.12 -7.18 6.88
CA SER A 66 -7.27 -6.92 8.05
C SER A 66 -7.41 -5.47 8.51
N GLN A 67 -7.41 -5.27 9.82
CA GLN A 67 -7.54 -3.93 10.39
C GLN A 67 -6.23 -3.48 11.04
N ALA A 68 -6.00 -2.17 11.06
CA ALA A 68 -4.79 -1.61 11.65
C ALA A 68 -5.05 -0.24 12.29
N LEU A 69 -4.05 0.27 13.00
CA LEU A 69 -4.16 1.57 13.66
C LEU A 69 -3.09 2.53 13.14
N ALA A 70 -3.45 3.81 13.01
CA ALA A 70 -2.51 4.81 12.52
C ALA A 70 -2.52 6.06 13.39
N ILE A 71 -1.34 6.60 13.69
CA ILE A 71 -1.23 7.80 14.52
C ILE A 71 -0.19 8.76 13.94
N GLY A 72 -0.26 10.02 14.38
CA GLY A 72 0.68 11.02 13.90
C GLY A 72 0.31 12.42 14.34
N SER A 73 1.13 13.40 13.95
CA SER A 73 0.88 14.79 14.31
C SER A 73 1.66 15.73 13.41
N GLY A 74 1.09 16.92 13.17
CA GLY A 74 1.75 17.90 12.33
C GLY A 74 1.38 19.33 12.71
N TYR A 75 2.12 20.29 12.19
CA TYR A 75 1.86 21.70 12.48
C TYR A 75 1.83 22.53 11.21
N ARG A 76 0.84 23.40 11.09
CA ARG A 76 0.70 24.26 9.92
C ARG A 76 0.62 25.72 10.33
N VAL A 77 1.55 26.53 9.83
CA VAL A 77 1.59 27.96 10.14
C VAL A 77 1.24 28.81 8.93
N ASN A 78 0.44 29.85 9.13
CA ASN A 78 0.03 30.73 8.05
C ASN A 78 -0.82 29.98 7.02
N GLU A 79 -0.17 29.53 5.95
CA GLU A 79 -0.85 28.81 4.89
C GLU A 79 0.11 28.52 3.73
N SER A 80 1.19 29.29 3.66
CA SER A 80 2.18 29.11 2.61
C SER A 80 2.97 27.81 2.81
N VAL A 81 3.76 27.77 3.88
CA VAL A 81 4.55 26.60 4.20
C VAL A 81 3.77 25.65 5.10
N ALA A 82 3.93 24.36 4.87
CA ALA A 82 3.23 23.35 5.67
C ALA A 82 4.03 22.07 5.77
N LEU A 83 3.80 21.31 6.84
CA LEU A 83 4.51 20.05 7.06
C LEU A 83 3.62 19.07 7.82
N LYS A 84 3.82 17.77 7.56
CA LYS A 84 3.04 16.73 8.22
C LYS A 84 3.87 15.45 8.38
N ALA A 85 3.69 14.78 9.51
CA ALA A 85 4.41 13.54 9.79
C ALA A 85 3.59 12.62 10.68
N GLY A 86 4.13 11.42 10.94
CA GLY A 86 3.43 10.46 11.78
C GLY A 86 4.00 9.06 11.66
N VAL A 87 3.34 8.10 12.28
CA VAL A 87 3.78 6.70 12.24
C VAL A 87 2.60 5.75 12.26
N ALA A 88 2.67 4.71 11.44
CA ALA A 88 1.60 3.72 11.35
C ALA A 88 2.02 2.38 11.95
N TYR A 89 1.09 1.69 12.60
CA TYR A 89 1.35 0.40 13.22
C TYR A 89 0.44 -0.69 12.66
N ALA A 90 1.03 -1.64 11.94
CA ALA A 90 0.29 -2.75 11.33
C ALA A 90 0.77 -4.10 11.86
N GLY A 91 -0.19 -4.92 12.29
CA GLY A 91 0.14 -6.24 12.81
C GLY A 91 1.04 -6.16 14.04
N SER A 92 2.25 -6.68 13.91
CA SER A 92 3.20 -6.68 15.02
C SER A 92 4.64 -6.60 14.51
N SER A 93 4.79 -6.39 13.20
CA SER A 93 6.10 -6.30 12.55
C SER A 93 6.02 -5.48 11.27
N ASP A 94 5.00 -4.63 11.17
CA ASP A 94 4.82 -3.79 10.00
C ASP A 94 4.68 -2.32 10.39
N VAL A 95 5.81 -1.66 10.60
CA VAL A 95 5.80 -0.25 10.98
C VAL A 95 6.30 0.62 9.83
N MET A 96 5.64 1.77 9.64
CA MET A 96 6.00 2.69 8.57
C MET A 96 6.05 4.12 9.09
N TYR A 97 7.02 4.89 8.61
CA TYR A 97 7.18 6.27 9.04
C TYR A 97 6.89 7.25 7.90
N ASN A 98 5.97 8.18 8.12
CA ASN A 98 5.61 9.16 7.10
C ASN A 98 6.10 10.55 7.47
N ALA A 99 6.44 11.34 6.45
CA ALA A 99 6.92 12.72 6.65
C ALA A 99 6.90 13.50 5.35
N SER A 100 5.76 14.11 5.04
CA SER A 100 5.62 14.88 3.80
C SER A 100 5.38 16.36 4.10
N PHE A 101 5.59 17.22 3.10
CA PHE A 101 5.41 18.65 3.27
C PHE A 101 4.54 19.23 2.16
N ASN A 102 3.74 20.23 2.49
CA ASN A 102 2.87 20.89 1.52
C ASN A 102 3.27 22.35 1.34
N ILE A 103 3.41 22.78 0.09
CA ILE A 103 3.78 24.17 -0.21
C ILE A 103 2.87 24.76 -1.27
N GLU A 104 2.17 25.83 -0.92
CA GLU A 104 1.27 26.49 -1.84
C GLU A 104 1.72 27.92 -2.11
N TRP A 105 1.25 28.51 -3.22
CA TRP A 105 1.61 29.88 -3.57
C TRP A 105 0.39 30.62 -4.12
N GLY B 1 20.50 -53.21 -24.92
CA GLY B 1 21.05 -51.91 -24.45
C GLY B 1 20.42 -50.71 -25.17
N ASP B 2 19.09 -50.67 -25.17
CA ASP B 2 18.36 -49.58 -25.82
C ASP B 2 18.43 -49.71 -27.35
N GLN B 3 17.32 -49.40 -28.00
CA GLN B 3 17.24 -49.47 -29.46
C GLN B 3 16.71 -48.17 -30.05
N ALA B 4 15.46 -47.85 -29.71
CA ALA B 4 14.82 -46.64 -30.21
C ALA B 4 13.75 -46.16 -29.24
N SER B 5 13.89 -46.54 -27.97
CA SER B 5 12.93 -46.16 -26.94
C SER B 5 13.43 -44.94 -26.17
N TRP B 6 12.49 -44.18 -25.61
CA TRP B 6 12.85 -42.99 -24.84
C TRP B 6 12.67 -43.24 -23.35
N SER B 7 11.43 -43.24 -22.89
CA SER B 7 11.12 -43.49 -21.48
C SER B 7 11.76 -42.39 -20.62
N HIS B 8 11.61 -41.15 -21.03
CA HIS B 8 12.20 -40.02 -20.31
C HIS B 8 11.27 -39.50 -19.21
N PRO B 9 9.98 -39.24 -19.55
CA PRO B 9 9.00 -38.76 -18.57
C PRO B 9 8.83 -39.71 -17.40
N GLN B 10 9.37 -39.33 -16.23
CA GLN B 10 9.27 -40.17 -15.04
C GLN B 10 8.32 -39.56 -14.01
N PHE B 11 8.62 -38.33 -13.61
CA PHE B 11 7.81 -37.61 -12.64
C PHE B 11 7.29 -36.32 -13.26
N GLU B 12 6.36 -35.67 -12.56
CA GLU B 12 5.75 -34.43 -13.03
C GLU B 12 5.49 -33.49 -11.86
N LYS B 13 6.28 -33.65 -10.79
CA LYS B 13 6.12 -32.81 -9.60
C LYS B 13 6.52 -31.36 -9.85
N GLY B 14 7.70 -31.18 -10.43
CA GLY B 14 8.20 -29.84 -10.72
C GLY B 14 7.26 -29.08 -11.65
N ALA B 15 6.54 -29.82 -12.49
CA ALA B 15 5.61 -29.22 -13.43
C ALA B 15 4.45 -28.57 -12.69
N HIS B 16 3.92 -29.27 -11.70
CA HIS B 16 2.80 -28.76 -10.91
C HIS B 16 3.28 -27.73 -9.88
N LYS B 17 4.51 -27.89 -9.43
CA LYS B 17 5.09 -26.97 -8.45
C LYS B 17 5.26 -25.57 -9.05
N PHE B 18 5.72 -25.52 -10.29
CA PHE B 18 5.93 -24.24 -10.97
C PHE B 18 4.60 -23.58 -11.33
N ARG B 19 3.60 -24.41 -11.63
CA ARG B 19 2.28 -23.90 -11.99
C ARG B 19 1.64 -23.15 -10.82
N GLN B 20 1.51 -23.84 -9.68
CA GLN B 20 0.91 -23.24 -8.50
C GLN B 20 1.82 -22.14 -7.93
N LEU B 21 3.12 -22.31 -8.10
CA LEU B 21 4.09 -21.34 -7.60
C LEU B 21 3.88 -19.99 -8.27
N ASP B 22 4.00 -19.97 -9.60
CA ASP B 22 3.82 -18.74 -10.37
C ASP B 22 2.40 -18.22 -10.27
N ASN B 23 1.48 -19.11 -9.87
CA ASN B 23 0.08 -18.75 -9.72
C ASN B 23 -0.15 -17.90 -8.47
N ARG B 24 0.45 -18.32 -7.37
CA ARG B 24 0.32 -17.61 -6.11
C ARG B 24 1.21 -16.38 -6.09
N LEU B 25 2.39 -16.49 -6.68
CA LEU B 25 3.32 -15.38 -6.74
C LEU B 25 2.77 -14.25 -7.61
N ASP B 26 2.36 -14.60 -8.83
CA ASP B 26 1.80 -13.62 -9.74
C ASP B 26 0.56 -12.96 -9.15
N LYS B 27 -0.30 -13.76 -8.52
CA LYS B 27 -1.51 -13.24 -7.93
C LYS B 27 -1.20 -12.32 -6.74
N LEU B 28 -0.08 -12.58 -6.08
CA LEU B 28 0.32 -11.76 -4.94
C LEU B 28 0.57 -10.32 -5.41
N ASP B 29 1.34 -10.19 -6.49
CA ASP B 29 1.64 -8.88 -7.07
C ASP B 29 0.39 -8.18 -7.60
N THR B 30 -0.55 -8.98 -8.10
CA THR B 30 -1.80 -8.45 -8.64
C THR B 30 -2.66 -7.84 -7.53
N ARG B 31 -2.66 -8.51 -6.37
CA ARG B 31 -3.44 -8.04 -5.22
C ARG B 31 -2.81 -6.81 -4.57
N VAL B 32 -1.48 -6.81 -4.50
CA VAL B 32 -0.74 -5.69 -3.89
C VAL B 32 -0.73 -4.49 -4.83
N ASP B 33 -0.69 -4.76 -6.14
CA ASP B 33 -0.67 -3.69 -7.14
C ASP B 33 -2.00 -2.96 -7.18
N LYS B 34 -3.10 -3.72 -7.16
CA LYS B 34 -4.44 -3.14 -7.21
C LYS B 34 -4.81 -2.54 -5.86
N GLY B 35 -4.45 -3.24 -4.78
CA GLY B 35 -4.76 -2.76 -3.45
C GLY B 35 -4.20 -1.38 -3.19
N LEU B 36 -2.94 -1.16 -3.59
CA LEU B 36 -2.27 0.12 -3.42
C LEU B 36 -2.79 1.16 -4.40
N ALA B 37 -3.32 0.68 -5.53
CA ALA B 37 -3.86 1.55 -6.57
C ALA B 37 -5.15 2.23 -6.11
N SER B 38 -6.01 1.48 -5.43
CA SER B 38 -7.26 2.00 -4.93
C SER B 38 -7.06 2.71 -3.60
N SER B 39 -6.22 2.14 -2.75
CA SER B 39 -5.93 2.72 -1.44
C SER B 39 -5.39 4.14 -1.57
N ALA B 40 -4.32 4.28 -2.35
CA ALA B 40 -3.69 5.57 -2.57
C ALA B 40 -4.67 6.52 -3.25
N ALA B 41 -5.54 5.99 -4.10
CA ALA B 41 -6.53 6.79 -4.81
C ALA B 41 -7.49 7.44 -3.83
N LEU B 42 -7.80 6.74 -2.74
CA LEU B 42 -8.71 7.26 -1.73
C LEU B 42 -7.96 8.19 -0.79
N ASN B 43 -6.68 7.90 -0.54
CA ASN B 43 -5.90 8.73 0.37
C ASN B 43 -5.49 10.06 -0.24
N SER B 44 -5.59 10.13 -1.57
CA SER B 44 -5.27 11.34 -2.32
C SER B 44 -6.25 12.49 -2.06
N LEU B 45 -7.42 12.13 -1.54
CA LEU B 45 -8.45 13.10 -1.20
C LEU B 45 -8.07 13.78 0.11
N PHE B 46 -8.69 14.91 0.43
CA PHE B 46 -8.38 15.61 1.67
C PHE B 46 -9.53 16.50 2.11
N GLN B 47 -10.60 16.49 1.33
CA GLN B 47 -11.78 17.28 1.62
C GLN B 47 -11.44 18.77 1.59
N PRO B 48 -12.16 19.58 0.77
CA PRO B 48 -11.90 21.00 0.66
C PRO B 48 -12.58 21.81 1.76
N TYR B 49 -11.78 22.36 2.67
CA TYR B 49 -12.32 23.15 3.77
C TYR B 49 -13.20 22.31 4.67
N GLY B 50 -13.82 22.95 5.66
CA GLY B 50 -14.70 22.25 6.59
C GLY B 50 -15.04 23.09 7.80
N VAL B 51 -15.58 24.28 7.55
CA VAL B 51 -15.98 25.23 8.60
C VAL B 51 -17.34 24.88 9.20
N GLY B 52 -18.05 23.96 8.57
CA GLY B 52 -19.37 23.56 9.05
C GLY B 52 -20.25 23.01 7.94
N LYS B 53 -19.68 22.09 7.15
CA LYS B 53 -20.42 21.48 6.05
C LYS B 53 -19.90 20.06 5.79
N VAL B 54 -20.24 19.52 4.62
CA VAL B 54 -19.82 18.17 4.27
C VAL B 54 -18.90 18.17 3.03
N ASN B 55 -17.90 17.30 3.04
CA ASN B 55 -16.95 17.19 1.93
C ASN B 55 -16.88 15.76 1.38
N PHE B 56 -17.34 15.59 0.14
CA PHE B 56 -17.34 14.29 -0.52
C PHE B 56 -15.98 14.00 -1.15
N THR B 57 -15.44 12.82 -0.87
CA THR B 57 -14.16 12.41 -1.41
C THR B 57 -14.32 11.30 -2.44
N ALA B 58 -13.85 11.56 -3.66
CA ALA B 58 -13.94 10.60 -4.76
C ALA B 58 -12.85 10.82 -5.80
N GLY B 59 -12.21 9.74 -6.21
CA GLY B 59 -11.15 9.85 -7.20
C GLY B 59 -10.58 8.49 -7.60
N VAL B 60 -9.75 8.49 -8.64
CA VAL B 60 -9.15 7.25 -9.11
C VAL B 60 -7.62 7.31 -9.07
N GLY B 61 -6.98 6.15 -9.11
CA GLY B 61 -5.53 6.09 -9.08
C GLY B 61 -4.99 4.81 -9.67
N GLY B 62 -3.69 4.56 -9.44
CA GLY B 62 -3.08 3.35 -9.97
C GLY B 62 -1.66 3.15 -9.46
N TYR B 63 -1.33 1.90 -9.12
CA TYR B 63 0.00 1.58 -8.60
C TYR B 63 0.68 0.55 -9.50
N ARG B 64 1.95 0.83 -9.86
CA ARG B 64 2.71 -0.07 -10.71
C ARG B 64 2.16 -0.06 -12.14
N SER B 65 1.25 -0.99 -12.42
CA SER B 65 0.64 -1.09 -13.75
C SER B 65 -0.83 -1.49 -13.65
N SER B 66 -1.46 -1.17 -12.52
CA SER B 66 -2.86 -1.49 -12.30
C SER B 66 -3.65 -0.26 -11.85
N GLN B 67 -4.87 -0.12 -12.33
CA GLN B 67 -5.71 1.01 -11.98
C GLN B 67 -6.88 0.58 -11.10
N ALA B 68 -7.36 1.49 -10.24
CA ALA B 68 -8.48 1.20 -9.35
C ALA B 68 -9.34 2.43 -9.10
N LEU B 69 -10.47 2.23 -8.43
CA LEU B 69 -11.39 3.33 -8.13
C LEU B 69 -11.58 3.46 -6.62
N ALA B 70 -11.69 4.70 -6.15
CA ALA B 70 -11.88 4.96 -4.72
C ALA B 70 -13.01 5.95 -4.47
N ILE B 71 -13.84 5.66 -3.47
CA ILE B 71 -14.96 6.54 -3.13
C ILE B 71 -15.10 6.71 -1.62
N GLY B 72 -15.82 7.74 -1.19
CA GLY B 72 -16.00 8.00 0.22
C GLY B 72 -16.67 9.33 0.49
N SER B 73 -16.88 9.64 1.76
CA SER B 73 -17.51 10.89 2.16
C SER B 73 -17.26 11.19 3.62
N GLY B 74 -17.18 12.49 3.95
CA GLY B 74 -16.95 12.90 5.32
C GLY B 74 -17.57 14.26 5.62
N TYR B 75 -17.63 14.60 6.90
CA TYR B 75 -18.21 15.87 7.31
C TYR B 75 -17.30 16.58 8.32
N ARG B 76 -17.10 17.88 8.11
CA ARG B 76 -16.25 18.68 8.99
C ARG B 76 -17.01 19.89 9.51
N VAL B 77 -17.12 19.99 10.84
CA VAL B 77 -17.82 21.11 11.48
C VAL B 77 -16.85 22.02 12.21
N ASN B 78 -17.06 23.33 12.09
CA ASN B 78 -16.20 24.30 12.76
C ASN B 78 -14.77 24.24 12.21
N GLU B 79 -13.92 23.52 12.92
CA GLU B 79 -12.52 23.37 12.53
C GLU B 79 -11.75 22.59 13.59
N SER B 80 -12.27 22.56 14.81
CA SER B 80 -11.63 21.84 15.90
C SER B 80 -11.72 20.33 15.70
N VAL B 81 -12.94 19.81 15.76
CA VAL B 81 -13.17 18.39 15.58
C VAL B 81 -13.43 18.07 14.11
N ALA B 82 -12.90 16.95 13.64
CA ALA B 82 -13.08 16.54 12.25
C ALA B 82 -13.08 15.02 12.12
N LEU B 83 -13.74 14.53 11.07
CA LEU B 83 -13.81 13.10 10.81
C LEU B 83 -13.91 12.82 9.32
N LYS B 84 -13.38 11.68 8.90
CA LYS B 84 -13.40 11.28 7.48
C LYS B 84 -13.46 9.77 7.33
N ALA B 85 -14.22 9.31 6.35
CA ALA B 85 -14.36 7.88 6.10
C ALA B 85 -14.61 7.61 4.61
N GLY B 86 -14.68 6.32 4.25
CA GLY B 86 -14.91 5.96 2.87
C GLY B 86 -14.60 4.50 2.60
N VAL B 87 -14.66 4.10 1.33
CA VAL B 87 -14.38 2.73 0.94
C VAL B 87 -13.70 2.66 -0.43
N ALA B 88 -12.70 1.80 -0.56
CA ALA B 88 -11.96 1.66 -1.81
C ALA B 88 -12.26 0.31 -2.47
N TYR B 89 -12.31 0.31 -3.80
CA TYR B 89 -12.59 -0.91 -4.57
C TYR B 89 -11.45 -1.22 -5.55
N ALA B 90 -10.76 -2.31 -5.29
CA ALA B 90 -9.64 -2.74 -6.14
C ALA B 90 -9.88 -4.12 -6.75
N GLY B 91 -9.70 -4.21 -8.06
CA GLY B 91 -9.90 -5.47 -8.75
C GLY B 91 -11.33 -5.98 -8.61
N SER B 92 -11.49 -7.13 -7.96
CA SER B 92 -12.82 -7.72 -7.77
C SER B 92 -12.89 -8.51 -6.46
N SER B 93 -11.83 -8.39 -5.65
CA SER B 93 -11.74 -9.09 -4.37
C SER B 93 -10.80 -8.36 -3.41
N ASP B 94 -10.60 -7.07 -3.65
CA ASP B 94 -9.73 -6.25 -2.81
C ASP B 94 -10.45 -5.00 -2.32
N VAL B 95 -11.22 -5.15 -1.25
CA VAL B 95 -11.96 -4.03 -0.69
C VAL B 95 -11.35 -3.60 0.65
N MET B 96 -11.29 -2.29 0.85
CA MET B 96 -10.73 -1.74 2.09
C MET B 96 -11.62 -0.63 2.63
N TYR B 97 -11.75 -0.59 3.96
CA TYR B 97 -12.59 0.42 4.61
C TYR B 97 -11.75 1.39 5.43
N ASN B 98 -11.88 2.69 5.14
CA ASN B 98 -11.13 3.71 5.87
C ASN B 98 -12.03 4.53 6.78
N ALA B 99 -11.47 4.98 7.91
CA ALA B 99 -12.22 5.79 8.88
C ALA B 99 -11.26 6.46 9.86
N SER B 100 -10.75 7.63 9.50
CA SER B 100 -9.83 8.36 10.37
C SER B 100 -10.43 9.68 10.84
N PHE B 101 -9.86 10.27 11.89
CA PHE B 101 -10.37 11.53 12.44
C PHE B 101 -9.22 12.53 12.62
N ASN B 102 -9.53 13.81 12.42
CA ASN B 102 -8.55 14.88 12.56
C ASN B 102 -8.95 15.80 13.71
N ILE B 103 -8.00 16.11 14.60
CA ILE B 103 -8.27 16.99 15.73
C ILE B 103 -7.17 18.03 15.87
N GLU B 104 -7.55 19.30 15.77
CA GLU B 104 -6.59 20.39 15.88
C GLU B 104 -6.92 21.29 17.09
N TRP B 105 -5.93 22.05 17.54
CA TRP B 105 -6.14 22.94 18.69
C TRP B 105 -5.44 24.28 18.44
N GLY C 1 30.06 -54.44 -1.72
CA GLY C 1 29.09 -53.74 -0.84
C GLY C 1 29.61 -52.40 -0.35
N ASP C 2 30.06 -51.56 -1.28
CA ASP C 2 30.59 -50.24 -0.95
C ASP C 2 31.96 -50.34 -0.27
N GLN C 3 32.85 -49.41 -0.61
CA GLN C 3 34.19 -49.40 -0.05
C GLN C 3 34.53 -48.02 0.51
N ALA C 4 34.58 -47.03 -0.38
CA ALA C 4 34.89 -45.67 0.02
C ALA C 4 34.28 -44.66 -0.93
N SER C 5 33.20 -45.07 -1.60
CA SER C 5 32.51 -44.22 -2.56
C SER C 5 31.29 -43.56 -1.91
N TRP C 6 30.90 -42.40 -2.44
CA TRP C 6 29.75 -41.68 -1.90
C TRP C 6 28.55 -41.81 -2.83
N SER C 7 28.59 -41.07 -3.94
CA SER C 7 27.50 -41.11 -4.92
C SER C 7 26.19 -40.66 -4.27
N HIS C 8 26.26 -39.55 -3.54
CA HIS C 8 25.09 -39.02 -2.85
C HIS C 8 24.29 -38.07 -3.75
N PRO C 9 24.96 -37.08 -4.39
CA PRO C 9 24.29 -36.13 -5.28
C PRO C 9 23.58 -36.83 -6.44
N GLN C 10 22.25 -36.86 -6.37
CA GLN C 10 21.46 -37.50 -7.42
C GLN C 10 20.69 -36.47 -8.25
N PHE C 11 19.88 -35.68 -7.57
CA PHE C 11 19.10 -34.63 -8.22
C PHE C 11 19.47 -33.28 -7.63
N GLU C 12 18.98 -32.22 -8.27
CA GLU C 12 19.25 -30.84 -7.85
C GLU C 12 18.02 -29.95 -8.07
N LYS C 13 16.85 -30.58 -8.08
CA LYS C 13 15.59 -29.85 -8.29
C LYS C 13 15.27 -28.92 -7.12
N GLY C 14 15.32 -29.46 -5.91
CA GLY C 14 15.02 -28.68 -4.72
C GLY C 14 15.96 -27.49 -4.57
N ALA C 15 17.17 -27.64 -5.10
CA ALA C 15 18.16 -26.58 -5.04
C ALA C 15 17.73 -25.37 -5.87
N HIS C 16 17.22 -25.64 -7.06
CA HIS C 16 16.77 -24.58 -7.95
C HIS C 16 15.40 -24.07 -7.54
N LYS C 17 14.60 -24.94 -6.93
CA LYS C 17 13.25 -24.58 -6.48
C LYS C 17 13.33 -23.55 -5.35
N PHE C 18 14.27 -23.75 -4.43
CA PHE C 18 14.44 -22.84 -3.30
C PHE C 18 15.04 -21.51 -3.75
N ARG C 19 15.88 -21.56 -4.77
CA ARG C 19 16.53 -20.36 -5.30
C ARG C 19 15.49 -19.41 -5.89
N GLN C 20 14.72 -19.89 -6.86
CA GLN C 20 13.70 -19.08 -7.51
C GLN C 20 12.56 -18.76 -6.54
N LEU C 21 12.31 -19.68 -5.61
CA LEU C 21 11.25 -19.48 -4.63
C LEU C 21 11.53 -18.26 -3.75
N ASP C 22 12.67 -18.29 -3.06
CA ASP C 22 13.06 -17.18 -2.19
C ASP C 22 13.32 -15.91 -3.01
N ASN C 23 13.54 -16.09 -4.31
CA ASN C 23 13.81 -14.96 -5.20
C ASN C 23 12.53 -14.17 -5.47
N ARG C 24 11.44 -14.90 -5.77
CA ARG C 24 10.15 -14.28 -6.06
C ARG C 24 9.48 -13.82 -4.78
N LEU C 25 9.63 -14.61 -3.71
CA LEU C 25 9.04 -14.27 -2.43
C LEU C 25 9.69 -13.02 -1.85
N ASP C 26 11.01 -13.02 -1.78
CA ASP C 26 11.75 -11.88 -1.25
C ASP C 26 11.46 -10.62 -2.07
N LYS C 27 11.43 -10.77 -3.38
CA LYS C 27 11.17 -9.63 -4.26
C LYS C 27 9.75 -9.12 -4.08
N LEU C 28 8.83 -10.01 -3.71
CA LEU C 28 7.45 -9.62 -3.50
C LEU C 28 7.36 -8.60 -2.36
N ASP C 29 8.02 -8.92 -1.24
CA ASP C 29 8.06 -8.04 -0.08
C ASP C 29 8.78 -6.72 -0.38
N THR C 30 9.77 -6.80 -1.25
CA THR C 30 10.53 -5.61 -1.63
C THR C 30 9.67 -4.64 -2.43
N ARG C 31 8.83 -5.20 -3.30
CA ARG C 31 7.95 -4.38 -4.14
C ARG C 31 6.80 -3.78 -3.32
N VAL C 32 6.26 -4.58 -2.41
CA VAL C 32 5.15 -4.14 -1.56
C VAL C 32 5.63 -3.16 -0.49
N ASP C 33 6.86 -3.38 -0.01
CA ASP C 33 7.45 -2.51 1.00
C ASP C 33 7.74 -1.12 0.45
N LYS C 34 8.33 -1.09 -0.74
CA LYS C 34 8.68 0.18 -1.38
C LYS C 34 7.42 0.85 -1.95
N GLY C 35 6.54 0.06 -2.54
CA GLY C 35 5.31 0.61 -3.12
C GLY C 35 4.50 1.37 -2.10
N LEU C 36 4.36 0.80 -0.90
CA LEU C 36 3.59 1.42 0.18
C LEU C 36 4.37 2.58 0.80
N ALA C 37 5.69 2.54 0.68
CA ALA C 37 6.55 3.59 1.21
C ALA C 37 6.40 4.89 0.43
N SER C 38 6.31 4.78 -0.89
CA SER C 38 6.16 5.95 -1.75
C SER C 38 4.69 6.37 -1.83
N SER C 39 3.81 5.38 -1.91
CA SER C 39 2.37 5.65 -1.99
C SER C 39 1.89 6.46 -0.79
N ALA C 40 2.18 5.95 0.41
CA ALA C 40 1.78 6.62 1.64
C ALA C 40 2.45 7.98 1.74
N ALA C 41 3.67 8.08 1.21
CA ALA C 41 4.42 9.34 1.24
C ALA C 41 3.70 10.42 0.44
N LEU C 42 3.04 10.00 -0.63
CA LEU C 42 2.31 10.95 -1.47
C LEU C 42 0.93 11.22 -0.87
N ASN C 43 0.34 10.23 -0.21
CA ASN C 43 -0.98 10.41 0.37
C ASN C 43 -0.95 11.24 1.65
N SER C 44 0.24 11.39 2.22
CA SER C 44 0.46 12.18 3.42
C SER C 44 0.24 13.68 3.20
N LEU C 45 0.29 14.08 1.93
CA LEU C 45 0.06 15.46 1.55
C LEU C 45 -1.43 15.75 1.58
N PHE C 46 -1.81 17.01 1.59
CA PHE C 46 -3.23 17.36 1.63
C PHE C 46 -3.48 18.76 1.06
N GLN C 47 -2.41 19.40 0.63
CA GLN C 47 -2.48 20.74 0.06
C GLN C 47 -3.00 21.73 1.11
N PRO C 48 -2.26 22.82 1.38
CA PRO C 48 -2.65 23.82 2.37
C PRO C 48 -3.62 24.85 1.81
N TYR C 49 -4.88 24.79 2.26
CA TYR C 49 -5.89 25.72 1.80
C TYR C 49 -6.15 25.55 0.30
N GLY C 50 -7.00 26.42 -0.24
CA GLY C 50 -7.31 26.35 -1.66
C GLY C 50 -8.52 27.21 -2.02
N VAL C 51 -8.45 28.49 -1.67
CA VAL C 51 -9.51 29.46 -1.94
C VAL C 51 -9.48 29.98 -3.37
N GLY C 52 -8.39 29.68 -4.09
CA GLY C 52 -8.25 30.14 -5.46
C GLY C 52 -6.80 30.25 -5.89
N LYS C 53 -6.03 29.19 -5.60
CA LYS C 53 -4.62 29.16 -5.96
C LYS C 53 -4.16 27.74 -6.21
N VAL C 54 -2.83 27.53 -6.21
CA VAL C 54 -2.29 26.19 -6.46
C VAL C 54 -1.51 25.68 -5.25
N ASN C 55 -1.62 24.38 -4.98
CA ASN C 55 -0.92 23.76 -3.85
C ASN C 55 -0.05 22.58 -4.31
N PHE C 56 1.26 22.75 -4.17
CA PHE C 56 2.23 21.71 -4.55
C PHE C 56 2.40 20.69 -3.44
N THR C 57 2.29 19.42 -3.80
CA THR C 57 2.45 18.33 -2.84
C THR C 57 3.75 17.56 -3.07
N ALA C 58 4.59 17.52 -2.05
CA ALA C 58 5.89 16.82 -2.13
C ALA C 58 6.36 16.38 -0.75
N GLY C 59 6.81 15.12 -0.66
CA GLY C 59 7.29 14.60 0.60
C GLY C 59 7.84 13.19 0.47
N VAL C 60 8.48 12.70 1.54
CA VAL C 60 9.05 11.37 1.54
C VAL C 60 8.45 10.50 2.66
N GLY C 61 8.60 9.19 2.52
CA GLY C 61 8.08 8.28 3.52
C GLY C 61 8.79 6.94 3.51
N GLY C 62 8.20 5.96 4.20
CA GLY C 62 8.79 4.63 4.26
C GLY C 62 7.89 3.62 4.93
N TYR C 63 7.84 2.42 4.37
CA TYR C 63 7.02 1.35 4.92
C TYR C 63 7.86 0.14 5.28
N ARG C 64 7.66 -0.39 6.49
CA ARG C 64 8.42 -1.54 6.96
C ARG C 64 9.88 -1.18 7.21
N SER C 65 10.71 -1.37 6.20
CA SER C 65 12.14 -1.06 6.30
C SER C 65 12.68 -0.51 4.98
N SER C 66 11.80 0.10 4.20
CA SER C 66 12.19 0.68 2.91
C SER C 66 11.70 2.12 2.79
N GLN C 67 12.53 2.98 2.20
CA GLN C 67 12.18 4.39 2.03
C GLN C 67 11.93 4.72 0.55
N ALA C 68 11.07 5.71 0.31
CA ALA C 68 10.74 6.12 -1.05
C ALA C 68 10.48 7.63 -1.13
N LEU C 69 10.34 8.13 -2.36
CA LEU C 69 10.07 9.55 -2.59
C LEU C 69 8.75 9.73 -3.33
N ALA C 70 8.02 10.79 -2.97
CA ALA C 70 6.73 11.08 -3.62
C ALA C 70 6.62 12.54 -4.03
N ILE C 71 6.11 12.78 -5.23
CA ILE C 71 5.94 14.15 -5.73
C ILE C 71 4.59 14.32 -6.42
N GLY C 72 4.17 15.58 -6.58
CA GLY C 72 2.90 15.86 -7.23
C GLY C 72 2.51 17.32 -7.13
N SER C 73 1.36 17.66 -7.70
CA SER C 73 0.88 19.03 -7.67
C SER C 73 -0.62 19.10 -7.99
N GLY C 74 -1.29 20.08 -7.41
CA GLY C 74 -2.72 20.24 -7.64
C GLY C 74 -3.16 21.69 -7.50
N TYR C 75 -4.38 21.98 -7.95
CA TYR C 75 -4.91 23.33 -7.88
C TYR C 75 -6.32 23.33 -7.31
N ARG C 76 -6.58 24.25 -6.37
CA ARG C 76 -7.89 24.36 -5.75
C ARG C 76 -8.44 25.78 -5.89
N VAL C 77 -9.61 25.90 -6.52
CA VAL C 77 -10.26 27.20 -6.72
C VAL C 77 -11.52 27.33 -5.88
N ASN C 78 -11.71 28.51 -5.28
CA ASN C 78 -12.88 28.76 -4.45
C ASN C 78 -12.88 27.87 -3.22
N GLU C 79 -13.60 26.76 -3.30
CA GLU C 79 -13.70 25.81 -2.20
C GLU C 79 -14.69 24.70 -2.52
N SER C 80 -15.59 24.96 -3.47
CA SER C 80 -16.58 23.98 -3.87
C SER C 80 -15.94 22.83 -4.64
N VAL C 81 -15.42 23.14 -5.82
CA VAL C 81 -14.77 22.14 -6.65
C VAL C 81 -13.27 22.08 -6.35
N ALA C 82 -12.71 20.86 -6.34
CA ALA C 82 -11.30 20.68 -6.06
C ALA C 82 -10.74 19.47 -6.79
N LEU C 83 -9.44 19.50 -7.05
CA LEU C 83 -8.77 18.41 -7.75
C LEU C 83 -7.33 18.26 -7.28
N LYS C 84 -6.81 17.05 -7.32
CA LYS C 84 -5.44 16.77 -6.89
C LYS C 84 -4.84 15.59 -7.67
N ALA C 85 -3.56 15.71 -8.01
CA ALA C 85 -2.87 14.65 -8.75
C ALA C 85 -1.39 14.62 -8.41
N GLY C 86 -0.68 13.64 -8.97
CA GLY C 86 0.75 13.51 -8.71
C GLY C 86 1.29 12.16 -9.13
N VAL C 87 2.56 11.90 -8.80
CA VAL C 87 3.20 10.64 -9.15
C VAL C 87 4.20 10.23 -8.07
N ALA C 88 4.21 8.93 -7.75
CA ALA C 88 5.11 8.41 -6.73
C ALA C 88 6.19 7.52 -7.35
N TYR C 89 7.39 7.58 -6.78
CA TYR C 89 8.52 6.80 -7.28
C TYR C 89 9.09 5.90 -6.18
N ALA C 90 8.93 4.58 -6.37
CA ALA C 90 9.41 3.59 -5.41
C ALA C 90 10.44 2.64 -6.03
N GLY C 91 11.58 2.49 -5.36
CA GLY C 91 12.63 1.62 -5.86
C GLY C 91 13.14 2.06 -7.22
N SER C 92 12.95 1.22 -8.24
CA SER C 92 13.40 1.54 -9.58
C SER C 92 12.49 0.93 -10.64
N SER C 93 11.37 0.37 -10.18
CA SER C 93 10.40 -0.27 -11.06
C SER C 93 9.00 -0.27 -10.44
N ASP C 94 8.77 0.65 -9.50
CA ASP C 94 7.50 0.76 -8.82
C ASP C 94 6.95 2.18 -8.91
N VAL C 95 6.31 2.49 -10.03
CA VAL C 95 5.74 3.83 -10.22
C VAL C 95 4.21 3.77 -10.16
N MET C 96 3.63 4.78 -9.52
CA MET C 96 2.18 4.86 -9.37
C MET C 96 1.69 6.27 -9.69
N TYR C 97 0.53 6.36 -10.35
CA TYR C 97 -0.04 7.64 -10.73
C TYR C 97 -1.34 7.90 -9.97
N ASN C 98 -1.42 9.03 -9.26
CA ASN C 98 -2.61 9.38 -8.52
C ASN C 98 -3.35 10.56 -9.15
N ALA C 99 -4.68 10.56 -9.01
CA ALA C 99 -5.52 11.63 -9.56
C ALA C 99 -6.93 11.57 -8.97
N SER C 100 -7.11 12.21 -7.82
CA SER C 100 -8.42 12.23 -7.16
C SER C 100 -9.01 13.64 -7.11
N PHE C 101 -10.31 13.74 -6.87
CA PHE C 101 -10.98 15.03 -6.81
C PHE C 101 -11.83 15.16 -5.55
N ASN C 102 -11.90 16.37 -5.01
CA ASN C 102 -12.69 16.63 -3.81
C ASN C 102 -13.84 17.59 -4.13
N ILE C 103 -15.04 17.24 -3.68
CA ILE C 103 -16.21 18.08 -3.92
C ILE C 103 -17.02 18.27 -2.65
N GLU C 104 -17.16 19.51 -2.21
CA GLU C 104 -17.91 19.81 -1.00
C GLU C 104 -19.12 20.69 -1.31
N TRP C 105 -20.10 20.71 -0.41
CA TRP C 105 -21.30 21.52 -0.59
C TRP C 105 -21.71 22.19 0.72
N GLY A 1 5.52 -60.61 -7.98
CA GLY A 1 4.91 -59.53 -8.81
C GLY A 1 3.82 -58.78 -8.09
N ASP A 2 4.12 -58.31 -6.88
CA ASP A 2 3.15 -57.57 -6.07
C ASP A 2 2.05 -58.49 -5.55
N GLN A 3 1.80 -58.41 -4.25
CA GLN A 3 0.77 -59.23 -3.61
C GLN A 3 -0.43 -58.38 -3.22
N ALA A 4 -0.27 -57.60 -2.16
CA ALA A 4 -1.35 -56.75 -1.68
C ALA A 4 -0.81 -55.44 -1.13
N SER A 5 0.39 -55.08 -1.57
CA SER A 5 1.05 -53.85 -1.13
C SER A 5 1.23 -52.89 -2.30
N TRP A 6 1.12 -51.59 -2.01
CA TRP A 6 1.28 -50.57 -3.04
C TRP A 6 2.61 -49.85 -2.88
N SER A 7 2.86 -49.32 -1.68
CA SER A 7 4.10 -48.62 -1.40
C SER A 7 4.23 -47.41 -2.33
N HIS A 8 3.29 -46.48 -2.23
CA HIS A 8 3.30 -45.29 -3.07
C HIS A 8 4.16 -44.17 -2.49
N PRO A 9 3.97 -43.84 -1.20
CA PRO A 9 4.76 -42.79 -0.53
C PRO A 9 6.22 -43.19 -0.35
N GLN A 10 7.10 -42.55 -1.11
CA GLN A 10 8.54 -42.85 -1.03
C GLN A 10 9.30 -41.70 -0.37
N PHE A 11 9.20 -40.52 -0.97
CA PHE A 11 9.86 -39.33 -0.45
C PHE A 11 8.82 -38.37 0.12
N GLU A 12 9.32 -37.31 0.77
CA GLU A 12 8.46 -36.30 1.39
C GLU A 12 8.87 -34.90 0.95
N LYS A 13 9.71 -34.83 -0.07
CA LYS A 13 10.20 -33.55 -0.59
C LYS A 13 9.06 -32.69 -1.15
N GLY A 14 8.12 -33.35 -1.84
CA GLY A 14 7.00 -32.63 -2.42
C GLY A 14 6.06 -32.09 -1.36
N ALA A 15 5.98 -32.78 -0.23
CA ALA A 15 5.12 -32.36 0.87
C ALA A 15 5.66 -31.11 1.55
N HIS A 16 6.90 -31.19 2.03
CA HIS A 16 7.54 -30.08 2.70
C HIS A 16 7.59 -28.85 1.79
N LYS A 17 7.64 -29.09 0.48
CA LYS A 17 7.69 -28.00 -0.50
C LYS A 17 6.37 -27.24 -0.52
N PHE A 18 5.27 -27.97 -0.67
CA PHE A 18 3.95 -27.36 -0.72
C PHE A 18 3.56 -26.79 0.65
N ARG A 19 4.22 -27.27 1.70
CA ARG A 19 3.94 -26.82 3.06
C ARG A 19 4.44 -25.39 3.26
N GLN A 20 5.75 -25.20 3.08
CA GLN A 20 6.36 -23.88 3.26
C GLN A 20 6.01 -22.96 2.09
N LEU A 21 5.54 -23.55 0.99
CA LEU A 21 5.17 -22.78 -0.19
C LEU A 21 3.93 -21.95 0.08
N ASP A 22 2.90 -22.58 0.64
CA ASP A 22 1.66 -21.90 0.95
C ASP A 22 1.82 -21.00 2.17
N ASN A 23 2.74 -21.37 3.05
CA ASN A 23 3.00 -20.59 4.26
C ASN A 23 3.63 -19.24 3.93
N ARG A 24 4.70 -19.29 3.14
CA ARG A 24 5.40 -18.08 2.73
C ARG A 24 4.49 -17.16 1.93
N LEU A 25 3.76 -17.75 0.98
CA LEU A 25 2.84 -16.98 0.15
C LEU A 25 1.82 -16.25 1.01
N ASP A 26 1.19 -16.97 1.92
CA ASP A 26 0.18 -16.38 2.80
C ASP A 26 0.79 -15.25 3.63
N LYS A 27 2.03 -15.45 4.08
CA LYS A 27 2.71 -14.44 4.88
C LYS A 27 2.86 -13.14 4.11
N LEU A 28 3.05 -13.23 2.80
CA LEU A 28 3.19 -12.05 1.96
C LEU A 28 1.87 -11.31 1.90
N ASP A 29 0.78 -12.06 1.77
CA ASP A 29 -0.56 -11.50 1.72
C ASP A 29 -0.98 -10.90 3.05
N THR A 30 -0.38 -11.39 4.13
CA THR A 30 -0.68 -10.90 5.47
C THR A 30 0.05 -9.59 5.74
N ARG A 31 1.31 -9.51 5.30
CA ARG A 31 2.12 -8.32 5.51
C ARG A 31 1.61 -7.15 4.66
N VAL A 32 1.13 -7.46 3.46
CA VAL A 32 0.61 -6.44 2.56
C VAL A 32 -0.78 -5.99 2.97
N ASP A 33 -1.55 -6.91 3.54
CA ASP A 33 -2.91 -6.62 4.00
C ASP A 33 -2.90 -5.63 5.16
N LYS A 34 -2.00 -5.87 6.12
CA LYS A 34 -1.89 -5.01 7.29
C LYS A 34 -1.14 -3.73 6.95
N GLY A 35 -0.20 -3.82 6.01
CA GLY A 35 0.57 -2.65 5.61
C GLY A 35 -0.25 -1.64 4.84
N LEU A 36 -1.19 -2.15 4.04
CA LEU A 36 -2.06 -1.28 3.23
C LEU A 36 -3.12 -0.62 4.10
N ALA A 37 -3.48 -1.29 5.20
CA ALA A 37 -4.49 -0.78 6.12
C ALA A 37 -3.90 0.26 7.06
N SER A 38 -2.74 -0.06 7.63
CA SER A 38 -2.06 0.85 8.55
C SER A 38 -1.58 2.10 7.82
N SER A 39 -1.06 1.91 6.61
CA SER A 39 -0.57 3.03 5.81
C SER A 39 -1.71 3.94 5.37
N ALA A 40 -2.72 3.35 4.77
CA ALA A 40 -3.89 4.09 4.30
C ALA A 40 -4.60 4.76 5.48
N ALA A 41 -4.45 4.17 6.66
CA ALA A 41 -5.08 4.71 7.87
C ALA A 41 -4.50 6.07 8.22
N LEU A 42 -3.20 6.23 8.04
CA LEU A 42 -2.54 7.50 8.33
C LEU A 42 -2.77 8.48 7.20
N ASN A 43 -2.85 7.98 5.96
CA ASN A 43 -3.03 8.85 4.81
C ASN A 43 -4.45 9.41 4.72
N SER A 44 -5.36 8.80 5.50
CA SER A 44 -6.75 9.22 5.56
C SER A 44 -6.95 10.55 6.30
N LEU A 45 -5.94 10.93 7.08
CA LEU A 45 -5.95 12.19 7.80
C LEU A 45 -5.55 13.30 6.85
N PHE A 46 -5.93 14.54 7.16
CA PHE A 46 -5.57 15.66 6.30
C PHE A 46 -5.32 16.93 7.10
N GLN A 47 -5.66 16.87 8.38
CA GLN A 47 -5.47 18.00 9.29
C GLN A 47 -6.51 19.09 8.99
N PRO A 48 -7.34 19.46 9.98
CA PRO A 48 -8.37 20.47 9.80
C PRO A 48 -7.81 21.89 9.82
N TYR A 49 -7.64 22.47 8.63
CA TYR A 49 -7.12 23.82 8.52
C TYR A 49 -5.70 23.90 9.08
N GLY A 50 -5.19 25.13 9.21
CA GLY A 50 -3.85 25.32 9.73
C GLY A 50 -3.31 26.71 9.42
N VAL A 51 -4.01 27.73 9.92
CA VAL A 51 -3.63 29.13 9.73
C VAL A 51 -2.36 29.51 10.49
N GLY A 52 -2.01 28.71 11.49
CA GLY A 52 -0.83 28.97 12.29
C GLY A 52 -0.87 28.25 13.62
N LYS A 53 -1.11 26.95 13.58
CA LYS A 53 -1.17 26.14 14.80
C LYS A 53 -0.77 24.70 14.50
N VAL A 54 -1.21 23.77 15.35
CA VAL A 54 -0.89 22.37 15.18
C VAL A 54 -2.16 21.52 15.03
N ASN A 55 -2.07 20.47 14.20
CA ASN A 55 -3.20 19.57 13.97
C ASN A 55 -2.82 18.11 14.20
N PHE A 56 -3.53 17.46 15.13
CA PHE A 56 -3.29 16.06 15.46
C PHE A 56 -4.02 15.13 14.49
N THR A 57 -3.26 14.23 13.87
CA THR A 57 -3.82 13.27 12.92
C THR A 57 -3.86 11.87 13.53
N ALA A 58 -5.06 11.30 13.61
CA ALA A 58 -5.25 9.97 14.17
C ALA A 58 -6.46 9.27 13.53
N GLY A 59 -6.30 7.98 13.22
CA GLY A 59 -7.37 7.23 12.61
C GLY A 59 -6.98 5.79 12.29
N VAL A 60 -7.96 4.96 12.01
CA VAL A 60 -7.70 3.55 11.69
C VAL A 60 -8.25 3.20 10.31
N GLY A 61 -8.04 1.95 9.90
CA GLY A 61 -8.51 1.49 8.61
C GLY A 61 -8.53 -0.02 8.49
N GLY A 62 -8.94 -0.52 7.34
CA GLY A 62 -8.99 -1.96 7.12
C GLY A 62 -8.96 -2.32 5.65
N TYR A 63 -8.13 -3.31 5.31
CA TYR A 63 -8.01 -3.76 3.92
C TYR A 63 -8.26 -5.26 3.82
N ARG A 64 -9.21 -5.64 2.97
CA ARG A 64 -9.56 -7.05 2.79
C ARG A 64 -10.22 -7.61 4.04
N SER A 65 -9.41 -8.07 4.99
CA SER A 65 -9.91 -8.64 6.24
C SER A 65 -8.98 -8.33 7.41
N SER A 66 -8.11 -7.35 7.21
CA SER A 66 -7.16 -6.95 8.24
C SER A 66 -7.39 -5.50 8.65
N GLN A 67 -7.25 -5.22 9.95
CA GLN A 67 -7.45 -3.87 10.47
C GLN A 67 -6.19 -3.37 11.17
N ALA A 68 -5.92 -2.07 11.06
CA ALA A 68 -4.75 -1.45 11.67
C ALA A 68 -5.06 -0.07 12.22
N LEU A 69 -4.10 0.51 12.95
CA LEU A 69 -4.26 1.83 13.53
C LEU A 69 -3.13 2.76 13.08
N ALA A 70 -3.45 4.04 12.89
CA ALA A 70 -2.46 5.01 12.45
C ALA A 70 -2.49 6.28 13.31
N ILE A 71 -1.38 6.58 13.97
CA ILE A 71 -1.30 7.78 14.82
C ILE A 71 -0.22 8.74 14.32
N GLY A 72 -0.39 10.02 14.59
CA GLY A 72 0.57 11.01 14.17
C GLY A 72 0.07 12.43 14.39
N SER A 73 0.82 13.41 13.88
CA SER A 73 0.46 14.81 14.03
C SER A 73 1.34 15.71 13.16
N GLY A 74 0.84 16.90 12.86
CA GLY A 74 1.58 17.83 12.04
C GLY A 74 1.37 19.26 12.47
N TYR A 75 2.06 20.19 11.81
CA TYR A 75 1.94 21.61 12.13
C TYR A 75 1.88 22.47 10.88
N ARG A 76 0.92 23.39 10.84
CA ARG A 76 0.75 24.28 9.70
C ARG A 76 0.75 25.74 10.14
N VAL A 77 1.74 26.50 9.66
CA VAL A 77 1.87 27.92 10.00
C VAL A 77 1.46 28.80 8.82
N ASN A 78 0.74 29.88 9.12
CA ASN A 78 0.30 30.81 8.08
C ASN A 78 -0.75 30.17 7.19
N GLU A 79 -0.29 29.57 6.09
CA GLU A 79 -1.19 28.92 5.13
C GLU A 79 -0.42 28.47 3.90
N SER A 80 0.70 29.14 3.63
CA SER A 80 1.53 28.80 2.47
C SER A 80 2.38 27.57 2.74
N VAL A 81 3.11 27.60 3.86
CA VAL A 81 3.96 26.48 4.23
C VAL A 81 3.19 25.49 5.11
N ALA A 82 3.37 24.21 4.86
CA ALA A 82 2.68 23.17 5.62
C ALA A 82 3.56 21.95 5.81
N LEU A 83 3.19 21.10 6.75
CA LEU A 83 3.94 19.87 7.03
C LEU A 83 3.06 18.85 7.75
N LYS A 84 3.40 17.57 7.60
CA LYS A 84 2.64 16.49 8.23
C LYS A 84 3.48 15.22 8.32
N ALA A 85 3.45 14.59 9.50
CA ALA A 85 4.20 13.36 9.72
C ALA A 85 3.54 12.49 10.79
N GLY A 86 4.03 11.27 10.96
CA GLY A 86 3.48 10.37 11.93
C GLY A 86 3.97 8.94 11.77
N VAL A 87 3.43 8.03 12.56
CA VAL A 87 3.81 6.62 12.50
C VAL A 87 2.59 5.71 12.41
N ALA A 88 2.68 4.68 11.57
CA ALA A 88 1.58 3.75 11.39
C ALA A 88 1.93 2.36 11.93
N TYR A 89 0.98 1.74 12.63
CA TYR A 89 1.19 0.42 13.21
C TYR A 89 0.36 -0.64 12.48
N ALA A 90 1.04 -1.68 12.00
CA ALA A 90 0.38 -2.77 11.28
C ALA A 90 0.81 -4.14 11.81
N GLY A 91 -0.17 -5.02 11.98
CA GLY A 91 0.11 -6.35 12.49
C GLY A 91 0.84 -6.33 13.82
N SER A 92 2.00 -6.96 13.87
CA SER A 92 2.79 -7.00 15.10
C SER A 92 4.28 -6.81 14.82
N SER A 93 4.59 -6.45 13.58
CA SER A 93 5.97 -6.22 13.14
C SER A 93 6.02 -5.48 11.81
N ASP A 94 5.04 -4.60 11.59
CA ASP A 94 4.96 -3.83 10.36
C ASP A 94 4.72 -2.35 10.67
N VAL A 95 5.80 -1.63 10.98
CA VAL A 95 5.71 -0.21 11.28
C VAL A 95 6.32 0.63 10.17
N MET A 96 5.79 1.84 9.99
CA MET A 96 6.28 2.74 8.96
C MET A 96 6.18 4.20 9.42
N TYR A 97 6.96 5.07 8.78
CA TYR A 97 6.96 6.48 9.14
C TYR A 97 6.73 7.37 7.92
N ASN A 98 5.96 8.44 8.10
CA ASN A 98 5.67 9.35 7.00
C ASN A 98 6.21 10.76 7.28
N ALA A 99 6.64 11.44 6.22
CA ALA A 99 7.18 12.79 6.33
C ALA A 99 6.97 13.57 5.03
N SER A 100 5.81 14.21 4.90
CA SER A 100 5.50 14.98 3.69
C SER A 100 5.21 16.45 4.02
N PHE A 101 5.54 17.35 3.09
CA PHE A 101 5.31 18.77 3.32
C PHE A 101 4.47 19.37 2.20
N ASN A 102 3.59 20.31 2.56
CA ASN A 102 2.72 20.96 1.60
C ASN A 102 3.15 22.42 1.41
N ILE A 103 3.36 22.82 0.16
CA ILE A 103 3.77 24.19 -0.14
C ILE A 103 2.89 24.79 -1.23
N GLU A 104 2.22 25.88 -0.91
CA GLU A 104 1.35 26.56 -1.86
C GLU A 104 1.69 28.04 -1.97
N TRP A 105 1.16 28.70 -3.00
CA TRP A 105 1.42 30.13 -3.20
C TRP A 105 0.11 30.91 -3.26
N GLY B 1 21.94 -51.75 -24.55
CA GLY B 1 22.59 -50.51 -24.04
C GLY B 1 22.11 -49.26 -24.76
N ASP B 2 20.79 -49.08 -24.83
CA ASP B 2 20.21 -47.92 -25.49
C ASP B 2 20.38 -48.01 -27.01
N GLN B 3 19.29 -47.81 -27.73
CA GLN B 3 19.30 -47.87 -29.19
C GLN B 3 19.13 -46.48 -29.78
N ALA B 4 17.92 -45.95 -29.73
CA ALA B 4 17.62 -44.64 -30.27
C ALA B 4 16.57 -43.93 -29.42
N SER B 5 16.44 -44.36 -28.16
CA SER B 5 15.47 -43.78 -27.24
C SER B 5 16.18 -43.10 -26.08
N TRP B 6 15.60 -42.00 -25.59
CA TRP B 6 16.18 -41.26 -24.48
C TRP B 6 15.36 -41.49 -23.21
N SER B 7 14.05 -41.24 -23.30
CA SER B 7 13.17 -41.42 -22.15
C SER B 7 13.61 -40.53 -21.00
N HIS B 8 13.59 -39.21 -21.23
CA HIS B 8 14.01 -38.26 -20.22
C HIS B 8 12.87 -37.90 -19.26
N PRO B 9 11.69 -37.53 -19.81
CA PRO B 9 10.53 -37.18 -18.98
C PRO B 9 9.98 -38.39 -18.23
N GLN B 10 10.14 -38.38 -16.91
CA GLN B 10 9.67 -39.48 -16.07
C GLN B 10 8.49 -39.05 -15.21
N PHE B 11 8.72 -38.02 -14.38
CA PHE B 11 7.69 -37.49 -13.51
C PHE B 11 7.27 -36.10 -14.00
N GLU B 12 6.23 -35.56 -13.38
CA GLU B 12 5.69 -34.25 -13.74
C GLU B 12 5.54 -33.38 -12.50
N LYS B 13 6.14 -33.81 -11.40
CA LYS B 13 6.07 -33.07 -10.13
C LYS B 13 6.73 -31.69 -10.25
N GLY B 14 7.85 -31.63 -10.96
CA GLY B 14 8.56 -30.37 -11.12
C GLY B 14 7.79 -29.39 -11.98
N ALA B 15 7.01 -29.92 -12.91
CA ALA B 15 6.20 -29.09 -13.81
C ALA B 15 5.06 -28.42 -13.06
N HIS B 16 4.22 -29.24 -12.43
CA HIS B 16 3.08 -28.74 -11.68
C HIS B 16 3.52 -27.78 -10.58
N LYS B 17 4.74 -27.98 -10.08
CA LYS B 17 5.29 -27.13 -9.03
C LYS B 17 5.56 -25.72 -9.57
N PHE B 18 6.29 -25.64 -10.68
CA PHE B 18 6.62 -24.35 -11.28
C PHE B 18 5.38 -23.69 -11.87
N ARG B 19 4.35 -24.49 -12.13
CA ARG B 19 3.10 -23.98 -12.69
C ARG B 19 2.34 -23.14 -11.67
N GLN B 20 1.99 -23.78 -10.54
CA GLN B 20 1.25 -23.10 -9.48
C GLN B 20 2.16 -22.13 -8.72
N LEU B 21 3.46 -22.31 -8.87
CA LEU B 21 4.43 -21.45 -8.21
C LEU B 21 4.38 -20.03 -8.78
N ASP B 22 4.43 -19.94 -10.11
CA ASP B 22 4.39 -18.65 -10.78
C ASP B 22 3.00 -18.05 -10.73
N ASN B 23 1.98 -18.91 -10.66
CA ASN B 23 0.60 -18.48 -10.60
C ASN B 23 0.30 -17.77 -9.28
N ARG B 24 0.64 -18.43 -8.19
CA ARG B 24 0.41 -17.87 -6.86
C ARG B 24 1.19 -16.58 -6.67
N LEU B 25 2.46 -16.59 -7.08
CA LEU B 25 3.32 -15.42 -6.96
C LEU B 25 2.69 -14.24 -7.69
N ASP B 26 2.31 -14.44 -8.94
CA ASP B 26 1.69 -13.39 -9.74
C ASP B 26 0.43 -12.86 -9.07
N LYS B 27 -0.36 -13.77 -8.49
CA LYS B 27 -1.59 -13.39 -7.83
C LYS B 27 -1.32 -12.42 -6.68
N LEU B 28 -0.19 -12.60 -6.01
CA LEU B 28 0.18 -11.73 -4.89
C LEU B 28 0.49 -10.33 -5.43
N ASP B 29 1.20 -10.27 -6.56
CA ASP B 29 1.56 -9.01 -7.19
C ASP B 29 0.34 -8.30 -7.78
N THR B 30 -0.69 -9.07 -8.09
CA THR B 30 -1.93 -8.53 -8.65
C THR B 30 -2.80 -7.93 -7.55
N ARG B 31 -2.87 -8.61 -6.41
CA ARG B 31 -3.67 -8.15 -5.27
C ARG B 31 -3.07 -6.90 -4.64
N VAL B 32 -1.74 -6.83 -4.62
CA VAL B 32 -1.03 -5.70 -4.03
C VAL B 32 -1.04 -4.50 -4.99
N ASP B 33 -1.03 -4.79 -6.29
CA ASP B 33 -1.03 -3.74 -7.31
C ASP B 33 -2.36 -2.98 -7.30
N LYS B 34 -3.46 -3.72 -7.21
CA LYS B 34 -4.79 -3.12 -7.20
C LYS B 34 -5.11 -2.55 -5.83
N GLY B 35 -4.57 -3.17 -4.78
CA GLY B 35 -4.82 -2.70 -3.43
C GLY B 35 -4.12 -1.38 -3.14
N LEU B 36 -2.93 -1.21 -3.72
CA LEU B 36 -2.16 0.02 -3.53
C LEU B 36 -2.75 1.17 -4.33
N ALA B 37 -3.41 0.84 -5.43
CA ALA B 37 -4.03 1.84 -6.30
C ALA B 37 -5.37 2.29 -5.75
N SER B 38 -6.20 1.33 -5.33
CA SER B 38 -7.51 1.64 -4.78
C SER B 38 -7.38 2.36 -3.44
N SER B 39 -6.43 1.92 -2.63
CA SER B 39 -6.19 2.53 -1.32
C SER B 39 -5.67 3.95 -1.45
N ALA B 40 -4.59 4.10 -2.23
CA ALA B 40 -3.99 5.41 -2.46
C ALA B 40 -4.98 6.33 -3.15
N ALA B 41 -5.93 5.76 -3.89
CA ALA B 41 -6.93 6.55 -4.59
C ALA B 41 -7.83 7.29 -3.61
N LEU B 42 -8.18 6.63 -2.51
CA LEU B 42 -9.03 7.24 -1.49
C LEU B 42 -8.20 8.18 -0.63
N ASN B 43 -6.94 7.84 -0.40
CA ASN B 43 -6.09 8.68 0.45
C ASN B 43 -5.67 9.98 -0.23
N SER B 44 -5.88 10.01 -1.55
CA SER B 44 -5.56 11.19 -2.37
C SER B 44 -6.52 12.36 -2.13
N LEU B 45 -7.68 12.05 -1.56
CA LEU B 45 -8.68 13.05 -1.22
C LEU B 45 -8.28 13.72 0.09
N PHE B 46 -8.77 14.92 0.33
CA PHE B 46 -8.45 15.62 1.57
C PHE B 46 -9.61 16.47 2.07
N GLN B 47 -10.62 16.61 1.22
CA GLN B 47 -11.81 17.38 1.55
C GLN B 47 -11.48 18.87 1.51
N PRO B 48 -12.19 19.65 0.67
CA PRO B 48 -11.95 21.08 0.55
C PRO B 48 -12.56 21.89 1.69
N TYR B 49 -11.73 22.27 2.65
CA TYR B 49 -12.20 23.04 3.81
C TYR B 49 -13.22 22.24 4.61
N GLY B 50 -13.85 22.91 5.57
CA GLY B 50 -14.84 22.24 6.41
C GLY B 50 -15.14 23.03 7.66
N VAL B 51 -15.63 24.26 7.48
CA VAL B 51 -15.99 25.16 8.58
C VAL B 51 -17.22 24.69 9.35
N GLY B 52 -18.00 23.82 8.73
CA GLY B 52 -19.20 23.30 9.36
C GLY B 52 -20.19 22.73 8.35
N LYS B 53 -19.69 21.83 7.50
CA LYS B 53 -20.54 21.20 6.49
C LYS B 53 -20.00 19.82 6.13
N VAL B 54 -20.35 19.33 4.95
CA VAL B 54 -19.90 18.01 4.51
C VAL B 54 -19.09 18.09 3.21
N ASN B 55 -18.08 17.23 3.10
CA ASN B 55 -17.23 17.19 1.91
C ASN B 55 -17.16 15.78 1.31
N PHE B 56 -17.55 15.68 0.03
CA PHE B 56 -17.54 14.41 -0.69
C PHE B 56 -16.16 14.11 -1.28
N THR B 57 -15.61 12.96 -0.92
CA THR B 57 -14.30 12.55 -1.42
C THR B 57 -14.43 11.44 -2.46
N ALA B 58 -13.93 11.71 -3.66
CA ALA B 58 -13.98 10.75 -4.76
C ALA B 58 -12.79 10.92 -5.71
N GLY B 59 -12.21 9.80 -6.14
CA GLY B 59 -11.08 9.86 -7.04
C GLY B 59 -10.53 8.48 -7.36
N VAL B 60 -9.70 8.41 -8.39
CA VAL B 60 -9.10 7.14 -8.81
C VAL B 60 -7.58 7.20 -8.76
N GLY B 61 -6.94 6.08 -9.10
CA GLY B 61 -5.49 6.03 -9.10
C GLY B 61 -4.95 4.83 -9.87
N GLY B 62 -3.63 4.69 -9.91
CA GLY B 62 -3.02 3.59 -10.60
C GLY B 62 -1.61 3.29 -10.12
N TYR B 63 -1.31 2.01 -9.90
CA TYR B 63 0.00 1.60 -9.42
C TYR B 63 0.60 0.55 -10.36
N ARG B 64 1.81 0.84 -10.87
CA ARG B 64 2.48 -0.08 -11.77
C ARG B 64 1.77 -0.15 -13.12
N SER B 65 0.76 -1.02 -13.20
CA SER B 65 -0.02 -1.19 -14.43
C SER B 65 -1.47 -1.52 -14.12
N SER B 66 -1.88 -1.26 -12.87
CA SER B 66 -3.25 -1.53 -12.45
C SER B 66 -3.95 -0.24 -12.01
N GLN B 67 -5.23 -0.11 -12.36
CA GLN B 67 -6.00 1.07 -12.02
C GLN B 67 -7.21 0.71 -11.16
N ALA B 68 -7.57 1.59 -10.23
CA ALA B 68 -8.71 1.36 -9.35
C ALA B 68 -9.48 2.65 -9.08
N LEU B 69 -10.62 2.51 -8.40
CA LEU B 69 -11.47 3.66 -8.07
C LEU B 69 -11.72 3.73 -6.57
N ALA B 70 -11.80 4.94 -6.04
CA ALA B 70 -12.03 5.14 -4.61
C ALA B 70 -13.14 6.15 -4.34
N ILE B 71 -14.21 5.72 -3.69
CA ILE B 71 -15.33 6.61 -3.37
C ILE B 71 -15.53 6.73 -1.86
N GLY B 72 -16.08 7.87 -1.43
CA GLY B 72 -16.31 8.08 -0.02
C GLY B 72 -16.74 9.51 0.28
N SER B 73 -16.82 9.85 1.57
CA SER B 73 -17.22 11.19 1.98
C SER B 73 -17.00 11.38 3.48
N GLY B 74 -16.90 12.65 3.88
CA GLY B 74 -16.70 12.95 5.29
C GLY B 74 -17.42 14.23 5.71
N TYR B 75 -17.32 14.56 6.98
CA TYR B 75 -17.97 15.76 7.51
C TYR B 75 -17.06 16.50 8.48
N ARG B 76 -16.96 17.82 8.30
CA ARG B 76 -16.13 18.64 9.16
C ARG B 76 -16.94 19.80 9.74
N VAL B 77 -17.06 19.82 11.08
CA VAL B 77 -17.81 20.88 11.77
C VAL B 77 -16.86 21.85 12.47
N ASN B 78 -17.18 23.14 12.40
CA ASN B 78 -16.37 24.16 13.03
C ASN B 78 -15.02 24.30 12.34
N GLU B 79 -14.03 23.56 12.85
CA GLU B 79 -12.68 23.60 12.29
C GLU B 79 -11.72 22.79 13.16
N SER B 80 -12.06 22.66 14.44
CA SER B 80 -11.22 21.92 15.37
C SER B 80 -11.41 20.41 15.21
N VAL B 81 -12.67 19.98 15.25
CA VAL B 81 -12.98 18.57 15.10
C VAL B 81 -13.23 18.23 13.62
N ALA B 82 -12.69 17.10 13.18
CA ALA B 82 -12.84 16.67 11.80
C ALA B 82 -12.97 15.16 11.70
N LEU B 83 -13.45 14.69 10.54
CA LEU B 83 -13.61 13.26 10.32
C LEU B 83 -13.66 12.95 8.81
N LYS B 84 -13.29 11.74 8.45
CA LYS B 84 -13.27 11.32 7.04
C LYS B 84 -13.29 9.79 6.93
N ALA B 85 -14.15 9.29 6.05
CA ALA B 85 -14.28 7.85 5.83
C ALA B 85 -14.76 7.54 4.42
N GLY B 86 -14.73 6.26 4.06
CA GLY B 86 -15.16 5.85 2.73
C GLY B 86 -14.78 4.42 2.41
N VAL B 87 -15.04 4.01 1.17
CA VAL B 87 -14.71 2.65 0.73
C VAL B 87 -13.95 2.66 -0.59
N ALA B 88 -12.94 1.79 -0.69
CA ALA B 88 -12.13 1.72 -1.91
C ALA B 88 -12.35 0.39 -2.63
N TYR B 89 -12.48 0.45 -3.95
CA TYR B 89 -12.69 -0.74 -4.77
C TYR B 89 -11.45 -1.07 -5.60
N ALA B 90 -10.97 -2.31 -5.46
CA ALA B 90 -9.79 -2.77 -6.17
C ALA B 90 -10.02 -4.13 -6.83
N GLY B 91 -9.58 -4.26 -8.08
CA GLY B 91 -9.76 -5.50 -8.82
C GLY B 91 -11.21 -5.93 -8.88
N SER B 92 -11.49 -7.14 -8.40
CA SER B 92 -12.84 -7.67 -8.41
C SER B 92 -13.17 -8.40 -7.11
N SER B 93 -12.27 -8.27 -6.14
CA SER B 93 -12.42 -8.92 -4.83
C SER B 93 -11.46 -8.33 -3.80
N ASP B 94 -11.18 -7.03 -3.95
CA ASP B 94 -10.27 -6.35 -3.02
C ASP B 94 -10.87 -5.03 -2.55
N VAL B 95 -11.73 -5.11 -1.54
CA VAL B 95 -12.37 -3.92 -1.00
C VAL B 95 -11.82 -3.60 0.40
N MET B 96 -11.82 -2.32 0.74
CA MET B 96 -11.33 -1.87 2.03
C MET B 96 -12.12 -0.65 2.52
N TYR B 97 -12.07 -0.42 3.83
CA TYR B 97 -12.78 0.70 4.43
C TYR B 97 -11.86 1.58 5.28
N ASN B 98 -12.06 2.89 5.22
CA ASN B 98 -11.22 3.81 5.99
C ASN B 98 -12.06 4.61 6.99
N ALA B 99 -11.45 4.91 8.15
CA ALA B 99 -12.13 5.67 9.20
C ALA B 99 -11.11 6.43 10.04
N SER B 100 -10.77 7.65 9.61
CA SER B 100 -9.80 8.46 10.34
C SER B 100 -10.41 9.80 10.77
N PHE B 101 -9.95 10.34 11.89
CA PHE B 101 -10.47 11.61 12.39
C PHE B 101 -9.34 12.63 12.60
N ASN B 102 -9.63 13.88 12.30
CA ASN B 102 -8.65 14.95 12.46
C ASN B 102 -9.04 15.86 13.62
N ILE B 103 -8.11 16.07 14.56
CA ILE B 103 -8.37 16.93 15.71
C ILE B 103 -7.26 17.95 15.88
N GLU B 104 -7.62 19.23 15.84
CA GLU B 104 -6.66 20.30 15.99
C GLU B 104 -7.09 21.29 17.08
N TRP B 105 -6.17 22.15 17.51
CA TRP B 105 -6.48 23.13 18.55
C TRP B 105 -6.19 24.55 18.04
N GLY C 1 28.49 -54.26 -0.61
CA GLY C 1 27.46 -53.67 0.29
C GLY C 1 27.92 -52.37 0.94
N ASP C 2 28.39 -51.44 0.11
CA ASP C 2 28.86 -50.14 0.60
C ASP C 2 30.17 -50.29 1.36
N GLN C 3 31.16 -49.47 1.01
CA GLN C 3 32.46 -49.50 1.65
C GLN C 3 32.66 -48.27 2.54
N ALA C 4 32.90 -47.13 1.91
CA ALA C 4 33.11 -45.88 2.64
C ALA C 4 32.52 -44.70 1.88
N SER C 5 31.57 -44.99 1.00
CA SER C 5 30.92 -43.96 0.19
C SER C 5 29.43 -43.86 0.54
N TRP C 6 28.90 -42.64 0.48
CA TRP C 6 27.50 -42.42 0.79
C TRP C 6 26.70 -42.13 -0.48
N SER C 7 27.17 -41.15 -1.25
CA SER C 7 26.51 -40.77 -2.50
C SER C 7 25.07 -40.35 -2.22
N HIS C 8 24.91 -39.28 -1.43
CA HIS C 8 23.59 -38.80 -1.07
C HIS C 8 23.04 -37.83 -2.13
N PRO C 9 23.83 -36.82 -2.55
CA PRO C 9 23.41 -35.85 -3.57
C PRO C 9 23.27 -36.49 -4.94
N GLN C 10 22.02 -36.62 -5.42
CA GLN C 10 21.76 -37.23 -6.72
C GLN C 10 21.27 -36.18 -7.72
N PHE C 11 20.17 -35.52 -7.38
CA PHE C 11 19.60 -34.49 -8.22
C PHE C 11 19.79 -33.12 -7.57
N GLU C 12 19.44 -32.07 -8.31
CA GLU C 12 19.59 -30.70 -7.84
C GLU C 12 18.29 -29.92 -8.04
N LYS C 13 17.21 -30.64 -8.33
CA LYS C 13 15.91 -30.03 -8.56
C LYS C 13 15.39 -29.33 -7.30
N GLY C 14 15.61 -29.94 -6.15
CA GLY C 14 15.16 -29.36 -4.89
C GLY C 14 15.92 -28.11 -4.54
N ALA C 15 17.17 -28.03 -4.97
CA ALA C 15 18.02 -26.89 -4.70
C ALA C 15 17.56 -25.67 -5.51
N HIS C 16 17.52 -25.84 -6.83
CA HIS C 16 17.11 -24.76 -7.73
C HIS C 16 15.70 -24.28 -7.37
N LYS C 17 14.89 -25.17 -6.83
CA LYS C 17 13.52 -24.84 -6.46
C LYS C 17 13.50 -23.87 -5.28
N PHE C 18 14.22 -24.23 -4.21
CA PHE C 18 14.28 -23.39 -3.02
C PHE C 18 15.06 -22.10 -3.29
N ARG C 19 15.87 -22.11 -4.35
CA ARG C 19 16.66 -20.95 -4.71
C ARG C 19 15.78 -19.85 -5.28
N GLN C 20 15.08 -20.15 -6.37
CA GLN C 20 14.19 -19.19 -7.02
C GLN C 20 12.93 -18.97 -6.19
N LEU C 21 12.65 -19.90 -5.28
CA LEU C 21 11.48 -19.80 -4.43
C LEU C 21 11.61 -18.64 -3.45
N ASP C 22 12.75 -18.56 -2.78
CA ASP C 22 13.00 -17.49 -1.81
C ASP C 22 13.27 -16.17 -2.52
N ASN C 23 13.81 -16.26 -3.74
CA ASN C 23 14.12 -15.08 -4.53
C ASN C 23 12.85 -14.35 -4.96
N ARG C 24 11.93 -15.11 -5.56
CA ARG C 24 10.67 -14.55 -6.03
C ARG C 24 9.86 -13.99 -4.86
N LEU C 25 9.79 -14.75 -3.78
CA LEU C 25 9.06 -14.33 -2.59
C LEU C 25 9.58 -13.00 -2.08
N ASP C 26 10.89 -12.91 -1.91
CA ASP C 26 11.53 -11.69 -1.43
C ASP C 26 11.23 -10.52 -2.36
N LYS C 27 11.24 -10.78 -3.67
CA LYS C 27 10.97 -9.75 -4.64
C LYS C 27 9.57 -9.15 -4.46
N LEU C 28 8.62 -9.99 -4.04
CA LEU C 28 7.27 -9.53 -3.81
C LEU C 28 7.24 -8.60 -2.60
N ASP C 29 7.98 -8.96 -1.57
CA ASP C 29 8.08 -8.15 -0.35
C ASP C 29 8.82 -6.84 -0.59
N THR C 30 9.68 -6.83 -1.60
CA THR C 30 10.45 -5.65 -1.95
C THR C 30 9.60 -4.66 -2.74
N ARG C 31 8.80 -5.18 -3.67
CA ARG C 31 7.94 -4.35 -4.51
C ARG C 31 6.82 -3.72 -3.69
N VAL C 32 6.31 -4.47 -2.72
CA VAL C 32 5.22 -4.00 -1.86
C VAL C 32 5.74 -3.02 -0.81
N ASP C 33 6.98 -3.24 -0.36
CA ASP C 33 7.59 -2.38 0.64
C ASP C 33 7.84 -0.97 0.09
N LYS C 34 8.35 -0.91 -1.14
CA LYS C 34 8.64 0.36 -1.78
C LYS C 34 7.36 0.99 -2.32
N GLY C 35 6.42 0.16 -2.73
CA GLY C 35 5.16 0.66 -3.26
C GLY C 35 4.29 1.29 -2.20
N LEU C 36 4.34 0.73 -0.99
CA LEU C 36 3.55 1.24 0.13
C LEU C 36 4.14 2.52 0.69
N ALA C 37 5.46 2.67 0.52
CA ALA C 37 6.17 3.86 1.00
C ALA C 37 6.01 5.02 0.03
N SER C 38 6.20 4.74 -1.26
CA SER C 38 6.08 5.77 -2.29
C SER C 38 4.64 6.24 -2.42
N SER C 39 3.70 5.30 -2.33
CA SER C 39 2.28 5.62 -2.44
C SER C 39 1.82 6.45 -1.23
N ALA C 40 2.09 5.94 -0.04
CA ALA C 40 1.72 6.62 1.20
C ALA C 40 2.42 7.97 1.29
N ALA C 41 3.56 8.09 0.63
CA ALA C 41 4.32 9.33 0.65
C ALA C 41 3.56 10.45 -0.05
N LEU C 42 2.87 10.11 -1.14
CA LEU C 42 2.10 11.09 -1.88
C LEU C 42 0.76 11.34 -1.18
N ASN C 43 0.21 10.31 -0.55
CA ASN C 43 -1.07 10.45 0.12
C ASN C 43 -0.97 11.25 1.42
N SER C 44 0.26 11.42 1.89
CA SER C 44 0.55 12.19 3.10
C SER C 44 0.34 13.69 2.92
N LEU C 45 0.32 14.12 1.67
CA LEU C 45 0.09 15.53 1.33
C LEU C 45 -1.41 15.80 1.38
N PHE C 46 -1.79 17.05 1.55
CA PHE C 46 -3.20 17.39 1.61
C PHE C 46 -3.48 18.76 1.01
N GLN C 47 -2.41 19.49 0.73
CA GLN C 47 -2.50 20.82 0.13
C GLN C 47 -3.00 21.82 1.17
N PRO C 48 -2.23 22.88 1.47
CA PRO C 48 -2.61 23.89 2.46
C PRO C 48 -3.64 24.87 1.92
N TYR C 49 -4.89 24.66 2.29
CA TYR C 49 -5.98 25.54 1.85
C TYR C 49 -6.12 25.50 0.33
N GLY C 50 -6.94 26.40 -0.21
CA GLY C 50 -7.16 26.44 -1.64
C GLY C 50 -8.39 27.23 -2.00
N VAL C 51 -8.40 28.52 -1.62
CA VAL C 51 -9.52 29.43 -1.89
C VAL C 51 -9.65 29.78 -3.38
N GLY C 52 -8.56 29.57 -4.13
CA GLY C 52 -8.57 29.87 -5.54
C GLY C 52 -7.16 30.02 -6.09
N LYS C 53 -6.32 29.03 -5.84
CA LYS C 53 -4.94 29.04 -6.32
C LYS C 53 -4.42 27.61 -6.51
N VAL C 54 -3.10 27.45 -6.49
CA VAL C 54 -2.50 26.14 -6.67
C VAL C 54 -1.65 25.74 -5.46
N ASN C 55 -1.64 24.45 -5.14
CA ASN C 55 -0.87 23.92 -4.02
C ASN C 55 0.04 22.77 -4.44
N PHE C 56 1.34 22.95 -4.21
CA PHE C 56 2.33 21.93 -4.55
C PHE C 56 2.46 20.88 -3.45
N THR C 57 2.29 19.61 -3.84
CA THR C 57 2.37 18.51 -2.89
C THR C 57 3.67 17.72 -3.10
N ALA C 58 4.49 17.65 -2.06
CA ALA C 58 5.76 16.94 -2.11
C ALA C 58 6.15 16.38 -0.73
N GLY C 59 6.63 15.14 -0.72
CA GLY C 59 7.02 14.52 0.52
C GLY C 59 7.52 13.09 0.33
N VAL C 60 8.17 12.55 1.36
CA VAL C 60 8.69 11.19 1.30
C VAL C 60 8.10 10.32 2.41
N GLY C 61 8.49 9.04 2.42
CA GLY C 61 8.00 8.13 3.43
C GLY C 61 8.83 6.86 3.53
N GLY C 62 8.44 5.96 4.42
CA GLY C 62 9.17 4.72 4.59
C GLY C 62 8.32 3.63 5.23
N TYR C 63 8.38 2.43 4.65
CA TYR C 63 7.61 1.30 5.18
C TYR C 63 8.53 0.12 5.48
N ARG C 64 8.49 -0.37 6.71
CA ARG C 64 9.32 -1.49 7.13
C ARG C 64 10.79 -1.10 7.17
N SER C 65 11.46 -1.19 6.02
CA SER C 65 12.87 -0.84 5.92
C SER C 65 13.21 -0.23 4.56
N SER C 66 12.16 0.20 3.85
CA SER C 66 12.33 0.81 2.53
C SER C 66 11.83 2.24 2.52
N GLN C 67 12.56 3.12 1.83
CA GLN C 67 12.18 4.53 1.74
C GLN C 67 11.94 4.95 0.29
N ALA C 68 10.98 5.85 0.08
CA ALA C 68 10.66 6.34 -1.25
C ALA C 68 10.32 7.83 -1.24
N LEU C 69 10.17 8.40 -2.43
CA LEU C 69 9.84 9.81 -2.58
C LEU C 69 8.56 9.99 -3.40
N ALA C 70 7.77 11.01 -3.04
CA ALA C 70 6.52 11.27 -3.76
C ALA C 70 6.40 12.75 -4.13
N ILE C 71 6.30 13.04 -5.43
CA ILE C 71 6.16 14.42 -5.90
C ILE C 71 4.85 14.61 -6.65
N GLY C 72 4.34 15.84 -6.64
CA GLY C 72 3.09 16.13 -7.33
C GLY C 72 2.57 17.52 -7.02
N SER C 73 1.36 17.81 -7.47
CA SER C 73 0.75 19.12 -7.23
C SER C 73 -0.72 19.12 -7.65
N GLY C 74 -1.48 20.06 -7.08
CA GLY C 74 -2.89 20.16 -7.40
C GLY C 74 -3.37 21.59 -7.43
N TYR C 75 -4.64 21.79 -7.75
CA TYR C 75 -5.22 23.13 -7.82
C TYR C 75 -6.61 23.16 -7.22
N ARG C 76 -6.86 24.15 -6.37
CA ARG C 76 -8.15 24.30 -5.71
C ARG C 76 -8.72 25.71 -5.94
N VAL C 77 -9.86 25.78 -6.62
CA VAL C 77 -10.52 27.05 -6.90
C VAL C 77 -11.76 27.25 -6.03
N ASN C 78 -11.94 28.47 -5.54
CA ASN C 78 -13.08 28.79 -4.69
C ASN C 78 -12.97 28.10 -3.34
N GLU C 79 -13.56 26.91 -3.25
CA GLU C 79 -13.54 26.13 -2.01
C GLU C 79 -14.43 24.90 -2.13
N SER C 80 -15.42 24.97 -3.02
CA SER C 80 -16.34 23.86 -3.24
C SER C 80 -15.70 22.78 -4.10
N VAL C 81 -15.17 23.19 -5.25
CA VAL C 81 -14.52 22.26 -6.16
C VAL C 81 -13.04 22.15 -5.85
N ALA C 82 -12.51 20.93 -5.88
CA ALA C 82 -11.09 20.71 -5.59
C ALA C 82 -10.53 19.58 -6.44
N LEU C 83 -9.21 19.50 -6.52
CA LEU C 83 -8.54 18.46 -7.29
C LEU C 83 -7.10 18.28 -6.81
N LYS C 84 -6.56 17.08 -7.01
CA LYS C 84 -5.20 16.76 -6.61
C LYS C 84 -4.65 15.56 -7.38
N ALA C 85 -3.42 15.69 -7.87
CA ALA C 85 -2.78 14.62 -8.62
C ALA C 85 -1.26 14.69 -8.49
N GLY C 86 -0.59 13.65 -8.99
CA GLY C 86 0.86 13.61 -8.93
C GLY C 86 1.42 12.24 -9.26
N VAL C 87 2.74 12.08 -9.11
CA VAL C 87 3.40 10.81 -9.41
C VAL C 87 4.30 10.38 -8.26
N ALA C 88 4.29 9.10 -7.95
CA ALA C 88 5.11 8.56 -6.87
C ALA C 88 6.21 7.64 -7.40
N TYR C 89 7.42 7.80 -6.86
CA TYR C 89 8.56 6.98 -7.27
C TYR C 89 8.95 5.98 -6.19
N ALA C 90 9.01 4.70 -6.57
CA ALA C 90 9.37 3.63 -5.64
C ALA C 90 10.42 2.70 -6.24
N GLY C 91 11.42 2.36 -5.43
CA GLY C 91 12.49 1.49 -5.88
C GLY C 91 13.17 2.01 -7.13
N SER C 92 13.18 1.21 -8.19
CA SER C 92 13.81 1.60 -9.44
C SER C 92 12.98 1.18 -10.64
N SER C 93 11.75 0.73 -10.36
CA SER C 93 10.82 0.28 -11.41
C SER C 93 9.40 0.17 -10.86
N ASP C 94 9.07 1.02 -9.91
CA ASP C 94 7.74 1.01 -9.30
C ASP C 94 7.15 2.42 -9.25
N VAL C 95 6.57 2.85 -10.36
CA VAL C 95 5.97 4.18 -10.43
C VAL C 95 4.44 4.09 -10.50
N MET C 96 3.78 5.10 -9.97
CA MET C 96 2.32 5.14 -9.96
C MET C 96 1.82 6.58 -10.10
N TYR C 97 0.56 6.71 -10.52
CA TYR C 97 -0.04 8.03 -10.71
C TYR C 97 -1.36 8.15 -9.96
N ASN C 98 -1.61 9.33 -9.39
CA ASN C 98 -2.85 9.56 -8.64
C ASN C 98 -3.68 10.68 -9.27
N ALA C 99 -5.00 10.53 -9.19
CA ALA C 99 -5.92 11.53 -9.75
C ALA C 99 -7.25 11.51 -9.00
N SER C 100 -7.33 12.28 -7.90
CA SER C 100 -8.55 12.34 -7.10
C SER C 100 -9.09 13.77 -7.01
N PHE C 101 -10.41 13.91 -6.91
CA PHE C 101 -11.03 15.22 -6.83
C PHE C 101 -11.90 15.35 -5.58
N ASN C 102 -11.89 16.54 -4.98
CA ASN C 102 -12.67 16.80 -3.78
C ASN C 102 -13.83 17.74 -4.10
N ILE C 103 -15.05 17.34 -3.74
CA ILE C 103 -16.23 18.16 -3.99
C ILE C 103 -17.06 18.30 -2.72
N GLU C 104 -17.26 19.54 -2.29
CA GLU C 104 -18.04 19.82 -1.10
C GLU C 104 -19.13 20.85 -1.37
N TRP C 105 -20.09 20.97 -0.46
CA TRP C 105 -21.18 21.93 -0.61
C TRP C 105 -21.22 22.89 0.57
N GLY A 1 6.39 -32.38 -20.05
CA GLY A 1 5.47 -33.56 -20.03
C GLY A 1 4.01 -33.16 -20.15
N ASP A 2 3.70 -32.35 -21.17
CA ASP A 2 2.33 -31.89 -21.40
C ASP A 2 1.91 -30.87 -20.33
N GLN A 3 1.05 -29.94 -20.73
CA GLN A 3 0.56 -28.91 -19.83
C GLN A 3 -0.17 -29.53 -18.64
N ALA A 4 -1.06 -30.48 -18.94
CA ALA A 4 -1.84 -31.16 -17.90
C ALA A 4 -0.96 -32.12 -17.11
N SER A 5 -1.28 -32.29 -15.83
CA SER A 5 -0.52 -33.18 -14.96
C SER A 5 -1.26 -34.50 -14.77
N TRP A 6 -0.50 -35.58 -14.58
CA TRP A 6 -1.09 -36.89 -14.39
C TRP A 6 -0.49 -37.58 -13.16
N SER A 7 -0.91 -37.14 -11.98
CA SER A 7 -0.41 -37.72 -10.73
C SER A 7 1.02 -37.27 -10.47
N HIS A 8 1.22 -35.95 -10.46
CA HIS A 8 2.55 -35.39 -10.24
C HIS A 8 2.77 -35.01 -8.77
N PRO A 9 1.79 -34.33 -8.14
CA PRO A 9 1.89 -33.93 -6.73
C PRO A 9 2.23 -35.11 -5.82
N GLN A 10 3.41 -35.07 -5.22
CA GLN A 10 3.84 -36.15 -4.33
C GLN A 10 3.27 -35.96 -2.92
N PHE A 11 3.72 -36.80 -1.99
CA PHE A 11 3.29 -36.73 -0.61
C PHE A 11 4.50 -36.66 0.31
N GLU A 12 5.59 -37.29 -0.12
CA GLU A 12 6.83 -37.35 0.65
C GLU A 12 7.46 -35.96 0.73
N LYS A 13 7.98 -35.49 -0.40
CA LYS A 13 8.63 -34.18 -0.46
C LYS A 13 7.74 -33.14 -1.14
N GLY A 14 6.77 -33.61 -1.91
CA GLY A 14 5.86 -32.71 -2.62
C GLY A 14 5.04 -31.87 -1.66
N ALA A 15 4.48 -32.51 -0.65
CA ALA A 15 3.67 -31.83 0.35
C ALA A 15 4.49 -30.78 1.11
N HIS A 16 5.77 -31.09 1.30
CA HIS A 16 6.67 -30.20 2.02
C HIS A 16 6.97 -28.95 1.19
N LYS A 17 7.09 -29.14 -0.13
CA LYS A 17 7.39 -28.03 -1.04
C LYS A 17 6.21 -27.07 -1.10
N PHE A 18 5.02 -27.59 -1.37
CA PHE A 18 3.82 -26.77 -1.46
C PHE A 18 3.43 -26.22 -0.10
N ARG A 19 3.72 -26.98 0.96
CA ARG A 19 3.41 -26.56 2.32
C ARG A 19 4.17 -25.29 2.70
N GLN A 20 5.50 -25.37 2.63
CA GLN A 20 6.34 -24.23 2.96
C GLN A 20 6.11 -23.07 1.99
N LEU A 21 5.88 -23.41 0.73
CA LEU A 21 5.65 -22.40 -0.31
C LEU A 21 4.42 -21.55 0.04
N ASP A 22 3.34 -22.23 0.42
CA ASP A 22 2.09 -21.55 0.78
C ASP A 22 2.26 -20.73 2.05
N ASN A 23 3.11 -21.23 2.95
CA ASN A 23 3.36 -20.56 4.23
C ASN A 23 4.04 -19.21 4.00
N ARG A 24 4.99 -19.18 3.07
CA ARG A 24 5.71 -17.95 2.76
C ARG A 24 4.84 -17.00 1.95
N LEU A 25 4.20 -17.54 0.92
CA LEU A 25 3.33 -16.73 0.07
C LEU A 25 2.19 -16.14 0.88
N ASP A 26 1.73 -16.88 1.88
CA ASP A 26 0.64 -16.43 2.73
C ASP A 26 1.12 -15.33 3.68
N LYS A 27 2.32 -15.49 4.23
CA LYS A 27 2.86 -14.51 5.16
C LYS A 27 3.08 -13.18 4.46
N LEU A 28 3.59 -13.21 3.24
CA LEU A 28 3.82 -11.98 2.47
C LEU A 28 2.49 -11.28 2.22
N ASP A 29 1.52 -12.04 1.72
CA ASP A 29 0.18 -11.51 1.43
C ASP A 29 -0.46 -10.90 2.67
N THR A 30 -0.08 -11.41 3.84
CA THR A 30 -0.61 -10.91 5.10
C THR A 30 0.07 -9.61 5.49
N ARG A 31 1.38 -9.54 5.29
CA ARG A 31 2.16 -8.35 5.62
C ARG A 31 1.67 -7.13 4.84
N VAL A 32 1.21 -7.36 3.62
CA VAL A 32 0.72 -6.29 2.76
C VAL A 32 -0.71 -5.89 3.14
N ASP A 33 -1.46 -6.85 3.67
CA ASP A 33 -2.84 -6.60 4.08
C ASP A 33 -2.89 -5.59 5.22
N LYS A 34 -2.13 -5.84 6.27
CA LYS A 34 -2.09 -4.96 7.43
C LYS A 34 -1.32 -3.69 7.12
N GLY A 35 -0.22 -3.82 6.36
CA GLY A 35 0.58 -2.67 6.02
C GLY A 35 -0.17 -1.70 5.13
N LEU A 36 -0.99 -2.23 4.23
CA LEU A 36 -1.78 -1.40 3.31
C LEU A 36 -2.93 -0.72 4.04
N ALA A 37 -3.45 -1.37 5.07
CA ALA A 37 -4.55 -0.84 5.87
C ALA A 37 -4.07 0.27 6.81
N SER A 38 -2.95 0.01 7.48
CA SER A 38 -2.38 0.97 8.42
C SER A 38 -1.95 2.24 7.70
N SER A 39 -1.27 2.06 6.55
CA SER A 39 -0.80 3.19 5.76
C SER A 39 -1.96 4.08 5.33
N ALA A 40 -3.02 3.46 4.83
CA ALA A 40 -4.20 4.18 4.39
C ALA A 40 -4.91 4.83 5.57
N ALA A 41 -4.78 4.22 6.75
CA ALA A 41 -5.41 4.74 7.95
C ALA A 41 -4.81 6.10 8.33
N LEU A 42 -3.49 6.23 8.19
CA LEU A 42 -2.82 7.48 8.51
C LEU A 42 -3.06 8.49 7.39
N ASN A 43 -3.03 8.04 6.15
CA ASN A 43 -3.21 8.95 5.02
C ASN A 43 -4.65 9.45 4.89
N SER A 44 -5.56 8.75 5.58
CA SER A 44 -6.97 9.11 5.60
C SER A 44 -7.24 10.44 6.31
N LEU A 45 -6.42 10.73 7.32
CA LEU A 45 -6.53 11.97 8.06
C LEU A 45 -6.21 13.14 7.12
N PHE A 46 -6.90 14.26 7.29
CA PHE A 46 -6.66 15.40 6.43
C PHE A 46 -6.03 16.56 7.20
N GLN A 47 -6.55 16.80 8.40
CA GLN A 47 -6.06 17.87 9.26
C GLN A 47 -6.45 19.22 8.68
N PRO A 48 -7.40 19.95 9.31
CA PRO A 48 -7.84 21.25 8.83
C PRO A 48 -6.82 22.36 9.11
N TYR A 49 -7.29 23.60 9.07
CA TYR A 49 -6.42 24.74 9.31
C TYR A 49 -5.40 24.91 8.19
N GLY A 50 -4.74 26.06 8.16
CA GLY A 50 -3.75 26.32 7.13
C GLY A 50 -3.13 27.71 7.27
N VAL A 51 -3.64 28.47 8.24
CA VAL A 51 -3.16 29.83 8.52
C VAL A 51 -2.00 29.85 9.51
N GLY A 52 -2.01 28.93 10.46
CA GLY A 52 -0.96 28.86 11.46
C GLY A 52 -1.42 28.21 12.75
N LYS A 53 -1.67 26.90 12.68
CA LYS A 53 -2.12 26.14 13.84
C LYS A 53 -1.53 24.75 13.84
N VAL A 54 -1.89 23.93 14.82
CA VAL A 54 -1.38 22.57 14.93
C VAL A 54 -2.49 21.54 14.86
N ASN A 55 -2.23 20.42 14.19
CA ASN A 55 -3.22 19.34 14.05
C ASN A 55 -2.67 18.01 14.54
N PHE A 56 -3.50 16.97 14.49
CA PHE A 56 -3.12 15.63 14.91
C PHE A 56 -3.91 14.56 14.16
N THR A 57 -3.24 13.45 13.85
CA THR A 57 -3.88 12.35 13.14
C THR A 57 -3.91 11.09 13.99
N ALA A 58 -5.01 10.34 13.89
CA ALA A 58 -5.18 9.10 14.65
C ALA A 58 -6.50 8.42 14.31
N GLY A 59 -6.42 7.13 13.95
CA GLY A 59 -7.61 6.39 13.61
C GLY A 59 -7.31 4.94 13.27
N VAL A 60 -8.28 4.26 12.65
CA VAL A 60 -8.11 2.87 12.26
C VAL A 60 -8.34 2.67 10.75
N GLY A 61 -7.72 1.64 10.21
CA GLY A 61 -7.87 1.35 8.79
C GLY A 61 -8.14 -0.11 8.51
N GLY A 62 -8.45 -0.43 7.25
CA GLY A 62 -8.74 -1.80 6.88
C GLY A 62 -8.51 -2.06 5.41
N TYR A 63 -7.97 -3.23 5.09
CA TYR A 63 -7.70 -3.62 3.71
C TYR A 63 -8.15 -5.05 3.44
N ARG A 64 -9.20 -5.21 2.64
CA ARG A 64 -9.72 -6.53 2.32
C ARG A 64 -10.30 -7.21 3.56
N SER A 65 -9.43 -7.80 4.38
CA SER A 65 -9.86 -8.47 5.60
C SER A 65 -8.84 -8.27 6.73
N SER A 66 -8.28 -7.07 6.80
CA SER A 66 -7.29 -6.74 7.82
C SER A 66 -7.59 -5.37 8.44
N GLN A 67 -7.09 -5.15 9.65
CA GLN A 67 -7.30 -3.88 10.35
C GLN A 67 -6.04 -3.46 11.10
N ALA A 68 -5.84 -2.14 11.21
CA ALA A 68 -4.68 -1.60 11.91
C ALA A 68 -4.98 -0.23 12.51
N LEU A 69 -4.02 0.29 13.29
CA LEU A 69 -4.16 1.60 13.93
C LEU A 69 -3.00 2.50 13.57
N ALA A 70 -3.31 3.70 13.07
CA ALA A 70 -2.27 4.66 12.69
C ALA A 70 -2.36 5.94 13.53
N ILE A 71 -1.29 6.73 13.52
CA ILE A 71 -1.25 7.98 14.27
C ILE A 71 -0.19 8.92 13.70
N GLY A 72 -0.13 10.13 14.26
CA GLY A 72 0.84 11.11 13.81
C GLY A 72 0.45 12.53 14.17
N SER A 73 1.13 13.50 13.59
CA SER A 73 0.84 14.91 13.86
C SER A 73 1.48 15.80 12.80
N GLY A 74 0.96 17.03 12.69
CA GLY A 74 1.49 17.98 11.72
C GLY A 74 1.33 19.41 12.18
N TYR A 75 1.85 20.34 11.39
CA TYR A 75 1.77 21.76 11.72
C TYR A 75 1.56 22.62 10.48
N ARG A 76 0.54 23.45 10.51
CA ARG A 76 0.22 24.32 9.38
C ARG A 76 0.51 25.79 9.73
N VAL A 77 1.80 26.12 9.84
CA VAL A 77 2.22 27.49 10.16
C VAL A 77 2.25 28.37 8.92
N ASN A 78 1.58 29.51 9.00
CA ASN A 78 1.52 30.45 7.89
C ASN A 78 0.88 29.81 6.65
N GLU A 79 0.45 30.65 5.72
CA GLU A 79 -0.18 30.18 4.50
C GLU A 79 0.82 30.16 3.35
N SER A 80 2.05 29.76 3.63
CA SER A 80 3.09 29.69 2.62
C SER A 80 3.65 28.28 2.50
N VAL A 81 4.06 27.71 3.63
CA VAL A 81 4.60 26.36 3.65
C VAL A 81 3.94 25.53 4.75
N ALA A 82 4.20 24.23 4.75
CA ALA A 82 3.62 23.34 5.74
C ALA A 82 4.27 21.97 5.70
N LEU A 83 4.04 21.17 6.74
CA LEU A 83 4.60 19.83 6.82
C LEU A 83 3.57 18.85 7.38
N LYS A 84 3.88 17.56 7.30
CA LYS A 84 2.99 16.51 7.80
C LYS A 84 3.75 15.22 8.08
N ALA A 85 3.66 14.75 9.32
CA ALA A 85 4.35 13.52 9.72
C ALA A 85 3.41 12.60 10.49
N GLY A 86 3.77 11.32 10.56
CA GLY A 86 2.95 10.36 11.27
C GLY A 86 3.47 8.94 11.12
N VAL A 87 3.07 8.06 12.05
CA VAL A 87 3.50 6.67 12.02
C VAL A 87 2.30 5.73 12.04
N ALA A 88 2.29 4.76 11.13
CA ALA A 88 1.19 3.80 11.04
C ALA A 88 1.58 2.46 11.66
N TYR A 89 0.90 2.09 12.75
CA TYR A 89 1.17 0.84 13.44
C TYR A 89 0.28 -0.29 12.91
N ALA A 90 0.90 -1.23 12.19
CA ALA A 90 0.19 -2.37 11.62
C ALA A 90 0.65 -3.69 12.22
N GLY A 91 -0.30 -4.44 12.76
CA GLY A 91 0.02 -5.72 13.38
C GLY A 91 0.97 -5.57 14.55
N SER A 92 2.27 -5.54 14.26
CA SER A 92 3.28 -5.40 15.31
C SER A 92 4.65 -5.06 14.71
N SER A 93 5.06 -5.84 13.71
CA SER A 93 6.35 -5.65 13.04
C SER A 93 6.16 -5.00 11.67
N ASP A 94 4.97 -4.47 11.43
CA ASP A 94 4.66 -3.82 10.16
C ASP A 94 4.37 -2.34 10.36
N VAL A 95 5.34 -1.62 10.93
CA VAL A 95 5.18 -0.20 11.17
C VAL A 95 5.80 0.62 10.03
N MET A 96 5.32 1.85 9.86
CA MET A 96 5.81 2.73 8.81
C MET A 96 5.78 4.19 9.27
N TYR A 97 6.68 4.99 8.73
CA TYR A 97 6.76 6.40 9.09
C TYR A 97 6.79 7.30 7.86
N ASN A 98 6.06 8.41 7.89
CA ASN A 98 6.02 9.33 6.76
C ASN A 98 6.22 10.78 7.21
N ALA A 99 7.03 11.53 6.46
CA ALA A 99 7.30 12.93 6.77
C ALA A 99 7.47 13.73 5.49
N SER A 100 6.40 14.38 5.04
CA SER A 100 6.45 15.18 3.82
C SER A 100 5.94 16.61 4.07
N PHE A 101 6.28 17.53 3.18
CA PHE A 101 5.88 18.92 3.32
C PHE A 101 5.18 19.43 2.06
N ASN A 102 4.20 20.30 2.25
CA ASN A 102 3.46 20.87 1.12
C ASN A 102 3.60 22.40 1.11
N ILE A 103 3.48 23.00 -0.06
CA ILE A 103 3.59 24.45 -0.20
C ILE A 103 2.31 25.05 -0.76
N GLU A 104 1.85 26.14 -0.16
CA GLU A 104 0.63 26.80 -0.60
C GLU A 104 0.92 28.25 -1.03
N TRP A 105 0.41 28.63 -2.19
CA TRP A 105 0.61 29.99 -2.69
C TRP A 105 -0.66 30.82 -2.55
N GLY B 1 25.17 -28.88 -5.04
CA GLY B 1 25.80 -29.22 -6.35
C GLY B 1 26.28 -28.00 -7.09
N ASP B 2 27.07 -27.15 -6.41
CA ASP B 2 27.61 -25.94 -7.01
C ASP B 2 26.51 -24.90 -7.21
N GLN B 3 26.89 -23.63 -7.12
CA GLN B 3 25.94 -22.54 -7.29
C GLN B 3 25.31 -22.57 -8.67
N ALA B 4 26.15 -22.73 -9.70
CA ALA B 4 25.67 -22.79 -11.07
C ALA B 4 24.94 -24.11 -11.35
N SER B 5 23.95 -24.05 -12.22
CA SER B 5 23.16 -25.24 -12.59
C SER B 5 23.62 -25.81 -13.92
N TRP B 6 23.50 -27.12 -14.07
CA TRP B 6 23.90 -27.79 -15.31
C TRP B 6 22.80 -28.70 -15.81
N SER B 7 21.74 -28.12 -16.38
CA SER B 7 20.64 -28.88 -16.91
C SER B 7 19.79 -29.44 -15.77
N HIS B 8 19.33 -28.54 -14.90
CA HIS B 8 18.52 -28.94 -13.75
C HIS B 8 17.03 -28.80 -14.02
N PRO B 9 16.60 -27.67 -14.61
CA PRO B 9 15.18 -27.44 -14.94
C PRO B 9 14.59 -28.57 -15.77
N GLN B 10 13.64 -29.30 -15.18
CA GLN B 10 13.01 -30.42 -15.88
C GLN B 10 11.88 -29.93 -16.79
N PHE B 11 11.14 -30.88 -17.35
CA PHE B 11 10.03 -30.56 -18.23
C PHE B 11 8.76 -31.28 -17.74
N GLU B 12 8.97 -32.46 -17.15
CA GLU B 12 7.88 -33.29 -16.64
C GLU B 12 7.19 -32.60 -15.46
N LYS B 13 7.90 -32.54 -14.33
CA LYS B 13 7.35 -31.93 -13.12
C LYS B 13 7.97 -30.56 -12.86
N GLY B 14 9.13 -30.30 -13.47
CA GLY B 14 9.80 -29.03 -13.29
C GLY B 14 8.99 -27.86 -13.81
N ALA B 15 8.45 -28.03 -15.02
CA ALA B 15 7.63 -27.00 -15.64
C ALA B 15 6.38 -26.72 -14.83
N HIS B 16 5.86 -27.76 -14.19
CA HIS B 16 4.65 -27.64 -13.37
C HIS B 16 4.95 -26.84 -12.09
N LYS B 17 6.14 -27.05 -11.53
CA LYS B 17 6.54 -26.35 -10.31
C LYS B 17 6.71 -24.86 -10.57
N PHE B 18 7.51 -24.52 -11.58
CA PHE B 18 7.75 -23.13 -11.92
C PHE B 18 6.50 -22.47 -12.50
N ARG B 19 5.69 -23.26 -13.17
CA ARG B 19 4.45 -22.75 -13.77
C ARG B 19 3.50 -22.26 -12.69
N GLN B 20 3.13 -23.14 -11.77
CA GLN B 20 2.22 -22.79 -10.68
C GLN B 20 2.83 -21.73 -9.77
N LEU B 21 4.14 -21.83 -9.56
CA LEU B 21 4.85 -20.89 -8.71
C LEU B 21 4.72 -19.46 -9.25
N ASP B 22 4.94 -19.32 -10.55
CA ASP B 22 4.84 -18.01 -11.20
C ASP B 22 3.41 -17.50 -11.20
N ASN B 23 2.46 -18.43 -11.28
CA ASN B 23 1.04 -18.09 -11.29
C ASN B 23 0.62 -17.44 -9.96
N ARG B 24 1.13 -18.01 -8.86
CA ARG B 24 0.81 -17.51 -7.53
C ARG B 24 1.56 -16.21 -7.25
N LEU B 25 2.86 -16.20 -7.54
CA LEU B 25 3.68 -15.03 -7.34
C LEU B 25 3.18 -13.86 -8.16
N ASP B 26 2.64 -14.17 -9.34
CA ASP B 26 2.11 -13.13 -10.23
C ASP B 26 0.80 -12.59 -9.70
N LYS B 27 -0.06 -13.48 -9.20
CA LYS B 27 -1.36 -13.07 -8.67
C LYS B 27 -1.19 -12.15 -7.47
N LEU B 28 -0.26 -12.48 -6.59
CA LEU B 28 0.00 -11.67 -5.41
C LEU B 28 0.49 -10.28 -5.83
N ASP B 29 1.48 -10.25 -6.71
CA ASP B 29 2.03 -9.00 -7.23
C ASP B 29 0.96 -8.14 -7.89
N THR B 30 -0.07 -8.79 -8.43
CA THR B 30 -1.16 -8.08 -9.08
C THR B 30 -2.12 -7.50 -8.04
N ARG B 31 -2.39 -8.27 -7.00
CA ARG B 31 -3.30 -7.83 -5.93
C ARG B 31 -2.78 -6.56 -5.25
N VAL B 32 -1.46 -6.44 -5.17
CA VAL B 32 -0.83 -5.28 -4.53
C VAL B 32 -0.81 -4.09 -5.48
N ASP B 33 -0.76 -4.36 -6.78
CA ASP B 33 -0.73 -3.31 -7.79
C ASP B 33 -2.02 -2.50 -7.76
N LYS B 34 -3.15 -3.20 -7.83
CA LYS B 34 -4.46 -2.55 -7.83
C LYS B 34 -4.80 -2.04 -6.44
N GLY B 35 -4.46 -2.82 -5.41
CA GLY B 35 -4.74 -2.41 -4.05
C GLY B 35 -3.97 -1.18 -3.63
N LEU B 36 -2.74 -1.07 -4.12
CA LEU B 36 -1.88 0.08 -3.79
C LEU B 36 -2.35 1.32 -4.55
N ALA B 37 -2.91 1.13 -5.73
CA ALA B 37 -3.40 2.22 -6.55
C ALA B 37 -4.72 2.76 -6.03
N SER B 38 -5.64 1.86 -5.68
CA SER B 38 -6.94 2.24 -5.16
C SER B 38 -6.79 2.96 -3.82
N SER B 39 -5.95 2.41 -2.95
CA SER B 39 -5.72 3.01 -1.63
C SER B 39 -5.20 4.43 -1.75
N ALA B 40 -4.21 4.62 -2.63
CA ALA B 40 -3.62 5.93 -2.86
C ALA B 40 -4.63 6.87 -3.52
N ALA B 41 -5.56 6.30 -4.29
CA ALA B 41 -6.58 7.08 -4.97
C ALA B 41 -7.51 7.75 -3.96
N LEU B 42 -7.86 7.03 -2.90
CA LEU B 42 -8.72 7.58 -1.87
C LEU B 42 -7.94 8.53 -0.97
N ASN B 43 -6.70 8.18 -0.66
CA ASN B 43 -5.88 9.01 0.21
C ASN B 43 -5.43 10.31 -0.46
N SER B 44 -5.55 10.33 -1.79
CA SER B 44 -5.18 11.49 -2.59
C SER B 44 -6.11 12.69 -2.34
N LEU B 45 -7.38 12.39 -2.06
CA LEU B 45 -8.36 13.42 -1.77
C LEU B 45 -7.96 14.14 -0.48
N PHE B 46 -8.20 15.43 -0.41
CA PHE B 46 -7.83 16.19 0.78
C PHE B 46 -9.07 16.69 1.52
N GLN B 47 -10.03 17.18 0.75
CA GLN B 47 -11.27 17.70 1.32
C GLN B 47 -11.01 19.01 2.06
N PRO B 48 -11.47 20.16 1.52
CA PRO B 48 -11.27 21.46 2.15
C PRO B 48 -12.17 21.68 3.36
N TYR B 49 -12.33 22.94 3.74
CA TYR B 49 -13.17 23.28 4.88
C TYR B 49 -12.55 22.78 6.18
N GLY B 50 -13.08 23.26 7.31
CA GLY B 50 -12.57 22.87 8.61
C GLY B 50 -13.29 23.56 9.75
N VAL B 51 -14.21 24.45 9.39
CA VAL B 51 -15.01 25.21 10.36
C VAL B 51 -16.30 24.48 10.76
N GLY B 52 -16.88 23.76 9.81
CA GLY B 52 -18.11 23.04 10.07
C GLY B 52 -18.92 22.80 8.81
N LYS B 53 -18.40 21.95 7.93
CA LYS B 53 -19.09 21.62 6.68
C LYS B 53 -18.87 20.15 6.32
N VAL B 54 -19.41 19.75 5.18
CA VAL B 54 -19.28 18.35 4.74
C VAL B 54 -18.55 18.26 3.40
N ASN B 55 -17.72 17.23 3.25
CA ASN B 55 -16.96 17.01 2.02
C ASN B 55 -17.20 15.61 1.45
N PHE B 56 -16.58 15.34 0.31
CA PHE B 56 -16.71 14.04 -0.36
C PHE B 56 -15.46 13.72 -1.18
N THR B 57 -15.09 12.44 -1.20
CA THR B 57 -13.92 11.99 -1.94
C THR B 57 -14.31 11.02 -3.04
N ALA B 58 -13.65 11.11 -4.19
CA ALA B 58 -13.91 10.25 -5.34
C ALA B 58 -12.96 10.54 -6.49
N GLY B 59 -12.31 9.51 -7.00
CA GLY B 59 -11.38 9.67 -8.10
C GLY B 59 -10.76 8.36 -8.55
N VAL B 60 -9.68 8.45 -9.33
CA VAL B 60 -8.99 7.27 -9.81
C VAL B 60 -7.52 7.28 -9.41
N GLY B 61 -6.93 6.08 -9.32
CA GLY B 61 -5.53 5.98 -8.96
C GLY B 61 -4.77 5.01 -9.85
N GLY B 62 -3.45 4.97 -9.68
CA GLY B 62 -2.63 4.08 -10.49
C GLY B 62 -1.30 3.76 -9.83
N TYR B 63 -0.87 2.50 -9.96
CA TYR B 63 0.40 2.06 -9.37
C TYR B 63 1.19 1.23 -10.36
N ARG B 64 2.30 1.78 -10.84
CA ARG B 64 3.15 1.07 -11.80
C ARG B 64 2.42 0.90 -13.13
N SER B 65 1.57 -0.12 -13.21
CA SER B 65 0.81 -0.40 -14.43
C SER B 65 -0.60 -0.88 -14.10
N SER B 66 -1.20 -0.30 -13.06
CA SER B 66 -2.54 -0.68 -12.65
C SER B 66 -3.38 0.56 -12.36
N GLN B 67 -4.71 0.40 -12.42
CA GLN B 67 -5.63 1.52 -12.17
C GLN B 67 -6.84 1.05 -11.38
N ALA B 68 -7.39 1.95 -10.56
CA ALA B 68 -8.56 1.64 -9.75
C ALA B 68 -9.39 2.88 -9.46
N LEU B 69 -10.56 2.68 -8.84
CA LEU B 69 -11.46 3.77 -8.49
C LEU B 69 -11.79 3.76 -7.00
N ALA B 70 -11.57 4.90 -6.34
CA ALA B 70 -11.86 5.00 -4.91
C ALA B 70 -12.94 6.03 -4.63
N ILE B 71 -13.52 5.97 -3.42
CA ILE B 71 -14.57 6.92 -3.04
C ILE B 71 -14.69 7.00 -1.52
N GLY B 72 -15.57 7.89 -1.04
CA GLY B 72 -15.77 8.05 0.39
C GLY B 72 -16.35 9.40 0.74
N SER B 73 -16.34 9.73 2.02
CA SER B 73 -16.88 11.00 2.48
C SER B 73 -16.41 11.32 3.90
N GLY B 74 -16.49 12.60 4.27
CA GLY B 74 -16.06 13.02 5.60
C GLY B 74 -16.83 14.23 6.08
N TYR B 75 -16.56 14.65 7.32
CA TYR B 75 -17.25 15.79 7.90
C TYR B 75 -16.30 16.60 8.78
N ARG B 76 -16.21 17.91 8.52
CA ARG B 76 -15.35 18.79 9.28
C ARG B 76 -16.18 19.73 10.15
N VAL B 77 -16.80 19.19 11.20
CA VAL B 77 -17.63 19.98 12.11
C VAL B 77 -16.78 20.67 13.17
N ASN B 78 -16.95 21.99 13.29
CA ASN B 78 -16.20 22.76 14.29
C ASN B 78 -14.70 22.68 14.01
N GLU B 79 -13.95 23.61 14.59
CA GLU B 79 -12.50 23.66 14.42
C GLU B 79 -11.80 23.03 15.62
N SER B 80 -12.37 21.95 16.13
CA SER B 80 -11.78 21.25 17.28
C SER B 80 -11.46 19.80 16.94
N VAL B 81 -12.45 19.09 16.41
CA VAL B 81 -12.27 17.70 16.03
C VAL B 81 -12.80 17.46 14.62
N ALA B 82 -12.51 16.28 14.07
CA ALA B 82 -12.94 15.94 12.72
C ALA B 82 -12.73 14.46 12.44
N LEU B 83 -13.37 13.97 11.37
CA LEU B 83 -13.25 12.57 10.98
C LEU B 83 -13.13 12.45 9.47
N LYS B 84 -12.78 11.24 9.00
CA LYS B 84 -12.62 11.00 7.57
C LYS B 84 -12.77 9.50 7.26
N ALA B 85 -13.71 9.17 6.38
CA ALA B 85 -13.96 7.78 6.00
C ALA B 85 -14.07 7.65 4.49
N GLY B 86 -13.89 6.42 3.99
CA GLY B 86 -13.97 6.17 2.56
C GLY B 86 -13.61 4.74 2.20
N VAL B 87 -14.06 4.30 1.04
CA VAL B 87 -13.78 2.95 0.56
C VAL B 87 -13.13 2.97 -0.82
N ALA B 88 -12.02 2.24 -0.96
CA ALA B 88 -11.31 2.17 -2.22
C ALA B 88 -11.61 0.87 -2.98
N TYR B 89 -12.25 1.00 -4.13
CA TYR B 89 -12.60 -0.15 -4.95
C TYR B 89 -11.51 -0.47 -5.98
N ALA B 90 -10.80 -1.57 -5.75
CA ALA B 90 -9.72 -2.00 -6.63
C ALA B 90 -10.05 -3.33 -7.30
N GLY B 91 -10.00 -3.34 -8.64
CA GLY B 91 -10.28 -4.53 -9.40
C GLY B 91 -11.70 -5.03 -9.16
N SER B 92 -11.88 -5.82 -8.10
CA SER B 92 -13.20 -6.36 -7.78
C SER B 92 -13.23 -6.93 -6.36
N SER B 93 -12.25 -7.80 -6.07
CA SER B 93 -12.14 -8.44 -4.76
C SER B 93 -11.03 -7.80 -3.93
N ASP B 94 -10.56 -6.64 -4.36
CA ASP B 94 -9.50 -5.93 -3.65
C ASP B 94 -10.01 -4.60 -3.11
N VAL B 95 -11.05 -4.65 -2.29
CA VAL B 95 -11.62 -3.44 -1.70
C VAL B 95 -11.04 -3.19 -0.32
N MET B 96 -11.07 -1.92 0.10
CA MET B 96 -10.55 -1.53 1.41
C MET B 96 -11.38 -0.39 1.99
N TYR B 97 -11.43 -0.31 3.32
CA TYR B 97 -12.17 0.74 4.00
C TYR B 97 -11.33 1.42 5.07
N ASN B 98 -11.43 2.75 5.16
CA ASN B 98 -10.67 3.51 6.14
C ASN B 98 -11.56 4.50 6.89
N ALA B 99 -11.37 4.59 8.20
CA ALA B 99 -12.14 5.51 9.04
C ALA B 99 -11.28 6.04 10.19
N SER B 100 -10.70 7.23 9.99
CA SER B 100 -9.85 7.84 11.00
C SER B 100 -10.31 9.26 11.34
N PHE B 101 -9.89 9.78 12.49
CA PHE B 101 -10.29 11.12 12.91
C PHE B 101 -9.06 11.96 13.27
N ASN B 102 -9.15 13.26 12.99
CA ASN B 102 -8.06 14.18 13.28
C ASN B 102 -8.52 15.27 14.23
N ILE B 103 -7.60 15.84 15.01
CA ILE B 103 -7.93 16.90 15.95
C ILE B 103 -7.17 18.17 15.63
N GLU B 104 -7.86 19.30 15.66
CA GLU B 104 -7.24 20.58 15.37
C GLU B 104 -7.36 21.53 16.56
N TRP B 105 -6.27 22.17 16.94
CA TRP B 105 -6.27 23.11 18.06
C TRP B 105 -6.21 24.55 17.56
N GLY C 1 4.37 -38.12 3.48
CA GLY C 1 5.43 -38.76 4.31
C GLY C 1 5.59 -38.10 5.66
N ASP C 2 4.48 -37.95 6.38
CA ASP C 2 4.48 -37.33 7.70
C ASP C 2 4.74 -35.83 7.60
N GLN C 3 4.16 -35.08 8.54
CA GLN C 3 4.32 -33.62 8.56
C GLN C 3 5.79 -33.24 8.70
N ALA C 4 6.47 -33.88 9.65
CA ALA C 4 7.88 -33.61 9.89
C ALA C 4 8.75 -34.18 8.76
N SER C 5 9.85 -33.50 8.49
CA SER C 5 10.78 -33.92 7.44
C SER C 5 11.98 -34.64 8.03
N TRP C 6 12.53 -35.59 7.28
CA TRP C 6 13.69 -36.34 7.74
C TRP C 6 14.79 -36.36 6.67
N SER C 7 15.49 -35.24 6.51
CA SER C 7 16.55 -35.13 5.53
C SER C 7 15.97 -35.04 4.12
N HIS C 8 15.09 -34.07 3.91
CA HIS C 8 14.44 -33.89 2.62
C HIS C 8 15.15 -32.84 1.77
N PRO C 9 15.51 -31.68 2.36
CA PRO C 9 16.21 -30.61 1.65
C PRO C 9 17.48 -31.11 0.96
N GLN C 10 17.47 -31.09 -0.37
CA GLN C 10 18.64 -31.55 -1.14
C GLN C 10 19.69 -30.46 -1.26
N PHE C 11 20.72 -30.72 -2.05
CA PHE C 11 21.80 -29.77 -2.27
C PHE C 11 21.99 -29.55 -3.77
N GLU C 12 21.72 -30.60 -4.54
CA GLU C 12 21.87 -30.56 -6.00
C GLU C 12 20.85 -29.62 -6.62
N LYS C 13 19.59 -30.02 -6.59
CA LYS C 13 18.50 -29.22 -7.17
C LYS C 13 17.67 -28.55 -6.08
N GLY C 14 17.75 -29.06 -4.86
CA GLY C 14 17.00 -28.50 -3.75
C GLY C 14 17.41 -27.07 -3.45
N ALA C 15 18.72 -26.84 -3.38
CA ALA C 15 19.27 -25.52 -3.10
C ALA C 15 18.87 -24.53 -4.19
N HIS C 16 18.77 -25.02 -5.42
CA HIS C 16 18.41 -24.19 -6.55
C HIS C 16 16.94 -23.76 -6.48
N LYS C 17 16.09 -24.68 -5.99
CA LYS C 17 14.66 -24.41 -5.87
C LYS C 17 14.41 -23.35 -4.80
N PHE C 18 14.95 -23.57 -3.60
CA PHE C 18 14.78 -22.64 -2.50
C PHE C 18 15.52 -21.33 -2.76
N ARG C 19 16.64 -21.42 -3.48
CA ARG C 19 17.44 -20.24 -3.80
C ARG C 19 16.65 -19.27 -4.67
N GLN C 20 16.20 -19.74 -5.83
CA GLN C 20 15.44 -18.91 -6.74
C GLN C 20 14.10 -18.48 -6.13
N LEU C 21 13.51 -19.38 -5.36
CA LEU C 21 12.23 -19.11 -4.70
C LEU C 21 12.36 -17.91 -3.77
N ASP C 22 13.41 -17.92 -2.96
CA ASP C 22 13.65 -16.83 -2.01
C ASP C 22 13.98 -15.53 -2.73
N ASN C 23 14.64 -15.66 -3.88
CA ASN C 23 15.02 -14.51 -4.69
C ASN C 23 13.79 -13.76 -5.20
N ARG C 24 12.81 -14.53 -5.65
CA ARG C 24 11.57 -13.95 -6.18
C ARG C 24 10.69 -13.42 -5.05
N LEU C 25 10.52 -14.23 -4.01
CA LEU C 25 9.71 -13.83 -2.86
C LEU C 25 10.30 -12.59 -2.20
N ASP C 26 11.63 -12.48 -2.23
CA ASP C 26 12.30 -11.33 -1.63
C ASP C 26 12.12 -10.08 -2.50
N LYS C 27 12.22 -10.25 -3.80
CA LYS C 27 12.06 -9.13 -4.72
C LYS C 27 10.66 -8.53 -4.63
N LEU C 28 9.65 -9.39 -4.55
CA LEU C 28 8.27 -8.93 -4.43
C LEU C 28 8.10 -8.14 -3.13
N ASP C 29 8.55 -8.73 -2.02
CA ASP C 29 8.47 -8.10 -0.71
C ASP C 29 9.17 -6.75 -0.69
N THR C 30 10.18 -6.61 -1.54
CA THR C 30 10.94 -5.36 -1.61
C THR C 30 10.16 -4.31 -2.42
N ARG C 31 9.54 -4.75 -3.51
CA ARG C 31 8.76 -3.85 -4.37
C ARG C 31 7.61 -3.21 -3.61
N VAL C 32 7.06 -3.94 -2.64
CA VAL C 32 5.95 -3.44 -1.83
C VAL C 32 6.44 -2.52 -0.73
N ASP C 33 7.67 -2.75 -0.28
CA ASP C 33 8.27 -1.93 0.77
C ASP C 33 8.45 -0.49 0.30
N LYS C 34 9.09 -0.33 -0.85
CA LYS C 34 9.35 0.99 -1.40
C LYS C 34 8.07 1.60 -1.98
N GLY C 35 7.25 0.76 -2.61
CA GLY C 35 6.01 1.24 -3.20
C GLY C 35 5.02 1.71 -2.15
N LEU C 36 5.00 1.03 -1.00
CA LEU C 36 4.11 1.39 0.09
C LEU C 36 4.58 2.65 0.80
N ALA C 37 5.89 2.87 0.81
CA ALA C 37 6.48 4.04 1.45
C ALA C 37 6.29 5.29 0.58
N SER C 38 6.56 5.14 -0.71
CA SER C 38 6.41 6.26 -1.65
C SER C 38 4.96 6.71 -1.74
N SER C 39 4.05 5.75 -1.83
CA SER C 39 2.62 6.05 -1.93
C SER C 39 2.15 6.83 -0.70
N ALA C 40 2.55 6.37 0.47
CA ALA C 40 2.18 7.02 1.73
C ALA C 40 2.85 8.39 1.83
N ALA C 41 4.01 8.54 1.20
CA ALA C 41 4.74 9.80 1.22
C ALA C 41 3.96 10.89 0.50
N LEU C 42 3.33 10.54 -0.61
CA LEU C 42 2.54 11.50 -1.37
C LEU C 42 1.20 11.74 -0.70
N ASN C 43 0.60 10.68 -0.15
CA ASN C 43 -0.69 10.81 0.50
C ASN C 43 -0.61 11.54 1.83
N SER C 44 0.61 11.64 2.35
CA SER C 44 0.88 12.34 3.61
C SER C 44 0.63 13.85 3.53
N LEU C 45 0.88 14.39 2.35
CA LEU C 45 0.66 15.81 2.09
C LEU C 45 -0.84 16.10 2.21
N PHE C 46 -1.19 17.27 2.73
CA PHE C 46 -2.60 17.61 2.89
C PHE C 46 -2.99 18.77 1.97
N GLN C 47 -2.12 19.77 1.91
CA GLN C 47 -2.35 20.94 1.08
C GLN C 47 -3.48 21.78 1.66
N PRO C 48 -3.17 22.97 2.22
CA PRO C 48 -4.17 23.84 2.82
C PRO C 48 -5.01 24.56 1.77
N TYR C 49 -5.67 25.65 2.19
CA TYR C 49 -6.50 26.42 1.28
C TYR C 49 -7.74 25.64 0.87
N GLY C 50 -8.70 26.32 0.27
CA GLY C 50 -9.92 25.68 -0.17
C GLY C 50 -10.90 26.66 -0.79
N VAL C 51 -10.52 27.94 -0.79
CA VAL C 51 -11.35 29.01 -1.35
C VAL C 51 -11.06 29.25 -2.84
N GLY C 52 -9.81 29.08 -3.24
CA GLY C 52 -9.42 29.28 -4.61
C GLY C 52 -7.95 29.61 -4.76
N LYS C 53 -7.09 28.63 -4.49
CA LYS C 53 -5.65 28.82 -4.60
C LYS C 53 -4.98 27.55 -5.11
N VAL C 54 -3.65 27.58 -5.21
CA VAL C 54 -2.90 26.43 -5.70
C VAL C 54 -1.92 25.90 -4.65
N ASN C 55 -1.78 24.59 -4.58
CA ASN C 55 -0.87 23.95 -3.62
C ASN C 55 0.13 23.02 -4.32
N PHE C 56 1.02 22.44 -3.53
CA PHE C 56 2.04 21.51 -4.04
C PHE C 56 2.44 20.49 -2.98
N THR C 57 2.70 19.26 -3.44
CA THR C 57 3.10 18.18 -2.53
C THR C 57 4.50 17.68 -2.86
N ALA C 58 5.27 17.36 -1.83
CA ALA C 58 6.64 16.87 -2.00
C ALA C 58 7.27 16.52 -0.65
N GLY C 59 7.81 15.30 -0.56
CA GLY C 59 8.43 14.86 0.68
C GLY C 59 8.99 13.46 0.58
N VAL C 60 9.30 12.87 1.73
CA VAL C 60 9.84 11.52 1.77
C VAL C 60 8.99 10.59 2.63
N GLY C 61 9.06 9.30 2.34
CA GLY C 61 8.27 8.33 3.10
C GLY C 61 9.10 7.11 3.49
N GLY C 62 8.52 6.25 4.33
CA GLY C 62 9.22 5.06 4.76
C GLY C 62 8.27 3.96 5.22
N TYR C 63 8.60 2.72 4.88
CA TYR C 63 7.77 1.57 5.26
C TYR C 63 8.64 0.43 5.79
N ARG C 64 8.53 0.16 7.09
CA ARG C 64 9.31 -0.89 7.71
C ARG C 64 10.80 -0.57 7.70
N SER C 65 11.45 -0.81 6.57
CA SER C 65 12.87 -0.54 6.41
C SER C 65 13.19 -0.04 5.02
N SER C 66 12.29 0.77 4.45
CA SER C 66 12.48 1.32 3.11
C SER C 66 12.16 2.81 3.09
N GLN C 67 12.71 3.52 2.10
CA GLN C 67 12.47 4.96 1.97
C GLN C 67 12.31 5.35 0.50
N ALA C 68 11.49 6.38 0.26
CA ALA C 68 11.24 6.86 -1.10
C ALA C 68 10.92 8.35 -1.12
N LEU C 69 10.81 8.91 -2.32
CA LEU C 69 10.49 10.33 -2.49
C LEU C 69 9.27 10.50 -3.38
N ALA C 70 8.28 11.25 -2.91
CA ALA C 70 7.06 11.48 -3.67
C ALA C 70 6.88 12.97 -3.98
N ILE C 71 6.01 13.27 -4.95
CA ILE C 71 5.74 14.65 -5.33
C ILE C 71 4.40 14.77 -6.05
N GLY C 72 4.02 16.01 -6.37
CA GLY C 72 2.75 16.25 -7.04
C GLY C 72 2.26 17.67 -6.88
N SER C 73 1.00 17.90 -7.24
CA SER C 73 0.40 19.23 -7.12
C SER C 73 -1.12 19.16 -7.23
N GLY C 74 -1.78 20.20 -6.74
CA GLY C 74 -3.24 20.24 -6.79
C GLY C 74 -3.76 21.66 -6.87
N TYR C 75 -5.08 21.79 -7.00
CA TYR C 75 -5.70 23.10 -7.09
C TYR C 75 -7.04 23.14 -6.36
N ARG C 76 -7.20 24.10 -5.47
CA ARG C 76 -8.43 24.24 -4.70
C ARG C 76 -9.20 25.49 -5.13
N VAL C 77 -9.77 25.44 -6.34
CA VAL C 77 -10.54 26.57 -6.88
C VAL C 77 -11.97 26.56 -6.36
N ASN C 78 -12.41 27.69 -5.81
CA ASN C 78 -13.76 27.81 -5.28
C ASN C 78 -14.00 26.81 -4.15
N GLU C 79 -15.05 27.05 -3.37
CA GLU C 79 -15.39 26.19 -2.25
C GLU C 79 -16.52 25.25 -2.64
N SER C 80 -16.49 24.75 -3.87
CA SER C 80 -17.51 23.83 -4.35
C SER C 80 -16.90 22.50 -4.78
N VAL C 81 -15.89 22.57 -5.65
CA VAL C 81 -15.21 21.38 -6.13
C VAL C 81 -13.70 21.53 -6.01
N ALA C 82 -12.97 20.44 -6.22
CA ALA C 82 -11.51 20.47 -6.12
C ALA C 82 -10.90 19.19 -6.67
N LEU C 83 -9.60 19.22 -6.92
CA LEU C 83 -8.89 18.06 -7.44
C LEU C 83 -7.53 17.91 -6.76
N LYS C 84 -6.89 16.76 -6.97
CA LYS C 84 -5.58 16.48 -6.38
C LYS C 84 -4.83 15.41 -7.18
N ALA C 85 -3.63 15.76 -7.64
CA ALA C 85 -2.81 14.84 -8.42
C ALA C 85 -1.37 14.82 -7.90
N GLY C 86 -0.65 13.76 -8.25
CA GLY C 86 0.74 13.63 -7.80
C GLY C 86 1.35 12.30 -8.19
N VAL C 87 2.68 12.25 -8.24
CA VAL C 87 3.39 11.02 -8.59
C VAL C 87 4.40 10.64 -7.51
N ALA C 88 4.37 9.39 -7.08
CA ALA C 88 5.28 8.91 -6.05
C ALA C 88 6.42 8.09 -6.66
N TYR C 89 7.64 8.60 -6.52
CA TYR C 89 8.83 7.94 -7.05
C TYR C 89 9.46 7.02 -6.01
N ALA C 90 9.33 5.72 -6.24
CA ALA C 90 9.88 4.71 -5.33
C ALA C 90 10.98 3.89 -5.99
N GLY C 91 12.16 3.88 -5.37
CA GLY C 91 13.28 3.13 -5.91
C GLY C 91 13.69 3.63 -7.29
N SER C 92 13.03 3.12 -8.32
CA SER C 92 13.33 3.52 -9.69
C SER C 92 12.24 3.07 -10.66
N SER C 93 11.89 1.78 -10.57
CA SER C 93 10.86 1.19 -11.43
C SER C 93 9.57 0.98 -10.67
N ASP C 94 9.46 1.61 -9.50
CA ASP C 94 8.26 1.48 -8.68
C ASP C 94 7.57 2.83 -8.52
N VAL C 95 7.19 3.43 -9.65
CA VAL C 95 6.52 4.73 -9.63
C VAL C 95 5.01 4.54 -9.70
N MET C 96 4.28 5.54 -9.20
CA MET C 96 2.83 5.51 -9.20
C MET C 96 2.25 6.90 -9.39
N TYR C 97 1.05 6.98 -9.97
CA TYR C 97 0.39 8.25 -10.21
C TYR C 97 -1.05 8.25 -9.71
N ASN C 98 -1.46 9.35 -9.08
CA ASN C 98 -2.82 9.45 -8.56
C ASN C 98 -3.48 10.77 -8.95
N ALA C 99 -4.75 10.70 -9.36
CA ALA C 99 -5.50 11.88 -9.76
C ALA C 99 -6.98 11.75 -9.35
N SER C 100 -7.33 12.30 -8.20
CA SER C 100 -8.70 12.24 -7.71
C SER C 100 -9.25 13.64 -7.39
N PHE C 101 -10.58 13.76 -7.31
CA PHE C 101 -11.20 15.04 -7.03
C PHE C 101 -12.17 14.93 -5.86
N ASN C 102 -12.26 15.99 -5.07
CA ASN C 102 -13.15 16.03 -3.91
C ASN C 102 -14.17 17.17 -4.05
N ILE C 103 -15.34 17.01 -3.44
CA ILE C 103 -16.38 18.03 -3.50
C ILE C 103 -16.72 18.55 -2.10
N GLU C 104 -16.81 19.86 -1.97
CA GLU C 104 -17.14 20.47 -0.69
C GLU C 104 -18.44 21.28 -0.78
N TRP C 105 -19.32 21.08 0.19
CA TRP C 105 -20.60 21.81 0.21
C TRP C 105 -20.58 22.89 1.29
N GLY A 1 6.94 -62.16 -4.98
CA GLY A 1 6.41 -61.02 -5.79
C GLY A 1 5.34 -60.24 -5.05
N ASP A 2 5.64 -59.82 -3.83
CA ASP A 2 4.70 -59.05 -3.02
C ASP A 2 3.73 -59.97 -2.28
N GLN A 3 3.53 -59.69 -1.00
CA GLN A 3 2.62 -60.49 -0.18
C GLN A 3 1.64 -59.60 0.56
N ALA A 4 2.14 -58.85 1.53
CA ALA A 4 1.31 -57.95 2.32
C ALA A 4 2.10 -56.74 2.80
N SER A 5 3.02 -56.28 1.95
CA SER A 5 3.87 -55.14 2.28
C SER A 5 3.29 -53.86 1.68
N TRP A 6 3.62 -52.72 2.29
CA TRP A 6 3.14 -51.43 1.80
C TRP A 6 4.22 -50.71 1.03
N SER A 7 5.15 -50.08 1.73
CA SER A 7 6.25 -49.36 1.10
C SER A 7 5.70 -48.31 0.15
N HIS A 8 4.63 -47.64 0.56
CA HIS A 8 3.99 -46.62 -0.27
C HIS A 8 4.80 -45.31 -0.29
N PRO A 9 5.13 -44.76 0.88
CA PRO A 9 5.91 -43.52 0.98
C PRO A 9 7.27 -43.65 0.29
N GLN A 10 7.50 -42.83 -0.73
CA GLN A 10 8.76 -42.86 -1.46
C GLN A 10 9.63 -41.65 -1.13
N PHE A 11 9.16 -40.47 -1.53
CA PHE A 11 9.87 -39.23 -1.26
C PHE A 11 9.07 -38.39 -0.28
N GLU A 12 9.63 -37.24 0.09
CA GLU A 12 9.01 -36.31 1.04
C GLU A 12 9.47 -34.89 0.79
N LYS A 13 9.87 -34.61 -0.45
CA LYS A 13 10.35 -33.28 -0.83
C LYS A 13 9.19 -32.31 -1.08
N GLY A 14 8.18 -32.77 -1.82
CA GLY A 14 7.03 -31.94 -2.13
C GLY A 14 6.29 -31.50 -0.87
N ALA A 15 6.30 -32.36 0.14
CA ALA A 15 5.64 -32.06 1.41
C ALA A 15 6.23 -30.82 2.05
N HIS A 16 7.55 -30.73 2.06
CA HIS A 16 8.25 -29.60 2.64
C HIS A 16 8.17 -28.37 1.73
N LYS A 17 8.29 -28.60 0.43
CA LYS A 17 8.23 -27.52 -0.55
C LYS A 17 6.86 -26.84 -0.52
N PHE A 18 5.82 -27.64 -0.26
CA PHE A 18 4.46 -27.10 -0.21
C PHE A 18 4.25 -26.25 1.04
N ARG A 19 4.82 -26.70 2.16
CA ARG A 19 4.70 -25.97 3.42
C ARG A 19 5.41 -24.62 3.35
N GLN A 20 6.72 -24.66 3.12
CA GLN A 20 7.51 -23.44 3.04
C GLN A 20 6.95 -22.49 1.98
N LEU A 21 6.34 -23.07 0.94
CA LEU A 21 5.76 -22.28 -0.14
C LEU A 21 4.61 -21.42 0.39
N ASP A 22 3.58 -22.08 0.92
CA ASP A 22 2.41 -21.39 1.46
C ASP A 22 2.79 -20.54 2.67
N ASN A 23 3.88 -20.91 3.32
CA ASN A 23 4.35 -20.18 4.50
C ASN A 23 4.76 -18.76 4.13
N ARG A 24 5.64 -18.64 3.15
CA ARG A 24 6.12 -17.34 2.70
C ARG A 24 5.02 -16.57 1.98
N LEU A 25 4.21 -17.29 1.20
CA LEU A 25 3.11 -16.68 0.47
C LEU A 25 2.09 -16.10 1.44
N ASP A 26 1.74 -16.86 2.47
CA ASP A 26 0.77 -16.41 3.46
C ASP A 26 1.29 -15.19 4.21
N LYS A 27 2.61 -15.12 4.41
CA LYS A 27 3.21 -14.00 5.12
C LYS A 27 3.09 -12.72 4.32
N LEU A 28 3.25 -12.83 3.00
CA LEU A 28 3.14 -11.65 2.13
C LEU A 28 1.71 -11.13 2.16
N ASP A 29 0.74 -12.04 2.06
CA ASP A 29 -0.68 -11.69 2.10
C ASP A 29 -1.06 -11.00 3.41
N THR A 30 -0.45 -11.45 4.50
CA THR A 30 -0.72 -10.88 5.81
C THR A 30 -0.01 -9.55 5.98
N ARG A 31 1.14 -9.40 5.32
CA ARG A 31 1.92 -8.17 5.40
C ARG A 31 1.33 -7.07 4.50
N VAL A 32 0.62 -7.49 3.45
CA VAL A 32 0.01 -6.55 2.52
C VAL A 32 -1.36 -6.09 3.02
N ASP A 33 -2.05 -7.00 3.72
CA ASP A 33 -3.37 -6.70 4.26
C ASP A 33 -3.28 -5.67 5.39
N LYS A 34 -2.30 -5.86 6.27
CA LYS A 34 -2.10 -4.96 7.40
C LYS A 34 -1.27 -3.75 6.99
N GLY A 35 -0.38 -3.94 6.02
CA GLY A 35 0.46 -2.85 5.56
C GLY A 35 -0.33 -1.78 4.84
N LEU A 36 -1.27 -2.20 4.01
CA LEU A 36 -2.11 -1.27 3.25
C LEU A 36 -3.23 -0.71 4.11
N ALA A 37 -3.58 -1.45 5.18
CA ALA A 37 -4.63 -1.04 6.09
C ALA A 37 -4.15 0.05 7.04
N SER A 38 -2.91 -0.07 7.50
CA SER A 38 -2.33 0.90 8.41
C SER A 38 -1.89 2.16 7.65
N SER A 39 -1.33 1.95 6.47
CA SER A 39 -0.86 3.06 5.64
C SER A 39 -2.01 4.00 5.29
N ALA A 40 -3.05 3.44 4.69
CA ALA A 40 -4.23 4.21 4.31
C ALA A 40 -4.84 4.89 5.53
N ALA A 41 -4.86 4.18 6.65
CA ALA A 41 -5.44 4.71 7.88
C ALA A 41 -4.77 6.04 8.26
N LEU A 42 -3.46 6.11 8.06
CA LEU A 42 -2.72 7.34 8.36
C LEU A 42 -2.95 8.38 7.28
N ASN A 43 -2.94 7.95 6.02
CA ASN A 43 -3.14 8.89 4.92
C ASN A 43 -4.57 9.42 4.84
N SER A 44 -5.44 8.80 5.63
CA SER A 44 -6.85 9.20 5.71
C SER A 44 -7.05 10.56 6.38
N LEU A 45 -6.05 10.97 7.15
CA LEU A 45 -6.07 12.26 7.83
C LEU A 45 -5.61 13.34 6.85
N PHE A 46 -5.76 14.60 7.22
CA PHE A 46 -5.34 15.68 6.34
C PHE A 46 -5.07 16.97 7.11
N GLN A 47 -5.29 16.90 8.42
CA GLN A 47 -5.07 18.04 9.30
C GLN A 47 -6.11 19.12 9.02
N PRO A 48 -6.97 19.47 9.99
CA PRO A 48 -8.01 20.47 9.81
C PRO A 48 -7.46 21.89 9.92
N TYR A 49 -7.40 22.59 8.79
CA TYR A 49 -6.90 23.97 8.76
C TYR A 49 -5.46 24.03 9.27
N GLY A 50 -4.88 25.22 9.23
CA GLY A 50 -3.51 25.39 9.67
C GLY A 50 -3.01 26.81 9.44
N VAL A 51 -3.79 27.79 9.90
CA VAL A 51 -3.47 29.21 9.76
C VAL A 51 -2.32 29.64 10.68
N GLY A 52 -1.81 28.69 11.46
CA GLY A 52 -0.71 28.98 12.37
C GLY A 52 -0.84 28.22 13.68
N LYS A 53 -0.98 26.90 13.57
CA LYS A 53 -1.11 26.05 14.75
C LYS A 53 -0.71 24.61 14.42
N VAL A 54 -1.06 23.68 15.30
CA VAL A 54 -0.73 22.27 15.10
C VAL A 54 -1.99 21.42 14.90
N ASN A 55 -1.90 20.44 14.01
CA ASN A 55 -3.03 19.54 13.74
C ASN A 55 -2.66 18.08 13.97
N PHE A 56 -3.37 17.45 14.92
CA PHE A 56 -3.14 16.04 15.27
C PHE A 56 -3.90 15.11 14.33
N THR A 57 -3.21 14.11 13.81
CA THR A 57 -3.82 13.14 12.91
C THR A 57 -3.87 11.75 13.55
N ALA A 58 -5.08 11.21 13.67
CA ALA A 58 -5.29 9.89 14.27
C ALA A 58 -6.52 9.21 13.69
N GLY A 59 -6.39 7.92 13.39
CA GLY A 59 -7.51 7.17 12.84
C GLY A 59 -7.14 5.74 12.49
N VAL A 60 -8.14 4.91 12.24
CA VAL A 60 -7.92 3.52 11.88
C VAL A 60 -8.41 3.21 10.47
N GLY A 61 -7.87 2.15 9.88
CA GLY A 61 -8.26 1.76 8.53
C GLY A 61 -8.32 0.26 8.36
N GLY A 62 -8.51 -0.19 7.12
CA GLY A 62 -8.58 -1.61 6.83
C GLY A 62 -8.51 -1.91 5.36
N TYR A 63 -7.80 -2.99 5.01
CA TYR A 63 -7.65 -3.39 3.61
C TYR A 63 -7.85 -4.90 3.46
N ARG A 64 -8.65 -5.30 2.47
CA ARG A 64 -8.91 -6.71 2.23
C ARG A 64 -9.77 -7.30 3.34
N SER A 65 -9.12 -7.90 4.34
CA SER A 65 -9.82 -8.51 5.47
C SER A 65 -9.02 -8.34 6.76
N SER A 66 -8.24 -7.26 6.84
CA SER A 66 -7.43 -6.98 8.02
C SER A 66 -7.53 -5.51 8.41
N GLN A 67 -7.57 -5.24 9.71
CA GLN A 67 -7.67 -3.87 10.22
C GLN A 67 -6.33 -3.40 10.79
N ALA A 68 -6.15 -2.09 10.86
CA ALA A 68 -4.92 -1.50 11.38
C ALA A 68 -5.18 -0.18 12.09
N LEU A 69 -4.17 0.32 12.80
CA LEU A 69 -4.27 1.59 13.52
C LEU A 69 -3.18 2.56 13.07
N ALA A 70 -3.55 3.83 12.90
CA ALA A 70 -2.58 4.84 12.49
C ALA A 70 -2.56 6.03 13.43
N ILE A 71 -1.36 6.54 13.73
CA ILE A 71 -1.22 7.68 14.62
C ILE A 71 -0.13 8.64 14.14
N GLY A 72 -0.32 9.93 14.40
CA GLY A 72 0.65 10.92 13.97
C GLY A 72 0.14 12.34 14.17
N SER A 73 0.97 13.31 13.80
CA SER A 73 0.60 14.72 13.93
C SER A 73 1.56 15.61 13.15
N GLY A 74 1.10 16.82 12.83
CA GLY A 74 1.92 17.76 12.09
C GLY A 74 1.62 19.20 12.45
N TYR A 75 2.44 20.12 11.96
CA TYR A 75 2.26 21.53 12.25
C TYR A 75 2.19 22.36 10.97
N ARG A 76 1.27 23.33 10.94
CA ARG A 76 1.10 24.18 9.78
C ARG A 76 1.07 25.65 10.19
N VAL A 77 1.79 26.49 9.45
CA VAL A 77 1.85 27.93 9.72
C VAL A 77 1.37 28.75 8.54
N ASN A 78 0.64 29.82 8.80
CA ASN A 78 0.12 30.68 7.75
C ASN A 78 -0.87 29.93 6.86
N GLU A 79 -0.37 29.39 5.76
CA GLU A 79 -1.20 28.65 4.83
C GLU A 79 -0.38 28.19 3.62
N SER A 80 0.72 28.89 3.36
CA SER A 80 1.58 28.54 2.24
C SER A 80 2.38 27.28 2.53
N VAL A 81 3.24 27.35 3.54
CA VAL A 81 4.05 26.20 3.92
C VAL A 81 3.30 25.32 4.93
N ALA A 82 3.42 24.01 4.76
CA ALA A 82 2.76 23.07 5.66
C ALA A 82 3.66 21.90 6.02
N LEU A 83 3.38 21.27 7.16
CA LEU A 83 4.17 20.13 7.61
C LEU A 83 3.26 19.03 8.14
N LYS A 84 3.62 17.78 7.87
CA LYS A 84 2.85 16.63 8.31
C LYS A 84 3.73 15.38 8.46
N ALA A 85 3.65 14.74 9.62
CA ALA A 85 4.43 13.55 9.89
C ALA A 85 3.70 12.62 10.86
N GLY A 86 4.29 11.45 11.12
CA GLY A 86 3.69 10.50 12.03
C GLY A 86 4.15 9.08 11.77
N VAL A 87 3.55 8.13 12.47
CA VAL A 87 3.90 6.71 12.30
C VAL A 87 2.66 5.82 12.37
N ALA A 88 2.64 4.77 11.56
CA ALA A 88 1.51 3.85 11.54
C ALA A 88 1.90 2.47 12.08
N TYR A 89 0.95 1.83 12.77
CA TYR A 89 1.20 0.50 13.34
C TYR A 89 0.31 -0.56 12.69
N ALA A 90 0.96 -1.56 12.10
CA ALA A 90 0.24 -2.65 11.42
C ALA A 90 0.71 -4.02 11.92
N GLY A 91 -0.25 -4.88 12.26
CA GLY A 91 0.07 -6.20 12.75
C GLY A 91 0.98 -6.17 13.96
N SER A 92 2.21 -6.67 13.80
CA SER A 92 3.16 -6.69 14.90
C SER A 92 4.60 -6.61 14.39
N SER A 93 4.74 -6.18 13.14
CA SER A 93 6.04 -6.04 12.49
C SER A 93 5.95 -5.24 11.19
N ASP A 94 4.87 -4.48 11.07
CA ASP A 94 4.65 -3.66 9.87
C ASP A 94 4.56 -2.19 10.24
N VAL A 95 5.67 -1.62 10.69
CA VAL A 95 5.70 -0.22 11.08
C VAL A 95 6.18 0.64 9.91
N MET A 96 5.51 1.79 9.73
CA MET A 96 5.85 2.71 8.65
C MET A 96 5.90 4.14 9.16
N TYR A 97 6.94 4.88 8.76
CA TYR A 97 7.10 6.26 9.19
C TYR A 97 6.88 7.24 8.04
N ASN A 98 5.93 8.15 8.21
CA ASN A 98 5.63 9.13 7.16
C ASN A 98 6.12 10.53 7.55
N ALA A 99 6.46 11.33 6.54
CA ALA A 99 6.94 12.69 6.75
C ALA A 99 6.92 13.49 5.45
N SER A 100 5.80 14.16 5.18
CA SER A 100 5.67 14.94 3.96
C SER A 100 5.43 16.43 4.27
N PHE A 101 5.45 17.27 3.24
CA PHE A 101 5.24 18.70 3.43
C PHE A 101 4.46 19.30 2.27
N ASN A 102 3.47 20.13 2.61
CA ASN A 102 2.63 20.78 1.60
C ASN A 102 3.07 22.23 1.41
N ILE A 103 3.19 22.66 0.14
CA ILE A 103 3.59 24.03 -0.16
C ILE A 103 2.77 24.59 -1.31
N GLU A 104 1.98 25.61 -1.02
CA GLU A 104 1.15 26.24 -2.03
C GLU A 104 1.58 27.69 -2.29
N TRP A 105 1.24 28.21 -3.46
CA TRP A 105 1.60 29.59 -3.81
C TRP A 105 0.37 30.35 -4.29
N GLY B 1 19.39 -53.81 -25.65
CA GLY B 1 19.97 -52.58 -25.08
C GLY B 1 19.47 -51.32 -25.75
N ASP B 2 18.15 -51.19 -25.85
CA ASP B 2 17.54 -50.02 -26.48
C ASP B 2 17.48 -50.18 -28.00
N GLN B 3 16.33 -49.86 -28.58
CA GLN B 3 16.13 -49.97 -30.02
C GLN B 3 15.56 -48.67 -30.58
N ALA B 4 14.31 -48.39 -30.26
CA ALA B 4 13.64 -47.19 -30.73
C ALA B 4 12.60 -46.71 -29.74
N SER B 5 12.90 -46.88 -28.45
CA SER B 5 11.99 -46.48 -27.38
C SER B 5 12.36 -45.10 -26.84
N TRP B 6 11.38 -44.40 -26.27
CA TRP B 6 11.62 -43.07 -25.72
C TRP B 6 11.75 -43.14 -24.20
N SER B 7 10.60 -43.22 -23.52
CA SER B 7 10.58 -43.29 -22.06
C SER B 7 11.33 -42.10 -21.47
N HIS B 8 11.13 -40.93 -22.07
CA HIS B 8 11.82 -39.72 -21.61
C HIS B 8 11.19 -39.17 -20.33
N PRO B 9 9.86 -38.94 -20.32
CA PRO B 9 9.15 -38.43 -19.14
C PRO B 9 9.33 -39.34 -17.93
N GLN B 10 9.93 -38.80 -16.87
CA GLN B 10 10.16 -39.58 -15.65
C GLN B 10 9.22 -39.13 -14.54
N PHE B 11 9.40 -37.90 -14.07
CA PHE B 11 8.57 -37.34 -13.02
C PHE B 11 7.73 -36.20 -13.58
N GLU B 12 6.88 -35.63 -12.73
CA GLU B 12 5.98 -34.54 -13.12
C GLU B 12 5.64 -33.67 -11.90
N LYS B 13 6.53 -33.67 -10.91
CA LYS B 13 6.32 -32.89 -9.70
C LYS B 13 6.69 -31.42 -9.90
N GLY B 14 7.83 -31.17 -10.55
CA GLY B 14 8.26 -29.81 -10.79
C GLY B 14 7.28 -29.03 -11.64
N ALA B 15 6.61 -29.74 -12.55
CA ALA B 15 5.64 -29.12 -13.44
C ALA B 15 4.50 -28.49 -12.64
N HIS B 16 4.01 -29.23 -11.65
CA HIS B 16 2.92 -28.75 -10.80
C HIS B 16 3.42 -27.70 -9.80
N LYS B 17 4.60 -27.94 -9.25
CA LYS B 17 5.19 -27.03 -8.28
C LYS B 17 5.46 -25.66 -8.92
N PHE B 18 5.80 -25.67 -10.20
CA PHE B 18 6.09 -24.42 -10.91
C PHE B 18 4.81 -23.63 -11.17
N ARG B 19 3.73 -24.35 -11.50
CA ARG B 19 2.44 -23.72 -11.77
C ARG B 19 1.88 -23.07 -10.52
N GLN B 20 1.63 -23.88 -9.49
CA GLN B 20 1.08 -23.39 -8.24
C GLN B 20 1.96 -22.28 -7.66
N LEU B 21 3.26 -22.35 -7.94
CA LEU B 21 4.20 -21.36 -7.46
C LEU B 21 3.90 -19.99 -8.06
N ASP B 22 3.97 -19.91 -9.38
CA ASP B 22 3.71 -18.66 -10.09
C ASP B 22 2.25 -18.23 -9.92
N ASN B 23 1.38 -19.19 -9.62
CA ASN B 23 -0.04 -18.91 -9.42
C ASN B 23 -0.25 -18.02 -8.21
N ARG B 24 0.28 -18.44 -7.07
CA ARG B 24 0.15 -17.68 -5.83
C ARG B 24 0.96 -16.39 -5.89
N LEU B 25 2.14 -16.47 -6.52
CA LEU B 25 3.01 -15.31 -6.65
C LEU B 25 2.33 -14.24 -7.50
N ASP B 26 1.75 -14.66 -8.62
CA ASP B 26 1.07 -13.74 -9.51
C ASP B 26 -0.13 -13.09 -8.84
N LYS B 27 -0.78 -13.83 -7.94
CA LYS B 27 -1.94 -13.32 -7.24
C LYS B 27 -1.55 -12.20 -6.28
N LEU B 28 -0.39 -12.35 -5.64
CA LEU B 28 0.10 -11.34 -4.70
C LEU B 28 0.41 -10.06 -5.45
N ASP B 29 1.11 -10.20 -6.59
CA ASP B 29 1.46 -9.06 -7.44
C ASP B 29 0.24 -8.31 -7.93
N THR B 30 -0.83 -9.06 -8.23
CA THR B 30 -2.07 -8.46 -8.70
C THR B 30 -2.85 -7.82 -7.56
N ARG B 31 -2.69 -8.39 -6.37
CA ARG B 31 -3.38 -7.88 -5.18
C ARG B 31 -2.69 -6.63 -4.62
N VAL B 32 -1.38 -6.52 -4.87
CA VAL B 32 -0.61 -5.39 -4.40
C VAL B 32 -0.70 -4.21 -5.36
N ASP B 33 -0.83 -4.52 -6.66
CA ASP B 33 -0.94 -3.50 -7.69
C ASP B 33 -2.27 -2.75 -7.58
N LYS B 34 -3.34 -3.51 -7.38
CA LYS B 34 -4.68 -2.93 -7.27
C LYS B 34 -4.95 -2.45 -5.84
N GLY B 35 -4.34 -3.13 -4.87
CA GLY B 35 -4.52 -2.76 -3.48
C GLY B 35 -3.91 -1.41 -3.15
N LEU B 36 -2.72 -1.17 -3.67
CA LEU B 36 -2.01 0.09 -3.44
C LEU B 36 -2.55 1.20 -4.35
N ALA B 37 -3.17 0.80 -5.46
CA ALA B 37 -3.74 1.74 -6.41
C ALA B 37 -5.06 2.32 -5.90
N SER B 38 -5.87 1.45 -5.29
CA SER B 38 -7.16 1.87 -4.76
C SER B 38 -6.99 2.62 -3.44
N SER B 39 -6.07 2.13 -2.61
CA SER B 39 -5.80 2.75 -1.32
C SER B 39 -5.36 4.21 -1.48
N ALA B 40 -4.30 4.40 -2.27
CA ALA B 40 -3.76 5.73 -2.52
C ALA B 40 -4.83 6.62 -3.15
N ALA B 41 -5.63 6.04 -4.05
CA ALA B 41 -6.68 6.80 -4.72
C ALA B 41 -7.61 7.44 -3.71
N LEU B 42 -7.92 6.72 -2.63
CA LEU B 42 -8.79 7.24 -1.59
C LEU B 42 -8.04 8.23 -0.72
N ASN B 43 -6.80 7.91 -0.37
CA ASN B 43 -6.01 8.79 0.48
C ASN B 43 -5.58 10.08 -0.23
N SER B 44 -5.82 10.11 -1.54
CA SER B 44 -5.51 11.26 -2.37
C SER B 44 -6.43 12.46 -2.09
N LEU B 45 -7.58 12.17 -1.51
CA LEU B 45 -8.54 13.20 -1.13
C LEU B 45 -8.13 13.79 0.21
N PHE B 46 -8.77 14.89 0.60
CA PHE B 46 -8.43 15.51 1.87
C PHE B 46 -9.58 16.37 2.40
N GLN B 47 -10.65 16.42 1.62
CA GLN B 47 -11.84 17.18 2.00
C GLN B 47 -11.52 18.68 1.96
N PRO B 48 -12.19 19.45 1.08
CA PRO B 48 -11.96 20.88 0.95
C PRO B 48 -12.65 21.69 2.05
N TYR B 49 -11.86 22.23 2.97
CA TYR B 49 -12.40 23.02 4.07
C TYR B 49 -13.36 22.19 4.92
N GLY B 50 -13.87 22.81 5.98
CA GLY B 50 -14.80 22.11 6.86
C GLY B 50 -15.17 22.94 8.07
N VAL B 51 -15.57 24.19 7.83
CA VAL B 51 -15.97 25.12 8.88
C VAL B 51 -17.30 24.75 9.53
N GLY B 52 -17.91 23.68 9.04
CA GLY B 52 -19.20 23.24 9.56
C GLY B 52 -20.10 22.68 8.49
N LYS B 53 -19.59 21.72 7.72
CA LYS B 53 -20.35 21.09 6.65
C LYS B 53 -19.79 19.71 6.32
N VAL B 54 -20.19 19.17 5.18
CA VAL B 54 -19.72 17.85 4.76
C VAL B 54 -18.87 17.93 3.49
N ASN B 55 -17.82 17.11 3.42
CA ASN B 55 -16.93 17.08 2.27
C ASN B 55 -16.87 15.68 1.64
N PHE B 56 -17.28 15.60 0.38
CA PHE B 56 -17.28 14.33 -0.36
C PHE B 56 -15.91 14.06 -0.98
N THR B 57 -15.40 12.85 -0.79
CA THR B 57 -14.11 12.45 -1.34
C THR B 57 -14.28 11.37 -2.40
N ALA B 58 -13.81 11.66 -3.61
CA ALA B 58 -13.90 10.72 -4.72
C ALA B 58 -12.76 10.93 -5.71
N GLY B 59 -12.17 9.83 -6.19
CA GLY B 59 -11.08 9.92 -7.13
C GLY B 59 -10.49 8.56 -7.46
N VAL B 60 -9.68 8.50 -8.52
CA VAL B 60 -9.05 7.25 -8.94
C VAL B 60 -7.52 7.34 -8.82
N GLY B 61 -6.88 6.18 -8.73
CA GLY B 61 -5.43 6.13 -8.62
C GLY B 61 -4.83 4.97 -9.38
N GLY B 62 -3.53 4.75 -9.19
CA GLY B 62 -2.86 3.66 -9.87
C GLY B 62 -1.47 3.40 -9.32
N TYR B 63 -1.11 2.12 -9.23
CA TYR B 63 0.20 1.73 -8.71
C TYR B 63 0.84 0.64 -9.58
N ARG B 64 2.10 0.83 -9.92
CA ARG B 64 2.81 -0.13 -10.76
C ARG B 64 2.29 -0.11 -12.19
N SER B 65 1.34 -1.00 -12.48
CA SER B 65 0.75 -1.09 -13.81
C SER B 65 -0.74 -1.45 -13.74
N SER B 66 -1.38 -1.06 -12.64
CA SER B 66 -2.80 -1.34 -12.44
C SER B 66 -3.53 -0.11 -11.90
N GLN B 67 -4.75 0.10 -12.38
CA GLN B 67 -5.56 1.24 -11.94
C GLN B 67 -6.67 0.80 -10.99
N ALA B 68 -7.16 1.75 -10.18
CA ALA B 68 -8.23 1.45 -9.24
C ALA B 68 -9.14 2.66 -9.03
N LEU B 69 -10.26 2.44 -8.36
CA LEU B 69 -11.23 3.50 -8.08
C LEU B 69 -11.49 3.62 -6.58
N ALA B 70 -11.58 4.86 -6.09
CA ALA B 70 -11.82 5.09 -4.67
C ALA B 70 -13.02 6.01 -4.45
N ILE B 71 -13.84 5.70 -3.44
CA ILE B 71 -15.02 6.51 -3.15
C ILE B 71 -15.22 6.63 -1.63
N GLY B 72 -15.76 7.76 -1.20
CA GLY B 72 -16.00 7.98 0.22
C GLY B 72 -16.40 9.41 0.53
N SER B 73 -16.62 9.69 1.80
CA SER B 73 -17.02 11.04 2.23
C SER B 73 -16.91 11.18 3.73
N GLY B 74 -16.79 12.43 4.19
CA GLY B 74 -16.69 12.71 5.61
C GLY B 74 -17.32 14.03 6.00
N TYR B 75 -17.42 14.27 7.30
CA TYR B 75 -18.02 15.50 7.80
C TYR B 75 -17.08 16.23 8.76
N ARG B 76 -17.01 17.55 8.62
CA ARG B 76 -16.15 18.36 9.49
C ARG B 76 -16.93 19.55 10.05
N VAL B 77 -16.75 19.79 11.36
CA VAL B 77 -17.44 20.90 12.03
C VAL B 77 -16.42 21.86 12.67
N ASN B 78 -16.72 23.15 12.59
CA ASN B 78 -15.83 24.17 13.15
C ASN B 78 -14.49 24.19 12.44
N GLU B 79 -13.52 23.47 12.99
CA GLU B 79 -12.18 23.39 12.42
C GLU B 79 -11.27 22.56 13.31
N SER B 80 -11.61 22.45 14.59
CA SER B 80 -10.82 21.68 15.53
C SER B 80 -11.00 20.19 15.30
N VAL B 81 -12.22 19.70 15.49
CA VAL B 81 -12.53 18.30 15.30
C VAL B 81 -12.91 18.03 13.84
N ALA B 82 -12.44 16.91 13.30
CA ALA B 82 -12.73 16.55 11.92
C ALA B 82 -13.05 15.06 11.79
N LEU B 83 -13.78 14.71 10.74
CA LEU B 83 -14.15 13.32 10.50
C LEU B 83 -13.99 12.98 9.01
N LYS B 84 -13.52 11.76 8.74
CA LYS B 84 -13.31 11.30 7.37
C LYS B 84 -13.41 9.78 7.28
N ALA B 85 -14.23 9.30 6.35
CA ALA B 85 -14.42 7.87 6.16
C ALA B 85 -14.77 7.54 4.70
N GLY B 86 -14.87 6.26 4.40
CA GLY B 86 -15.21 5.84 3.04
C GLY B 86 -14.73 4.43 2.74
N VAL B 87 -14.87 4.02 1.48
CA VAL B 87 -14.45 2.69 1.06
C VAL B 87 -13.83 2.73 -0.34
N ALA B 88 -12.80 1.91 -0.55
CA ALA B 88 -12.12 1.85 -1.83
C ALA B 88 -12.36 0.51 -2.53
N TYR B 89 -12.45 0.55 -3.87
CA TYR B 89 -12.68 -0.65 -4.66
C TYR B 89 -11.49 -0.96 -5.56
N ALA B 90 -10.90 -2.14 -5.37
CA ALA B 90 -9.75 -2.57 -6.15
C ALA B 90 -9.96 -3.95 -6.76
N GLY B 91 -9.68 -4.06 -8.07
CA GLY B 91 -9.86 -5.32 -8.76
C GLY B 91 -11.27 -5.86 -8.64
N SER B 92 -11.42 -6.99 -7.95
CA SER B 92 -12.73 -7.61 -7.77
C SER B 92 -12.79 -8.40 -6.47
N SER B 93 -11.84 -8.12 -5.56
CA SER B 93 -11.77 -8.79 -4.27
C SER B 93 -10.81 -8.06 -3.34
N ASP B 94 -10.52 -6.80 -3.65
CA ASP B 94 -9.61 -6.00 -2.84
C ASP B 94 -10.32 -4.77 -2.28
N VAL B 95 -11.28 -5.00 -1.38
CA VAL B 95 -12.03 -3.91 -0.78
C VAL B 95 -11.39 -3.48 0.54
N MET B 96 -11.33 -2.17 0.75
CA MET B 96 -10.74 -1.62 1.96
C MET B 96 -11.61 -0.51 2.54
N TYR B 97 -11.84 -0.55 3.85
CA TYR B 97 -12.66 0.45 4.51
C TYR B 97 -11.83 1.38 5.39
N ASN B 98 -11.91 2.69 5.13
CA ASN B 98 -11.14 3.66 5.89
C ASN B 98 -12.06 4.48 6.82
N ALA B 99 -11.50 4.92 7.94
CA ALA B 99 -12.24 5.72 8.92
C ALA B 99 -11.30 6.39 9.91
N SER B 100 -10.85 7.60 9.58
CA SER B 100 -9.94 8.34 10.46
C SER B 100 -10.55 9.66 10.93
N PHE B 101 -9.88 10.34 11.86
CA PHE B 101 -10.39 11.60 12.38
C PHE B 101 -9.24 12.57 12.66
N ASN B 102 -9.43 13.83 12.24
CA ASN B 102 -8.42 14.86 12.44
C ASN B 102 -8.81 15.76 13.62
N ILE B 103 -7.85 16.05 14.50
CA ILE B 103 -8.11 16.90 15.65
C ILE B 103 -6.95 17.87 15.88
N GLU B 104 -7.22 19.15 15.72
CA GLU B 104 -6.19 20.18 15.92
C GLU B 104 -6.53 21.07 17.10
N TRP B 105 -5.51 21.72 17.68
CA TRP B 105 -5.72 22.60 18.82
C TRP B 105 -5.08 23.97 18.55
N GLY C 1 31.16 -54.30 -3.00
CA GLY C 1 30.08 -53.67 -2.18
C GLY C 1 30.51 -52.36 -1.56
N ASP C 2 31.02 -51.45 -2.39
CA ASP C 2 31.46 -50.15 -1.93
C ASP C 2 32.88 -50.22 -1.37
N GLN C 3 33.71 -49.25 -1.78
CA GLN C 3 35.10 -49.20 -1.32
C GLN C 3 35.44 -47.81 -0.79
N ALA C 4 35.51 -46.83 -1.69
CA ALA C 4 35.82 -45.47 -1.31
C ALA C 4 35.17 -44.47 -2.26
N SER C 5 33.96 -44.81 -2.71
CA SER C 5 33.21 -43.96 -3.63
C SER C 5 32.21 -43.10 -2.87
N TRP C 6 31.84 -41.96 -3.46
CA TRP C 6 30.90 -41.05 -2.83
C TRP C 6 29.51 -41.20 -3.45
N SER C 7 29.32 -40.59 -4.62
CA SER C 7 28.05 -40.66 -5.33
C SER C 7 26.92 -40.17 -4.42
N HIS C 8 27.19 -39.11 -3.67
CA HIS C 8 26.20 -38.56 -2.74
C HIS C 8 25.12 -37.76 -3.48
N PRO C 9 25.52 -36.79 -4.31
CA PRO C 9 24.56 -35.96 -5.08
C PRO C 9 23.67 -36.82 -5.98
N GLN C 10 22.36 -36.77 -5.74
CA GLN C 10 21.42 -37.54 -6.53
C GLN C 10 20.62 -36.65 -7.48
N PHE C 11 19.80 -35.78 -6.90
CA PHE C 11 18.98 -34.86 -7.67
C PHE C 11 19.46 -33.42 -7.41
N GLU C 12 18.84 -32.47 -8.10
CA GLU C 12 19.18 -31.06 -7.99
C GLU C 12 17.97 -30.18 -8.31
N LYS C 13 16.79 -30.73 -8.12
CA LYS C 13 15.54 -30.00 -8.39
C LYS C 13 15.19 -29.04 -7.27
N GLY C 14 15.29 -29.51 -6.02
CA GLY C 14 14.97 -28.69 -4.87
C GLY C 14 15.86 -27.46 -4.78
N ALA C 15 17.10 -27.62 -5.24
CA ALA C 15 18.07 -26.52 -5.22
C ALA C 15 17.57 -25.34 -6.05
N HIS C 16 17.06 -25.65 -7.24
CA HIS C 16 16.56 -24.62 -8.14
C HIS C 16 15.19 -24.11 -7.68
N LYS C 17 14.35 -25.03 -7.20
CA LYS C 17 13.01 -24.66 -6.73
C LYS C 17 13.11 -23.73 -5.54
N PHE C 18 14.13 -23.92 -4.71
CA PHE C 18 14.33 -23.08 -3.52
C PHE C 18 14.79 -21.68 -3.91
N ARG C 19 15.66 -21.60 -4.90
CA ARG C 19 16.17 -20.31 -5.37
C ARG C 19 15.06 -19.47 -5.99
N GLN C 20 14.46 -19.99 -7.08
CA GLN C 20 13.38 -19.29 -7.77
C GLN C 20 12.25 -18.94 -6.80
N LEU C 21 12.07 -19.77 -5.79
CA LEU C 21 11.03 -19.56 -4.79
C LEU C 21 11.29 -18.28 -4.02
N ASP C 22 12.43 -18.23 -3.32
CA ASP C 22 12.80 -17.06 -2.53
C ASP C 22 13.02 -15.84 -3.42
N ASN C 23 13.34 -16.10 -4.70
CA ASN C 23 13.57 -15.02 -5.65
C ASN C 23 12.32 -14.19 -5.88
N ARG C 24 11.23 -14.88 -6.23
CA ARG C 24 9.95 -14.21 -6.47
C ARG C 24 9.36 -13.67 -5.18
N LEU C 25 9.52 -14.43 -4.10
CA LEU C 25 9.02 -14.02 -2.80
C LEU C 25 9.71 -12.75 -2.33
N ASP C 26 11.03 -12.72 -2.48
CA ASP C 26 11.82 -11.56 -2.06
C ASP C 26 11.44 -10.33 -2.88
N LYS C 27 11.08 -10.55 -4.15
CA LYS C 27 10.71 -9.44 -5.02
C LYS C 27 9.39 -8.81 -4.58
N LEU C 28 8.46 -9.64 -4.11
CA LEU C 28 7.17 -9.14 -3.65
C LEU C 28 7.37 -8.29 -2.40
N ASP C 29 8.18 -8.80 -1.47
CA ASP C 29 8.49 -8.10 -0.22
C ASP C 29 9.16 -6.75 -0.48
N THR C 30 10.00 -6.70 -1.51
CA THR C 30 10.69 -5.47 -1.87
C THR C 30 9.75 -4.52 -2.61
N ARG C 31 8.79 -5.08 -3.33
CA ARG C 31 7.83 -4.27 -4.09
C ARG C 31 6.74 -3.70 -3.17
N VAL C 32 6.48 -4.40 -2.07
CA VAL C 32 5.46 -3.97 -1.12
C VAL C 32 6.03 -2.96 -0.12
N ASP C 33 7.31 -3.10 0.20
CA ASP C 33 7.99 -2.21 1.12
C ASP C 33 8.14 -0.81 0.52
N LYS C 34 8.54 -0.77 -0.75
CA LYS C 34 8.75 0.49 -1.44
C LYS C 34 7.44 1.01 -2.03
N GLY C 35 6.54 0.08 -2.38
CA GLY C 35 5.26 0.47 -2.95
C GLY C 35 4.38 1.17 -1.94
N LEU C 36 4.36 0.65 -0.71
CA LEU C 36 3.54 1.23 0.36
C LEU C 36 4.23 2.46 0.97
N ALA C 37 5.56 2.52 0.81
CA ALA C 37 6.34 3.64 1.33
C ALA C 37 6.19 4.88 0.46
N SER C 38 6.17 4.68 -0.85
CA SER C 38 6.02 5.78 -1.80
C SER C 38 4.57 6.25 -1.87
N SER C 39 3.65 5.29 -1.84
CA SER C 39 2.22 5.61 -1.91
C SER C 39 1.80 6.50 -0.73
N ALA C 40 2.08 6.02 0.48
CA ALA C 40 1.74 6.77 1.69
C ALA C 40 2.43 8.13 1.68
N ALA C 41 3.68 8.17 1.20
CA ALA C 41 4.43 9.42 1.15
C ALA C 41 3.67 10.48 0.37
N LEU C 42 3.01 10.07 -0.72
CA LEU C 42 2.25 10.99 -1.54
C LEU C 42 0.92 11.31 -0.86
N ASN C 43 0.28 10.30 -0.30
CA ASN C 43 -1.02 10.51 0.36
C ASN C 43 -0.89 11.30 1.66
N SER C 44 0.35 11.48 2.11
CA SER C 44 0.66 12.24 3.31
C SER C 44 0.39 13.73 3.17
N LEU C 45 0.35 14.19 1.92
CA LEU C 45 0.06 15.58 1.61
C LEU C 45 -1.44 15.79 1.62
N PHE C 46 -1.88 17.04 1.57
CA PHE C 46 -3.32 17.32 1.57
C PHE C 46 -3.63 18.68 0.97
N GLN C 47 -2.56 19.39 0.57
CA GLN C 47 -2.70 20.71 -0.04
C GLN C 47 -3.21 21.71 1.00
N PRO C 48 -2.40 22.75 1.33
CA PRO C 48 -2.79 23.74 2.32
C PRO C 48 -3.75 24.78 1.75
N TYR C 49 -5.00 24.73 2.20
CA TYR C 49 -6.02 25.67 1.73
C TYR C 49 -6.20 25.57 0.22
N GLY C 50 -7.14 26.34 -0.30
CA GLY C 50 -7.41 26.33 -1.72
C GLY C 50 -8.60 27.19 -2.09
N VAL C 51 -8.59 28.44 -1.61
CA VAL C 51 -9.66 29.40 -1.86
C VAL C 51 -9.66 29.91 -3.32
N GLY C 52 -8.71 29.42 -4.10
CA GLY C 52 -8.61 29.83 -5.49
C GLY C 52 -7.17 29.96 -5.96
N LYS C 53 -6.39 28.89 -5.76
CA LYS C 53 -5.00 28.87 -6.17
C LYS C 53 -4.51 27.43 -6.34
N VAL C 54 -3.19 27.26 -6.41
CA VAL C 54 -2.61 25.93 -6.59
C VAL C 54 -1.79 25.51 -5.37
N ASN C 55 -1.87 24.23 -5.02
CA ASN C 55 -1.14 23.68 -3.88
C ASN C 55 -0.21 22.54 -4.29
N PHE C 56 1.10 22.74 -4.07
CA PHE C 56 2.10 21.74 -4.41
C PHE C 56 2.27 20.71 -3.29
N THR C 57 2.25 19.44 -3.67
CA THR C 57 2.40 18.36 -2.70
C THR C 57 3.71 17.60 -2.91
N ALA C 58 4.55 17.58 -1.88
CA ALA C 58 5.84 16.90 -1.94
C ALA C 58 6.27 16.40 -0.56
N GLY C 59 6.79 15.17 -0.52
CA GLY C 59 7.23 14.60 0.73
C GLY C 59 7.71 13.17 0.58
N VAL C 60 8.38 12.65 1.61
CA VAL C 60 8.89 11.28 1.58
C VAL C 60 8.23 10.43 2.67
N GLY C 61 8.26 9.12 2.48
CA GLY C 61 7.67 8.21 3.44
C GLY C 61 8.46 6.93 3.60
N GLY C 62 7.90 5.96 4.33
CA GLY C 62 8.58 4.70 4.53
C GLY C 62 7.68 3.65 5.13
N TYR C 63 7.83 2.40 4.69
CA TYR C 63 7.02 1.30 5.18
C TYR C 63 7.88 0.07 5.45
N ARG C 64 7.70 -0.55 6.62
CA ARG C 64 8.46 -1.73 6.99
C ARG C 64 9.92 -1.36 7.27
N SER C 65 10.76 -1.50 6.24
CA SER C 65 12.19 -1.18 6.37
C SER C 65 12.74 -0.59 5.09
N SER C 66 11.87 0.09 4.34
CA SER C 66 12.27 0.72 3.08
C SER C 66 11.70 2.13 2.96
N GLN C 67 12.49 3.04 2.41
CA GLN C 67 12.06 4.43 2.24
C GLN C 67 11.72 4.73 0.79
N ALA C 68 10.91 5.76 0.57
CA ALA C 68 10.51 6.16 -0.78
C ALA C 68 10.31 7.67 -0.88
N LEU C 69 10.16 8.16 -2.12
CA LEU C 69 9.95 9.59 -2.36
C LEU C 69 8.66 9.81 -3.16
N ALA C 70 7.91 10.84 -2.78
CA ALA C 70 6.66 11.15 -3.46
C ALA C 70 6.62 12.60 -3.94
N ILE C 71 6.10 12.83 -5.14
CA ILE C 71 6.01 14.18 -5.70
C ILE C 71 4.70 14.38 -6.46
N GLY C 72 4.18 15.59 -6.43
CA GLY C 72 2.93 15.89 -7.13
C GLY C 72 2.40 17.27 -6.80
N SER C 73 1.26 17.61 -7.37
CA SER C 73 0.64 18.91 -7.14
C SER C 73 -0.80 18.94 -7.65
N GLY C 74 -1.59 19.86 -7.11
CA GLY C 74 -2.98 19.98 -7.53
C GLY C 74 -3.47 21.41 -7.45
N TYR C 75 -4.67 21.65 -7.98
CA TYR C 75 -5.26 22.99 -7.97
C TYR C 75 -6.65 22.98 -7.35
N ARG C 76 -6.93 23.99 -6.54
CA ARG C 76 -8.22 24.11 -5.88
C ARG C 76 -8.79 25.52 -6.05
N VAL C 77 -10.08 25.59 -6.38
CA VAL C 77 -10.77 26.86 -6.59
C VAL C 77 -11.95 27.02 -5.64
N ASN C 78 -12.15 28.22 -5.12
CA ASN C 78 -13.24 28.49 -4.20
C ASN C 78 -13.09 27.71 -2.91
N GLU C 79 -13.72 26.54 -2.84
CA GLU C 79 -13.65 25.69 -1.66
C GLU C 79 -14.53 24.45 -1.85
N SER C 80 -15.52 24.56 -2.72
CA SER C 80 -16.43 23.44 -2.99
C SER C 80 -15.73 22.36 -3.81
N VAL C 81 -15.34 22.71 -5.03
CA VAL C 81 -14.66 21.78 -5.91
C VAL C 81 -13.15 21.82 -5.68
N ALA C 82 -12.52 20.65 -5.70
CA ALA C 82 -11.08 20.56 -5.47
C ALA C 82 -10.44 19.56 -6.43
N LEU C 83 -9.15 19.75 -6.67
CA LEU C 83 -8.40 18.87 -7.57
C LEU C 83 -7.04 18.52 -6.98
N LYS C 84 -6.61 17.27 -7.16
CA LYS C 84 -5.33 16.80 -6.64
C LYS C 84 -4.78 15.65 -7.48
N ALA C 85 -3.54 15.77 -7.91
CA ALA C 85 -2.89 14.74 -8.72
C ALA C 85 -1.38 14.73 -8.49
N GLY C 86 -0.70 13.77 -9.11
CA GLY C 86 0.73 13.66 -8.97
C GLY C 86 1.24 12.25 -9.23
N VAL C 87 2.53 12.03 -9.00
CA VAL C 87 3.14 10.72 -9.21
C VAL C 87 4.16 10.40 -8.12
N ALA C 88 4.22 9.13 -7.72
CA ALA C 88 5.15 8.71 -6.68
C ALA C 88 6.24 7.79 -7.25
N TYR C 89 7.44 7.90 -6.70
CA TYR C 89 8.57 7.09 -7.16
C TYR C 89 9.04 6.14 -6.06
N ALA C 90 9.00 4.84 -6.35
CA ALA C 90 9.42 3.81 -5.39
C ALA C 90 10.44 2.85 -6.01
N GLY C 91 11.54 2.63 -5.28
CA GLY C 91 12.57 1.73 -5.77
C GLY C 91 13.11 2.15 -7.13
N SER C 92 12.87 1.32 -8.14
CA SER C 92 13.33 1.62 -9.49
C SER C 92 12.42 1.00 -10.55
N SER C 93 11.21 0.64 -10.11
CA SER C 93 10.21 0.03 -11.00
C SER C 93 8.83 0.02 -10.34
N ASP C 94 8.65 0.85 -9.32
CA ASP C 94 7.38 0.93 -8.61
C ASP C 94 6.79 2.34 -8.72
N VAL C 95 6.39 2.72 -9.93
CA VAL C 95 5.80 4.03 -10.16
C VAL C 95 4.28 3.97 -10.06
N MET C 96 3.69 4.96 -9.41
CA MET C 96 2.24 5.03 -9.24
C MET C 96 1.73 6.44 -9.54
N TYR C 97 0.65 6.52 -10.30
CA TYR C 97 0.06 7.80 -10.67
C TYR C 97 -1.28 8.02 -9.97
N ASN C 98 -1.38 9.11 -9.21
CA ASN C 98 -2.62 9.43 -8.49
C ASN C 98 -3.35 10.61 -9.11
N ALA C 99 -4.67 10.61 -8.99
CA ALA C 99 -5.51 11.68 -9.53
C ALA C 99 -6.92 11.63 -8.94
N SER C 100 -7.12 12.33 -7.84
CA SER C 100 -8.42 12.35 -7.18
C SER C 100 -9.01 13.77 -7.13
N PHE C 101 -10.27 13.89 -6.71
CA PHE C 101 -10.91 15.19 -6.63
C PHE C 101 -11.83 15.27 -5.42
N ASN C 102 -11.75 16.40 -4.69
CA ASN C 102 -12.58 16.62 -3.52
C ASN C 102 -13.74 17.54 -3.84
N ILE C 103 -14.95 17.18 -3.39
CA ILE C 103 -16.13 18.00 -3.63
C ILE C 103 -17.00 18.06 -2.39
N GLU C 104 -17.14 19.26 -1.83
CA GLU C 104 -17.95 19.45 -0.65
C GLU C 104 -19.16 20.35 -0.94
N TRP C 105 -20.20 20.25 -0.12
CA TRP C 105 -21.40 21.06 -0.31
C TRP C 105 -21.78 21.76 0.99
N GLY A 1 5.93 -61.28 -9.58
CA GLY A 1 5.66 -60.08 -10.41
C GLY A 1 4.45 -59.30 -9.92
N ASP A 2 4.43 -58.98 -8.63
CA ASP A 2 3.33 -58.23 -8.02
C ASP A 2 2.03 -59.03 -8.07
N GLN A 3 1.32 -59.05 -6.96
CA GLN A 3 0.05 -59.77 -6.86
C GLN A 3 -1.07 -58.86 -6.38
N ALA A 4 -0.93 -58.35 -5.16
CA ALA A 4 -1.93 -57.47 -4.58
C ALA A 4 -1.27 -56.44 -3.66
N SER A 5 -0.01 -56.12 -3.93
CA SER A 5 0.74 -55.16 -3.14
C SER A 5 0.82 -53.81 -3.85
N TRP A 6 0.88 -52.74 -3.08
CA TRP A 6 0.96 -51.40 -3.64
C TRP A 6 2.39 -50.87 -3.58
N SER A 7 2.76 -50.31 -2.43
CA SER A 7 4.11 -49.78 -2.24
C SER A 7 4.36 -48.63 -3.20
N HIS A 8 3.39 -47.73 -3.32
CA HIS A 8 3.49 -46.59 -4.23
C HIS A 8 4.26 -45.44 -3.60
N PRO A 9 3.91 -45.04 -2.36
CA PRO A 9 4.60 -43.95 -1.66
C PRO A 9 6.12 -44.13 -1.67
N GLN A 10 6.80 -43.33 -2.47
CA GLN A 10 8.26 -43.41 -2.58
C GLN A 10 8.92 -42.32 -1.74
N PHE A 11 8.75 -41.07 -2.17
CA PHE A 11 9.32 -39.93 -1.46
C PHE A 11 8.19 -39.03 -0.97
N GLU A 12 8.56 -38.05 -0.15
CA GLU A 12 7.61 -37.11 0.44
C GLU A 12 8.19 -35.70 0.48
N LYS A 13 9.14 -35.43 -0.42
CA LYS A 13 9.80 -34.13 -0.49
C LYS A 13 8.81 -33.02 -0.88
N GLY A 14 7.96 -33.32 -1.86
CA GLY A 14 6.99 -32.34 -2.33
C GLY A 14 6.05 -31.89 -1.21
N ALA A 15 5.81 -32.79 -0.27
CA ALA A 15 4.92 -32.48 0.86
C ALA A 15 5.52 -31.39 1.73
N HIS A 16 6.84 -31.41 1.89
CA HIS A 16 7.54 -30.42 2.70
C HIS A 16 7.70 -29.11 1.93
N LYS A 17 7.93 -29.22 0.62
CA LYS A 17 8.10 -28.04 -0.21
C LYS A 17 6.81 -27.24 -0.29
N PHE A 18 5.68 -27.93 -0.34
CA PHE A 18 4.38 -27.27 -0.42
C PHE A 18 4.02 -26.60 0.90
N ARG A 19 4.51 -27.17 2.00
CA ARG A 19 4.25 -26.63 3.33
C ARG A 19 4.85 -25.24 3.47
N GLN A 20 6.18 -25.16 3.40
CA GLN A 20 6.88 -23.88 3.53
C GLN A 20 6.51 -22.93 2.38
N LEU A 21 6.16 -23.52 1.24
CA LEU A 21 5.78 -22.73 0.07
C LEU A 21 4.53 -21.90 0.35
N ASP A 22 3.39 -22.60 0.50
CA ASP A 22 2.12 -21.93 0.77
C ASP A 22 2.20 -21.12 2.06
N ASN A 23 3.13 -21.49 2.93
CA ASN A 23 3.31 -20.80 4.21
C ASN A 23 3.85 -19.39 3.98
N ARG A 24 4.89 -19.29 3.17
CA ARG A 24 5.51 -17.99 2.87
C ARG A 24 4.59 -17.14 2.00
N LEU A 25 3.95 -17.78 1.03
CA LEU A 25 3.04 -17.08 0.13
C LEU A 25 1.93 -16.39 0.92
N ASP A 26 1.28 -17.13 1.80
CA ASP A 26 0.21 -16.59 2.63
C ASP A 26 0.72 -15.44 3.49
N LYS A 27 1.93 -15.59 4.03
CA LYS A 27 2.51 -14.56 4.87
C LYS A 27 2.71 -13.27 4.10
N LEU A 28 3.10 -13.39 2.83
CA LEU A 28 3.31 -12.21 1.99
C LEU A 28 2.02 -11.43 1.87
N ASP A 29 0.89 -12.15 1.77
CA ASP A 29 -0.42 -11.54 1.68
C ASP A 29 -0.88 -10.95 3.01
N THR A 30 -0.43 -11.55 4.11
CA THR A 30 -0.79 -11.08 5.44
C THR A 30 -0.10 -9.75 5.74
N ARG A 31 1.12 -9.58 5.23
CA ARG A 31 1.89 -8.36 5.45
C ARG A 31 1.35 -7.20 4.60
N VAL A 32 0.85 -7.53 3.41
CA VAL A 32 0.30 -6.52 2.50
C VAL A 32 -1.10 -6.11 2.93
N ASP A 33 -1.80 -7.01 3.61
CA ASP A 33 -3.15 -6.74 4.08
C ASP A 33 -3.14 -5.74 5.24
N LYS A 34 -2.21 -5.93 6.16
CA LYS A 34 -2.08 -5.06 7.33
C LYS A 34 -1.28 -3.80 6.98
N GLY A 35 -0.38 -3.93 6.02
CA GLY A 35 0.44 -2.80 5.61
C GLY A 35 -0.37 -1.73 4.88
N LEU A 36 -1.31 -2.19 4.04
CA LEU A 36 -2.16 -1.27 3.28
C LEU A 36 -3.22 -0.65 4.17
N ALA A 37 -3.64 -1.38 5.20
CA ALA A 37 -4.64 -0.89 6.14
C ALA A 37 -4.10 0.23 7.02
N SER A 38 -2.86 0.05 7.49
CA SER A 38 -2.22 1.04 8.35
C SER A 38 -1.77 2.24 7.53
N SER A 39 -1.15 1.98 6.39
CA SER A 39 -0.67 3.06 5.52
C SER A 39 -1.82 3.96 5.08
N ALA A 40 -2.90 3.35 4.61
CA ALA A 40 -4.07 4.10 4.17
C ALA A 40 -4.74 4.79 5.36
N ALA A 41 -4.74 4.12 6.50
CA ALA A 41 -5.35 4.67 7.71
C ALA A 41 -4.69 5.98 8.11
N LEU A 42 -3.36 6.04 7.96
CA LEU A 42 -2.62 7.25 8.30
C LEU A 42 -2.84 8.31 7.23
N ASN A 43 -2.85 7.91 5.96
CA ASN A 43 -3.03 8.86 4.88
C ASN A 43 -4.47 9.38 4.79
N SER A 44 -5.36 8.75 5.55
CA SER A 44 -6.76 9.13 5.61
C SER A 44 -6.99 10.48 6.30
N LEU A 45 -5.99 10.90 7.07
CA LEU A 45 -6.03 12.19 7.75
C LEU A 45 -5.66 13.28 6.76
N PHE A 46 -5.89 14.54 7.14
CA PHE A 46 -5.57 15.64 6.25
C PHE A 46 -5.34 16.94 7.02
N GLN A 47 -5.55 16.87 8.33
CA GLN A 47 -5.36 18.01 9.20
C GLN A 47 -6.41 19.08 8.89
N PRO A 48 -7.23 19.49 9.88
CA PRO A 48 -8.27 20.49 9.68
C PRO A 48 -7.74 21.92 9.79
N TYR A 49 -7.59 22.58 8.66
CA TYR A 49 -7.09 23.95 8.63
C TYR A 49 -5.63 24.01 9.09
N GLY A 50 -5.08 25.21 9.12
CA GLY A 50 -3.70 25.39 9.53
C GLY A 50 -3.20 26.80 9.27
N VAL A 51 -3.92 27.78 9.81
CA VAL A 51 -3.57 29.20 9.66
C VAL A 51 -2.38 29.62 10.52
N GLY A 52 -1.91 28.68 11.35
CA GLY A 52 -0.78 28.96 12.22
C GLY A 52 -0.90 28.26 13.57
N LYS A 53 -1.06 26.95 13.53
CA LYS A 53 -1.18 26.16 14.74
C LYS A 53 -0.78 24.70 14.49
N VAL A 54 -1.17 23.81 15.39
CA VAL A 54 -0.82 22.40 15.26
C VAL A 54 -2.07 21.54 15.08
N ASN A 55 -2.00 20.55 14.19
CA ASN A 55 -3.12 19.64 13.92
C ASN A 55 -2.73 18.18 14.14
N PHE A 56 -3.35 17.55 15.13
CA PHE A 56 -3.09 16.15 15.46
C PHE A 56 -3.86 15.21 14.54
N THR A 57 -3.15 14.24 13.96
CA THR A 57 -3.76 13.28 13.07
C THR A 57 -3.81 11.89 13.70
N ALA A 58 -5.01 11.31 13.75
CA ALA A 58 -5.21 9.97 14.33
C ALA A 58 -6.45 9.29 13.76
N GLY A 59 -6.30 8.03 13.37
CA GLY A 59 -7.42 7.29 12.81
C GLY A 59 -7.08 5.84 12.55
N VAL A 60 -8.09 5.04 12.21
CA VAL A 60 -7.90 3.63 11.92
C VAL A 60 -8.46 3.26 10.54
N GLY A 61 -7.98 2.14 10.00
CA GLY A 61 -8.43 1.68 8.70
C GLY A 61 -8.40 0.18 8.57
N GLY A 62 -8.62 -0.31 7.36
CA GLY A 62 -8.60 -1.75 7.12
C GLY A 62 -8.54 -2.10 5.65
N TYR A 63 -7.70 -3.07 5.31
CA TYR A 63 -7.55 -3.50 3.92
C TYR A 63 -7.81 -5.00 3.79
N ARG A 64 -8.46 -5.39 2.70
CA ARG A 64 -8.78 -6.80 2.46
C ARG A 64 -9.67 -7.36 3.57
N SER A 65 -9.04 -7.99 4.55
CA SER A 65 -9.77 -8.58 5.68
C SER A 65 -9.00 -8.41 6.99
N SER A 66 -8.14 -7.40 7.03
CA SER A 66 -7.33 -7.13 8.22
C SER A 66 -7.44 -5.66 8.62
N GLN A 67 -7.47 -5.41 9.92
CA GLN A 67 -7.57 -4.04 10.44
C GLN A 67 -6.24 -3.57 11.02
N ALA A 68 -6.05 -2.25 11.07
CA ALA A 68 -4.82 -1.68 11.60
C ALA A 68 -5.07 -0.32 12.25
N LEU A 69 -4.07 0.18 12.96
CA LEU A 69 -4.16 1.47 13.63
C LEU A 69 -3.06 2.42 13.16
N ALA A 70 -3.41 3.68 12.95
CA ALA A 70 -2.43 4.68 12.48
C ALA A 70 -2.50 5.96 13.31
N ILE A 71 -1.34 6.52 13.64
CA ILE A 71 -1.29 7.75 14.42
C ILE A 71 -0.24 8.72 13.86
N GLY A 72 -0.35 9.99 14.23
CA GLY A 72 0.59 10.98 13.76
C GLY A 72 0.16 12.40 14.11
N SER A 73 0.93 13.38 13.64
CA SER A 73 0.62 14.78 13.91
C SER A 73 1.50 15.70 13.07
N GLY A 74 0.97 16.88 12.74
CA GLY A 74 1.71 17.84 11.95
C GLY A 74 1.41 19.27 12.36
N TYR A 75 2.23 20.19 11.89
CA TYR A 75 2.07 21.60 12.23
C TYR A 75 2.01 22.46 10.96
N ARG A 76 1.00 23.33 10.89
CA ARG A 76 0.84 24.22 9.75
C ARG A 76 0.84 25.68 10.18
N VAL A 77 1.78 26.46 9.64
CA VAL A 77 1.89 27.88 9.97
C VAL A 77 1.45 28.75 8.80
N ASN A 78 0.75 29.84 9.11
CA ASN A 78 0.28 30.76 8.08
C ASN A 78 -0.72 30.07 7.14
N GLU A 79 -0.19 29.55 6.03
CA GLU A 79 -1.02 28.86 5.05
C GLU A 79 -0.19 28.46 3.84
N SER A 80 0.92 29.16 3.63
CA SER A 80 1.80 28.86 2.50
C SER A 80 2.58 27.57 2.73
N VAL A 81 3.38 27.55 3.79
CA VAL A 81 4.16 26.36 4.13
C VAL A 81 3.36 25.43 5.04
N ALA A 82 3.51 24.13 4.84
CA ALA A 82 2.79 23.15 5.65
C ALA A 82 3.67 21.94 5.95
N LEU A 83 3.31 21.21 7.01
CA LEU A 83 4.06 20.04 7.41
C LEU A 83 3.13 18.97 7.99
N LYS A 84 3.47 17.70 7.77
CA LYS A 84 2.66 16.58 8.26
C LYS A 84 3.49 15.31 8.35
N ALA A 85 3.38 14.62 9.48
CA ALA A 85 4.11 13.39 9.70
C ALA A 85 3.40 12.50 10.73
N GLY A 86 4.00 11.35 11.01
CA GLY A 86 3.41 10.42 11.97
C GLY A 86 3.94 9.01 11.82
N VAL A 87 3.36 8.07 12.57
CA VAL A 87 3.76 6.67 12.51
C VAL A 87 2.55 5.75 12.58
N ALA A 88 2.56 4.70 11.76
CA ALA A 88 1.47 3.75 11.73
C ALA A 88 1.91 2.38 12.25
N TYR A 89 1.00 1.67 12.91
CA TYR A 89 1.29 0.34 13.46
C TYR A 89 0.38 -0.72 12.84
N ALA A 90 0.99 -1.65 12.11
CA ALA A 90 0.26 -2.74 11.45
C ALA A 90 0.77 -4.11 11.89
N GLY A 91 -0.16 -4.98 12.26
CA GLY A 91 0.21 -6.32 12.70
C GLY A 91 1.05 -6.30 13.96
N SER A 92 2.31 -6.69 13.84
CA SER A 92 3.21 -6.73 14.99
C SER A 92 4.64 -6.46 14.58
N SER A 93 4.83 -6.07 13.31
CA SER A 93 6.15 -5.77 12.75
C SER A 93 6.04 -5.00 11.44
N ASP A 94 4.94 -4.28 11.28
CA ASP A 94 4.70 -3.49 10.08
C ASP A 94 4.52 -2.02 10.42
N VAL A 95 5.61 -1.37 10.81
CA VAL A 95 5.57 0.05 11.16
C VAL A 95 6.10 0.91 10.02
N MET A 96 5.42 2.01 9.74
CA MET A 96 5.82 2.93 8.68
C MET A 96 5.86 4.36 9.18
N TYR A 97 6.90 5.09 8.80
CA TYR A 97 7.07 6.48 9.23
C TYR A 97 6.91 7.44 8.05
N ASN A 98 5.96 8.37 8.15
CA ASN A 98 5.74 9.33 7.09
C ASN A 98 6.10 10.75 7.53
N ALA A 99 6.44 11.60 6.55
CA ALA A 99 6.80 13.00 6.83
C ALA A 99 6.89 13.79 5.53
N SER A 100 5.76 14.37 5.12
CA SER A 100 5.72 15.16 3.88
C SER A 100 5.45 16.63 4.18
N PHE A 101 5.61 17.49 3.17
CA PHE A 101 5.38 18.92 3.34
C PHE A 101 4.55 19.48 2.20
N ASN A 102 3.63 20.40 2.53
CA ASN A 102 2.77 21.02 1.54
C ASN A 102 3.18 22.49 1.33
N ILE A 103 3.31 22.89 0.07
CA ILE A 103 3.68 24.27 -0.25
C ILE A 103 2.80 24.82 -1.35
N GLU A 104 2.05 25.87 -1.03
CA GLU A 104 1.16 26.50 -2.00
C GLU A 104 1.55 27.96 -2.23
N TRP A 105 1.09 28.53 -3.34
CA TRP A 105 1.39 29.92 -3.67
C TRP A 105 0.14 30.65 -4.16
N GLY B 1 24.88 -51.99 -23.59
CA GLY B 1 25.35 -50.83 -22.78
C GLY B 1 25.10 -49.49 -23.46
N ASP B 2 23.85 -49.29 -23.89
CA ASP B 2 23.47 -48.03 -24.55
C ASP B 2 24.19 -47.89 -25.89
N GLN B 3 23.45 -47.50 -26.91
CA GLN B 3 24.01 -47.31 -28.25
C GLN B 3 23.69 -45.92 -28.79
N ALA B 4 22.40 -45.66 -28.98
CA ALA B 4 21.96 -44.36 -29.49
C ALA B 4 20.61 -43.97 -28.89
N SER B 5 20.34 -44.47 -27.69
CA SER B 5 19.08 -44.19 -27.01
C SER B 5 19.28 -43.15 -25.91
N TRP B 6 18.25 -42.36 -25.66
CA TRP B 6 18.33 -41.33 -24.63
C TRP B 6 17.63 -41.77 -23.36
N SER B 7 16.31 -41.58 -23.31
CA SER B 7 15.52 -41.99 -22.15
C SER B 7 15.95 -41.19 -20.93
N HIS B 8 16.12 -39.89 -21.10
CA HIS B 8 16.54 -39.02 -20.02
C HIS B 8 15.37 -38.59 -19.13
N PRO B 9 14.27 -38.10 -19.74
CA PRO B 9 13.08 -37.68 -18.99
C PRO B 9 12.63 -38.74 -17.99
N GLN B 10 12.88 -38.49 -16.70
CA GLN B 10 12.49 -39.44 -15.66
C GLN B 10 11.19 -39.00 -14.98
N PHE B 11 11.26 -37.90 -14.25
CA PHE B 11 10.10 -37.35 -13.56
C PHE B 11 9.77 -35.97 -14.12
N GLU B 12 8.61 -35.44 -13.70
CA GLU B 12 8.14 -34.14 -14.16
C GLU B 12 7.48 -33.38 -13.02
N LYS B 13 7.88 -33.70 -11.79
CA LYS B 13 7.32 -33.06 -10.59
C LYS B 13 7.68 -31.57 -10.53
N GLY B 14 8.93 -31.27 -10.86
CA GLY B 14 9.38 -29.88 -10.83
C GLY B 14 8.58 -28.99 -11.77
N ALA B 15 8.10 -29.58 -12.85
CA ALA B 15 7.30 -28.86 -13.84
C ALA B 15 5.99 -28.37 -13.22
N HIS B 16 5.41 -29.20 -12.36
CA HIS B 16 4.14 -28.87 -11.70
C HIS B 16 4.38 -27.90 -10.55
N LYS B 17 5.49 -28.07 -9.85
CA LYS B 17 5.84 -27.22 -8.72
C LYS B 17 6.10 -25.79 -9.19
N PHE B 18 6.75 -25.66 -10.35
CA PHE B 18 7.06 -24.34 -10.90
C PHE B 18 5.80 -23.63 -11.39
N ARG B 19 4.83 -24.42 -11.85
CA ARG B 19 3.58 -23.88 -12.35
C ARG B 19 2.82 -23.14 -11.25
N GLN B 20 2.41 -23.88 -10.22
CA GLN B 20 1.67 -23.29 -9.10
C GLN B 20 2.54 -22.28 -8.35
N LEU B 21 3.85 -22.48 -8.39
CA LEU B 21 4.79 -21.59 -7.71
C LEU B 21 4.72 -20.19 -8.31
N ASP B 22 5.18 -20.06 -9.55
CA ASP B 22 5.17 -18.77 -10.24
C ASP B 22 3.76 -18.21 -10.33
N ASN B 23 2.77 -19.10 -10.27
CA ASN B 23 1.37 -18.70 -10.34
C ASN B 23 0.95 -17.90 -9.11
N ARG B 24 1.30 -18.42 -7.94
CA ARG B 24 0.97 -17.76 -6.68
C ARG B 24 1.79 -16.50 -6.49
N LEU B 25 3.08 -16.58 -6.85
CA LEU B 25 3.97 -15.44 -6.73
C LEU B 25 3.43 -14.25 -7.52
N ASP B 26 3.11 -14.48 -8.78
CA ASP B 26 2.57 -13.43 -9.64
C ASP B 26 1.29 -12.86 -9.05
N LYS B 27 0.45 -13.72 -8.50
CA LYS B 27 -0.82 -13.29 -7.92
C LYS B 27 -0.59 -12.36 -6.74
N LEU B 28 0.45 -12.65 -5.95
CA LEU B 28 0.77 -11.81 -4.80
C LEU B 28 1.08 -10.39 -5.26
N ASP B 29 1.77 -10.29 -6.40
CA ASP B 29 2.13 -9.00 -6.99
C ASP B 29 0.92 -8.30 -7.61
N THR B 30 -0.03 -9.09 -8.10
CA THR B 30 -1.24 -8.55 -8.70
C THR B 30 -2.14 -7.92 -7.64
N ARG B 31 -2.14 -8.50 -6.45
CA ARG B 31 -2.98 -8.00 -5.35
C ARG B 31 -2.39 -6.73 -4.75
N VAL B 32 -1.06 -6.64 -4.74
CA VAL B 32 -0.36 -5.48 -4.20
C VAL B 32 -0.39 -4.31 -5.17
N ASP B 33 -0.49 -4.63 -6.47
CA ASP B 33 -0.53 -3.61 -7.50
C ASP B 33 -1.86 -2.87 -7.48
N LYS B 34 -2.95 -3.62 -7.34
CA LYS B 34 -4.29 -3.04 -7.32
C LYS B 34 -4.62 -2.51 -5.92
N GLY B 35 -4.03 -3.12 -4.90
CA GLY B 35 -4.29 -2.70 -3.54
C GLY B 35 -3.68 -1.35 -3.23
N LEU B 36 -2.49 -1.11 -3.75
CA LEU B 36 -1.78 0.15 -3.53
C LEU B 36 -2.40 1.28 -4.37
N ALA B 37 -2.96 0.90 -5.52
CA ALA B 37 -3.60 1.86 -6.42
C ALA B 37 -4.91 2.40 -5.84
N SER B 38 -5.69 1.48 -5.26
CA SER B 38 -6.97 1.85 -4.66
C SER B 38 -6.76 2.58 -3.33
N SER B 39 -5.88 2.02 -2.50
CA SER B 39 -5.58 2.61 -1.20
C SER B 39 -5.08 4.05 -1.35
N ALA B 40 -4.11 4.23 -2.23
CA ALA B 40 -3.54 5.55 -2.48
C ALA B 40 -4.57 6.47 -3.13
N ALA B 41 -5.39 5.90 -4.01
CA ALA B 41 -6.43 6.66 -4.70
C ALA B 41 -7.40 7.29 -3.71
N LEU B 42 -7.73 6.53 -2.66
CA LEU B 42 -8.65 7.02 -1.64
C LEU B 42 -7.94 8.04 -0.75
N ASN B 43 -6.69 7.78 -0.40
CA ASN B 43 -5.95 8.68 0.46
C ASN B 43 -5.53 9.97 -0.25
N SER B 44 -5.71 9.97 -1.57
CA SER B 44 -5.40 11.14 -2.40
C SER B 44 -6.35 12.32 -2.16
N LEU B 45 -7.49 12.03 -1.57
CA LEU B 45 -8.47 13.04 -1.24
C LEU B 45 -8.06 13.73 0.06
N PHE B 46 -8.69 14.85 0.38
CA PHE B 46 -8.33 15.56 1.61
C PHE B 46 -9.49 16.43 2.10
N GLN B 47 -10.56 16.44 1.33
CA GLN B 47 -11.75 17.22 1.66
C GLN B 47 -11.43 18.72 1.62
N PRO B 48 -12.16 19.50 0.79
CA PRO B 48 -11.92 20.93 0.67
C PRO B 48 -12.63 21.73 1.75
N TYR B 49 -11.87 22.21 2.73
CA TYR B 49 -12.43 23.00 3.81
C TYR B 49 -13.35 22.15 4.69
N GLY B 50 -13.92 22.77 5.71
CA GLY B 50 -14.82 22.06 6.61
C GLY B 50 -15.18 22.88 7.83
N VAL B 51 -15.71 24.09 7.59
CA VAL B 51 -16.12 25.01 8.65
C VAL B 51 -17.41 24.57 9.34
N GLY B 52 -18.04 23.52 8.80
CA GLY B 52 -19.28 23.03 9.36
C GLY B 52 -20.22 22.50 8.30
N LYS B 53 -19.74 21.56 7.51
CA LYS B 53 -20.55 20.96 6.45
C LYS B 53 -20.03 19.57 6.09
N VAL B 54 -20.43 19.06 4.93
CA VAL B 54 -20.00 17.74 4.49
C VAL B 54 -19.16 17.81 3.21
N ASN B 55 -18.09 17.02 3.16
CA ASN B 55 -17.21 16.99 2.00
C ASN B 55 -17.10 15.58 1.41
N PHE B 56 -17.58 15.43 0.17
CA PHE B 56 -17.55 14.15 -0.52
C PHE B 56 -16.18 13.90 -1.16
N THR B 57 -15.62 12.72 -0.90
CA THR B 57 -14.32 12.35 -1.44
C THR B 57 -14.45 11.26 -2.49
N ALA B 58 -13.91 11.51 -3.68
CA ALA B 58 -13.96 10.55 -4.79
C ALA B 58 -12.82 10.79 -5.79
N GLY B 59 -12.15 9.71 -6.17
CA GLY B 59 -11.05 9.82 -7.11
C GLY B 59 -10.49 8.46 -7.51
N VAL B 60 -9.60 8.46 -8.50
CA VAL B 60 -8.99 7.23 -8.98
C VAL B 60 -7.46 7.32 -8.96
N GLY B 61 -6.81 6.16 -8.96
CA GLY B 61 -5.36 6.12 -8.94
C GLY B 61 -4.80 4.91 -9.66
N GLY B 62 -3.50 4.69 -9.52
CA GLY B 62 -2.86 3.55 -10.16
C GLY B 62 -1.47 3.29 -9.64
N TYR B 63 -1.16 2.01 -9.39
CA TYR B 63 0.15 1.63 -8.88
C TYR B 63 0.80 0.60 -9.80
N ARG B 64 2.12 0.73 -9.98
CA ARG B 64 2.86 -0.20 -10.84
C ARG B 64 2.34 -0.13 -12.27
N SER B 65 1.44 -1.05 -12.61
CA SER B 65 0.87 -1.11 -13.95
C SER B 65 -0.62 -1.49 -13.90
N SER B 66 -1.24 -1.22 -12.76
CA SER B 66 -2.66 -1.54 -12.58
C SER B 66 -3.42 -0.32 -12.06
N GLN B 67 -4.65 -0.14 -12.55
CA GLN B 67 -5.49 0.99 -12.13
C GLN B 67 -6.59 0.53 -11.19
N ALA B 68 -7.10 1.46 -10.38
CA ALA B 68 -8.16 1.16 -9.43
C ALA B 68 -9.07 2.37 -9.19
N LEU B 69 -10.20 2.14 -8.52
CA LEU B 69 -11.15 3.20 -8.22
C LEU B 69 -11.39 3.30 -6.71
N ALA B 70 -11.45 4.52 -6.19
CA ALA B 70 -11.68 4.73 -4.77
C ALA B 70 -12.77 5.76 -4.51
N ILE B 71 -13.63 5.50 -3.53
CA ILE B 71 -14.72 6.42 -3.19
C ILE B 71 -14.85 6.56 -1.68
N GLY B 72 -15.54 7.62 -1.25
CA GLY B 72 -15.73 7.86 0.17
C GLY B 72 -16.32 9.23 0.44
N SER B 73 -16.46 9.57 1.73
CA SER B 73 -17.02 10.86 2.13
C SER B 73 -16.84 11.09 3.62
N GLY B 74 -16.72 12.36 4.01
CA GLY B 74 -16.56 12.70 5.40
C GLY B 74 -17.25 14.01 5.76
N TYR B 75 -17.39 14.25 7.05
CA TYR B 75 -18.05 15.46 7.53
C TYR B 75 -17.16 16.22 8.52
N ARG B 76 -17.02 17.53 8.29
CA ARG B 76 -16.20 18.36 9.15
C ARG B 76 -17.02 19.52 9.72
N VAL B 77 -17.10 19.58 11.05
CA VAL B 77 -17.86 20.63 11.74
C VAL B 77 -16.93 21.63 12.41
N ASN B 78 -17.29 22.91 12.35
CA ASN B 78 -16.49 23.96 12.95
C ASN B 78 -15.12 24.05 12.31
N GLU B 79 -14.15 23.36 12.90
CA GLU B 79 -12.78 23.35 12.39
C GLU B 79 -11.87 22.56 13.33
N SER B 80 -12.26 22.46 14.59
CA SER B 80 -11.48 21.72 15.58
C SER B 80 -11.55 20.22 15.34
N VAL B 81 -12.77 19.67 15.43
CA VAL B 81 -12.98 18.25 15.22
C VAL B 81 -13.24 17.97 13.73
N ALA B 82 -12.72 16.85 13.24
CA ALA B 82 -12.90 16.48 11.85
C ALA B 82 -13.12 14.98 11.70
N LEU B 83 -13.72 14.58 10.58
CA LEU B 83 -13.97 13.17 10.31
C LEU B 83 -13.85 12.88 8.81
N LYS B 84 -13.39 11.67 8.49
CA LYS B 84 -13.21 11.26 7.10
C LYS B 84 -13.19 9.74 6.98
N ALA B 85 -13.96 9.22 6.02
CA ALA B 85 -14.04 7.78 5.79
C ALA B 85 -14.45 7.47 4.36
N GLY B 86 -14.56 6.18 4.04
CA GLY B 86 -14.94 5.77 2.71
C GLY B 86 -14.56 4.33 2.41
N VAL B 87 -14.74 3.93 1.15
CA VAL B 87 -14.42 2.56 0.73
C VAL B 87 -13.79 2.56 -0.66
N ALA B 88 -12.75 1.75 -0.83
CA ALA B 88 -12.06 1.66 -2.12
C ALA B 88 -12.25 0.28 -2.75
N TYR B 89 -12.32 0.25 -4.08
CA TYR B 89 -12.52 -1.01 -4.82
C TYR B 89 -11.34 -1.27 -5.76
N ALA B 90 -10.62 -2.36 -5.47
CA ALA B 90 -9.46 -2.76 -6.27
C ALA B 90 -9.60 -4.17 -6.83
N GLY B 91 -9.36 -4.31 -8.13
CA GLY B 91 -9.47 -5.62 -8.77
C GLY B 91 -10.89 -6.14 -8.74
N SER B 92 -11.10 -7.22 -7.98
CA SER B 92 -12.42 -7.83 -7.87
C SER B 92 -12.62 -8.48 -6.51
N SER B 93 -11.68 -8.24 -5.60
CA SER B 93 -11.71 -8.79 -4.24
C SER B 93 -10.75 -8.06 -3.32
N ASP B 94 -10.44 -6.82 -3.66
CA ASP B 94 -9.52 -6.00 -2.86
C ASP B 94 -10.21 -4.74 -2.37
N VAL B 95 -11.12 -4.89 -1.42
CA VAL B 95 -11.83 -3.75 -0.86
C VAL B 95 -11.27 -3.36 0.50
N MET B 96 -11.12 -2.05 0.71
CA MET B 96 -10.57 -1.53 1.96
C MET B 96 -11.48 -0.43 2.52
N TYR B 97 -11.71 -0.47 3.83
CA TYR B 97 -12.55 0.51 4.49
C TYR B 97 -11.75 1.41 5.43
N ASN B 98 -11.79 2.72 5.18
CA ASN B 98 -11.05 3.67 6.01
C ASN B 98 -11.99 4.56 6.83
N ALA B 99 -11.49 5.07 7.95
CA ALA B 99 -12.28 5.93 8.82
C ALA B 99 -11.40 6.57 9.90
N SER B 100 -10.81 7.72 9.58
CA SER B 100 -9.94 8.42 10.53
C SER B 100 -10.55 9.75 10.97
N PHE B 101 -9.96 10.37 12.00
CA PHE B 101 -10.47 11.63 12.51
C PHE B 101 -9.33 12.63 12.73
N ASN B 102 -9.59 13.89 12.41
CA ASN B 102 -8.60 14.95 12.57
C ASN B 102 -8.99 15.87 13.72
N ILE B 103 -8.04 16.16 14.60
CA ILE B 103 -8.29 17.03 15.75
C ILE B 103 -7.18 18.06 15.91
N GLU B 104 -7.52 19.33 15.78
CA GLU B 104 -6.54 20.40 15.90
C GLU B 104 -6.89 21.33 17.06
N TRP B 105 -5.92 22.10 17.53
CA TRP B 105 -6.15 23.03 18.64
C TRP B 105 -5.51 24.38 18.34
N GLY C 1 28.11 -55.59 1.27
CA GLY C 1 26.88 -54.99 1.86
C GLY C 1 27.17 -53.75 2.68
N ASP C 2 27.90 -52.81 2.10
CA ASP C 2 28.26 -51.56 2.78
C ASP C 2 29.16 -51.84 3.99
N GLN C 3 30.21 -51.04 4.12
CA GLN C 3 31.15 -51.19 5.23
C GLN C 3 31.33 -49.88 5.97
N ALA C 4 31.85 -48.87 5.28
CA ALA C 4 32.07 -47.57 5.87
C ALA C 4 31.89 -46.46 4.85
N SER C 5 31.06 -46.73 3.83
CA SER C 5 30.80 -45.77 2.77
C SER C 5 29.44 -45.10 2.97
N TRP C 6 29.33 -43.85 2.53
CA TRP C 6 28.07 -43.11 2.67
C TRP C 6 27.32 -43.09 1.35
N SER C 7 27.67 -42.15 0.48
CA SER C 7 27.03 -42.03 -0.83
C SER C 7 25.55 -41.70 -0.65
N HIS C 8 25.26 -40.76 0.24
CA HIS C 8 23.88 -40.36 0.52
C HIS C 8 23.37 -39.34 -0.50
N PRO C 9 24.13 -38.27 -0.76
CA PRO C 9 23.75 -37.24 -1.73
C PRO C 9 23.33 -37.84 -3.07
N GLN C 10 22.03 -37.84 -3.34
CA GLN C 10 21.51 -38.39 -4.59
C GLN C 10 21.22 -37.29 -5.60
N PHE C 11 20.22 -36.47 -5.30
CA PHE C 11 19.83 -35.35 -6.16
C PHE C 11 20.04 -34.04 -5.42
N GLU C 12 19.89 -32.93 -6.15
CA GLU C 12 20.07 -31.59 -5.60
C GLU C 12 19.05 -30.63 -6.19
N LYS C 13 17.92 -31.17 -6.64
CA LYS C 13 16.86 -30.37 -7.23
C LYS C 13 16.24 -29.41 -6.21
N GLY C 14 16.00 -29.90 -5.00
CA GLY C 14 15.42 -29.08 -3.96
C GLY C 14 16.25 -27.85 -3.65
N ALA C 15 17.57 -27.99 -3.82
CA ALA C 15 18.49 -26.89 -3.57
C ALA C 15 18.25 -25.74 -4.52
N HIS C 16 17.93 -26.08 -5.76
CA HIS C 16 17.67 -25.07 -6.80
C HIS C 16 16.28 -24.48 -6.64
N LYS C 17 15.31 -25.32 -6.25
CA LYS C 17 13.94 -24.89 -6.06
C LYS C 17 13.84 -23.90 -4.91
N PHE C 18 14.61 -24.14 -3.85
CA PHE C 18 14.61 -23.27 -2.68
C PHE C 18 15.26 -21.93 -2.98
N ARG C 19 16.24 -21.95 -3.90
CA ARG C 19 16.95 -20.74 -4.28
C ARG C 19 16.00 -19.73 -4.93
N GLN C 20 15.45 -20.11 -6.08
CA GLN C 20 14.53 -19.24 -6.80
C GLN C 20 13.26 -18.98 -5.99
N LEU C 21 12.91 -19.94 -5.14
CA LEU C 21 11.72 -19.82 -4.30
C LEU C 21 11.86 -18.64 -3.35
N ASP C 22 12.77 -18.77 -2.37
CA ASP C 22 12.99 -17.72 -1.39
C ASP C 22 13.39 -16.42 -2.06
N ASN C 23 13.93 -16.53 -3.28
CA ASN C 23 14.37 -15.36 -4.04
C ASN C 23 13.17 -14.52 -4.48
N ARG C 24 12.16 -15.18 -5.03
CA ARG C 24 10.96 -14.49 -5.49
C ARG C 24 10.13 -14.01 -4.31
N LEU C 25 10.03 -14.83 -3.28
CA LEU C 25 9.27 -14.46 -2.08
C LEU C 25 9.81 -13.16 -1.48
N ASP C 26 11.11 -13.11 -1.27
CA ASP C 26 11.74 -11.92 -0.71
C ASP C 26 11.50 -10.71 -1.60
N LYS C 27 11.55 -10.91 -2.91
CA LYS C 27 11.33 -9.81 -3.85
C LYS C 27 9.92 -9.25 -3.73
N LEU C 28 8.96 -10.13 -3.49
CA LEU C 28 7.56 -9.71 -3.34
C LEU C 28 7.45 -8.76 -2.15
N ASP C 29 8.20 -9.05 -1.09
CA ASP C 29 8.21 -8.22 0.10
C ASP C 29 8.96 -6.91 -0.11
N THR C 30 9.96 -6.95 -0.99
CA THR C 30 10.75 -5.76 -1.29
C THR C 30 9.93 -4.75 -2.09
N ARG C 31 9.04 -5.25 -2.94
CA ARG C 31 8.20 -4.40 -3.77
C ARG C 31 7.08 -3.76 -2.94
N VAL C 32 6.59 -4.50 -1.95
CA VAL C 32 5.51 -4.02 -1.09
C VAL C 32 6.05 -3.04 -0.04
N ASP C 33 7.32 -3.18 0.30
CA ASP C 33 7.96 -2.31 1.29
C ASP C 33 8.17 -0.92 0.72
N LYS C 34 8.64 -0.86 -0.54
CA LYS C 34 8.90 0.41 -1.20
C LYS C 34 7.63 0.99 -1.80
N GLY C 35 6.70 0.11 -2.16
CA GLY C 35 5.44 0.55 -2.74
C GLY C 35 4.55 1.24 -1.73
N LEU C 36 4.54 0.73 -0.50
CA LEU C 36 3.73 1.30 0.57
C LEU C 36 4.35 2.59 1.10
N ALA C 37 5.67 2.68 1.02
CA ALA C 37 6.40 3.86 1.48
C ALA C 37 6.18 5.05 0.55
N SER C 38 6.20 4.79 -0.75
CA SER C 38 5.99 5.83 -1.75
C SER C 38 4.52 6.23 -1.82
N SER C 39 3.64 5.23 -1.84
CA SER C 39 2.21 5.47 -1.91
C SER C 39 1.74 6.31 -0.73
N ALA C 40 2.13 5.90 0.46
CA ALA C 40 1.77 6.62 1.68
C ALA C 40 2.43 7.99 1.72
N ALA C 41 3.66 8.07 1.22
CA ALA C 41 4.39 9.33 1.21
C ALA C 41 3.67 10.37 0.38
N LEU C 42 3.06 9.95 -0.73
CA LEU C 42 2.33 10.85 -1.59
C LEU C 42 1.00 11.21 -0.95
N ASN C 43 0.33 10.22 -0.34
CA ASN C 43 -0.96 10.46 0.27
C ASN C 43 -0.86 11.26 1.57
N SER C 44 0.37 11.42 2.04
CA SER C 44 0.67 12.18 3.26
C SER C 44 0.43 13.68 3.10
N LEU C 45 0.38 14.13 1.84
CA LEU C 45 0.11 15.52 1.53
C LEU C 45 -1.39 15.77 1.61
N PHE C 46 -1.81 17.02 1.60
CA PHE C 46 -3.22 17.34 1.67
C PHE C 46 -3.53 18.71 1.08
N GLN C 47 -2.48 19.39 0.67
CA GLN C 47 -2.60 20.72 0.07
C GLN C 47 -3.13 21.72 1.12
N PRO C 48 -2.38 22.81 1.38
CA PRO C 48 -2.78 23.81 2.36
C PRO C 48 -3.74 24.84 1.79
N TYR C 49 -5.01 24.72 2.14
CA TYR C 49 -6.03 25.65 1.66
C TYR C 49 -6.24 25.50 0.15
N GLY C 50 -7.14 26.31 -0.39
CA GLY C 50 -7.41 26.26 -1.82
C GLY C 50 -8.62 27.08 -2.19
N VAL C 51 -8.59 28.37 -1.83
CA VAL C 51 -9.67 29.31 -2.12
C VAL C 51 -9.71 29.74 -3.59
N GLY C 52 -8.71 29.29 -4.35
CA GLY C 52 -8.64 29.64 -5.76
C GLY C 52 -7.21 29.83 -6.23
N LYS C 53 -6.39 28.81 -6.04
CA LYS C 53 -4.99 28.86 -6.44
C LYS C 53 -4.43 27.45 -6.64
N VAL C 54 -3.11 27.33 -6.67
CA VAL C 54 -2.47 26.03 -6.86
C VAL C 54 -1.64 25.63 -5.64
N ASN C 55 -1.72 24.35 -5.27
CA ASN C 55 -0.97 23.83 -4.12
C ASN C 55 -0.07 22.66 -4.53
N PHE C 56 1.24 22.88 -4.40
CA PHE C 56 2.23 21.87 -4.72
C PHE C 56 2.41 20.86 -3.58
N THR C 57 2.34 19.58 -3.93
CA THR C 57 2.49 18.51 -2.93
C THR C 57 3.80 17.76 -3.14
N ALA C 58 4.59 17.68 -2.07
CA ALA C 58 5.89 16.99 -2.11
C ALA C 58 6.31 16.52 -0.72
N GLY C 59 6.76 15.27 -0.63
CA GLY C 59 7.19 14.72 0.64
C GLY C 59 7.75 13.32 0.51
N VAL C 60 8.34 12.81 1.59
CA VAL C 60 8.92 11.48 1.60
C VAL C 60 8.36 10.63 2.74
N GLY C 61 8.47 9.31 2.59
CA GLY C 61 7.98 8.40 3.61
C GLY C 61 8.79 7.13 3.69
N GLY C 62 8.29 6.15 4.44
CA GLY C 62 8.98 4.88 4.59
C GLY C 62 8.11 3.81 5.22
N TYR C 63 8.17 2.61 4.66
CA TYR C 63 7.38 1.49 5.16
C TYR C 63 8.29 0.30 5.50
N ARG C 64 7.96 -0.39 6.59
CA ARG C 64 8.75 -1.53 7.03
C ARG C 64 10.19 -1.13 7.34
N SER C 65 11.08 -1.30 6.36
CA SER C 65 12.48 -0.95 6.52
C SER C 65 13.06 -0.36 5.24
N SER C 66 12.17 0.20 4.41
CA SER C 66 12.59 0.80 3.14
C SER C 66 12.03 2.22 3.00
N GLN C 67 12.82 3.12 2.44
CA GLN C 67 12.41 4.50 2.25
C GLN C 67 12.07 4.79 0.78
N ALA C 68 11.25 5.80 0.54
CA ALA C 68 10.86 6.18 -0.82
C ALA C 68 10.59 7.68 -0.93
N LEU C 69 10.45 8.15 -2.16
CA LEU C 69 10.19 9.56 -2.43
C LEU C 69 8.89 9.73 -3.23
N ALA C 70 8.09 10.72 -2.86
CA ALA C 70 6.83 10.97 -3.57
C ALA C 70 6.67 12.46 -3.91
N ILE C 71 6.16 12.72 -5.12
CA ILE C 71 5.96 14.10 -5.56
C ILE C 71 4.61 14.26 -6.27
N GLY C 72 4.16 15.50 -6.40
CA GLY C 72 2.88 15.75 -7.05
C GLY C 72 2.43 17.19 -6.88
N SER C 73 1.23 17.50 -7.39
CA SER C 73 0.68 18.84 -7.29
C SER C 73 -0.78 18.86 -7.71
N GLY C 74 -1.54 19.79 -7.13
CA GLY C 74 -2.95 19.91 -7.45
C GLY C 74 -3.42 21.35 -7.44
N TYR C 75 -4.60 21.59 -7.99
CA TYR C 75 -5.16 22.94 -8.04
C TYR C 75 -6.56 22.98 -7.45
N ARG C 76 -6.80 23.93 -6.55
CA ARG C 76 -8.10 24.07 -5.91
C ARG C 76 -8.67 25.46 -6.15
N VAL C 77 -9.85 25.52 -6.77
CA VAL C 77 -10.52 26.79 -7.08
C VAL C 77 -11.74 27.00 -6.19
N ASN C 78 -11.94 28.24 -5.74
CA ASN C 78 -13.07 28.57 -4.88
C ASN C 78 -12.99 27.82 -3.55
N GLU C 79 -13.65 26.66 -3.49
CA GLU C 79 -13.65 25.85 -2.29
C GLU C 79 -14.56 24.63 -2.48
N SER C 80 -15.52 24.75 -3.38
CA SER C 80 -16.45 23.65 -3.66
C SER C 80 -15.76 22.51 -4.39
N VAL C 81 -15.26 22.81 -5.60
CA VAL C 81 -14.58 21.82 -6.40
C VAL C 81 -13.08 21.80 -6.07
N ALA C 82 -12.48 20.62 -6.07
CA ALA C 82 -11.07 20.47 -5.76
C ALA C 82 -10.41 19.42 -6.64
N LEU C 83 -9.09 19.51 -6.77
CA LEU C 83 -8.34 18.55 -7.58
C LEU C 83 -6.97 18.30 -6.97
N LYS C 84 -6.47 17.07 -7.13
CA LYS C 84 -5.17 16.68 -6.59
C LYS C 84 -4.61 15.46 -7.32
N ALA C 85 -3.34 15.55 -7.72
CA ALA C 85 -2.68 14.47 -8.43
C ALA C 85 -1.17 14.52 -8.25
N GLY C 86 -0.46 13.57 -8.85
CA GLY C 86 0.98 13.51 -8.74
C GLY C 86 1.55 12.15 -9.09
N VAL C 87 2.85 11.98 -8.88
CA VAL C 87 3.52 10.72 -9.16
C VAL C 87 4.54 10.39 -8.08
N ALA C 88 4.59 9.12 -7.69
CA ALA C 88 5.52 8.66 -6.66
C ALA C 88 6.56 7.71 -7.24
N TYR C 89 7.79 7.78 -6.70
CA TYR C 89 8.89 6.93 -7.17
C TYR C 89 9.40 6.03 -6.04
N ALA C 90 9.23 4.72 -6.22
CA ALA C 90 9.66 3.74 -5.23
C ALA C 90 10.63 2.72 -5.84
N GLY C 91 11.75 2.50 -5.15
CA GLY C 91 12.75 1.56 -5.62
C GLY C 91 13.35 1.99 -6.94
N SER C 92 13.08 1.24 -8.00
CA SER C 92 13.62 1.55 -9.33
C SER C 92 12.66 1.10 -10.43
N SER C 93 11.46 0.70 -10.03
CA SER C 93 10.43 0.24 -10.97
C SER C 93 9.06 0.20 -10.29
N ASP C 94 8.89 1.02 -9.27
CA ASP C 94 7.62 1.07 -8.54
C ASP C 94 7.03 2.48 -8.59
N VAL C 95 6.54 2.88 -9.75
CA VAL C 95 5.95 4.20 -9.93
C VAL C 95 4.43 4.11 -9.92
N MET C 96 3.80 5.05 -9.22
CA MET C 96 2.34 5.10 -9.12
C MET C 96 1.82 6.49 -9.44
N TYR C 97 0.74 6.56 -10.22
CA TYR C 97 0.15 7.84 -10.61
C TYR C 97 -1.22 8.02 -9.98
N ASN C 98 -1.39 9.10 -9.21
CA ASN C 98 -2.66 9.38 -8.56
C ASN C 98 -3.33 10.63 -9.13
N ALA C 99 -4.65 10.69 -9.01
CA ALA C 99 -5.42 11.83 -9.52
C ALA C 99 -6.87 11.75 -9.03
N SER C 100 -7.13 12.33 -7.86
CA SER C 100 -8.49 12.32 -7.29
C SER C 100 -9.07 13.73 -7.23
N PHE C 101 -10.37 13.82 -6.95
CA PHE C 101 -11.04 15.12 -6.87
C PHE C 101 -11.92 15.22 -5.63
N ASN C 102 -11.92 16.40 -5.00
CA ASN C 102 -12.72 16.63 -3.81
C ASN C 102 -13.90 17.55 -4.12
N ILE C 103 -15.09 17.17 -3.69
CA ILE C 103 -16.28 17.99 -3.92
C ILE C 103 -17.11 18.11 -2.66
N GLU C 104 -17.25 19.34 -2.17
CA GLU C 104 -18.03 19.60 -0.96
C GLU C 104 -19.21 20.51 -1.25
N TRP C 105 -20.21 20.52 -0.35
CA TRP C 105 -21.38 21.35 -0.53
C TRP C 105 -21.74 22.04 0.79
N GLY A 1 -0.52 -19.33 10.08
CA GLY A 1 -0.76 -20.47 9.16
C GLY A 1 -0.64 -21.82 9.85
N ASP A 2 -1.34 -21.97 10.97
CA ASP A 2 -1.31 -23.22 11.74
C ASP A 2 0.11 -23.52 12.22
N GLN A 3 0.26 -23.61 13.53
CA GLN A 3 1.56 -23.90 14.14
C GLN A 3 1.49 -25.14 15.03
N ALA A 4 1.10 -26.26 14.42
CA ALA A 4 0.99 -27.52 15.16
C ALA A 4 1.91 -28.58 14.57
N SER A 5 1.77 -28.81 13.26
CA SER A 5 2.57 -29.81 12.56
C SER A 5 3.44 -29.15 11.49
N TRP A 6 4.74 -29.07 11.76
CA TRP A 6 5.67 -28.46 10.82
C TRP A 6 7.06 -29.07 10.95
N SER A 7 7.50 -29.77 9.90
CA SER A 7 8.81 -30.41 9.89
C SER A 7 8.90 -31.44 11.02
N HIS A 8 8.18 -32.54 10.85
CA HIS A 8 8.15 -33.60 11.86
C HIS A 8 8.90 -34.85 11.39
N PRO A 9 8.54 -35.40 10.21
CA PRO A 9 9.20 -36.59 9.66
C PRO A 9 10.60 -36.28 9.15
N GLN A 10 11.53 -37.20 9.40
CA GLN A 10 12.92 -37.01 8.96
C GLN A 10 13.00 -36.92 7.44
N PHE A 11 12.28 -37.80 6.75
CA PHE A 11 12.26 -37.82 5.30
C PHE A 11 11.08 -36.99 4.80
N GLU A 12 11.41 -35.82 4.25
CA GLU A 12 10.40 -34.88 3.75
C GLU A 12 11.04 -33.89 2.77
N LYS A 13 10.62 -33.97 1.51
CA LYS A 13 11.16 -33.09 0.47
C LYS A 13 10.05 -32.40 -0.32
N GLY A 14 9.27 -33.19 -1.07
CA GLY A 14 8.19 -32.64 -1.86
C GLY A 14 7.07 -32.08 -0.99
N ALA A 15 6.67 -32.85 0.02
CA ALA A 15 5.62 -32.43 0.93
C ALA A 15 6.03 -31.18 1.70
N HIS A 16 7.18 -31.26 2.36
CA HIS A 16 7.69 -30.13 3.15
C HIS A 16 7.76 -28.86 2.30
N LYS A 17 8.20 -29.01 1.06
CA LYS A 17 8.33 -27.89 0.14
C LYS A 17 6.95 -27.28 -0.14
N PHE A 18 5.94 -28.13 -0.28
CA PHE A 18 4.59 -27.66 -0.55
C PHE A 18 4.07 -26.76 0.57
N ARG A 19 4.52 -27.03 1.79
CA ARG A 19 4.12 -26.24 2.95
C ARG A 19 4.83 -24.90 2.97
N GLN A 20 6.04 -24.86 2.42
CA GLN A 20 6.82 -23.63 2.38
C GLN A 20 6.26 -22.65 1.36
N LEU A 21 5.79 -23.19 0.24
CA LEU A 21 5.21 -22.36 -0.82
C LEU A 21 3.94 -21.67 -0.34
N ASP A 22 3.04 -22.43 0.26
CA ASP A 22 1.79 -21.88 0.77
C ASP A 22 2.03 -21.05 2.02
N ASN A 23 3.17 -21.28 2.66
CA ASN A 23 3.52 -20.55 3.88
C ASN A 23 4.01 -19.14 3.55
N ARG A 24 4.82 -19.04 2.49
CA ARG A 24 5.36 -17.76 2.07
C ARG A 24 4.28 -16.89 1.44
N LEU A 25 3.48 -17.48 0.56
CA LEU A 25 2.40 -16.76 -0.09
C LEU A 25 1.42 -16.22 0.94
N ASP A 26 1.07 -17.05 1.92
CA ASP A 26 0.14 -16.65 2.96
C ASP A 26 0.77 -15.61 3.89
N LYS A 27 2.10 -15.66 4.02
CA LYS A 27 2.80 -14.72 4.87
C LYS A 27 2.92 -13.35 4.22
N LEU A 28 3.13 -13.34 2.91
CA LEU A 28 3.24 -12.09 2.17
C LEU A 28 1.85 -11.49 1.97
N ASP A 29 0.86 -12.37 1.77
CA ASP A 29 -0.53 -11.95 1.59
C ASP A 29 -1.10 -11.31 2.84
N THR A 30 -0.90 -11.97 3.99
CA THR A 30 -1.39 -11.46 5.26
C THR A 30 -0.59 -10.23 5.70
N ARG A 31 0.72 -10.27 5.49
CA ARG A 31 1.60 -9.17 5.87
C ARG A 31 1.25 -7.89 5.10
N VAL A 32 0.91 -8.06 3.82
CA VAL A 32 0.56 -6.92 2.97
C VAL A 32 -0.86 -6.42 3.28
N ASP A 33 -1.71 -7.32 3.76
CA ASP A 33 -3.08 -6.98 4.10
C ASP A 33 -3.12 -5.97 5.24
N LYS A 34 -2.50 -6.32 6.36
CA LYS A 34 -2.47 -5.46 7.53
C LYS A 34 -1.62 -4.22 7.28
N GLY A 35 -0.52 -4.41 6.54
CA GLY A 35 0.36 -3.29 6.24
C GLY A 35 -0.34 -2.19 5.45
N LEU A 36 -1.05 -2.59 4.40
CA LEU A 36 -1.78 -1.64 3.56
C LEU A 36 -2.94 -1.01 4.32
N ALA A 37 -3.51 -1.77 5.24
CA ALA A 37 -4.64 -1.31 6.05
C ALA A 37 -4.22 -0.17 6.96
N SER A 38 -3.01 -0.27 7.51
CA SER A 38 -2.49 0.77 8.41
C SER A 38 -1.95 1.95 7.61
N SER A 39 -1.22 1.65 6.54
CA SER A 39 -0.64 2.70 5.68
C SER A 39 -1.72 3.69 5.24
N ALA A 40 -2.70 3.18 4.50
CA ALA A 40 -3.80 4.00 4.01
C ALA A 40 -4.48 4.73 5.17
N ALA A 41 -4.48 4.11 6.34
CA ALA A 41 -5.10 4.71 7.52
C ALA A 41 -4.39 6.01 7.90
N LEU A 42 -3.06 5.96 7.99
CA LEU A 42 -2.29 7.14 8.33
C LEU A 42 -2.38 8.18 7.23
N ASN A 43 -2.49 7.72 5.98
CA ASN A 43 -2.58 8.65 4.86
C ASN A 43 -3.96 9.27 4.68
N SER A 44 -4.93 8.67 5.38
CA SER A 44 -6.31 9.15 5.37
C SER A 44 -6.48 10.51 6.02
N LEU A 45 -5.50 10.89 6.84
CA LEU A 45 -5.49 12.18 7.50
C LEU A 45 -5.11 13.25 6.49
N PHE A 46 -5.48 14.50 6.77
CA PHE A 46 -5.15 15.58 5.85
C PHE A 46 -4.86 16.89 6.58
N GLN A 47 -5.52 17.05 7.73
CA GLN A 47 -5.34 18.24 8.55
C GLN A 47 -6.09 19.42 7.93
N PRO A 48 -7.21 19.87 8.53
CA PRO A 48 -7.99 20.98 8.01
C PRO A 48 -7.54 22.32 8.57
N TYR A 49 -7.47 23.33 7.71
CA TYR A 49 -7.05 24.67 8.13
C TYR A 49 -5.58 24.67 8.55
N GLY A 50 -4.96 25.84 8.45
CA GLY A 50 -3.56 25.97 8.82
C GLY A 50 -3.07 27.40 8.77
N VAL A 51 -3.52 28.20 9.75
CA VAL A 51 -3.16 29.61 9.85
C VAL A 51 -1.98 29.85 10.80
N GLY A 52 -1.75 28.91 11.71
CA GLY A 52 -0.67 29.03 12.67
C GLY A 52 -0.97 28.32 13.97
N LYS A 53 -1.42 27.08 13.88
CA LYS A 53 -1.75 26.29 15.06
C LYS A 53 -1.38 24.83 14.85
N VAL A 54 -1.62 23.99 15.86
CA VAL A 54 -1.30 22.57 15.78
C VAL A 54 -2.55 21.73 15.59
N ASN A 55 -2.44 20.66 14.80
CA ASN A 55 -3.56 19.75 14.55
C ASN A 55 -3.13 18.29 14.64
N PHE A 56 -3.71 17.57 15.60
CA PHE A 56 -3.41 16.16 15.81
C PHE A 56 -4.18 15.27 14.83
N THR A 57 -3.47 14.35 14.20
CA THR A 57 -4.08 13.44 13.24
C THR A 57 -4.10 12.02 13.78
N ALA A 58 -5.31 11.46 13.89
CA ALA A 58 -5.48 10.09 14.40
C ALA A 58 -6.62 9.37 13.67
N GLY A 59 -6.41 8.10 13.38
CA GLY A 59 -7.42 7.31 12.68
C GLY A 59 -7.01 5.87 12.50
N VAL A 60 -7.98 5.02 12.16
CA VAL A 60 -7.71 3.60 11.94
C VAL A 60 -8.05 3.18 10.51
N GLY A 61 -7.55 2.01 10.11
CA GLY A 61 -7.82 1.52 8.77
C GLY A 61 -8.08 0.02 8.75
N GLY A 62 -8.38 -0.50 7.57
CA GLY A 62 -8.66 -1.93 7.44
C GLY A 62 -8.55 -2.41 6.01
N TYR A 63 -8.28 -3.71 5.85
CA TYR A 63 -8.15 -4.30 4.52
C TYR A 63 -8.74 -5.71 4.49
N ARG A 64 -9.71 -5.92 3.60
CA ARG A 64 -10.37 -7.21 3.49
C ARG A 64 -11.21 -7.52 4.74
N SER A 65 -10.60 -8.23 5.70
CA SER A 65 -11.28 -8.59 6.93
C SER A 65 -10.40 -8.28 8.15
N SER A 66 -9.30 -7.57 7.91
CA SER A 66 -8.38 -7.19 8.98
C SER A 66 -8.44 -5.69 9.26
N GLN A 67 -7.75 -5.25 10.30
CA GLN A 67 -7.73 -3.84 10.67
C GLN A 67 -6.31 -3.37 10.99
N ALA A 68 -6.17 -2.11 11.35
CA ALA A 68 -4.87 -1.53 11.69
C ALA A 68 -5.00 -0.22 12.47
N LEU A 69 -3.94 0.13 13.20
CA LEU A 69 -3.94 1.36 13.99
C LEU A 69 -2.85 2.31 13.51
N ALA A 70 -3.19 3.60 13.37
CA ALA A 70 -2.23 4.59 12.90
C ALA A 70 -2.42 5.92 13.61
N ILE A 71 -1.31 6.57 13.99
CA ILE A 71 -1.37 7.86 14.67
C ILE A 71 -0.31 8.82 14.13
N GLY A 72 -0.61 10.12 14.18
CA GLY A 72 0.33 11.12 13.70
C GLY A 72 -0.02 12.51 14.17
N SER A 73 0.76 13.49 13.72
CA SER A 73 0.53 14.88 14.10
C SER A 73 1.20 15.84 13.12
N GLY A 74 0.66 17.05 13.05
CA GLY A 74 1.21 18.06 12.15
C GLY A 74 0.99 19.47 12.66
N TYR A 75 1.73 20.42 12.11
CA TYR A 75 1.60 21.81 12.50
C TYR A 75 1.60 22.74 11.29
N ARG A 76 0.52 23.50 11.14
CA ARG A 76 0.38 24.43 10.03
C ARG A 76 0.59 25.87 10.50
N VAL A 77 1.73 26.45 10.12
CA VAL A 77 2.06 27.82 10.50
C VAL A 77 1.83 28.79 9.33
N ASN A 78 1.12 29.87 9.60
CA ASN A 78 0.84 30.87 8.57
C ASN A 78 0.10 30.25 7.39
N GLU A 79 -0.05 31.03 6.33
CA GLU A 79 -0.74 30.57 5.13
C GLU A 79 0.20 30.59 3.93
N SER A 80 1.22 29.74 3.95
CA SER A 80 2.19 29.65 2.87
C SER A 80 2.94 28.33 2.90
N VAL A 81 3.49 27.99 4.05
CA VAL A 81 4.23 26.75 4.22
C VAL A 81 3.57 25.88 5.30
N ALA A 82 3.56 24.57 5.06
CA ALA A 82 2.95 23.63 6.00
C ALA A 82 3.78 22.36 6.12
N LEU A 83 3.68 21.70 7.27
CA LEU A 83 4.41 20.46 7.52
C LEU A 83 3.52 19.44 8.20
N LYS A 84 3.51 18.22 7.66
CA LYS A 84 2.69 17.14 8.22
C LYS A 84 3.48 15.84 8.31
N ALA A 85 3.23 15.06 9.35
CA ALA A 85 3.91 13.79 9.55
C ALA A 85 3.01 12.78 10.27
N GLY A 86 3.45 11.53 10.29
CA GLY A 86 2.68 10.48 10.94
C GLY A 86 3.26 9.11 10.74
N VAL A 87 2.87 8.17 11.59
CA VAL A 87 3.37 6.79 11.49
C VAL A 87 2.21 5.78 11.52
N ALA A 88 2.40 4.65 10.86
CA ALA A 88 1.38 3.61 10.81
C ALA A 88 1.90 2.29 11.37
N TYR A 89 1.04 1.59 12.12
CA TYR A 89 1.39 0.31 12.72
C TYR A 89 0.41 -0.79 12.31
N ALA A 90 0.94 -1.91 11.82
CA ALA A 90 0.14 -3.04 11.39
C ALA A 90 0.73 -4.37 11.87
N GLY A 91 -0.14 -5.36 12.08
CA GLY A 91 0.30 -6.65 12.54
C GLY A 91 1.21 -6.57 13.75
N SER A 92 2.51 -6.66 13.51
CA SER A 92 3.49 -6.59 14.60
C SER A 92 4.83 -6.05 14.11
N SER A 93 5.11 -6.26 12.83
CA SER A 93 6.36 -5.81 12.20
C SER A 93 6.08 -4.93 10.99
N ASP A 94 4.84 -4.47 10.87
CA ASP A 94 4.44 -3.61 9.76
C ASP A 94 4.39 -2.15 10.19
N VAL A 95 5.54 -1.56 10.45
CA VAL A 95 5.63 -0.17 10.87
C VAL A 95 6.31 0.68 9.80
N MET A 96 5.65 1.76 9.40
CA MET A 96 6.18 2.67 8.39
C MET A 96 6.02 4.11 8.81
N TYR A 97 7.04 4.92 8.54
CA TYR A 97 7.01 6.34 8.91
C TYR A 97 7.09 7.24 7.67
N ASN A 98 6.18 8.20 7.59
CA ASN A 98 6.16 9.12 6.45
C ASN A 98 6.11 10.58 6.90
N ALA A 99 6.76 11.45 6.14
CA ALA A 99 6.80 12.88 6.44
C ALA A 99 6.79 13.71 5.16
N SER A 100 5.72 14.47 4.96
CA SER A 100 5.60 15.30 3.76
C SER A 100 5.27 16.75 4.12
N PHE A 101 5.44 17.66 3.17
CA PHE A 101 5.16 19.08 3.40
C PHE A 101 4.50 19.72 2.20
N ASN A 102 3.55 20.62 2.45
CA ASN A 102 2.84 21.32 1.39
C ASN A 102 3.27 22.79 1.34
N ILE A 103 3.52 23.29 0.13
CA ILE A 103 3.93 24.69 -0.04
C ILE A 103 3.17 25.34 -1.18
N GLU A 104 2.53 26.46 -0.89
CA GLU A 104 1.76 27.19 -1.89
C GLU A 104 2.51 28.43 -2.37
N TRP A 105 2.31 28.80 -3.63
CA TRP A 105 2.96 29.98 -4.20
C TRP A 105 2.02 30.75 -5.11
N GLY B 1 -2.32 -15.52 -14.91
CA GLY B 1 -1.06 -16.26 -15.24
C GLY B 1 -1.30 -17.45 -16.16
N ASP B 2 -2.00 -17.21 -17.27
CA ASP B 2 -2.31 -18.26 -18.23
C ASP B 2 -3.13 -19.38 -17.58
N GLN B 3 -4.32 -19.61 -18.12
CA GLN B 3 -5.22 -20.64 -17.61
C GLN B 3 -5.59 -21.64 -18.70
N ALA B 4 -4.58 -22.28 -19.27
CA ALA B 4 -4.79 -23.25 -20.34
C ALA B 4 -4.25 -24.63 -19.93
N SER B 5 -2.98 -24.66 -19.56
CA SER B 5 -2.33 -25.90 -19.16
C SER B 5 -1.89 -25.83 -17.70
N TRP B 6 -2.59 -26.56 -16.83
CA TRP B 6 -2.26 -26.58 -15.42
C TRP B 6 -2.66 -27.91 -14.78
N SER B 7 -1.66 -28.66 -14.34
CA SER B 7 -1.91 -29.96 -13.71
C SER B 7 -2.61 -30.89 -14.69
N HIS B 8 -1.87 -31.35 -15.70
CA HIS B 8 -2.44 -32.23 -16.71
C HIS B 8 -1.88 -33.65 -16.61
N PRO B 9 -0.55 -33.81 -16.60
CA PRO B 9 0.08 -35.13 -16.48
C PRO B 9 -0.04 -35.70 -15.07
N GLN B 10 -0.30 -37.00 -14.98
CA GLN B 10 -0.43 -37.66 -13.68
C GLN B 10 0.86 -37.56 -12.86
N PHE B 11 1.97 -37.80 -13.53
CA PHE B 11 3.28 -37.73 -12.89
C PHE B 11 3.87 -36.34 -13.08
N GLU B 12 3.88 -35.56 -11.99
CA GLU B 12 4.38 -34.19 -12.02
C GLU B 12 4.73 -33.73 -10.60
N LYS B 13 6.01 -33.47 -10.36
CA LYS B 13 6.47 -33.03 -9.04
C LYS B 13 7.34 -31.77 -9.14
N GLY B 14 8.51 -31.92 -9.76
CA GLY B 14 9.42 -30.78 -9.91
C GLY B 14 8.86 -29.72 -10.83
N ALA B 15 8.33 -30.14 -11.98
CA ALA B 15 7.75 -29.23 -12.95
C ALA B 15 6.55 -28.51 -12.37
N HIS B 16 5.59 -29.29 -11.87
CA HIS B 16 4.37 -28.73 -11.29
C HIS B 16 4.71 -27.71 -10.20
N LYS B 17 5.71 -28.04 -9.38
CA LYS B 17 6.12 -27.16 -8.29
C LYS B 17 6.65 -25.84 -8.84
N PHE B 18 7.39 -25.91 -9.95
CA PHE B 18 7.94 -24.72 -10.57
C PHE B 18 6.85 -23.74 -11.00
N ARG B 19 5.70 -24.29 -11.38
CA ARG B 19 4.56 -23.48 -11.80
C ARG B 19 3.88 -22.82 -10.61
N GLN B 20 3.94 -23.48 -9.46
CA GLN B 20 3.33 -22.97 -8.24
C GLN B 20 4.13 -21.80 -7.68
N LEU B 21 5.45 -21.89 -7.78
CA LEU B 21 6.33 -20.83 -7.30
C LEU B 21 6.12 -19.54 -8.07
N ASP B 22 6.14 -19.65 -9.40
CA ASP B 22 5.95 -18.49 -10.27
C ASP B 22 4.50 -18.02 -10.24
N ASN B 23 3.60 -18.91 -9.82
CA ASN B 23 2.17 -18.60 -9.75
C ASN B 23 1.86 -17.75 -8.52
N ARG B 24 2.50 -18.10 -7.40
CA ARG B 24 2.29 -17.38 -6.15
C ARG B 24 2.94 -16.00 -6.21
N LEU B 25 4.18 -15.95 -6.69
CA LEU B 25 4.90 -14.70 -6.80
C LEU B 25 4.15 -13.73 -7.72
N ASP B 26 3.67 -14.24 -8.84
CA ASP B 26 2.94 -13.42 -9.79
C ASP B 26 1.58 -13.02 -9.23
N LYS B 27 1.02 -13.85 -8.35
CA LYS B 27 -0.28 -13.56 -7.75
C LYS B 27 -0.16 -12.50 -6.67
N LEU B 28 0.93 -12.54 -5.90
CA LEU B 28 1.16 -11.57 -4.84
C LEU B 28 1.64 -10.25 -5.45
N ASP B 29 2.41 -10.36 -6.53
CA ASP B 29 2.92 -9.19 -7.25
C ASP B 29 1.81 -8.39 -7.92
N THR B 30 0.92 -9.10 -8.62
CA THR B 30 -0.19 -8.46 -9.31
C THR B 30 -1.23 -7.98 -8.31
N ARG B 31 -1.48 -8.78 -7.27
CA ARG B 31 -2.47 -8.43 -6.25
C ARG B 31 -2.05 -7.17 -5.49
N VAL B 32 -0.76 -7.03 -5.24
CA VAL B 32 -0.23 -5.87 -4.52
C VAL B 32 -0.17 -4.65 -5.43
N ASP B 33 -0.03 -4.88 -6.73
CA ASP B 33 0.04 -3.81 -7.71
C ASP B 33 -1.28 -3.02 -7.75
N LYS B 34 -2.37 -3.74 -8.00
CA LYS B 34 -3.69 -3.12 -8.07
C LYS B 34 -4.14 -2.62 -6.70
N GLY B 35 -3.81 -3.39 -5.66
CA GLY B 35 -4.19 -3.00 -4.31
C GLY B 35 -3.59 -1.68 -3.90
N LEU B 36 -2.29 -1.51 -4.13
CA LEU B 36 -1.59 -0.28 -3.79
C LEU B 36 -2.06 0.88 -4.66
N ALA B 37 -2.44 0.56 -5.90
CA ALA B 37 -2.92 1.57 -6.85
C ALA B 37 -4.24 2.19 -6.37
N SER B 38 -5.10 1.37 -5.79
CA SER B 38 -6.39 1.83 -5.30
C SER B 38 -6.24 2.50 -3.94
N SER B 39 -5.44 1.88 -3.06
CA SER B 39 -5.22 2.42 -1.73
C SER B 39 -4.76 3.87 -1.79
N ALA B 40 -3.61 4.09 -2.43
CA ALA B 40 -3.05 5.43 -2.58
C ALA B 40 -4.07 6.36 -3.23
N ALA B 41 -4.92 5.80 -4.09
CA ALA B 41 -5.94 6.59 -4.77
C ALA B 41 -6.93 7.19 -3.77
N LEU B 42 -7.44 6.36 -2.87
CA LEU B 42 -8.38 6.83 -1.86
C LEU B 42 -7.68 7.77 -0.90
N ASN B 43 -6.40 7.53 -0.64
CA ASN B 43 -5.66 8.38 0.30
C ASN B 43 -5.22 9.71 -0.32
N SER B 44 -5.33 9.77 -1.65
CA SER B 44 -4.99 10.98 -2.40
C SER B 44 -5.93 12.15 -2.13
N LEU B 45 -7.11 11.81 -1.59
CA LEU B 45 -8.11 12.82 -1.24
C LEU B 45 -7.67 13.51 0.05
N PHE B 46 -8.18 14.70 0.30
CA PHE B 46 -7.81 15.43 1.51
C PHE B 46 -8.97 16.26 2.05
N GLN B 47 -9.81 16.72 1.13
CA GLN B 47 -10.97 17.53 1.48
C GLN B 47 -10.53 18.96 1.84
N PRO B 48 -10.82 19.95 0.98
CA PRO B 48 -10.43 21.33 1.22
C PRO B 48 -11.50 22.12 1.97
N TYR B 49 -11.08 22.92 2.94
CA TYR B 49 -12.00 23.72 3.73
C TYR B 49 -12.88 22.83 4.61
N GLY B 50 -13.37 23.39 5.71
CA GLY B 50 -14.22 22.65 6.62
C GLY B 50 -14.78 23.52 7.72
N VAL B 51 -15.74 24.37 7.36
CA VAL B 51 -16.40 25.28 8.29
C VAL B 51 -17.71 24.71 8.83
N GLY B 52 -18.31 23.79 8.09
CA GLY B 52 -19.56 23.19 8.51
C GLY B 52 -20.41 22.74 7.33
N LYS B 53 -19.78 22.02 6.41
CA LYS B 53 -20.46 21.51 5.22
C LYS B 53 -19.95 20.13 4.84
N VAL B 54 -20.51 19.56 3.78
CA VAL B 54 -20.10 18.23 3.32
C VAL B 54 -19.25 18.31 2.06
N ASN B 55 -18.25 17.42 1.97
CA ASN B 55 -17.36 17.38 0.81
C ASN B 55 -17.13 15.94 0.33
N PHE B 56 -17.57 15.66 -0.90
CA PHE B 56 -17.43 14.34 -1.51
C PHE B 56 -16.02 14.15 -2.07
N THR B 57 -15.41 13.01 -1.72
CA THR B 57 -14.06 12.70 -2.19
C THR B 57 -14.10 11.55 -3.19
N ALA B 58 -13.61 11.80 -4.40
CA ALA B 58 -13.58 10.79 -5.47
C ALA B 58 -12.32 10.93 -6.32
N GLY B 59 -11.74 9.79 -6.69
CA GLY B 59 -10.53 9.80 -7.51
C GLY B 59 -10.05 8.41 -7.85
N VAL B 60 -9.16 8.32 -8.84
CA VAL B 60 -8.62 7.03 -9.27
C VAL B 60 -7.11 6.98 -9.07
N GLY B 61 -6.56 5.76 -9.12
CA GLY B 61 -5.12 5.59 -8.96
C GLY B 61 -4.55 4.56 -9.91
N GLY B 62 -3.24 4.37 -9.86
CA GLY B 62 -2.59 3.40 -10.72
C GLY B 62 -1.21 3.02 -10.23
N TYR B 63 -0.76 1.83 -10.62
CA TYR B 63 0.56 1.33 -10.22
C TYR B 63 1.23 0.57 -11.36
N ARG B 64 2.41 1.02 -11.77
CA ARG B 64 3.13 0.38 -12.85
C ARG B 64 2.42 0.56 -14.18
N SER B 65 1.58 -0.41 -14.54
CA SER B 65 0.82 -0.36 -15.79
C SER B 65 -0.65 -0.69 -15.56
N SER B 66 -1.04 -0.76 -14.28
CA SER B 66 -2.42 -1.07 -13.92
C SER B 66 -3.11 0.16 -13.32
N GLN B 67 -4.41 0.04 -13.07
CA GLN B 67 -5.18 1.14 -12.50
C GLN B 67 -6.10 0.66 -11.38
N ALA B 68 -6.86 1.58 -10.79
CA ALA B 68 -7.78 1.24 -9.71
C ALA B 68 -8.83 2.34 -9.51
N LEU B 69 -9.95 1.96 -8.89
CA LEU B 69 -11.04 2.90 -8.62
C LEU B 69 -11.28 3.03 -7.11
N ALA B 70 -11.43 4.27 -6.65
CA ALA B 70 -11.66 4.51 -5.22
C ALA B 70 -12.64 5.67 -5.00
N ILE B 71 -13.55 5.50 -4.04
CA ILE B 71 -14.53 6.54 -3.73
C ILE B 71 -14.71 6.70 -2.23
N GLY B 72 -15.06 7.91 -1.81
CA GLY B 72 -15.26 8.18 -0.39
C GLY B 72 -16.00 9.48 -0.15
N SER B 73 -16.17 9.83 1.13
CA SER B 73 -16.86 11.06 1.48
C SER B 73 -16.51 11.48 2.92
N GLY B 74 -16.65 12.77 3.19
CA GLY B 74 -16.35 13.29 4.51
C GLY B 74 -17.16 14.53 4.84
N TYR B 75 -17.21 14.89 6.11
CA TYR B 75 -17.96 16.05 6.56
C TYR B 75 -17.17 16.86 7.57
N ARG B 76 -16.90 18.13 7.24
CA ARG B 76 -16.16 19.01 8.13
C ARG B 76 -17.08 20.02 8.80
N VAL B 77 -17.33 19.82 10.10
CA VAL B 77 -18.20 20.71 10.87
C VAL B 77 -17.40 21.67 11.74
N ASN B 78 -17.72 22.95 11.66
CA ASN B 78 -17.02 23.97 12.44
C ASN B 78 -15.53 23.98 12.12
N GLU B 79 -14.76 24.74 12.90
CA GLU B 79 -13.33 24.84 12.71
C GLU B 79 -12.59 24.36 13.96
N SER B 80 -12.71 23.06 14.24
CA SER B 80 -12.04 22.48 15.41
C SER B 80 -11.92 20.98 15.26
N VAL B 81 -13.04 20.31 14.96
CA VAL B 81 -13.04 18.87 14.77
C VAL B 81 -13.50 18.51 13.37
N ALA B 82 -12.88 17.48 12.79
CA ALA B 82 -13.22 17.04 11.44
C ALA B 82 -13.22 15.52 11.34
N LEU B 83 -14.00 15.00 10.40
CA LEU B 83 -14.08 13.55 10.19
C LEU B 83 -14.06 13.23 8.70
N LYS B 84 -13.20 12.29 8.31
CA LYS B 84 -13.07 11.88 6.92
C LYS B 84 -13.02 10.36 6.79
N ALA B 85 -13.63 9.84 5.72
CA ALA B 85 -13.64 8.40 5.48
C ALA B 85 -13.65 8.10 3.99
N GLY B 86 -13.44 6.82 3.64
CA GLY B 86 -13.43 6.42 2.25
C GLY B 86 -13.02 4.97 2.08
N VAL B 87 -13.34 4.40 0.92
CA VAL B 87 -13.00 3.02 0.62
C VAL B 87 -12.32 2.90 -0.75
N ALA B 88 -11.45 1.91 -0.89
CA ALA B 88 -10.73 1.69 -2.14
C ALA B 88 -11.00 0.29 -2.70
N TYR B 89 -11.14 0.21 -4.02
CA TYR B 89 -11.40 -1.07 -4.69
C TYR B 89 -10.37 -1.34 -5.79
N ALA B 90 -9.77 -2.53 -5.73
CA ALA B 90 -8.76 -2.93 -6.71
C ALA B 90 -8.97 -4.38 -7.18
N GLY B 91 -8.56 -4.66 -8.42
CA GLY B 91 -8.71 -5.99 -8.97
C GLY B 91 -10.12 -6.52 -8.81
N SER B 92 -10.34 -7.35 -7.80
CA SER B 92 -11.65 -7.93 -7.56
C SER B 92 -11.84 -8.27 -6.08
N SER B 93 -10.73 -8.55 -5.40
CA SER B 93 -10.75 -8.90 -3.98
C SER B 93 -9.85 -7.96 -3.18
N ASP B 94 -9.47 -6.85 -3.78
CA ASP B 94 -8.61 -5.87 -3.13
C ASP B 94 -9.43 -4.69 -2.62
N VAL B 95 -10.23 -4.93 -1.59
CA VAL B 95 -11.07 -3.88 -1.01
C VAL B 95 -10.61 -3.55 0.41
N MET B 96 -10.38 -2.27 0.67
CA MET B 96 -9.93 -1.80 1.98
C MET B 96 -10.70 -0.57 2.41
N TYR B 97 -11.06 -0.52 3.68
CA TYR B 97 -11.83 0.61 4.21
C TYR B 97 -11.03 1.35 5.30
N ASN B 98 -10.94 2.67 5.18
CA ASN B 98 -10.21 3.47 6.15
C ASN B 98 -11.04 4.65 6.65
N ALA B 99 -10.86 4.99 7.93
CA ALA B 99 -11.59 6.10 8.54
C ALA B 99 -10.71 6.84 9.54
N SER B 100 -10.40 8.10 9.25
CA SER B 100 -9.55 8.89 10.14
C SER B 100 -10.21 10.24 10.47
N PHE B 101 -9.70 10.92 11.51
CA PHE B 101 -10.26 12.20 11.92
C PHE B 101 -9.16 13.17 12.32
N ASN B 102 -9.34 14.45 11.97
CA ASN B 102 -8.38 15.48 12.30
C ASN B 102 -8.93 16.41 13.39
N ILE B 103 -8.10 16.73 14.38
CA ILE B 103 -8.52 17.61 15.47
C ILE B 103 -7.45 18.65 15.77
N GLU B 104 -7.84 19.91 15.76
CA GLU B 104 -6.91 20.99 16.02
C GLU B 104 -7.13 21.57 17.43
N TRP B 105 -6.06 22.06 18.04
CA TRP B 105 -6.15 22.63 19.38
C TRP B 105 -5.26 23.86 19.51
N GLY C 1 19.29 -10.15 -2.80
CA GLY C 1 19.37 -11.47 -2.11
C GLY C 1 20.64 -12.23 -2.47
N ASP C 2 21.79 -11.57 -2.35
CA ASP C 2 23.07 -12.18 -2.66
C ASP C 2 23.13 -12.62 -4.13
N GLN C 3 24.09 -12.07 -4.87
CA GLN C 3 24.24 -12.40 -6.28
C GLN C 3 25.65 -12.92 -6.56
N ALA C 4 26.02 -14.00 -5.88
CA ALA C 4 27.33 -14.59 -6.06
C ALA C 4 27.22 -16.03 -6.54
N SER C 5 26.47 -16.84 -5.81
CA SER C 5 26.26 -18.25 -6.15
C SER C 5 24.80 -18.53 -6.47
N TRP C 6 24.50 -18.74 -7.75
CA TRP C 6 23.14 -19.02 -8.17
C TRP C 6 23.13 -19.88 -9.43
N SER C 7 22.63 -21.11 -9.30
CA SER C 7 22.55 -22.02 -10.43
C SER C 7 23.95 -22.31 -10.97
N HIS C 8 24.74 -23.05 -10.20
CA HIS C 8 26.10 -23.38 -10.59
C HIS C 8 26.25 -24.85 -10.97
N PRO C 9 25.85 -25.78 -10.08
CA PRO C 9 25.93 -27.22 -10.35
C PRO C 9 24.90 -27.67 -11.38
N GLN C 10 25.31 -28.57 -12.28
CA GLN C 10 24.41 -29.08 -13.31
C GLN C 10 23.21 -29.81 -12.69
N PHE C 11 23.50 -30.63 -11.70
CA PHE C 11 22.46 -31.38 -11.00
C PHE C 11 21.99 -30.61 -9.77
N GLU C 12 20.79 -30.05 -9.87
CA GLU C 12 20.21 -29.25 -8.79
C GLU C 12 18.69 -29.15 -8.96
N LYS C 13 17.96 -29.72 -8.01
CA LYS C 13 16.50 -29.72 -8.06
C LYS C 13 15.90 -29.22 -6.74
N GLY C 14 16.10 -30.00 -5.67
CA GLY C 14 15.56 -29.63 -4.36
C GLY C 14 16.23 -28.39 -3.81
N ALA C 15 17.57 -28.37 -3.88
CA ALA C 15 18.34 -27.24 -3.38
C ALA C 15 18.02 -25.97 -4.16
N HIS C 16 18.15 -26.04 -5.48
CA HIS C 16 17.87 -24.91 -6.35
C HIS C 16 16.48 -24.35 -6.09
N LYS C 17 15.51 -25.24 -5.91
CA LYS C 17 14.13 -24.84 -5.65
C LYS C 17 14.03 -24.07 -4.34
N PHE C 18 14.78 -24.51 -3.34
CA PHE C 18 14.78 -23.85 -2.03
C PHE C 18 15.23 -22.41 -2.13
N ARG C 19 16.13 -22.13 -3.08
CA ARG C 19 16.64 -20.79 -3.29
C ARG C 19 15.61 -19.91 -4.00
N GLN C 20 14.77 -20.53 -4.82
CA GLN C 20 13.74 -19.81 -5.56
C GLN C 20 12.60 -19.38 -4.64
N LEU C 21 12.28 -20.24 -3.67
CA LEU C 21 11.21 -19.94 -2.73
C LEU C 21 11.58 -18.73 -1.86
N ASP C 22 12.77 -18.78 -1.29
CA ASP C 22 13.26 -17.68 -0.44
C ASP C 22 13.58 -16.45 -1.27
N ASN C 23 13.79 -16.65 -2.57
CA ASN C 23 14.12 -15.55 -3.47
C ASN C 23 12.87 -14.76 -3.83
N ARG C 24 11.77 -15.46 -4.06
CA ARG C 24 10.51 -14.83 -4.42
C ARG C 24 9.92 -14.11 -3.22
N LEU C 25 9.90 -14.79 -2.07
CA LEU C 25 9.36 -14.20 -0.85
C LEU C 25 10.12 -12.93 -0.48
N ASP C 26 11.44 -13.00 -0.58
CA ASP C 26 12.29 -11.85 -0.25
C ASP C 26 12.13 -10.74 -1.29
N LYS C 27 11.80 -11.13 -2.53
CA LYS C 27 11.62 -10.16 -3.59
C LYS C 27 10.29 -9.43 -3.46
N LEU C 28 9.26 -10.16 -3.05
CA LEU C 28 7.93 -9.56 -2.86
C LEU C 28 7.90 -8.76 -1.57
N ASP C 29 8.62 -9.25 -0.56
CA ASP C 29 8.72 -8.59 0.73
C ASP C 29 9.46 -7.24 0.64
N THR C 30 10.59 -7.25 -0.04
CA THR C 30 11.39 -6.05 -0.22
C THR C 30 10.70 -5.08 -1.18
N ARG C 31 10.13 -5.63 -2.24
CA ARG C 31 9.44 -4.82 -3.25
C ARG C 31 8.25 -4.09 -2.66
N VAL C 32 7.53 -4.77 -1.76
CA VAL C 32 6.36 -4.18 -1.11
C VAL C 32 6.76 -3.18 -0.03
N ASP C 33 7.94 -3.39 0.55
CA ASP C 33 8.45 -2.51 1.59
C ASP C 33 8.70 -1.11 1.06
N LYS C 34 9.51 -1.02 0.01
CA LYS C 34 9.84 0.26 -0.59
C LYS C 34 8.62 0.86 -1.29
N GLY C 35 7.82 0.00 -1.93
CA GLY C 35 6.63 0.46 -2.63
C GLY C 35 5.66 1.15 -1.70
N LEU C 36 5.37 0.52 -0.56
CA LEU C 36 4.43 1.07 0.42
C LEU C 36 5.01 2.33 1.06
N ALA C 37 6.33 2.37 1.20
CA ALA C 37 7.03 3.51 1.80
C ALA C 37 6.87 4.76 0.95
N SER C 38 6.91 4.58 -0.37
CA SER C 38 6.77 5.71 -1.29
C SER C 38 5.29 6.08 -1.46
N SER C 39 4.45 5.07 -1.61
CA SER C 39 3.01 5.30 -1.78
C SER C 39 2.45 6.19 -0.68
N ALA C 40 2.58 5.71 0.56
CA ALA C 40 2.10 6.45 1.72
C ALA C 40 2.73 7.84 1.77
N ALA C 41 3.95 7.95 1.24
CA ALA C 41 4.66 9.22 1.22
C ALA C 41 3.93 10.24 0.35
N LEU C 42 3.56 9.84 -0.86
CA LEU C 42 2.85 10.72 -1.77
C LEU C 42 1.45 11.01 -1.22
N ASN C 43 0.86 10.05 -0.53
CA ASN C 43 -0.48 10.23 0.01
C ASN C 43 -0.49 11.07 1.28
N SER C 44 0.70 11.26 1.87
CA SER C 44 0.87 12.06 3.06
C SER C 44 0.60 13.54 2.85
N LEU C 45 0.62 13.95 1.59
CA LEU C 45 0.34 15.33 1.21
C LEU C 45 -1.17 15.55 1.29
N PHE C 46 -1.58 16.81 1.40
CA PHE C 46 -3.00 17.10 1.49
C PHE C 46 -3.35 18.43 0.83
N GLN C 47 -2.39 19.35 0.88
CA GLN C 47 -2.56 20.67 0.29
C GLN C 47 -3.46 21.53 1.17
N PRO C 48 -2.91 22.55 1.86
CA PRO C 48 -3.68 23.41 2.74
C PRO C 48 -4.22 24.64 2.02
N TYR C 49 -5.49 24.98 2.29
CA TYR C 49 -6.11 26.13 1.67
C TYR C 49 -6.31 25.91 0.17
N GLY C 50 -7.30 26.59 -0.40
CA GLY C 50 -7.58 26.45 -1.81
C GLY C 50 -8.64 27.43 -2.29
N VAL C 51 -8.25 28.70 -2.39
CA VAL C 51 -9.14 29.78 -2.83
C VAL C 51 -9.00 30.08 -4.32
N GLY C 52 -7.85 29.72 -4.88
CA GLY C 52 -7.60 29.97 -6.29
C GLY C 52 -6.12 30.17 -6.59
N LYS C 53 -5.29 29.26 -6.08
CA LYS C 53 -3.85 29.33 -6.29
C LYS C 53 -3.26 27.94 -6.45
N VAL C 54 -1.95 27.87 -6.66
CA VAL C 54 -1.28 26.58 -6.84
C VAL C 54 -0.47 26.20 -5.60
N ASN C 55 -0.45 24.90 -5.28
CA ASN C 55 0.28 24.39 -4.12
C ASN C 55 1.08 23.13 -4.47
N PHE C 56 2.41 23.24 -4.37
CA PHE C 56 3.30 22.12 -4.66
C PHE C 56 3.38 21.15 -3.49
N THR C 57 3.22 19.86 -3.77
CA THR C 57 3.28 18.83 -2.74
C THR C 57 4.52 17.97 -2.90
N ALA C 58 5.35 17.95 -1.86
CA ALA C 58 6.59 17.17 -1.86
C ALA C 58 6.88 16.58 -0.48
N GLY C 59 7.36 15.33 -0.47
CA GLY C 59 7.66 14.67 0.78
C GLY C 59 8.24 13.29 0.58
N VAL C 60 8.84 12.74 1.63
CA VAL C 60 9.43 11.40 1.56
C VAL C 60 8.76 10.45 2.55
N GLY C 61 8.99 9.15 2.34
CA GLY C 61 8.41 8.15 3.22
C GLY C 61 9.38 7.03 3.54
N GLY C 62 8.94 6.09 4.38
CA GLY C 62 9.79 4.97 4.75
C GLY C 62 9.00 3.82 5.34
N TYR C 63 9.56 2.61 5.23
CA TYR C 63 8.90 1.42 5.76
C TYR C 63 9.92 0.46 6.37
N ARG C 64 9.74 0.14 7.66
CA ARG C 64 10.65 -0.76 8.35
C ARG C 64 12.03 -0.11 8.53
N SER C 65 12.93 -0.38 7.59
CA SER C 65 14.29 0.17 7.64
C SER C 65 14.68 0.78 6.29
N SER C 66 13.70 0.89 5.39
CA SER C 66 13.95 1.45 4.06
C SER C 66 13.27 2.81 3.92
N GLN C 67 13.53 3.49 2.80
CA GLN C 67 12.95 4.80 2.53
C GLN C 67 12.42 4.89 1.11
N ALA C 68 11.87 6.06 0.75
CA ALA C 68 11.34 6.28 -0.58
C ALA C 68 11.17 7.77 -0.88
N LEU C 69 11.12 8.10 -2.17
CA LEU C 69 10.97 9.49 -2.61
C LEU C 69 9.68 9.67 -3.40
N ALA C 70 8.93 10.73 -3.09
CA ALA C 70 7.67 10.99 -3.79
C ALA C 70 7.46 12.49 -4.01
N ILE C 71 6.96 12.84 -5.20
CA ILE C 71 6.71 14.25 -5.52
C ILE C 71 5.38 14.41 -6.26
N GLY C 72 4.75 15.56 -6.09
CA GLY C 72 3.49 15.83 -6.75
C GLY C 72 3.11 17.30 -6.73
N SER C 73 1.94 17.62 -7.26
CA SER C 73 1.47 18.99 -7.30
C SER C 73 -0.05 19.06 -7.49
N GLY C 74 -0.65 20.15 -7.05
CA GLY C 74 -2.08 20.33 -7.18
C GLY C 74 -2.48 21.78 -7.28
N TYR C 75 -3.70 22.04 -7.72
CA TYR C 75 -4.20 23.40 -7.87
C TYR C 75 -5.63 23.52 -7.36
N ARG C 76 -5.82 24.39 -6.37
CA ARG C 76 -7.13 24.61 -5.79
C ARG C 76 -7.72 25.94 -6.25
N VAL C 77 -8.73 25.86 -7.12
CA VAL C 77 -9.39 27.05 -7.66
C VAL C 77 -10.73 27.31 -6.97
N ASN C 78 -10.94 28.53 -6.51
CA ASN C 78 -12.20 28.88 -5.85
C ASN C 78 -12.43 28.02 -4.62
N GLU C 79 -13.61 28.14 -4.03
CA GLU C 79 -13.97 27.38 -2.84
C GLU C 79 -15.17 26.48 -3.13
N SER C 80 -14.99 25.50 -4.01
CA SER C 80 -16.07 24.58 -4.36
C SER C 80 -15.51 23.30 -4.97
N VAL C 81 -14.66 23.45 -5.98
CA VAL C 81 -14.05 22.32 -6.64
C VAL C 81 -12.52 22.36 -6.51
N ALA C 82 -11.91 21.20 -6.32
CA ALA C 82 -10.46 21.11 -6.18
C ALA C 82 -9.90 19.90 -6.90
N LEU C 83 -8.64 20.00 -7.31
CA LEU C 83 -7.98 18.90 -8.01
C LEU C 83 -6.56 18.70 -7.47
N LYS C 84 -6.22 17.45 -7.15
CA LYS C 84 -4.90 17.12 -6.63
C LYS C 84 -4.33 15.88 -7.31
N ALA C 85 -3.02 15.87 -7.53
CA ALA C 85 -2.35 14.74 -8.16
C ALA C 85 -0.93 14.58 -7.63
N GLY C 86 -0.30 13.45 -7.98
CA GLY C 86 1.05 13.19 -7.53
C GLY C 86 1.52 11.80 -7.90
N VAL C 87 2.84 11.60 -7.89
CA VAL C 87 3.42 10.30 -8.21
C VAL C 87 4.43 9.86 -7.16
N ALA C 88 4.57 8.56 -6.96
CA ALA C 88 5.49 8.02 -5.97
C ALA C 88 6.51 7.09 -6.63
N TYR C 89 7.76 7.17 -6.17
CA TYR C 89 8.85 6.34 -6.70
C TYR C 89 9.54 5.56 -5.58
N ALA C 90 9.66 4.25 -5.79
CA ALA C 90 10.31 3.36 -4.81
C ALA C 90 11.25 2.37 -5.48
N GLY C 91 12.28 1.95 -4.76
CA GLY C 91 13.24 1.01 -5.30
C GLY C 91 13.75 1.42 -6.66
N SER C 92 13.19 0.82 -7.71
CA SER C 92 13.60 1.13 -9.08
C SER C 92 12.46 0.90 -10.06
N SER C 93 11.56 -0.03 -9.71
CA SER C 93 10.41 -0.37 -10.55
C SER C 93 9.10 -0.19 -9.79
N ASP C 94 9.18 0.51 -8.67
CA ASP C 94 7.99 0.74 -7.84
C ASP C 94 7.45 2.15 -8.07
N VAL C 95 6.89 2.39 -9.25
CA VAL C 95 6.34 3.70 -9.58
C VAL C 95 4.82 3.62 -9.74
N MET C 96 4.11 4.49 -9.03
CA MET C 96 2.65 4.53 -9.08
C MET C 96 2.15 5.96 -9.19
N TYR C 97 1.12 6.15 -10.02
CA TYR C 97 0.56 7.48 -10.23
C TYR C 97 -0.89 7.55 -9.79
N ASN C 98 -1.23 8.56 -8.99
CA ASN C 98 -2.59 8.71 -8.49
C ASN C 98 -3.12 10.13 -8.73
N ALA C 99 -4.41 10.23 -9.01
CA ALA C 99 -5.05 11.53 -9.24
C ALA C 99 -6.47 11.54 -8.69
N SER C 100 -6.72 12.38 -7.68
CA SER C 100 -8.04 12.47 -7.07
C SER C 100 -8.52 13.92 -7.01
N PHE C 101 -9.82 14.11 -6.78
CA PHE C 101 -10.39 15.45 -6.71
C PHE C 101 -11.43 15.55 -5.60
N ASN C 102 -11.46 16.70 -4.93
CA ASN C 102 -12.40 16.94 -3.84
C ASN C 102 -13.46 17.96 -4.27
N ILE C 103 -14.73 17.67 -3.97
CA ILE C 103 -15.82 18.57 -4.32
C ILE C 103 -16.77 18.75 -3.15
N GLU C 104 -17.02 20.00 -2.78
CA GLU C 104 -17.92 20.30 -1.67
C GLU C 104 -19.26 20.82 -2.18
N TRP C 105 -20.33 20.54 -1.45
CA TRP C 105 -21.66 20.99 -1.82
C TRP C 105 -22.45 21.43 -0.60
N GLY A 1 0.48 -17.82 10.84
CA GLY A 1 0.03 -18.92 9.95
C GLY A 1 0.15 -20.29 10.60
N ASP A 2 -0.41 -20.42 11.80
CA ASP A 2 -0.37 -21.69 12.54
C ASP A 2 1.07 -22.06 12.90
N GLN A 3 1.32 -22.17 14.20
CA GLN A 3 2.65 -22.52 14.69
C GLN A 3 2.59 -23.74 15.58
N ALA A 4 2.02 -24.83 15.06
CA ALA A 4 1.90 -26.08 15.81
C ALA A 4 2.60 -27.22 15.09
N SER A 5 2.25 -27.41 13.83
CA SER A 5 2.82 -28.48 13.00
C SER A 5 3.69 -27.89 11.89
N TRP A 6 5.01 -27.97 12.07
CA TRP A 6 5.93 -27.46 11.07
C TRP A 6 7.26 -28.19 11.15
N SER A 7 7.57 -28.97 10.12
CA SER A 7 8.82 -29.73 10.06
C SER A 7 8.89 -30.69 11.24
N HIS A 8 8.08 -31.75 11.20
CA HIS A 8 8.05 -32.72 12.27
C HIS A 8 8.66 -34.06 11.84
N PRO A 9 8.17 -34.64 10.72
CA PRO A 9 8.70 -35.92 10.21
C PRO A 9 10.11 -35.77 9.64
N GLN A 10 10.96 -36.77 9.89
CA GLN A 10 12.33 -36.75 9.40
C GLN A 10 12.37 -36.78 7.87
N PHE A 11 11.65 -37.74 7.30
CA PHE A 11 11.58 -37.88 5.85
C PHE A 11 10.44 -37.04 5.30
N GLU A 12 10.81 -35.91 4.69
CA GLU A 12 9.84 -34.97 4.12
C GLU A 12 10.51 -34.08 3.08
N LYS A 13 10.07 -34.20 1.83
CA LYS A 13 10.62 -33.41 0.73
C LYS A 13 9.53 -32.72 -0.08
N GLY A 14 8.70 -33.51 -0.76
CA GLY A 14 7.63 -32.95 -1.56
C GLY A 14 6.60 -32.23 -0.72
N ALA A 15 6.12 -32.89 0.32
CA ALA A 15 5.13 -32.30 1.22
C ALA A 15 5.67 -31.03 1.87
N HIS A 16 6.83 -31.14 2.51
CA HIS A 16 7.46 -30.01 3.16
C HIS A 16 7.60 -28.83 2.22
N LYS A 17 8.07 -29.10 1.00
CA LYS A 17 8.25 -28.06 -0.01
C LYS A 17 6.90 -27.44 -0.38
N PHE A 18 5.88 -28.27 -0.50
CA PHE A 18 4.55 -27.80 -0.87
C PHE A 18 3.96 -26.91 0.22
N ARG A 19 4.31 -27.20 1.47
CA ARG A 19 3.83 -26.42 2.60
C ARG A 19 4.58 -25.10 2.71
N GLN A 20 5.84 -25.10 2.28
CA GLN A 20 6.66 -23.89 2.34
C GLN A 20 6.20 -22.85 1.31
N LEU A 21 5.71 -23.34 0.17
CA LEU A 21 5.22 -22.46 -0.89
C LEU A 21 3.99 -21.69 -0.43
N ASP A 22 3.04 -22.41 0.16
CA ASP A 22 1.81 -21.79 0.65
C ASP A 22 2.08 -20.94 1.88
N ASN A 23 3.19 -21.21 2.55
CA ASN A 23 3.57 -20.47 3.75
C ASN A 23 4.09 -19.08 3.39
N ARG A 24 4.91 -19.01 2.35
CA ARG A 24 5.48 -17.74 1.91
C ARG A 24 4.41 -16.86 1.27
N LEU A 25 3.63 -17.45 0.36
CA LEU A 25 2.57 -16.71 -0.31
C LEU A 25 1.55 -16.21 0.69
N ASP A 26 1.21 -17.05 1.66
CA ASP A 26 0.24 -16.69 2.69
C ASP A 26 0.84 -15.67 3.66
N LYS A 27 2.16 -15.72 3.83
CA LYS A 27 2.83 -14.80 4.74
C LYS A 27 2.96 -13.41 4.11
N LEU A 28 3.20 -13.36 2.81
CA LEU A 28 3.32 -12.10 2.11
C LEU A 28 1.94 -11.48 1.91
N ASP A 29 0.94 -12.35 1.72
CA ASP A 29 -0.44 -11.92 1.54
C ASP A 29 -1.02 -11.29 2.80
N THR A 30 -0.84 -11.96 3.93
CA THR A 30 -1.33 -11.46 5.21
C THR A 30 -0.55 -10.22 5.64
N ARG A 31 0.75 -10.22 5.38
CA ARG A 31 1.61 -9.09 5.74
C ARG A 31 1.21 -7.83 4.99
N VAL A 32 0.86 -7.99 3.72
CA VAL A 32 0.45 -6.85 2.89
C VAL A 32 -0.95 -6.38 3.24
N ASP A 33 -1.77 -7.30 3.74
CA ASP A 33 -3.14 -6.98 4.11
C ASP A 33 -3.17 -5.95 5.25
N LYS A 34 -2.48 -6.28 6.34
CA LYS A 34 -2.43 -5.40 7.51
C LYS A 34 -1.60 -4.16 7.21
N GLY A 35 -0.48 -4.35 6.51
CA GLY A 35 0.39 -3.24 6.17
C GLY A 35 -0.32 -2.16 5.38
N LEU A 36 -1.06 -2.58 4.35
CA LEU A 36 -1.81 -1.65 3.50
C LEU A 36 -2.95 -1.00 4.29
N ALA A 37 -3.55 -1.75 5.20
CA ALA A 37 -4.64 -1.25 6.02
C ALA A 37 -4.20 -0.09 6.90
N SER A 38 -2.98 -0.21 7.44
CA SER A 38 -2.43 0.84 8.30
C SER A 38 -1.91 2.00 7.47
N SER A 39 -1.28 1.69 6.34
CA SER A 39 -0.74 2.71 5.45
C SER A 39 -1.80 3.73 5.06
N ALA A 40 -2.81 3.26 4.34
CA ALA A 40 -3.91 4.11 3.90
C ALA A 40 -4.54 4.83 5.10
N ALA A 41 -4.52 4.18 6.26
CA ALA A 41 -5.09 4.75 7.47
C ALA A 41 -4.36 6.03 7.86
N LEU A 42 -3.03 5.98 7.88
CA LEU A 42 -2.23 7.15 8.22
C LEU A 42 -2.35 8.20 7.12
N ASN A 43 -2.50 7.76 5.88
CA ASN A 43 -2.59 8.69 4.77
C ASN A 43 -3.98 9.31 4.62
N SER A 44 -4.96 8.68 5.29
CA SER A 44 -6.33 9.14 5.29
C SER A 44 -6.52 10.50 5.99
N LEU A 45 -5.52 10.86 6.77
CA LEU A 45 -5.52 12.15 7.48
C LEU A 45 -5.17 13.24 6.49
N PHE A 46 -5.58 14.48 6.77
CA PHE A 46 -5.29 15.58 5.87
C PHE A 46 -5.03 16.88 6.63
N GLN A 47 -5.69 16.99 7.78
CA GLN A 47 -5.54 18.18 8.63
C GLN A 47 -6.26 19.37 7.99
N PRO A 48 -7.39 19.81 8.56
CA PRO A 48 -8.16 20.93 8.02
C PRO A 48 -7.74 22.27 8.62
N TYR A 49 -7.67 23.30 7.79
CA TYR A 49 -7.28 24.62 8.24
C TYR A 49 -5.81 24.65 8.64
N GLY A 50 -5.21 25.84 8.56
CA GLY A 50 -3.81 25.98 8.91
C GLY A 50 -3.35 27.43 8.83
N VAL A 51 -3.75 28.23 9.82
CA VAL A 51 -3.40 29.65 9.90
C VAL A 51 -2.17 29.90 10.78
N GLY A 52 -1.92 28.98 11.71
CA GLY A 52 -0.78 29.12 12.61
C GLY A 52 -1.00 28.39 13.93
N LYS A 53 -1.44 27.14 13.84
CA LYS A 53 -1.68 26.33 15.04
C LYS A 53 -1.33 24.87 14.77
N VAL A 54 -1.50 24.02 15.78
CA VAL A 54 -1.20 22.60 15.64
C VAL A 54 -2.46 21.76 15.53
N ASN A 55 -2.38 20.69 14.73
CA ASN A 55 -3.53 19.78 14.54
C ASN A 55 -3.10 18.32 14.62
N PHE A 56 -3.69 17.60 15.59
CA PHE A 56 -3.40 16.18 15.79
C PHE A 56 -4.22 15.30 14.84
N THR A 57 -3.54 14.36 14.20
CA THR A 57 -4.21 13.45 13.26
C THR A 57 -4.24 12.03 13.82
N ALA A 58 -5.45 11.48 13.94
CA ALA A 58 -5.64 10.13 14.46
C ALA A 58 -6.78 9.40 13.75
N GLY A 59 -6.60 8.11 13.54
CA GLY A 59 -7.63 7.33 12.86
C GLY A 59 -7.23 5.88 12.69
N VAL A 60 -8.20 5.03 12.31
CA VAL A 60 -7.95 3.61 12.11
C VAL A 60 -8.24 3.20 10.67
N GLY A 61 -7.73 2.02 10.29
CA GLY A 61 -7.94 1.53 8.94
C GLY A 61 -8.26 0.04 8.91
N GLY A 62 -8.51 -0.49 7.72
CA GLY A 62 -8.82 -1.91 7.59
C GLY A 62 -8.69 -2.39 6.16
N TYR A 63 -8.45 -3.70 6.01
CA TYR A 63 -8.31 -4.29 4.68
C TYR A 63 -8.92 -5.69 4.65
N ARG A 64 -9.86 -5.90 3.72
CA ARG A 64 -10.54 -7.18 3.60
C ARG A 64 -11.36 -7.50 4.83
N SER A 65 -10.76 -8.23 5.77
CA SER A 65 -11.43 -8.60 7.01
C SER A 65 -10.55 -8.31 8.23
N SER A 66 -9.41 -7.66 7.99
CA SER A 66 -8.48 -7.31 9.05
C SER A 66 -8.58 -5.83 9.39
N GLN A 67 -7.86 -5.41 10.43
CA GLN A 67 -7.85 -4.02 10.85
C GLN A 67 -6.43 -3.50 11.06
N ALA A 68 -6.30 -2.22 11.39
CA ALA A 68 -4.99 -1.61 11.61
C ALA A 68 -5.11 -0.30 12.39
N LEU A 69 -4.04 0.06 13.10
CA LEU A 69 -4.01 1.28 13.91
C LEU A 69 -2.93 2.23 13.39
N ALA A 70 -3.30 3.50 13.22
CA ALA A 70 -2.36 4.49 12.73
C ALA A 70 -2.51 5.83 13.47
N ILE A 71 -1.38 6.43 13.84
CA ILE A 71 -1.40 7.70 14.56
C ILE A 71 -0.35 8.66 14.00
N GLY A 72 -0.67 9.95 14.00
CA GLY A 72 0.25 10.95 13.49
C GLY A 72 -0.07 12.34 13.98
N SER A 73 0.73 13.32 13.55
CA SER A 73 0.52 14.71 13.96
C SER A 73 1.12 15.67 12.94
N GLY A 74 0.59 16.89 12.91
CA GLY A 74 1.08 17.89 11.98
C GLY A 74 0.93 19.30 12.54
N TYR A 75 1.64 20.24 11.92
CA TYR A 75 1.60 21.64 12.36
C TYR A 75 1.55 22.59 11.17
N ARG A 76 0.49 23.39 11.12
CA ARG A 76 0.32 24.36 10.03
C ARG A 76 0.50 25.78 10.54
N VAL A 77 1.64 26.38 10.22
CA VAL A 77 1.95 27.76 10.64
C VAL A 77 1.80 28.74 9.48
N ASN A 78 1.08 29.84 9.73
CA ASN A 78 0.86 30.85 8.70
C ASN A 78 0.17 30.26 7.48
N GLU A 79 0.02 31.07 6.43
CA GLU A 79 -0.63 30.64 5.21
C GLU A 79 0.34 30.71 4.04
N SER A 80 1.36 29.84 4.06
CA SER A 80 2.35 29.80 2.99
C SER A 80 3.07 28.47 2.97
N VAL A 81 3.58 28.05 4.12
CA VAL A 81 4.29 26.79 4.24
C VAL A 81 3.63 25.90 5.30
N ALA A 82 3.62 24.60 5.04
CA ALA A 82 3.01 23.65 5.97
C ALA A 82 3.83 22.37 6.06
N LEU A 83 3.71 21.67 7.19
CA LEU A 83 4.43 20.43 7.40
C LEU A 83 3.52 19.39 8.07
N LYS A 84 3.52 18.17 7.53
CA LYS A 84 2.70 17.09 8.06
C LYS A 84 3.50 15.79 8.17
N ALA A 85 3.29 15.06 9.25
CA ALA A 85 3.99 13.80 9.47
C ALA A 85 3.11 12.81 10.23
N GLY A 86 3.55 11.56 10.29
CA GLY A 86 2.80 10.52 10.99
C GLY A 86 3.40 9.15 10.82
N VAL A 87 3.00 8.22 11.69
CA VAL A 87 3.50 6.85 11.63
C VAL A 87 2.35 5.84 11.67
N ALA A 88 2.53 4.71 10.98
CA ALA A 88 1.51 3.69 10.95
C ALA A 88 2.02 2.36 11.53
N TYR A 89 1.15 1.67 12.26
CA TYR A 89 1.51 0.40 12.90
C TYR A 89 0.56 -0.72 12.47
N ALA A 90 1.13 -1.82 11.99
CA ALA A 90 0.34 -2.98 11.54
C ALA A 90 0.92 -4.29 12.06
N GLY A 91 0.05 -5.26 12.30
CA GLY A 91 0.49 -6.56 12.79
C GLY A 91 1.40 -6.43 13.99
N SER A 92 2.71 -6.51 13.76
CA SER A 92 3.68 -6.42 14.84
C SER A 92 5.03 -5.92 14.33
N SER A 93 5.31 -6.20 13.06
CA SER A 93 6.56 -5.79 12.41
C SER A 93 6.30 -4.91 11.19
N ASP A 94 5.07 -4.41 11.09
CA ASP A 94 4.69 -3.55 9.97
C ASP A 94 4.65 -2.09 10.39
N VAL A 95 5.82 -1.52 10.63
CA VAL A 95 5.91 -0.11 11.04
C VAL A 95 6.53 0.73 9.93
N MET A 96 5.85 1.81 9.58
CA MET A 96 6.31 2.71 8.53
C MET A 96 6.16 4.17 8.96
N TYR A 97 7.16 4.99 8.64
CA TYR A 97 7.15 6.40 9.00
C TYR A 97 7.18 7.29 7.76
N ASN A 98 6.26 8.25 7.69
CA ASN A 98 6.20 9.16 6.55
C ASN A 98 6.15 10.61 7.00
N ALA A 99 6.74 11.49 6.20
CA ALA A 99 6.75 12.93 6.50
C ALA A 99 6.77 13.75 5.21
N SER A 100 5.71 14.53 4.98
CA SER A 100 5.62 15.36 3.78
C SER A 100 5.31 16.81 4.14
N PHE A 101 5.54 17.72 3.19
CA PHE A 101 5.28 19.14 3.42
C PHE A 101 4.59 19.77 2.21
N ASN A 102 3.69 20.72 2.49
CA ASN A 102 2.95 21.42 1.44
C ASN A 102 3.43 22.87 1.34
N ILE A 103 3.71 23.32 0.12
CA ILE A 103 4.17 24.69 -0.10
C ILE A 103 3.37 25.34 -1.23
N GLU A 104 2.79 26.51 -0.94
CA GLU A 104 2.01 27.23 -1.93
C GLU A 104 2.78 28.44 -2.46
N TRP A 105 2.48 28.86 -3.69
CA TRP A 105 3.15 30.02 -4.29
C TRP A 105 2.15 30.88 -5.04
N GLY B 1 -3.73 -14.89 -13.99
CA GLY B 1 -2.44 -15.45 -14.46
C GLY B 1 -2.63 -16.63 -15.39
N ASP B 2 -3.45 -16.47 -16.41
CA ASP B 2 -3.72 -17.54 -17.37
C ASP B 2 -4.41 -18.73 -16.70
N GLN B 3 -5.61 -19.03 -17.16
CA GLN B 3 -6.39 -20.14 -16.60
C GLN B 3 -6.78 -21.13 -17.70
N ALA B 4 -5.78 -21.63 -18.42
CA ALA B 4 -6.01 -22.58 -19.50
C ALA B 4 -5.24 -23.87 -19.26
N SER B 5 -3.95 -23.74 -19.03
CA SER B 5 -3.08 -24.89 -18.79
C SER B 5 -2.56 -24.89 -17.35
N TRP B 6 -3.14 -25.76 -16.53
CA TRP B 6 -2.73 -25.86 -15.13
C TRP B 6 -3.01 -27.25 -14.58
N SER B 7 -1.95 -28.00 -14.29
CA SER B 7 -2.09 -29.34 -13.74
C SER B 7 -2.85 -30.22 -14.73
N HIS B 8 -2.21 -30.57 -15.84
CA HIS B 8 -2.85 -31.39 -16.86
C HIS B 8 -2.25 -32.80 -16.92
N PRO B 9 -0.91 -32.91 -17.05
CA PRO B 9 -0.22 -34.22 -17.10
C PRO B 9 -0.25 -34.92 -15.74
N GLN B 10 -0.43 -36.24 -15.76
CA GLN B 10 -0.47 -37.01 -14.53
C GLN B 10 0.88 -36.99 -13.82
N PHE B 11 1.94 -37.28 -14.57
CA PHE B 11 3.29 -37.28 -14.03
C PHE B 11 3.90 -35.88 -14.17
N GLU B 12 3.95 -35.17 -13.04
CA GLU B 12 4.49 -33.81 -12.99
C GLU B 12 4.91 -33.45 -11.57
N LYS B 13 6.20 -33.21 -11.38
CA LYS B 13 6.74 -32.87 -10.07
C LYS B 13 7.62 -31.60 -10.13
N GLY B 14 8.75 -31.70 -10.82
CA GLY B 14 9.65 -30.57 -10.95
C GLY B 14 9.02 -29.41 -11.69
N ALA B 15 8.45 -29.71 -12.87
CA ALA B 15 7.81 -28.70 -13.69
C ALA B 15 6.65 -28.04 -12.94
N HIS B 16 5.73 -28.87 -12.45
CA HIS B 16 4.57 -28.37 -11.71
C HIS B 16 5.00 -27.47 -10.57
N LYS B 17 6.00 -27.90 -9.81
CA LYS B 17 6.50 -27.13 -8.68
C LYS B 17 7.09 -25.81 -9.16
N PHE B 18 7.82 -25.84 -10.28
CA PHE B 18 8.44 -24.65 -10.83
C PHE B 18 7.39 -23.65 -11.29
N ARG B 19 6.25 -24.15 -11.75
CA ARG B 19 5.16 -23.30 -12.23
C ARG B 19 4.39 -22.71 -11.05
N GLN B 20 4.35 -23.44 -9.94
CA GLN B 20 3.65 -22.98 -8.75
C GLN B 20 4.38 -21.82 -8.08
N LEU B 21 5.71 -21.85 -8.15
CA LEU B 21 6.54 -20.81 -7.57
C LEU B 21 6.30 -19.47 -8.27
N ASP B 22 6.33 -19.50 -9.60
CA ASP B 22 6.12 -18.29 -10.40
C ASP B 22 4.66 -17.85 -10.33
N ASN B 23 3.78 -18.77 -9.96
CA ASN B 23 2.35 -18.48 -9.86
C ASN B 23 2.05 -17.66 -8.61
N ARG B 24 2.68 -18.04 -7.50
CA ARG B 24 2.48 -17.35 -6.24
C ARG B 24 3.13 -15.98 -6.26
N LEU B 25 4.39 -15.92 -6.70
CA LEU B 25 5.11 -14.66 -6.78
C LEU B 25 4.40 -13.70 -7.72
N ASP B 26 3.92 -14.22 -8.85
CA ASP B 26 3.22 -13.39 -9.84
C ASP B 26 1.85 -13.00 -9.32
N LYS B 27 1.26 -13.84 -8.47
CA LYS B 27 -0.06 -13.58 -7.93
C LYS B 27 0.00 -12.51 -6.84
N LEU B 28 1.07 -12.54 -6.04
CA LEU B 28 1.25 -11.56 -4.97
C LEU B 28 1.70 -10.23 -5.56
N ASP B 29 2.47 -10.32 -6.64
CA ASP B 29 2.97 -9.12 -7.34
C ASP B 29 1.84 -8.34 -8.00
N THR B 30 0.99 -9.05 -8.74
CA THR B 30 -0.13 -8.43 -9.42
C THR B 30 -1.16 -7.93 -8.42
N ARG B 31 -1.38 -8.70 -7.36
CA ARG B 31 -2.35 -8.35 -6.32
C ARG B 31 -1.95 -7.05 -5.61
N VAL B 32 -0.65 -6.90 -5.37
CA VAL B 32 -0.13 -5.71 -4.68
C VAL B 32 -0.12 -4.51 -5.62
N ASP B 33 0.01 -4.76 -6.92
CA ASP B 33 0.03 -3.70 -7.92
C ASP B 33 -1.29 -2.93 -7.93
N LYS B 34 -2.38 -3.67 -8.10
CA LYS B 34 -3.71 -3.07 -8.14
C LYS B 34 -4.13 -2.57 -6.76
N GLY B 35 -3.82 -3.36 -5.73
CA GLY B 35 -4.16 -2.97 -4.38
C GLY B 35 -3.56 -1.64 -3.97
N LEU B 36 -2.26 -1.48 -4.25
CA LEU B 36 -1.55 -0.24 -3.92
C LEU B 36 -2.07 0.93 -4.76
N ALA B 37 -2.44 0.63 -6.00
CA ALA B 37 -2.95 1.65 -6.92
C ALA B 37 -4.26 2.25 -6.40
N SER B 38 -5.11 1.41 -5.83
CA SER B 38 -6.39 1.86 -5.29
C SER B 38 -6.20 2.52 -3.92
N SER B 39 -5.31 1.95 -3.11
CA SER B 39 -5.03 2.48 -1.79
C SER B 39 -4.64 3.96 -1.85
N ALA B 40 -3.51 4.24 -2.50
CA ALA B 40 -3.03 5.60 -2.65
C ALA B 40 -4.10 6.48 -3.28
N ALA B 41 -4.93 5.88 -4.13
CA ALA B 41 -6.00 6.62 -4.80
C ALA B 41 -6.99 7.18 -3.79
N LEU B 42 -7.43 6.33 -2.86
CA LEU B 42 -8.37 6.77 -1.84
C LEU B 42 -7.70 7.73 -0.88
N ASN B 43 -6.40 7.55 -0.65
CA ASN B 43 -5.68 8.40 0.29
C ASN B 43 -5.27 9.73 -0.35
N SER B 44 -5.34 9.79 -1.67
CA SER B 44 -5.03 10.99 -2.44
C SER B 44 -6.01 12.14 -2.19
N LEU B 45 -7.17 11.78 -1.63
CA LEU B 45 -8.19 12.76 -1.30
C LEU B 45 -7.77 13.48 -0.02
N PHE B 46 -8.28 14.69 0.19
CA PHE B 46 -7.92 15.45 1.38
C PHE B 46 -9.09 16.28 1.88
N GLN B 47 -9.93 16.71 0.95
CA GLN B 47 -11.11 17.52 1.27
C GLN B 47 -10.68 18.93 1.67
N PRO B 48 -10.93 19.94 0.81
CA PRO B 48 -10.55 21.32 1.08
C PRO B 48 -11.65 22.10 1.80
N TYR B 49 -11.25 22.92 2.76
CA TYR B 49 -12.21 23.72 3.52
C TYR B 49 -13.08 22.84 4.42
N GLY B 50 -13.58 23.42 5.50
CA GLY B 50 -14.41 22.68 6.43
C GLY B 50 -14.95 23.55 7.55
N VAL B 51 -15.95 24.37 7.21
CA VAL B 51 -16.58 25.29 8.17
C VAL B 51 -17.86 24.69 8.78
N GLY B 52 -18.47 23.76 8.06
CA GLY B 52 -19.70 23.13 8.54
C GLY B 52 -20.56 22.62 7.41
N LYS B 53 -19.95 21.89 6.48
CA LYS B 53 -20.66 21.33 5.34
C LYS B 53 -20.08 19.97 4.96
N VAL B 54 -20.66 19.34 3.94
CA VAL B 54 -20.19 18.03 3.48
C VAL B 54 -19.39 18.14 2.19
N ASN B 55 -18.37 17.28 2.05
CA ASN B 55 -17.53 17.26 0.85
C ASN B 55 -17.29 15.83 0.36
N PHE B 56 -17.72 15.57 -0.88
CA PHE B 56 -17.55 14.25 -1.49
C PHE B 56 -16.16 14.10 -2.10
N THR B 57 -15.51 12.96 -1.80
CA THR B 57 -14.18 12.70 -2.32
C THR B 57 -14.22 11.56 -3.34
N ALA B 58 -13.74 11.84 -4.55
CA ALA B 58 -13.71 10.85 -5.63
C ALA B 58 -12.46 11.01 -6.49
N GLY B 59 -11.92 9.87 -6.95
CA GLY B 59 -10.73 9.91 -7.78
C GLY B 59 -10.25 8.52 -8.17
N VAL B 60 -9.33 8.45 -9.12
CA VAL B 60 -8.79 7.18 -9.59
C VAL B 60 -7.28 7.11 -9.34
N GLY B 61 -6.74 5.89 -9.41
CA GLY B 61 -5.32 5.70 -9.20
C GLY B 61 -4.72 4.70 -10.19
N GLY B 62 -3.41 4.50 -10.10
CA GLY B 62 -2.74 3.56 -10.99
C GLY B 62 -1.36 3.18 -10.49
N TYR B 63 -0.89 2.00 -10.93
CA TYR B 63 0.42 1.51 -10.52
C TYR B 63 1.10 0.78 -11.67
N ARG B 64 2.31 1.24 -12.03
CA ARG B 64 3.05 0.62 -13.12
C ARG B 64 2.32 0.80 -14.45
N SER B 65 1.53 -0.20 -14.83
CA SER B 65 0.78 -0.16 -16.07
C SER B 65 -0.69 -0.52 -15.85
N SER B 66 -1.06 -0.67 -14.57
CA SER B 66 -2.44 -1.02 -14.22
C SER B 66 -3.18 0.20 -13.67
N GLN B 67 -4.48 0.04 -13.41
CA GLN B 67 -5.29 1.13 -12.88
C GLN B 67 -6.12 0.67 -11.68
N ALA B 68 -6.86 1.60 -11.07
CA ALA B 68 -7.69 1.29 -9.92
C ALA B 68 -8.75 2.35 -9.69
N LEU B 69 -9.85 1.94 -9.06
CA LEU B 69 -10.97 2.86 -8.77
C LEU B 69 -11.17 2.99 -7.26
N ALA B 70 -11.30 4.23 -6.79
CA ALA B 70 -11.50 4.49 -5.37
C ALA B 70 -12.52 5.60 -5.13
N ILE B 71 -13.42 5.37 -4.17
CA ILE B 71 -14.46 6.36 -3.86
C ILE B 71 -14.61 6.52 -2.35
N GLY B 72 -14.91 7.74 -1.92
CA GLY B 72 -15.09 8.00 -0.50
C GLY B 72 -15.85 9.28 -0.23
N SER B 73 -16.06 9.60 1.04
CA SER B 73 -16.78 10.81 1.42
C SER B 73 -16.38 11.27 2.82
N GLY B 74 -16.56 12.57 3.07
CA GLY B 74 -16.22 13.13 4.37
C GLY B 74 -17.10 14.29 4.74
N TYR B 75 -17.10 14.64 6.03
CA TYR B 75 -17.91 15.76 6.51
C TYR B 75 -17.15 16.61 7.51
N ARG B 76 -17.00 17.90 7.19
CA ARG B 76 -16.28 18.81 8.06
C ARG B 76 -17.24 19.82 8.70
N VAL B 77 -17.53 19.63 9.98
CA VAL B 77 -18.44 20.52 10.71
C VAL B 77 -17.67 21.45 11.65
N ASN B 78 -17.99 22.74 11.57
CA ASN B 78 -17.33 23.73 12.41
C ASN B 78 -15.82 23.76 12.16
N GLU B 79 -15.11 24.54 12.97
CA GLU B 79 -13.67 24.66 12.84
C GLU B 79 -12.98 24.19 14.11
N SER B 80 -13.05 22.89 14.38
CA SER B 80 -12.44 22.32 15.57
C SER B 80 -12.24 20.82 15.42
N VAL B 81 -13.31 20.12 15.04
CA VAL B 81 -13.25 18.68 14.85
C VAL B 81 -13.68 18.31 13.43
N ALA B 82 -13.04 17.29 12.86
CA ALA B 82 -13.35 16.85 11.50
C ALA B 82 -13.31 15.34 11.39
N LEU B 83 -14.05 14.80 10.43
CA LEU B 83 -14.09 13.35 10.21
C LEU B 83 -14.05 13.05 8.72
N LYS B 84 -13.18 12.11 8.33
CA LYS B 84 -13.05 11.71 6.93
C LYS B 84 -12.99 10.19 6.80
N ALA B 85 -13.65 9.67 5.76
CA ALA B 85 -13.69 8.24 5.52
C ALA B 85 -13.74 7.93 4.02
N GLY B 86 -13.56 6.67 3.67
CA GLY B 86 -13.61 6.27 2.27
C GLY B 86 -13.22 4.81 2.07
N VAL B 87 -13.55 4.27 0.91
CA VAL B 87 -13.24 2.88 0.59
C VAL B 87 -12.57 2.77 -0.78
N ALA B 88 -11.67 1.81 -0.92
CA ALA B 88 -10.96 1.60 -2.18
C ALA B 88 -11.23 0.21 -2.76
N TYR B 89 -11.38 0.14 -4.08
CA TYR B 89 -11.65 -1.12 -4.76
C TYR B 89 -10.60 -1.40 -5.84
N ALA B 90 -10.02 -2.60 -5.79
CA ALA B 90 -8.99 -3.02 -6.74
C ALA B 90 -9.22 -4.45 -7.23
N GLY B 91 -8.85 -4.71 -8.47
CA GLY B 91 -9.01 -6.03 -9.05
C GLY B 91 -10.43 -6.54 -8.88
N SER B 92 -10.64 -7.39 -7.87
CA SER B 92 -11.96 -7.96 -7.61
C SER B 92 -12.11 -8.34 -6.14
N SER B 93 -10.99 -8.66 -5.50
CA SER B 93 -10.97 -9.06 -4.09
C SER B 93 -10.08 -8.14 -3.27
N ASP B 94 -9.74 -6.99 -3.84
CA ASP B 94 -8.88 -6.02 -3.17
C ASP B 94 -9.70 -4.85 -2.64
N VAL B 95 -10.50 -5.12 -1.60
CA VAL B 95 -11.33 -4.09 -1.00
C VAL B 95 -10.82 -3.72 0.39
N MET B 96 -10.62 -2.42 0.62
CA MET B 96 -10.14 -1.93 1.91
C MET B 96 -10.93 -0.71 2.34
N TYR B 97 -11.24 -0.64 3.64
CA TYR B 97 -11.99 0.47 4.19
C TYR B 97 -11.20 1.22 5.25
N ASN B 98 -11.11 2.55 5.10
CA ASN B 98 -10.37 3.37 6.06
C ASN B 98 -11.21 4.54 6.56
N ALA B 99 -10.98 4.92 7.81
CA ALA B 99 -11.71 6.04 8.43
C ALA B 99 -10.83 6.76 9.45
N SER B 100 -10.52 8.03 9.20
CA SER B 100 -9.68 8.80 10.11
C SER B 100 -10.35 10.13 10.47
N PHE B 101 -9.87 10.77 11.54
CA PHE B 101 -10.44 12.03 11.98
C PHE B 101 -9.34 13.03 12.36
N ASN B 102 -9.58 14.30 12.09
CA ASN B 102 -8.62 15.36 12.38
C ASN B 102 -9.15 16.24 13.53
N ILE B 103 -8.30 16.49 14.52
CA ILE B 103 -8.69 17.32 15.66
C ILE B 103 -7.63 18.38 15.94
N GLU B 104 -8.06 19.63 16.00
CA GLU B 104 -7.15 20.74 16.26
C GLU B 104 -7.32 21.27 17.68
N TRP B 105 -6.27 21.85 18.24
CA TRP B 105 -6.32 22.40 19.59
C TRP B 105 -5.59 23.73 19.67
N GLY C 1 18.79 -8.66 -4.13
CA GLY C 1 18.95 -9.86 -3.26
C GLY C 1 20.21 -10.65 -3.58
N ASP C 2 21.34 -9.96 -3.63
CA ASP C 2 22.63 -10.59 -3.93
C ASP C 2 22.63 -11.16 -5.36
N GLN C 3 23.54 -10.65 -6.18
CA GLN C 3 23.66 -11.11 -7.56
C GLN C 3 25.08 -11.60 -7.86
N ALA C 4 25.54 -12.55 -7.05
CA ALA C 4 26.87 -13.11 -7.22
C ALA C 4 26.81 -14.62 -7.44
N SER C 5 26.12 -15.31 -6.53
CA SER C 5 25.99 -16.76 -6.61
C SER C 5 24.54 -17.15 -6.90
N TRP C 6 24.27 -17.53 -8.14
CA TRP C 6 22.92 -17.93 -8.54
C TRP C 6 22.97 -18.90 -9.72
N SER C 7 22.59 -20.16 -9.46
CA SER C 7 22.59 -21.18 -10.51
C SER C 7 23.99 -21.35 -11.07
N HIS C 8 24.87 -21.96 -10.28
CA HIS C 8 26.25 -22.18 -10.69
C HIS C 8 26.54 -23.66 -10.95
N PRO C 9 26.25 -24.55 -9.99
CA PRO C 9 26.47 -25.99 -10.15
C PRO C 9 25.50 -26.61 -11.14
N GLN C 10 25.99 -27.55 -11.95
CA GLN C 10 25.15 -28.22 -12.95
C GLN C 10 24.05 -29.05 -12.28
N PHE C 11 24.46 -29.87 -11.32
CA PHE C 11 23.53 -30.72 -10.59
C PHE C 11 23.00 -29.97 -9.37
N GLU C 12 21.76 -29.50 -9.48
CA GLU C 12 21.11 -28.73 -8.41
C GLU C 12 19.59 -28.77 -8.58
N LYS C 13 18.91 -29.37 -7.60
CA LYS C 13 17.45 -29.50 -7.64
C LYS C 13 16.82 -29.02 -6.33
N GLY C 14 17.09 -29.74 -5.24
CA GLY C 14 16.53 -29.37 -3.95
C GLY C 14 17.05 -28.03 -3.46
N ALA C 15 18.36 -27.86 -3.49
CA ALA C 15 18.99 -26.63 -3.05
C ALA C 15 18.50 -25.45 -3.89
N HIS C 16 18.65 -25.58 -5.21
CA HIS C 16 18.24 -24.53 -6.13
C HIS C 16 16.79 -24.13 -5.88
N LYS C 17 15.91 -25.11 -5.72
CA LYS C 17 14.49 -24.87 -5.48
C LYS C 17 14.30 -24.15 -4.15
N PHE C 18 15.05 -24.55 -3.14
CA PHE C 18 14.96 -23.94 -1.81
C PHE C 18 15.41 -22.48 -1.85
N ARG C 19 16.36 -22.18 -2.71
CA ARG C 19 16.89 -20.82 -2.85
C ARG C 19 15.91 -19.95 -3.63
N GLN C 20 15.17 -20.56 -4.55
CA GLN C 20 14.20 -19.84 -5.37
C GLN C 20 13.00 -19.39 -4.55
N LEU C 21 12.63 -20.22 -3.57
CA LEU C 21 11.49 -19.91 -2.70
C LEU C 21 11.79 -18.67 -1.86
N ASP C 22 12.96 -18.64 -1.24
CA ASP C 22 13.35 -17.51 -0.40
C ASP C 22 13.64 -16.28 -1.25
N ASN C 23 13.91 -16.51 -2.54
CA ASN C 23 14.21 -15.42 -3.47
C ASN C 23 12.93 -14.65 -3.84
N ARG C 24 11.87 -15.39 -4.09
CA ARG C 24 10.59 -14.79 -4.46
C ARG C 24 9.96 -14.08 -3.27
N LEU C 25 9.91 -14.78 -2.13
CA LEU C 25 9.34 -14.21 -0.91
C LEU C 25 10.11 -12.96 -0.49
N ASP C 26 11.43 -13.02 -0.60
CA ASP C 26 12.28 -11.90 -0.23
C ASP C 26 12.17 -10.78 -1.26
N LYS C 27 11.88 -11.14 -2.50
CA LYS C 27 11.75 -10.16 -3.57
C LYS C 27 10.43 -9.41 -3.48
N LEU C 28 9.37 -10.12 -3.09
CA LEU C 28 8.06 -9.51 -2.95
C LEU C 28 8.00 -8.69 -1.66
N ASP C 29 8.73 -9.16 -0.65
CA ASP C 29 8.80 -8.48 0.65
C ASP C 29 9.53 -7.14 0.54
N THR C 30 10.70 -7.16 -0.10
CA THR C 30 11.48 -5.94 -0.28
C THR C 30 10.78 -4.97 -1.23
N ARG C 31 10.16 -5.52 -2.26
CA ARG C 31 9.45 -4.71 -3.25
C ARG C 31 8.28 -3.96 -2.63
N VAL C 32 7.57 -4.63 -1.72
CA VAL C 32 6.43 -4.04 -1.05
C VAL C 32 6.87 -3.03 0.01
N ASP C 33 8.06 -3.25 0.57
CA ASP C 33 8.60 -2.36 1.59
C ASP C 33 8.81 -0.95 1.04
N LYS C 34 9.57 -0.87 -0.05
CA LYS C 34 9.86 0.42 -0.69
C LYS C 34 8.61 0.99 -1.36
N GLY C 35 7.85 0.12 -2.01
CA GLY C 35 6.64 0.56 -2.69
C GLY C 35 5.66 1.23 -1.75
N LEU C 36 5.41 0.59 -0.60
CA LEU C 36 4.50 1.13 0.40
C LEU C 36 5.04 2.42 1.02
N ALA C 37 6.37 2.48 1.16
CA ALA C 37 7.03 3.65 1.73
C ALA C 37 6.81 4.89 0.87
N SER C 38 6.86 4.70 -0.44
CA SER C 38 6.67 5.79 -1.39
C SER C 38 5.19 6.12 -1.53
N SER C 39 4.35 5.10 -1.55
CA SER C 39 2.91 5.28 -1.68
C SER C 39 2.37 6.23 -0.61
N ALA C 40 2.48 5.80 0.64
CA ALA C 40 2.02 6.60 1.77
C ALA C 40 2.66 7.99 1.74
N ALA C 41 3.89 8.05 1.22
CA ALA C 41 4.61 9.32 1.14
C ALA C 41 3.87 10.31 0.25
N LEU C 42 3.47 9.85 -0.94
CA LEU C 42 2.74 10.71 -1.87
C LEU C 42 1.35 11.02 -1.32
N ASN C 43 0.77 10.07 -0.58
CA ASN C 43 -0.57 10.27 -0.04
C ASN C 43 -0.57 11.12 1.23
N SER C 44 0.62 11.28 1.80
CA SER C 44 0.80 12.09 3.01
C SER C 44 0.55 13.58 2.77
N LEU C 45 0.56 13.97 1.51
CA LEU C 45 0.30 15.34 1.11
C LEU C 45 -1.20 15.60 1.21
N PHE C 46 -1.59 16.85 1.37
CA PHE C 46 -3.01 17.17 1.46
C PHE C 46 -3.33 18.51 0.82
N GLN C 47 -2.35 19.42 0.87
CA GLN C 47 -2.50 20.74 0.29
C GLN C 47 -3.44 21.58 1.15
N PRO C 48 -2.91 22.59 1.87
CA PRO C 48 -3.72 23.45 2.73
C PRO C 48 -4.23 24.69 2.02
N TYR C 49 -5.48 25.06 2.28
CA TYR C 49 -6.08 26.22 1.66
C TYR C 49 -6.31 25.99 0.17
N GLY C 50 -7.28 26.70 -0.39
CA GLY C 50 -7.58 26.56 -1.81
C GLY C 50 -8.66 27.52 -2.25
N VAL C 51 -8.29 28.80 -2.40
CA VAL C 51 -9.22 29.85 -2.83
C VAL C 51 -9.14 30.12 -4.34
N GLY C 52 -8.00 29.79 -4.94
CA GLY C 52 -7.82 30.00 -6.36
C GLY C 52 -6.36 30.18 -6.73
N LYS C 53 -5.52 29.27 -6.23
CA LYS C 53 -4.09 29.32 -6.52
C LYS C 53 -3.52 27.91 -6.63
N VAL C 54 -2.22 27.81 -6.89
CA VAL C 54 -1.56 26.52 -7.03
C VAL C 54 -0.71 26.18 -5.80
N ASN C 55 -0.66 24.90 -5.45
CA ASN C 55 0.12 24.44 -4.30
C ASN C 55 0.93 23.19 -4.64
N PHE C 56 2.25 23.29 -4.52
CA PHE C 56 3.15 22.17 -4.80
C PHE C 56 3.28 21.25 -3.59
N THR C 57 3.15 19.95 -3.83
CA THR C 57 3.26 18.96 -2.77
C THR C 57 4.52 18.12 -2.92
N ALA C 58 5.35 18.13 -1.88
CA ALA C 58 6.61 17.38 -1.88
C ALA C 58 6.91 16.80 -0.50
N GLY C 59 7.48 15.60 -0.48
CA GLY C 59 7.81 14.95 0.78
C GLY C 59 8.42 13.58 0.59
N VAL C 60 8.98 13.02 1.66
CA VAL C 60 9.61 11.71 1.60
C VAL C 60 8.92 10.72 2.54
N GLY C 61 9.18 9.44 2.34
CA GLY C 61 8.57 8.41 3.17
C GLY C 61 9.56 7.31 3.54
N GLY C 62 9.11 6.36 4.34
CA GLY C 62 9.97 5.26 4.75
C GLY C 62 9.18 4.09 5.32
N TYR C 63 9.78 2.90 5.25
CA TYR C 63 9.13 1.69 5.76
C TYR C 63 10.16 0.77 6.40
N ARG C 64 9.92 0.42 7.67
CA ARG C 64 10.83 -0.45 8.39
C ARG C 64 12.20 0.20 8.57
N SER C 65 13.12 -0.11 7.65
CA SER C 65 14.47 0.46 7.70
C SER C 65 14.88 1.04 6.35
N SER C 66 13.92 1.07 5.42
CA SER C 66 14.17 1.61 4.08
C SER C 66 13.55 2.99 3.92
N GLN C 67 13.81 3.63 2.79
CA GLN C 67 13.28 4.96 2.51
C GLN C 67 12.62 5.03 1.13
N ALA C 68 12.05 6.18 0.80
CA ALA C 68 11.40 6.37 -0.50
C ALA C 68 11.22 7.85 -0.82
N LEU C 69 11.16 8.16 -2.12
CA LEU C 69 10.99 9.54 -2.58
C LEU C 69 9.68 9.69 -3.35
N ALA C 70 8.91 10.72 -3.01
CA ALA C 70 7.63 10.97 -3.68
C ALA C 70 7.43 12.46 -3.96
N ILE C 71 6.95 12.77 -5.17
CA ILE C 71 6.71 14.16 -5.54
C ILE C 71 5.37 14.30 -6.27
N GLY C 72 4.70 15.43 -6.05
CA GLY C 72 3.42 15.66 -6.69
C GLY C 72 3.04 17.14 -6.71
N SER C 73 1.88 17.44 -7.27
CA SER C 73 1.40 18.82 -7.35
C SER C 73 -0.11 18.87 -7.46
N GLY C 74 -0.70 20.00 -7.05
CA GLY C 74 -2.13 20.17 -7.11
C GLY C 74 -2.54 21.61 -7.31
N TYR C 75 -3.79 21.82 -7.71
CA TYR C 75 -4.29 23.17 -7.95
C TYR C 75 -5.71 23.33 -7.41
N ARG C 76 -5.88 24.28 -6.49
CA ARG C 76 -7.19 24.53 -5.90
C ARG C 76 -7.74 25.88 -6.36
N VAL C 77 -8.72 25.83 -7.26
CA VAL C 77 -9.35 27.04 -7.80
C VAL C 77 -10.73 27.28 -7.18
N ASN C 78 -10.97 28.49 -6.72
CA ASN C 78 -12.25 28.84 -6.11
C ASN C 78 -12.53 27.97 -4.90
N GLU C 79 -13.74 28.12 -4.34
CA GLU C 79 -14.15 27.34 -3.18
C GLU C 79 -15.36 26.48 -3.51
N SER C 80 -15.16 25.49 -4.36
CA SER C 80 -16.25 24.60 -4.75
C SER C 80 -15.70 23.29 -5.32
N VAL C 81 -14.78 23.39 -6.27
CA VAL C 81 -14.18 22.23 -6.89
C VAL C 81 -12.66 22.27 -6.74
N ALA C 82 -12.05 21.11 -6.54
CA ALA C 82 -10.61 21.02 -6.38
C ALA C 82 -10.04 19.79 -7.07
N LEU C 83 -8.76 19.86 -7.45
CA LEU C 83 -8.10 18.75 -8.12
C LEU C 83 -6.69 18.56 -7.56
N LYS C 84 -6.35 17.31 -7.24
CA LYS C 84 -5.03 16.99 -6.71
C LYS C 84 -4.44 15.75 -7.39
N ALA C 85 -3.14 15.80 -7.67
CA ALA C 85 -2.46 14.68 -8.31
C ALA C 85 -1.02 14.57 -7.83
N GLY C 86 -0.37 13.46 -8.20
CA GLY C 86 1.01 13.25 -7.79
C GLY C 86 1.51 11.87 -8.16
N VAL C 87 2.83 11.70 -8.16
CA VAL C 87 3.45 10.42 -8.50
C VAL C 87 4.47 10.01 -7.45
N ALA C 88 4.60 8.70 -7.23
CA ALA C 88 5.54 8.18 -6.24
C ALA C 88 6.58 7.27 -6.90
N TYR C 89 7.83 7.37 -6.43
CA TYR C 89 8.93 6.57 -6.96
C TYR C 89 9.61 5.77 -5.86
N ALA C 90 9.74 4.46 -6.08
CA ALA C 90 10.38 3.55 -5.12
C ALA C 90 11.35 2.60 -5.80
N GLY C 91 12.40 2.22 -5.08
CA GLY C 91 13.39 1.31 -5.63
C GLY C 91 13.88 1.73 -7.01
N SER C 92 13.32 1.14 -8.05
CA SER C 92 13.71 1.46 -9.41
C SER C 92 12.58 1.18 -10.40
N SER C 93 11.73 0.20 -10.05
CA SER C 93 10.60 -0.19 -10.89
C SER C 93 9.28 -0.05 -10.14
N ASP C 94 9.32 0.69 -9.03
CA ASP C 94 8.12 0.92 -8.22
C ASP C 94 7.56 2.31 -8.46
N VAL C 95 6.99 2.53 -9.64
CA VAL C 95 6.41 3.81 -10.00
C VAL C 95 4.89 3.72 -10.08
N MET C 96 4.21 4.62 -9.36
CA MET C 96 2.76 4.65 -9.35
C MET C 96 2.24 6.08 -9.50
N TYR C 97 1.18 6.24 -10.27
CA TYR C 97 0.59 7.56 -10.50
C TYR C 97 -0.85 7.61 -10.02
N ASN C 98 -1.17 8.62 -9.21
CA ASN C 98 -2.52 8.78 -8.68
C ASN C 98 -3.06 10.19 -8.92
N ALA C 99 -4.37 10.30 -9.13
CA ALA C 99 -5.01 11.59 -9.36
C ALA C 99 -6.45 11.56 -8.83
N SER C 100 -6.73 12.41 -7.83
CA SER C 100 -8.06 12.47 -7.24
C SER C 100 -8.58 13.91 -7.21
N PHE C 101 -9.90 14.07 -7.02
CA PHE C 101 -10.49 15.40 -6.97
C PHE C 101 -11.51 15.51 -5.84
N ASN C 102 -11.58 16.68 -5.23
CA ASN C 102 -12.51 16.92 -4.14
C ASN C 102 -13.62 17.87 -4.58
N ILE C 103 -14.87 17.52 -4.29
CA ILE C 103 -16.01 18.34 -4.67
C ILE C 103 -16.95 18.54 -3.49
N GLU C 104 -17.25 19.80 -3.17
CA GLU C 104 -18.14 20.11 -2.07
C GLU C 104 -19.51 20.56 -2.57
N TRP C 105 -20.55 20.35 -1.77
CA TRP C 105 -21.90 20.75 -2.14
C TRP C 105 -22.64 21.36 -0.95
N GLY A 1 -0.95 -19.20 9.71
CA GLY A 1 -1.23 -20.29 8.74
C GLY A 1 -1.19 -21.66 9.36
N ASP A 2 -1.91 -21.84 10.47
CA ASP A 2 -1.96 -23.12 11.16
C ASP A 2 -0.61 -23.42 11.83
N GLN A 3 -0.64 -23.65 13.14
CA GLN A 3 0.56 -23.95 13.90
C GLN A 3 0.39 -25.23 14.70
N ALA A 4 0.10 -26.34 14.00
CA ALA A 4 -0.08 -27.62 14.66
C ALA A 4 0.84 -28.68 14.05
N SER A 5 0.70 -28.89 12.74
CA SER A 5 1.51 -29.87 12.03
C SER A 5 2.39 -29.20 10.99
N TRP A 6 3.68 -29.06 11.29
CA TRP A 6 4.61 -28.43 10.37
C TRP A 6 6.02 -28.98 10.58
N SER A 7 6.53 -29.68 9.56
CA SER A 7 7.88 -30.25 9.63
C SER A 7 7.96 -31.24 10.78
N HIS A 8 7.29 -32.37 10.63
CA HIS A 8 7.27 -33.40 11.67
C HIS A 8 8.06 -34.65 11.25
N PRO A 9 7.72 -35.25 10.10
CA PRO A 9 8.42 -36.44 9.60
C PRO A 9 9.82 -36.11 9.09
N GLN A 10 10.77 -37.02 9.31
CA GLN A 10 12.14 -36.82 8.87
C GLN A 10 12.23 -36.75 7.36
N PHE A 11 11.62 -37.73 6.69
CA PHE A 11 11.61 -37.80 5.24
C PHE A 11 10.48 -36.91 4.70
N GLU A 12 10.87 -35.74 4.17
CA GLU A 12 9.91 -34.77 3.64
C GLU A 12 10.61 -33.83 2.67
N LYS A 13 10.31 -33.98 1.38
CA LYS A 13 10.92 -33.15 0.34
C LYS A 13 9.85 -32.44 -0.51
N GLY A 14 9.16 -33.21 -1.33
CA GLY A 14 8.13 -32.65 -2.19
C GLY A 14 6.96 -32.12 -1.39
N ALA A 15 6.51 -32.89 -0.41
CA ALA A 15 5.39 -32.51 0.44
C ALA A 15 5.71 -31.24 1.22
N HIS A 16 6.83 -31.27 1.95
CA HIS A 16 7.25 -30.13 2.74
C HIS A 16 7.44 -28.88 1.87
N LYS A 17 8.06 -29.08 0.71
CA LYS A 17 8.29 -27.98 -0.22
C LYS A 17 6.97 -27.35 -0.66
N PHE A 18 5.97 -28.18 -0.88
CA PHE A 18 4.65 -27.70 -1.31
C PHE A 18 4.03 -26.80 -0.25
N ARG A 19 4.30 -27.11 1.01
CA ARG A 19 3.76 -26.33 2.12
C ARG A 19 4.51 -25.00 2.27
N GLN A 20 5.82 -25.05 2.06
CA GLN A 20 6.66 -23.85 2.17
C GLN A 20 6.32 -22.84 1.07
N LEU A 21 5.91 -23.35 -0.08
CA LEU A 21 5.56 -22.50 -1.21
C LEU A 21 4.32 -21.67 -0.89
N ASP A 22 3.24 -22.34 -0.52
CA ASP A 22 1.99 -21.67 -0.19
C ASP A 22 2.12 -20.88 1.11
N ASN A 23 3.07 -21.29 1.96
CA ASN A 23 3.30 -20.64 3.23
C ASN A 23 3.85 -19.22 3.03
N ARG A 24 4.73 -19.08 2.04
CA ARG A 24 5.35 -17.79 1.73
C ARG A 24 4.33 -16.85 1.09
N LEU A 25 3.62 -17.37 0.08
CA LEU A 25 2.61 -16.57 -0.61
C LEU A 25 1.58 -16.04 0.36
N ASP A 26 1.01 -16.93 1.17
CA ASP A 26 0.01 -16.54 2.16
C ASP A 26 0.61 -15.61 3.20
N LYS A 27 1.92 -15.76 3.44
CA LYS A 27 2.60 -14.94 4.43
C LYS A 27 2.75 -13.49 3.94
N LEU A 28 2.98 -13.33 2.64
CA LEU A 28 3.13 -12.00 2.06
C LEU A 28 1.75 -11.39 1.84
N ASP A 29 0.77 -12.24 1.53
CA ASP A 29 -0.60 -11.80 1.31
C ASP A 29 -1.22 -11.23 2.58
N THR A 30 -0.98 -11.90 3.71
CA THR A 30 -1.50 -11.46 4.99
C THR A 30 -0.72 -10.27 5.52
N ARG A 31 0.61 -10.31 5.36
CA ARG A 31 1.49 -9.24 5.82
C ARG A 31 1.16 -7.92 5.12
N VAL A 32 0.90 -7.99 3.82
CA VAL A 32 0.57 -6.81 3.03
C VAL A 32 -0.83 -6.29 3.34
N ASP A 33 -1.70 -7.22 3.73
CA ASP A 33 -3.09 -6.87 4.06
C ASP A 33 -3.14 -5.93 5.26
N LYS A 34 -2.48 -6.33 6.35
CA LYS A 34 -2.46 -5.54 7.57
C LYS A 34 -1.60 -4.28 7.38
N GLY A 35 -0.49 -4.42 6.67
CA GLY A 35 0.39 -3.29 6.44
C GLY A 35 -0.29 -2.19 5.66
N LEU A 36 -1.00 -2.56 4.60
CA LEU A 36 -1.71 -1.60 3.76
C LEU A 36 -2.85 -0.94 4.53
N ALA A 37 -3.47 -1.70 5.43
CA ALA A 37 -4.57 -1.20 6.25
C ALA A 37 -4.14 -0.04 7.13
N SER A 38 -2.96 -0.19 7.73
CA SER A 38 -2.42 0.86 8.61
C SER A 38 -1.87 2.03 7.79
N SER A 39 -1.21 1.71 6.69
CA SER A 39 -0.63 2.73 5.82
C SER A 39 -1.71 3.69 5.33
N ALA A 40 -2.68 3.15 4.59
CA ALA A 40 -3.78 3.94 4.05
C ALA A 40 -4.48 4.71 5.18
N ALA A 41 -4.47 4.14 6.38
CA ALA A 41 -5.11 4.77 7.52
C ALA A 41 -4.39 6.07 7.90
N LEU A 42 -3.06 6.00 7.99
CA LEU A 42 -2.27 7.18 8.33
C LEU A 42 -2.37 8.21 7.22
N ASN A 43 -2.50 7.75 5.97
CA ASN A 43 -2.57 8.67 4.84
C ASN A 43 -3.96 9.27 4.66
N SER A 44 -4.93 8.69 5.37
CA SER A 44 -6.31 9.17 5.35
C SER A 44 -6.50 10.52 6.05
N LEU A 45 -5.48 10.91 6.80
CA LEU A 45 -5.48 12.20 7.49
C LEU A 45 -5.18 13.30 6.48
N PHE A 46 -5.58 14.53 6.78
CA PHE A 46 -5.33 15.62 5.86
C PHE A 46 -5.09 16.93 6.59
N GLN A 47 -5.65 17.02 7.80
CA GLN A 47 -5.51 18.21 8.64
C GLN A 47 -6.30 19.37 8.04
N PRO A 48 -7.41 19.78 8.70
CA PRO A 48 -8.26 20.87 8.22
C PRO A 48 -7.81 22.23 8.75
N TYR A 49 -7.80 23.23 7.87
CA TYR A 49 -7.40 24.58 8.26
C TYR A 49 -5.93 24.61 8.66
N GLY A 50 -5.30 25.77 8.50
CA GLY A 50 -3.90 25.92 8.85
C GLY A 50 -3.43 27.35 8.71
N VAL A 51 -3.82 28.20 9.67
CA VAL A 51 -3.45 29.61 9.70
C VAL A 51 -2.21 29.88 10.56
N GLY A 52 -1.97 29.00 11.53
CA GLY A 52 -0.82 29.16 12.41
C GLY A 52 -1.03 28.46 13.74
N LYS A 53 -1.47 27.21 13.69
CA LYS A 53 -1.70 26.42 14.89
C LYS A 53 -1.31 24.96 14.66
N VAL A 54 -1.51 24.12 15.67
CA VAL A 54 -1.17 22.71 15.57
C VAL A 54 -2.42 21.84 15.44
N ASN A 55 -2.31 20.76 14.67
CA ASN A 55 -3.43 19.83 14.46
C ASN A 55 -2.98 18.37 14.58
N PHE A 56 -3.63 17.65 15.49
CA PHE A 56 -3.32 16.23 15.73
C PHE A 56 -4.10 15.34 14.76
N THR A 57 -3.39 14.38 14.16
CA THR A 57 -4.01 13.45 13.23
C THR A 57 -4.00 12.03 13.78
N ALA A 58 -5.18 11.42 13.84
CA ALA A 58 -5.33 10.06 14.36
C ALA A 58 -6.49 9.33 13.67
N GLY A 59 -6.29 8.05 13.38
CA GLY A 59 -7.33 7.27 12.73
C GLY A 59 -6.92 5.83 12.53
N VAL A 60 -7.88 4.98 12.18
CA VAL A 60 -7.63 3.56 11.96
C VAL A 60 -8.00 3.15 10.54
N GLY A 61 -7.46 2.01 10.10
CA GLY A 61 -7.75 1.51 8.76
C GLY A 61 -7.95 0.01 8.73
N GLY A 62 -8.27 -0.51 7.55
CA GLY A 62 -8.49 -1.94 7.42
C GLY A 62 -8.42 -2.40 5.97
N TYR A 63 -8.14 -3.69 5.78
CA TYR A 63 -8.03 -4.26 4.44
C TYR A 63 -8.59 -5.68 4.42
N ARG A 64 -9.50 -5.94 3.48
CA ARG A 64 -10.11 -7.26 3.36
C ARG A 64 -10.95 -7.59 4.58
N SER A 65 -10.34 -8.23 5.57
CA SER A 65 -11.03 -8.60 6.81
C SER A 65 -10.18 -8.28 8.03
N SER A 66 -9.04 -7.62 7.81
CA SER A 66 -8.13 -7.25 8.89
C SER A 66 -8.23 -5.76 9.19
N GLN A 67 -7.64 -5.35 10.31
CA GLN A 67 -7.66 -3.94 10.72
C GLN A 67 -6.25 -3.43 10.98
N ALA A 68 -6.14 -2.15 11.35
CA ALA A 68 -4.86 -1.53 11.62
C ALA A 68 -5.01 -0.20 12.37
N LEU A 69 -4.02 0.13 13.18
CA LEU A 69 -4.03 1.38 13.96
C LEU A 69 -2.90 2.30 13.53
N ALA A 70 -3.23 3.55 13.21
CA ALA A 70 -2.23 4.52 12.78
C ALA A 70 -2.38 5.85 13.51
N ILE A 71 -1.26 6.42 13.95
CA ILE A 71 -1.28 7.70 14.66
C ILE A 71 -0.23 8.65 14.11
N GLY A 72 -0.53 9.94 14.12
CA GLY A 72 0.39 10.94 13.62
C GLY A 72 0.03 12.35 14.07
N SER A 73 0.83 13.32 13.64
CA SER A 73 0.60 14.71 14.00
C SER A 73 1.18 15.65 12.96
N GLY A 74 0.59 16.83 12.84
CA GLY A 74 1.06 17.81 11.88
C GLY A 74 0.88 19.24 12.38
N TYR A 75 1.66 20.16 11.84
CA TYR A 75 1.59 21.56 12.24
C TYR A 75 1.56 22.48 11.02
N ARG A 76 0.50 23.28 10.93
CA ARG A 76 0.35 24.21 9.81
C ARG A 76 0.48 25.65 10.29
N VAL A 77 1.65 26.25 10.05
CA VAL A 77 1.93 27.63 10.45
C VAL A 77 1.86 28.58 9.25
N ASN A 78 1.22 29.72 9.45
CA ASN A 78 1.08 30.72 8.38
C ASN A 78 0.27 30.16 7.22
N GLU A 79 0.24 30.92 6.12
CA GLU A 79 -0.50 30.52 4.93
C GLU A 79 0.42 30.50 3.72
N SER A 80 1.44 29.66 3.77
CA SER A 80 2.39 29.55 2.65
C SER A 80 3.14 28.22 2.71
N VAL A 81 3.60 27.86 3.91
CA VAL A 81 4.33 26.62 4.10
C VAL A 81 3.63 25.74 5.14
N ALA A 82 3.62 24.43 4.90
CA ALA A 82 2.98 23.50 5.81
C ALA A 82 3.82 22.24 5.98
N LEU A 83 3.63 21.56 7.12
CA LEU A 83 4.36 20.34 7.42
C LEU A 83 3.45 19.31 8.06
N LYS A 84 3.53 18.07 7.60
CA LYS A 84 2.70 16.98 8.13
C LYS A 84 3.51 15.69 8.25
N ALA A 85 3.31 14.98 9.37
CA ALA A 85 4.02 13.73 9.61
C ALA A 85 3.15 12.75 10.40
N GLY A 86 3.59 11.50 10.48
CA GLY A 86 2.84 10.49 11.21
C GLY A 86 3.39 9.09 10.99
N VAL A 87 3.00 8.16 11.86
CA VAL A 87 3.45 6.78 11.76
C VAL A 87 2.27 5.81 11.81
N ALA A 88 2.39 4.71 11.06
CA ALA A 88 1.33 3.71 11.01
C ALA A 88 1.78 2.38 11.62
N TYR A 89 0.89 1.72 12.36
CA TYR A 89 1.19 0.45 13.00
C TYR A 89 0.26 -0.65 12.50
N ALA A 90 0.85 -1.79 12.12
CA ALA A 90 0.10 -2.93 11.63
C ALA A 90 0.66 -4.25 12.15
N GLY A 91 -0.23 -5.20 12.40
CA GLY A 91 0.18 -6.50 12.91
C GLY A 91 1.05 -6.38 14.15
N SER A 92 2.36 -6.42 13.95
CA SER A 92 3.30 -6.32 15.07
C SER A 92 4.65 -5.79 14.60
N SER A 93 5.01 -6.11 13.35
CA SER A 93 6.28 -5.68 12.76
C SER A 93 6.06 -4.85 11.50
N ASP A 94 4.83 -4.36 11.34
CA ASP A 94 4.48 -3.55 10.19
C ASP A 94 4.38 -2.08 10.56
N VAL A 95 5.53 -1.44 10.79
CA VAL A 95 5.56 -0.04 11.15
C VAL A 95 6.24 0.79 10.06
N MET A 96 5.61 1.89 9.68
CA MET A 96 6.13 2.77 8.65
C MET A 96 5.98 4.23 9.06
N TYR A 97 6.99 5.04 8.73
CA TYR A 97 6.98 6.46 9.07
C TYR A 97 7.06 7.34 7.82
N ASN A 98 6.13 8.30 7.71
CA ASN A 98 6.11 9.19 6.56
C ASN A 98 6.13 10.65 6.99
N ALA A 99 6.72 11.50 6.15
CA ALA A 99 6.81 12.93 6.43
C ALA A 99 6.78 13.73 5.13
N SER A 100 5.73 14.53 4.94
CA SER A 100 5.59 15.35 3.74
C SER A 100 5.26 16.80 4.07
N PHE A 101 5.48 17.70 3.13
CA PHE A 101 5.21 19.12 3.35
C PHE A 101 4.46 19.73 2.17
N ASN A 102 3.53 20.64 2.47
CA ASN A 102 2.74 21.30 1.44
C ASN A 102 3.11 22.78 1.36
N ILE A 103 3.42 23.26 0.15
CA ILE A 103 3.78 24.66 -0.05
C ILE A 103 2.99 25.26 -1.19
N GLU A 104 2.41 26.44 -0.94
CA GLU A 104 1.62 27.12 -1.96
C GLU A 104 2.31 28.40 -2.41
N TRP A 105 2.01 28.85 -3.63
CA TRP A 105 2.61 30.08 -4.16
C TRP A 105 1.60 30.83 -5.02
N GLY B 1 -1.53 -14.94 -15.25
CA GLY B 1 -0.22 -15.57 -15.56
C GLY B 1 -0.34 -16.73 -16.54
N ASP B 2 -1.03 -16.48 -17.66
CA ASP B 2 -1.22 -17.51 -18.68
C ASP B 2 -2.15 -18.62 -18.18
N GLN B 3 -3.23 -18.85 -18.92
CA GLN B 3 -4.20 -19.87 -18.55
C GLN B 3 -4.45 -20.83 -19.72
N ALA B 4 -3.37 -21.48 -20.18
CA ALA B 4 -3.47 -22.42 -21.28
C ALA B 4 -2.90 -23.78 -20.89
N SER B 5 -1.63 -23.79 -20.50
CA SER B 5 -0.94 -25.01 -20.10
C SER B 5 -0.53 -24.95 -18.64
N TRP B 6 -1.27 -25.65 -17.79
CA TRP B 6 -0.97 -25.67 -16.35
C TRP B 6 -1.44 -26.98 -15.73
N SER B 7 -0.48 -27.78 -15.25
CA SER B 7 -0.80 -29.05 -14.62
C SER B 7 -1.53 -29.96 -15.60
N HIS B 8 -0.81 -30.43 -16.61
CA HIS B 8 -1.39 -31.30 -17.63
C HIS B 8 -0.89 -32.74 -17.53
N PRO B 9 0.45 -32.94 -17.55
CA PRO B 9 1.05 -34.27 -17.44
C PRO B 9 0.93 -34.84 -16.03
N GLN B 10 0.71 -36.15 -15.93
CA GLN B 10 0.58 -36.80 -14.63
C GLN B 10 1.87 -36.72 -13.83
N PHE B 11 2.98 -37.08 -14.48
CA PHE B 11 4.29 -37.03 -13.86
C PHE B 11 4.86 -35.62 -13.95
N GLU B 12 4.82 -34.90 -12.83
CA GLU B 12 5.29 -33.52 -12.77
C GLU B 12 5.62 -33.13 -11.33
N LYS B 13 6.91 -32.99 -11.03
CA LYS B 13 7.36 -32.64 -9.68
C LYS B 13 8.23 -31.39 -9.69
N GLY B 14 9.45 -31.51 -10.21
CA GLY B 14 10.36 -30.39 -10.27
C GLY B 14 9.88 -29.30 -11.20
N ALA B 15 9.41 -29.71 -12.38
CA ALA B 15 8.89 -28.77 -13.36
C ALA B 15 7.69 -28.01 -12.83
N HIS B 16 6.68 -28.76 -12.39
CA HIS B 16 5.47 -28.17 -11.85
C HIS B 16 5.77 -27.24 -10.66
N LYS B 17 6.67 -27.70 -9.78
CA LYS B 17 7.05 -26.93 -8.61
C LYS B 17 7.68 -25.59 -9.03
N PHE B 18 8.48 -25.63 -10.10
CA PHE B 18 9.14 -24.42 -10.59
C PHE B 18 8.12 -23.39 -11.07
N ARG B 19 7.01 -23.87 -11.60
CA ARG B 19 5.95 -22.99 -12.10
C ARG B 19 5.14 -22.41 -10.94
N GLN B 20 4.91 -23.23 -9.91
CA GLN B 20 4.14 -22.81 -8.75
C GLN B 20 4.90 -21.74 -7.95
N LEU B 21 6.23 -21.82 -7.99
CA LEU B 21 7.07 -20.87 -7.28
C LEU B 21 6.92 -19.47 -7.87
N ASP B 22 7.17 -19.37 -9.18
CA ASP B 22 7.08 -18.08 -9.87
C ASP B 22 5.62 -17.63 -9.96
N ASN B 23 4.70 -18.59 -9.89
CA ASN B 23 3.27 -18.28 -9.96
C ASN B 23 2.82 -17.49 -8.73
N ARG B 24 3.36 -17.86 -7.57
CA ARG B 24 3.00 -17.20 -6.32
C ARG B 24 3.61 -15.80 -6.27
N LEU B 25 4.90 -15.70 -6.59
CA LEU B 25 5.60 -14.42 -6.58
C LEU B 25 4.90 -13.43 -7.49
N ASP B 26 4.66 -13.84 -8.73
CA ASP B 26 3.99 -12.97 -9.70
C ASP B 26 2.56 -12.68 -9.27
N LYS B 27 1.97 -13.60 -8.51
CA LYS B 27 0.60 -13.43 -8.04
C LYS B 27 0.52 -12.34 -6.96
N LEU B 28 1.53 -12.29 -6.11
CA LEU B 28 1.57 -11.29 -5.05
C LEU B 28 2.03 -9.95 -5.63
N ASP B 29 2.91 -10.01 -6.62
CA ASP B 29 3.42 -8.81 -7.29
C ASP B 29 2.31 -8.05 -8.03
N THR B 30 1.44 -8.80 -8.71
CA THR B 30 0.34 -8.21 -9.44
C THR B 30 -0.78 -7.78 -8.49
N ARG B 31 -1.06 -8.62 -7.49
CA ARG B 31 -2.11 -8.33 -6.52
C ARG B 31 -1.81 -7.04 -5.74
N VAL B 32 -0.55 -6.86 -5.37
CA VAL B 32 -0.11 -5.69 -4.62
C VAL B 32 -0.09 -4.44 -5.51
N ASP B 33 0.15 -4.66 -6.81
CA ASP B 33 0.21 -3.56 -7.76
C ASP B 33 -1.14 -2.86 -7.86
N LYS B 34 -2.20 -3.64 -8.09
CA LYS B 34 -3.55 -3.11 -8.22
C LYS B 34 -4.06 -2.63 -6.87
N GLY B 35 -3.76 -3.37 -5.82
CA GLY B 35 -4.21 -3.01 -4.49
C GLY B 35 -3.65 -1.67 -4.04
N LEU B 36 -2.36 -1.46 -4.27
CA LEU B 36 -1.69 -0.23 -3.89
C LEU B 36 -2.21 0.95 -4.72
N ALA B 37 -2.56 0.67 -5.97
CA ALA B 37 -3.07 1.69 -6.89
C ALA B 37 -4.39 2.29 -6.36
N SER B 38 -5.26 1.42 -5.87
CA SER B 38 -6.55 1.85 -5.34
C SER B 38 -6.38 2.50 -3.97
N SER B 39 -5.52 1.90 -3.14
CA SER B 39 -5.27 2.42 -1.80
C SER B 39 -4.78 3.86 -1.85
N ALA B 40 -3.64 4.07 -2.48
CA ALA B 40 -3.06 5.40 -2.62
C ALA B 40 -4.07 6.36 -3.23
N ALA B 41 -4.96 5.83 -4.08
CA ALA B 41 -5.96 6.65 -4.73
C ALA B 41 -6.95 7.21 -3.72
N LEU B 42 -7.45 6.35 -2.84
CA LEU B 42 -8.39 6.78 -1.81
C LEU B 42 -7.71 7.72 -0.83
N ASN B 43 -6.42 7.51 -0.59
CA ASN B 43 -5.68 8.34 0.35
C ASN B 43 -5.26 9.69 -0.25
N SER B 44 -5.38 9.77 -1.58
CA SER B 44 -5.07 10.99 -2.32
C SER B 44 -6.05 12.13 -2.06
N LEU B 45 -7.18 11.78 -1.47
CA LEU B 45 -8.21 12.75 -1.12
C LEU B 45 -7.77 13.50 0.14
N PHE B 46 -8.29 14.70 0.35
CA PHE B 46 -7.92 15.46 1.52
C PHE B 46 -9.08 16.30 2.04
N GLN B 47 -9.98 16.65 1.14
CA GLN B 47 -11.16 17.44 1.47
C GLN B 47 -10.75 18.89 1.78
N PRO B 48 -11.10 19.84 0.90
CA PRO B 48 -10.74 21.25 1.09
C PRO B 48 -11.81 22.01 1.86
N TYR B 49 -11.35 22.86 2.79
CA TYR B 49 -12.26 23.64 3.61
C TYR B 49 -13.12 22.76 4.49
N GLY B 50 -13.55 23.30 5.62
CA GLY B 50 -14.38 22.54 6.55
C GLY B 50 -14.88 23.39 7.70
N VAL B 51 -15.87 24.24 7.42
CA VAL B 51 -16.47 25.13 8.41
C VAL B 51 -17.73 24.54 9.04
N GLY B 52 -18.39 23.63 8.32
CA GLY B 52 -19.60 23.00 8.82
C GLY B 52 -20.49 22.49 7.70
N LYS B 53 -19.88 21.78 6.75
CA LYS B 53 -20.62 21.22 5.62
C LYS B 53 -20.06 19.85 5.25
N VAL B 54 -20.64 19.25 4.21
CA VAL B 54 -20.19 17.93 3.75
C VAL B 54 -19.38 18.02 2.46
N ASN B 55 -18.39 17.14 2.33
CA ASN B 55 -17.53 17.10 1.16
C ASN B 55 -17.31 15.67 0.65
N PHE B 56 -17.68 15.44 -0.61
CA PHE B 56 -17.54 14.12 -1.24
C PHE B 56 -16.14 13.94 -1.83
N THR B 57 -15.53 12.80 -1.54
CA THR B 57 -14.19 12.49 -2.04
C THR B 57 -14.23 11.33 -3.03
N ALA B 58 -13.69 11.57 -4.22
CA ALA B 58 -13.66 10.56 -5.28
C ALA B 58 -12.44 10.74 -6.18
N GLY B 59 -11.82 9.62 -6.56
CA GLY B 59 -10.65 9.67 -7.42
C GLY B 59 -10.13 8.29 -7.79
N VAL B 60 -9.24 8.24 -8.77
CA VAL B 60 -8.67 6.97 -9.21
C VAL B 60 -7.15 6.96 -9.05
N GLY B 61 -6.57 5.76 -9.05
CA GLY B 61 -5.14 5.62 -8.89
C GLY B 61 -4.55 4.56 -9.82
N GLY B 62 -3.24 4.41 -9.78
CA GLY B 62 -2.57 3.43 -10.62
C GLY B 62 -1.18 3.11 -10.15
N TYR B 63 -0.68 1.93 -10.52
CA TYR B 63 0.66 1.49 -10.14
C TYR B 63 1.32 0.71 -11.27
N ARG B 64 2.54 1.11 -11.63
CA ARG B 64 3.28 0.46 -12.70
C ARG B 64 2.57 0.64 -14.04
N SER B 65 1.70 -0.30 -14.38
CA SER B 65 0.96 -0.25 -15.63
C SER B 65 -0.52 -0.59 -15.42
N SER B 66 -0.91 -0.75 -14.15
CA SER B 66 -2.29 -1.08 -13.81
C SER B 66 -3.01 0.14 -13.24
N GLN B 67 -4.33 0.05 -13.11
CA GLN B 67 -5.13 1.14 -12.59
C GLN B 67 -6.00 0.68 -11.42
N ALA B 68 -6.77 1.59 -10.84
CA ALA B 68 -7.64 1.28 -9.72
C ALA B 68 -8.68 2.38 -9.49
N LEU B 69 -9.84 1.99 -8.97
CA LEU B 69 -10.92 2.93 -8.68
C LEU B 69 -11.21 2.99 -7.18
N ALA B 70 -11.23 4.20 -6.63
CA ALA B 70 -11.49 4.37 -5.21
C ALA B 70 -12.52 5.47 -4.96
N ILE B 71 -13.47 5.22 -4.05
CA ILE B 71 -14.50 6.20 -3.73
C ILE B 71 -14.67 6.35 -2.23
N GLY B 72 -15.00 7.55 -1.78
CA GLY B 72 -15.18 7.80 -0.36
C GLY B 72 -15.92 9.10 -0.09
N SER B 73 -16.11 9.41 1.19
CA SER B 73 -16.80 10.63 1.58
C SER B 73 -16.39 11.08 2.98
N GLY B 74 -16.46 12.39 3.21
CA GLY B 74 -16.08 12.93 4.51
C GLY B 74 -16.93 14.14 4.89
N TYR B 75 -17.00 14.41 6.18
CA TYR B 75 -17.79 15.54 6.67
C TYR B 75 -17.00 16.36 7.69
N ARG B 76 -16.82 17.65 7.39
CA ARG B 76 -16.08 18.54 8.27
C ARG B 76 -17.02 19.57 8.91
N VAL B 77 -17.38 19.33 10.17
CA VAL B 77 -18.28 20.23 10.90
C VAL B 77 -17.50 21.10 11.89
N ASN B 78 -17.83 22.38 11.95
CA ASN B 78 -17.17 23.31 12.85
C ASN B 78 -15.69 23.44 12.51
N GLU B 79 -14.95 24.12 13.39
CA GLU B 79 -13.52 24.33 13.19
C GLU B 79 -12.73 23.83 14.40
N SER B 80 -12.84 22.53 14.68
CA SER B 80 -12.14 21.94 15.81
C SER B 80 -12.01 20.42 15.63
N VAL B 81 -13.11 19.79 15.23
CA VAL B 81 -13.11 18.35 15.02
C VAL B 81 -13.52 18.02 13.59
N ALA B 82 -12.87 17.01 13.00
CA ALA B 82 -13.18 16.61 11.63
C ALA B 82 -13.20 15.09 11.50
N LEU B 83 -13.92 14.61 10.49
CA LEU B 83 -14.03 13.18 10.25
C LEU B 83 -13.97 12.88 8.75
N LYS B 84 -13.18 11.87 8.37
CA LYS B 84 -13.03 11.49 6.97
C LYS B 84 -13.00 9.97 6.82
N ALA B 85 -13.68 9.46 5.80
CA ALA B 85 -13.73 8.03 5.54
C ALA B 85 -13.83 7.74 4.04
N GLY B 86 -13.63 6.49 3.68
CA GLY B 86 -13.71 6.10 2.28
C GLY B 86 -13.24 4.67 2.04
N VAL B 87 -13.58 4.12 0.88
CA VAL B 87 -13.20 2.76 0.53
C VAL B 87 -12.53 2.71 -0.85
N ALA B 88 -11.56 1.82 -0.99
CA ALA B 88 -10.84 1.68 -2.26
C ALA B 88 -11.11 0.31 -2.90
N TYR B 89 -11.25 0.30 -4.23
CA TYR B 89 -11.51 -0.93 -4.98
C TYR B 89 -10.40 -1.21 -5.99
N ALA B 90 -9.90 -2.44 -5.97
CA ALA B 90 -8.83 -2.85 -6.90
C ALA B 90 -9.05 -4.27 -7.42
N GLY B 91 -8.67 -4.49 -8.67
CA GLY B 91 -8.84 -5.80 -9.27
C GLY B 91 -10.26 -6.31 -9.15
N SER B 92 -10.51 -7.13 -8.14
CA SER B 92 -11.85 -7.69 -7.93
C SER B 92 -12.05 -8.08 -6.47
N SER B 93 -10.96 -8.46 -5.81
CA SER B 93 -10.99 -8.87 -4.40
C SER B 93 -10.08 -8.00 -3.55
N ASP B 94 -9.69 -6.85 -4.10
CA ASP B 94 -8.81 -5.92 -3.40
C ASP B 94 -9.58 -4.73 -2.87
N VAL B 95 -10.37 -4.94 -1.83
CA VAL B 95 -11.15 -3.88 -1.23
C VAL B 95 -10.69 -3.57 0.19
N MET B 96 -10.49 -2.29 0.47
CA MET B 96 -10.03 -1.86 1.79
C MET B 96 -10.82 -0.63 2.26
N TYR B 97 -11.11 -0.60 3.56
CA TYR B 97 -11.88 0.50 4.14
C TYR B 97 -11.08 1.24 5.22
N ASN B 98 -10.99 2.55 5.10
CA ASN B 98 -10.24 3.35 6.07
C ASN B 98 -11.11 4.47 6.65
N ALA B 99 -10.83 4.82 7.92
CA ALA B 99 -11.58 5.89 8.61
C ALA B 99 -10.67 6.62 9.59
N SER B 100 -10.41 7.90 9.33
CA SER B 100 -9.56 8.70 10.21
C SER B 100 -10.23 10.03 10.57
N PHE B 101 -9.75 10.67 11.64
CA PHE B 101 -10.32 11.94 12.09
C PHE B 101 -9.22 12.94 12.40
N ASN B 102 -9.47 14.21 12.06
CA ASN B 102 -8.51 15.27 12.32
C ASN B 102 -9.04 16.22 13.40
N ILE B 103 -8.23 16.49 14.42
CA ILE B 103 -8.63 17.38 15.50
C ILE B 103 -7.54 18.41 15.77
N GLU B 104 -7.95 19.68 15.86
CA GLU B 104 -7.01 20.76 16.11
C GLU B 104 -7.26 21.39 17.48
N TRP B 105 -6.22 21.99 18.06
CA TRP B 105 -6.34 22.63 19.37
C TRP B 105 -5.49 23.89 19.43
N GLY C 1 19.41 -9.73 -2.00
CA GLY C 1 19.46 -11.00 -1.23
C GLY C 1 20.75 -11.78 -1.48
N ASP C 2 21.88 -11.11 -1.33
CA ASP C 2 23.19 -11.74 -1.53
C ASP C 2 23.41 -12.08 -3.01
N GLN C 3 24.50 -11.55 -3.57
CA GLN C 3 24.83 -11.79 -4.98
C GLN C 3 26.25 -12.33 -5.12
N ALA C 4 26.50 -13.46 -4.47
CA ALA C 4 27.83 -14.09 -4.52
C ALA C 4 27.73 -15.54 -5.00
N SER C 5 26.96 -16.33 -4.27
CA SER C 5 26.79 -17.75 -4.60
C SER C 5 25.32 -18.04 -4.94
N TRP C 6 25.03 -18.19 -6.23
CA TRP C 6 23.68 -18.47 -6.68
C TRP C 6 23.69 -19.26 -7.98
N SER C 7 23.23 -20.50 -7.93
CA SER C 7 23.18 -21.35 -9.12
C SER C 7 24.58 -21.57 -9.66
N HIS C 8 25.40 -22.32 -8.93
CA HIS C 8 26.77 -22.58 -9.33
C HIS C 8 26.98 -24.03 -9.76
N PRO C 9 26.62 -25.00 -8.90
CA PRO C 9 26.76 -26.43 -9.21
C PRO C 9 25.72 -26.89 -10.24
N GLN C 10 26.13 -27.80 -11.13
CA GLN C 10 25.24 -28.31 -12.16
C GLN C 10 24.07 -29.08 -11.54
N PHE C 11 24.40 -30.00 -10.64
CA PHE C 11 23.40 -30.80 -9.96
C PHE C 11 22.84 -30.04 -8.77
N GLU C 12 21.63 -29.50 -8.94
CA GLU C 12 20.96 -28.71 -7.90
C GLU C 12 19.45 -28.70 -8.13
N LYS C 13 18.72 -29.39 -7.27
CA LYS C 13 17.26 -29.47 -7.38
C LYS C 13 16.57 -29.01 -6.10
N GLY C 14 16.68 -29.83 -5.04
CA GLY C 14 16.05 -29.49 -3.78
C GLY C 14 16.69 -28.27 -3.13
N ALA C 15 18.02 -28.24 -3.15
CA ALA C 15 18.77 -27.12 -2.57
C ALA C 15 18.45 -25.83 -3.29
N HIS C 16 18.63 -25.83 -4.60
CA HIS C 16 18.36 -24.64 -5.42
C HIS C 16 16.91 -24.18 -5.25
N LYS C 17 15.98 -25.14 -5.26
CA LYS C 17 14.56 -24.83 -5.11
C LYS C 17 14.31 -24.14 -3.77
N PHE C 18 14.98 -24.59 -2.73
CA PHE C 18 14.82 -24.01 -1.39
C PHE C 18 15.24 -22.54 -1.37
N ARG C 19 16.25 -22.21 -2.18
CA ARG C 19 16.75 -20.84 -2.26
C ARG C 19 15.79 -19.96 -3.07
N GLN C 20 15.24 -20.53 -4.13
CA GLN C 20 14.32 -19.79 -4.99
C GLN C 20 13.02 -19.47 -4.27
N LEU C 21 12.63 -20.34 -3.34
CA LEU C 21 11.42 -20.14 -2.55
C LEU C 21 11.55 -18.91 -1.65
N ASP C 22 12.59 -18.90 -0.82
CA ASP C 22 12.82 -17.79 0.09
C ASP C 22 13.23 -16.54 -0.67
N ASN C 23 13.78 -16.73 -1.88
CA ASN C 23 14.21 -15.62 -2.71
C ASN C 23 13.03 -14.79 -3.18
N ARG C 24 11.94 -15.48 -3.53
CA ARG C 24 10.73 -14.82 -4.00
C ARG C 24 10.03 -14.09 -2.86
N LEU C 25 9.85 -14.78 -1.74
CA LEU C 25 9.20 -14.19 -0.57
C LEU C 25 9.92 -12.92 -0.15
N ASP C 26 11.23 -13.02 0.04
CA ASP C 26 12.04 -11.88 0.46
C ASP C 26 12.03 -10.80 -0.62
N LYS C 27 11.86 -11.21 -1.87
CA LYS C 27 11.83 -10.26 -2.97
C LYS C 27 10.55 -9.43 -2.97
N LEU C 28 9.44 -10.06 -2.60
CA LEU C 28 8.17 -9.35 -2.54
C LEU C 28 8.09 -8.53 -1.25
N ASP C 29 8.71 -9.06 -0.19
CA ASP C 29 8.74 -8.38 1.11
C ASP C 29 9.52 -7.07 1.04
N THR C 30 10.65 -7.09 0.34
CA THR C 30 11.47 -5.90 0.20
C THR C 30 10.87 -4.94 -0.82
N ARG C 31 10.34 -5.48 -1.91
CA ARG C 31 9.73 -4.68 -2.96
C ARG C 31 8.53 -3.89 -2.44
N VAL C 32 7.72 -4.55 -1.60
CA VAL C 32 6.54 -3.92 -1.03
C VAL C 32 6.91 -2.90 0.05
N ASP C 33 8.04 -3.14 0.70
CA ASP C 33 8.53 -2.25 1.75
C ASP C 33 8.84 -0.87 1.19
N LYS C 34 9.63 -0.83 0.14
CA LYS C 34 10.02 0.42 -0.50
C LYS C 34 8.85 1.04 -1.23
N GLY C 35 8.06 0.21 -1.90
CA GLY C 35 6.91 0.68 -2.64
C GLY C 35 5.89 1.37 -1.74
N LEU C 36 5.59 0.76 -0.60
CA LEU C 36 4.64 1.31 0.36
C LEU C 36 5.16 2.61 0.97
N ALA C 37 6.49 2.68 1.15
CA ALA C 37 7.13 3.85 1.73
C ALA C 37 6.92 5.08 0.86
N SER C 38 7.04 4.91 -0.45
CA SER C 38 6.87 6.01 -1.40
C SER C 38 5.38 6.32 -1.56
N SER C 39 4.56 5.28 -1.64
CA SER C 39 3.12 5.45 -1.80
C SER C 39 2.54 6.31 -0.67
N ALA C 40 2.65 5.81 0.55
CA ALA C 40 2.15 6.51 1.72
C ALA C 40 2.72 7.92 1.78
N ALA C 41 3.93 8.09 1.25
CA ALA C 41 4.58 9.40 1.25
C ALA C 41 3.82 10.38 0.37
N LEU C 42 3.49 9.95 -0.84
CA LEU C 42 2.75 10.80 -1.77
C LEU C 42 1.35 11.07 -1.23
N ASN C 43 0.77 10.10 -0.52
CA ASN C 43 -0.57 10.26 0.01
C ASN C 43 -0.61 11.09 1.28
N SER C 44 0.58 11.32 1.84
CA SER C 44 0.73 12.13 3.06
C SER C 44 0.46 13.61 2.82
N LEU C 45 0.44 14.00 1.54
CA LEU C 45 0.15 15.37 1.16
C LEU C 45 -1.35 15.61 1.28
N PHE C 46 -1.76 16.87 1.44
CA PHE C 46 -3.17 17.18 1.57
C PHE C 46 -3.52 18.51 0.93
N GLN C 47 -2.53 19.40 0.88
CA GLN C 47 -2.70 20.72 0.29
C GLN C 47 -3.57 21.59 1.20
N PRO C 48 -2.98 22.61 1.85
CA PRO C 48 -3.71 23.49 2.75
C PRO C 48 -4.30 24.70 2.04
N TYR C 49 -5.54 25.03 2.38
CA TYR C 49 -6.23 26.16 1.76
C TYR C 49 -6.44 25.93 0.27
N GLY C 50 -7.47 26.56 -0.28
CA GLY C 50 -7.78 26.41 -1.70
C GLY C 50 -8.91 27.31 -2.14
N VAL C 51 -8.60 28.61 -2.28
CA VAL C 51 -9.57 29.62 -2.70
C VAL C 51 -9.53 29.87 -4.21
N GLY C 52 -8.37 29.61 -4.82
CA GLY C 52 -8.21 29.82 -6.24
C GLY C 52 -6.77 30.03 -6.64
N LYS C 53 -5.90 29.15 -6.15
CA LYS C 53 -4.46 29.24 -6.45
C LYS C 53 -3.87 27.83 -6.59
N VAL C 54 -2.57 27.76 -6.84
CA VAL C 54 -1.89 26.49 -7.01
C VAL C 54 -1.04 26.14 -5.78
N ASN C 55 -0.97 24.84 -5.46
CA ASN C 55 -0.19 24.36 -4.32
C ASN C 55 0.64 23.14 -4.69
N PHE C 56 1.96 23.24 -4.49
CA PHE C 56 2.90 22.16 -4.78
C PHE C 56 3.00 21.20 -3.60
N THR C 57 2.92 19.90 -3.90
CA THR C 57 3.02 18.87 -2.86
C THR C 57 4.29 18.04 -3.04
N ALA C 58 5.09 17.98 -1.97
CA ALA C 58 6.34 17.21 -2.00
C ALA C 58 6.68 16.66 -0.61
N GLY C 59 7.17 15.43 -0.58
CA GLY C 59 7.54 14.80 0.68
C GLY C 59 8.13 13.43 0.51
N VAL C 60 8.73 12.89 1.57
CA VAL C 60 9.34 11.57 1.53
C VAL C 60 8.70 10.62 2.54
N GLY C 61 8.89 9.32 2.33
CA GLY C 61 8.33 8.33 3.22
C GLY C 61 9.29 7.20 3.51
N GLY C 62 8.88 6.27 4.36
CA GLY C 62 9.72 5.13 4.71
C GLY C 62 8.94 3.99 5.33
N TYR C 63 9.49 2.79 5.25
CA TYR C 63 8.85 1.60 5.80
C TYR C 63 9.87 0.65 6.40
N ARG C 64 9.66 0.24 7.65
CA ARG C 64 10.58 -0.66 8.33
C ARG C 64 11.94 -0.01 8.53
N SER C 65 12.84 -0.19 7.56
CA SER C 65 14.19 0.38 7.63
C SER C 65 14.59 1.00 6.30
N SER C 66 13.65 1.03 5.36
CA SER C 66 13.91 1.59 4.03
C SER C 66 13.25 2.97 3.89
N GLN C 67 13.60 3.69 2.82
CA GLN C 67 13.05 5.01 2.58
C GLN C 67 12.45 5.10 1.18
N ALA C 68 11.89 6.27 0.84
CA ALA C 68 11.29 6.49 -0.47
C ALA C 68 11.07 7.97 -0.75
N LEU C 69 11.12 8.34 -2.03
CA LEU C 69 10.93 9.72 -2.44
C LEU C 69 9.67 9.86 -3.31
N ALA C 70 8.79 10.79 -2.94
CA ALA C 70 7.56 11.01 -3.70
C ALA C 70 7.32 12.49 -3.98
N ILE C 71 6.93 12.81 -5.21
CA ILE C 71 6.67 14.20 -5.59
C ILE C 71 5.33 14.32 -6.33
N GLY C 72 4.66 15.45 -6.14
CA GLY C 72 3.37 15.67 -6.79
C GLY C 72 2.96 17.12 -6.77
N SER C 73 1.80 17.41 -7.33
CA SER C 73 1.28 18.78 -7.37
C SER C 73 -0.24 18.80 -7.47
N GLY C 74 -0.85 19.85 -6.96
CA GLY C 74 -2.30 19.98 -7.00
C GLY C 74 -2.74 21.42 -7.15
N TYR C 75 -3.95 21.62 -7.66
CA TYR C 75 -4.50 22.96 -7.86
C TYR C 75 -5.92 23.06 -7.32
N ARG C 76 -6.13 23.98 -6.38
CA ARG C 76 -7.45 24.18 -5.80
C ARG C 76 -8.04 25.53 -6.23
N VAL C 77 -8.96 25.49 -7.19
CA VAL C 77 -9.60 26.70 -7.70
C VAL C 77 -11.01 26.85 -7.14
N ASN C 78 -11.36 28.07 -6.73
CA ASN C 78 -12.69 28.34 -6.19
C ASN C 78 -12.93 27.55 -4.90
N GLU C 79 -14.16 27.59 -4.41
CA GLU C 79 -14.53 26.89 -3.19
C GLU C 79 -15.70 25.94 -3.44
N SER C 80 -15.49 24.98 -4.32
CA SER C 80 -16.53 24.00 -4.64
C SER C 80 -15.94 22.74 -5.26
N VAL C 81 -15.00 22.93 -6.19
CA VAL C 81 -14.35 21.81 -6.85
C VAL C 81 -12.84 21.89 -6.66
N ALA C 82 -12.21 20.73 -6.46
CA ALA C 82 -10.76 20.69 -6.26
C ALA C 82 -10.15 19.51 -7.00
N LEU C 83 -8.85 19.63 -7.31
CA LEU C 83 -8.14 18.57 -8.02
C LEU C 83 -6.73 18.40 -7.44
N LYS C 84 -6.34 17.14 -7.23
CA LYS C 84 -5.02 16.83 -6.68
C LYS C 84 -4.41 15.61 -7.38
N ALA C 85 -3.11 15.70 -7.67
CA ALA C 85 -2.41 14.61 -8.33
C ALA C 85 -0.95 14.53 -7.87
N GLY C 86 -0.29 13.44 -8.21
CA GLY C 86 1.10 13.26 -7.82
C GLY C 86 1.63 11.87 -8.13
N VAL C 87 2.94 11.72 -8.12
CA VAL C 87 3.57 10.43 -8.40
C VAL C 87 4.58 10.06 -7.32
N ALA C 88 4.68 8.78 -7.01
CA ALA C 88 5.61 8.30 -6.00
C ALA C 88 6.71 7.42 -6.60
N TYR C 89 7.93 7.57 -6.09
CA TYR C 89 9.08 6.82 -6.58
C TYR C 89 9.70 5.98 -5.46
N ALA C 90 9.92 4.70 -5.75
CA ALA C 90 10.51 3.77 -4.78
C ALA C 90 11.51 2.82 -5.44
N GLY C 91 12.57 2.49 -4.70
CA GLY C 91 13.58 1.60 -5.23
C GLY C 91 14.11 2.06 -6.57
N SER C 92 13.56 1.49 -7.65
CA SER C 92 14.00 1.85 -9.00
C SER C 92 12.89 1.59 -10.02
N SER C 93 12.06 0.58 -9.74
CA SER C 93 10.97 0.19 -10.61
C SER C 93 9.63 0.28 -9.89
N ASP C 94 9.61 0.97 -8.76
CA ASP C 94 8.40 1.12 -7.96
C ASP C 94 7.81 2.51 -8.14
N VAL C 95 7.20 2.76 -9.30
CA VAL C 95 6.59 4.05 -9.58
C VAL C 95 5.09 3.91 -9.73
N MET C 96 4.34 4.79 -9.06
CA MET C 96 2.89 4.77 -9.11
C MET C 96 2.34 6.19 -9.26
N TYR C 97 1.28 6.33 -10.04
CA TYR C 97 0.66 7.63 -10.27
C TYR C 97 -0.80 7.64 -9.82
N ASN C 98 -1.15 8.65 -9.01
CA ASN C 98 -2.52 8.76 -8.50
C ASN C 98 -3.12 10.14 -8.81
N ALA C 99 -4.43 10.18 -9.00
CA ALA C 99 -5.14 11.42 -9.31
C ALA C 99 -6.56 11.39 -8.73
N SER C 100 -6.82 12.25 -7.76
CA SER C 100 -8.13 12.32 -7.13
C SER C 100 -8.67 13.75 -7.07
N PHE C 101 -9.98 13.90 -6.89
CA PHE C 101 -10.60 15.22 -6.84
C PHE C 101 -11.57 15.33 -5.67
N ASN C 102 -11.60 16.50 -5.05
CA ASN C 102 -12.49 16.74 -3.91
C ASN C 102 -13.58 17.74 -4.29
N ILE C 103 -14.83 17.39 -4.03
CA ILE C 103 -15.95 18.28 -4.35
C ILE C 103 -16.88 18.42 -3.15
N GLU C 104 -17.23 19.66 -2.82
CA GLU C 104 -18.12 19.92 -1.70
C GLU C 104 -19.46 20.49 -2.18
N TRP C 105 -20.50 20.30 -1.39
CA TRP C 105 -21.82 20.80 -1.74
C TRP C 105 -22.58 21.27 -0.50
N GLY A 1 0.02 -18.72 10.31
CA GLY A 1 -0.42 -19.74 9.32
C GLY A 1 -0.43 -21.14 9.88
N ASP A 2 -1.07 -21.32 11.04
CA ASP A 2 -1.14 -22.62 11.69
C ASP A 2 0.23 -23.06 12.18
N GLN A 3 0.32 -23.35 13.48
CA GLN A 3 1.58 -23.79 14.09
C GLN A 3 1.37 -25.06 14.90
N ALA A 4 0.70 -26.04 14.30
CA ALA A 4 0.43 -27.30 14.96
C ALA A 4 1.11 -28.46 14.23
N SER A 5 0.82 -28.57 12.93
CA SER A 5 1.38 -29.63 12.11
C SER A 5 2.31 -29.05 11.04
N TRP A 6 3.61 -29.22 11.25
CA TRP A 6 4.59 -28.71 10.30
C TRP A 6 5.89 -29.53 10.37
N SER A 7 6.18 -30.25 9.30
CA SER A 7 7.39 -31.06 9.24
C SER A 7 7.35 -32.13 10.33
N HIS A 8 6.59 -33.20 10.10
CA HIS A 8 6.45 -34.27 11.07
C HIS A 8 7.19 -35.54 10.62
N PRO A 9 6.97 -35.99 9.36
CA PRO A 9 7.64 -37.18 8.83
C PRO A 9 9.12 -36.94 8.56
N GLN A 10 9.93 -37.98 8.74
CA GLN A 10 11.37 -37.87 8.51
C GLN A 10 11.68 -37.57 7.05
N PHE A 11 11.13 -38.40 6.16
CA PHE A 11 11.32 -38.24 4.72
C PHE A 11 10.23 -37.34 4.16
N GLU A 12 10.63 -36.14 3.72
CA GLU A 12 9.71 -35.15 3.17
C GLU A 12 10.45 -34.16 2.28
N LYS A 13 10.14 -34.20 0.99
CA LYS A 13 10.79 -33.30 0.02
C LYS A 13 9.76 -32.49 -0.78
N GLY A 14 9.03 -33.17 -1.66
CA GLY A 14 8.03 -32.50 -2.47
C GLY A 14 6.85 -32.02 -1.65
N ALA A 15 6.36 -32.90 -0.77
CA ALA A 15 5.23 -32.57 0.10
C ALA A 15 5.53 -31.34 0.94
N HIS A 16 6.63 -31.39 1.68
CA HIS A 16 7.04 -30.29 2.54
C HIS A 16 7.21 -29.00 1.73
N LYS A 17 7.92 -29.10 0.61
CA LYS A 17 8.16 -27.95 -0.25
C LYS A 17 6.84 -27.27 -0.62
N PHE A 18 5.82 -28.06 -0.90
CA PHE A 18 4.51 -27.54 -1.27
C PHE A 18 3.92 -26.69 -0.14
N ARG A 19 4.27 -27.03 1.10
CA ARG A 19 3.79 -26.30 2.26
C ARG A 19 4.53 -24.98 2.42
N GLN A 20 5.82 -24.99 2.12
CA GLN A 20 6.65 -23.79 2.23
C GLN A 20 6.23 -22.74 1.20
N LEU A 21 5.78 -23.20 0.05
CA LEU A 21 5.35 -22.30 -1.02
C LEU A 21 4.07 -21.58 -0.62
N ASP A 22 3.04 -22.36 -0.29
CA ASP A 22 1.75 -21.80 0.11
C ASP A 22 1.86 -21.04 1.42
N ASN A 23 2.86 -21.40 2.24
CA ASN A 23 3.09 -20.76 3.52
C ASN A 23 3.64 -19.35 3.34
N ARG A 24 4.58 -19.21 2.40
CA ARG A 24 5.21 -17.93 2.13
C ARG A 24 4.22 -16.98 1.46
N LEU A 25 3.49 -17.49 0.48
CA LEU A 25 2.50 -16.69 -0.23
C LEU A 25 1.49 -16.09 0.75
N ASP A 26 0.95 -16.94 1.62
CA ASP A 26 -0.03 -16.50 2.62
C ASP A 26 0.61 -15.51 3.60
N LYS A 27 1.90 -15.70 3.87
CA LYS A 27 2.60 -14.83 4.80
C LYS A 27 2.79 -13.42 4.20
N LEU A 28 2.95 -13.36 2.89
CA LEU A 28 3.12 -12.07 2.21
C LEU A 28 1.76 -11.43 2.00
N ASP A 29 0.74 -12.26 1.80
CA ASP A 29 -0.63 -11.78 1.60
C ASP A 29 -1.20 -11.14 2.85
N THR A 30 -0.89 -11.72 4.00
CA THR A 30 -1.36 -11.20 5.28
C THR A 30 -0.55 -9.99 5.70
N ARG A 31 0.76 -10.05 5.46
CA ARG A 31 1.66 -8.95 5.82
C ARG A 31 1.26 -7.66 5.12
N VAL A 32 0.91 -7.76 3.85
CA VAL A 32 0.50 -6.60 3.05
C VAL A 32 -0.93 -6.18 3.38
N ASP A 33 -1.72 -7.13 3.88
CA ASP A 33 -3.11 -6.87 4.23
C ASP A 33 -3.20 -5.92 5.42
N LYS A 34 -2.48 -6.25 6.49
CA LYS A 34 -2.48 -5.44 7.69
C LYS A 34 -1.62 -4.19 7.51
N GLY A 35 -0.48 -4.36 6.85
CA GLY A 35 0.42 -3.23 6.63
C GLY A 35 -0.24 -2.14 5.81
N LEU A 36 -0.94 -2.54 4.74
CA LEU A 36 -1.62 -1.58 3.88
C LEU A 36 -2.77 -0.89 4.60
N ALA A 37 -3.42 -1.63 5.50
CA ALA A 37 -4.53 -1.10 6.27
C ALA A 37 -4.10 0.06 7.16
N SER A 38 -2.95 -0.10 7.81
CA SER A 38 -2.40 0.93 8.69
C SER A 38 -1.80 2.07 7.87
N SER A 39 -1.15 1.72 6.76
CA SER A 39 -0.53 2.71 5.90
C SER A 39 -1.56 3.65 5.30
N ALA A 40 -2.56 3.07 4.63
CA ALA A 40 -3.63 3.84 4.01
C ALA A 40 -4.36 4.67 5.06
N ALA A 41 -4.43 4.17 6.28
CA ALA A 41 -5.11 4.87 7.37
C ALA A 41 -4.38 6.17 7.71
N LEU A 42 -3.06 6.09 7.84
CA LEU A 42 -2.25 7.27 8.14
C LEU A 42 -2.31 8.25 6.98
N ASN A 43 -2.47 7.75 5.76
CA ASN A 43 -2.51 8.63 4.60
C ASN A 43 -3.88 9.26 4.38
N SER A 44 -4.88 8.69 5.05
CA SER A 44 -6.26 9.19 4.99
C SER A 44 -6.44 10.52 5.70
N LEU A 45 -5.46 10.87 6.52
CA LEU A 45 -5.46 12.14 7.24
C LEU A 45 -5.23 13.27 6.25
N PHE A 46 -5.51 14.50 6.65
CA PHE A 46 -5.30 15.64 5.76
C PHE A 46 -5.04 16.91 6.53
N GLN A 47 -5.63 17.02 7.71
CA GLN A 47 -5.46 18.17 8.57
C GLN A 47 -6.25 19.37 8.01
N PRO A 48 -7.37 19.74 8.64
CA PRO A 48 -8.20 20.85 8.16
C PRO A 48 -7.84 22.17 8.84
N TYR A 49 -7.76 23.24 8.05
CA TYR A 49 -7.43 24.55 8.57
C TYR A 49 -6.00 24.58 9.11
N GLY A 50 -5.38 25.75 9.07
CA GLY A 50 -4.02 25.89 9.55
C GLY A 50 -3.49 27.31 9.39
N VAL A 51 -3.91 28.19 10.31
CA VAL A 51 -3.51 29.60 10.29
C VAL A 51 -2.23 29.85 11.11
N GLY A 52 -1.95 28.95 12.05
CA GLY A 52 -0.77 29.09 12.89
C GLY A 52 -0.91 28.33 14.20
N LYS A 53 -1.31 27.07 14.10
CA LYS A 53 -1.48 26.22 15.29
C LYS A 53 -1.14 24.77 14.97
N VAL A 54 -1.31 23.90 15.95
CA VAL A 54 -1.01 22.48 15.75
C VAL A 54 -2.28 21.65 15.54
N ASN A 55 -2.15 20.56 14.79
CA ASN A 55 -3.28 19.68 14.50
C ASN A 55 -2.92 18.21 14.72
N PHE A 56 -3.71 17.53 15.56
CA PHE A 56 -3.48 16.12 15.87
C PHE A 56 -4.20 15.23 14.87
N THR A 57 -3.46 14.28 14.29
CA THR A 57 -4.03 13.34 13.33
C THR A 57 -4.00 11.92 13.85
N ALA A 58 -5.18 11.29 13.90
CA ALA A 58 -5.32 9.92 14.40
C ALA A 58 -6.48 9.21 13.71
N GLY A 59 -6.26 7.95 13.34
CA GLY A 59 -7.30 7.17 12.68
C GLY A 59 -6.91 5.71 12.52
N VAL A 60 -7.84 4.92 11.98
CA VAL A 60 -7.59 3.50 11.77
C VAL A 60 -7.87 3.10 10.32
N GLY A 61 -7.43 1.90 9.95
CA GLY A 61 -7.65 1.41 8.60
C GLY A 61 -7.97 -0.07 8.56
N GLY A 62 -8.34 -0.57 7.38
CA GLY A 62 -8.67 -1.98 7.24
C GLY A 62 -8.55 -2.46 5.81
N TYR A 63 -8.27 -3.74 5.65
CA TYR A 63 -8.12 -4.34 4.31
C TYR A 63 -8.71 -5.75 4.29
N ARG A 64 -9.59 -6.00 3.31
CA ARG A 64 -10.21 -7.31 3.17
C ARG A 64 -11.08 -7.63 4.39
N SER A 65 -10.47 -8.19 5.44
CA SER A 65 -11.19 -8.54 6.65
C SER A 65 -10.34 -8.24 7.89
N SER A 66 -9.23 -7.54 7.69
CA SER A 66 -8.34 -7.18 8.79
C SER A 66 -8.40 -5.68 9.07
N GLN A 67 -7.83 -5.27 10.19
CA GLN A 67 -7.82 -3.87 10.59
C GLN A 67 -6.41 -3.40 10.94
N ALA A 68 -6.29 -2.13 11.33
CA ALA A 68 -5.00 -1.56 11.70
C ALA A 68 -5.16 -0.21 12.40
N LEU A 69 -4.14 0.16 13.19
CA LEU A 69 -4.16 1.42 13.92
C LEU A 69 -3.06 2.35 13.42
N ALA A 70 -3.42 3.60 13.13
CA ALA A 70 -2.45 4.58 12.64
C ALA A 70 -2.50 5.88 13.44
N ILE A 71 -1.34 6.47 13.69
CA ILE A 71 -1.27 7.72 14.44
C ILE A 71 -0.26 8.69 13.81
N GLY A 72 -0.50 9.98 13.96
CA GLY A 72 0.39 10.98 13.41
C GLY A 72 0.07 12.38 13.91
N SER A 73 0.89 13.35 13.49
CA SER A 73 0.69 14.74 13.91
C SER A 73 1.35 15.69 12.92
N GLY A 74 0.75 16.86 12.74
CA GLY A 74 1.29 17.86 11.83
C GLY A 74 1.07 19.27 12.34
N TYR A 75 1.89 20.20 11.85
CA TYR A 75 1.78 21.60 12.27
C TYR A 75 1.65 22.51 11.06
N ARG A 76 0.60 23.33 11.05
CA ARG A 76 0.35 24.26 9.96
C ARG A 76 0.49 25.70 10.43
N VAL A 77 1.63 26.32 10.10
CA VAL A 77 1.90 27.70 10.49
C VAL A 77 1.74 28.66 9.31
N ASN A 78 1.13 29.81 9.56
CA ASN A 78 0.91 30.80 8.51
C ASN A 78 0.07 30.23 7.38
N GLU A 79 0.03 30.96 6.26
CA GLU A 79 -0.74 30.53 5.10
C GLU A 79 0.14 30.51 3.86
N SER A 80 1.11 29.61 3.84
CA SER A 80 2.01 29.48 2.70
C SER A 80 2.80 28.17 2.77
N VAL A 81 3.33 27.87 3.94
CA VAL A 81 4.09 26.64 4.14
C VAL A 81 3.42 25.74 5.18
N ALA A 82 3.41 24.44 4.93
CA ALA A 82 2.78 23.49 5.84
C ALA A 82 3.59 22.20 5.93
N LEU A 83 3.44 21.50 7.04
CA LEU A 83 4.16 20.24 7.25
C LEU A 83 3.25 19.23 7.96
N LYS A 84 3.32 17.97 7.52
CA LYS A 84 2.51 16.90 8.09
C LYS A 84 3.27 15.57 8.10
N ALA A 85 3.26 14.90 9.24
CA ALA A 85 3.93 13.62 9.38
C ALA A 85 3.14 12.65 10.26
N GLY A 86 3.55 11.39 10.28
CA GLY A 86 2.87 10.40 11.09
C GLY A 86 3.38 8.99 10.83
N VAL A 87 3.18 8.10 11.79
CA VAL A 87 3.61 6.71 11.66
C VAL A 87 2.45 5.75 11.86
N ALA A 88 2.46 4.64 11.12
CA ALA A 88 1.40 3.65 11.21
C ALA A 88 1.92 2.34 11.82
N TYR A 89 1.08 1.70 12.64
CA TYR A 89 1.44 0.44 13.29
C TYR A 89 0.45 -0.66 12.96
N ALA A 90 0.96 -1.77 12.40
CA ALA A 90 0.12 -2.91 12.02
C ALA A 90 0.78 -4.22 12.40
N GLY A 91 -0.05 -5.21 12.74
CA GLY A 91 0.47 -6.51 13.13
C GLY A 91 1.44 -6.44 14.29
N SER A 92 2.73 -6.37 13.99
CA SER A 92 3.75 -6.29 15.03
C SER A 92 5.06 -5.72 14.49
N SER A 93 5.34 -6.04 13.22
CA SER A 93 6.56 -5.58 12.54
C SER A 93 6.22 -4.72 11.32
N ASP A 94 4.96 -4.30 11.22
CA ASP A 94 4.52 -3.48 10.11
C ASP A 94 4.41 -2.02 10.51
N VAL A 95 5.55 -1.37 10.70
CA VAL A 95 5.58 0.03 11.07
C VAL A 95 6.23 0.88 9.98
N MET A 96 5.51 1.92 9.57
CA MET A 96 6.00 2.82 8.52
C MET A 96 5.84 4.27 8.95
N TYR A 97 6.84 5.09 8.62
CA TYR A 97 6.81 6.51 8.97
C TYR A 97 6.91 7.39 7.74
N ASN A 98 5.97 8.32 7.59
CA ASN A 98 5.97 9.22 6.44
C ASN A 98 5.86 10.68 6.88
N ALA A 99 6.59 11.56 6.18
CA ALA A 99 6.59 12.99 6.48
C ALA A 99 6.71 13.81 5.20
N SER A 100 5.69 14.60 4.90
CA SER A 100 5.70 15.43 3.69
C SER A 100 5.37 16.89 4.01
N PHE A 101 5.70 17.79 3.09
CA PHE A 101 5.44 19.22 3.30
C PHE A 101 4.66 19.81 2.14
N ASN A 102 3.62 20.59 2.45
CA ASN A 102 2.79 21.22 1.44
C ASN A 102 3.05 22.73 1.41
N ILE A 103 3.34 23.27 0.23
CA ILE A 103 3.60 24.69 0.09
C ILE A 103 2.80 25.27 -1.07
N GLU A 104 2.23 26.46 -0.86
CA GLU A 104 1.44 27.11 -1.90
C GLU A 104 2.14 28.39 -2.39
N TRP A 105 1.97 28.70 -3.68
CA TRP A 105 2.58 29.90 -4.25
C TRP A 105 1.59 30.61 -5.17
N GLY B 1 -2.50 -15.12 -14.73
CA GLY B 1 -1.15 -15.60 -15.12
C GLY B 1 -1.20 -16.74 -16.12
N ASP B 2 -1.95 -16.55 -17.20
CA ASP B 2 -2.09 -17.56 -18.24
C ASP B 2 -2.84 -18.79 -17.71
N GLN B 3 -3.92 -19.14 -18.39
CA GLN B 3 -4.74 -20.29 -17.99
C GLN B 3 -4.97 -21.21 -19.18
N ALA B 4 -3.91 -21.54 -19.89
CA ALA B 4 -4.01 -22.42 -21.05
C ALA B 4 -3.20 -23.70 -20.84
N SER B 5 -1.92 -23.54 -20.51
CA SER B 5 -1.03 -24.66 -20.28
C SER B 5 -0.59 -24.71 -18.83
N TRP B 6 -1.15 -25.65 -18.07
CA TRP B 6 -0.79 -25.80 -16.66
C TRP B 6 -1.03 -27.23 -16.19
N SER B 7 0.06 -27.93 -15.87
CA SER B 7 -0.02 -29.30 -15.40
C SER B 7 -0.63 -30.19 -16.48
N HIS B 8 0.17 -30.55 -17.48
CA HIS B 8 -0.30 -31.37 -18.58
C HIS B 8 0.26 -32.80 -18.50
N PRO B 9 1.59 -32.94 -18.33
CA PRO B 9 2.23 -34.26 -18.24
C PRO B 9 1.90 -34.96 -16.92
N GLN B 10 1.81 -36.29 -16.96
CA GLN B 10 1.49 -37.07 -15.76
C GLN B 10 2.60 -36.94 -14.72
N PHE B 11 3.83 -37.20 -15.14
CA PHE B 11 4.99 -37.10 -14.25
C PHE B 11 5.56 -35.69 -14.31
N GLU B 12 5.43 -34.97 -13.20
CA GLU B 12 5.90 -33.60 -13.09
C GLU B 12 6.14 -33.21 -11.63
N LYS B 13 7.40 -32.97 -11.28
CA LYS B 13 7.76 -32.62 -9.90
C LYS B 13 8.53 -31.30 -9.85
N GLY B 14 9.78 -31.34 -10.32
CA GLY B 14 10.61 -30.14 -10.32
C GLY B 14 10.13 -29.10 -11.30
N ALA B 15 9.79 -29.54 -12.50
CA ALA B 15 9.28 -28.65 -13.55
C ALA B 15 8.04 -27.91 -13.08
N HIS B 16 7.03 -28.66 -12.64
CA HIS B 16 5.78 -28.08 -12.17
C HIS B 16 6.03 -27.12 -11.01
N LYS B 17 6.83 -27.58 -10.04
CA LYS B 17 7.15 -26.77 -8.87
C LYS B 17 7.68 -25.40 -9.29
N PHE B 18 8.53 -25.40 -10.32
CA PHE B 18 9.12 -24.15 -10.81
C PHE B 18 8.05 -23.19 -11.30
N ARG B 19 6.94 -23.75 -11.79
CA ARG B 19 5.83 -22.94 -12.30
C ARG B 19 5.02 -22.36 -11.15
N GLN B 20 4.85 -23.14 -10.08
CA GLN B 20 4.10 -22.70 -8.91
C GLN B 20 4.80 -21.55 -8.20
N LEU B 21 6.13 -21.58 -8.22
CA LEU B 21 6.93 -20.54 -7.57
C LEU B 21 6.77 -19.21 -8.31
N ASP B 22 7.06 -19.23 -9.61
CA ASP B 22 6.96 -18.01 -10.42
C ASP B 22 5.51 -17.55 -10.54
N ASN B 23 4.58 -18.50 -10.39
CA ASN B 23 3.16 -18.20 -10.48
C ASN B 23 2.69 -17.43 -9.26
N ARG B 24 3.16 -17.84 -8.09
CA ARG B 24 2.78 -17.19 -6.83
C ARG B 24 3.40 -15.79 -6.75
N LEU B 25 4.68 -15.70 -7.09
CA LEU B 25 5.37 -14.41 -7.06
C LEU B 25 4.65 -13.38 -7.92
N ASP B 26 4.32 -13.78 -9.15
CA ASP B 26 3.63 -12.89 -10.07
C ASP B 26 2.23 -12.55 -9.56
N LYS B 27 1.61 -13.50 -8.85
CA LYS B 27 0.28 -13.30 -8.30
C LYS B 27 0.29 -12.28 -7.17
N LEU B 28 1.39 -12.25 -6.41
CA LEU B 28 1.51 -11.30 -5.31
C LEU B 28 1.94 -9.94 -5.85
N ASP B 29 2.74 -9.97 -6.93
CA ASP B 29 3.21 -8.74 -7.57
C ASP B 29 2.07 -7.96 -8.21
N THR B 30 1.14 -8.67 -8.84
CA THR B 30 0.00 -8.05 -9.49
C THR B 30 -1.04 -7.61 -8.46
N ARG B 31 -1.24 -8.44 -7.44
CA ARG B 31 -2.21 -8.15 -6.39
C ARG B 31 -1.87 -6.84 -5.66
N VAL B 32 -0.58 -6.63 -5.40
CA VAL B 32 -0.13 -5.43 -4.71
C VAL B 32 -0.07 -4.24 -5.68
N ASP B 33 0.06 -4.54 -6.97
CA ASP B 33 0.11 -3.50 -7.99
C ASP B 33 -1.22 -2.77 -8.10
N LYS B 34 -2.29 -3.53 -8.26
CA LYS B 34 -3.64 -2.96 -8.39
C LYS B 34 -4.15 -2.48 -7.03
N GLY B 35 -3.89 -3.28 -5.99
CA GLY B 35 -4.35 -2.92 -4.66
C GLY B 35 -3.76 -1.61 -4.17
N LEU B 36 -2.45 -1.44 -4.40
CA LEU B 36 -1.76 -0.22 -3.99
C LEU B 36 -2.25 0.99 -4.80
N ALA B 37 -2.60 0.75 -6.06
CA ALA B 37 -3.09 1.80 -6.93
C ALA B 37 -4.40 2.40 -6.42
N SER B 38 -5.29 1.53 -5.97
CA SER B 38 -6.58 1.97 -5.45
C SER B 38 -6.44 2.54 -4.04
N SER B 39 -5.55 1.93 -3.25
CA SER B 39 -5.30 2.39 -1.89
C SER B 39 -4.72 3.80 -1.87
N ALA B 40 -3.62 4.00 -2.59
CA ALA B 40 -2.97 5.29 -2.66
C ALA B 40 -3.93 6.33 -3.23
N ALA B 41 -4.82 5.90 -4.11
CA ALA B 41 -5.79 6.80 -4.73
C ALA B 41 -6.75 7.36 -3.68
N LEU B 42 -7.27 6.49 -2.83
CA LEU B 42 -8.19 6.90 -1.78
C LEU B 42 -7.46 7.79 -0.78
N ASN B 43 -6.16 7.56 -0.59
CA ASN B 43 -5.40 8.34 0.37
C ASN B 43 -4.96 9.69 -0.19
N SER B 44 -5.03 9.81 -1.50
CA SER B 44 -4.68 11.06 -2.21
C SER B 44 -5.69 12.18 -1.97
N LEU B 45 -6.85 11.80 -1.44
CA LEU B 45 -7.89 12.77 -1.12
C LEU B 45 -7.46 13.58 0.10
N PHE B 46 -8.12 14.70 0.35
CA PHE B 46 -7.76 15.52 1.50
C PHE B 46 -8.95 16.32 2.01
N GLN B 47 -9.83 16.69 1.09
CA GLN B 47 -11.02 17.45 1.43
C GLN B 47 -10.65 18.90 1.75
N PRO B 48 -10.95 19.86 0.84
CA PRO B 48 -10.62 21.26 1.05
C PRO B 48 -11.76 22.04 1.68
N TYR B 49 -11.42 22.88 2.66
CA TYR B 49 -12.42 23.69 3.35
C TYR B 49 -13.38 22.80 4.14
N GLY B 50 -13.94 23.36 5.22
CA GLY B 50 -14.85 22.61 6.05
C GLY B 50 -15.34 23.42 7.24
N VAL B 51 -16.29 24.31 6.99
CA VAL B 51 -16.88 25.18 8.01
C VAL B 51 -18.10 24.54 8.69
N GLY B 52 -18.74 23.61 7.99
CA GLY B 52 -19.91 22.95 8.52
C GLY B 52 -20.79 22.35 7.43
N LYS B 53 -20.17 21.62 6.52
CA LYS B 53 -20.88 20.98 5.42
C LYS B 53 -20.25 19.64 5.06
N VAL B 54 -20.77 19.00 4.01
CA VAL B 54 -20.25 17.71 3.58
C VAL B 54 -19.37 17.85 2.34
N ASN B 55 -18.40 16.95 2.21
CA ASN B 55 -17.48 16.96 1.06
C ASN B 55 -17.33 15.57 0.46
N PHE B 56 -17.60 15.46 -0.85
CA PHE B 56 -17.48 14.20 -1.57
C PHE B 56 -16.07 13.99 -2.10
N THR B 57 -15.51 12.82 -1.80
CA THR B 57 -14.16 12.48 -2.25
C THR B 57 -14.18 11.32 -3.22
N ALA B 58 -13.63 11.54 -4.41
CA ALA B 58 -13.58 10.51 -5.46
C ALA B 58 -12.36 10.70 -6.36
N GLY B 59 -11.69 9.59 -6.67
CA GLY B 59 -10.52 9.65 -7.54
C GLY B 59 -10.03 8.27 -7.94
N VAL B 60 -9.00 8.25 -8.77
CA VAL B 60 -8.43 6.98 -9.25
C VAL B 60 -6.92 6.93 -9.00
N GLY B 61 -6.35 5.73 -9.13
CA GLY B 61 -4.92 5.56 -8.92
C GLY B 61 -4.31 4.59 -9.91
N GLY B 62 -2.98 4.49 -9.90
CA GLY B 62 -2.30 3.59 -10.80
C GLY B 62 -0.90 3.22 -10.32
N TYR B 63 -0.44 2.04 -10.72
CA TYR B 63 0.88 1.56 -10.30
C TYR B 63 1.56 0.81 -11.45
N ARG B 64 2.79 1.19 -11.77
CA ARG B 64 3.54 0.55 -12.85
C ARG B 64 2.85 0.77 -14.20
N SER B 65 1.92 -0.12 -14.53
CA SER B 65 1.17 -0.02 -15.79
C SER B 65 -0.29 -0.37 -15.59
N SER B 66 -0.71 -0.49 -14.32
CA SER B 66 -2.09 -0.81 -14.00
C SER B 66 -2.81 0.39 -13.39
N GLN B 67 -4.13 0.30 -13.29
CA GLN B 67 -4.94 1.39 -12.73
C GLN B 67 -5.86 0.87 -11.62
N ALA B 68 -6.67 1.78 -11.06
CA ALA B 68 -7.60 1.40 -10.00
C ALA B 68 -8.60 2.53 -9.73
N LEU B 69 -9.75 2.16 -9.17
CA LEU B 69 -10.80 3.12 -8.85
C LEU B 69 -11.02 3.22 -7.34
N ALA B 70 -11.05 4.44 -6.81
CA ALA B 70 -11.25 4.64 -5.39
C ALA B 70 -12.36 5.65 -5.10
N ILE B 71 -13.16 5.40 -4.08
CA ILE B 71 -14.25 6.31 -3.72
C ILE B 71 -14.34 6.47 -2.20
N GLY B 72 -14.81 7.65 -1.77
CA GLY B 72 -14.93 7.92 -0.35
C GLY B 72 -15.72 9.18 -0.07
N SER B 73 -15.94 9.47 1.21
CA SER B 73 -16.68 10.67 1.60
C SER B 73 -16.35 11.07 3.04
N GLY B 74 -16.35 12.38 3.29
CA GLY B 74 -16.05 12.88 4.62
C GLY B 74 -16.88 14.09 4.97
N TYR B 75 -17.02 14.37 6.26
CA TYR B 75 -17.79 15.51 6.73
C TYR B 75 -16.98 16.39 7.67
N ARG B 76 -16.88 17.68 7.33
CA ARG B 76 -16.13 18.62 8.14
C ARG B 76 -17.06 19.64 8.79
N VAL B 77 -17.35 19.46 10.08
CA VAL B 77 -18.23 20.36 10.83
C VAL B 77 -17.43 21.28 11.74
N ASN B 78 -17.82 22.55 11.79
CA ASN B 78 -17.14 23.52 12.64
C ASN B 78 -15.67 23.66 12.25
N GLU B 79 -14.91 24.32 13.11
CA GLU B 79 -13.48 24.53 12.86
C GLU B 79 -12.65 24.04 14.06
N SER B 80 -12.68 22.73 14.29
CA SER B 80 -11.92 22.15 15.40
C SER B 80 -11.82 20.63 15.25
N VAL B 81 -12.94 20.00 14.94
CA VAL B 81 -12.98 18.55 14.75
C VAL B 81 -13.38 18.20 13.32
N ALA B 82 -12.74 17.19 12.75
CA ALA B 82 -13.04 16.77 11.39
C ALA B 82 -12.97 15.25 11.25
N LEU B 83 -13.68 14.72 10.26
CA LEU B 83 -13.70 13.29 10.01
C LEU B 83 -13.70 12.99 8.52
N LYS B 84 -12.93 11.99 8.11
CA LYS B 84 -12.83 11.60 6.71
C LYS B 84 -12.66 10.09 6.56
N ALA B 85 -13.44 9.50 5.67
CA ALA B 85 -13.38 8.06 5.43
C ALA B 85 -13.59 7.74 3.95
N GLY B 86 -13.33 6.48 3.58
CA GLY B 86 -13.51 6.07 2.20
C GLY B 86 -12.99 4.66 1.95
N VAL B 87 -13.49 4.04 0.89
CA VAL B 87 -13.08 2.68 0.54
C VAL B 87 -12.56 2.62 -0.90
N ALA B 88 -11.56 1.78 -1.13
CA ALA B 88 -10.96 1.63 -2.44
C ALA B 88 -11.25 0.25 -3.04
N TYR B 89 -11.49 0.21 -4.35
CA TYR B 89 -11.79 -1.04 -5.06
C TYR B 89 -10.80 -1.28 -6.19
N ALA B 90 -10.12 -2.43 -6.14
CA ALA B 90 -9.14 -2.80 -7.16
C ALA B 90 -9.27 -4.27 -7.55
N GLY B 91 -8.99 -4.57 -8.82
CA GLY B 91 -9.07 -5.92 -9.31
C GLY B 91 -10.46 -6.52 -9.11
N SER B 92 -10.64 -7.24 -8.01
CA SER B 92 -11.93 -7.86 -7.71
C SER B 92 -12.06 -8.18 -6.22
N SER B 93 -10.92 -8.53 -5.60
CA SER B 93 -10.88 -8.86 -4.18
C SER B 93 -9.97 -7.92 -3.41
N ASP B 94 -9.59 -6.82 -4.05
CA ASP B 94 -8.71 -5.83 -3.43
C ASP B 94 -9.51 -4.64 -2.93
N VAL B 95 -10.26 -4.84 -1.85
CA VAL B 95 -11.06 -3.76 -1.27
C VAL B 95 -10.58 -3.42 0.13
N MET B 96 -10.30 -2.14 0.35
CA MET B 96 -9.83 -1.67 1.65
C MET B 96 -10.61 -0.45 2.11
N TYR B 97 -10.93 -0.39 3.39
CA TYR B 97 -11.69 0.72 3.96
C TYR B 97 -10.91 1.43 5.07
N ASN B 98 -10.76 2.75 4.94
CA ASN B 98 -10.03 3.52 5.94
C ASN B 98 -10.85 4.71 6.43
N ALA B 99 -10.76 5.00 7.73
CA ALA B 99 -11.48 6.11 8.33
C ALA B 99 -10.65 6.76 9.44
N SER B 100 -10.30 8.03 9.25
CA SER B 100 -9.50 8.75 10.25
C SER B 100 -10.14 10.08 10.63
N PHE B 101 -9.73 10.65 11.76
CA PHE B 101 -10.29 11.92 12.22
C PHE B 101 -9.19 12.93 12.50
N ASN B 102 -9.37 14.16 12.02
CA ASN B 102 -8.40 15.22 12.21
C ASN B 102 -8.95 16.26 13.20
N ILE B 103 -8.18 16.57 14.24
CA ILE B 103 -8.59 17.55 15.23
C ILE B 103 -7.49 18.56 15.49
N GLU B 104 -7.86 19.83 15.61
CA GLU B 104 -6.90 20.89 15.86
C GLU B 104 -7.10 21.50 17.25
N TRP B 105 -6.01 21.93 17.88
CA TRP B 105 -6.08 22.53 19.21
C TRP B 105 -5.17 23.75 19.30
N GLY C 1 19.38 -9.28 -3.19
CA GLY C 1 19.44 -10.47 -2.28
C GLY C 1 20.71 -11.28 -2.46
N ASP C 2 21.85 -10.60 -2.40
CA ASP C 2 23.14 -11.26 -2.56
C ASP C 2 23.32 -11.79 -3.98
N GLN C 3 24.39 -11.37 -4.64
CA GLN C 3 24.68 -11.80 -6.00
C GLN C 3 26.11 -12.32 -6.12
N ALA C 4 26.50 -13.19 -5.19
CA ALA C 4 27.84 -13.76 -5.19
C ALA C 4 27.79 -15.27 -5.38
N SER C 5 27.02 -15.94 -4.53
CA SER C 5 26.89 -17.39 -4.58
C SER C 5 25.47 -17.79 -4.95
N TRP C 6 25.28 -18.24 -6.19
CA TRP C 6 23.96 -18.64 -6.66
C TRP C 6 24.09 -19.66 -7.79
N SER C 7 23.66 -20.89 -7.52
CA SER C 7 23.71 -21.96 -8.52
C SER C 7 25.17 -22.21 -8.92
N HIS C 8 25.90 -22.94 -8.08
CA HIS C 8 27.30 -23.23 -8.34
C HIS C 8 27.51 -24.70 -8.71
N PRO C 9 26.96 -25.64 -7.92
CA PRO C 9 27.08 -27.08 -8.19
C PRO C 9 26.25 -27.51 -9.40
N GLN C 10 26.74 -28.50 -10.14
CA GLN C 10 26.04 -28.99 -11.32
C GLN C 10 24.71 -29.62 -10.94
N PHE C 11 24.76 -30.56 -10.00
CA PHE C 11 23.56 -31.23 -9.52
C PHE C 11 22.97 -30.47 -8.35
N GLU C 12 21.78 -29.89 -8.57
CA GLU C 12 21.09 -29.10 -7.56
C GLU C 12 19.60 -29.03 -7.87
N LYS C 13 18.79 -29.62 -7.00
CA LYS C 13 17.34 -29.64 -7.17
C LYS C 13 16.61 -29.08 -5.95
N GLY C 14 16.63 -29.84 -4.86
CA GLY C 14 15.97 -29.42 -3.63
C GLY C 14 16.66 -28.23 -2.99
N ALA C 15 17.98 -28.30 -2.91
CA ALA C 15 18.78 -27.23 -2.33
C ALA C 15 18.54 -25.91 -3.05
N HIS C 16 18.74 -25.92 -4.36
CA HIS C 16 18.54 -24.73 -5.18
C HIS C 16 17.11 -24.19 -5.04
N LYS C 17 16.15 -25.09 -5.15
CA LYS C 17 14.73 -24.71 -5.03
C LYS C 17 14.50 -23.94 -3.73
N PHE C 18 15.12 -24.39 -2.65
CA PHE C 18 14.97 -23.74 -1.36
C PHE C 18 15.46 -22.29 -1.40
N ARG C 19 16.44 -22.03 -2.26
CA ARG C 19 16.99 -20.69 -2.40
C ARG C 19 16.05 -19.79 -3.21
N GLN C 20 15.41 -20.38 -4.21
CA GLN C 20 14.48 -19.63 -5.07
C GLN C 20 13.24 -19.20 -4.30
N LEU C 21 12.83 -20.04 -3.34
CA LEU C 21 11.66 -19.74 -2.52
C LEU C 21 11.93 -18.55 -1.60
N ASP C 22 12.99 -18.66 -0.80
CA ASP C 22 13.36 -17.60 0.13
C ASP C 22 13.79 -16.34 -0.62
N ASN C 23 14.28 -16.54 -1.85
CA ASN C 23 14.73 -15.43 -2.68
C ASN C 23 13.56 -14.59 -3.17
N ARG C 24 12.49 -15.27 -3.59
CA ARG C 24 11.29 -14.60 -4.09
C ARG C 24 10.57 -13.88 -2.96
N LEU C 25 10.42 -14.57 -1.82
CA LEU C 25 9.75 -13.98 -0.67
C LEU C 25 10.42 -12.68 -0.26
N ASP C 26 11.74 -12.71 -0.13
CA ASP C 26 12.50 -11.53 0.25
C ASP C 26 12.40 -10.45 -0.82
N LYS C 27 12.28 -10.87 -2.08
CA LYS C 27 12.18 -9.92 -3.17
C LYS C 27 10.84 -9.18 -3.15
N LEU C 28 9.79 -9.88 -2.70
CA LEU C 28 8.46 -9.27 -2.62
C LEU C 28 8.37 -8.43 -1.35
N ASP C 29 9.08 -8.86 -0.30
CA ASP C 29 9.10 -8.16 0.98
C ASP C 29 9.79 -6.80 0.86
N THR C 30 10.88 -6.76 0.10
CA THR C 30 11.63 -5.53 -0.09
C THR C 30 10.92 -4.61 -1.08
N ARG C 31 10.35 -5.21 -2.13
CA ARG C 31 9.64 -4.44 -3.16
C ARG C 31 8.47 -3.66 -2.56
N VAL C 32 7.74 -4.30 -1.65
CA VAL C 32 6.59 -3.67 -1.00
C VAL C 32 7.05 -2.71 0.10
N ASP C 33 8.24 -2.94 0.63
CA ASP C 33 8.80 -2.10 1.68
C ASP C 33 9.10 -0.70 1.16
N LYS C 34 9.85 -0.64 0.06
CA LYS C 34 10.21 0.63 -0.55
C LYS C 34 9.04 1.25 -1.30
N GLY C 35 8.28 0.41 -1.99
CA GLY C 35 7.13 0.89 -2.75
C GLY C 35 6.09 1.53 -1.86
N LEU C 36 5.80 0.90 -0.72
CA LEU C 36 4.82 1.41 0.22
C LEU C 36 5.30 2.71 0.87
N ALA C 37 6.61 2.80 1.07
CA ALA C 37 7.22 3.98 1.67
C ALA C 37 7.00 5.22 0.81
N SER C 38 7.18 5.06 -0.49
CA SER C 38 7.00 6.17 -1.44
C SER C 38 5.52 6.44 -1.67
N SER C 39 4.72 5.37 -1.71
CA SER C 39 3.28 5.50 -1.93
C SER C 39 2.62 6.26 -0.78
N ALA C 40 2.83 5.78 0.44
CA ALA C 40 2.27 6.41 1.62
C ALA C 40 2.75 7.85 1.74
N ALA C 41 3.97 8.12 1.27
CA ALA C 41 4.54 9.45 1.33
C ALA C 41 3.76 10.42 0.46
N LEU C 42 3.46 10.00 -0.77
CA LEU C 42 2.69 10.83 -1.69
C LEU C 42 1.27 11.03 -1.16
N ASN C 43 0.75 10.04 -0.44
CA ASN C 43 -0.61 10.13 0.08
C ASN C 43 -0.69 10.95 1.36
N SER C 44 0.47 11.18 1.98
CA SER C 44 0.58 11.98 3.19
C SER C 44 0.33 13.47 2.96
N LEU C 45 0.37 13.86 1.68
CA LEU C 45 0.12 15.24 1.29
C LEU C 45 -1.36 15.54 1.47
N PHE C 46 -1.73 16.81 1.47
CA PHE C 46 -3.13 17.17 1.63
C PHE C 46 -3.45 18.50 0.96
N GLN C 47 -2.46 19.39 0.94
CA GLN C 47 -2.61 20.70 0.33
C GLN C 47 -3.48 21.59 1.21
N PRO C 48 -2.89 22.58 1.91
CA PRO C 48 -3.63 23.48 2.78
C PRO C 48 -4.07 24.75 2.08
N TYR C 49 -5.32 25.16 2.31
CA TYR C 49 -5.85 26.36 1.69
C TYR C 49 -5.96 26.20 0.18
N GLY C 50 -6.91 26.91 -0.41
CA GLY C 50 -7.10 26.84 -1.86
C GLY C 50 -8.26 27.70 -2.33
N VAL C 51 -8.00 29.01 -2.43
CA VAL C 51 -9.00 29.98 -2.87
C VAL C 51 -8.98 30.20 -4.38
N GLY C 52 -7.85 29.90 -5.00
CA GLY C 52 -7.72 30.06 -6.44
C GLY C 52 -6.28 30.19 -6.88
N LYS C 53 -5.43 29.27 -6.41
CA LYS C 53 -4.02 29.28 -6.75
C LYS C 53 -3.48 27.86 -6.82
N VAL C 54 -2.17 27.73 -7.07
CA VAL C 54 -1.55 26.42 -7.16
C VAL C 54 -0.78 26.06 -5.89
N ASN C 55 -0.69 24.76 -5.59
CA ASN C 55 0.02 24.28 -4.42
C ASN C 55 0.95 23.11 -4.75
N PHE C 56 2.23 23.28 -4.40
CA PHE C 56 3.24 22.26 -4.65
C PHE C 56 3.30 21.25 -3.50
N THR C 57 3.23 19.97 -3.84
CA THR C 57 3.28 18.90 -2.84
C THR C 57 4.54 18.06 -3.02
N ALA C 58 5.34 17.96 -1.97
CA ALA C 58 6.57 17.18 -1.99
C ALA C 58 6.91 16.64 -0.60
N GLY C 59 7.33 15.37 -0.56
CA GLY C 59 7.68 14.75 0.71
C GLY C 59 8.33 13.39 0.53
N VAL C 60 8.73 12.78 1.64
CA VAL C 60 9.37 11.47 1.61
C VAL C 60 8.67 10.49 2.54
N GLY C 61 8.98 9.20 2.38
CA GLY C 61 8.39 8.18 3.23
C GLY C 61 9.37 7.10 3.62
N GLY C 62 8.95 6.21 4.51
CA GLY C 62 9.82 5.13 4.95
C GLY C 62 9.05 3.96 5.53
N TYR C 63 9.62 2.77 5.43
CA TYR C 63 8.98 1.56 5.95
C TYR C 63 10.01 0.62 6.56
N ARG C 64 9.75 0.18 7.80
CA ARG C 64 10.67 -0.71 8.49
C ARG C 64 12.02 -0.04 8.73
N SER C 65 12.92 -0.15 7.74
CA SER C 65 14.24 0.45 7.83
C SER C 65 14.66 1.06 6.51
N SER C 66 13.73 1.15 5.57
CA SER C 66 13.99 1.72 4.25
C SER C 66 13.31 3.07 4.09
N GLN C 67 13.68 3.80 3.05
CA GLN C 67 13.10 5.12 2.78
C GLN C 67 12.60 5.21 1.34
N ALA C 68 12.07 6.39 0.97
CA ALA C 68 11.55 6.61 -0.38
C ALA C 68 11.28 8.08 -0.63
N LEU C 69 11.29 8.47 -1.91
CA LEU C 69 11.05 9.85 -2.31
C LEU C 69 9.75 9.96 -3.10
N ALA C 70 8.90 10.92 -2.73
CA ALA C 70 7.64 11.12 -3.42
C ALA C 70 7.43 12.58 -3.81
N ILE C 71 6.86 12.81 -4.99
CA ILE C 71 6.61 14.17 -5.48
C ILE C 71 5.24 14.28 -6.14
N GLY C 72 4.64 15.46 -6.06
CA GLY C 72 3.33 15.67 -6.66
C GLY C 72 2.94 17.13 -6.70
N SER C 73 1.78 17.42 -7.27
CA SER C 73 1.28 18.79 -7.37
C SER C 73 -0.22 18.81 -7.58
N GLY C 74 -0.87 19.84 -7.02
CA GLY C 74 -2.30 19.98 -7.15
C GLY C 74 -2.73 21.43 -7.27
N TYR C 75 -3.92 21.65 -7.82
CA TYR C 75 -4.45 22.99 -7.99
C TYR C 75 -5.83 23.13 -7.37
N ARG C 76 -5.98 24.11 -6.48
CA ARG C 76 -7.25 24.35 -5.82
C ARG C 76 -7.85 25.69 -6.25
N VAL C 77 -8.84 25.64 -7.13
CA VAL C 77 -9.50 26.84 -7.64
C VAL C 77 -10.87 27.03 -7.01
N ASN C 78 -11.19 28.27 -6.65
CA ASN C 78 -12.48 28.58 -6.03
C ASN C 78 -12.67 27.81 -4.73
N GLU C 79 -13.90 27.81 -4.23
CA GLU C 79 -14.21 27.11 -2.98
C GLU C 79 -15.39 26.16 -3.19
N SER C 80 -15.18 25.12 -4.00
CA SER C 80 -16.21 24.15 -4.28
C SER C 80 -15.62 22.89 -4.92
N VAL C 81 -14.77 23.09 -5.91
CA VAL C 81 -14.13 21.98 -6.61
C VAL C 81 -12.62 22.04 -6.43
N ALA C 82 -12.00 20.89 -6.23
CA ALA C 82 -10.55 20.81 -6.05
C ALA C 82 -9.97 19.57 -6.72
N LEU C 83 -8.69 19.66 -7.07
CA LEU C 83 -8.00 18.55 -7.72
C LEU C 83 -6.58 18.40 -7.18
N LYS C 84 -6.15 17.16 -6.97
CA LYS C 84 -4.81 16.88 -6.46
C LYS C 84 -4.26 15.58 -7.05
N ALA C 85 -3.01 15.65 -7.52
CA ALA C 85 -2.35 14.48 -8.11
C ALA C 85 -0.87 14.45 -7.75
N GLY C 86 -0.22 13.34 -8.06
CA GLY C 86 1.19 13.18 -7.77
C GLY C 86 1.70 11.78 -8.01
N VAL C 87 3.01 11.65 -8.22
CA VAL C 87 3.62 10.34 -8.47
C VAL C 87 4.74 10.06 -7.47
N ALA C 88 4.87 8.79 -7.08
CA ALA C 88 5.90 8.40 -6.12
C ALA C 88 6.96 7.52 -6.79
N TYR C 89 8.22 7.71 -6.38
CA TYR C 89 9.34 6.95 -6.94
C TYR C 89 10.10 6.22 -5.83
N ALA C 90 10.20 4.90 -5.96
CA ALA C 90 10.91 4.06 -4.98
C ALA C 90 11.77 3.01 -5.66
N GLY C 91 12.89 2.67 -5.04
CA GLY C 91 13.79 1.68 -5.59
C GLY C 91 14.26 2.05 -6.98
N SER C 92 13.58 1.52 -7.99
CA SER C 92 13.94 1.79 -9.38
C SER C 92 12.77 1.54 -10.33
N SER C 93 11.96 0.54 -9.97
CA SER C 93 10.79 0.17 -10.77
C SER C 93 9.50 0.30 -9.96
N ASP C 94 9.59 0.99 -8.83
CA ASP C 94 8.43 1.19 -7.97
C ASP C 94 7.86 2.59 -8.14
N VAL C 95 7.22 2.83 -9.28
CA VAL C 95 6.63 4.14 -9.56
C VAL C 95 5.11 4.02 -9.68
N MET C 96 4.41 4.85 -8.92
CA MET C 96 2.95 4.86 -8.92
C MET C 96 2.42 6.28 -9.06
N TYR C 97 1.36 6.44 -9.84
CA TYR C 97 0.76 7.75 -10.06
C TYR C 97 -0.71 7.77 -9.64
N ASN C 98 -1.07 8.72 -8.79
CA ASN C 98 -2.45 8.83 -8.32
C ASN C 98 -3.00 10.25 -8.51
N ALA C 99 -4.27 10.34 -8.89
CA ALA C 99 -4.93 11.62 -9.09
C ALA C 99 -6.39 11.56 -8.67
N SER C 100 -6.76 12.36 -7.67
CA SER C 100 -8.13 12.38 -7.17
C SER C 100 -8.69 13.81 -7.11
N PHE C 101 -10.01 13.94 -7.04
CA PHE C 101 -10.64 15.25 -6.99
C PHE C 101 -11.58 15.37 -5.80
N ASN C 102 -11.48 16.48 -5.07
CA ASN C 102 -12.33 16.71 -3.90
C ASN C 102 -13.35 17.81 -4.21
N ILE C 103 -14.63 17.52 -3.96
CA ILE C 103 -15.69 18.49 -4.21
C ILE C 103 -16.62 18.59 -3.00
N GLU C 104 -17.00 19.82 -2.65
CA GLU C 104 -17.89 20.05 -1.52
C GLU C 104 -19.25 20.57 -1.98
N TRP C 105 -20.31 20.21 -1.27
CA TRP C 105 -21.65 20.65 -1.61
C TRP C 105 -22.42 21.05 -0.36
N GLY A 1 -1.62 -19.88 8.86
CA GLY A 1 -1.53 -21.02 7.90
C GLY A 1 -1.44 -22.36 8.58
N ASP A 2 -2.35 -22.62 9.51
CA ASP A 2 -2.37 -23.88 10.25
C ASP A 2 -1.13 -24.02 11.13
N GLN A 3 -1.35 -24.24 12.42
CA GLN A 3 -0.25 -24.40 13.37
C GLN A 3 -0.38 -25.70 14.15
N ALA A 4 -0.53 -26.80 13.41
CA ALA A 4 -0.67 -28.12 14.03
C ALA A 4 0.38 -29.08 13.51
N SER A 5 0.50 -29.15 12.19
CA SER A 5 1.47 -30.04 11.53
C SER A 5 2.30 -29.27 10.51
N TRP A 6 3.60 -29.14 10.78
CA TRP A 6 4.50 -28.44 9.88
C TRP A 6 5.94 -28.89 10.08
N SER A 7 6.43 -29.72 9.14
CA SER A 7 7.79 -30.23 9.21
C SER A 7 7.93 -31.18 10.39
N HIS A 8 7.34 -32.36 10.27
CA HIS A 8 7.38 -33.37 11.34
C HIS A 8 8.24 -34.57 10.95
N PRO A 9 7.96 -35.20 9.80
CA PRO A 9 8.74 -36.36 9.32
C PRO A 9 10.13 -35.96 8.85
N GLN A 10 11.13 -36.77 9.20
CA GLN A 10 12.51 -36.48 8.81
C GLN A 10 12.66 -36.47 7.29
N PHE A 11 11.90 -37.32 6.62
CA PHE A 11 11.92 -37.41 5.17
C PHE A 11 10.75 -36.63 4.59
N GLU A 12 11.07 -35.50 3.96
CA GLU A 12 10.07 -34.61 3.37
C GLU A 12 10.72 -33.62 2.41
N LYS A 13 10.36 -33.73 1.13
CA LYS A 13 10.93 -32.86 0.09
C LYS A 13 9.84 -32.31 -0.83
N GLY A 14 9.10 -33.20 -1.48
CA GLY A 14 8.04 -32.78 -2.38
C GLY A 14 6.87 -32.16 -1.65
N ALA A 15 6.54 -32.72 -0.49
CA ALA A 15 5.44 -32.22 0.33
C ALA A 15 5.84 -30.94 1.04
N HIS A 16 6.97 -31.00 1.74
CA HIS A 16 7.47 -29.85 2.48
C HIS A 16 7.64 -28.63 1.56
N LYS A 17 8.26 -28.85 0.41
CA LYS A 17 8.49 -27.79 -0.56
C LYS A 17 7.17 -27.23 -1.05
N PHE A 18 6.21 -28.11 -1.33
CA PHE A 18 4.90 -27.70 -1.82
C PHE A 18 4.18 -26.83 -0.80
N ARG A 19 4.28 -27.21 0.47
CA ARG A 19 3.64 -26.46 1.56
C ARG A 19 4.38 -25.17 1.83
N GLN A 20 5.69 -25.17 1.60
CA GLN A 20 6.52 -24.00 1.83
C GLN A 20 6.26 -22.92 0.78
N LEU A 21 5.96 -23.35 -0.45
CA LEU A 21 5.68 -22.43 -1.54
C LEU A 21 4.41 -21.63 -1.25
N ASP A 22 3.33 -22.34 -0.91
CA ASP A 22 2.05 -21.70 -0.61
C ASP A 22 2.13 -20.92 0.69
N ASN A 23 3.04 -21.33 1.57
CA ASN A 23 3.22 -20.67 2.87
C ASN A 23 3.74 -19.24 2.68
N ARG A 24 4.63 -19.08 1.70
CA ARG A 24 5.22 -17.77 1.41
C ARG A 24 4.19 -16.84 0.80
N LEU A 25 3.42 -17.35 -0.16
CA LEU A 25 2.40 -16.56 -0.83
C LEU A 25 1.35 -16.10 0.18
N ASP A 26 1.10 -16.91 1.20
CA ASP A 26 0.13 -16.57 2.23
C ASP A 26 0.73 -15.64 3.26
N LYS A 27 2.04 -15.74 3.45
CA LYS A 27 2.73 -14.90 4.43
C LYS A 27 2.84 -13.46 3.94
N LEU A 28 3.19 -13.30 2.66
CA LEU A 28 3.31 -11.96 2.07
C LEU A 28 1.93 -11.35 1.89
N ASP A 29 0.93 -12.22 1.69
CA ASP A 29 -0.45 -11.79 1.53
C ASP A 29 -1.02 -11.18 2.80
N THR A 30 -0.80 -11.86 3.93
CA THR A 30 -1.28 -11.38 5.22
C THR A 30 -0.49 -10.17 5.68
N ARG A 31 0.80 -10.15 5.34
CA ARG A 31 1.68 -9.04 5.72
C ARG A 31 1.29 -7.75 4.99
N VAL A 32 0.95 -7.87 3.71
CA VAL A 32 0.57 -6.73 2.90
C VAL A 32 -0.85 -6.26 3.24
N ASP A 33 -1.70 -7.19 3.67
CA ASP A 33 -3.07 -6.88 4.03
C ASP A 33 -3.12 -5.92 5.21
N LYS A 34 -2.50 -6.32 6.32
CA LYS A 34 -2.47 -5.49 7.52
C LYS A 34 -1.59 -4.26 7.32
N GLY A 35 -0.42 -4.46 6.73
CA GLY A 35 0.49 -3.36 6.50
C GLY A 35 -0.16 -2.24 5.71
N LEU A 36 -0.88 -2.59 4.65
CA LEU A 36 -1.56 -1.61 3.82
C LEU A 36 -2.75 -1.00 4.55
N ALA A 37 -3.31 -1.75 5.50
CA ALA A 37 -4.45 -1.29 6.27
C ALA A 37 -4.07 -0.12 7.18
N SER A 38 -2.86 -0.17 7.73
CA SER A 38 -2.38 0.88 8.61
C SER A 38 -1.81 2.05 7.80
N SER A 39 -1.12 1.71 6.71
CA SER A 39 -0.52 2.73 5.85
C SER A 39 -1.58 3.71 5.33
N ALA A 40 -2.59 3.16 4.67
CA ALA A 40 -3.67 3.97 4.12
C ALA A 40 -4.35 4.75 5.23
N ALA A 41 -4.41 4.17 6.42
CA ALA A 41 -5.03 4.83 7.56
C ALA A 41 -4.32 6.13 7.91
N LEU A 42 -2.99 6.09 7.94
CA LEU A 42 -2.20 7.27 8.25
C LEU A 42 -2.37 8.31 7.14
N ASN A 43 -2.55 7.85 5.91
CA ASN A 43 -2.68 8.77 4.79
C ASN A 43 -4.10 9.30 4.62
N SER A 44 -5.03 8.62 5.29
CA SER A 44 -6.45 9.00 5.28
C SER A 44 -6.70 10.36 5.94
N LEU A 45 -5.73 10.80 6.73
CA LEU A 45 -5.80 12.09 7.40
C LEU A 45 -5.54 13.19 6.37
N PHE A 46 -5.90 14.43 6.71
CA PHE A 46 -5.68 15.52 5.78
C PHE A 46 -5.31 16.81 6.50
N GLN A 47 -5.83 16.95 7.73
CA GLN A 47 -5.56 18.11 8.56
C GLN A 47 -6.31 19.33 8.00
N PRO A 48 -7.41 19.75 8.64
CA PRO A 48 -8.20 20.88 8.19
C PRO A 48 -7.73 22.20 8.78
N TYR A 49 -7.73 23.25 7.98
CA TYR A 49 -7.29 24.57 8.42
C TYR A 49 -5.80 24.57 8.73
N GLY A 50 -5.17 25.73 8.57
CA GLY A 50 -3.75 25.85 8.82
C GLY A 50 -3.27 27.29 8.71
N VAL A 51 -3.71 28.12 9.66
CA VAL A 51 -3.33 29.54 9.72
C VAL A 51 -2.09 29.79 10.57
N GLY A 52 -1.76 28.83 11.43
CA GLY A 52 -0.60 28.97 12.29
C GLY A 52 -0.79 28.27 13.62
N LYS A 53 -1.25 27.02 13.57
CA LYS A 53 -1.48 26.24 14.79
C LYS A 53 -1.12 24.78 14.54
N VAL A 54 -1.38 23.92 15.54
CA VAL A 54 -1.07 22.50 15.43
C VAL A 54 -2.34 21.66 15.34
N ASN A 55 -2.33 20.66 14.46
CA ASN A 55 -3.48 19.78 14.28
C ASN A 55 -3.08 18.30 14.42
N PHE A 56 -3.69 17.62 15.40
CA PHE A 56 -3.42 16.22 15.67
C PHE A 56 -4.18 15.32 14.69
N THR A 57 -3.46 14.40 14.05
CA THR A 57 -4.07 13.48 13.11
C THR A 57 -3.99 12.04 13.62
N ALA A 58 -5.16 11.42 13.79
CA ALA A 58 -5.24 10.04 14.27
C ALA A 58 -6.45 9.32 13.69
N GLY A 59 -6.26 8.04 13.37
CA GLY A 59 -7.35 7.26 12.80
C GLY A 59 -6.96 5.81 12.56
N VAL A 60 -7.97 4.97 12.31
CA VAL A 60 -7.72 3.54 12.08
C VAL A 60 -7.99 3.18 10.62
N GLY A 61 -7.51 2.00 10.22
CA GLY A 61 -7.71 1.54 8.86
C GLY A 61 -8.05 0.07 8.78
N GLY A 62 -8.33 -0.42 7.57
CA GLY A 62 -8.66 -1.83 7.39
C GLY A 62 -8.47 -2.29 5.96
N TYR A 63 -8.27 -3.59 5.80
CA TYR A 63 -8.08 -4.17 4.46
C TYR A 63 -8.74 -5.53 4.36
N ARG A 64 -9.64 -5.67 3.39
CA ARG A 64 -10.37 -6.93 3.18
C ARG A 64 -11.29 -7.22 4.37
N SER A 65 -10.75 -7.90 5.38
CA SER A 65 -11.53 -8.25 6.57
C SER A 65 -10.71 -8.03 7.84
N SER A 66 -9.58 -7.34 7.70
CA SER A 66 -8.71 -7.07 8.83
C SER A 66 -8.76 -5.58 9.22
N GLN A 67 -8.11 -5.23 10.32
CA GLN A 67 -8.09 -3.85 10.79
C GLN A 67 -6.66 -3.38 11.06
N ALA A 68 -6.51 -2.12 11.45
CA ALA A 68 -5.19 -1.55 11.73
C ALA A 68 -5.31 -0.24 12.51
N LEU A 69 -4.21 0.15 13.15
CA LEU A 69 -4.16 1.38 13.94
C LEU A 69 -3.12 2.34 13.39
N ALA A 70 -3.46 3.62 13.29
CA ALA A 70 -2.54 4.63 12.78
C ALA A 70 -2.57 5.91 13.62
N ILE A 71 -1.40 6.46 13.89
CA ILE A 71 -1.31 7.70 14.68
C ILE A 71 -0.28 8.66 14.09
N GLY A 72 -0.55 9.95 14.20
CA GLY A 72 0.35 10.96 13.66
C GLY A 72 -0.04 12.37 14.06
N SER A 73 0.68 13.34 13.53
CA SER A 73 0.39 14.74 13.83
C SER A 73 1.07 15.67 12.83
N GLY A 74 0.55 16.89 12.71
CA GLY A 74 1.12 17.86 11.79
C GLY A 74 0.97 19.28 12.29
N TYR A 75 1.79 20.18 11.77
CA TYR A 75 1.75 21.58 12.18
C TYR A 75 1.67 22.50 10.97
N ARG A 76 0.59 23.28 10.89
CA ARG A 76 0.40 24.21 9.78
C ARG A 76 0.63 25.64 10.23
N VAL A 77 1.79 26.20 9.85
CA VAL A 77 2.15 27.57 10.23
C VAL A 77 1.94 28.53 9.06
N ASN A 78 1.19 29.60 9.29
CA ASN A 78 0.92 30.59 8.25
C ASN A 78 0.12 29.97 7.11
N GLU A 79 -0.04 30.74 6.04
CA GLU A 79 -0.78 30.29 4.87
C GLU A 79 0.12 30.25 3.64
N SER A 80 1.20 29.47 3.73
CA SER A 80 2.14 29.34 2.62
C SER A 80 2.93 28.03 2.72
N VAL A 81 3.56 27.80 3.87
CA VAL A 81 4.33 26.60 4.10
C VAL A 81 3.65 25.71 5.15
N ALA A 82 3.73 24.40 4.96
CA ALA A 82 3.12 23.46 5.88
C ALA A 82 3.92 22.17 5.98
N LEU A 83 3.84 21.52 7.14
CA LEU A 83 4.57 20.28 7.36
C LEU A 83 3.66 19.25 8.06
N LYS A 84 3.66 18.02 7.55
CA LYS A 84 2.84 16.95 8.11
C LYS A 84 3.65 15.66 8.23
N ALA A 85 3.40 14.92 9.32
CA ALA A 85 4.09 13.65 9.56
C ALA A 85 3.24 12.71 10.39
N GLY A 86 3.70 11.47 10.52
CA GLY A 86 2.96 10.48 11.28
C GLY A 86 3.49 9.07 11.06
N VAL A 87 3.22 8.18 12.02
CA VAL A 87 3.66 6.79 11.92
C VAL A 87 2.48 5.84 12.01
N ALA A 88 2.57 4.72 11.30
CA ALA A 88 1.51 3.72 11.29
C ALA A 88 1.96 2.42 11.95
N TYR A 89 1.00 1.69 12.52
CA TYR A 89 1.28 0.42 13.19
C TYR A 89 0.35 -0.69 12.70
N ALA A 90 0.94 -1.80 12.27
CA ALA A 90 0.17 -2.95 11.77
C ALA A 90 0.79 -4.27 12.23
N GLY A 91 -0.07 -5.25 12.48
CA GLY A 91 0.40 -6.56 12.92
C GLY A 91 1.28 -6.47 14.15
N SER A 92 2.60 -6.49 13.95
CA SER A 92 3.55 -6.42 15.06
C SER A 92 4.89 -5.87 14.61
N SER A 93 5.18 -6.06 13.32
CA SER A 93 6.44 -5.59 12.73
C SER A 93 6.18 -4.73 11.50
N ASP A 94 4.94 -4.32 11.31
CA ASP A 94 4.56 -3.49 10.18
C ASP A 94 4.48 -2.02 10.57
N VAL A 95 5.62 -1.42 10.87
CA VAL A 95 5.67 -0.02 11.26
C VAL A 95 6.35 0.83 10.17
N MET A 96 5.66 1.88 9.76
CA MET A 96 6.17 2.77 8.71
C MET A 96 6.01 4.23 9.13
N TYR A 97 6.94 5.07 8.72
CA TYR A 97 6.91 6.48 9.05
C TYR A 97 6.99 7.36 7.80
N ASN A 98 6.09 8.33 7.69
CA ASN A 98 6.08 9.23 6.53
C ASN A 98 6.07 10.69 6.96
N ALA A 99 6.87 11.50 6.26
CA ALA A 99 6.95 12.93 6.54
C ALA A 99 6.96 13.75 5.25
N SER A 100 5.87 14.47 5.00
CA SER A 100 5.75 15.29 3.80
C SER A 100 5.42 16.74 4.14
N PHE A 101 5.63 17.65 3.17
CA PHE A 101 5.36 19.06 3.40
C PHE A 101 4.52 19.64 2.26
N ASN A 102 3.58 20.51 2.61
CA ASN A 102 2.71 21.14 1.64
C ASN A 102 3.01 22.64 1.55
N ILE A 103 3.29 23.12 0.35
CA ILE A 103 3.59 24.54 0.13
C ILE A 103 2.87 25.07 -1.10
N GLU A 104 2.25 26.24 -0.96
CA GLU A 104 1.54 26.85 -2.08
C GLU A 104 2.25 28.12 -2.56
N TRP A 105 1.97 28.54 -3.79
CA TRP A 105 2.58 29.73 -4.35
C TRP A 105 1.58 30.51 -5.18
N GLY B 1 -0.34 -14.75 -16.06
CA GLY B 1 0.85 -15.63 -16.15
C GLY B 1 0.64 -16.78 -17.12
N ASP B 2 0.20 -16.47 -18.34
CA ASP B 2 -0.04 -17.48 -19.36
C ASP B 2 -1.18 -18.41 -18.95
N GLN B 3 -2.19 -18.51 -19.81
CA GLN B 3 -3.35 -19.37 -19.54
C GLN B 3 -3.57 -20.35 -20.69
N ALA B 4 -2.52 -21.07 -21.05
CA ALA B 4 -2.61 -22.05 -22.13
C ALA B 4 -2.18 -23.43 -21.66
N SER B 5 -1.01 -23.49 -21.00
CA SER B 5 -0.46 -24.74 -20.50
C SER B 5 -0.08 -24.61 -19.03
N TRP B 6 -0.78 -25.33 -18.16
CA TRP B 6 -0.50 -25.29 -16.74
C TRP B 6 -1.00 -26.56 -16.05
N SER B 7 -0.07 -27.45 -15.72
CA SER B 7 -0.41 -28.70 -15.04
C SER B 7 -1.19 -29.60 -16.00
N HIS B 8 -0.50 -30.15 -16.99
CA HIS B 8 -1.15 -31.01 -17.98
C HIS B 8 -0.70 -32.47 -17.83
N PRO B 9 0.62 -32.72 -17.85
CA PRO B 9 1.16 -34.09 -17.69
C PRO B 9 1.00 -34.61 -16.27
N GLN B 10 0.62 -35.88 -16.15
CA GLN B 10 0.43 -36.50 -14.84
C GLN B 10 1.73 -36.49 -14.04
N PHE B 11 2.84 -36.66 -14.73
CA PHE B 11 4.15 -36.66 -14.11
C PHE B 11 4.79 -35.28 -14.26
N GLU B 12 4.89 -34.56 -13.13
CA GLU B 12 5.45 -33.21 -13.11
C GLU B 12 5.79 -32.80 -11.68
N LYS B 13 7.07 -32.60 -11.41
CA LYS B 13 7.53 -32.21 -10.07
C LYS B 13 8.51 -31.05 -10.13
N GLY B 14 9.63 -31.25 -10.84
CA GLY B 14 10.64 -30.21 -10.96
C GLY B 14 10.16 -29.04 -11.79
N ALA B 15 9.44 -29.34 -12.86
CA ALA B 15 8.91 -28.31 -13.74
C ALA B 15 7.73 -27.60 -13.10
N HIS B 16 6.75 -28.38 -12.64
CA HIS B 16 5.56 -27.83 -12.01
C HIS B 16 5.93 -26.93 -10.82
N LYS B 17 6.83 -27.44 -9.97
CA LYS B 17 7.27 -26.70 -8.79
C LYS B 17 7.96 -25.40 -9.21
N PHE B 18 8.80 -25.48 -10.24
CA PHE B 18 9.53 -24.32 -10.73
C PHE B 18 8.58 -23.24 -11.25
N ARG B 19 7.54 -23.68 -11.95
CA ARG B 19 6.55 -22.76 -12.50
C ARG B 19 5.64 -22.22 -11.41
N GLN B 20 5.42 -23.03 -10.37
CA GLN B 20 4.58 -22.64 -9.26
C GLN B 20 5.25 -21.57 -8.40
N LEU B 21 6.57 -21.66 -8.27
CA LEU B 21 7.33 -20.70 -7.49
C LEU B 21 7.23 -19.30 -8.10
N ASP B 22 7.52 -19.22 -9.40
CA ASP B 22 7.46 -17.93 -10.09
C ASP B 22 6.02 -17.44 -10.22
N ASN B 23 5.08 -18.37 -10.19
CA ASN B 23 3.66 -18.04 -10.29
C ASN B 23 3.20 -17.24 -9.08
N ARG B 24 3.72 -17.60 -7.92
CA ARG B 24 3.37 -16.94 -6.67
C ARG B 24 3.94 -15.54 -6.62
N LEU B 25 5.21 -15.41 -7.00
CA LEU B 25 5.88 -14.12 -7.01
C LEU B 25 5.19 -13.15 -7.96
N ASP B 26 4.62 -13.70 -9.03
CA ASP B 26 3.92 -12.88 -10.02
C ASP B 26 2.50 -12.59 -9.56
N LYS B 27 1.93 -13.49 -8.76
CA LYS B 27 0.58 -13.31 -8.27
C LYS B 27 0.51 -12.23 -7.20
N LEU B 28 1.48 -12.25 -6.29
CA LEU B 28 1.53 -11.26 -5.22
C LEU B 28 1.95 -9.91 -5.80
N ASP B 29 2.73 -9.95 -6.88
CA ASP B 29 3.19 -8.75 -7.56
C ASP B 29 2.04 -7.99 -8.22
N THR B 30 1.20 -8.71 -8.94
CA THR B 30 0.06 -8.11 -9.61
C THR B 30 -1.01 -7.68 -8.60
N ARG B 31 -1.13 -8.44 -7.52
CA ARG B 31 -2.11 -8.15 -6.48
C ARG B 31 -1.76 -6.87 -5.73
N VAL B 32 -0.46 -6.68 -5.47
CA VAL B 32 0.01 -5.50 -4.76
C VAL B 32 0.02 -4.27 -5.66
N ASP B 33 0.21 -4.50 -6.96
CA ASP B 33 0.24 -3.43 -7.94
C ASP B 33 -1.11 -2.70 -7.99
N LYS B 34 -2.16 -3.45 -8.27
CA LYS B 34 -3.50 -2.89 -8.36
C LYS B 34 -4.01 -2.47 -6.98
N GLY B 35 -3.79 -3.33 -5.98
CA GLY B 35 -4.24 -3.02 -4.64
C GLY B 35 -3.70 -1.70 -4.15
N LEU B 36 -2.41 -1.46 -4.36
CA LEU B 36 -1.76 -0.23 -3.94
C LEU B 36 -2.21 0.95 -4.80
N ALA B 37 -2.63 0.66 -6.03
CA ALA B 37 -3.10 1.68 -6.95
C ALA B 37 -4.40 2.32 -6.47
N SER B 38 -5.27 1.49 -5.88
CA SER B 38 -6.55 1.96 -5.37
C SER B 38 -6.38 2.56 -3.98
N SER B 39 -5.54 1.94 -3.17
CA SER B 39 -5.30 2.41 -1.81
C SER B 39 -4.81 3.84 -1.80
N ALA B 40 -3.71 4.09 -2.51
CA ALA B 40 -3.13 5.43 -2.60
C ALA B 40 -4.14 6.40 -3.18
N ALA B 41 -5.01 5.92 -4.07
CA ALA B 41 -6.02 6.76 -4.68
C ALA B 41 -6.98 7.31 -3.63
N LEU B 42 -7.43 6.45 -2.73
CA LEU B 42 -8.34 6.88 -1.68
C LEU B 42 -7.63 7.84 -0.73
N ASN B 43 -6.34 7.66 -0.54
CA ASN B 43 -5.59 8.52 0.37
C ASN B 43 -5.16 9.82 -0.29
N SER B 44 -5.22 9.85 -1.62
CA SER B 44 -4.87 11.03 -2.41
C SER B 44 -5.82 12.21 -2.17
N LEU B 45 -6.98 11.90 -1.60
CA LEU B 45 -7.97 12.92 -1.27
C LEU B 45 -7.50 13.67 -0.02
N PHE B 46 -8.05 14.84 0.22
CA PHE B 46 -7.66 15.62 1.39
C PHE B 46 -8.84 16.36 2.01
N GLN B 47 -9.81 16.72 1.15
CA GLN B 47 -11.00 17.41 1.59
C GLN B 47 -10.66 18.85 1.97
N PRO B 48 -11.00 19.84 1.11
CA PRO B 48 -10.71 21.25 1.36
C PRO B 48 -11.82 21.94 2.14
N TYR B 49 -11.43 22.81 3.07
CA TYR B 49 -12.40 23.55 3.87
C TYR B 49 -13.16 22.60 4.80
N GLY B 50 -13.59 23.12 5.94
CA GLY B 50 -14.32 22.32 6.91
C GLY B 50 -14.84 23.15 8.07
N VAL B 51 -15.81 24.01 7.77
CA VAL B 51 -16.43 24.89 8.77
C VAL B 51 -17.68 24.27 9.40
N GLY B 52 -18.25 23.27 8.73
CA GLY B 52 -19.44 22.61 9.23
C GLY B 52 -20.33 22.11 8.12
N LYS B 53 -19.73 21.43 7.15
CA LYS B 53 -20.48 20.89 6.01
C LYS B 53 -19.92 19.54 5.60
N VAL B 54 -20.45 18.98 4.51
CA VAL B 54 -19.99 17.69 4.02
C VAL B 54 -19.23 17.82 2.70
N ASN B 55 -18.13 17.08 2.57
CA ASN B 55 -17.30 17.11 1.37
C ASN B 55 -17.09 15.70 0.80
N PHE B 56 -17.54 15.50 -0.45
CA PHE B 56 -17.41 14.22 -1.13
C PHE B 56 -16.00 14.05 -1.71
N THR B 57 -15.38 12.92 -1.39
CA THR B 57 -14.04 12.62 -1.88
C THR B 57 -14.07 11.42 -2.83
N ALA B 58 -13.63 11.64 -4.07
CA ALA B 58 -13.59 10.60 -5.09
C ALA B 58 -12.45 10.81 -6.08
N GLY B 59 -11.80 9.72 -6.48
CA GLY B 59 -10.69 9.81 -7.42
C GLY B 59 -10.16 8.45 -7.82
N VAL B 60 -9.33 8.43 -8.86
CA VAL B 60 -8.74 7.18 -9.34
C VAL B 60 -7.24 7.14 -9.06
N GLY B 61 -6.66 5.94 -9.17
CA GLY B 61 -5.24 5.79 -8.93
C GLY B 61 -4.59 4.84 -9.93
N GLY B 62 -3.27 4.70 -9.84
CA GLY B 62 -2.55 3.82 -10.74
C GLY B 62 -1.19 3.42 -10.21
N TYR B 63 -0.68 2.29 -10.68
CA TYR B 63 0.62 1.79 -10.24
C TYR B 63 1.37 1.15 -11.41
N ARG B 64 2.57 1.65 -11.68
CA ARG B 64 3.39 1.12 -12.77
C ARG B 64 2.74 1.40 -14.12
N SER B 65 1.89 0.48 -14.57
CA SER B 65 1.19 0.63 -15.85
C SER B 65 -0.28 0.22 -15.73
N SER B 66 -0.74 0.07 -14.49
CA SER B 66 -2.13 -0.32 -14.23
C SER B 66 -2.93 0.85 -13.65
N GLN B 67 -4.23 0.66 -13.51
CA GLN B 67 -5.10 1.70 -12.96
C GLN B 67 -5.96 1.16 -11.82
N ALA B 68 -6.76 2.04 -11.21
CA ALA B 68 -7.62 1.66 -10.10
C ALA B 68 -8.70 2.70 -9.83
N LEU B 69 -9.76 2.29 -9.13
CA LEU B 69 -10.87 3.18 -8.81
C LEU B 69 -11.03 3.31 -7.30
N ALA B 70 -11.24 4.53 -6.82
CA ALA B 70 -11.41 4.77 -5.38
C ALA B 70 -12.56 5.74 -5.10
N ILE B 71 -13.36 5.43 -4.09
CA ILE B 71 -14.49 6.29 -3.73
C ILE B 71 -14.60 6.43 -2.22
N GLY B 72 -15.03 7.62 -1.77
CA GLY B 72 -15.18 7.86 -0.35
C GLY B 72 -15.84 9.19 -0.05
N SER B 73 -15.93 9.55 1.22
CA SER B 73 -16.55 10.80 1.63
C SER B 73 -16.18 11.15 3.07
N GLY B 74 -16.30 12.44 3.40
CA GLY B 74 -15.98 12.89 4.75
C GLY B 74 -16.84 14.07 5.17
N TYR B 75 -16.92 14.29 6.47
CA TYR B 75 -17.72 15.39 7.01
C TYR B 75 -16.92 16.21 7.99
N ARG B 76 -16.75 17.49 7.68
CA ARG B 76 -15.99 18.40 8.54
C ARG B 76 -16.94 19.36 9.28
N VAL B 77 -17.16 19.09 10.56
CA VAL B 77 -18.04 19.92 11.39
C VAL B 77 -17.25 20.86 12.28
N ASN B 78 -17.55 22.16 12.21
CA ASN B 78 -16.86 23.14 13.01
C ASN B 78 -15.39 23.23 12.64
N GLU B 79 -14.63 23.99 13.44
CA GLU B 79 -13.21 24.15 13.19
C GLU B 79 -12.39 23.63 14.37
N SER B 80 -12.57 22.34 14.69
CA SER B 80 -11.86 21.72 15.78
C SER B 80 -11.78 20.20 15.60
N VAL B 81 -12.93 19.58 15.40
CA VAL B 81 -13.00 18.14 15.20
C VAL B 81 -13.43 17.82 13.77
N ALA B 82 -12.85 16.75 13.21
CA ALA B 82 -13.18 16.35 11.85
C ALA B 82 -13.12 14.83 11.69
N LEU B 83 -13.91 14.31 10.76
CA LEU B 83 -13.94 12.87 10.50
C LEU B 83 -13.95 12.59 9.00
N LYS B 84 -13.09 11.67 8.57
CA LYS B 84 -12.98 11.30 7.16
C LYS B 84 -12.94 9.80 6.99
N ALA B 85 -13.57 9.31 5.92
CA ALA B 85 -13.61 7.87 5.64
C ALA B 85 -13.77 7.62 4.14
N GLY B 86 -13.63 6.35 3.75
CA GLY B 86 -13.75 6.00 2.34
C GLY B 86 -13.27 4.59 2.07
N VAL B 87 -13.76 4.01 0.96
CA VAL B 87 -13.38 2.65 0.57
C VAL B 87 -12.75 2.63 -0.82
N ALA B 88 -11.79 1.75 -1.02
CA ALA B 88 -11.11 1.63 -2.31
C ALA B 88 -11.43 0.30 -2.99
N TYR B 89 -11.39 0.28 -4.32
CA TYR B 89 -11.67 -0.92 -5.09
C TYR B 89 -10.57 -1.17 -6.14
N ALA B 90 -10.03 -2.39 -6.12
CA ALA B 90 -8.96 -2.78 -7.05
C ALA B 90 -9.14 -4.22 -7.52
N GLY B 91 -8.77 -4.47 -8.77
CA GLY B 91 -8.90 -5.81 -9.33
C GLY B 91 -10.31 -6.36 -9.23
N SER B 92 -10.55 -7.18 -8.21
CA SER B 92 -11.87 -7.77 -8.00
C SER B 92 -12.08 -8.15 -6.54
N SER B 93 -10.98 -8.41 -5.84
CA SER B 93 -11.01 -8.79 -4.43
C SER B 93 -10.10 -7.89 -3.59
N ASP B 94 -9.67 -6.79 -4.18
CA ASP B 94 -8.80 -5.84 -3.49
C ASP B 94 -9.60 -4.67 -2.95
N VAL B 95 -10.42 -4.93 -1.93
CA VAL B 95 -11.24 -3.89 -1.32
C VAL B 95 -10.77 -3.59 0.09
N MET B 96 -10.50 -2.31 0.36
CA MET B 96 -10.04 -1.88 1.67
C MET B 96 -10.83 -0.66 2.14
N TYR B 97 -11.02 -0.56 3.46
CA TYR B 97 -11.78 0.55 4.04
C TYR B 97 -10.97 1.25 5.13
N ASN B 98 -10.88 2.58 5.06
CA ASN B 98 -10.15 3.35 6.05
C ASN B 98 -11.00 4.47 6.64
N ALA B 99 -10.90 4.66 7.96
CA ALA B 99 -11.64 5.70 8.66
C ALA B 99 -10.75 6.40 9.68
N SER B 100 -10.41 7.65 9.40
CA SER B 100 -9.56 8.43 10.30
C SER B 100 -10.23 9.76 10.70
N PHE B 101 -9.73 10.39 11.76
CA PHE B 101 -10.29 11.65 12.23
C PHE B 101 -9.19 12.69 12.46
N ASN B 102 -9.48 13.93 12.08
CA ASN B 102 -8.53 15.03 12.25
C ASN B 102 -9.03 16.01 13.31
N ILE B 103 -8.20 16.28 14.32
CA ILE B 103 -8.57 17.21 15.37
C ILE B 103 -7.41 18.14 15.71
N GLU B 104 -7.70 19.42 15.84
CA GLU B 104 -6.68 20.41 16.16
C GLU B 104 -6.90 20.98 17.56
N TRP B 105 -5.84 21.55 18.15
CA TRP B 105 -5.92 22.13 19.48
C TRP B 105 -5.11 23.41 19.56
N GLY C 1 19.73 -10.17 -1.06
CA GLY C 1 19.72 -11.60 -0.64
C GLY C 1 21.01 -12.32 -0.96
N ASP C 2 22.14 -11.73 -0.56
CA ASP C 2 23.46 -12.30 -0.81
C ASP C 2 23.75 -12.35 -2.30
N GLN C 3 24.89 -11.76 -2.69
CA GLN C 3 25.30 -11.72 -4.08
C GLN C 3 26.71 -12.28 -4.24
N ALA C 4 26.92 -13.49 -3.73
CA ALA C 4 28.22 -14.14 -3.81
C ALA C 4 28.10 -15.51 -4.46
N SER C 5 27.16 -16.32 -3.96
CA SER C 5 26.94 -17.66 -4.47
C SER C 5 25.47 -17.88 -4.79
N TRP C 6 25.15 -18.06 -6.07
CA TRP C 6 23.78 -18.27 -6.50
C TRP C 6 23.74 -18.99 -7.84
N SER C 7 23.43 -20.28 -7.81
CA SER C 7 23.35 -21.08 -9.02
C SER C 7 24.73 -21.25 -9.64
N HIS C 8 25.57 -22.05 -8.99
CA HIS C 8 26.94 -22.27 -9.46
C HIS C 8 27.13 -23.69 -9.98
N PRO C 9 26.79 -24.73 -9.17
CA PRO C 9 26.92 -26.12 -9.58
C PRO C 9 25.87 -26.52 -10.63
N GLN C 10 26.30 -27.28 -11.64
CA GLN C 10 25.40 -27.71 -12.70
C GLN C 10 24.26 -28.56 -12.13
N PHE C 11 24.56 -29.34 -11.11
CA PHE C 11 23.57 -30.19 -10.47
C PHE C 11 23.06 -29.51 -9.21
N GLU C 12 21.80 -29.07 -9.26
CA GLU C 12 21.17 -28.37 -8.15
C GLU C 12 19.65 -28.32 -8.34
N LYS C 13 18.92 -28.98 -7.44
CA LYS C 13 17.46 -29.03 -7.52
C LYS C 13 16.82 -28.73 -6.16
N GLY C 14 17.14 -29.55 -5.15
CA GLY C 14 16.59 -29.37 -3.83
C GLY C 14 17.11 -28.10 -3.17
N ALA C 15 18.39 -27.83 -3.35
CA ALA C 15 19.02 -26.64 -2.79
C ALA C 15 18.61 -25.38 -3.53
N HIS C 16 18.77 -25.42 -4.85
CA HIS C 16 18.41 -24.28 -5.69
C HIS C 16 16.95 -23.88 -5.49
N LYS C 17 16.07 -24.88 -5.51
CA LYS C 17 14.64 -24.64 -5.33
C LYS C 17 14.36 -24.03 -3.96
N PHE C 18 15.03 -24.56 -2.94
CA PHE C 18 14.86 -24.08 -1.57
C PHE C 18 15.29 -22.61 -1.44
N ARG C 19 16.39 -22.27 -2.09
CA ARG C 19 16.90 -20.90 -2.05
C ARG C 19 16.05 -19.98 -2.91
N GLN C 20 15.47 -20.53 -3.97
CA GLN C 20 14.62 -19.76 -4.88
C GLN C 20 13.29 -19.39 -4.21
N LEU C 21 12.79 -20.29 -3.38
CA LEU C 21 11.54 -20.06 -2.68
C LEU C 21 11.65 -18.88 -1.73
N ASP C 22 12.68 -18.91 -0.88
CA ASP C 22 12.92 -17.84 0.08
C ASP C 22 13.34 -16.55 -0.62
N ASN C 23 13.92 -16.70 -1.81
CA ASN C 23 14.37 -15.54 -2.59
C ASN C 23 13.18 -14.70 -3.05
N ARG C 24 12.09 -15.38 -3.41
CA ARG C 24 10.88 -14.70 -3.86
C ARG C 24 10.20 -13.96 -2.72
N LEU C 25 10.09 -14.64 -1.58
CA LEU C 25 9.46 -14.04 -0.41
C LEU C 25 10.22 -12.80 0.04
N ASP C 26 11.54 -12.82 -0.15
CA ASP C 26 12.37 -11.69 0.22
C ASP C 26 12.34 -10.60 -0.84
N LYS C 27 12.11 -10.99 -2.09
CA LYS C 27 12.06 -10.04 -3.19
C LYS C 27 10.78 -9.22 -3.14
N LEU C 28 9.65 -9.88 -2.87
CA LEU C 28 8.37 -9.19 -2.79
C LEU C 28 8.32 -8.36 -1.51
N ASP C 29 9.03 -8.83 -0.48
CA ASP C 29 9.10 -8.13 0.80
C ASP C 29 9.82 -6.79 0.69
N THR C 30 10.97 -6.79 0.02
CA THR C 30 11.74 -5.58 -0.17
C THR C 30 11.05 -4.64 -1.15
N ARG C 31 10.38 -5.22 -2.14
CA ARG C 31 9.67 -4.43 -3.15
C ARG C 31 8.48 -3.69 -2.56
N VAL C 32 7.76 -4.37 -1.65
CA VAL C 32 6.60 -3.77 -1.00
C VAL C 32 7.01 -2.77 0.07
N ASP C 33 8.18 -3.01 0.67
CA ASP C 33 8.69 -2.13 1.72
C ASP C 33 8.94 -0.72 1.17
N LYS C 34 9.78 -0.64 0.14
CA LYS C 34 10.11 0.64 -0.48
C LYS C 34 8.92 1.20 -1.24
N GLY C 35 8.25 0.35 -2.00
CA GLY C 35 7.08 0.80 -2.76
C GLY C 35 6.04 1.47 -1.89
N LEU C 36 5.75 0.86 -0.74
CA LEU C 36 4.76 1.40 0.18
C LEU C 36 5.29 2.65 0.88
N ALA C 37 6.61 2.75 0.99
CA ALA C 37 7.26 3.89 1.62
C ALA C 37 7.05 5.17 0.81
N SER C 38 7.08 5.03 -0.51
CA SER C 38 6.89 6.18 -1.40
C SER C 38 5.41 6.46 -1.60
N SER C 39 4.62 5.40 -1.70
CA SER C 39 3.17 5.54 -1.90
C SER C 39 2.55 6.36 -0.78
N ALA C 40 2.73 5.91 0.46
CA ALA C 40 2.20 6.59 1.63
C ALA C 40 2.73 8.03 1.69
N ALA C 41 3.96 8.23 1.22
CA ALA C 41 4.57 9.54 1.23
C ALA C 41 3.77 10.52 0.36
N LEU C 42 3.39 10.07 -0.84
CA LEU C 42 2.61 10.91 -1.74
C LEU C 42 1.24 11.18 -1.14
N ASN C 43 0.70 10.23 -0.41
CA ASN C 43 -0.63 10.39 0.18
C ASN C 43 -0.61 11.17 1.48
N SER C 44 0.59 11.30 2.05
CA SER C 44 0.81 12.05 3.29
C SER C 44 0.52 13.55 3.14
N LEU C 45 0.48 13.99 1.89
CA LEU C 45 0.18 15.39 1.58
C LEU C 45 -1.32 15.61 1.76
N PHE C 46 -1.73 16.87 1.86
CA PHE C 46 -3.14 17.16 2.03
C PHE C 46 -3.54 18.44 1.30
N GLN C 47 -2.60 19.36 1.19
CA GLN C 47 -2.82 20.63 0.51
C GLN C 47 -3.72 21.52 1.36
N PRO C 48 -3.16 22.55 2.03
CA PRO C 48 -3.94 23.45 2.87
C PRO C 48 -4.49 24.65 2.11
N TYR C 49 -5.72 25.04 2.42
CA TYR C 49 -6.36 26.16 1.76
C TYR C 49 -6.63 25.85 0.30
N GLY C 50 -7.67 26.47 -0.25
CA GLY C 50 -8.03 26.24 -1.64
C GLY C 50 -9.16 27.15 -2.09
N VAL C 51 -8.85 28.44 -2.19
CA VAL C 51 -9.82 29.46 -2.61
C VAL C 51 -9.78 29.71 -4.12
N GLY C 52 -8.68 29.32 -4.76
CA GLY C 52 -8.52 29.52 -6.19
C GLY C 52 -7.07 29.74 -6.59
N LYS C 53 -6.19 28.89 -6.08
CA LYS C 53 -4.76 29.00 -6.39
C LYS C 53 -4.15 27.61 -6.52
N VAL C 54 -2.83 27.56 -6.70
CA VAL C 54 -2.12 26.29 -6.84
C VAL C 54 -1.24 26.00 -5.63
N ASN C 55 -1.26 24.74 -5.18
CA ASN C 55 -0.46 24.31 -4.03
C ASN C 55 0.44 23.12 -4.37
N PHE C 56 1.74 23.31 -4.24
CA PHE C 56 2.73 22.27 -4.52
C PHE C 56 2.83 21.28 -3.35
N THR C 57 2.72 20.00 -3.65
CA THR C 57 2.81 18.95 -2.63
C THR C 57 4.04 18.09 -2.86
N ALA C 58 4.94 18.06 -1.87
CA ALA C 58 6.16 17.28 -1.93
C ALA C 58 6.60 16.78 -0.55
N GLY C 59 7.09 15.56 -0.50
CA GLY C 59 7.54 14.99 0.77
C GLY C 59 8.15 13.62 0.61
N VAL C 60 8.82 13.14 1.66
CA VAL C 60 9.45 11.82 1.62
C VAL C 60 8.73 10.84 2.54
N GLY C 61 9.02 9.56 2.37
CA GLY C 61 8.40 8.53 3.19
C GLY C 61 9.37 7.44 3.61
N GLY C 62 8.91 6.51 4.43
CA GLY C 62 9.76 5.42 4.88
C GLY C 62 8.97 4.24 5.38
N TYR C 63 9.60 3.06 5.36
CA TYR C 63 8.94 1.83 5.82
C TYR C 63 9.93 0.93 6.54
N ARG C 64 9.62 0.59 7.79
CA ARG C 64 10.50 -0.26 8.59
C ARG C 64 11.82 0.44 8.89
N SER C 65 12.78 0.27 7.99
CA SER C 65 14.10 0.89 8.15
C SER C 65 14.60 1.47 6.84
N SER C 66 13.71 1.57 5.87
CA SER C 66 14.06 2.12 4.55
C SER C 66 13.43 3.49 4.35
N GLN C 67 13.79 4.16 3.25
CA GLN C 67 13.25 5.48 2.94
C GLN C 67 12.69 5.53 1.52
N ALA C 68 12.12 6.67 1.14
CA ALA C 68 11.55 6.85 -0.19
C ALA C 68 11.33 8.32 -0.52
N LEU C 69 11.18 8.62 -1.80
CA LEU C 69 10.96 9.99 -2.26
C LEU C 69 9.63 10.10 -3.00
N ALA C 70 8.88 11.16 -2.71
CA ALA C 70 7.59 11.38 -3.36
C ALA C 70 7.41 12.83 -3.79
N ILE C 71 6.86 13.04 -4.98
CA ILE C 71 6.64 14.39 -5.49
C ILE C 71 5.28 14.50 -6.18
N GLY C 72 4.64 15.66 -6.06
CA GLY C 72 3.35 15.86 -6.67
C GLY C 72 2.87 17.31 -6.58
N SER C 73 1.65 17.56 -7.03
CA SER C 73 1.09 18.90 -6.99
C SER C 73 -0.42 18.87 -7.19
N GLY C 74 -1.09 19.93 -6.74
CA GLY C 74 -2.53 20.01 -6.89
C GLY C 74 -3.01 21.44 -7.06
N TYR C 75 -4.21 21.60 -7.60
CA TYR C 75 -4.78 22.92 -7.82
C TYR C 75 -6.19 23.03 -7.25
N ARG C 76 -6.37 23.93 -6.30
CA ARG C 76 -7.67 24.13 -5.66
C ARG C 76 -8.32 25.42 -6.16
N VAL C 77 -9.31 25.28 -7.06
CA VAL C 77 -10.02 26.43 -7.61
C VAL C 77 -11.39 26.63 -6.95
N ASN C 78 -11.63 27.83 -6.45
CA ASN C 78 -12.90 28.13 -5.79
C ASN C 78 -13.07 27.30 -4.52
N GLU C 79 -14.27 27.37 -3.94
CA GLU C 79 -14.57 26.64 -2.72
C GLU C 79 -15.71 25.65 -2.96
N SER C 80 -15.52 24.74 -3.91
CA SER C 80 -16.54 23.75 -4.24
C SER C 80 -15.91 22.53 -4.92
N VAL C 81 -15.15 22.77 -5.98
CA VAL C 81 -14.49 21.69 -6.71
C VAL C 81 -12.97 21.78 -6.53
N ALA C 82 -12.32 20.63 -6.45
CA ALA C 82 -10.87 20.59 -6.26
C ALA C 82 -10.27 19.38 -6.96
N LEU C 83 -9.02 19.52 -7.39
CA LEU C 83 -8.31 18.43 -8.06
C LEU C 83 -6.89 18.30 -7.53
N LYS C 84 -6.49 17.05 -7.21
CA LYS C 84 -5.16 16.78 -6.69
C LYS C 84 -4.53 15.59 -7.40
N ALA C 85 -3.22 15.66 -7.62
CA ALA C 85 -2.49 14.58 -8.27
C ALA C 85 -1.03 14.56 -7.85
N GLY C 86 -0.31 13.50 -8.25
CA GLY C 86 1.09 13.38 -7.88
C GLY C 86 1.64 11.99 -8.17
N VAL C 87 2.96 11.90 -8.33
CA VAL C 87 3.61 10.62 -8.60
C VAL C 87 4.66 10.30 -7.54
N ALA C 88 4.80 9.01 -7.23
CA ALA C 88 5.77 8.58 -6.22
C ALA C 88 6.90 7.77 -6.86
N TYR C 89 8.07 7.80 -6.23
CA TYR C 89 9.25 7.08 -6.71
C TYR C 89 9.89 6.26 -5.61
N ALA C 90 10.09 4.97 -5.87
CA ALA C 90 10.70 4.05 -4.90
C ALA C 90 11.63 3.06 -5.58
N GLY C 91 12.71 2.70 -4.89
CA GLY C 91 13.67 1.77 -5.43
C GLY C 91 14.22 2.22 -6.77
N SER C 92 13.66 1.66 -7.86
CA SER C 92 14.10 2.01 -9.20
C SER C 92 12.99 1.76 -10.22
N SER C 93 12.09 0.84 -9.89
CA SER C 93 10.96 0.48 -10.76
C SER C 93 9.64 0.58 -10.02
N ASP C 94 9.66 1.21 -8.85
CA ASP C 94 8.46 1.37 -8.04
C ASP C 94 7.86 2.75 -8.23
N VAL C 95 7.32 3.01 -9.42
CA VAL C 95 6.72 4.29 -9.72
C VAL C 95 5.20 4.15 -9.87
N MET C 96 4.47 4.98 -9.12
CA MET C 96 3.00 4.96 -9.15
C MET C 96 2.45 6.38 -9.27
N TYR C 97 1.32 6.50 -9.96
CA TYR C 97 0.69 7.80 -10.16
C TYR C 97 -0.77 7.78 -9.71
N ASN C 98 -1.16 8.78 -8.91
CA ASN C 98 -2.53 8.86 -8.42
C ASN C 98 -3.14 10.24 -8.69
N ALA C 99 -4.40 10.24 -9.12
CA ALA C 99 -5.12 11.49 -9.42
C ALA C 99 -6.55 11.43 -8.87
N SER C 100 -6.81 12.22 -7.83
CA SER C 100 -8.14 12.25 -7.22
C SER C 100 -8.71 13.67 -7.17
N PHE C 101 -10.00 13.79 -6.95
CA PHE C 101 -10.64 15.10 -6.90
C PHE C 101 -11.54 15.22 -5.67
N ASN C 102 -11.51 16.38 -5.03
CA ASN C 102 -12.32 16.64 -3.85
C ASN C 102 -13.41 17.67 -4.16
N ILE C 103 -14.67 17.31 -3.88
CA ILE C 103 -15.79 18.21 -4.13
C ILE C 103 -16.77 18.19 -2.97
N GLU C 104 -17.20 19.38 -2.54
CA GLU C 104 -18.14 19.49 -1.43
C GLU C 104 -19.50 19.99 -1.92
N TRP C 105 -20.54 19.75 -1.13
CA TRP C 105 -21.89 20.19 -1.48
C TRP C 105 -22.64 20.68 -0.26
N GLY A 1 2.87 -16.93 11.51
CA GLY A 1 2.04 -17.98 10.85
C GLY A 1 2.21 -19.34 11.50
N ASP A 2 2.04 -19.39 12.82
CA ASP A 2 2.17 -20.64 13.58
C ASP A 2 3.61 -21.13 13.56
N GLN A 3 4.13 -21.42 14.75
CA GLN A 3 5.51 -21.90 14.89
C GLN A 3 5.56 -23.09 15.84
N ALA A 4 4.69 -24.07 15.61
CA ALA A 4 4.65 -25.27 16.44
C ALA A 4 4.81 -26.52 15.60
N SER A 5 4.03 -26.61 14.52
CA SER A 5 4.08 -27.77 13.63
C SER A 5 4.70 -27.39 12.29
N TRP A 6 5.95 -27.79 12.08
CA TRP A 6 6.64 -27.49 10.83
C TRP A 6 7.89 -28.36 10.68
N SER A 7 7.90 -29.22 9.67
CA SER A 7 9.04 -30.10 9.42
C SER A 7 9.21 -31.08 10.57
N HIS A 8 8.44 -32.17 10.53
CA HIS A 8 8.50 -33.17 11.59
C HIS A 8 9.08 -34.49 11.09
N PRO A 9 8.60 -35.00 9.93
CA PRO A 9 9.10 -36.25 9.35
C PRO A 9 10.52 -36.11 8.82
N GLN A 10 11.29 -37.20 8.86
CA GLN A 10 12.67 -37.19 8.38
C GLN A 10 12.72 -37.09 6.86
N PHE A 11 11.89 -37.90 6.20
CA PHE A 11 11.81 -37.91 4.74
C PHE A 11 10.69 -36.98 4.27
N GLU A 12 11.08 -35.87 3.66
CA GLU A 12 10.14 -34.87 3.17
C GLU A 12 10.79 -34.01 2.08
N LYS A 13 10.30 -34.17 0.85
CA LYS A 13 10.83 -33.42 -0.29
C LYS A 13 9.73 -32.67 -1.04
N GLY A 14 8.87 -33.41 -1.73
CA GLY A 14 7.78 -32.79 -2.47
C GLY A 14 6.72 -32.21 -1.57
N ALA A 15 6.44 -32.91 -0.47
CA ALA A 15 5.45 -32.48 0.50
C ALA A 15 5.90 -31.22 1.22
N HIS A 16 7.09 -31.28 1.80
CA HIS A 16 7.65 -30.15 2.53
C HIS A 16 7.67 -28.89 1.66
N LYS A 17 8.25 -29.02 0.47
CA LYS A 17 8.33 -27.90 -0.46
C LYS A 17 6.94 -27.38 -0.81
N PHE A 18 6.00 -28.29 -1.00
CA PHE A 18 4.63 -27.93 -1.34
C PHE A 18 4.02 -27.01 -0.28
N ARG A 19 4.38 -27.27 0.98
CA ARG A 19 3.87 -26.47 2.09
C ARG A 19 4.59 -25.12 2.17
N GLN A 20 5.91 -25.16 1.98
CA GLN A 20 6.72 -23.94 2.05
C GLN A 20 6.27 -22.93 1.00
N LEU A 21 5.83 -23.42 -0.15
CA LEU A 21 5.36 -22.56 -1.23
C LEU A 21 4.16 -21.74 -0.77
N ASP A 22 3.10 -22.43 -0.37
CA ASP A 22 1.88 -21.77 0.09
C ASP A 22 2.13 -20.99 1.38
N ASN A 23 3.19 -21.38 2.09
CA ASN A 23 3.55 -20.73 3.35
C ASN A 23 4.06 -19.31 3.10
N ARG A 24 4.86 -19.16 2.06
CA ARG A 24 5.43 -17.86 1.71
C ARG A 24 4.36 -16.94 1.14
N LEU A 25 3.52 -17.49 0.26
CA LEU A 25 2.45 -16.71 -0.36
C LEU A 25 1.50 -16.17 0.71
N ASP A 26 1.20 -17.00 1.70
CA ASP A 26 0.31 -16.60 2.78
C ASP A 26 1.00 -15.62 3.73
N LYS A 27 2.31 -15.78 3.89
CA LYS A 27 3.06 -14.90 4.76
C LYS A 27 3.20 -13.50 4.17
N LEU A 28 3.21 -13.43 2.83
CA LEU A 28 3.32 -12.15 2.15
C LEU A 28 1.94 -11.52 2.01
N ASP A 29 0.93 -12.37 1.90
CA ASP A 29 -0.47 -11.92 1.78
C ASP A 29 -0.95 -11.24 3.06
N THR A 30 -0.59 -11.81 4.20
CA THR A 30 -0.98 -11.26 5.49
C THR A 30 -0.19 -9.98 5.79
N ARG A 31 1.11 -10.02 5.55
CA ARG A 31 1.99 -8.87 5.80
C ARG A 31 1.56 -7.66 4.97
N VAL A 32 1.11 -7.92 3.75
CA VAL A 32 0.68 -6.85 2.84
C VAL A 32 -0.70 -6.33 3.25
N ASP A 33 -1.53 -7.22 3.80
CA ASP A 33 -2.88 -6.85 4.22
C ASP A 33 -2.83 -5.85 5.38
N LYS A 34 -2.05 -6.19 6.41
CA LYS A 34 -1.91 -5.33 7.59
C LYS A 34 -1.11 -4.08 7.25
N GLY A 35 -0.03 -4.26 6.50
CA GLY A 35 0.81 -3.13 6.12
C GLY A 35 0.02 -2.03 5.41
N LEU A 36 -0.70 -2.42 4.35
CA LEU A 36 -1.49 -1.48 3.58
C LEU A 36 -2.64 -0.92 4.41
N ALA A 37 -3.24 -1.78 5.23
CA ALA A 37 -4.36 -1.39 6.10
C ALA A 37 -3.98 -0.21 6.99
N SER A 38 -2.79 -0.28 7.57
CA SER A 38 -2.30 0.79 8.45
C SER A 38 -1.87 2.00 7.64
N SER A 39 -1.26 1.74 6.48
CA SER A 39 -0.80 2.82 5.61
C SER A 39 -1.94 3.75 5.21
N ALA A 40 -2.88 3.21 4.44
CA ALA A 40 -4.05 3.97 4.00
C ALA A 40 -4.74 4.63 5.19
N ALA A 41 -4.68 3.98 6.34
CA ALA A 41 -5.31 4.50 7.55
C ALA A 41 -4.74 5.88 7.90
N LEU A 42 -3.42 5.97 8.00
CA LEU A 42 -2.77 7.24 8.31
C LEU A 42 -2.92 8.21 7.13
N ASN A 43 -2.92 7.67 5.92
CA ASN A 43 -3.02 8.53 4.74
C ASN A 43 -4.44 9.05 4.51
N SER A 44 -5.37 8.56 5.34
CA SER A 44 -6.77 8.98 5.28
C SER A 44 -7.01 10.35 5.93
N LEU A 45 -6.01 10.80 6.69
CA LEU A 45 -6.07 12.11 7.34
C LEU A 45 -5.84 13.19 6.28
N PHE A 46 -6.02 14.45 6.67
CA PHE A 46 -5.82 15.54 5.72
C PHE A 46 -5.42 16.83 6.42
N GLN A 47 -5.83 16.95 7.68
CA GLN A 47 -5.53 18.11 8.49
C GLN A 47 -6.33 19.33 7.99
N PRO A 48 -7.35 19.77 8.75
CA PRO A 48 -8.18 20.89 8.35
C PRO A 48 -7.67 22.22 8.91
N TYR A 49 -7.82 23.29 8.12
CA TYR A 49 -7.38 24.60 8.54
C TYR A 49 -5.90 24.57 8.97
N GLY A 50 -5.24 25.72 8.87
CA GLY A 50 -3.85 25.82 9.25
C GLY A 50 -3.28 27.20 9.01
N VAL A 51 -3.58 28.11 9.95
CA VAL A 51 -3.11 29.50 9.87
C VAL A 51 -1.84 29.73 10.69
N GLY A 52 -1.64 28.91 11.73
CA GLY A 52 -0.48 29.03 12.58
C GLY A 52 -0.65 28.32 13.90
N LYS A 53 -1.09 27.07 13.84
CA LYS A 53 -1.29 26.26 15.04
C LYS A 53 -0.97 24.79 14.77
N VAL A 54 -1.15 23.95 15.78
CA VAL A 54 -0.87 22.53 15.64
C VAL A 54 -2.15 21.71 15.51
N ASN A 55 -2.10 20.65 14.70
CA ASN A 55 -3.26 19.78 14.49
C ASN A 55 -2.89 18.30 14.69
N PHE A 56 -3.64 17.64 15.58
CA PHE A 56 -3.42 16.23 15.87
C PHE A 56 -4.27 15.33 14.98
N THR A 57 -3.61 14.36 14.33
CA THR A 57 -4.30 13.44 13.44
C THR A 57 -4.28 12.02 14.01
N ALA A 58 -5.44 11.38 14.02
CA ALA A 58 -5.58 10.01 14.54
C ALA A 58 -6.75 9.28 13.87
N GLY A 59 -6.49 8.05 13.45
CA GLY A 59 -7.52 7.26 12.80
C GLY A 59 -7.14 5.79 12.68
N VAL A 60 -8.04 5.00 12.10
CA VAL A 60 -7.80 3.57 11.93
C VAL A 60 -7.99 3.14 10.48
N GLY A 61 -7.73 1.87 10.20
CA GLY A 61 -7.88 1.35 8.86
C GLY A 61 -8.16 -0.14 8.84
N GLY A 62 -8.45 -0.67 7.65
CA GLY A 62 -8.75 -2.08 7.52
C GLY A 62 -8.62 -2.58 6.09
N TYR A 63 -8.39 -3.87 5.92
CA TYR A 63 -8.24 -4.47 4.60
C TYR A 63 -8.79 -5.90 4.59
N ARG A 64 -9.71 -6.17 3.67
CA ARG A 64 -10.32 -7.49 3.55
C ARG A 64 -11.16 -7.82 4.78
N SER A 65 -10.53 -8.42 5.79
CA SER A 65 -11.22 -8.78 7.03
C SER A 65 -10.36 -8.47 8.26
N SER A 66 -9.34 -7.64 8.05
CA SER A 66 -8.44 -7.25 9.14
C SER A 66 -8.49 -5.75 9.38
N GLN A 67 -7.93 -5.32 10.51
CA GLN A 67 -7.92 -3.89 10.86
C GLN A 67 -6.49 -3.41 11.12
N ALA A 68 -6.34 -2.10 11.34
CA ALA A 68 -5.03 -1.52 11.61
C ALA A 68 -5.14 -0.22 12.39
N LEU A 69 -4.07 0.15 13.08
CA LEU A 69 -4.04 1.38 13.87
C LEU A 69 -3.08 2.40 13.25
N ALA A 70 -3.53 3.65 13.16
CA ALA A 70 -2.70 4.71 12.58
C ALA A 70 -2.68 5.95 13.48
N ILE A 71 -1.50 6.54 13.65
CA ILE A 71 -1.36 7.73 14.47
C ILE A 71 -0.35 8.71 13.87
N GLY A 72 -0.60 10.01 14.04
CA GLY A 72 0.29 11.01 13.50
C GLY A 72 -0.13 12.41 13.89
N SER A 73 0.63 13.40 13.42
CA SER A 73 0.34 14.80 13.73
C SER A 73 1.01 15.74 12.73
N GLY A 74 0.48 16.95 12.61
CA GLY A 74 1.04 17.93 11.69
C GLY A 74 0.85 19.34 12.19
N TYR A 75 1.73 20.24 11.75
CA TYR A 75 1.66 21.64 12.16
C TYR A 75 1.65 22.56 10.95
N ARG A 76 0.67 23.47 10.91
CA ARG A 76 0.55 24.42 9.81
C ARG A 76 0.88 25.83 10.27
N VAL A 77 2.07 26.32 9.89
CA VAL A 77 2.51 27.67 10.26
C VAL A 77 2.33 28.65 9.12
N ASN A 78 1.72 29.80 9.41
CA ASN A 78 1.48 30.82 8.40
C ASN A 78 0.68 30.26 7.23
N GLU A 79 0.63 31.03 6.15
CA GLU A 79 -0.10 30.62 4.95
C GLU A 79 0.82 30.59 3.74
N SER A 80 1.85 29.74 3.80
CA SER A 80 2.81 29.63 2.70
C SER A 80 3.56 28.31 2.76
N VAL A 81 4.11 28.01 3.93
CA VAL A 81 4.85 26.76 4.14
C VAL A 81 4.20 25.94 5.25
N ALA A 82 4.06 24.64 5.01
CA ALA A 82 3.47 23.74 6.00
C ALA A 82 4.18 22.40 6.04
N LEU A 83 3.93 21.63 7.10
CA LEU A 83 4.54 20.32 7.26
C LEU A 83 3.56 19.34 7.88
N LYS A 84 3.68 18.07 7.51
CA LYS A 84 2.81 17.02 8.03
C LYS A 84 3.50 15.66 8.02
N ALA A 85 3.34 14.92 9.12
CA ALA A 85 3.95 13.60 9.24
C ALA A 85 3.06 12.65 10.03
N GLY A 86 3.41 11.36 10.01
CA GLY A 86 2.62 10.37 10.72
C GLY A 86 3.19 8.98 10.60
N VAL A 87 2.90 8.12 11.58
CA VAL A 87 3.39 6.74 11.57
C VAL A 87 2.24 5.76 11.74
N ALA A 88 2.32 4.63 11.04
CA ALA A 88 1.29 3.61 11.12
C ALA A 88 1.82 2.32 11.75
N TYR A 89 0.95 1.61 12.47
CA TYR A 89 1.32 0.36 13.13
C TYR A 89 0.41 -0.79 12.71
N ALA A 90 1.01 -1.88 12.23
CA ALA A 90 0.26 -3.05 11.80
C ALA A 90 0.93 -4.35 12.25
N GLY A 91 0.13 -5.39 12.44
CA GLY A 91 0.65 -6.68 12.86
C GLY A 91 1.60 -6.54 14.04
N SER A 92 2.90 -6.51 13.75
CA SER A 92 3.91 -6.39 14.80
C SER A 92 5.16 -5.70 14.28
N SER A 93 5.54 -6.02 13.05
CA SER A 93 6.73 -5.45 12.40
C SER A 93 6.34 -4.61 11.19
N ASP A 94 5.07 -4.26 11.09
CA ASP A 94 4.57 -3.46 9.98
C ASP A 94 4.41 -2.00 10.39
N VAL A 95 5.53 -1.35 10.69
CA VAL A 95 5.51 0.05 11.09
C VAL A 95 6.18 0.93 10.04
N MET A 96 5.41 1.86 9.47
CA MET A 96 5.92 2.77 8.45
C MET A 96 5.85 4.22 8.93
N TYR A 97 6.84 5.01 8.52
CA TYR A 97 6.89 6.42 8.92
C TYR A 97 6.97 7.34 7.69
N ASN A 98 6.14 8.38 7.68
CA ASN A 98 6.13 9.32 6.57
C ASN A 98 6.17 10.77 7.05
N ALA A 99 6.89 11.62 6.32
CA ALA A 99 7.02 13.04 6.67
C ALA A 99 7.14 13.88 5.41
N SER A 100 6.09 14.64 5.08
CA SER A 100 6.11 15.48 3.90
C SER A 100 5.69 16.92 4.23
N PHE A 101 6.03 17.87 3.36
CA PHE A 101 5.69 19.27 3.59
C PHE A 101 4.92 19.85 2.41
N ASN A 102 3.89 20.64 2.71
CA ASN A 102 3.08 21.27 1.67
C ASN A 102 3.43 22.76 1.56
N ILE A 103 3.69 23.22 0.33
CA ILE A 103 4.02 24.62 0.10
C ILE A 103 3.19 25.19 -1.05
N GLU A 104 2.62 26.36 -0.83
CA GLU A 104 1.80 27.02 -1.85
C GLU A 104 2.50 28.27 -2.38
N TRP A 105 2.35 28.52 -3.68
CA TRP A 105 2.96 29.70 -4.30
C TRP A 105 1.96 30.41 -5.21
N GLY B 1 -5.48 -15.55 -12.19
CA GLY B 1 -4.29 -15.86 -13.03
C GLY B 1 -4.50 -17.08 -13.92
N ASP B 2 -5.60 -17.08 -14.66
CA ASP B 2 -5.92 -18.18 -15.56
C ASP B 2 -6.26 -19.45 -14.77
N GLN B 3 -7.41 -20.04 -15.08
CA GLN B 3 -7.85 -21.26 -14.41
C GLN B 3 -8.34 -22.29 -15.41
N ALA B 4 -7.53 -22.53 -16.45
CA ALA B 4 -7.89 -23.49 -17.49
C ALA B 4 -6.81 -24.56 -17.63
N SER B 5 -5.56 -24.12 -17.75
CA SER B 5 -4.43 -25.02 -17.90
C SER B 5 -3.57 -25.03 -16.65
N TRP B 6 -3.68 -26.10 -15.86
CA TRP B 6 -2.90 -26.21 -14.63
C TRP B 6 -2.93 -27.64 -14.11
N SER B 7 -1.76 -28.29 -14.09
CA SER B 7 -1.66 -29.66 -13.61
C SER B 7 -2.44 -30.60 -14.52
N HIS B 8 -1.81 -31.01 -15.62
CA HIS B 8 -2.45 -31.89 -16.58
C HIS B 8 -1.80 -33.28 -16.62
N PRO B 9 -0.46 -33.34 -16.69
CA PRO B 9 0.28 -34.60 -16.72
C PRO B 9 0.23 -35.32 -15.37
N GLN B 10 0.26 -36.65 -15.40
CA GLN B 10 0.21 -37.45 -14.18
C GLN B 10 1.52 -37.34 -13.40
N PHE B 11 2.64 -37.45 -14.11
CA PHE B 11 3.95 -37.35 -13.51
C PHE B 11 4.47 -35.91 -13.63
N GLU B 12 4.54 -35.23 -12.48
CA GLU B 12 4.99 -33.84 -12.42
C GLU B 12 5.47 -33.49 -11.02
N LYS B 13 6.78 -33.27 -10.88
CA LYS B 13 7.38 -32.95 -9.60
C LYS B 13 8.19 -31.64 -9.66
N GLY B 14 9.32 -31.68 -10.35
CA GLY B 14 10.16 -30.50 -10.47
C GLY B 14 9.55 -29.44 -11.36
N ALA B 15 8.88 -29.89 -12.42
CA ALA B 15 8.22 -28.98 -13.36
C ALA B 15 7.04 -28.29 -12.70
N HIS B 16 6.13 -29.08 -12.14
CA HIS B 16 4.94 -28.55 -11.49
C HIS B 16 5.32 -27.52 -10.42
N LYS B 17 6.22 -27.91 -9.52
CA LYS B 17 6.68 -27.03 -8.45
C LYS B 17 7.30 -25.76 -9.03
N PHE B 18 8.07 -25.91 -10.10
CA PHE B 18 8.73 -24.78 -10.75
C PHE B 18 7.72 -23.74 -11.20
N ARG B 19 6.55 -24.21 -11.64
CA ARG B 19 5.49 -23.32 -12.10
C ARG B 19 4.76 -22.69 -10.93
N GLN B 20 4.49 -23.50 -9.90
CA GLN B 20 3.78 -23.02 -8.72
C GLN B 20 4.54 -21.89 -8.04
N LEU B 21 5.87 -21.97 -8.08
CA LEU B 21 6.72 -20.95 -7.49
C LEU B 21 6.47 -19.59 -8.14
N ASP B 22 6.69 -19.52 -9.45
CA ASP B 22 6.49 -18.28 -10.20
C ASP B 22 5.02 -17.88 -10.20
N ASN B 23 4.14 -18.85 -9.96
CA ASN B 23 2.70 -18.60 -9.94
C ASN B 23 2.32 -17.77 -8.72
N ARG B 24 2.93 -18.08 -7.58
CA ARG B 24 2.64 -17.37 -6.34
C ARG B 24 3.22 -15.97 -6.38
N LEU B 25 4.46 -15.86 -6.86
CA LEU B 25 5.13 -14.56 -6.96
C LEU B 25 4.34 -13.62 -7.85
N ASP B 26 3.82 -14.15 -8.95
CA ASP B 26 3.04 -13.34 -9.89
C ASP B 26 1.67 -13.01 -9.30
N LYS B 27 1.12 -13.93 -8.51
CA LYS B 27 -0.18 -13.74 -7.91
C LYS B 27 -0.13 -12.68 -6.81
N LEU B 28 1.03 -12.56 -6.16
CA LEU B 28 1.20 -11.58 -5.10
C LEU B 28 1.60 -10.23 -5.72
N ASP B 29 2.31 -10.30 -6.84
CA ASP B 29 2.75 -9.10 -7.55
C ASP B 29 1.57 -8.32 -8.14
N THR B 30 0.60 -9.05 -8.69
CA THR B 30 -0.58 -8.43 -9.28
C THR B 30 -1.51 -7.90 -8.19
N ARG B 31 -1.72 -8.71 -7.15
CA ARG B 31 -2.60 -8.33 -6.04
C ARG B 31 -2.09 -7.07 -5.35
N VAL B 32 -0.77 -6.94 -5.24
CA VAL B 32 -0.15 -5.79 -4.59
C VAL B 32 -0.20 -4.56 -5.50
N ASP B 33 -0.13 -4.80 -6.81
CA ASP B 33 -0.17 -3.71 -7.78
C ASP B 33 -1.52 -3.00 -7.76
N LYS B 34 -2.59 -3.79 -7.84
CA LYS B 34 -3.95 -3.24 -7.85
C LYS B 34 -4.32 -2.71 -6.47
N GLY B 35 -3.95 -3.46 -5.42
CA GLY B 35 -4.26 -3.04 -4.06
C GLY B 35 -3.69 -1.68 -3.74
N LEU B 36 -2.39 -1.50 -3.97
CA LEU B 36 -1.72 -0.23 -3.71
C LEU B 36 -2.24 0.87 -4.63
N ALA B 37 -2.51 0.50 -5.88
CA ALA B 37 -3.01 1.44 -6.87
C ALA B 37 -4.30 2.11 -6.41
N SER B 38 -5.20 1.31 -5.84
CA SER B 38 -6.47 1.83 -5.34
C SER B 38 -6.27 2.58 -4.02
N SER B 39 -5.36 2.07 -3.19
CA SER B 39 -5.08 2.68 -1.90
C SER B 39 -4.63 4.13 -2.07
N ALA B 40 -3.47 4.30 -2.68
CA ALA B 40 -2.91 5.63 -2.92
C ALA B 40 -3.93 6.52 -3.63
N ALA B 41 -4.78 5.91 -4.44
CA ALA B 41 -5.80 6.64 -5.17
C ALA B 41 -6.72 7.39 -4.21
N LEU B 42 -7.29 6.66 -3.26
CA LEU B 42 -8.18 7.27 -2.28
C LEU B 42 -7.39 8.18 -1.34
N ASN B 43 -6.14 7.81 -1.06
CA ASN B 43 -5.32 8.61 -0.15
C ASN B 43 -4.80 9.89 -0.81
N SER B 44 -5.07 10.02 -2.11
CA SER B 44 -4.67 11.20 -2.87
C SER B 44 -5.60 12.41 -2.64
N LEU B 45 -6.74 12.13 -2.03
CA LEU B 45 -7.70 13.18 -1.69
C LEU B 45 -7.18 13.96 -0.48
N PHE B 46 -7.85 15.04 -0.13
CA PHE B 46 -7.41 15.84 1.01
C PHE B 46 -8.57 16.60 1.65
N GLN B 47 -9.58 16.88 0.83
CA GLN B 47 -10.76 17.58 1.30
C GLN B 47 -10.41 19.05 1.57
N PRO B 48 -10.87 19.99 0.71
CA PRO B 48 -10.58 21.41 0.88
C PRO B 48 -11.67 22.13 1.68
N TYR B 49 -11.25 23.10 2.48
CA TYR B 49 -12.19 23.87 3.30
C TYR B 49 -13.05 22.95 4.14
N GLY B 50 -13.55 23.47 5.27
CA GLY B 50 -14.38 22.68 6.15
C GLY B 50 -14.79 23.45 7.38
N VAL B 51 -15.80 24.32 7.22
CA VAL B 51 -16.33 25.15 8.31
C VAL B 51 -17.56 24.53 8.97
N GLY B 52 -18.29 23.71 8.21
CA GLY B 52 -19.48 23.07 8.73
C GLY B 52 -20.38 22.55 7.63
N LYS B 53 -19.79 21.80 6.69
CA LYS B 53 -20.54 21.23 5.58
C LYS B 53 -19.95 19.88 5.18
N VAL B 54 -20.52 19.27 4.15
CA VAL B 54 -20.06 17.97 3.68
C VAL B 54 -19.26 18.10 2.39
N ASN B 55 -18.21 17.26 2.25
CA ASN B 55 -17.37 17.26 1.06
C ASN B 55 -17.22 15.87 0.46
N PHE B 56 -17.55 15.74 -0.82
CA PHE B 56 -17.46 14.47 -1.53
C PHE B 56 -16.09 14.30 -2.20
N THR B 57 -15.44 13.18 -1.94
CA THR B 57 -14.14 12.89 -2.51
C THR B 57 -14.21 11.72 -3.50
N ALA B 58 -13.63 11.90 -4.67
CA ALA B 58 -13.62 10.88 -5.72
C ALA B 58 -12.40 11.02 -6.63
N GLY B 59 -11.73 9.90 -6.89
CA GLY B 59 -10.55 9.93 -7.75
C GLY B 59 -10.13 8.54 -8.18
N VAL B 60 -9.07 8.47 -8.98
CA VAL B 60 -8.56 7.19 -9.46
C VAL B 60 -7.07 7.03 -9.16
N GLY B 61 -6.52 5.88 -9.50
CA GLY B 61 -5.10 5.62 -9.27
C GLY B 61 -4.53 4.60 -10.24
N GLY B 62 -3.22 4.41 -10.18
CA GLY B 62 -2.57 3.45 -11.07
C GLY B 62 -1.19 3.06 -10.57
N TYR B 63 -0.72 1.89 -11.01
CA TYR B 63 0.59 1.39 -10.61
C TYR B 63 1.23 0.58 -11.73
N ARG B 64 2.44 0.96 -12.12
CA ARG B 64 3.15 0.27 -13.19
C ARG B 64 2.45 0.47 -14.53
N SER B 65 1.52 -0.44 -14.85
CA SER B 65 0.78 -0.37 -16.10
C SER B 65 -0.70 -0.69 -15.88
N SER B 66 -1.13 -0.64 -14.62
CA SER B 66 -2.52 -0.92 -14.26
C SER B 66 -3.18 0.30 -13.63
N GLN B 67 -4.50 0.27 -13.52
CA GLN B 67 -5.26 1.37 -12.93
C GLN B 67 -6.12 0.88 -11.78
N ALA B 68 -6.77 1.82 -11.08
CA ALA B 68 -7.63 1.48 -9.95
C ALA B 68 -8.70 2.56 -9.72
N LEU B 69 -9.78 2.17 -9.07
CA LEU B 69 -10.88 3.10 -8.76
C LEU B 69 -10.97 3.36 -7.27
N ALA B 70 -11.12 4.63 -6.90
CA ALA B 70 -11.23 5.01 -5.49
C ALA B 70 -12.41 5.94 -5.24
N ILE B 71 -13.14 5.69 -4.16
CA ILE B 71 -14.30 6.52 -3.81
C ILE B 71 -14.40 6.72 -2.31
N GLY B 72 -14.86 7.90 -1.89
CA GLY B 72 -15.00 8.19 -0.48
C GLY B 72 -15.63 9.54 -0.23
N SER B 73 -15.78 9.90 1.04
CA SER B 73 -16.39 11.18 1.42
C SER B 73 -16.02 11.56 2.85
N GLY B 74 -16.11 12.85 3.15
CA GLY B 74 -15.79 13.33 4.47
C GLY B 74 -16.59 14.56 4.85
N TYR B 75 -16.78 14.77 6.14
CA TYR B 75 -17.55 15.90 6.63
C TYR B 75 -16.76 16.70 7.66
N ARG B 76 -16.68 18.01 7.44
CA ARG B 76 -15.95 18.90 8.35
C ARG B 76 -16.91 19.80 9.11
N VAL B 77 -17.13 19.50 10.40
CA VAL B 77 -18.02 20.29 11.25
C VAL B 77 -17.25 21.24 12.14
N ASN B 78 -17.66 22.51 12.16
CA ASN B 78 -17.00 23.51 12.98
C ASN B 78 -15.51 23.60 12.65
N GLU B 79 -14.76 24.29 13.51
CA GLU B 79 -13.33 24.46 13.31
C GLU B 79 -12.55 23.94 14.52
N SER B 80 -12.70 22.64 14.80
CA SER B 80 -12.01 22.03 15.93
C SER B 80 -11.92 20.51 15.75
N VAL B 81 -13.05 19.88 15.46
CA VAL B 81 -13.09 18.44 15.26
C VAL B 81 -13.61 18.12 13.86
N ALA B 82 -12.95 17.18 13.20
CA ALA B 82 -13.35 16.78 11.84
C ALA B 82 -13.21 15.28 11.65
N LEU B 83 -13.83 14.77 10.59
CA LEU B 83 -13.78 13.35 10.28
C LEU B 83 -13.69 13.13 8.78
N LYS B 84 -13.01 12.06 8.37
CA LYS B 84 -12.85 11.73 6.95
C LYS B 84 -12.66 10.22 6.76
N ALA B 85 -13.35 9.67 5.75
CA ALA B 85 -13.27 8.25 5.46
C ALA B 85 -13.36 8.00 3.96
N GLY B 86 -13.07 6.76 3.55
CA GLY B 86 -13.14 6.41 2.14
C GLY B 86 -12.78 4.96 1.89
N VAL B 87 -13.30 4.40 0.79
CA VAL B 87 -13.03 3.01 0.43
C VAL B 87 -12.48 2.91 -0.99
N ALA B 88 -11.54 1.99 -1.19
CA ALA B 88 -10.94 1.79 -2.50
C ALA B 88 -11.29 0.42 -3.08
N TYR B 89 -11.40 0.34 -4.40
CA TYR B 89 -11.73 -0.91 -5.08
C TYR B 89 -10.70 -1.25 -6.15
N ALA B 90 -10.15 -2.46 -6.07
CA ALA B 90 -9.14 -2.93 -7.01
C ALA B 90 -9.36 -4.39 -7.40
N GLY B 91 -8.93 -4.74 -8.61
CA GLY B 91 -9.10 -6.10 -9.09
C GLY B 91 -10.51 -6.62 -8.88
N SER B 92 -10.70 -7.37 -7.79
CA SER B 92 -12.01 -7.92 -7.48
C SER B 92 -12.20 -8.11 -5.98
N SER B 93 -11.12 -8.53 -5.31
CA SER B 93 -11.14 -8.76 -3.86
C SER B 93 -10.18 -7.80 -3.14
N ASP B 94 -9.78 -6.76 -3.84
CA ASP B 94 -8.86 -5.76 -3.27
C ASP B 94 -9.63 -4.52 -2.82
N VAL B 95 -10.47 -4.68 -1.81
CA VAL B 95 -11.25 -3.57 -1.29
C VAL B 95 -10.82 -3.23 0.13
N MET B 96 -10.34 -2.00 0.32
CA MET B 96 -9.89 -1.54 1.62
C MET B 96 -10.73 -0.36 2.11
N TYR B 97 -10.95 -0.30 3.42
CA TYR B 97 -11.76 0.76 4.01
C TYR B 97 -10.98 1.51 5.09
N ASN B 98 -11.01 2.84 5.05
CA ASN B 98 -10.31 3.65 6.04
C ASN B 98 -11.20 4.76 6.59
N ALA B 99 -11.06 5.03 7.89
CA ALA B 99 -11.85 6.08 8.56
C ALA B 99 -11.03 6.73 9.67
N SER B 100 -10.62 7.99 9.44
CA SER B 100 -9.83 8.71 10.43
C SER B 100 -10.43 10.09 10.72
N PHE B 101 -10.06 10.69 11.85
CA PHE B 101 -10.59 11.99 12.24
C PHE B 101 -9.45 12.97 12.52
N ASN B 102 -9.61 14.20 12.05
CA ASN B 102 -8.61 15.24 12.26
C ASN B 102 -9.08 16.23 13.35
N ILE B 103 -8.22 16.50 14.32
CA ILE B 103 -8.57 17.43 15.40
C ILE B 103 -7.44 18.43 15.62
N GLU B 104 -7.80 19.70 15.71
CA GLU B 104 -6.83 20.76 15.93
C GLU B 104 -6.97 21.37 17.32
N TRP B 105 -5.84 21.72 17.95
CA TRP B 105 -5.86 22.31 19.28
C TRP B 105 -4.94 23.54 19.34
N GLY C 1 17.98 -8.32 -6.68
CA GLY C 1 18.42 -9.24 -5.60
C GLY C 1 19.66 -10.05 -5.97
N ASP C 2 20.70 -9.35 -6.42
CA ASP C 2 21.95 -10.00 -6.82
C ASP C 2 21.75 -10.84 -8.07
N GLN C 3 22.59 -10.62 -9.07
CA GLN C 3 22.52 -11.35 -10.34
C GLN C 3 23.90 -11.83 -10.76
N ALA C 4 24.62 -12.45 -9.83
CA ALA C 4 25.96 -12.96 -10.12
C ALA C 4 26.05 -14.45 -9.83
N SER C 5 25.60 -14.84 -8.63
CA SER C 5 25.63 -16.24 -8.21
C SER C 5 24.21 -16.83 -8.17
N TRP C 6 23.89 -17.63 -9.17
CA TRP C 6 22.57 -18.26 -9.23
C TRP C 6 22.56 -19.41 -10.22
N SER C 7 22.34 -20.63 -9.73
CA SER C 7 22.29 -21.81 -10.58
C SER C 7 23.66 -22.05 -11.21
N HIS C 8 24.56 -22.69 -10.47
CA HIS C 8 25.90 -22.97 -10.95
C HIS C 8 26.14 -24.46 -11.18
N PRO C 9 25.76 -25.32 -10.21
CA PRO C 9 25.93 -26.77 -10.32
C PRO C 9 24.97 -27.37 -11.35
N GLN C 10 25.39 -28.46 -11.99
CA GLN C 10 24.58 -29.12 -13.00
C GLN C 10 23.40 -29.86 -12.35
N PHE C 11 23.69 -30.58 -11.28
CA PHE C 11 22.67 -31.32 -10.55
C PHE C 11 22.16 -30.48 -9.39
N GLU C 12 20.91 -30.03 -9.50
CA GLU C 12 20.27 -29.19 -8.49
C GLU C 12 18.75 -29.28 -8.60
N LYS C 13 18.12 -29.89 -7.60
CA LYS C 13 16.67 -30.05 -7.58
C LYS C 13 16.05 -29.49 -6.30
N GLY C 14 16.29 -30.18 -5.18
CA GLY C 14 15.75 -29.73 -3.91
C GLY C 14 16.42 -28.48 -3.40
N ALA C 15 17.73 -28.39 -3.63
CA ALA C 15 18.50 -27.22 -3.20
C ALA C 15 18.11 -25.99 -4.00
N HIS C 16 18.17 -26.10 -5.32
CA HIS C 16 17.83 -24.99 -6.20
C HIS C 16 16.43 -24.45 -5.89
N LYS C 17 15.45 -25.35 -5.84
CA LYS C 17 14.07 -24.96 -5.54
C LYS C 17 13.98 -24.30 -4.17
N PHE C 18 14.72 -24.83 -3.21
CA PHE C 18 14.71 -24.30 -1.86
C PHE C 18 15.14 -22.84 -1.84
N ARG C 19 16.08 -22.49 -2.72
CA ARG C 19 16.57 -21.12 -2.82
C ARG C 19 15.58 -20.23 -3.55
N GLN C 20 15.01 -20.76 -4.64
CA GLN C 20 14.05 -20.01 -5.44
C GLN C 20 12.84 -19.60 -4.62
N LEU C 21 12.46 -20.46 -3.68
CA LEU C 21 11.32 -20.18 -2.80
C LEU C 21 11.56 -18.92 -1.99
N ASP C 22 12.63 -18.94 -1.19
CA ASP C 22 12.98 -17.79 -0.35
C ASP C 22 13.35 -16.59 -1.20
N ASN C 23 13.74 -16.85 -2.45
CA ASN C 23 14.14 -15.79 -3.37
C ASN C 23 12.94 -14.95 -3.78
N ARG C 24 11.82 -15.61 -4.02
CA ARG C 24 10.59 -14.93 -4.42
C ARG C 24 9.98 -14.16 -3.25
N LEU C 25 9.96 -14.79 -2.08
CA LEU C 25 9.42 -14.16 -0.89
C LEU C 25 10.19 -12.89 -0.56
N ASP C 26 11.51 -12.95 -0.71
CA ASP C 26 12.35 -11.80 -0.43
C ASP C 26 12.20 -10.74 -1.51
N LYS C 27 11.97 -11.17 -2.75
CA LYS C 27 11.82 -10.26 -3.87
C LYS C 27 10.50 -9.50 -3.77
N LEU C 28 9.50 -10.13 -3.18
CA LEU C 28 8.19 -9.50 -3.02
C LEU C 28 8.18 -8.64 -1.77
N ASP C 29 8.96 -9.06 -0.77
CA ASP C 29 9.07 -8.34 0.50
C ASP C 29 9.75 -6.98 0.31
N THR C 30 10.80 -6.96 -0.51
CA THR C 30 11.53 -5.74 -0.77
C THR C 30 10.72 -4.79 -1.67
N ARG C 31 10.11 -5.36 -2.71
CA ARG C 31 9.32 -4.59 -3.66
C ARG C 31 8.13 -3.91 -2.95
N VAL C 32 7.55 -4.62 -1.99
CA VAL C 32 6.41 -4.10 -1.23
C VAL C 32 6.85 -3.04 -0.22
N ASP C 33 8.06 -3.21 0.30
CA ASP C 33 8.61 -2.28 1.28
C ASP C 33 8.83 -0.90 0.67
N LYS C 34 9.51 -0.88 -0.48
CA LYS C 34 9.80 0.37 -1.18
C LYS C 34 8.53 0.94 -1.80
N GLY C 35 7.72 0.08 -2.40
CA GLY C 35 6.49 0.53 -3.02
C GLY C 35 5.59 1.27 -2.06
N LEU C 36 5.30 0.64 -0.92
CA LEU C 36 4.45 1.24 0.10
C LEU C 36 5.10 2.47 0.71
N ALA C 37 6.41 2.39 0.91
CA ALA C 37 7.18 3.49 1.49
C ALA C 37 6.99 4.78 0.70
N SER C 38 7.04 4.66 -0.62
CA SER C 38 6.87 5.81 -1.50
C SER C 38 5.41 6.23 -1.58
N SER C 39 4.52 5.23 -1.57
CA SER C 39 3.08 5.50 -1.65
C SER C 39 2.63 6.39 -0.48
N ALA C 40 2.72 5.85 0.73
CA ALA C 40 2.34 6.59 1.92
C ALA C 40 3.04 7.94 1.97
N ALA C 41 4.24 8.01 1.41
CA ALA C 41 5.01 9.25 1.39
C ALA C 41 4.24 10.35 0.67
N LEU C 42 3.81 10.06 -0.55
CA LEU C 42 3.05 11.04 -1.32
C LEU C 42 1.67 11.24 -0.71
N ASN C 43 1.11 10.19 -0.12
CA ASN C 43 -0.22 10.28 0.47
C ASN C 43 -0.22 11.02 1.80
N SER C 44 0.99 11.35 2.27
CA SER C 44 1.17 12.09 3.51
C SER C 44 0.91 13.59 3.37
N LEU C 45 0.84 14.04 2.12
CA LEU C 45 0.54 15.43 1.82
C LEU C 45 -0.94 15.69 2.04
N PHE C 46 -1.37 16.93 1.96
CA PHE C 46 -2.78 17.26 2.17
C PHE C 46 -3.18 18.52 1.44
N GLN C 47 -2.20 19.40 1.22
CA GLN C 47 -2.42 20.65 0.52
C GLN C 47 -3.24 21.60 1.41
N PRO C 48 -2.62 22.66 1.95
CA PRO C 48 -3.29 23.61 2.82
C PRO C 48 -3.86 24.80 2.05
N TYR C 49 -5.01 25.29 2.49
CA TYR C 49 -5.67 26.43 1.84
C TYR C 49 -5.82 26.17 0.34
N GLY C 50 -6.82 26.83 -0.25
CA GLY C 50 -7.08 26.67 -1.67
C GLY C 50 -8.27 27.47 -2.13
N VAL C 51 -8.05 28.78 -2.34
CA VAL C 51 -9.09 29.70 -2.79
C VAL C 51 -9.07 29.92 -4.30
N GLY C 52 -7.90 29.74 -4.90
CA GLY C 52 -7.76 29.92 -6.33
C GLY C 52 -6.31 30.09 -6.75
N LYS C 53 -5.46 29.20 -6.28
CA LYS C 53 -4.04 29.24 -6.62
C LYS C 53 -3.46 27.83 -6.71
N VAL C 54 -2.15 27.73 -6.96
CA VAL C 54 -1.50 26.44 -7.09
C VAL C 54 -0.66 26.11 -5.85
N ASN C 55 -0.63 24.84 -5.48
CA ASN C 55 0.13 24.38 -4.32
C ASN C 55 1.05 23.20 -4.66
N PHE C 56 2.34 23.36 -4.36
CA PHE C 56 3.33 22.33 -4.64
C PHE C 56 3.51 21.40 -3.43
N THR C 57 3.41 20.10 -3.67
CA THR C 57 3.56 19.11 -2.61
C THR C 57 4.81 18.27 -2.82
N ALA C 58 5.60 18.12 -1.76
CA ALA C 58 6.84 17.35 -1.81
C ALA C 58 7.19 16.77 -0.44
N GLY C 59 7.55 15.49 -0.42
CA GLY C 59 7.90 14.84 0.83
C GLY C 59 8.57 13.50 0.62
N VAL C 60 8.94 12.84 1.71
CA VAL C 60 9.59 11.53 1.64
C VAL C 60 8.86 10.50 2.50
N GLY C 61 9.34 9.26 2.45
CA GLY C 61 8.72 8.19 3.23
C GLY C 61 9.70 7.09 3.56
N GLY C 62 9.26 6.14 4.39
CA GLY C 62 10.13 5.03 4.77
C GLY C 62 9.34 3.85 5.34
N TYR C 63 9.93 2.67 5.26
CA TYR C 63 9.28 1.46 5.77
C TYR C 63 10.32 0.49 6.33
N ARG C 64 10.13 0.07 7.58
CA ARG C 64 11.05 -0.85 8.23
C ARG C 64 12.41 -0.21 8.43
N SER C 65 13.29 -0.36 7.44
CA SER C 65 14.63 0.21 7.50
C SER C 65 15.04 0.83 6.17
N SER C 66 14.05 1.07 5.31
CA SER C 66 14.31 1.66 4.00
C SER C 66 13.59 3.00 3.85
N GLN C 67 13.96 3.76 2.84
CA GLN C 67 13.35 5.07 2.59
C GLN C 67 12.76 5.15 1.18
N ALA C 68 12.07 6.25 0.89
CA ALA C 68 11.47 6.46 -0.41
C ALA C 68 11.29 7.94 -0.73
N LEU C 69 11.20 8.25 -2.03
CA LEU C 69 11.02 9.63 -2.48
C LEU C 69 9.64 9.84 -3.09
N ALA C 70 8.97 10.92 -2.71
CA ALA C 70 7.64 11.21 -3.23
C ALA C 70 7.53 12.66 -3.72
N ILE C 71 6.90 12.85 -4.87
CA ILE C 71 6.73 14.19 -5.43
C ILE C 71 5.36 14.34 -6.10
N GLY C 72 4.79 15.54 -6.01
CA GLY C 72 3.49 15.79 -6.60
C GLY C 72 3.07 17.24 -6.47
N SER C 73 1.87 17.55 -6.98
CA SER C 73 1.36 18.91 -6.93
C SER C 73 -0.16 18.93 -7.11
N GLY C 74 -0.79 20.00 -6.64
CA GLY C 74 -2.22 20.13 -6.76
C GLY C 74 -2.66 21.58 -6.88
N TYR C 75 -3.81 21.80 -7.51
CA TYR C 75 -4.34 23.15 -7.70
C TYR C 75 -5.77 23.26 -7.18
N ARG C 76 -6.01 24.27 -6.34
CA ARG C 76 -7.33 24.49 -5.78
C ARG C 76 -7.96 25.76 -6.34
N VAL C 77 -8.93 25.59 -7.24
CA VAL C 77 -9.62 26.71 -7.87
C VAL C 77 -10.98 26.95 -7.23
N ASN C 78 -11.25 28.21 -6.88
CA ASN C 78 -12.51 28.58 -6.25
C ASN C 78 -12.76 27.77 -4.98
N GLU C 79 -13.98 27.83 -4.47
CA GLU C 79 -14.35 27.11 -3.26
C GLU C 79 -15.53 26.18 -3.53
N SER C 80 -15.32 25.22 -4.42
CA SER C 80 -16.37 24.26 -4.77
C SER C 80 -15.78 23.01 -5.39
N VAL C 81 -14.94 23.20 -6.41
CA VAL C 81 -14.30 22.09 -7.09
C VAL C 81 -12.79 22.21 -7.01
N ALA C 82 -12.13 21.09 -6.71
CA ALA C 82 -10.66 21.07 -6.59
C ALA C 82 -10.07 19.80 -7.17
N LEU C 83 -8.76 19.82 -7.41
CA LEU C 83 -8.07 18.67 -7.96
C LEU C 83 -6.69 18.51 -7.33
N LYS C 84 -6.24 17.27 -7.20
CA LYS C 84 -4.93 16.97 -6.61
C LYS C 84 -4.35 15.67 -7.16
N ALA C 85 -3.07 15.69 -7.49
CA ALA C 85 -2.39 14.51 -8.03
C ALA C 85 -0.94 14.44 -7.55
N GLY C 86 -0.31 13.30 -7.78
CA GLY C 86 1.08 13.12 -7.38
C GLY C 86 1.63 11.76 -7.76
N VAL C 87 2.95 11.68 -7.90
CA VAL C 87 3.60 10.43 -8.27
C VAL C 87 4.71 10.09 -7.28
N ALA C 88 4.86 8.80 -6.99
CA ALA C 88 5.89 8.34 -6.06
C ALA C 88 6.93 7.48 -6.76
N TYR C 89 8.17 7.55 -6.28
CA TYR C 89 9.28 6.78 -6.86
C TYR C 89 9.98 5.94 -5.79
N ALA C 90 10.09 4.64 -6.06
CA ALA C 90 10.74 3.70 -5.14
C ALA C 90 11.62 2.69 -5.88
N GLY C 91 12.65 2.21 -5.20
CA GLY C 91 13.55 1.25 -5.81
C GLY C 91 13.99 1.67 -7.20
N SER C 92 13.33 1.14 -8.22
CA SER C 92 13.67 1.47 -9.59
C SER C 92 12.45 1.37 -10.51
N SER C 93 11.62 0.34 -10.27
CA SER C 93 10.41 0.11 -11.05
C SER C 93 9.16 0.26 -10.20
N ASP C 94 9.31 0.89 -9.04
CA ASP C 94 8.20 1.10 -8.13
C ASP C 94 7.67 2.53 -8.23
N VAL C 95 7.11 2.86 -9.39
CA VAL C 95 6.57 4.19 -9.62
C VAL C 95 5.04 4.14 -9.78
N MET C 96 4.35 4.82 -8.88
CA MET C 96 2.88 4.86 -8.92
C MET C 96 2.38 6.28 -9.13
N TYR C 97 1.27 6.40 -9.85
CA TYR C 97 0.70 7.71 -10.15
C TYR C 97 -0.77 7.78 -9.71
N ASN C 98 -1.12 8.87 -9.02
CA ASN C 98 -2.50 9.05 -8.54
C ASN C 98 -3.03 10.44 -8.86
N ALA C 99 -4.31 10.51 -9.21
CA ALA C 99 -4.95 11.79 -9.54
C ALA C 99 -6.42 11.77 -9.12
N SER C 100 -6.75 12.52 -8.07
CA SER C 100 -8.12 12.58 -7.58
C SER C 100 -8.60 14.04 -7.43
N PHE C 101 -9.92 14.23 -7.38
CA PHE C 101 -10.47 15.57 -7.25
C PHE C 101 -11.42 15.65 -6.05
N ASN C 102 -11.33 16.76 -5.32
CA ASN C 102 -12.18 16.98 -4.15
C ASN C 102 -13.28 17.99 -4.47
N ILE C 103 -14.52 17.65 -4.16
CA ILE C 103 -15.65 18.54 -4.42
C ILE C 103 -16.54 18.65 -3.19
N GLU C 104 -16.90 19.89 -2.83
CA GLU C 104 -17.73 20.13 -1.68
C GLU C 104 -19.12 20.64 -2.11
N TRP C 105 -20.16 20.21 -1.39
CA TRP C 105 -21.53 20.63 -1.70
C TRP C 105 -22.26 21.06 -0.43
#